data_3EYA
#
_entry.id   3EYA
#
_cell.length_a   203.243
_cell.length_b   207.051
_cell.length_c   214.542
_cell.angle_alpha   90.000
_cell.angle_beta   90.000
_cell.angle_gamma   90.000
#
_symmetry.space_group_name_H-M   'P 21 21 21'
#
loop_
_entity.id
_entity.type
_entity.pdbx_description
1 polymer 'Pyruvate dehydrogenase [cytochrome]'
2 non-polymer 'THIAMINE DIPHOSPHATE'
3 non-polymer 'FLAVIN-ADENINE DINUCLEOTIDE'
4 non-polymer 'MAGNESIUM ION'
5 non-polymer 'PHOSPHATE ION'
6 water water
#
_entity_poly.entity_id   1
_entity_poly.type   'polypeptide(L)'
_entity_poly.pdbx_seq_one_letter_code
;MKQTVAAYIAKTLESAGVKRIWGVTGDSLNGLSDSLNRMGTIEWMSTRHEEVAAFAAGAEAQLSGELAVCAGSCGPGNLH
LINGLFDCHRNHVPVLAIAAHIPSSEIGSGYFQETHPQELFRECSHYCELVSSPEQIPQVLAIAMRKAVLNRGVSVVVLP
GDVALKPAPEGATMHWYHAPQPVVTPEEEELRKLAQLLRYSSNIALMCGSGCAGAHKELVEFAGKIKAPIVHALRGKEHV
EYDNPYDVGMTGLIGFSSGFHTMMNADTLVLLGTQFPYRAFYPTDAKIIQIDINPASIGAHSKVDMALVGDIKSTLRALL
PLVEEKADRKFLDKALEDYRDARKGLDDLAKPSEKAIHPQYLAQQISHFAADDAIFTCDVGTPTVWAARYLKMNGKRRLL
GSFNHGSMANAMPQALGAQATEPERQVVAMCGDGGFSMLMGDFLSVVQMKLPVKIVVFNNSVLGFVAMEMKAGGYLTDGT
ELHDTNFARIAEACGITGIRVEKASEVDEALQRAFSIDGPVLVDVVVAKEELAIPPQIKLEQAKGFSLY
;
_entity_poly.pdbx_strand_id   A,B,C,D,E,F,G,H,I,J,K,L
#
loop_
_chem_comp.id
_chem_comp.type
_chem_comp.name
_chem_comp.formula
FAD non-polymer 'FLAVIN-ADENINE DINUCLEOTIDE' 'C27 H33 N9 O15 P2'
MG non-polymer 'MAGNESIUM ION' 'Mg 2'
PO4 non-polymer 'PHOSPHATE ION' 'O4 P -3'
TPP non-polymer 'THIAMINE DIPHOSPHATE' 'C12 H19 N4 O7 P2 S 1'
#
# COMPACT_ATOMS: atom_id res chain seq x y z
N MET A 1 -2.97 8.73 -5.20
CA MET A 1 -2.66 9.38 -3.88
C MET A 1 -3.03 8.47 -2.69
N LYS A 2 -2.02 7.81 -2.12
CA LYS A 2 -2.17 7.12 -0.83
C LYS A 2 -1.93 8.07 0.36
N GLN A 3 -2.99 8.35 1.09
CA GLN A 3 -2.97 9.31 2.16
C GLN A 3 -4.17 9.02 3.06
N THR A 4 -4.13 9.58 4.26
CA THR A 4 -5.19 9.37 5.20
C THR A 4 -6.38 10.33 4.98
N VAL A 5 -7.47 10.07 5.66
CA VAL A 5 -8.61 10.96 5.56
C VAL A 5 -8.23 12.34 6.06
N ALA A 6 -7.50 12.41 7.19
CA ALA A 6 -7.12 13.70 7.77
C ALA A 6 -6.21 14.46 6.77
N ALA A 7 -5.31 13.75 6.10
CA ALA A 7 -4.39 14.42 5.18
C ALA A 7 -5.20 14.99 4.00
N TYR A 8 -6.20 14.23 3.58
CA TYR A 8 -7.05 14.66 2.47
C TYR A 8 -7.76 15.97 2.86
N ILE A 9 -8.30 16.03 4.07
CA ILE A 9 -8.92 17.25 4.53
C ILE A 9 -7.91 18.41 4.54
N ALA A 10 -6.72 18.19 5.12
CA ALA A 10 -5.76 19.26 5.25
C ALA A 10 -5.32 19.79 3.88
N LYS A 11 -5.06 18.89 2.94
CA LYS A 11 -4.66 19.28 1.59
C LYS A 11 -5.76 20.06 0.89
N THR A 12 -7.02 19.66 1.09
CA THR A 12 -8.10 20.33 0.44
C THR A 12 -8.26 21.75 0.99
N LEU A 13 -8.19 21.88 2.30
CA LEU A 13 -8.19 23.22 2.94
C LEU A 13 -7.01 24.06 2.41
N GLU A 14 -5.85 23.44 2.28
CA GLU A 14 -4.70 24.17 1.79
C GLU A 14 -5.01 24.75 0.40
N SER A 15 -5.61 23.92 -0.42
CA SER A 15 -5.92 24.34 -1.79
C SER A 15 -6.99 25.45 -1.82
N ALA A 16 -7.91 25.44 -0.87
CA ALA A 16 -8.92 26.50 -0.76
C ALA A 16 -8.31 27.78 -0.18
N GLY A 17 -7.03 27.74 0.19
CA GLY A 17 -6.36 28.93 0.68
C GLY A 17 -6.38 29.14 2.18
N VAL A 18 -6.87 28.18 2.98
CA VAL A 18 -6.80 28.39 4.41
C VAL A 18 -5.39 28.47 4.94
N LYS A 19 -5.17 29.40 5.85
CA LYS A 19 -3.80 29.70 6.32
C LYS A 19 -3.54 29.15 7.73
N ARG A 20 -4.60 28.92 8.50
CA ARG A 20 -4.40 28.50 9.87
C ARG A 20 -5.63 27.78 10.40
N ILE A 21 -5.43 26.93 11.39
CA ILE A 21 -6.52 26.28 12.07
C ILE A 21 -6.41 26.61 13.57
N TRP A 22 -7.51 27.05 14.16
CA TRP A 22 -7.52 27.42 15.57
C TRP A 22 -8.04 26.28 16.42
N GLY A 23 -7.31 25.93 17.49
CA GLY A 23 -7.86 24.93 18.39
C GLY A 23 -7.01 24.65 19.60
N VAL A 24 -7.34 23.53 20.27
CA VAL A 24 -6.50 22.95 21.32
C VAL A 24 -6.38 21.47 20.88
N THR A 25 -5.20 20.87 20.93
CA THR A 25 -5.07 19.45 20.51
C THR A 25 -5.75 18.43 21.45
N GLY A 26 -5.56 17.17 21.08
CA GLY A 26 -6.01 16.01 21.83
C GLY A 26 -5.61 14.81 20.99
N ASP A 27 -5.57 13.62 21.60
CA ASP A 27 -5.23 12.41 20.87
C ASP A 27 -6.19 12.10 19.70
N SER A 28 -7.45 12.47 19.85
CA SER A 28 -8.45 12.28 18.82
C SER A 28 -8.15 13.11 17.54
N LEU A 29 -7.21 14.05 17.66
CA LEU A 29 -6.77 14.91 16.54
C LEU A 29 -5.41 14.51 15.96
N ASN A 30 -4.89 13.35 16.35
CA ASN A 30 -3.56 12.92 15.90
C ASN A 30 -3.41 12.91 14.39
N GLY A 31 -4.38 12.35 13.70
CA GLY A 31 -4.36 12.32 12.26
C GLY A 31 -4.16 13.69 11.69
N LEU A 32 -5.00 14.64 12.13
CA LEU A 32 -4.92 16.01 11.67
C LEU A 32 -3.60 16.69 12.01
N SER A 33 -3.15 16.60 13.27
CA SER A 33 -1.86 17.19 13.69
C SER A 33 -0.71 16.66 12.87
N ASP A 34 -0.72 15.36 12.69
CA ASP A 34 0.23 14.67 11.89
C ASP A 34 0.38 15.26 10.49
N SER A 35 -0.78 15.40 9.87
CA SER A 35 -0.91 15.95 8.52
CA SER A 35 -0.90 15.94 8.51
C SER A 35 -0.44 17.40 8.42
N LEU A 36 -0.84 18.21 9.39
CA LEU A 36 -0.40 19.59 9.44
C LEU A 36 1.11 19.72 9.61
N ASN A 37 1.70 18.88 10.47
CA ASN A 37 3.16 18.87 10.65
C ASN A 37 3.89 18.53 9.40
N ARG A 38 3.40 17.51 8.72
CA ARG A 38 4.02 17.00 7.56
C ARG A 38 3.92 18.01 6.36
N MET A 39 2.77 18.67 6.31
CA MET A 39 2.47 19.64 5.27
C MET A 39 3.26 20.96 5.45
N GLY A 40 3.32 21.46 6.67
CA GLY A 40 4.08 22.67 6.99
C GLY A 40 3.63 23.96 6.32
N THR A 41 2.36 24.07 5.98
CA THR A 41 1.83 25.28 5.35
C THR A 41 0.70 25.90 6.14
N ILE A 42 -0.26 25.12 6.54
CA ILE A 42 -1.30 25.64 7.40
C ILE A 42 -0.78 25.70 8.82
N GLU A 43 -0.97 26.83 9.47
CA GLU A 43 -0.43 27.01 10.80
C GLU A 43 -1.46 26.67 11.90
N TRP A 44 -1.02 25.92 12.90
CA TRP A 44 -1.90 25.58 14.02
C TRP A 44 -1.86 26.68 15.08
N MET A 45 -3.02 27.24 15.41
CA MET A 45 -3.08 28.32 16.42
C MET A 45 -3.66 27.79 17.71
N SER A 46 -2.83 27.60 18.72
CA SER A 46 -3.26 26.94 19.93
C SER A 46 -3.80 27.94 20.97
N THR A 47 -5.06 27.84 21.31
CA THR A 47 -5.63 28.76 22.30
C THR A 47 -5.71 28.05 23.65
N ARG A 48 -6.12 28.75 24.70
CA ARG A 48 -6.23 28.13 26.02
C ARG A 48 -7.59 27.48 26.20
N HIS A 49 -8.60 27.99 25.49
CA HIS A 49 -9.95 27.41 25.58
C HIS A 49 -10.45 27.34 24.14
N GLU A 50 -11.06 26.23 23.75
CA GLU A 50 -11.52 26.11 22.37
C GLU A 50 -12.60 27.13 22.02
N GLU A 51 -13.32 27.65 23.01
CA GLU A 51 -14.33 28.67 22.73
C GLU A 51 -13.64 29.84 22.03
N VAL A 52 -12.47 30.19 22.51
CA VAL A 52 -11.72 31.29 21.96
C VAL A 52 -11.25 30.95 20.54
N ALA A 53 -10.91 29.70 20.27
CA ALA A 53 -10.50 29.33 18.93
C ALA A 53 -11.65 29.62 17.96
N ALA A 54 -12.87 29.26 18.36
CA ALA A 54 -14.04 29.52 17.51
C ALA A 54 -14.30 31.03 17.29
N PHE A 55 -14.28 31.83 18.37
CA PHE A 55 -14.46 33.26 18.21
C PHE A 55 -13.38 33.80 17.28
N ALA A 56 -12.12 33.37 17.51
CA ALA A 56 -11.02 33.90 16.74
C ALA A 56 -11.15 33.56 15.23
N ALA A 57 -11.50 32.32 14.94
CA ALA A 57 -11.75 31.93 13.57
C ALA A 57 -12.84 32.78 12.95
N GLY A 58 -13.92 33.02 13.70
CA GLY A 58 -14.97 33.91 13.21
C GLY A 58 -14.45 35.31 12.89
N ALA A 59 -13.57 35.83 13.71
CA ALA A 59 -13.02 37.17 13.44
C ALA A 59 -12.15 37.14 12.20
N GLU A 60 -11.37 36.07 12.04
CA GLU A 60 -10.55 35.92 10.87
C GLU A 60 -11.43 35.90 9.62
N ALA A 61 -12.49 35.11 9.66
CA ALA A 61 -13.36 35.00 8.49
C ALA A 61 -14.06 36.34 8.20
N GLN A 62 -14.47 37.06 9.26
CA GLN A 62 -15.08 38.35 9.09
C GLN A 62 -14.13 39.31 8.34
N LEU A 63 -12.86 39.35 8.75
CA LEU A 63 -11.95 40.30 8.18
C LEU A 63 -11.44 39.92 6.80
N SER A 64 -11.16 38.64 6.59
CA SER A 64 -10.55 38.24 5.33
C SER A 64 -11.61 38.03 4.25
N GLY A 65 -12.85 37.76 4.63
CA GLY A 65 -13.86 37.40 3.67
C GLY A 65 -13.66 35.96 3.19
N GLU A 66 -12.82 35.19 3.87
CA GLU A 66 -12.49 33.84 3.40
C GLU A 66 -12.65 32.76 4.43
N LEU A 67 -12.79 31.51 3.99
CA LEU A 67 -13.00 30.38 4.89
C LEU A 67 -11.98 30.39 6.04
N ALA A 68 -12.47 30.28 7.27
CA ALA A 68 -11.58 30.08 8.41
C ALA A 68 -11.94 28.73 9.05
N VAL A 69 -11.03 28.19 9.86
CA VAL A 69 -11.19 26.84 10.35
C VAL A 69 -10.83 26.75 11.81
N CYS A 70 -11.63 26.03 12.59
CA CYS A 70 -11.23 25.70 13.96
C CYS A 70 -11.42 24.20 14.21
N ALA A 71 -10.85 23.69 15.29
CA ALA A 71 -10.93 22.26 15.53
C ALA A 71 -10.99 21.99 17.01
N GLY A 72 -11.57 20.86 17.42
CA GLY A 72 -11.60 20.51 18.82
C GLY A 72 -11.48 19.00 18.97
N SER A 73 -10.91 18.54 20.06
CA SER A 73 -10.77 17.14 20.30
C SER A 73 -12.12 16.50 20.67
N CYS A 74 -12.13 15.20 20.91
CA CYS A 74 -13.41 14.54 21.10
C CYS A 74 -14.09 14.98 22.41
N GLY A 75 -15.41 14.86 22.44
CA GLY A 75 -16.18 15.18 23.64
C GLY A 75 -16.01 16.63 24.02
N PRO A 76 -15.41 16.88 25.19
CA PRO A 76 -15.31 18.22 25.75
C PRO A 76 -14.52 19.18 24.84
N GLY A 77 -13.58 18.67 24.09
CA GLY A 77 -12.75 19.52 23.23
C GLY A 77 -13.59 20.28 22.23
N ASN A 78 -14.28 19.56 21.35
CA ASN A 78 -15.08 20.21 20.34
C ASN A 78 -16.29 20.86 21.00
N LEU A 79 -16.79 20.28 22.10
CA LEU A 79 -17.94 20.88 22.77
C LEU A 79 -17.64 22.30 23.16
N HIS A 80 -16.41 22.55 23.59
CA HIS A 80 -15.98 23.88 23.97
C HIS A 80 -16.10 24.92 22.83
N LEU A 81 -16.18 24.47 21.58
CA LEU A 81 -16.31 25.41 20.46
C LEU A 81 -17.69 26.06 20.40
N ILE A 82 -18.69 25.43 21.03
CA ILE A 82 -20.07 25.69 20.64
C ILE A 82 -20.49 27.16 20.73
N ASN A 83 -20.14 27.85 21.81
CA ASN A 83 -20.63 29.20 21.97
C ASN A 83 -20.00 30.11 20.94
N GLY A 84 -18.73 29.83 20.60
CA GLY A 84 -18.07 30.62 19.56
C GLY A 84 -18.60 30.31 18.18
N LEU A 85 -19.01 29.06 17.95
CA LEU A 85 -19.61 28.72 16.67
C LEU A 85 -20.99 29.40 16.49
N PHE A 86 -21.76 29.52 17.58
CA PHE A 86 -23.02 30.26 17.47
C PHE A 86 -22.68 31.68 17.04
N ASP A 87 -21.63 32.28 17.61
CA ASP A 87 -21.29 33.60 17.22
C ASP A 87 -20.90 33.68 15.73
N CYS A 88 -20.08 32.73 15.27
CA CYS A 88 -19.68 32.68 13.86
C CYS A 88 -20.91 32.57 12.97
N HIS A 89 -21.78 31.63 13.30
CA HIS A 89 -22.88 31.34 12.43
C HIS A 89 -23.82 32.54 12.40
N ARG A 90 -24.07 33.14 13.57
CA ARG A 90 -24.93 34.29 13.64
C ARG A 90 -24.37 35.50 12.96
N ASN A 91 -23.04 35.59 12.87
CA ASN A 91 -22.41 36.70 12.21
C ASN A 91 -22.28 36.42 10.71
N HIS A 92 -22.75 35.26 10.24
CA HIS A 92 -22.71 34.95 8.80
C HIS A 92 -21.27 34.96 8.24
N VAL A 93 -20.34 34.33 8.93
CA VAL A 93 -19.00 34.28 8.38
C VAL A 93 -18.64 32.85 8.08
N PRO A 94 -17.85 32.63 7.03
CA PRO A 94 -17.56 31.24 6.58
C PRO A 94 -16.58 30.54 7.50
N VAL A 95 -17.06 29.57 8.28
CA VAL A 95 -16.18 28.86 9.18
C VAL A 95 -16.43 27.36 9.12
N LEU A 96 -15.36 26.59 8.94
CA LEU A 96 -15.42 25.14 9.05
C LEU A 96 -14.91 24.71 10.41
N ALA A 97 -15.71 23.91 11.12
CA ALA A 97 -15.28 23.34 12.39
C ALA A 97 -14.99 21.86 12.19
N ILE A 98 -13.79 21.42 12.53
CA ILE A 98 -13.51 19.99 12.54
C ILE A 98 -13.66 19.47 13.96
N ALA A 99 -14.69 18.68 14.18
CA ALA A 99 -14.95 18.17 15.52
C ALA A 99 -14.46 16.74 15.58
N ALA A 100 -13.28 16.53 16.17
CA ALA A 100 -12.79 15.18 16.33
C ALA A 100 -13.73 14.42 17.28
N HIS A 101 -13.82 13.11 17.11
CA HIS A 101 -14.84 12.32 17.79
C HIS A 101 -14.18 11.05 18.34
N ILE A 102 -14.85 10.36 19.26
CA ILE A 102 -14.30 9.19 19.91
C ILE A 102 -14.11 8.09 18.87
N PRO A 103 -13.34 7.05 19.17
CA PRO A 103 -13.17 6.00 18.15
C PRO A 103 -14.53 5.43 17.76
N SER A 104 -14.76 5.27 16.48
CA SER A 104 -16.12 4.90 16.01
C SER A 104 -16.58 3.56 16.62
N SER A 105 -15.65 2.69 16.95
CA SER A 105 -16.02 1.40 17.52
C SER A 105 -16.69 1.51 18.90
N GLU A 106 -16.47 2.63 19.60
CA GLU A 106 -17.01 2.79 20.93
C GLU A 106 -18.33 3.55 20.95
N ILE A 107 -18.74 4.09 19.82
CA ILE A 107 -19.95 4.88 19.77
C ILE A 107 -21.17 4.06 20.23
N GLY A 108 -22.00 4.69 21.06
CA GLY A 108 -23.24 4.04 21.50
C GLY A 108 -23.08 3.22 22.75
N SER A 109 -21.91 3.28 23.39
CA SER A 109 -21.66 2.41 24.53
C SER A 109 -21.50 3.19 25.79
N GLY A 110 -21.57 4.51 25.72
CA GLY A 110 -21.35 5.32 26.91
C GLY A 110 -19.87 5.38 27.17
N TYR A 111 -19.08 5.63 26.14
CA TYR A 111 -17.63 5.57 26.26
C TYR A 111 -17.04 6.81 26.93
N PHE A 112 -15.80 6.70 27.38
CA PHE A 112 -15.06 7.87 27.84
C PHE A 112 -15.21 9.04 26.86
N GLN A 113 -15.64 10.18 27.37
CA GLN A 113 -15.83 11.38 26.55
C GLN A 113 -16.93 11.32 25.48
N GLU A 114 -17.73 10.26 25.45
CA GLU A 114 -18.77 10.19 24.40
C GLU A 114 -19.73 11.40 24.38
N THR A 115 -19.87 12.03 23.22
CA THR A 115 -20.95 12.98 22.99
C THR A 115 -21.43 12.69 21.58
N HIS A 116 -22.41 13.42 21.10
CA HIS A 116 -22.85 13.28 19.71
C HIS A 116 -22.78 14.66 19.03
N PRO A 117 -21.57 15.06 18.63
CA PRO A 117 -21.40 16.39 18.08
C PRO A 117 -22.31 16.63 16.84
N GLN A 118 -22.57 15.58 16.09
CA GLN A 118 -23.38 15.72 14.88
C GLN A 118 -24.81 16.13 15.20
N GLU A 119 -25.24 15.95 16.46
CA GLU A 119 -26.52 16.48 16.91
C GLU A 119 -26.38 17.82 17.58
N LEU A 120 -25.38 17.99 18.45
CA LEU A 120 -25.22 19.22 19.19
C LEU A 120 -25.13 20.45 18.30
N PHE A 121 -24.43 20.34 17.18
CA PHE A 121 -24.10 21.53 16.42
C PHE A 121 -25.11 21.87 15.33
N ARG A 122 -26.24 21.17 15.31
CA ARG A 122 -27.22 21.40 14.25
C ARG A 122 -27.69 22.87 14.21
N GLU A 123 -28.00 23.44 15.36
CA GLU A 123 -28.58 24.79 15.37
C GLU A 123 -27.58 25.88 14.94
N CYS A 124 -26.30 25.69 15.24
CA CYS A 124 -25.34 26.72 14.94
C CYS A 124 -24.53 26.37 13.70
N SER A 125 -25.17 25.77 12.71
CA SER A 125 -24.49 25.46 11.46
C SER A 125 -25.53 25.29 10.38
N HIS A 126 -25.12 25.31 9.11
CA HIS A 126 -26.10 24.89 8.12
C HIS A 126 -25.73 23.57 7.47
N TYR A 127 -24.68 22.93 8.00
CA TYR A 127 -24.28 21.61 7.58
C TYR A 127 -23.54 21.00 8.72
N CYS A 128 -23.88 19.74 9.04
CA CYS A 128 -23.29 19.09 10.20
C CYS A 128 -23.42 17.57 10.09
N GLU A 129 -22.33 16.85 9.84
CA GLU A 129 -22.41 15.40 9.60
C GLU A 129 -21.26 14.62 10.14
N LEU A 130 -21.55 13.36 10.50
CA LEU A 130 -20.55 12.46 11.02
C LEU A 130 -19.92 11.71 9.85
N VAL A 131 -18.59 11.68 9.81
CA VAL A 131 -17.86 10.87 8.84
C VAL A 131 -17.55 9.49 9.45
N SER A 132 -18.40 8.49 9.15
CA SER A 132 -18.25 7.14 9.67
C SER A 132 -17.31 6.37 8.77
N SER A 133 -17.29 6.75 7.50
CA SER A 133 -16.60 5.98 6.48
C SER A 133 -15.69 6.90 5.66
N PRO A 134 -14.45 6.44 5.40
CA PRO A 134 -13.57 7.26 4.58
C PRO A 134 -14.22 7.63 3.25
N GLU A 135 -15.07 6.75 2.71
CA GLU A 135 -15.68 7.04 1.41
C GLU A 135 -16.58 8.29 1.42
N GLN A 136 -17.05 8.70 2.59
CA GLN A 136 -17.83 9.92 2.68
C GLN A 136 -17.02 11.19 2.49
N ILE A 137 -15.73 11.21 2.86
CA ILE A 137 -15.07 12.48 3.06
C ILE A 137 -15.10 13.41 1.83
N PRO A 138 -14.99 12.88 0.62
CA PRO A 138 -14.96 13.89 -0.48
C PRO A 138 -16.29 14.65 -0.61
N GLN A 139 -17.42 13.95 -0.47
CA GLN A 139 -18.71 14.62 -0.60
C GLN A 139 -18.99 15.49 0.63
N VAL A 140 -18.76 14.94 1.82
CA VAL A 140 -19.02 15.67 3.03
C VAL A 140 -18.18 16.96 3.11
N LEU A 141 -16.90 16.87 2.81
CA LEU A 141 -16.04 18.03 2.86
C LEU A 141 -16.43 19.04 1.76
N ALA A 142 -16.74 18.56 0.57
CA ALA A 142 -17.10 19.50 -0.50
C ALA A 142 -18.37 20.30 -0.15
N ILE A 143 -19.42 19.63 0.37
CA ILE A 143 -20.61 20.30 0.71
C ILE A 143 -20.35 21.23 1.90
N ALA A 144 -19.69 20.70 2.93
CA ALA A 144 -19.38 21.53 4.09
C ALA A 144 -18.67 22.84 3.68
N MET A 145 -17.64 22.74 2.86
CA MET A 145 -16.89 23.93 2.50
C MET A 145 -17.71 24.87 1.62
N ARG A 146 -18.43 24.30 0.66
CA ARG A 146 -19.21 25.10 -0.24
C ARG A 146 -20.32 25.87 0.49
N LYS A 147 -21.01 25.19 1.41
CA LYS A 147 -22.06 25.85 2.16
C LYS A 147 -21.46 26.92 3.07
N ALA A 148 -20.35 26.61 3.74
CA ALA A 148 -19.75 27.60 4.64
C ALA A 148 -19.44 28.88 3.87
N VAL A 149 -18.83 28.75 2.70
CA VAL A 149 -18.42 29.90 1.96
C VAL A 149 -19.59 30.61 1.31
N LEU A 150 -20.43 29.90 0.55
CA LEU A 150 -21.48 30.55 -0.23
C LEU A 150 -22.73 30.90 0.58
N ASN A 151 -23.11 30.04 1.53
CA ASN A 151 -24.23 30.39 2.42
C ASN A 151 -23.80 31.25 3.59
N ARG A 152 -22.49 31.44 3.75
CA ARG A 152 -21.94 32.34 4.81
CA ARG A 152 -21.92 32.34 4.78
C ARG A 152 -22.33 31.96 6.21
N GLY A 153 -21.70 30.93 6.71
CA GLY A 153 -21.96 30.45 8.03
C GLY A 153 -21.10 29.23 8.36
N VAL A 154 -21.48 28.51 9.39
CA VAL A 154 -20.64 27.47 9.93
C VAL A 154 -21.04 26.15 9.35
N SER A 155 -20.04 25.34 9.00
CA SER A 155 -20.27 23.92 8.66
C SER A 155 -19.45 23.10 9.64
N VAL A 156 -19.99 21.94 10.04
CA VAL A 156 -19.28 21.09 10.98
C VAL A 156 -19.05 19.70 10.38
N VAL A 157 -17.81 19.21 10.44
CA VAL A 157 -17.49 17.86 10.02
C VAL A 157 -17.01 17.12 11.26
N VAL A 158 -17.71 16.04 11.62
CA VAL A 158 -17.40 15.30 12.81
C VAL A 158 -16.61 14.06 12.41
N LEU A 159 -15.42 13.90 12.98
CA LEU A 159 -14.44 12.94 12.46
C LEU A 159 -13.85 12.07 13.56
N PRO A 160 -14.35 10.82 13.68
CA PRO A 160 -13.78 9.93 14.69
C PRO A 160 -12.27 9.77 14.43
N GLY A 161 -11.48 9.75 15.50
CA GLY A 161 -10.05 9.71 15.39
C GLY A 161 -9.55 8.52 14.63
N ASP A 162 -10.23 7.38 14.71
CA ASP A 162 -9.79 6.17 13.96
C ASP A 162 -10.07 6.37 12.47
N VAL A 163 -11.23 6.93 12.13
CA VAL A 163 -11.54 7.17 10.74
C VAL A 163 -10.56 8.17 10.12
N ALA A 164 -10.15 9.19 10.88
CA ALA A 164 -9.16 10.15 10.42
C ALA A 164 -7.88 9.48 9.93
N LEU A 165 -7.54 8.34 10.53
CA LEU A 165 -6.27 7.68 10.24
C LEU A 165 -6.37 6.66 9.13
N LYS A 166 -7.57 6.44 8.62
CA LYS A 166 -7.76 5.48 7.55
C LYS A 166 -7.43 6.10 6.18
N PRO A 167 -7.20 5.25 5.18
CA PRO A 167 -6.86 5.79 3.87
C PRO A 167 -8.03 6.56 3.26
N ALA A 168 -7.75 7.74 2.72
CA ALA A 168 -8.75 8.48 1.93
C ALA A 168 -9.01 7.71 0.65
N PRO A 169 -10.16 7.93 0.01
CA PRO A 169 -10.45 7.29 -1.28
C PRO A 169 -9.39 7.70 -2.31
N GLU A 170 -8.88 6.76 -3.10
CA GLU A 170 -7.74 7.06 -3.97
C GLU A 170 -8.02 8.01 -5.13
N GLY A 171 -9.25 8.00 -5.63
CA GLY A 171 -9.56 8.88 -6.76
C GLY A 171 -9.99 10.29 -6.36
N ALA A 172 -10.11 10.55 -5.06
CA ALA A 172 -10.63 11.82 -4.58
C ALA A 172 -9.74 12.98 -5.03
N THR A 173 -10.34 14.13 -5.30
CA THR A 173 -9.50 15.25 -5.66
C THR A 173 -9.44 16.30 -4.57
N MET A 174 -8.28 16.93 -4.46
CA MET A 174 -8.04 17.90 -3.41
C MET A 174 -8.04 19.32 -3.94
N HIS A 175 -8.01 19.49 -5.27
CA HIS A 175 -8.10 20.83 -5.81
C HIS A 175 -9.44 21.51 -5.52
N TRP A 176 -9.43 22.78 -5.15
CA TRP A 176 -10.64 23.50 -4.85
C TRP A 176 -10.89 24.61 -5.85
N TYR A 177 -12.04 24.60 -6.51
CA TYR A 177 -12.38 25.71 -7.41
C TYR A 177 -13.10 26.78 -6.62
N HIS A 178 -12.58 28.01 -6.57
CA HIS A 178 -13.30 29.07 -5.85
CA HIS A 178 -13.23 29.09 -5.84
C HIS A 178 -14.43 29.64 -6.67
N ALA A 179 -15.65 29.37 -6.25
CA ALA A 179 -16.80 30.00 -6.92
C ALA A 179 -17.24 31.23 -6.12
N PRO A 180 -17.21 32.40 -6.77
CA PRO A 180 -17.69 33.63 -6.13
C PRO A 180 -19.22 33.63 -5.97
N GLN A 181 -19.76 34.54 -5.16
CA GLN A 181 -21.22 34.74 -5.13
C GLN A 181 -21.73 35.04 -6.54
N PRO A 182 -22.98 34.62 -6.83
CA PRO A 182 -23.56 35.02 -8.09
C PRO A 182 -24.05 36.46 -8.00
N VAL A 183 -24.45 37.04 -9.14
CA VAL A 183 -25.16 38.29 -9.15
C VAL A 183 -26.63 37.96 -8.89
N VAL A 184 -27.22 38.60 -7.88
CA VAL A 184 -28.63 38.37 -7.58
C VAL A 184 -29.44 39.62 -7.54
N THR A 185 -30.40 39.72 -8.47
CA THR A 185 -31.13 40.94 -8.68
C THR A 185 -32.57 40.61 -8.90
N PRO A 186 -33.49 41.44 -8.37
CA PRO A 186 -34.91 41.14 -8.59
C PRO A 186 -35.31 41.26 -10.05
N GLU A 187 -36.41 40.62 -10.42
CA GLU A 187 -36.88 40.61 -11.79
C GLU A 187 -37.24 42.07 -12.16
N GLU A 188 -36.97 42.47 -13.42
CA GLU A 188 -37.18 43.84 -13.89
C GLU A 188 -38.58 44.36 -13.48
N GLU A 189 -39.59 43.51 -13.57
CA GLU A 189 -40.97 43.89 -13.27
C GLU A 189 -41.07 44.37 -11.82
N GLU A 190 -40.40 43.66 -10.93
CA GLU A 190 -40.42 43.98 -9.52
C GLU A 190 -39.71 45.32 -9.24
N LEU A 191 -38.60 45.58 -9.94
CA LEU A 191 -37.92 46.85 -9.79
C LEU A 191 -38.82 48.00 -10.25
N ARG A 192 -39.52 47.82 -11.37
CA ARG A 192 -40.44 48.79 -11.86
C ARG A 192 -41.54 49.09 -10.84
N LYS A 193 -42.02 48.04 -10.21
CA LYS A 193 -43.06 48.19 -9.20
C LYS A 193 -42.55 48.99 -8.01
N LEU A 194 -41.34 48.65 -7.55
CA LEU A 194 -40.70 49.38 -6.48
C LEU A 194 -40.51 50.86 -6.83
N ALA A 195 -39.99 51.13 -8.03
CA ALA A 195 -39.79 52.51 -8.46
C ALA A 195 -41.10 53.28 -8.45
N GLN A 196 -42.15 52.64 -8.93
CA GLN A 196 -43.46 53.28 -8.94
C GLN A 196 -43.94 53.55 -7.52
N LEU A 197 -43.75 52.60 -6.62
CA LEU A 197 -44.14 52.76 -5.24
C LEU A 197 -43.39 53.95 -4.61
N LEU A 198 -42.08 54.01 -4.80
CA LEU A 198 -41.30 55.13 -4.27
C LEU A 198 -41.75 56.48 -4.84
N ARG A 199 -42.15 56.48 -6.10
CA ARG A 199 -42.59 57.68 -6.75
C ARG A 199 -43.81 58.30 -6.00
N TYR A 200 -44.64 57.45 -5.40
CA TYR A 200 -45.86 57.89 -4.73
C TYR A 200 -45.79 57.76 -3.22
N SER A 201 -44.58 57.64 -2.68
CA SER A 201 -44.41 57.55 -1.23
C SER A 201 -43.76 58.82 -0.71
N SER A 202 -44.01 59.15 0.56
CA SER A 202 -43.36 60.32 1.16
C SER A 202 -42.72 59.93 2.47
N ASN A 203 -41.86 60.82 2.99
CA ASN A 203 -41.28 60.63 4.30
C ASN A 203 -40.69 59.23 4.44
N ILE A 204 -39.74 58.95 3.55
CA ILE A 204 -39.11 57.66 3.44
C ILE A 204 -37.83 57.64 4.25
N ALA A 205 -37.64 56.58 5.02
CA ALA A 205 -36.38 56.38 5.70
C ALA A 205 -35.82 55.03 5.24
N LEU A 206 -34.50 54.91 5.25
CA LEU A 206 -33.85 53.65 4.96
C LEU A 206 -33.25 53.08 6.25
N MET A 207 -33.53 51.80 6.54
CA MET A 207 -32.91 51.11 7.65
C MET A 207 -31.87 50.15 7.07
N CYS A 208 -30.59 50.40 7.34
CA CYS A 208 -29.54 49.71 6.59
C CYS A 208 -28.70 48.89 7.49
N GLY A 209 -28.46 47.63 7.10
CA GLY A 209 -27.66 46.72 7.89
C GLY A 209 -26.43 46.26 7.11
N SER A 210 -25.76 45.21 7.59
CA SER A 210 -24.50 44.82 6.97
C SER A 210 -24.66 44.29 5.54
N GLY A 211 -25.89 44.03 5.13
CA GLY A 211 -26.15 43.62 3.75
C GLY A 211 -25.77 44.72 2.77
N CYS A 212 -25.61 45.95 3.27
CA CYS A 212 -25.17 47.09 2.47
C CYS A 212 -23.64 47.14 2.29
N ALA A 213 -22.92 46.22 2.94
CA ALA A 213 -21.47 46.19 2.76
C ALA A 213 -21.12 46.14 1.27
N GLY A 214 -20.21 46.99 0.82
CA GLY A 214 -19.83 46.98 -0.59
C GLY A 214 -20.74 47.84 -1.49
N ALA A 215 -21.83 48.37 -0.93
CA ALA A 215 -22.79 49.16 -1.69
C ALA A 215 -22.86 50.63 -1.27
N HIS A 216 -21.83 51.10 -0.58
CA HIS A 216 -21.84 52.45 -0.02
C HIS A 216 -22.23 53.52 -1.06
N LYS A 217 -21.55 53.47 -2.19
CA LYS A 217 -21.74 54.43 -3.25
C LYS A 217 -23.19 54.47 -3.74
N GLU A 218 -23.75 53.30 -4.03
CA GLU A 218 -25.11 53.19 -4.49
C GLU A 218 -26.10 53.62 -3.40
N LEU A 219 -25.83 53.21 -2.16
CA LEU A 219 -26.70 53.54 -1.05
C LEU A 219 -26.83 55.06 -0.88
N VAL A 220 -25.69 55.74 -0.86
CA VAL A 220 -25.67 57.17 -0.65
C VAL A 220 -26.33 57.90 -1.83
N GLU A 221 -26.10 57.41 -3.03
CA GLU A 221 -26.73 57.98 -4.20
C GLU A 221 -28.25 57.79 -4.17
N PHE A 222 -28.69 56.62 -3.73
CA PHE A 222 -30.11 56.31 -3.62
C PHE A 222 -30.78 57.23 -2.58
N ALA A 223 -30.22 57.31 -1.38
CA ALA A 223 -30.76 58.18 -0.34
C ALA A 223 -30.89 59.62 -0.82
N GLY A 224 -29.86 60.10 -1.51
CA GLY A 224 -29.85 61.48 -2.00
C GLY A 224 -30.90 61.71 -3.08
N LYS A 225 -31.09 60.70 -3.91
CA LYS A 225 -32.04 60.81 -5.00
C LYS A 225 -33.49 60.95 -4.51
N ILE A 226 -33.88 60.12 -3.55
CA ILE A 226 -35.24 60.18 -3.03
C ILE A 226 -35.36 60.98 -1.73
N LYS A 227 -34.25 61.56 -1.27
CA LYS A 227 -34.23 62.37 -0.03
C LYS A 227 -34.69 61.55 1.20
N ALA A 228 -34.00 60.46 1.46
CA ALA A 228 -34.33 59.59 2.59
C ALA A 228 -33.19 59.59 3.59
N PRO A 229 -33.49 59.97 4.84
CA PRO A 229 -32.47 59.81 5.86
C PRO A 229 -32.19 58.32 6.03
N ILE A 230 -30.98 58.00 6.44
CA ILE A 230 -30.60 56.63 6.65
C ILE A 230 -30.40 56.39 8.15
N VAL A 231 -31.00 55.34 8.68
CA VAL A 231 -30.54 54.85 9.98
C VAL A 231 -29.92 53.48 9.77
N HIS A 232 -28.92 53.15 10.57
CA HIS A 232 -28.25 51.89 10.39
C HIS A 232 -28.39 51.00 11.59
N ALA A 233 -28.52 49.69 11.34
CA ALA A 233 -28.49 48.70 12.40
C ALA A 233 -27.04 48.59 12.86
N LEU A 234 -26.82 48.12 14.07
CA LEU A 234 -25.45 48.07 14.57
C LEU A 234 -24.45 47.42 13.59
N ARG A 235 -24.80 46.30 12.98
CA ARG A 235 -23.79 45.62 12.15
C ARG A 235 -23.64 46.35 10.80
N GLY A 236 -24.48 47.36 10.56
CA GLY A 236 -24.30 48.20 9.38
C GLY A 236 -23.38 49.38 9.66
N LYS A 237 -23.11 49.65 10.93
CA LYS A 237 -22.36 50.85 11.29
C LYS A 237 -21.07 51.00 10.51
N GLU A 238 -20.23 49.97 10.51
CA GLU A 238 -18.94 50.11 9.87
C GLU A 238 -19.06 50.29 8.35
N HIS A 239 -20.20 49.88 7.79
CA HIS A 239 -20.36 49.91 6.33
C HIS A 239 -21.11 51.15 5.82
N VAL A 240 -21.75 51.88 6.71
CA VAL A 240 -22.74 52.86 6.32
C VAL A 240 -22.47 54.21 6.94
N GLU A 241 -21.91 54.23 8.14
CA GLU A 241 -21.76 55.47 8.91
C GLU A 241 -20.43 56.21 8.62
N TYR A 242 -20.20 56.58 7.37
CA TYR A 242 -19.06 57.41 7.06
C TYR A 242 -19.31 57.96 5.67
N ASP A 243 -18.70 59.11 5.34
CA ASP A 243 -18.95 59.77 4.07
C ASP A 243 -20.41 59.62 3.66
N ASN A 244 -21.30 60.03 4.56
CA ASN A 244 -22.70 59.78 4.36
C ASN A 244 -23.53 60.88 4.98
N PRO A 245 -23.84 61.90 4.18
CA PRO A 245 -24.57 63.03 4.74
C PRO A 245 -26.03 62.70 5.10
N TYR A 246 -26.47 61.48 4.79
CA TYR A 246 -27.85 61.10 5.07
C TYR A 246 -28.01 60.28 6.36
N ASP A 247 -26.89 59.84 6.93
CA ASP A 247 -26.95 58.98 8.10
C ASP A 247 -27.29 59.72 9.36
N VAL A 248 -28.27 59.23 10.08
CA VAL A 248 -28.73 59.93 11.26
CA VAL A 248 -28.75 59.92 11.25
C VAL A 248 -28.69 59.08 12.53
N GLY A 249 -27.86 58.02 12.50
CA GLY A 249 -27.61 57.24 13.69
C GLY A 249 -28.29 55.89 13.77
N MET A 250 -28.67 55.49 14.99
CA MET A 250 -29.25 54.18 15.25
C MET A 250 -30.52 54.31 16.09
N THR A 251 -31.40 53.30 16.03
CA THR A 251 -32.43 53.12 17.08
C THR A 251 -32.07 51.91 17.92
N GLY A 252 -33.09 51.43 18.66
CA GLY A 252 -32.91 50.39 19.64
C GLY A 252 -32.49 51.09 20.92
N LEU A 253 -32.42 50.35 22.01
CA LEU A 253 -32.10 50.94 23.30
C LEU A 253 -30.75 51.64 23.31
N ILE A 254 -29.80 51.19 22.50
CA ILE A 254 -28.49 51.84 22.54
C ILE A 254 -28.33 52.84 21.44
N GLY A 255 -29.39 53.02 20.63
CA GLY A 255 -29.38 54.03 19.58
C GLY A 255 -29.63 55.40 20.22
N PHE A 256 -30.06 56.37 19.42
CA PHE A 256 -30.32 57.68 19.97
C PHE A 256 -31.51 58.35 19.34
N SER A 257 -31.85 59.53 19.86
CA SER A 257 -33.11 60.17 19.53
C SER A 257 -33.36 60.33 18.03
N SER A 258 -32.36 60.81 17.30
CA SER A 258 -32.53 61.04 15.87
C SER A 258 -32.87 59.74 15.10
N GLY A 259 -32.15 58.65 15.39
CA GLY A 259 -32.49 57.35 14.84
C GLY A 259 -33.87 56.93 15.29
N PHE A 260 -34.14 57.08 16.59
CA PHE A 260 -35.43 56.63 17.10
CA PHE A 260 -35.44 56.72 17.21
C PHE A 260 -36.56 57.30 16.38
N HIS A 261 -36.58 58.65 16.38
CA HIS A 261 -37.65 59.41 15.77
C HIS A 261 -37.76 59.24 14.27
N THR A 262 -36.64 59.16 13.57
CA THR A 262 -36.69 59.04 12.13
C THR A 262 -37.40 57.75 11.75
N MET A 263 -37.04 56.70 12.46
CA MET A 263 -37.69 55.40 12.28
C MET A 263 -39.15 55.41 12.65
N MET A 264 -39.49 55.94 13.83
CA MET A 264 -40.89 55.94 14.26
C MET A 264 -41.77 56.81 13.38
N ASN A 265 -41.23 57.91 12.85
CA ASN A 265 -42.07 58.88 12.16
C ASN A 265 -42.18 58.71 10.66
N ALA A 266 -41.36 57.83 10.09
CA ALA A 266 -41.40 57.58 8.66
C ALA A 266 -42.77 57.08 8.22
N ASP A 267 -43.21 57.49 7.04
CA ASP A 267 -44.41 56.94 6.45
C ASP A 267 -44.10 55.76 5.53
N THR A 268 -42.84 55.63 5.14
CA THR A 268 -42.40 54.59 4.25
C THR A 268 -41.03 54.22 4.71
N LEU A 269 -40.82 52.92 4.89
CA LEU A 269 -39.57 52.44 5.43
C LEU A 269 -38.99 51.38 4.50
N VAL A 270 -37.74 51.54 4.10
CA VAL A 270 -37.09 50.56 3.25
C VAL A 270 -36.00 49.85 4.04
N LEU A 271 -36.19 48.56 4.28
CA LEU A 271 -35.18 47.75 4.99
C LEU A 271 -34.19 47.20 3.98
N LEU A 272 -32.92 47.62 4.08
CA LEU A 272 -31.90 47.21 3.15
C LEU A 272 -30.87 46.35 3.85
N GLY A 273 -30.90 45.05 3.55
CA GLY A 273 -29.92 44.14 4.10
C GLY A 273 -29.82 44.21 5.63
N THR A 274 -30.96 44.08 6.30
CA THR A 274 -30.96 44.17 7.76
C THR A 274 -31.81 43.09 8.44
N GLN A 275 -31.44 42.78 9.67
CA GLN A 275 -32.06 41.76 10.53
C GLN A 275 -32.36 42.47 11.87
N PHE A 276 -32.28 43.79 11.89
CA PHE A 276 -32.55 44.55 13.14
C PHE A 276 -33.72 43.90 13.89
N PRO A 277 -33.46 43.35 15.09
CA PRO A 277 -34.43 42.43 15.68
C PRO A 277 -35.45 43.04 16.64
N TYR A 278 -35.35 44.31 16.98
CA TYR A 278 -36.18 44.82 18.06
C TYR A 278 -37.50 45.36 17.53
N ARG A 279 -38.51 44.51 17.53
CA ARG A 279 -39.77 44.75 16.82
C ARG A 279 -40.47 46.04 17.19
N ALA A 280 -40.37 46.46 18.44
CA ALA A 280 -41.16 47.61 18.90
C ALA A 280 -40.60 48.93 18.37
N PHE A 281 -39.41 48.90 17.78
CA PHE A 281 -38.81 50.11 17.24
C PHE A 281 -39.17 50.36 15.78
N TYR A 282 -39.90 49.44 15.15
CA TYR A 282 -40.38 49.70 13.82
C TYR A 282 -41.66 50.50 13.92
N PRO A 283 -41.87 51.42 12.98
CA PRO A 283 -43.08 52.22 12.94
C PRO A 283 -44.32 51.34 12.82
N THR A 284 -45.40 51.79 13.43
CA THR A 284 -46.63 51.00 13.41
C THR A 284 -47.56 51.34 12.24
N ASP A 285 -47.36 52.51 11.64
CA ASP A 285 -48.30 53.05 10.67
C ASP A 285 -47.77 53.23 9.22
N ALA A 286 -46.69 52.57 8.85
CA ALA A 286 -45.97 52.92 7.63
C ALA A 286 -45.95 51.78 6.65
N LYS A 287 -45.77 52.10 5.38
CA LYS A 287 -45.51 51.12 4.34
C LYS A 287 -44.08 50.59 4.55
N ILE A 288 -43.89 49.27 4.62
CA ILE A 288 -42.57 48.71 4.79
C ILE A 288 -42.17 47.86 3.58
N ILE A 289 -40.96 48.15 3.08
CA ILE A 289 -40.38 47.49 1.92
C ILE A 289 -39.12 46.85 2.40
N GLN A 290 -38.87 45.61 2.03
CA GLN A 290 -37.66 44.95 2.47
C GLN A 290 -36.96 44.28 1.30
N ILE A 291 -35.65 44.52 1.20
CA ILE A 291 -34.80 43.89 0.20
C ILE A 291 -33.74 43.11 0.95
N ASP A 292 -33.57 41.82 0.63
CA ASP A 292 -32.62 40.98 1.32
C ASP A 292 -32.25 39.79 0.41
N ILE A 293 -31.07 39.20 0.55
CA ILE A 293 -30.77 38.01 -0.24
C ILE A 293 -31.33 36.76 0.41
N ASN A 294 -31.72 36.85 1.66
CA ASN A 294 -32.14 35.68 2.39
C ASN A 294 -33.61 35.68 2.69
N PRO A 295 -34.35 34.77 2.07
CA PRO A 295 -35.80 34.75 2.30
C PRO A 295 -36.15 34.68 3.80
N ALA A 296 -35.30 34.07 4.59
CA ALA A 296 -35.58 33.92 6.02
C ALA A 296 -35.55 35.25 6.79
N SER A 297 -34.97 36.29 6.20
CA SER A 297 -34.90 37.56 6.85
C SER A 297 -36.14 38.38 6.58
N ILE A 298 -36.88 38.01 5.54
CA ILE A 298 -37.96 38.84 5.07
C ILE A 298 -39.16 38.67 5.96
N GLY A 299 -39.51 39.73 6.68
CA GLY A 299 -40.66 39.71 7.57
C GLY A 299 -40.33 39.11 8.93
N ALA A 300 -39.03 38.96 9.22
CA ALA A 300 -38.65 38.31 10.48
C ALA A 300 -38.95 39.21 11.70
N HIS A 301 -38.90 40.53 11.53
CA HIS A 301 -39.09 41.41 12.65
C HIS A 301 -40.05 42.56 12.36
N SER A 302 -40.84 42.45 11.28
CA SER A 302 -41.82 43.46 10.99
C SER A 302 -42.74 42.93 9.92
N LYS A 303 -43.88 43.58 9.76
CA LYS A 303 -44.72 43.30 8.59
C LYS A 303 -43.93 43.76 7.36
N VAL A 304 -44.31 43.24 6.19
CA VAL A 304 -43.69 43.65 4.96
C VAL A 304 -44.75 43.86 3.89
N ASP A 305 -44.86 45.08 3.38
CA ASP A 305 -45.83 45.37 2.33
C ASP A 305 -45.33 45.06 0.94
N MET A 306 -44.01 45.13 0.74
CA MET A 306 -43.38 44.71 -0.50
C MET A 306 -42.03 44.12 -0.20
N ALA A 307 -41.80 42.88 -0.67
CA ALA A 307 -40.56 42.17 -0.46
C ALA A 307 -39.85 41.94 -1.80
N LEU A 308 -38.52 42.10 -1.80
CA LEU A 308 -37.73 41.78 -2.99
C LEU A 308 -36.50 41.02 -2.54
N VAL A 309 -36.16 39.95 -3.26
CA VAL A 309 -34.96 39.23 -3.01
C VAL A 309 -33.91 39.79 -3.96
N GLY A 310 -32.79 40.26 -3.40
CA GLY A 310 -31.72 40.73 -4.21
C GLY A 310 -30.55 41.16 -3.36
N ASP A 311 -29.39 41.22 -3.97
CA ASP A 311 -28.22 41.72 -3.32
C ASP A 311 -28.29 43.27 -3.39
N ILE A 312 -27.91 43.96 -2.33
CA ILE A 312 -28.14 45.40 -2.29
C ILE A 312 -27.42 46.15 -3.40
N LYS A 313 -26.15 45.86 -3.60
CA LYS A 313 -25.37 46.54 -4.61
C LYS A 313 -26.02 46.41 -6.00
N SER A 314 -26.31 45.19 -6.44
CA SER A 314 -26.92 44.94 -7.78
C SER A 314 -28.28 45.54 -7.90
N THR A 315 -29.07 45.36 -6.84
CA THR A 315 -30.43 45.86 -6.84
C THR A 315 -30.46 47.38 -6.97
N LEU A 316 -29.67 48.09 -6.14
CA LEU A 316 -29.65 49.53 -6.23
C LEU A 316 -29.13 49.99 -7.61
N ARG A 317 -28.16 49.30 -8.17
CA ARG A 317 -27.66 49.69 -9.49
C ARG A 317 -28.72 49.59 -10.54
N ALA A 318 -29.55 48.56 -10.45
CA ALA A 318 -30.60 48.35 -11.44
C ALA A 318 -31.79 49.27 -11.15
N LEU A 319 -32.00 49.60 -9.88
CA LEU A 319 -33.12 50.43 -9.47
C LEU A 319 -32.91 51.93 -9.76
N LEU A 320 -31.71 52.42 -9.46
CA LEU A 320 -31.44 53.85 -9.57
C LEU A 320 -31.93 54.52 -10.86
N PRO A 321 -31.62 53.92 -12.01
CA PRO A 321 -32.05 54.62 -13.25
C PRO A 321 -33.57 54.65 -13.41
N LEU A 322 -34.28 53.79 -12.68
CA LEU A 322 -35.74 53.75 -12.77
C LEU A 322 -36.40 54.76 -11.83
N VAL A 323 -35.63 55.23 -10.85
CA VAL A 323 -36.16 56.06 -9.79
C VAL A 323 -36.02 57.54 -10.13
N GLU A 324 -37.15 58.24 -10.10
CA GLU A 324 -37.19 59.66 -10.36
C GLU A 324 -36.67 60.42 -9.15
N GLU A 325 -35.89 61.47 -9.39
CA GLU A 325 -35.41 62.31 -8.29
C GLU A 325 -36.56 63.06 -7.62
N LYS A 326 -36.60 63.05 -6.28
CA LYS A 326 -37.64 63.76 -5.54
C LYS A 326 -37.12 65.13 -5.08
N ALA A 327 -37.94 66.16 -5.17
CA ALA A 327 -37.52 67.49 -4.71
C ALA A 327 -37.78 67.70 -3.21
N ASP A 328 -38.78 67.00 -2.68
CA ASP A 328 -39.24 67.24 -1.30
C ASP A 328 -38.30 66.65 -0.28
N ARG A 329 -37.67 67.51 0.51
CA ARG A 329 -36.64 67.09 1.45
C ARG A 329 -36.92 67.52 2.90
N LYS A 330 -38.18 67.83 3.22
CA LYS A 330 -38.55 68.20 4.57
C LYS A 330 -38.22 67.13 5.57
N PHE A 331 -38.60 65.89 5.27
CA PHE A 331 -38.41 64.81 6.21
C PHE A 331 -36.91 64.63 6.47
N LEU A 332 -36.14 64.59 5.41
CA LEU A 332 -34.70 64.48 5.54
C LEU A 332 -34.10 65.62 6.36
N ASP A 333 -34.46 66.86 6.07
CA ASP A 333 -33.92 68.00 6.80
C ASP A 333 -34.25 67.95 8.29
N LYS A 334 -35.46 67.53 8.63
CA LYS A 334 -35.84 67.42 10.03
C LYS A 334 -35.02 66.33 10.70
N ALA A 335 -34.82 65.20 10.02
CA ALA A 335 -34.00 64.12 10.58
C ALA A 335 -32.57 64.62 10.83
N LEU A 336 -32.03 65.37 9.89
CA LEU A 336 -30.66 65.87 10.03
C LEU A 336 -30.55 66.84 11.20
N GLU A 337 -31.61 67.63 11.43
CA GLU A 337 -31.61 68.54 12.53
C GLU A 337 -31.69 67.76 13.85
N ASP A 338 -32.52 66.74 13.91
CA ASP A 338 -32.61 65.86 15.06
CA ASP A 338 -32.58 65.94 15.12
C ASP A 338 -31.23 65.26 15.35
N TYR A 339 -30.55 64.86 14.27
CA TYR A 339 -29.25 64.25 14.39
C TYR A 339 -28.22 65.18 14.99
N ARG A 340 -28.20 66.44 14.54
CA ARG A 340 -27.30 67.43 15.11
CA ARG A 340 -27.28 67.41 15.10
C ARG A 340 -27.52 67.56 16.61
N ASP A 341 -28.79 67.58 17.05
CA ASP A 341 -29.10 67.67 18.47
C ASP A 341 -28.60 66.44 19.20
N ALA A 342 -28.85 65.27 18.64
CA ALA A 342 -28.48 64.03 19.28
C ALA A 342 -26.96 63.91 19.45
N ARG A 343 -26.18 64.26 18.41
CA ARG A 343 -24.71 64.15 18.51
CA ARG A 343 -24.71 64.20 18.44
C ARG A 343 -24.18 65.11 19.55
N LYS A 344 -24.82 66.25 19.69
CA LYS A 344 -24.39 67.16 20.70
C LYS A 344 -24.64 66.60 22.11
N GLY A 345 -25.77 65.92 22.29
CA GLY A 345 -26.06 65.31 23.58
C GLY A 345 -25.03 64.25 23.91
N LEU A 346 -24.72 63.42 22.91
CA LEU A 346 -23.70 62.39 23.01
C LEU A 346 -22.36 62.99 23.41
N ASP A 347 -22.00 64.10 22.78
CA ASP A 347 -20.72 64.73 23.03
C ASP A 347 -20.59 65.31 24.43
N ASP A 348 -21.71 65.79 24.98
CA ASP A 348 -21.71 66.39 26.32
C ASP A 348 -21.43 65.37 27.43
N LEU A 349 -21.76 64.11 27.14
CA LEU A 349 -21.46 63.04 28.06
C LEU A 349 -20.01 62.58 28.01
N ALA A 350 -19.25 62.98 26.98
CA ALA A 350 -17.91 62.46 26.79
C ALA A 350 -16.84 63.46 27.19
N LYS A 351 -16.93 64.01 28.39
CA LYS A 351 -15.99 65.06 28.87
C LYS A 351 -15.11 64.51 29.98
N PRO A 352 -13.90 65.04 30.09
CA PRO A 352 -13.08 64.70 31.23
C PRO A 352 -13.65 65.32 32.51
N SER A 353 -13.36 64.70 33.65
CA SER A 353 -13.85 65.17 34.93
C SER A 353 -12.91 64.74 36.04
N GLU A 354 -12.98 65.38 37.19
CA GLU A 354 -12.14 64.97 38.31
C GLU A 354 -12.84 63.91 39.16
N LYS A 355 -14.16 63.78 38.97
CA LYS A 355 -14.99 62.83 39.71
C LYS A 355 -14.71 61.35 39.40
N ALA A 356 -14.72 61.00 38.13
CA ALA A 356 -14.63 59.61 37.78
C ALA A 356 -14.53 59.63 36.28
N ILE A 357 -14.08 58.54 35.68
CA ILE A 357 -13.89 58.60 34.27
C ILE A 357 -15.19 58.13 33.63
N HIS A 358 -15.83 59.02 32.88
CA HIS A 358 -16.97 58.62 32.09
C HIS A 358 -16.50 57.70 30.98
N PRO A 359 -17.08 56.50 30.92
CA PRO A 359 -16.68 55.56 29.87
C PRO A 359 -16.90 56.15 28.49
N GLN A 360 -17.80 57.10 28.37
CA GLN A 360 -18.02 57.62 27.04
C GLN A 360 -16.90 58.57 26.63
N TYR A 361 -16.31 59.27 27.60
CA TYR A 361 -15.05 59.96 27.37
C TYR A 361 -13.96 58.98 26.96
N LEU A 362 -13.84 57.87 27.67
CA LEU A 362 -12.82 56.89 27.34
C LEU A 362 -12.97 56.41 25.90
N ALA A 363 -14.19 56.08 25.50
CA ALA A 363 -14.45 55.58 24.16
C ALA A 363 -14.12 56.63 23.10
N GLN A 364 -14.50 57.87 23.39
CA GLN A 364 -14.23 58.95 22.48
C GLN A 364 -12.74 59.13 22.23
N GLN A 365 -11.94 58.93 23.28
CA GLN A 365 -10.51 59.16 23.17
C GLN A 365 -9.85 57.98 22.45
N ILE A 366 -10.40 56.77 22.65
CA ILE A 366 -9.94 55.62 21.92
C ILE A 366 -10.10 55.90 20.44
N SER A 367 -11.28 56.40 20.05
CA SER A 367 -11.54 56.71 18.66
C SER A 367 -10.59 57.79 18.13
N HIS A 368 -10.31 58.76 18.98
CA HIS A 368 -9.45 59.86 18.59
C HIS A 368 -7.97 59.45 18.35
N PHE A 369 -7.43 58.58 19.20
CA PHE A 369 -6.03 58.22 19.13
C PHE A 369 -5.72 56.92 18.37
N ALA A 370 -6.73 56.06 18.15
CA ALA A 370 -6.50 54.80 17.46
C ALA A 370 -6.16 55.05 15.98
N ALA A 371 -5.51 54.10 15.32
CA ALA A 371 -5.12 54.27 13.93
C ALA A 371 -6.31 54.54 13.03
N ASP A 372 -6.03 55.19 11.92
CA ASP A 372 -7.05 55.49 10.94
CA ASP A 372 -7.05 55.51 10.96
C ASP A 372 -7.64 54.25 10.28
N ASP A 373 -7.00 53.07 10.46
CA ASP A 373 -7.51 51.79 9.93
C ASP A 373 -7.51 50.73 11.04
N ALA A 374 -7.67 51.17 12.27
CA ALA A 374 -7.71 50.22 13.36
C ALA A 374 -8.86 49.26 13.22
N ILE A 375 -8.68 48.06 13.76
CA ILE A 375 -9.76 47.10 13.91
C ILE A 375 -10.19 47.08 15.37
N PHE A 376 -11.45 47.39 15.63
CA PHE A 376 -11.97 47.41 17.00
C PHE A 376 -12.85 46.21 17.25
N THR A 377 -12.72 45.62 18.44
CA THR A 377 -13.69 44.65 18.88
C THR A 377 -14.26 45.18 20.18
N CYS A 378 -15.49 44.82 20.51
CA CYS A 378 -16.09 45.30 21.75
C CYS A 378 -16.94 44.23 22.43
N ASP A 379 -16.76 44.07 23.74
CA ASP A 379 -17.51 43.08 24.52
C ASP A 379 -19.00 43.40 24.55
N VAL A 380 -19.81 42.37 24.55
CA VAL A 380 -21.23 42.53 24.85
C VAL A 380 -21.33 43.10 26.26
N GLY A 381 -22.10 44.17 26.43
CA GLY A 381 -22.17 44.94 27.68
C GLY A 381 -22.00 46.42 27.33
N THR A 382 -21.63 47.25 28.30
CA THR A 382 -21.50 48.67 28.01
C THR A 382 -20.52 48.98 26.88
N PRO A 383 -19.47 48.14 26.71
CA PRO A 383 -18.52 48.51 25.63
C PRO A 383 -19.19 48.53 24.26
N THR A 384 -20.22 47.70 24.08
CA THR A 384 -20.96 47.73 22.81
C THR A 384 -21.70 49.07 22.66
N VAL A 385 -22.27 49.56 23.76
CA VAL A 385 -22.94 50.83 23.72
C VAL A 385 -21.97 51.93 23.33
N TRP A 386 -20.82 51.97 24.00
CA TRP A 386 -19.88 53.06 23.76
C TRP A 386 -19.28 53.00 22.35
N ALA A 387 -19.01 51.79 21.88
CA ALA A 387 -18.49 51.61 20.52
C ALA A 387 -19.52 52.14 19.55
N ALA A 388 -20.78 51.71 19.72
CA ALA A 388 -21.83 52.14 18.82
C ALA A 388 -21.93 53.67 18.75
N ARG A 389 -21.79 54.31 19.90
CA ARG A 389 -22.06 55.74 19.99
C ARG A 389 -20.86 56.60 19.78
N TYR A 390 -19.65 56.08 19.98
CA TYR A 390 -18.47 56.95 19.97
C TYR A 390 -17.35 56.61 19.00
N LEU A 391 -17.33 55.40 18.41
CA LEU A 391 -16.30 55.07 17.46
C LEU A 391 -16.59 55.69 16.12
N LYS A 392 -15.67 56.51 15.62
CA LYS A 392 -15.87 57.07 14.30
C LYS A 392 -15.34 56.13 13.20
N MET A 393 -16.24 55.70 12.31
CA MET A 393 -15.86 54.83 11.20
C MET A 393 -15.49 55.64 9.96
N ASN A 394 -14.81 55.02 8.99
CA ASN A 394 -14.33 55.78 7.84
C ASN A 394 -14.12 54.97 6.60
N GLY A 395 -14.59 53.72 6.60
CA GLY A 395 -14.43 52.87 5.43
C GLY A 395 -13.15 52.05 5.46
N LYS A 396 -12.29 52.31 6.45
CA LYS A 396 -11.08 51.52 6.64
C LYS A 396 -11.08 50.82 7.99
N ARG A 397 -11.46 51.53 9.03
CA ARG A 397 -11.69 50.93 10.34
C ARG A 397 -12.74 49.81 10.30
N ARG A 398 -12.66 48.90 11.24
CA ARG A 398 -13.59 47.80 11.35
C ARG A 398 -14.07 47.67 12.75
N LEU A 399 -15.29 47.15 12.90
CA LEU A 399 -15.86 46.94 14.22
C LEU A 399 -16.41 45.54 14.27
N LEU A 400 -15.90 44.71 15.20
CA LEU A 400 -16.41 43.35 15.39
C LEU A 400 -16.99 43.23 16.77
N GLY A 401 -18.06 42.44 16.91
CA GLY A 401 -18.61 42.14 18.23
C GLY A 401 -19.39 40.86 18.16
N SER A 402 -20.14 40.61 19.23
CA SER A 402 -21.06 39.49 19.22
C SER A 402 -22.48 40.09 19.19
N PHE A 403 -22.81 40.75 18.08
CA PHE A 403 -23.99 41.59 18.07
C PHE A 403 -25.29 40.83 17.90
N ASN A 404 -25.24 39.65 17.27
CA ASN A 404 -26.46 38.87 17.08
C ASN A 404 -26.58 37.79 18.17
N HIS A 405 -25.49 37.10 18.44
CA HIS A 405 -25.52 35.99 19.39
C HIS A 405 -25.48 36.57 20.82
N GLY A 406 -24.86 37.74 20.95
CA GLY A 406 -24.92 38.47 22.20
C GLY A 406 -24.17 37.85 23.37
N SER A 407 -22.99 37.29 23.08
CA SER A 407 -22.22 36.64 24.12
C SER A 407 -21.27 37.60 24.78
N MET A 408 -21.27 37.65 26.11
CA MET A 408 -20.14 38.24 26.84
C MET A 408 -18.81 37.64 26.37
N ALA A 409 -17.72 38.42 26.56
CA ALA A 409 -16.35 37.86 26.54
C ALA A 409 -15.81 37.65 25.14
N ASN A 410 -16.49 38.22 24.14
CA ASN A 410 -16.09 38.04 22.75
C ASN A 410 -14.91 38.93 22.36
N ALA A 411 -14.71 40.06 23.04
CA ALA A 411 -13.83 41.09 22.47
C ALA A 411 -12.38 40.64 22.36
N MET A 412 -11.81 40.14 23.44
CA MET A 412 -10.44 39.76 23.34
C MET A 412 -10.20 38.56 22.40
N PRO A 413 -11.05 37.53 22.51
CA PRO A 413 -10.88 36.43 21.57
C PRO A 413 -10.99 36.87 20.11
N GLN A 414 -11.95 37.76 19.80
CA GLN A 414 -12.03 38.25 18.41
C GLN A 414 -10.79 39.05 18.03
N ALA A 415 -10.26 39.81 19.00
CA ALA A 415 -9.05 40.60 18.77
C ALA A 415 -7.90 39.70 18.41
N LEU A 416 -7.84 38.57 19.09
CA LEU A 416 -6.81 37.58 18.83
C LEU A 416 -6.85 37.13 17.37
N GLY A 417 -8.04 36.82 16.86
CA GLY A 417 -8.19 36.41 15.49
C GLY A 417 -7.89 37.55 14.53
N ALA A 418 -8.34 38.76 14.85
CA ALA A 418 -8.11 39.88 13.98
C ALA A 418 -6.61 40.12 13.87
N GLN A 419 -5.93 40.17 15.01
CA GLN A 419 -4.50 40.47 14.98
C GLN A 419 -3.70 39.46 14.22
N ALA A 420 -4.07 38.17 14.33
CA ALA A 420 -3.31 37.13 13.60
C ALA A 420 -3.55 37.25 12.10
N THR A 421 -4.74 37.70 11.73
CA THR A 421 -5.12 37.77 10.32
C THR A 421 -4.48 38.98 9.68
N GLU A 422 -4.39 40.07 10.45
CA GLU A 422 -3.75 41.30 9.99
C GLU A 422 -2.59 41.70 10.90
N PRO A 423 -1.46 41.01 10.80
CA PRO A 423 -0.38 41.25 11.78
C PRO A 423 0.18 42.70 11.83
N GLU A 424 0.04 43.45 10.74
CA GLU A 424 0.58 44.80 10.67
C GLU A 424 -0.41 45.88 11.15
N ARG A 425 -1.62 45.46 11.43
CA ARG A 425 -2.70 46.38 11.68
C ARG A 425 -2.94 46.58 13.22
N GLN A 426 -3.34 47.78 13.62
CA GLN A 426 -3.63 48.02 15.03
C GLN A 426 -4.99 47.39 15.39
N VAL A 427 -5.03 46.63 16.48
CA VAL A 427 -6.25 46.02 16.92
C VAL A 427 -6.52 46.44 18.37
N VAL A 428 -7.73 46.98 18.61
CA VAL A 428 -8.07 47.49 19.92
C VAL A 428 -9.28 46.76 20.45
N ALA A 429 -9.11 46.03 21.53
CA ALA A 429 -10.22 45.28 22.15
C ALA A 429 -10.82 46.12 23.28
N MET A 430 -12.07 46.51 23.12
CA MET A 430 -12.78 47.25 24.18
C MET A 430 -13.51 46.21 25.05
N CYS A 431 -12.92 45.87 26.19
CA CYS A 431 -13.40 44.76 26.97
C CYS A 431 -14.14 45.21 28.23
N GLY A 432 -15.08 44.40 28.66
CA GLY A 432 -15.65 44.57 29.96
C GLY A 432 -14.77 43.83 30.95
N ASP A 433 -14.91 44.16 32.22
CA ASP A 433 -14.19 43.42 33.24
C ASP A 433 -14.80 42.04 33.40
N GLY A 434 -16.12 41.93 33.24
CA GLY A 434 -16.76 40.63 33.23
C GLY A 434 -16.30 39.84 32.02
N GLY A 435 -16.33 40.47 30.84
CA GLY A 435 -15.96 39.80 29.62
C GLY A 435 -14.52 39.32 29.63
N PHE A 436 -13.62 40.22 29.99
CA PHE A 436 -12.21 39.87 30.01
C PHE A 436 -11.97 38.71 30.96
N SER A 437 -12.57 38.77 32.16
CA SER A 437 -12.26 37.71 33.11
C SER A 437 -12.98 36.40 32.78
N MET A 438 -14.07 36.47 32.04
CA MET A 438 -14.82 35.27 31.71
C MET A 438 -14.00 34.29 30.83
N LEU A 439 -13.15 34.81 29.95
CA LEU A 439 -12.22 33.97 29.18
C LEU A 439 -10.75 34.42 29.40
N MET A 440 -10.43 34.76 30.63
CA MET A 440 -9.14 35.39 30.94
C MET A 440 -7.91 34.56 30.56
N GLY A 441 -8.06 33.24 30.51
CA GLY A 441 -6.92 32.36 30.26
C GLY A 441 -6.28 32.68 28.92
N ASP A 442 -7.07 33.09 27.95
CA ASP A 442 -6.51 33.36 26.64
C ASP A 442 -5.79 34.69 26.55
N PHE A 443 -5.80 35.44 27.63
CA PHE A 443 -4.88 36.56 27.72
C PHE A 443 -3.46 36.00 27.51
N LEU A 444 -3.20 34.81 28.03
CA LEU A 444 -1.89 34.17 27.84
C LEU A 444 -1.60 33.89 26.38
N SER A 445 -2.63 33.78 25.55
CA SER A 445 -2.43 33.54 24.13
C SER A 445 -1.86 34.78 23.46
N VAL A 446 -2.22 35.92 23.98
CA VAL A 446 -1.69 37.16 23.45
C VAL A 446 -0.19 37.17 23.56
N VAL A 447 0.35 36.70 24.69
CA VAL A 447 1.81 36.56 24.83
C VAL A 447 2.36 35.44 23.99
N GLN A 448 1.81 34.24 24.14
CA GLN A 448 2.32 33.07 23.45
C GLN A 448 2.33 33.25 21.92
N MET A 449 1.31 33.91 21.38
CA MET A 449 1.23 34.10 19.92
C MET A 449 1.91 35.41 19.50
N LYS A 450 2.30 36.21 20.47
CA LYS A 450 2.96 37.49 20.21
C LYS A 450 2.11 38.39 19.32
N LEU A 451 0.85 38.55 19.67
CA LEU A 451 -0.02 39.39 18.93
C LEU A 451 -0.19 40.71 19.69
N PRO A 452 0.25 41.83 19.10
CA PRO A 452 0.27 43.11 19.82
C PRO A 452 -1.11 43.74 20.02
N VAL A 453 -2.08 42.98 20.55
CA VAL A 453 -3.43 43.51 20.79
CA VAL A 453 -3.41 43.53 20.74
C VAL A 453 -3.37 44.64 21.81
N LYS A 454 -4.17 45.69 21.59
CA LYS A 454 -4.31 46.72 22.62
C LYS A 454 -5.62 46.49 23.34
N ILE A 455 -5.54 46.02 24.59
CA ILE A 455 -6.73 45.72 25.35
C ILE A 455 -7.05 46.89 26.28
N VAL A 456 -8.28 47.40 26.17
CA VAL A 456 -8.72 48.48 27.07
C VAL A 456 -9.87 47.96 27.89
N VAL A 457 -9.67 47.79 29.20
CA VAL A 457 -10.72 47.23 30.02
C VAL A 457 -11.56 48.37 30.62
N PHE A 458 -12.86 48.36 30.36
CA PHE A 458 -13.80 49.27 30.98
C PHE A 458 -14.12 48.71 32.35
N ASN A 459 -13.27 49.06 33.31
CA ASN A 459 -13.30 48.43 34.59
C ASN A 459 -14.29 49.15 35.48
N ASN A 460 -15.55 48.72 35.42
CA ASN A 460 -16.55 49.30 36.29
C ASN A 460 -16.85 48.37 37.46
N SER A 461 -15.97 47.37 37.61
CA SER A 461 -16.06 46.44 38.72
CA SER A 461 -16.04 46.36 38.66
C SER A 461 -17.49 45.97 38.88
N VAL A 462 -18.19 45.80 37.75
CA VAL A 462 -19.55 45.32 37.73
C VAL A 462 -19.89 44.65 36.39
N LEU A 463 -20.97 43.87 36.42
CA LEU A 463 -21.63 43.35 35.22
C LEU A 463 -22.68 44.38 34.84
N GLY A 464 -22.23 45.50 34.28
CA GLY A 464 -22.98 46.73 34.23
C GLY A 464 -24.18 46.84 33.31
N PHE A 465 -24.17 46.09 32.19
CA PHE A 465 -25.29 46.18 31.27
C PHE A 465 -26.51 45.50 31.88
N VAL A 466 -26.33 44.28 32.39
CA VAL A 466 -27.39 43.61 33.14
C VAL A 466 -26.89 42.50 34.07
N GLY A 479 -26.87 40.54 41.77
CA GLY A 479 -25.67 39.76 41.52
C GLY A 479 -24.70 40.28 40.44
N THR A 480 -24.63 41.59 40.27
CA THR A 480 -23.76 42.15 39.25
C THR A 480 -22.40 42.67 39.75
N GLU A 481 -22.16 42.59 41.07
CA GLU A 481 -20.94 43.12 41.70
C GLU A 481 -19.72 42.22 41.49
N LEU A 482 -18.64 42.79 40.98
CA LEU A 482 -17.36 42.09 40.89
C LEU A 482 -16.32 42.69 41.80
N HIS A 483 -15.71 41.87 42.64
CA HIS A 483 -14.63 42.33 43.48
C HIS A 483 -13.71 43.26 42.67
N ASP A 484 -13.32 44.39 43.27
CA ASP A 484 -12.29 45.29 42.68
C ASP A 484 -11.10 44.51 42.19
N THR A 485 -10.91 44.50 40.88
CA THR A 485 -9.75 43.81 40.32
C THR A 485 -8.79 44.80 39.66
N ASN A 486 -7.50 44.60 39.87
CA ASN A 486 -6.50 45.35 39.13
C ASN A 486 -5.98 44.53 37.95
N PHE A 487 -6.51 44.78 36.75
CA PHE A 487 -6.11 44.02 35.59
C PHE A 487 -4.75 44.40 35.07
N ALA A 488 -4.33 45.64 35.34
CA ALA A 488 -2.98 46.06 34.95
C ALA A 488 -1.95 45.22 35.69
N ARG A 489 -2.20 44.99 36.97
CA ARG A 489 -1.29 44.19 37.76
C ARG A 489 -1.24 42.78 37.20
N ILE A 490 -2.40 42.25 36.80
CA ILE A 490 -2.46 40.91 36.27
C ILE A 490 -1.67 40.83 34.97
N ALA A 491 -1.84 41.84 34.13
CA ALA A 491 -1.09 41.88 32.89
C ALA A 491 0.42 41.83 33.15
N GLU A 492 0.90 42.67 34.05
CA GLU A 492 2.32 42.71 34.35
C GLU A 492 2.81 41.33 34.77
N ALA A 493 2.00 40.64 35.56
CA ALA A 493 2.39 39.34 36.08
C ALA A 493 2.46 38.31 34.95
N CYS A 494 1.73 38.56 33.88
CA CYS A 494 1.74 37.69 32.72
C CYS A 494 2.83 38.07 31.73
N GLY A 495 3.57 39.14 32.01
CA GLY A 495 4.63 39.58 31.10
C GLY A 495 4.18 40.55 30.00
N ILE A 496 2.95 41.07 30.10
CA ILE A 496 2.45 42.13 29.20
C ILE A 496 2.42 43.48 29.93
N THR A 497 2.76 44.58 29.25
CA THR A 497 2.65 45.91 29.86
C THR A 497 1.25 46.22 30.34
N GLY A 498 1.14 46.67 31.58
CA GLY A 498 -0.16 47.06 32.13
C GLY A 498 -0.19 48.49 32.60
N ILE A 499 -1.22 49.23 32.20
CA ILE A 499 -1.33 50.61 32.63
C ILE A 499 -2.64 50.81 33.36
N ARG A 500 -2.54 51.24 34.60
CA ARG A 500 -3.72 51.44 35.45
C ARG A 500 -4.13 52.90 35.37
N VAL A 501 -5.36 53.16 34.94
CA VAL A 501 -5.82 54.53 34.75
C VAL A 501 -7.02 54.81 35.69
N GLU A 502 -6.88 55.81 36.54
CA GLU A 502 -7.93 56.13 37.50
C GLU A 502 -8.39 57.58 37.43
N LYS A 503 -7.59 58.45 36.83
CA LYS A 503 -7.98 59.86 36.66
C LYS A 503 -8.22 60.18 35.19
N ALA A 504 -9.27 60.93 34.90
CA ALA A 504 -9.57 61.27 33.52
C ALA A 504 -8.37 61.96 32.82
N SER A 505 -7.59 62.73 33.56
CA SER A 505 -6.47 63.43 32.98
C SER A 505 -5.34 62.49 32.52
N GLU A 506 -5.34 61.26 33.01
CA GLU A 506 -4.33 60.28 32.64
C GLU A 506 -4.69 59.50 31.37
N VAL A 507 -5.93 59.62 30.93
CA VAL A 507 -6.42 58.82 29.81
C VAL A 507 -5.65 59.02 28.50
N ASP A 508 -5.53 60.28 28.08
CA ASP A 508 -4.90 60.61 26.81
C ASP A 508 -3.51 59.98 26.71
N GLU A 509 -2.66 60.24 27.71
CA GLU A 509 -1.31 59.72 27.65
C GLU A 509 -1.27 58.18 27.74
N ALA A 510 -2.20 57.60 28.48
CA ALA A 510 -2.22 56.14 28.61
C ALA A 510 -2.55 55.47 27.28
N LEU A 511 -3.50 56.01 26.55
CA LEU A 511 -3.84 55.44 25.26
C LEU A 511 -2.69 55.64 24.25
N GLN A 512 -2.09 56.82 24.25
CA GLN A 512 -1.01 57.07 23.32
C GLN A 512 0.17 56.15 23.57
N ARG A 513 0.51 55.97 24.84
CA ARG A 513 1.57 55.05 25.25
CA ARG A 513 1.58 55.06 25.22
C ARG A 513 1.26 53.63 24.76
N ALA A 514 0.06 53.17 25.09
CA ALA A 514 -0.36 51.82 24.73
C ALA A 514 -0.23 51.59 23.24
N PHE A 515 -0.66 52.56 22.44
CA PHE A 515 -0.68 52.38 21.00
C PHE A 515 0.73 52.40 20.39
N SER A 516 1.65 53.15 20.99
CA SER A 516 3.02 53.24 20.50
C SER A 516 3.89 52.05 20.86
N ILE A 517 3.64 51.45 22.01
CA ILE A 517 4.45 50.33 22.45
C ILE A 517 4.45 49.22 21.41
N ASP A 518 5.64 48.72 21.11
CA ASP A 518 5.83 47.69 20.13
C ASP A 518 5.51 46.34 20.78
N GLY A 519 4.26 46.10 21.11
CA GLY A 519 3.83 44.86 21.73
C GLY A 519 2.41 44.99 22.28
N PRO A 520 1.91 43.92 22.92
CA PRO A 520 0.56 43.97 23.47
C PRO A 520 0.52 44.79 24.74
N VAL A 521 -0.61 45.41 25.03
CA VAL A 521 -0.71 46.27 26.21
C VAL A 521 -2.11 46.14 26.77
N LEU A 522 -2.22 46.11 28.08
CA LEU A 522 -3.54 46.19 28.70
C LEU A 522 -3.67 47.51 29.46
N VAL A 523 -4.68 48.29 29.10
CA VAL A 523 -5.00 49.53 29.78
C VAL A 523 -6.25 49.30 30.62
N ASP A 524 -6.08 49.36 31.92
CA ASP A 524 -7.13 49.04 32.90
C ASP A 524 -7.74 50.35 33.39
N VAL A 525 -8.87 50.74 32.85
CA VAL A 525 -9.44 52.03 33.15
C VAL A 525 -10.65 51.95 34.08
N VAL A 526 -10.51 52.50 35.29
CA VAL A 526 -11.60 52.50 36.23
C VAL A 526 -12.65 53.49 35.72
N VAL A 527 -13.85 53.01 35.37
CA VAL A 527 -14.87 53.89 34.83
C VAL A 527 -16.13 53.94 35.69
N ALA A 528 -16.97 54.96 35.48
CA ALA A 528 -18.25 55.16 36.20
C ALA A 528 -19.47 54.43 35.57
N LYS A 529 -20.51 54.21 36.38
CA LYS A 529 -21.83 53.73 35.93
C LYS A 529 -22.54 54.80 35.13
N GLU A 530 -23.17 54.42 34.02
CA GLU A 530 -23.84 55.39 33.18
C GLU A 530 -25.26 54.95 32.85
N GLU A 531 -25.92 55.71 31.97
CA GLU A 531 -27.30 55.47 31.52
C GLU A 531 -27.34 55.50 29.99
N LEU A 532 -28.41 54.96 29.41
CA LEU A 532 -28.57 54.93 27.96
C LEU A 532 -29.21 56.20 27.39
N ALA A 533 -30.13 56.79 28.15
CA ALA A 533 -30.77 58.07 27.83
C ALA A 533 -29.79 59.24 27.54
N ILE A 534 -30.25 60.13 26.66
CA ILE A 534 -29.52 61.35 26.28
C ILE A 534 -30.51 62.50 26.41
N PRO A 535 -30.22 63.45 27.29
CA PRO A 535 -31.11 64.60 27.48
C PRO A 535 -31.28 65.49 26.20
N PRO A 536 -32.52 65.89 25.90
CA PRO A 536 -32.85 66.61 24.68
C PRO A 536 -32.09 67.93 24.52
N GLN A 537 -32.13 68.49 23.32
CA GLN A 537 -31.34 69.66 23.00
C GLN A 537 -32.39 70.75 22.96
N ILE A 538 -32.00 72.01 23.13
CA ILE A 538 -33.03 73.06 23.25
C ILE A 538 -34.01 73.14 22.06
N LYS A 539 -35.29 73.39 22.35
CA LYS A 539 -36.39 73.13 21.40
C LYS A 539 -37.12 74.38 20.89
N MET B 1 -52.32 35.24 47.90
CA MET B 1 -50.85 35.09 47.77
C MET B 1 -50.44 34.88 46.28
N LYS B 2 -50.34 35.98 45.54
CA LYS B 2 -49.86 35.87 44.17
C LYS B 2 -48.31 35.74 44.17
N GLN B 3 -47.76 34.99 43.22
CA GLN B 3 -46.30 34.86 43.13
C GLN B 3 -45.90 34.48 41.72
N THR B 4 -44.66 34.79 41.37
CA THR B 4 -44.23 34.54 40.03
C THR B 4 -43.80 33.07 39.86
N VAL B 5 -43.75 32.65 38.61
CA VAL B 5 -43.26 31.33 38.28
C VAL B 5 -41.87 31.18 38.89
N ALA B 6 -41.02 32.20 38.76
CA ALA B 6 -39.66 32.12 39.29
C ALA B 6 -39.68 31.97 40.82
N ALA B 7 -40.58 32.70 41.49
CA ALA B 7 -40.66 32.57 42.94
C ALA B 7 -41.08 31.14 43.32
N TYR B 8 -42.00 30.57 42.54
CA TYR B 8 -42.48 29.23 42.82
C TYR B 8 -41.31 28.25 42.73
N ILE B 9 -40.48 28.41 41.70
CA ILE B 9 -39.32 27.56 41.57
C ILE B 9 -38.38 27.71 42.75
N ALA B 10 -38.06 28.94 43.12
CA ALA B 10 -37.14 29.20 44.21
C ALA B 10 -37.65 28.61 45.55
N LYS B 11 -38.92 28.82 45.84
CA LYS B 11 -39.51 28.29 47.06
C LYS B 11 -39.47 26.75 47.09
N THR B 12 -39.72 26.13 45.95
CA THR B 12 -39.74 24.69 45.89
C THR B 12 -38.32 24.15 46.13
N LEU B 13 -37.33 24.75 45.48
CA LEU B 13 -35.94 24.39 45.73
C LEU B 13 -35.59 24.59 47.21
N GLU B 14 -36.04 25.70 47.79
CA GLU B 14 -35.75 25.95 49.18
C GLU B 14 -36.28 24.78 50.02
N SER B 15 -37.49 24.34 49.71
CA SER B 15 -38.13 23.30 50.47
C SER B 15 -37.40 21.96 50.30
N ALA B 16 -36.82 21.74 49.14
CA ALA B 16 -36.04 20.53 48.88
C ALA B 16 -34.65 20.61 49.54
N GLY B 17 -34.38 21.72 50.19
CA GLY B 17 -33.11 21.87 50.88
C GLY B 17 -31.94 22.42 50.09
N VAL B 18 -32.16 22.93 48.87
CA VAL B 18 -31.03 23.56 48.20
C VAL B 18 -30.53 24.81 48.89
N LYS B 19 -29.20 24.94 48.94
CA LYS B 19 -28.58 26.00 49.71
C LYS B 19 -28.03 27.12 48.83
N ARG B 20 -27.75 26.83 47.57
CA ARG B 20 -27.13 27.82 46.73
C ARG B 20 -27.40 27.52 45.28
N ILE B 21 -27.34 28.56 44.46
CA ILE B 21 -27.43 28.40 43.01
C ILE B 21 -26.18 29.04 42.38
N TRP B 22 -25.51 28.29 41.51
CA TRP B 22 -24.30 28.76 40.85
C TRP B 22 -24.63 29.32 39.48
N GLY B 23 -24.11 30.50 39.17
CA GLY B 23 -24.26 31.01 37.82
C GLY B 23 -23.61 32.35 37.57
N VAL B 24 -24.03 32.98 36.47
CA VAL B 24 -23.71 34.38 36.18
C VAL B 24 -25.07 35.00 35.81
N THR B 25 -25.40 36.18 36.31
CA THR B 25 -26.72 36.78 35.98
C THR B 25 -26.89 37.22 34.52
N GLY B 26 -28.07 37.81 34.29
CA GLY B 26 -28.45 38.39 33.01
C GLY B 26 -29.88 38.88 33.22
N ASP B 27 -30.35 39.75 32.33
CA ASP B 27 -31.71 40.28 32.41
C ASP B 27 -32.78 39.18 32.33
N SER B 28 -32.48 38.13 31.56
CA SER B 28 -33.42 37.03 31.41
C SER B 28 -33.63 36.24 32.70
N LEU B 29 -32.77 36.51 33.70
CA LEU B 29 -32.86 35.88 35.03
C LEU B 29 -33.45 36.82 36.11
N ASN B 30 -34.02 37.96 35.70
CA ASN B 30 -34.54 38.92 36.66
C ASN B 30 -35.54 38.35 37.63
N GLY B 31 -36.48 37.57 37.10
CA GLY B 31 -37.48 36.93 37.93
C GLY B 31 -36.83 36.13 39.03
N LEU B 32 -35.89 35.28 38.64
CA LEU B 32 -35.19 34.43 39.60
C LEU B 32 -34.37 35.24 40.62
N SER B 33 -33.56 36.18 40.15
CA SER B 33 -32.75 37.03 41.04
C SER B 33 -33.64 37.77 42.04
N ASP B 34 -34.72 38.35 41.55
CA ASP B 34 -35.66 39.07 42.39
CA ASP B 34 -35.64 39.09 42.40
C ASP B 34 -36.16 38.17 43.51
N SER B 35 -36.56 36.96 43.16
CA SER B 35 -37.10 36.17 44.20
C SER B 35 -36.03 35.57 45.16
N LEU B 36 -34.82 35.32 44.69
CA LEU B 36 -33.73 34.95 45.59
C LEU B 36 -33.42 36.07 46.56
N ASN B 37 -33.43 37.32 46.08
CA ASN B 37 -33.19 38.45 46.96
C ASN B 37 -34.28 38.63 48.03
N ARG B 38 -35.54 38.48 47.62
CA ARG B 38 -36.70 38.54 48.54
C ARG B 38 -36.66 37.45 49.58
N MET B 39 -36.29 36.25 49.12
CA MET B 39 -36.30 35.06 49.95
C MET B 39 -35.16 35.09 50.98
N GLY B 40 -33.96 35.47 50.55
CA GLY B 40 -32.81 35.58 51.44
C GLY B 40 -32.32 34.31 52.11
N THR B 41 -32.55 33.16 51.49
CA THR B 41 -32.12 31.88 52.08
C THR B 41 -31.20 31.13 51.13
N ILE B 42 -31.60 30.96 49.89
CA ILE B 42 -30.71 30.34 48.95
C ILE B 42 -29.67 31.38 48.51
N GLU B 43 -28.41 30.99 48.51
CA GLU B 43 -27.34 31.93 48.21
C GLU B 43 -26.93 31.87 46.71
N TRP B 44 -26.77 33.02 46.10
CA TRP B 44 -26.34 33.06 44.70
C TRP B 44 -24.81 33.04 44.61
N MET B 45 -24.24 32.07 43.89
CA MET B 45 -22.79 31.96 43.79
C MET B 45 -22.36 32.40 42.40
N SER B 46 -21.77 33.57 42.29
CA SER B 46 -21.45 34.16 41.01
C SER B 46 -20.05 33.76 40.51
N THR B 47 -19.97 33.04 39.40
CA THR B 47 -18.68 32.64 38.87
C THR B 47 -18.32 33.54 37.71
N ARG B 48 -17.12 33.41 37.17
CA ARG B 48 -16.70 34.23 36.05
C ARG B 48 -17.15 33.64 34.72
N HIS B 49 -17.31 32.33 34.65
CA HIS B 49 -17.77 31.65 33.44
C HIS B 49 -18.81 30.63 33.89
N GLU B 50 -19.94 30.56 33.19
CA GLU B 50 -20.99 29.64 33.61
C GLU B 50 -20.55 28.17 33.57
N GLU B 51 -19.55 27.85 32.74
CA GLU B 51 -19.06 26.49 32.70
C GLU B 51 -18.61 26.08 34.10
N VAL B 52 -17.95 27.01 34.80
CA VAL B 52 -17.45 26.76 36.13
C VAL B 52 -18.60 26.60 37.12
N ALA B 53 -19.68 27.37 36.91
CA ALA B 53 -20.88 27.19 37.77
C ALA B 53 -21.38 25.75 37.69
N ALA B 54 -21.41 25.21 36.48
CA ALA B 54 -21.88 23.82 36.30
C ALA B 54 -20.95 22.79 36.93
N PHE B 55 -19.64 22.91 36.67
CA PHE B 55 -18.70 22.03 37.36
C PHE B 55 -18.85 22.11 38.87
N ALA B 56 -18.94 23.33 39.38
CA ALA B 56 -18.99 23.54 40.81
C ALA B 56 -20.25 22.92 41.41
N ALA B 57 -21.40 23.10 40.75
CA ALA B 57 -22.61 22.50 41.22
C ALA B 57 -22.48 20.98 41.25
N GLY B 58 -21.87 20.41 40.21
CA GLY B 58 -21.61 18.98 40.17
C GLY B 58 -20.76 18.53 41.35
N ALA B 59 -19.74 19.31 41.72
CA ALA B 59 -18.89 18.94 42.85
C ALA B 59 -19.72 19.00 44.14
N GLU B 60 -20.55 20.02 44.26
CA GLU B 60 -21.39 20.14 45.44
C GLU B 60 -22.31 18.93 45.55
N ALA B 61 -22.92 18.53 44.44
CA ALA B 61 -23.83 17.41 44.47
C ALA B 61 -23.09 16.11 44.79
N GLN B 62 -21.90 15.96 44.24
CA GLN B 62 -21.10 14.79 44.52
C GLN B 62 -20.82 14.65 46.02
N LEU B 63 -20.43 15.76 46.66
CA LEU B 63 -20.04 15.71 48.06
C LEU B 63 -21.23 15.61 49.01
N SER B 64 -22.29 16.36 48.74
CA SER B 64 -23.41 16.41 49.68
C SER B 64 -24.35 15.24 49.48
N GLY B 65 -24.35 14.64 48.29
CA GLY B 65 -25.33 13.62 47.98
C GLY B 65 -26.71 14.23 47.75
N GLU B 66 -26.78 15.56 47.57
CA GLU B 66 -28.06 16.24 47.47
C GLU B 66 -28.18 17.13 46.24
N LEU B 67 -29.41 17.45 45.86
CA LEU B 67 -29.66 18.27 44.67
C LEU B 67 -28.82 19.55 44.70
N ALA B 68 -28.11 19.83 43.60
CA ALA B 68 -27.43 21.11 43.45
C ALA B 68 -28.03 21.80 42.23
N VAL B 69 -27.83 23.12 42.14
CA VAL B 69 -28.50 23.90 41.12
C VAL B 69 -27.56 24.90 40.48
N CYS B 70 -27.65 25.04 39.15
CA CYS B 70 -26.91 26.11 38.47
C CYS B 70 -27.85 26.80 37.50
N ALA B 71 -27.46 27.99 37.03
CA ALA B 71 -28.37 28.75 36.17
C ALA B 71 -27.58 29.55 35.15
N GLY B 72 -28.17 29.83 34.01
CA GLY B 72 -27.51 30.64 33.03
C GLY B 72 -28.52 31.55 32.34
N SER B 73 -28.07 32.72 31.87
CA SER B 73 -28.97 33.63 31.19
C SER B 73 -29.27 33.13 29.79
N CYS B 74 -30.06 33.88 29.04
CA CYS B 74 -30.51 33.33 27.75
C CYS B 74 -29.36 33.24 26.73
N GLY B 75 -29.51 32.34 25.76
CA GLY B 75 -28.51 32.18 24.71
C GLY B 75 -27.18 31.78 25.29
N PRO B 76 -26.19 32.64 25.12
CA PRO B 76 -24.79 32.33 25.50
C PRO B 76 -24.65 31.98 26.98
N GLY B 77 -25.48 32.58 27.82
CA GLY B 77 -25.36 32.37 29.26
C GLY B 77 -25.52 30.90 29.59
N ASN B 78 -26.69 30.34 29.32
CA ASN B 78 -26.95 28.97 29.66
C ASN B 78 -26.12 28.06 28.75
N LEU B 79 -25.86 28.50 27.53
CA LEU B 79 -25.03 27.66 26.64
C LEU B 79 -23.67 27.39 27.29
N HIS B 80 -23.14 28.39 27.99
CA HIS B 80 -21.87 28.22 28.69
C HIS B 80 -21.87 27.05 29.69
N LEU B 81 -23.04 26.61 30.15
CA LEU B 81 -23.09 25.57 31.18
C LEU B 81 -22.74 24.21 30.57
N ILE B 82 -22.90 24.08 29.24
CA ILE B 82 -23.04 22.76 28.67
C ILE B 82 -21.89 21.77 28.99
N ASN B 83 -20.64 22.20 28.89
CA ASN B 83 -19.56 21.25 29.14
C ASN B 83 -19.58 20.78 30.57
N GLY B 84 -19.89 21.71 31.49
CA GLY B 84 -19.99 21.33 32.91
C GLY B 84 -21.16 20.40 33.17
N LEU B 85 -22.27 20.62 32.46
CA LEU B 85 -23.43 19.75 32.64
C LEU B 85 -23.14 18.32 32.13
N PHE B 86 -22.38 18.19 31.05
CA PHE B 86 -21.96 16.87 30.61
C PHE B 86 -21.20 16.21 31.72
N ASP B 87 -20.32 16.95 32.38
CA ASP B 87 -19.54 16.35 33.47
C ASP B 87 -20.47 15.91 34.61
N CYS B 88 -21.40 16.77 35.02
CA CYS B 88 -22.38 16.43 36.05
C CYS B 88 -23.15 15.16 35.68
N HIS B 89 -23.66 15.13 34.46
CA HIS B 89 -24.54 14.06 34.09
C HIS B 89 -23.74 12.77 34.03
N ARG B 90 -22.53 12.85 33.48
CA ARG B 90 -21.69 11.67 33.37
C ARG B 90 -21.19 11.17 34.70
N ASN B 91 -21.10 12.08 35.68
CA ASN B 91 -20.70 11.70 37.02
C ASN B 91 -21.88 11.19 37.85
N HIS B 92 -23.09 11.18 37.26
CA HIS B 92 -24.29 10.71 37.98
C HIS B 92 -24.57 11.49 39.25
N VAL B 93 -24.54 12.81 39.20
CA VAL B 93 -24.84 13.56 40.39
C VAL B 93 -26.08 14.39 40.13
N PRO B 94 -26.90 14.59 41.18
CA PRO B 94 -28.17 15.28 41.02
C PRO B 94 -27.99 16.79 40.82
N VAL B 95 -28.22 17.27 39.61
CA VAL B 95 -28.10 18.69 39.34
C VAL B 95 -29.28 19.21 38.52
N LEU B 96 -29.89 20.31 38.99
CA LEU B 96 -30.88 21.00 38.20
C LEU B 96 -30.26 22.24 37.56
N ALA B 97 -30.42 22.38 36.26
CA ALA B 97 -29.97 23.58 35.55
C ALA B 97 -31.20 24.41 35.17
N ILE B 98 -31.21 25.66 35.57
CA ILE B 98 -32.24 26.56 35.10
C ILE B 98 -31.66 27.36 33.96
N ALA B 99 -32.12 27.10 32.76
CA ALA B 99 -31.67 27.80 31.59
C ALA B 99 -32.65 28.90 31.24
N ALA B 100 -32.34 30.14 31.59
CA ALA B 100 -33.22 31.25 31.20
C ALA B 100 -33.20 31.38 29.68
N HIS B 101 -34.29 31.86 29.11
CA HIS B 101 -34.45 31.82 27.66
C HIS B 101 -34.99 33.18 27.19
N ILE B 102 -34.96 33.44 25.89
CA ILE B 102 -35.34 34.74 25.37
C ILE B 102 -36.82 34.94 25.58
N PRO B 103 -37.33 36.16 25.42
CA PRO B 103 -38.78 36.31 25.66
C PRO B 103 -39.56 35.42 24.70
N SER B 104 -40.55 34.73 25.20
CA SER B 104 -41.23 33.71 24.39
C SER B 104 -41.83 34.31 23.11
N SER B 105 -42.17 35.59 23.14
CA SER B 105 -42.80 36.20 21.97
C SER B 105 -41.85 36.28 20.77
N GLU B 106 -40.53 36.23 21.03
CA GLU B 106 -39.54 36.41 19.98
C GLU B 106 -39.04 35.05 19.44
N ILE B 107 -39.46 33.95 20.06
CA ILE B 107 -39.01 32.65 19.64
C ILE B 107 -39.37 32.37 18.17
N GLY B 108 -38.41 31.85 17.41
CA GLY B 108 -38.67 31.45 16.03
C GLY B 108 -38.38 32.55 15.04
N SER B 109 -37.84 33.67 15.49
CA SER B 109 -37.71 34.82 14.60
C SER B 109 -36.29 35.15 14.32
N GLY B 110 -35.36 34.41 14.92
CA GLY B 110 -33.96 34.75 14.77
C GLY B 110 -33.64 35.94 15.65
N TYR B 111 -34.06 35.90 16.91
CA TYR B 111 -33.95 37.06 17.77
C TYR B 111 -32.54 37.19 18.35
N PHE B 112 -32.24 38.38 18.89
CA PHE B 112 -31.01 38.56 19.66
C PHE B 112 -30.85 37.39 20.65
N GLN B 113 -29.69 36.73 20.60
CA GLN B 113 -29.33 35.64 21.51
C GLN B 113 -30.15 34.38 21.34
N GLU B 114 -31.01 34.28 20.32
CA GLU B 114 -31.85 33.08 20.22
C GLU B 114 -31.06 31.78 20.12
N THR B 115 -31.36 30.81 20.98
CA THR B 115 -30.89 29.43 20.84
C THR B 115 -32.10 28.58 21.19
N HIS B 116 -31.95 27.27 21.12
CA HIS B 116 -33.00 26.37 21.58
C HIS B 116 -32.43 25.44 22.65
N PRO B 117 -32.34 25.93 23.89
CA PRO B 117 -31.70 25.13 24.95
C PRO B 117 -32.41 23.79 25.16
N GLN B 118 -33.72 23.75 24.91
CA GLN B 118 -34.47 22.53 25.13
C GLN B 118 -34.05 21.42 24.18
N GLU B 119 -33.38 21.78 23.09
CA GLU B 119 -32.77 20.79 22.20
C GLU B 119 -31.31 20.54 22.54
N LEU B 120 -30.53 21.60 22.78
CA LEU B 120 -29.10 21.47 23.03
C LEU B 120 -28.77 20.51 24.17
N PHE B 121 -29.56 20.56 25.25
CA PHE B 121 -29.19 19.86 26.45
C PHE B 121 -29.74 18.44 26.54
N ARG B 122 -30.35 17.94 25.48
CA ARG B 122 -30.94 16.61 25.48
C ARG B 122 -29.94 15.54 25.91
N GLU B 123 -28.74 15.56 25.31
CA GLU B 123 -27.79 14.50 25.54
C GLU B 123 -27.23 14.48 26.95
N CYS B 124 -27.08 15.64 27.58
CA CYS B 124 -26.44 15.71 28.88
C CYS B 124 -27.47 15.90 29.95
N SER B 125 -28.63 15.27 29.80
CA SER B 125 -29.64 15.33 30.84
C SER B 125 -30.57 14.13 30.70
N HIS B 126 -31.37 13.83 31.71
CA HIS B 126 -32.46 12.85 31.48
C HIS B 126 -33.82 13.48 31.45
N TYR B 127 -33.86 14.79 31.56
CA TYR B 127 -35.11 15.53 31.45
C TYR B 127 -34.75 16.95 31.00
N CYS B 128 -35.47 17.46 30.02
CA CYS B 128 -35.10 18.75 29.45
C CYS B 128 -36.33 19.31 28.73
N GLU B 129 -36.95 20.38 29.27
CA GLU B 129 -38.20 20.88 28.67
CA GLU B 129 -38.18 20.90 28.66
C GLU B 129 -38.33 22.39 28.79
N LEU B 130 -39.03 22.98 27.82
CA LEU B 130 -39.29 24.39 27.77
C LEU B 130 -40.60 24.69 28.50
N VAL B 131 -40.55 25.67 29.41
CA VAL B 131 -41.75 26.14 30.08
C VAL B 131 -42.33 27.32 29.30
N SER B 132 -43.32 27.06 28.45
CA SER B 132 -43.96 28.06 27.62
C SER B 132 -45.08 28.70 28.41
N SER B 133 -45.66 27.94 29.33
CA SER B 133 -46.84 28.35 30.04
C SER B 133 -46.65 28.19 31.56
N PRO B 134 -47.08 29.20 32.34
CA PRO B 134 -46.98 29.05 33.79
C PRO B 134 -47.64 27.78 34.30
N GLU B 135 -48.70 27.32 33.62
CA GLU B 135 -49.41 26.13 34.07
C GLU B 135 -48.54 24.87 34.04
N GLN B 136 -47.48 24.86 33.25
CA GLN B 136 -46.56 23.74 33.22
C GLN B 136 -45.71 23.61 34.48
N ILE B 137 -45.36 24.72 35.12
CA ILE B 137 -44.22 24.68 36.05
C ILE B 137 -44.36 23.64 37.18
N PRO B 138 -45.57 23.40 37.71
CA PRO B 138 -45.57 22.40 38.80
C PRO B 138 -45.17 21.00 38.35
N GLN B 139 -45.67 20.57 37.19
CA GLN B 139 -45.35 19.23 36.68
C GLN B 139 -43.90 19.17 36.19
N VAL B 140 -43.48 20.17 35.42
CA VAL B 140 -42.17 20.18 34.87
C VAL B 140 -41.10 20.21 35.98
N LEU B 141 -41.29 21.07 36.96
CA LEU B 141 -40.34 21.15 38.06
C LEU B 141 -40.34 19.85 38.91
N ALA B 142 -41.51 19.29 39.15
CA ALA B 142 -41.59 18.07 39.95
C ALA B 142 -40.82 16.93 39.27
N ILE B 143 -41.03 16.75 37.97
CA ILE B 143 -40.39 15.67 37.25
C ILE B 143 -38.90 15.96 37.16
N ALA B 144 -38.56 17.19 36.79
CA ALA B 144 -37.14 17.56 36.71
C ALA B 144 -36.42 17.24 38.03
N MET B 145 -36.97 17.67 39.15
CA MET B 145 -36.26 17.47 40.43
C MET B 145 -36.24 15.98 40.81
N ARG B 146 -37.35 15.29 40.61
CA ARG B 146 -37.40 13.89 40.98
C ARG B 146 -36.43 13.04 40.16
N LYS B 147 -36.37 13.30 38.85
CA LYS B 147 -35.43 12.56 38.02
C LYS B 147 -33.99 12.90 38.39
N ALA B 148 -33.70 14.17 38.63
CA ALA B 148 -32.31 14.54 38.95
C ALA B 148 -31.87 13.77 40.18
N VAL B 149 -32.72 13.74 41.21
CA VAL B 149 -32.33 13.15 42.46
C VAL B 149 -32.33 11.62 42.37
N LEU B 150 -33.41 11.01 41.90
CA LEU B 150 -33.51 9.56 41.95
C LEU B 150 -32.81 8.84 40.79
N ASN B 151 -32.82 9.44 39.59
CA ASN B 151 -32.05 8.86 38.50
C ASN B 151 -30.61 9.31 38.50
N ARG B 152 -30.26 10.26 39.38
CA ARG B 152 -28.88 10.68 39.59
C ARG B 152 -28.21 11.25 38.35
N GLY B 153 -28.63 12.47 38.02
CA GLY B 153 -28.12 13.13 36.84
C GLY B 153 -28.69 14.51 36.68
N VAL B 154 -28.56 15.08 35.48
CA VAL B 154 -28.92 16.44 35.24
C VAL B 154 -30.34 16.51 34.69
N SER B 155 -31.11 17.48 35.19
CA SER B 155 -32.38 17.87 34.59
C SER B 155 -32.28 19.34 34.21
N VAL B 156 -32.91 19.70 33.10
CA VAL B 156 -32.87 21.07 32.64
C VAL B 156 -34.27 21.63 32.49
N VAL B 157 -34.49 22.81 33.06
CA VAL B 157 -35.75 23.52 32.90
C VAL B 157 -35.44 24.83 32.16
N VAL B 158 -36.05 24.99 30.98
CA VAL B 158 -35.78 26.16 30.15
C VAL B 158 -36.92 27.14 30.36
N LEU B 159 -36.58 28.37 30.76
CA LEU B 159 -37.58 29.31 31.28
C LEU B 159 -37.43 30.68 30.63
N PRO B 160 -38.29 30.99 29.65
CA PRO B 160 -38.25 32.32 29.06
C PRO B 160 -38.43 33.39 30.15
N GLY B 161 -37.68 34.48 30.05
CA GLY B 161 -37.71 35.51 31.06
C GLY B 161 -39.06 36.11 31.30
N ASP B 162 -39.88 36.20 30.26
CA ASP B 162 -41.23 36.77 30.43
C ASP B 162 -42.12 35.76 31.19
N VAL B 163 -42.01 34.48 30.86
CA VAL B 163 -42.78 33.47 31.56
C VAL B 163 -42.41 33.41 33.05
N ALA B 164 -41.12 33.58 33.36
CA ALA B 164 -40.65 33.60 34.74
C ALA B 164 -41.37 34.65 35.57
N LEU B 165 -41.78 35.75 34.94
CA LEU B 165 -42.39 36.88 35.66
C LEU B 165 -43.90 36.78 35.75
N LYS B 166 -44.47 35.75 35.14
CA LYS B 166 -45.92 35.58 35.17
C LYS B 166 -46.36 34.89 36.47
N PRO B 167 -47.64 35.02 36.83
CA PRO B 167 -48.09 34.38 38.05
C PRO B 167 -48.00 32.86 37.95
N ALA B 168 -47.43 32.21 38.98
CA ALA B 168 -47.51 30.76 39.12
C ALA B 168 -48.99 30.35 39.31
N PRO B 169 -49.33 29.09 39.00
CA PRO B 169 -50.69 28.59 39.27
C PRO B 169 -51.00 28.69 40.76
N GLU B 170 -52.18 29.18 41.11
CA GLU B 170 -52.47 29.44 42.53
C GLU B 170 -52.57 28.22 43.46
N GLY B 171 -52.99 27.07 42.92
CA GLY B 171 -53.12 25.88 43.75
C GLY B 171 -51.84 25.06 43.89
N ALA B 172 -50.79 25.47 43.18
CA ALA B 172 -49.55 24.69 43.14
C ALA B 172 -48.94 24.56 44.52
N THR B 173 -48.30 23.43 44.81
CA THR B 173 -47.68 23.32 46.11
C THR B 173 -46.17 23.37 45.99
N MET B 174 -45.55 23.96 47.00
CA MET B 174 -44.10 24.14 47.01
C MET B 174 -43.42 23.20 47.99
N HIS B 175 -44.17 22.51 48.85
CA HIS B 175 -43.54 21.54 49.76
C HIS B 175 -42.97 20.36 48.97
N TRP B 176 -41.77 19.91 49.34
CA TRP B 176 -41.11 18.80 48.67
C TRP B 176 -40.99 17.62 49.61
N TYR B 177 -41.52 16.47 49.20
CA TYR B 177 -41.32 15.25 49.99
C TYR B 177 -40.04 14.56 49.56
N HIS B 178 -39.08 14.35 50.44
CA HIS B 178 -37.82 13.70 50.08
CA HIS B 178 -37.83 13.66 50.03
C HIS B 178 -38.03 12.17 50.00
N ALA B 179 -38.01 11.58 48.82
CA ALA B 179 -38.10 10.13 48.70
C ALA B 179 -36.70 9.58 48.51
N PRO B 180 -36.26 8.71 49.43
CA PRO B 180 -34.95 8.05 49.33
C PRO B 180 -34.95 7.00 48.21
N GLN B 181 -33.76 6.55 47.79
CA GLN B 181 -33.69 5.39 46.89
C GLN B 181 -34.47 4.21 47.48
N PRO B 182 -35.06 3.37 46.62
CA PRO B 182 -35.65 2.14 47.13
C PRO B 182 -34.54 1.12 47.42
N VAL B 183 -34.90 0.03 48.07
CA VAL B 183 -34.02 -1.13 48.15
C VAL B 183 -34.20 -1.92 46.87
N VAL B 184 -33.10 -2.20 46.18
CA VAL B 184 -33.17 -2.91 44.92
C VAL B 184 -32.29 -4.16 44.99
N THR B 185 -32.88 -5.34 44.92
CA THR B 185 -32.08 -6.54 45.04
C THR B 185 -32.63 -7.62 44.13
N PRO B 186 -31.74 -8.44 43.56
CA PRO B 186 -32.19 -9.43 42.58
C PRO B 186 -33.13 -10.48 43.21
N GLU B 187 -34.00 -11.11 42.41
CA GLU B 187 -34.90 -12.13 42.94
C GLU B 187 -34.02 -13.17 43.63
N GLU B 188 -34.59 -13.86 44.61
CA GLU B 188 -33.89 -14.91 45.33
C GLU B 188 -33.32 -15.99 44.40
N GLU B 189 -34.10 -16.37 43.40
CA GLU B 189 -33.68 -17.42 42.49
C GLU B 189 -32.39 -17.06 41.81
N GLU B 190 -32.26 -15.81 41.39
CA GLU B 190 -31.08 -15.32 40.71
C GLU B 190 -29.86 -15.31 41.63
N LEU B 191 -30.04 -14.91 42.88
CA LEU B 191 -28.97 -15.00 43.86
C LEU B 191 -28.50 -16.45 44.07
N ARG B 192 -29.42 -17.39 44.14
CA ARG B 192 -29.01 -18.77 44.31
CA ARG B 192 -29.06 -18.80 44.28
C ARG B 192 -28.24 -19.24 43.07
N LYS B 193 -28.65 -18.81 41.89
CA LYS B 193 -27.92 -19.18 40.67
C LYS B 193 -26.50 -18.61 40.70
N LEU B 194 -26.37 -17.34 41.09
CA LEU B 194 -25.06 -16.74 41.24
C LEU B 194 -24.19 -17.50 42.25
N ALA B 195 -24.77 -17.82 43.41
CA ALA B 195 -24.02 -18.54 44.44
C ALA B 195 -23.53 -19.87 43.89
N GLN B 196 -24.39 -20.55 43.15
CA GLN B 196 -24.01 -21.82 42.58
C GLN B 196 -22.89 -21.65 41.57
N LEU B 197 -22.99 -20.60 40.76
CA LEU B 197 -21.97 -20.33 39.77
C LEU B 197 -20.62 -20.07 40.46
N LEU B 198 -20.60 -19.25 41.49
CA LEU B 198 -19.37 -18.96 42.22
C LEU B 198 -18.79 -20.22 42.86
N ARG B 199 -19.65 -21.12 43.32
CA ARG B 199 -19.17 -22.34 43.94
C ARG B 199 -18.34 -23.17 42.97
N TYR B 200 -18.65 -23.08 41.68
CA TYR B 200 -17.95 -23.88 40.67
C TYR B 200 -17.03 -23.05 39.79
N SER B 201 -16.67 -21.86 40.25
CA SER B 201 -15.76 -21.00 39.49
C SER B 201 -14.42 -20.91 40.21
N SER B 202 -13.35 -20.67 39.46
CA SER B 202 -12.04 -20.48 40.09
C SER B 202 -11.38 -19.19 39.60
N ASN B 203 -10.33 -18.78 40.29
CA ASN B 203 -9.56 -17.64 39.85
C ASN B 203 -10.48 -16.47 39.53
N ILE B 204 -11.20 -16.05 40.56
CA ILE B 204 -12.19 -14.98 40.44
C ILE B 204 -11.57 -13.67 40.84
N ALA B 205 -11.80 -12.65 40.02
CA ALA B 205 -11.45 -11.30 40.39
C ALA B 205 -12.70 -10.44 40.41
N LEU B 206 -12.70 -9.40 41.24
CA LEU B 206 -13.80 -8.44 41.25
C LEU B 206 -13.30 -7.13 40.65
N MET B 207 -14.08 -6.57 39.72
CA MET B 207 -13.79 -5.24 39.17
C MET B 207 -14.82 -4.29 39.77
N CYS B 208 -14.37 -3.37 40.62
CA CYS B 208 -15.32 -2.59 41.42
C CYS B 208 -15.25 -1.13 41.08
N GLY B 209 -16.43 -0.52 40.89
CA GLY B 209 -16.55 0.90 40.55
C GLY B 209 -17.32 1.65 41.63
N SER B 210 -17.72 2.88 41.34
CA SER B 210 -18.34 3.71 42.36
C SER B 210 -19.70 3.19 42.81
N GLY B 211 -20.26 2.22 42.09
CA GLY B 211 -21.49 1.56 42.53
C GLY B 211 -21.32 0.85 43.86
N CYS B 212 -20.06 0.61 44.26
CA CYS B 212 -19.75 -0.01 45.53
C CYS B 212 -19.72 1.01 46.68
N ALA B 213 -19.89 2.29 46.37
CA ALA B 213 -19.96 3.29 47.45
C ALA B 213 -20.97 2.86 48.53
N GLY B 214 -20.57 2.90 49.79
CA GLY B 214 -21.50 2.51 50.86
C GLY B 214 -21.53 1.03 51.16
N ALA B 215 -20.84 0.22 50.36
CA ALA B 215 -20.85 -1.22 50.50
C ALA B 215 -19.47 -1.79 50.88
N HIS B 216 -18.60 -0.96 51.41
CA HIS B 216 -17.23 -1.38 51.70
C HIS B 216 -17.17 -2.66 52.51
N LYS B 217 -17.91 -2.65 53.61
CA LYS B 217 -17.93 -3.78 54.54
C LYS B 217 -18.32 -5.10 53.85
N GLU B 218 -19.40 -5.05 53.08
CA GLU B 218 -19.90 -6.22 52.38
C GLU B 218 -18.93 -6.65 51.27
N LEU B 219 -18.38 -5.68 50.57
CA LEU B 219 -17.43 -5.97 49.50
C LEU B 219 -16.20 -6.72 50.02
N VAL B 220 -15.62 -6.21 51.10
CA VAL B 220 -14.41 -6.79 51.64
C VAL B 220 -14.70 -8.19 52.19
N GLU B 221 -15.87 -8.34 52.81
CA GLU B 221 -16.27 -9.62 53.34
C GLU B 221 -16.48 -10.64 52.21
N PHE B 222 -17.09 -10.20 51.12
CA PHE B 222 -17.33 -11.02 49.94
C PHE B 222 -16.01 -11.48 49.32
N ALA B 223 -15.11 -10.54 49.03
CA ALA B 223 -13.81 -10.88 48.48
C ALA B 223 -13.08 -11.93 49.35
N GLY B 224 -13.11 -11.72 50.66
CA GLY B 224 -12.41 -12.61 51.57
C GLY B 224 -13.02 -13.99 51.59
N LYS B 225 -14.35 -14.04 51.46
CA LYS B 225 -15.07 -15.30 51.52
C LYS B 225 -14.73 -16.19 50.33
N ILE B 226 -14.72 -15.62 49.12
CA ILE B 226 -14.41 -16.41 47.93
C ILE B 226 -12.95 -16.28 47.46
N LYS B 227 -12.14 -15.52 48.20
CA LYS B 227 -10.72 -15.34 47.88
C LYS B 227 -10.54 -14.71 46.51
N ALA B 228 -11.12 -13.53 46.32
CA ALA B 228 -11.03 -12.82 45.05
C ALA B 228 -10.28 -11.51 45.22
N PRO B 229 -9.18 -11.34 44.48
CA PRO B 229 -8.55 -10.03 44.51
C PRO B 229 -9.49 -9.02 43.92
N ILE B 230 -9.39 -7.77 44.37
CA ILE B 230 -10.24 -6.71 43.87
C ILE B 230 -9.40 -5.75 43.03
N VAL B 231 -9.86 -5.43 41.83
CA VAL B 231 -9.32 -4.26 41.17
C VAL B 231 -10.42 -3.23 41.07
N HIS B 232 -10.06 -1.95 41.12
CA HIS B 232 -11.08 -0.92 41.11
C HIS B 232 -10.93 -0.03 39.90
N ALA B 233 -12.07 0.39 39.35
CA ALA B 233 -12.10 1.41 38.31
C ALA B 233 -11.76 2.73 39.00
N LEU B 234 -11.29 3.70 38.23
CA LEU B 234 -10.90 4.97 38.84
C LEU B 234 -11.97 5.58 39.77
N ARG B 235 -13.23 5.59 39.36
CA ARG B 235 -14.23 6.24 40.21
C ARG B 235 -14.59 5.38 41.43
N GLY B 236 -14.05 4.16 41.48
CA GLY B 236 -14.22 3.31 42.66
C GLY B 236 -13.10 3.54 43.67
N LYS B 237 -12.03 4.21 43.25
CA LYS B 237 -10.84 4.33 44.10
C LYS B 237 -11.17 4.84 45.50
N GLU B 238 -11.85 5.98 45.59
CA GLU B 238 -12.12 6.55 46.90
C GLU B 238 -13.01 5.65 47.75
N HIS B 239 -13.77 4.74 47.12
CA HIS B 239 -14.73 3.93 47.85
C HIS B 239 -14.21 2.56 48.21
N VAL B 240 -13.12 2.14 47.57
CA VAL B 240 -12.72 0.74 47.60
C VAL B 240 -11.28 0.56 48.08
N GLU B 241 -10.43 1.53 47.79
CA GLU B 241 -8.99 1.40 48.02
C GLU B 241 -8.54 1.86 49.40
N TYR B 242 -9.07 1.24 50.44
CA TYR B 242 -8.62 1.54 51.80
C TYR B 242 -9.15 0.43 52.67
N ASP B 243 -8.48 0.17 53.79
CA ASP B 243 -8.87 -0.93 54.68
C ASP B 243 -9.35 -2.12 53.87
N ASN B 244 -8.52 -2.54 52.92
CA ASN B 244 -8.94 -3.54 51.96
C ASN B 244 -7.75 -4.41 51.57
N PRO B 245 -7.57 -5.53 52.27
CA PRO B 245 -6.41 -6.34 51.99
C PRO B 245 -6.50 -7.08 50.66
N TYR B 246 -7.63 -6.95 49.97
CA TYR B 246 -7.82 -7.64 48.69
C TYR B 246 -7.54 -6.76 47.47
N ASP B 247 -7.38 -5.46 47.71
CA ASP B 247 -7.26 -4.53 46.60
C ASP B 247 -5.90 -4.55 45.97
N VAL B 248 -5.86 -4.73 44.66
CA VAL B 248 -4.59 -4.84 43.96
C VAL B 248 -4.36 -3.76 42.89
N GLY B 249 -5.11 -2.67 42.97
CA GLY B 249 -4.86 -1.52 42.11
C GLY B 249 -5.86 -1.34 40.99
N MET B 250 -5.36 -0.85 39.86
CA MET B 250 -6.20 -0.50 38.70
C MET B 250 -5.62 -1.09 37.42
N THR B 251 -6.46 -1.28 36.39
CA THR B 251 -5.96 -1.46 35.02
C THR B 251 -6.25 -0.20 34.20
N GLY B 252 -6.16 -0.36 32.88
CA GLY B 252 -6.27 0.74 31.97
C GLY B 252 -4.89 1.30 31.84
N LEU B 253 -4.69 2.22 30.91
CA LEU B 253 -3.38 2.77 30.66
C LEU B 253 -2.76 3.44 31.87
N ILE B 254 -3.58 3.98 32.77
CA ILE B 254 -3.01 4.64 33.93
C ILE B 254 -2.98 3.73 35.15
N GLY B 255 -3.43 2.50 34.97
CA GLY B 255 -3.39 1.52 36.05
C GLY B 255 -1.99 0.96 36.18
N PHE B 256 -1.85 -0.20 36.80
CA PHE B 256 -0.53 -0.80 36.89
C PHE B 256 -0.53 -2.29 36.74
N SER B 257 0.67 -2.86 36.75
CA SER B 257 0.85 -4.26 36.38
C SER B 257 -0.06 -5.24 37.17
N SER B 258 -0.15 -5.07 38.48
CA SER B 258 -0.95 -5.98 39.29
C SER B 258 -2.43 -5.95 38.89
N GLY B 259 -2.98 -4.75 38.72
CA GLY B 259 -4.33 -4.62 38.23
C GLY B 259 -4.46 -5.22 36.84
N PHE B 260 -3.52 -4.86 35.98
CA PHE B 260 -3.52 -5.33 34.62
C PHE B 260 -3.60 -6.86 34.56
N HIS B 261 -2.61 -7.53 35.16
CA HIS B 261 -2.52 -8.99 35.13
C HIS B 261 -3.66 -9.70 35.85
N THR B 262 -4.11 -9.16 36.98
CA THR B 262 -5.18 -9.81 37.72
C THR B 262 -6.44 -9.87 36.85
N MET B 263 -6.72 -8.76 36.19
CA MET B 263 -7.83 -8.69 35.27
C MET B 263 -7.66 -9.60 34.07
N MET B 264 -6.50 -9.55 33.43
CA MET B 264 -6.28 -10.35 32.24
C MET B 264 -6.33 -11.87 32.54
N ASN B 265 -5.84 -12.26 33.70
CA ASN B 265 -5.63 -13.67 33.97
C ASN B 265 -6.78 -14.38 34.69
N ALA B 266 -7.74 -13.59 35.18
CA ALA B 266 -8.90 -14.18 35.86
C ALA B 266 -9.66 -15.15 34.95
N ASP B 267 -10.18 -16.23 35.53
CA ASP B 267 -11.06 -17.13 34.79
C ASP B 267 -12.53 -16.75 34.99
N THR B 268 -12.79 -15.95 36.03
CA THR B 268 -14.13 -15.51 36.34
C THR B 268 -14.01 -14.10 36.82
N LEU B 269 -14.83 -13.22 36.27
CA LEU B 269 -14.74 -11.82 36.56
C LEU B 269 -16.12 -11.32 37.01
N VAL B 270 -16.17 -10.66 38.16
CA VAL B 270 -17.42 -10.10 38.64
C VAL B 270 -17.35 -8.59 38.60
N LEU B 271 -18.15 -7.98 37.72
CA LEU B 271 -18.21 -6.51 37.64
C LEU B 271 -19.23 -5.98 38.64
N LEU B 272 -18.75 -5.25 39.63
CA LEU B 272 -19.64 -4.71 40.66
C LEU B 272 -19.73 -3.19 40.56
N GLY B 273 -20.87 -2.71 40.09
CA GLY B 273 -21.12 -1.29 40.02
C GLY B 273 -20.05 -0.56 39.26
N THR B 274 -19.75 -1.01 38.04
CA THR B 274 -18.71 -0.35 37.24
C THR B 274 -19.10 -0.14 35.78
N GLN B 275 -18.49 0.87 35.19
CA GLN B 275 -18.71 1.33 33.79
C GLN B 275 -17.32 1.39 33.14
N PHE B 276 -16.30 0.82 33.78
CA PHE B 276 -14.95 0.81 33.23
C PHE B 276 -15.00 0.63 31.72
N PRO B 277 -14.59 1.66 30.97
CA PRO B 277 -14.94 1.67 29.54
C PRO B 277 -13.92 1.05 28.57
N TYR B 278 -12.74 0.66 29.05
CA TYR B 278 -11.67 0.31 28.12
C TYR B 278 -11.73 -1.19 27.77
N ARG B 279 -12.43 -1.48 26.68
CA ARG B 279 -12.82 -2.85 26.34
C ARG B 279 -11.66 -3.84 26.24
N ALA B 280 -10.50 -3.38 25.77
CA ALA B 280 -9.39 -4.31 25.52
C ALA B 280 -8.73 -4.81 26.82
N PHE B 281 -9.06 -4.20 27.95
CA PHE B 281 -8.49 -4.59 29.23
C PHE B 281 -9.31 -5.65 29.94
N TYR B 282 -10.46 -6.04 29.38
CA TYR B 282 -11.20 -7.16 29.94
C TYR B 282 -10.62 -8.44 29.40
N PRO B 283 -10.61 -9.50 30.21
CA PRO B 283 -10.03 -10.78 29.82
C PRO B 283 -10.86 -11.45 28.73
N THR B 284 -10.18 -12.28 27.95
CA THR B 284 -10.77 -12.84 26.75
C THR B 284 -11.51 -14.19 26.93
N ASP B 285 -10.96 -15.10 27.72
CA ASP B 285 -11.71 -16.32 27.97
C ASP B 285 -12.09 -16.48 29.43
N ALA B 286 -12.99 -15.61 29.89
CA ALA B 286 -13.43 -15.64 31.26
C ALA B 286 -14.94 -15.66 31.30
N LYS B 287 -15.52 -16.23 32.35
CA LYS B 287 -16.91 -15.98 32.65
C LYS B 287 -17.04 -14.59 33.24
N ILE B 288 -17.93 -13.81 32.66
CA ILE B 288 -18.15 -12.49 33.18
C ILE B 288 -19.56 -12.34 33.77
N ILE B 289 -19.60 -11.88 35.01
CA ILE B 289 -20.81 -11.65 35.75
C ILE B 289 -20.87 -10.17 36.04
N GLN B 290 -22.03 -9.56 35.83
CA GLN B 290 -22.15 -8.13 36.11
C GLN B 290 -23.38 -7.83 36.94
N ILE B 291 -23.17 -7.04 37.99
CA ILE B 291 -24.25 -6.57 38.85
C ILE B 291 -24.26 -5.06 38.79
N ASP B 292 -25.40 -4.46 38.49
CA ASP B 292 -25.52 -3.01 38.36
C ASP B 292 -26.97 -2.61 38.59
N ILE B 293 -27.23 -1.39 39.05
CA ILE B 293 -28.63 -0.94 39.14
C ILE B 293 -29.15 -0.44 37.80
N ASN B 294 -28.27 -0.17 36.85
CA ASN B 294 -28.68 0.45 35.61
C ASN B 294 -28.57 -0.51 34.44
N PRO B 295 -29.72 -0.91 33.86
CA PRO B 295 -29.67 -1.84 32.74
C PRO B 295 -28.75 -1.36 31.63
N ALA B 296 -28.61 -0.05 31.47
CA ALA B 296 -27.79 0.47 30.38
C ALA B 296 -26.30 0.19 30.56
N SER B 297 -25.89 -0.16 31.78
CA SER B 297 -24.47 -0.41 32.05
C SER B 297 -24.14 -1.88 31.76
N ILE B 298 -25.16 -2.71 31.68
CA ILE B 298 -24.92 -4.14 31.61
C ILE B 298 -24.54 -4.54 30.20
N GLY B 299 -23.28 -4.97 30.03
CA GLY B 299 -22.79 -5.37 28.73
C GLY B 299 -22.30 -4.19 27.90
N ALA B 300 -22.13 -3.03 28.53
CA ALA B 300 -21.74 -1.86 27.77
C ALA B 300 -20.29 -1.95 27.27
N HIS B 301 -19.44 -2.65 28.01
CA HIS B 301 -18.03 -2.68 27.66
C HIS B 301 -17.43 -4.08 27.71
N SER B 302 -18.28 -5.09 27.75
CA SER B 302 -17.81 -6.47 27.74
C SER B 302 -18.97 -7.40 27.48
N LYS B 303 -18.68 -8.62 27.07
CA LYS B 303 -19.71 -9.63 27.06
C LYS B 303 -20.14 -9.86 28.50
N VAL B 304 -21.33 -10.43 28.67
CA VAL B 304 -21.82 -10.77 30.00
C VAL B 304 -22.45 -12.14 29.98
N ASP B 305 -21.92 -13.04 30.80
CA ASP B 305 -22.47 -14.40 30.87
C ASP B 305 -23.60 -14.51 31.86
N MET B 306 -23.58 -13.69 32.89
CA MET B 306 -24.68 -13.60 33.83
C MET B 306 -24.84 -12.17 34.30
N ALA B 307 -26.05 -11.63 34.17
CA ALA B 307 -26.37 -10.27 34.57
C ALA B 307 -27.36 -10.25 35.70
N LEU B 308 -27.14 -9.38 36.68
CA LEU B 308 -28.12 -9.19 37.75
C LEU B 308 -28.32 -7.70 37.98
N VAL B 309 -29.59 -7.30 38.12
CA VAL B 309 -29.89 -5.92 38.46
C VAL B 309 -30.04 -5.84 39.96
N GLY B 310 -29.23 -5.01 40.59
CA GLY B 310 -29.35 -4.85 42.04
C GLY B 310 -28.38 -3.79 42.53
N ASP B 311 -28.68 -3.26 43.69
CA ASP B 311 -27.79 -2.33 44.34
C ASP B 311 -26.71 -3.18 45.05
N ILE B 312 -25.45 -2.74 45.01
CA ILE B 312 -24.36 -3.59 45.49
C ILE B 312 -24.50 -3.96 46.96
N LYS B 313 -24.80 -2.98 47.80
CA LYS B 313 -24.89 -3.21 49.22
C LYS B 313 -25.94 -4.28 49.52
N SER B 314 -27.14 -4.09 49.00
CA SER B 314 -28.22 -4.95 49.35
C SER B 314 -28.06 -6.36 48.68
N THR B 315 -27.52 -6.37 47.46
CA THR B 315 -27.22 -7.63 46.78
C THR B 315 -26.18 -8.47 47.53
N LEU B 316 -25.06 -7.86 47.91
CA LEU B 316 -24.06 -8.60 48.64
C LEU B 316 -24.60 -9.08 49.98
N ARG B 317 -25.42 -8.28 50.66
CA ARG B 317 -25.99 -8.73 51.94
C ARG B 317 -26.85 -9.96 51.77
N ALA B 318 -27.61 -10.01 50.68
CA ALA B 318 -28.48 -11.14 50.45
C ALA B 318 -27.68 -12.33 49.92
N LEU B 319 -26.59 -12.05 49.20
CA LEU B 319 -25.79 -13.08 48.57
C LEU B 319 -24.86 -13.79 49.56
N LEU B 320 -24.21 -13.03 50.42
CA LEU B 320 -23.22 -13.59 51.35
C LEU B 320 -23.62 -14.85 52.06
N PRO B 321 -24.82 -14.90 52.65
CA PRO B 321 -25.18 -16.14 53.40
C PRO B 321 -25.36 -17.34 52.47
N LEU B 322 -25.53 -17.09 51.18
CA LEU B 322 -25.72 -18.19 50.23
C LEU B 322 -24.41 -18.72 49.69
N VAL B 323 -23.36 -17.92 49.85
CA VAL B 323 -22.06 -18.24 49.29
C VAL B 323 -21.20 -19.03 50.27
N GLU B 324 -20.72 -20.17 49.81
CA GLU B 324 -19.86 -21.04 50.60
C GLU B 324 -18.43 -20.46 50.60
N GLU B 325 -17.76 -20.54 51.74
CA GLU B 325 -16.39 -20.09 51.83
C GLU B 325 -15.46 -20.97 51.00
N LYS B 326 -14.57 -20.36 50.20
CA LYS B 326 -13.61 -21.12 49.41
C LYS B 326 -12.25 -21.17 50.11
N ALA B 327 -11.61 -22.33 50.10
CA ALA B 327 -10.29 -22.47 50.73
C ALA B 327 -9.15 -22.05 49.78
N ASP B 328 -9.36 -22.20 48.49
CA ASP B 328 -8.32 -22.02 47.50
C ASP B 328 -7.99 -20.54 47.27
N ARG B 329 -6.78 -20.13 47.64
CA ARG B 329 -6.39 -18.74 47.61
C ARG B 329 -5.12 -18.48 46.79
N LYS B 330 -4.76 -19.41 45.91
CA LYS B 330 -3.60 -19.24 45.03
C LYS B 330 -3.71 -17.98 44.17
N PHE B 331 -4.85 -17.80 43.51
CA PHE B 331 -5.00 -16.68 42.61
C PHE B 331 -4.86 -15.37 43.38
N LEU B 332 -5.54 -15.29 44.52
CA LEU B 332 -5.45 -14.10 45.36
C LEU B 332 -4.02 -13.82 45.81
N ASP B 333 -3.32 -14.85 46.29
CA ASP B 333 -1.96 -14.68 46.78
C ASP B 333 -1.02 -14.20 45.68
N LYS B 334 -1.17 -14.73 44.48
CA LYS B 334 -0.35 -14.29 43.36
C LYS B 334 -0.65 -12.82 43.01
N ALA B 335 -1.92 -12.45 43.00
CA ALA B 335 -2.28 -11.06 42.75
C ALA B 335 -1.68 -10.14 43.80
N LEU B 336 -1.71 -10.55 45.06
CA LEU B 336 -1.16 -9.74 46.13
C LEU B 336 0.36 -9.57 45.97
N GLU B 337 1.02 -10.62 45.50
CA GLU B 337 2.44 -10.57 45.28
C GLU B 337 2.76 -9.63 44.12
N ASP B 338 1.99 -9.72 43.05
CA ASP B 338 2.08 -8.80 41.94
C ASP B 338 1.92 -7.36 42.41
N TYR B 339 0.96 -7.17 43.31
CA TYR B 339 0.68 -5.86 43.83
C TYR B 339 1.84 -5.28 44.61
N ARG B 340 2.46 -6.09 45.46
CA ARG B 340 3.63 -5.67 46.22
C ARG B 340 4.74 -5.18 45.26
N ASP B 341 4.94 -5.89 44.16
CA ASP B 341 5.95 -5.51 43.17
C ASP B 341 5.57 -4.19 42.50
N ALA B 342 4.31 -4.06 42.11
CA ALA B 342 3.83 -2.89 41.42
C ALA B 342 3.96 -1.65 42.29
N ARG B 343 3.49 -1.75 43.54
CA ARG B 343 3.58 -0.60 44.46
C ARG B 343 5.02 -0.16 44.78
N LYS B 344 5.96 -1.10 44.68
CA LYS B 344 7.36 -0.75 44.84
C LYS B 344 7.89 0.00 43.60
N GLY B 345 7.43 -0.40 42.42
CA GLY B 345 7.83 0.28 41.19
C GLY B 345 7.32 1.71 41.20
N LEU B 346 6.08 1.88 41.63
CA LEU B 346 5.44 3.19 41.78
C LEU B 346 6.25 4.06 42.72
N ASP B 347 6.67 3.49 43.84
CA ASP B 347 7.38 4.24 44.88
C ASP B 347 8.77 4.71 44.42
N ASP B 348 9.41 3.91 43.57
CA ASP B 348 10.75 4.24 43.08
C ASP B 348 10.74 5.47 42.19
N LEU B 349 9.61 5.71 41.56
CA LEU B 349 9.47 6.88 40.70
C LEU B 349 9.22 8.17 41.50
N ALA B 350 8.81 8.03 42.76
CA ALA B 350 8.40 9.18 43.56
C ALA B 350 9.49 9.65 44.52
N LYS B 351 10.68 9.90 44.01
CA LYS B 351 11.80 10.28 44.85
C LYS B 351 12.24 11.71 44.56
N PRO B 352 12.80 12.39 45.56
CA PRO B 352 13.38 13.71 45.31
C PRO B 352 14.62 13.57 44.45
N SER B 353 14.95 14.63 43.71
CA SER B 353 16.12 14.64 42.86
C SER B 353 16.61 16.06 42.67
N GLU B 354 17.86 16.23 42.23
CA GLU B 354 18.38 17.57 41.97
C GLU B 354 18.12 17.98 40.54
N LYS B 355 17.78 17.00 39.70
CA LYS B 355 17.53 17.20 38.26
C LYS B 355 16.27 18.01 37.96
N ALA B 356 15.15 17.60 38.53
CA ALA B 356 13.87 18.16 38.13
C ALA B 356 12.90 17.50 39.05
N ILE B 357 11.72 18.08 39.19
CA ILE B 357 10.82 17.53 40.16
C ILE B 357 9.98 16.51 39.45
N HIS B 358 10.09 15.25 39.87
CA HIS B 358 9.20 14.23 39.37
C HIS B 358 7.82 14.51 39.90
N PRO B 359 6.83 14.65 38.99
CA PRO B 359 5.46 14.93 39.43
C PRO B 359 4.96 13.83 40.36
N GLN B 360 5.50 12.62 40.23
CA GLN B 360 4.98 11.58 41.09
C GLN B 360 5.47 11.76 42.54
N TYR B 361 6.69 12.29 42.69
CA TYR B 361 7.14 12.78 43.99
C TYR B 361 6.21 13.86 44.52
N LEU B 362 5.88 14.84 43.68
CA LEU B 362 5.01 15.91 44.11
C LEU B 362 3.65 15.36 44.60
N ALA B 363 3.05 14.46 43.84
CA ALA B 363 1.78 13.87 44.22
C ALA B 363 1.89 13.09 45.54
N GLN B 364 2.97 12.34 45.69
CA GLN B 364 3.17 11.57 46.89
C GLN B 364 3.22 12.47 48.13
N GLN B 365 3.84 13.65 47.97
CA GLN B 365 4.03 14.54 49.12
C GLN B 365 2.72 15.26 49.42
N ILE B 366 1.93 15.54 48.39
CA ILE B 366 0.61 16.10 48.57
C ILE B 366 -0.19 15.14 49.45
N SER B 367 -0.16 13.86 49.11
CA SER B 367 -0.88 12.87 49.88
C SER B 367 -0.37 12.80 51.31
N HIS B 368 0.94 12.92 51.48
CA HIS B 368 1.54 12.81 52.80
C HIS B 368 1.17 13.98 53.71
N PHE B 369 1.15 15.20 53.19
CA PHE B 369 0.93 16.38 54.03
C PHE B 369 -0.53 16.89 54.06
N ALA B 370 -1.35 16.48 53.11
CA ALA B 370 -2.75 16.92 53.10
C ALA B 370 -3.53 16.35 54.29
N ALA B 371 -4.64 16.99 54.67
CA ALA B 371 -5.44 16.54 55.81
C ALA B 371 -5.95 15.11 55.64
N ASP B 372 -6.32 14.48 56.77
CA ASP B 372 -6.85 13.10 56.83
C ASP B 372 -8.17 12.98 56.11
N ASP B 373 -8.81 14.12 55.97
CA ASP B 373 -10.10 14.14 55.33
C ASP B 373 -10.15 15.15 54.22
N ALA B 374 -9.01 15.42 53.60
CA ALA B 374 -8.95 16.37 52.51
C ALA B 374 -9.84 15.93 51.34
N ILE B 375 -10.36 16.91 50.62
CA ILE B 375 -11.04 16.65 49.37
C ILE B 375 -10.08 17.04 48.24
N PHE B 376 -9.76 16.07 47.37
CA PHE B 376 -8.88 16.31 46.25
C PHE B 376 -9.66 16.39 44.96
N THR B 377 -9.29 17.33 44.11
CA THR B 377 -9.77 17.32 42.73
C THR B 377 -8.54 17.24 41.84
N CYS B 378 -8.68 16.68 40.65
CA CYS B 378 -7.54 16.57 39.76
C CYS B 378 -7.92 16.79 38.29
N ASP B 379 -7.11 17.60 37.60
CA ASP B 379 -7.38 17.91 36.18
C ASP B 379 -7.21 16.68 35.28
N VAL B 380 -8.03 16.59 34.27
CA VAL B 380 -7.82 15.60 33.24
C VAL B 380 -6.46 15.91 32.63
N GLY B 381 -5.62 14.88 32.48
CA GLY B 381 -4.24 15.04 32.10
C GLY B 381 -3.36 14.31 33.11
N THR B 382 -2.07 14.63 33.16
CA THR B 382 -1.19 13.89 34.07
C THR B 382 -1.67 13.94 35.53
N PRO B 383 -2.33 15.03 35.96
CA PRO B 383 -2.71 15.02 37.36
C PRO B 383 -3.66 13.88 37.70
N THR B 384 -4.47 13.43 36.75
CA THR B 384 -5.34 12.29 36.99
C THR B 384 -4.52 11.01 37.19
N VAL B 385 -3.47 10.85 36.39
CA VAL B 385 -2.59 9.72 36.56
C VAL B 385 -1.95 9.74 37.96
N TRP B 386 -1.42 10.88 38.37
CA TRP B 386 -0.69 10.93 39.62
C TRP B 386 -1.65 10.74 40.82
N ALA B 387 -2.85 11.30 40.70
CA ALA B 387 -3.85 11.13 41.74
C ALA B 387 -4.19 9.67 41.87
N ALA B 388 -4.46 9.03 40.74
CA ALA B 388 -4.82 7.61 40.73
C ALA B 388 -3.75 6.77 41.40
N ARG B 389 -2.50 7.10 41.13
CA ARG B 389 -1.40 6.24 41.54
C ARG B 389 -0.81 6.59 42.90
N TYR B 390 -0.98 7.83 43.35
CA TYR B 390 -0.28 8.26 44.56
C TYR B 390 -1.10 8.82 45.71
N LEU B 391 -2.37 9.15 45.49
CA LEU B 391 -3.21 9.62 46.59
C LEU B 391 -3.65 8.45 47.45
N LYS B 392 -3.33 8.48 48.73
CA LYS B 392 -3.82 7.46 49.62
C LYS B 392 -5.21 7.79 50.18
N MET B 393 -6.17 6.90 49.93
CA MET B 393 -7.54 7.11 50.39
C MET B 393 -7.75 6.40 51.72
N ASN B 394 -8.82 6.75 52.44
CA ASN B 394 -8.99 6.19 53.79
C ASN B 394 -10.43 6.15 54.27
N GLY B 395 -11.37 6.43 53.39
CA GLY B 395 -12.76 6.42 53.77
C GLY B 395 -13.26 7.78 54.22
N LYS B 396 -12.35 8.74 54.35
CA LYS B 396 -12.74 10.10 54.69
C LYS B 396 -12.37 11.07 53.59
N ARG B 397 -11.16 10.92 53.04
CA ARG B 397 -10.73 11.67 51.89
C ARG B 397 -11.63 11.43 50.70
N ARG B 398 -11.69 12.40 49.80
CA ARG B 398 -12.49 12.31 48.60
C ARG B 398 -11.65 12.66 47.39
N LEU B 399 -12.03 12.10 46.25
CA LEU B 399 -11.35 12.41 45.00
C LEU B 399 -12.39 12.71 43.94
N LEU B 400 -12.36 13.93 43.40
CA LEU B 400 -13.26 14.31 42.31
C LEU B 400 -12.45 14.59 41.07
N GLY B 401 -13.01 14.27 39.90
CA GLY B 401 -12.40 14.63 38.63
C GLY B 401 -13.44 14.64 37.54
N SER B 402 -12.97 14.65 36.31
CA SER B 402 -13.85 14.57 35.19
C SER B 402 -13.52 13.25 34.52
N PHE B 403 -13.77 12.18 35.22
CA PHE B 403 -13.27 10.87 34.83
C PHE B 403 -14.02 10.19 33.69
N ASN B 404 -15.31 10.50 33.55
CA ASN B 404 -16.10 9.94 32.48
C ASN B 404 -16.17 10.87 31.25
N HIS B 405 -16.45 12.15 31.51
CA HIS B 405 -16.61 13.11 30.44
C HIS B 405 -15.24 13.52 29.92
N GLY B 406 -14.23 13.47 30.81
CA GLY B 406 -12.84 13.64 30.39
C GLY B 406 -12.48 15.05 29.95
N SER B 407 -13.00 16.05 30.63
CA SER B 407 -12.74 17.43 30.25
C SER B 407 -11.52 17.98 30.97
N MET B 408 -10.60 18.58 30.21
CA MET B 408 -9.60 19.45 30.84
C MET B 408 -10.27 20.51 31.73
N ALA B 409 -9.51 21.01 32.68
CA ALA B 409 -9.85 22.27 33.38
C ALA B 409 -10.90 22.10 34.47
N ASN B 410 -11.18 20.86 34.87
CA ASN B 410 -12.20 20.61 35.84
C ASN B 410 -11.76 20.86 37.27
N ALA B 411 -10.47 20.72 37.54
CA ALA B 411 -10.01 20.63 38.93
C ALA B 411 -10.32 21.86 39.76
N MET B 412 -9.94 23.03 39.31
CA MET B 412 -10.18 24.19 40.11
C MET B 412 -11.69 24.50 40.25
N PRO B 413 -12.42 24.41 39.14
CA PRO B 413 -13.86 24.65 39.29
C PRO B 413 -14.52 23.67 40.26
N GLN B 414 -14.15 22.39 40.22
CA GLN B 414 -14.72 21.44 41.18
C GLN B 414 -14.28 21.79 42.59
N ALA B 415 -13.05 22.24 42.75
CA ALA B 415 -12.55 22.63 44.07
C ALA B 415 -13.38 23.76 44.64
N LEU B 416 -13.75 24.68 43.78
CA LEU B 416 -14.58 25.79 44.16
C LEU B 416 -15.88 25.31 44.76
N GLY B 417 -16.54 24.35 44.09
CA GLY B 417 -17.78 23.79 44.58
C GLY B 417 -17.57 23.02 45.87
N ALA B 418 -16.49 22.23 45.93
CA ALA B 418 -16.21 21.44 47.12
C ALA B 418 -16.02 22.37 48.32
N GLN B 419 -15.18 23.39 48.13
CA GLN B 419 -14.86 24.28 49.24
C GLN B 419 -16.11 25.00 49.76
N ALA B 420 -17.00 25.43 48.88
CA ALA B 420 -18.19 26.15 49.32
C ALA B 420 -19.12 25.20 50.08
N THR B 421 -19.13 23.93 49.67
CA THR B 421 -20.03 22.97 50.26
C THR B 421 -19.52 22.56 51.63
N GLU B 422 -18.20 22.45 51.77
CA GLU B 422 -17.56 22.08 53.04
C GLU B 422 -16.57 23.17 53.47
N PRO B 423 -17.07 24.30 53.96
CA PRO B 423 -16.18 25.40 54.23
C PRO B 423 -15.04 25.13 55.25
N GLU B 424 -15.21 24.16 56.13
CA GLU B 424 -14.22 23.87 57.17
C GLU B 424 -13.18 22.85 56.71
N ARG B 425 -13.37 22.30 55.53
CA ARG B 425 -12.60 21.16 55.08
C ARG B 425 -11.45 21.61 54.17
N GLN B 426 -10.32 20.90 54.20
CA GLN B 426 -9.23 21.23 53.30
C GLN B 426 -9.53 20.71 51.90
N VAL B 427 -9.35 21.56 50.89
CA VAL B 427 -9.59 21.19 49.51
C VAL B 427 -8.34 21.44 48.69
N VAL B 428 -7.86 20.41 47.99
CA VAL B 428 -6.62 20.51 47.26
C VAL B 428 -6.90 20.23 45.78
N ALA B 429 -6.69 21.24 44.92
CA ALA B 429 -6.89 21.07 43.50
C ALA B 429 -5.55 20.75 42.82
N MET B 430 -5.45 19.56 42.25
CA MET B 430 -4.25 19.17 41.50
C MET B 430 -4.48 19.56 40.03
N CYS B 431 -3.93 20.70 39.63
CA CYS B 431 -4.24 21.28 38.32
C CYS B 431 -3.13 21.09 37.31
N GLY B 432 -3.51 20.98 36.05
CA GLY B 432 -2.54 21.11 35.01
C GLY B 432 -2.36 22.58 34.68
N ASP B 433 -1.27 22.92 34.01
CA ASP B 433 -1.08 24.28 33.57
C ASP B 433 -2.06 24.59 32.43
N GLY B 434 -2.31 23.58 31.59
CA GLY B 434 -3.34 23.74 30.56
C GLY B 434 -4.70 23.91 31.20
N GLY B 435 -5.03 23.01 32.12
CA GLY B 435 -6.33 23.05 32.77
C GLY B 435 -6.57 24.33 33.55
N PHE B 436 -5.61 24.73 34.37
CA PHE B 436 -5.76 25.95 35.12
C PHE B 436 -5.96 27.13 34.19
N SER B 437 -5.16 27.24 33.14
CA SER B 437 -5.27 28.44 32.33
C SER B 437 -6.50 28.39 31.43
N MET B 438 -7.02 27.22 31.14
CA MET B 438 -8.18 27.11 30.26
C MET B 438 -9.41 27.80 30.87
N LEU B 439 -9.58 27.73 32.19
CA LEU B 439 -10.65 28.46 32.88
C LEU B 439 -10.10 29.41 33.95
N MET B 440 -8.99 30.07 33.62
CA MET B 440 -8.23 30.84 34.60
C MET B 440 -9.02 31.97 35.26
N GLY B 441 -10.06 32.47 34.61
CA GLY B 441 -10.78 33.64 35.09
C GLY B 441 -11.41 33.33 36.45
N ASP B 442 -11.81 32.09 36.66
CA ASP B 442 -12.45 31.77 37.91
C ASP B 442 -11.48 31.60 39.06
N PHE B 443 -10.19 31.74 38.78
CA PHE B 443 -9.25 31.89 39.85
C PHE B 443 -9.70 33.12 40.67
N LEU B 444 -10.22 34.14 40.01
CA LEU B 444 -10.72 35.32 40.71
C LEU B 444 -11.91 34.98 41.62
N SER B 445 -12.61 33.90 41.34
CA SER B 445 -13.73 33.49 42.19
C SER B 445 -13.24 32.98 43.53
N VAL B 446 -12.06 32.38 43.52
CA VAL B 446 -11.46 31.94 44.76
C VAL B 446 -11.27 33.09 45.72
N VAL B 447 -10.85 34.25 45.22
CA VAL B 447 -10.73 35.45 46.04
C VAL B 447 -12.10 36.01 46.38
N GLN B 448 -12.90 36.27 45.36
CA GLN B 448 -14.21 36.90 45.58
C GLN B 448 -15.11 36.09 46.55
N MET B 449 -15.06 34.77 46.48
CA MET B 449 -15.88 33.94 47.35
C MET B 449 -15.16 33.59 48.65
N LYS B 450 -13.88 33.94 48.73
CA LYS B 450 -13.07 33.67 49.91
C LYS B 450 -13.06 32.19 50.26
N LEU B 451 -12.80 31.35 49.28
CA LEU B 451 -12.73 29.93 49.52
C LEU B 451 -11.26 29.52 49.56
N PRO B 452 -10.81 29.02 50.72
CA PRO B 452 -9.37 28.74 50.92
C PRO B 452 -8.85 27.52 50.16
N VAL B 453 -9.11 27.47 48.86
CA VAL B 453 -8.65 26.35 48.08
C VAL B 453 -7.13 26.29 48.01
N LYS B 454 -6.56 25.09 48.12
CA LYS B 454 -5.12 24.94 47.88
C LYS B 454 -4.90 24.42 46.46
N ILE B 455 -4.43 25.30 45.58
CA ILE B 455 -4.19 24.92 44.21
C ILE B 455 -2.72 24.54 43.98
N VAL B 456 -2.49 23.34 43.48
CA VAL B 456 -1.13 22.92 43.16
C VAL B 456 -1.05 22.72 41.67
N VAL B 457 -0.27 23.56 40.98
CA VAL B 457 -0.19 23.45 39.53
C VAL B 457 0.98 22.55 39.15
N PHE B 458 0.69 21.48 38.40
CA PHE B 458 1.73 20.63 37.84
C PHE B 458 2.21 21.32 36.58
N ASN B 459 3.18 22.21 36.75
CA ASN B 459 3.59 23.10 35.70
C ASN B 459 4.63 22.45 34.85
N ASN B 460 4.20 21.70 33.84
CA ASN B 460 5.16 21.08 32.94
C ASN B 460 5.25 21.87 31.64
N SER B 461 4.68 23.07 31.68
CA SER B 461 4.71 24.00 30.54
CA SER B 461 4.67 24.00 30.54
C SER B 461 4.35 23.24 29.27
N VAL B 462 3.43 22.29 29.37
CA VAL B 462 2.97 21.51 28.24
C VAL B 462 1.55 20.95 28.48
N LEU B 463 0.92 20.56 27.37
CA LEU B 463 -0.30 19.79 27.37
C LEU B 463 0.14 18.31 27.36
N GLY B 464 0.61 17.85 28.51
CA GLY B 464 1.46 16.65 28.60
C GLY B 464 0.82 15.30 28.34
N PHE B 465 -0.46 15.17 28.66
CA PHE B 465 -1.14 13.93 28.37
C PHE B 465 -1.30 13.80 26.85
N VAL B 466 -1.58 14.93 26.18
CA VAL B 466 -1.63 14.94 24.72
C VAL B 466 -2.45 16.06 24.09
N ASP B 478 3.83 19.64 17.42
CA ASP B 478 2.58 20.35 17.17
C ASP B 478 2.22 21.27 18.35
N GLY B 479 0.93 21.34 18.64
CA GLY B 479 0.41 22.26 19.66
C GLY B 479 0.36 21.69 21.06
N THR B 480 1.47 21.12 21.52
CA THR B 480 1.53 20.62 22.89
C THR B 480 2.32 21.53 23.82
N GLU B 481 3.03 22.52 23.26
CA GLU B 481 3.89 23.43 24.04
C GLU B 481 3.16 24.70 24.52
N LEU B 482 3.19 24.95 25.84
CA LEU B 482 2.68 26.19 26.42
C LEU B 482 3.83 27.08 26.80
N HIS B 483 3.84 28.31 26.26
CA HIS B 483 4.78 29.32 26.68
C HIS B 483 4.96 29.27 28.20
N ASP B 484 6.20 29.33 28.64
CA ASP B 484 6.51 29.11 30.06
C ASP B 484 6.01 30.24 30.98
N THR B 485 5.24 29.85 31.98
CA THR B 485 4.40 30.78 32.68
C THR B 485 4.63 30.63 34.17
N ASN B 486 4.66 31.74 34.85
CA ASN B 486 4.79 31.72 36.28
C ASN B 486 3.42 31.96 36.94
N PHE B 487 2.77 30.89 37.35
CA PHE B 487 1.46 31.01 37.95
C PHE B 487 1.49 31.59 39.36
N ALA B 488 2.60 31.43 40.06
CA ALA B 488 2.74 32.02 41.38
C ALA B 488 2.68 33.53 41.26
N ARG B 489 3.36 34.05 40.26
CA ARG B 489 3.37 35.50 40.05
C ARG B 489 1.94 35.95 39.75
N ILE B 490 1.21 35.16 38.97
CA ILE B 490 -0.14 35.53 38.59
C ILE B 490 -1.04 35.55 39.84
N ALA B 491 -0.88 34.54 40.68
CA ALA B 491 -1.61 34.50 41.93
C ALA B 491 -1.38 35.74 42.77
N GLU B 492 -0.11 36.11 42.98
CA GLU B 492 0.21 37.27 43.79
C GLU B 492 -0.49 38.50 43.21
N ALA B 493 -0.51 38.62 41.89
CA ALA B 493 -1.11 39.79 41.28
C ALA B 493 -2.62 39.81 41.51
N CYS B 494 -3.21 38.65 41.73
CA CYS B 494 -4.63 38.55 41.99
C CYS B 494 -4.94 38.70 43.48
N GLY B 495 -3.91 38.86 44.31
CA GLY B 495 -4.11 38.97 45.74
C GLY B 495 -4.17 37.65 46.51
N ILE B 496 -3.80 36.53 45.89
CA ILE B 496 -3.66 35.24 46.56
C ILE B 496 -2.17 34.90 46.74
N THR B 497 -1.79 34.30 47.87
CA THR B 497 -0.40 33.85 48.05
C THR B 497 0.06 32.88 46.96
N GLY B 498 1.21 33.16 46.36
CA GLY B 498 1.79 32.27 45.36
C GLY B 498 3.16 31.76 45.78
N ILE B 499 3.37 30.46 45.67
CA ILE B 499 4.67 29.89 45.95
C ILE B 499 5.21 29.19 44.72
N ARG B 500 6.36 29.63 44.25
CA ARG B 500 6.99 29.06 43.08
C ARG B 500 8.00 28.01 43.53
N VAL B 501 7.83 26.77 43.06
CA VAL B 501 8.68 25.66 43.47
C VAL B 501 9.43 25.08 42.28
N GLU B 502 10.76 25.10 42.33
CA GLU B 502 11.56 24.62 41.22
C GLU B 502 12.55 23.53 41.63
N LYS B 503 12.85 23.42 42.92
CA LYS B 503 13.76 22.37 43.40
C LYS B 503 13.00 21.35 44.23
N ALA B 504 13.31 20.07 44.04
CA ALA B 504 12.62 19.03 44.79
C ALA B 504 12.71 19.24 46.31
N SER B 505 13.83 19.78 46.76
CA SER B 505 14.03 20.00 48.19
C SER B 505 13.10 21.07 48.78
N GLU B 506 12.53 21.90 47.92
CA GLU B 506 11.61 22.95 48.37
C GLU B 506 10.17 22.47 48.50
N VAL B 507 9.87 21.29 47.97
CA VAL B 507 8.48 20.81 47.90
C VAL B 507 7.82 20.65 49.27
N ASP B 508 8.49 19.94 50.19
CA ASP B 508 7.92 19.64 51.49
C ASP B 508 7.49 20.91 52.20
N GLU B 509 8.38 21.88 52.31
CA GLU B 509 8.04 23.10 53.03
C GLU B 509 6.97 23.93 52.28
N ALA B 510 6.98 23.88 50.96
CA ALA B 510 6.00 24.65 50.20
C ALA B 510 4.60 24.13 50.44
N LEU B 511 4.44 22.81 50.47
CA LEU B 511 3.13 22.23 50.71
C LEU B 511 2.68 22.51 52.14
N GLN B 512 3.58 22.36 53.10
CA GLN B 512 3.21 22.58 54.49
C GLN B 512 2.77 24.03 54.71
N ARG B 513 3.51 24.99 54.13
CA ARG B 513 3.16 26.40 54.28
C ARG B 513 1.79 26.62 53.62
N ALA B 514 1.60 26.11 52.41
CA ALA B 514 0.34 26.33 51.69
C ALA B 514 -0.84 25.84 52.52
N PHE B 515 -0.70 24.66 53.12
CA PHE B 515 -1.78 24.06 53.88
C PHE B 515 -2.08 24.78 55.19
N SER B 516 -1.06 25.38 55.81
CA SER B 516 -1.24 26.13 57.06
C SER B 516 -1.83 27.51 56.89
N ILE B 517 -1.52 28.14 55.78
CA ILE B 517 -1.99 29.50 55.56
C ILE B 517 -3.51 29.56 55.65
N ASP B 518 -3.99 30.54 56.40
CA ASP B 518 -5.41 30.74 56.61
C ASP B 518 -6.01 31.45 55.42
N GLY B 519 -6.06 30.80 54.25
CA GLY B 519 -6.56 31.40 53.03
C GLY B 519 -6.21 30.56 51.83
N PRO B 520 -6.61 31.01 50.63
CA PRO B 520 -6.28 30.25 49.41
C PRO B 520 -4.81 30.43 49.04
N VAL B 521 -4.21 29.42 48.39
CA VAL B 521 -2.82 29.47 48.02
C VAL B 521 -2.63 28.77 46.70
N LEU B 522 -1.78 29.31 45.84
CA LEU B 522 -1.40 28.59 44.66
C LEU B 522 0.09 28.22 44.74
N VAL B 523 0.36 26.92 44.63
CA VAL B 523 1.70 26.40 44.58
C VAL B 523 1.99 26.00 43.15
N ASP B 524 2.92 26.70 42.53
CA ASP B 524 3.27 26.53 41.14
C ASP B 524 4.55 25.68 41.07
N VAL B 525 4.38 24.39 40.78
CA VAL B 525 5.52 23.48 40.82
C VAL B 525 6.01 23.11 39.42
N VAL B 526 7.23 23.51 39.09
CA VAL B 526 7.80 23.11 37.78
C VAL B 526 8.12 21.63 37.84
N VAL B 527 7.46 20.83 37.02
CA VAL B 527 7.67 19.38 37.04
C VAL B 527 8.21 18.88 35.70
N ALA B 528 8.90 17.75 35.74
CA ALA B 528 9.46 17.20 34.52
C ALA B 528 8.35 16.55 33.71
N LYS B 529 8.63 16.27 32.44
CA LYS B 529 7.80 15.39 31.64
C LYS B 529 8.09 13.96 32.07
N GLU B 530 7.05 13.14 32.21
CA GLU B 530 7.24 11.74 32.60
C GLU B 530 6.64 10.77 31.60
N GLU B 531 7.18 9.56 31.55
CA GLU B 531 6.49 8.46 30.85
C GLU B 531 5.35 7.85 31.70
N LEU B 532 4.38 7.24 31.03
CA LEU B 532 3.24 6.60 31.68
C LEU B 532 3.56 5.21 32.20
N ALA B 533 4.03 4.34 31.30
CA ALA B 533 4.48 3.00 31.68
C ALA B 533 5.55 3.07 32.80
N ILE B 534 5.73 1.95 33.50
CA ILE B 534 6.56 1.92 34.69
C ILE B 534 7.37 0.60 34.69
N PRO B 535 8.71 0.70 34.83
CA PRO B 535 9.58 -0.45 34.54
C PRO B 535 9.83 -1.40 35.71
N LYS C 2 -16.87 -16.69 11.84
CA LYS C 2 -17.05 -15.81 10.63
C LYS C 2 -18.54 -15.71 10.19
N GLN C 3 -19.12 -14.53 10.38
CA GLN C 3 -20.53 -14.27 10.07
C GLN C 3 -20.71 -12.78 9.95
N THR C 4 -21.81 -12.33 9.34
CA THR C 4 -21.99 -10.91 9.08
C THR C 4 -22.50 -10.23 10.32
N VAL C 5 -22.41 -8.89 10.37
CA VAL C 5 -23.00 -8.12 11.47
C VAL C 5 -24.48 -8.51 11.60
N ALA C 6 -25.18 -8.57 10.48
CA ALA C 6 -26.60 -8.93 10.50
C ALA C 6 -26.82 -10.35 11.07
N ALA C 7 -25.95 -11.28 10.73
CA ALA C 7 -26.11 -12.64 11.26
C ALA C 7 -25.92 -12.62 12.79
N TYR C 8 -24.96 -11.82 13.26
CA TYR C 8 -24.68 -11.72 14.66
C TYR C 8 -25.92 -11.22 15.39
N ILE C 9 -26.54 -10.20 14.82
CA ILE C 9 -27.78 -9.69 15.41
C ILE C 9 -28.86 -10.77 15.47
N ALA C 10 -29.07 -11.47 14.35
CA ALA C 10 -30.14 -12.46 14.28
C ALA C 10 -29.90 -13.59 15.28
N LYS C 11 -28.67 -14.07 15.36
CA LYS C 11 -28.33 -15.13 16.31
C LYS C 11 -28.54 -14.69 17.76
N THR C 12 -28.21 -13.46 18.05
CA THR C 12 -28.34 -12.98 19.41
C THR C 12 -29.82 -12.87 19.78
N LEU C 13 -30.62 -12.33 18.87
CA LEU C 13 -32.06 -12.31 19.07
C LEU C 13 -32.61 -13.71 19.25
N GLU C 14 -32.14 -14.65 18.44
CA GLU C 14 -32.60 -16.03 18.55
C GLU C 14 -32.35 -16.54 19.97
N SER C 15 -31.15 -16.26 20.48
CA SER C 15 -30.77 -16.71 21.78
C SER C 15 -31.62 -16.07 22.89
N ALA C 16 -32.03 -14.82 22.70
CA ALA C 16 -32.88 -14.14 23.64
C ALA C 16 -34.33 -14.63 23.54
N GLY C 17 -34.58 -15.54 22.62
CA GLY C 17 -35.91 -16.11 22.49
C GLY C 17 -36.88 -15.41 21.55
N VAL C 18 -36.43 -14.42 20.76
CA VAL C 18 -37.35 -13.84 19.81
C VAL C 18 -37.82 -14.83 18.76
N LYS C 19 -39.11 -14.75 18.44
CA LYS C 19 -39.73 -15.74 17.57
C LYS C 19 -40.01 -15.19 16.17
N ARG C 20 -40.13 -13.88 16.05
CA ARG C 20 -40.49 -13.30 14.79
C ARG C 20 -40.03 -11.88 14.70
N ILE C 21 -39.86 -11.40 13.48
CA ILE C 21 -39.57 -9.98 13.24
C ILE C 21 -40.64 -9.44 12.27
N TRP C 22 -41.22 -8.29 12.61
CA TRP C 22 -42.28 -7.70 11.81
C TRP C 22 -41.71 -6.61 10.93
N GLY C 23 -42.04 -6.62 9.65
CA GLY C 23 -41.64 -5.51 8.81
C GLY C 23 -42.07 -5.61 7.37
N VAL C 24 -41.44 -4.79 6.53
CA VAL C 24 -41.56 -4.92 5.06
C VAL C 24 -40.10 -4.89 4.58
N THR C 25 -39.71 -5.76 3.65
CA THR C 25 -38.30 -5.78 3.19
C THR C 25 -37.86 -4.53 2.40
N GLY C 26 -36.61 -4.61 1.94
CA GLY C 26 -35.96 -3.63 1.09
C GLY C 26 -34.53 -4.13 0.91
N ASP C 27 -33.84 -3.60 -0.11
CA ASP C 27 -32.47 -4.01 -0.37
C ASP C 27 -31.52 -3.70 0.81
N SER C 28 -31.82 -2.63 1.54
CA SER C 28 -31.05 -2.22 2.71
C SER C 28 -31.09 -3.28 3.83
N LEU C 29 -32.04 -4.21 3.72
CA LEU C 29 -32.22 -5.27 4.70
C LEU C 29 -31.70 -6.65 4.20
N ASN C 30 -30.95 -6.66 3.11
CA ASN C 30 -30.47 -7.92 2.53
C ASN C 30 -29.70 -8.78 3.51
N GLY C 31 -28.77 -8.16 4.24
CA GLY C 31 -27.99 -8.88 5.21
C GLY C 31 -28.88 -9.58 6.20
N LEU C 32 -29.86 -8.85 6.75
CA LEU C 32 -30.78 -9.43 7.71
C LEU C 32 -31.65 -10.55 7.12
N SER C 33 -32.27 -10.30 5.97
CA SER C 33 -33.09 -11.32 5.29
C SER C 33 -32.30 -12.58 5.02
N ASP C 34 -31.09 -12.40 4.51
CA ASP C 34 -30.26 -13.53 4.19
C ASP C 34 -30.00 -14.37 5.45
N SER C 35 -29.67 -13.72 6.56
CA SER C 35 -29.46 -14.40 7.85
C SER C 35 -30.67 -15.14 8.34
N LEU C 36 -31.81 -14.48 8.27
CA LEU C 36 -33.06 -15.10 8.70
C LEU C 36 -33.38 -16.33 7.86
N ASN C 37 -33.16 -16.24 6.55
CA ASN C 37 -33.38 -17.40 5.68
C ASN C 37 -32.48 -18.55 5.99
N ARG C 38 -31.19 -18.29 6.21
CA ARG C 38 -30.34 -19.43 6.45
C ARG C 38 -30.50 -19.97 7.89
N MET C 39 -30.91 -19.12 8.83
CA MET C 39 -31.17 -19.55 10.21
C MET C 39 -32.43 -20.42 10.32
N GLY C 40 -33.50 -19.99 9.64
CA GLY C 40 -34.76 -20.73 9.61
C GLY C 40 -35.48 -20.92 10.94
N THR C 41 -35.30 -20.01 11.90
CA THR C 41 -35.94 -20.14 13.20
C THR C 41 -36.79 -18.93 13.51
N ILE C 42 -36.23 -17.74 13.37
CA ILE C 42 -37.03 -16.55 13.55
C ILE C 42 -37.87 -16.34 12.29
N GLU C 43 -39.15 -16.08 12.48
CA GLU C 43 -40.05 -15.94 11.36
C GLU C 43 -40.25 -14.49 10.93
N TRP C 44 -40.18 -14.23 9.64
CA TRP C 44 -40.38 -12.88 9.12
C TRP C 44 -41.88 -12.62 8.89
N MET C 45 -42.43 -11.58 9.51
CA MET C 45 -43.87 -11.28 9.37
C MET C 45 -44.03 -10.04 8.49
N SER C 46 -44.49 -10.24 7.28
CA SER C 46 -44.52 -9.15 6.31
C SER C 46 -45.86 -8.42 6.33
N THR C 47 -45.85 -7.15 6.67
CA THR C 47 -47.09 -6.38 6.73
C THR C 47 -47.17 -5.51 5.47
N ARG C 48 -48.27 -4.81 5.30
CA ARG C 48 -48.41 -3.96 4.11
C ARG C 48 -47.84 -2.57 4.35
N HIS C 49 -47.81 -2.13 5.61
CA HIS C 49 -47.25 -0.83 5.97
C HIS C 49 -46.43 -1.07 7.22
N GLU C 50 -45.23 -0.50 7.27
CA GLU C 50 -44.35 -0.74 8.44
C GLU C 50 -44.95 -0.21 9.74
N GLU C 51 -45.83 0.78 9.65
CA GLU C 51 -46.49 1.28 10.85
C GLU C 51 -47.18 0.11 11.57
N VAL C 52 -47.82 -0.74 10.79
CA VAL C 52 -48.53 -1.87 11.32
C VAL C 52 -47.56 -2.89 11.92
N ALA C 53 -46.39 -3.05 11.31
CA ALA C 53 -45.39 -3.91 11.89
C ALA C 53 -45.03 -3.48 13.31
N ALA C 54 -44.86 -2.18 13.50
CA ALA C 54 -44.54 -1.64 14.84
C ALA C 54 -45.68 -1.83 15.86
N PHE C 55 -46.90 -1.49 15.46
CA PHE C 55 -48.02 -1.74 16.34
C PHE C 55 -48.08 -3.23 16.73
N ALA C 56 -47.92 -4.10 15.73
CA ALA C 56 -48.10 -5.52 15.94
C ALA C 56 -47.01 -6.03 16.89
N ALA C 57 -45.78 -5.59 16.69
CA ALA C 57 -44.70 -5.99 17.59
C ALA C 57 -45.02 -5.52 19.02
N GLY C 58 -45.52 -4.31 19.16
CA GLY C 58 -45.94 -3.83 20.47
C GLY C 58 -47.00 -4.71 21.11
N ALA C 59 -47.96 -5.18 20.32
CA ALA C 59 -49.00 -6.05 20.86
C ALA C 59 -48.39 -7.38 21.30
N GLU C 60 -47.47 -7.90 20.47
CA GLU C 60 -46.80 -9.15 20.82
C GLU C 60 -46.06 -8.99 22.14
N ALA C 61 -45.34 -7.87 22.29
CA ALA C 61 -44.55 -7.68 23.52
C ALA C 61 -45.47 -7.50 24.73
N GLN C 62 -46.59 -6.81 24.52
CA GLN C 62 -47.55 -6.64 25.59
C GLN C 62 -48.06 -7.98 26.11
N LEU C 63 -48.40 -8.87 25.19
CA LEU C 63 -49.00 -10.14 25.57
C LEU C 63 -47.99 -11.15 26.11
N SER C 64 -46.83 -11.23 25.48
CA SER C 64 -45.88 -12.25 25.87
C SER C 64 -45.05 -11.84 27.07
N GLY C 65 -44.92 -10.53 27.30
CA GLY C 65 -44.02 -10.03 28.32
C GLY C 65 -42.58 -10.14 27.88
N GLU C 66 -42.36 -10.40 26.59
CA GLU C 66 -40.99 -10.63 26.11
C GLU C 66 -40.59 -9.75 24.93
N LEU C 67 -39.30 -9.62 24.69
CA LEU C 67 -38.78 -8.76 23.62
C LEU C 67 -39.45 -9.08 22.30
N ALA C 68 -39.96 -8.06 21.63
CA ALA C 68 -40.46 -8.21 20.27
C ALA C 68 -39.61 -7.33 19.35
N VAL C 69 -39.66 -7.61 18.06
CA VAL C 69 -38.74 -6.95 17.10
C VAL C 69 -39.47 -6.55 15.84
N CYS C 70 -39.22 -5.33 15.37
CA CYS C 70 -39.67 -4.94 14.04
C CYS C 70 -38.51 -4.36 13.25
N ALA C 71 -38.70 -4.19 11.94
CA ALA C 71 -37.59 -3.74 11.10
C ALA C 71 -38.12 -2.94 9.95
N GLY C 72 -37.33 -2.00 9.44
CA GLY C 72 -37.75 -1.22 8.27
C GLY C 72 -36.55 -0.94 7.39
N SER C 73 -36.78 -0.84 6.08
CA SER C 73 -35.71 -0.54 5.17
C SER C 73 -35.26 0.92 5.29
N CYS C 74 -34.30 1.33 4.48
CA CYS C 74 -33.73 2.65 4.69
C CYS C 74 -34.71 3.75 4.34
N GLY C 75 -34.50 4.94 4.93
CA GLY C 75 -35.34 6.08 4.62
C GLY C 75 -36.78 5.83 4.98
N PRO C 76 -37.66 5.86 3.97
CA PRO C 76 -39.11 5.72 4.16
C PRO C 76 -39.51 4.43 4.87
N GLY C 77 -38.77 3.35 4.64
CA GLY C 77 -39.10 2.05 5.27
C GLY C 77 -39.15 2.15 6.77
N ASN C 78 -38.04 2.48 7.39
CA ASN C 78 -37.98 2.56 8.83
C ASN C 78 -38.75 3.76 9.33
N LEU C 79 -38.80 4.82 8.54
CA LEU C 79 -39.57 6.01 8.96
C LEU C 79 -41.03 5.63 9.19
N HIS C 80 -41.56 4.73 8.35
CA HIS C 80 -42.92 4.26 8.52
C HIS C 80 -43.20 3.65 9.90
N LEU C 81 -42.16 3.20 10.60
CA LEU C 81 -42.36 2.57 11.91
C LEU C 81 -42.76 3.57 12.98
N ILE C 82 -42.44 4.85 12.74
CA ILE C 82 -42.38 5.79 13.85
C ILE C 82 -43.64 5.91 14.70
N ASN C 83 -44.82 6.02 14.08
CA ASN C 83 -46.02 6.17 14.89
C ASN C 83 -46.31 4.95 15.73
N GLY C 84 -46.00 3.76 15.19
CA GLY C 84 -46.17 2.53 15.94
C GLY C 84 -45.15 2.41 17.07
N LEU C 85 -43.93 2.91 16.84
CA LEU C 85 -42.92 2.88 17.89
C LEU C 85 -43.28 3.83 19.06
N PHE C 86 -43.88 4.99 18.73
CA PHE C 86 -44.36 5.84 19.82
C PHE C 86 -45.35 5.06 20.65
N ASP C 87 -46.24 4.31 19.98
CA ASP C 87 -47.22 3.53 20.73
C ASP C 87 -46.55 2.49 21.63
N CYS C 88 -45.59 1.74 21.07
CA CYS C 88 -44.83 0.76 21.84
C CYS C 88 -44.15 1.39 23.05
N HIS C 89 -43.46 2.48 22.81
CA HIS C 89 -42.68 3.08 23.84
C HIS C 89 -43.61 3.63 24.93
N ARG C 90 -44.71 4.25 24.51
CA ARG C 90 -45.63 4.81 25.47
C ARG C 90 -46.38 3.76 26.25
N ASN C 91 -46.53 2.56 25.65
CA ASN C 91 -47.14 1.44 26.34
C ASN C 91 -46.15 0.69 27.23
N HIS C 92 -44.87 1.09 27.25
CA HIS C 92 -43.86 0.46 28.08
C HIS C 92 -43.69 -1.03 27.75
N VAL C 93 -43.58 -1.37 26.50
CA VAL C 93 -43.38 -2.77 26.15
C VAL C 93 -42.03 -2.91 25.47
N PRO C 94 -41.36 -4.03 25.73
CA PRO C 94 -39.99 -4.23 25.22
C PRO C 94 -39.97 -4.49 23.69
N VAL C 95 -39.52 -3.51 22.92
CA VAL C 95 -39.44 -3.67 21.49
C VAL C 95 -38.12 -3.16 20.93
N LEU C 96 -37.47 -4.00 20.12
CA LEU C 96 -36.29 -3.59 19.39
C LEU C 96 -36.67 -3.29 17.94
N ALA C 97 -36.32 -2.11 17.46
CA ALA C 97 -36.52 -1.76 16.07
C ALA C 97 -35.15 -1.78 15.36
N ILE C 98 -35.06 -2.53 14.27
CA ILE C 98 -33.88 -2.49 13.45
C ILE C 98 -34.18 -1.57 12.28
N ALA C 99 -33.53 -0.42 12.26
CA ALA C 99 -33.77 0.54 11.19
C ALA C 99 -32.63 0.45 10.21
N ALA C 100 -32.83 -0.22 9.08
CA ALA C 100 -31.79 -0.30 8.05
C ALA C 100 -31.60 1.10 7.49
N HIS C 101 -30.39 1.41 7.04
CA HIS C 101 -30.00 2.75 6.70
C HIS C 101 -29.27 2.71 5.36
N ILE C 102 -29.08 3.86 4.73
CA ILE C 102 -28.46 3.94 3.42
C ILE C 102 -27.01 3.52 3.52
N PRO C 103 -26.35 3.26 2.38
CA PRO C 103 -24.95 2.82 2.52
C PRO C 103 -24.17 3.90 3.23
N SER C 104 -23.32 3.52 4.18
CA SER C 104 -22.64 4.52 5.02
C SER C 104 -21.78 5.49 4.17
N SER C 105 -21.30 5.05 3.02
CA SER C 105 -20.46 5.90 2.20
C SER C 105 -21.21 7.10 1.64
N GLU C 106 -22.53 7.04 1.60
CA GLU C 106 -23.34 8.09 0.96
C GLU C 106 -23.90 9.06 2.01
N ILE C 107 -23.72 8.73 3.28
CA ILE C 107 -24.26 9.58 4.34
C ILE C 107 -23.70 11.03 4.23
N GLY C 108 -24.60 12.02 4.36
CA GLY C 108 -24.19 13.41 4.39
C GLY C 108 -24.15 14.05 3.03
N SER C 109 -24.62 13.35 2.01
CA SER C 109 -24.48 13.86 0.64
C SER C 109 -25.84 14.18 0.04
N GLY C 110 -26.92 13.96 0.78
CA GLY C 110 -28.21 14.14 0.21
C GLY C 110 -28.55 12.99 -0.70
N TYR C 111 -28.33 11.75 -0.25
CA TYR C 111 -28.44 10.60 -1.13
C TYR C 111 -29.90 10.18 -1.32
N PHE C 112 -30.15 9.36 -2.35
CA PHE C 112 -31.43 8.69 -2.46
C PHE C 112 -31.87 8.11 -1.12
N GLN C 113 -33.07 8.46 -0.69
CA GLN C 113 -33.66 7.98 0.56
C GLN C 113 -32.99 8.44 1.85
N GLU C 114 -32.01 9.35 1.77
CA GLU C 114 -31.30 9.72 3.00
C GLU C 114 -32.21 10.29 4.09
N THR C 115 -32.14 9.73 5.29
CA THR C 115 -32.73 10.32 6.50
C THR C 115 -31.69 10.09 7.59
N HIS C 116 -31.99 10.53 8.80
CA HIS C 116 -31.11 10.29 9.94
C HIS C 116 -31.94 9.64 11.03
N PRO C 117 -32.17 8.32 10.90
CA PRO C 117 -33.04 7.63 11.86
C PRO C 117 -32.53 7.76 13.30
N GLN C 118 -31.21 7.83 13.47
CA GLN C 118 -30.65 7.92 14.81
C GLN C 118 -31.03 9.22 15.51
N GLU C 119 -31.48 10.22 14.75
CA GLU C 119 -32.07 11.43 15.35
C GLU C 119 -33.58 11.35 15.45
N LEU C 120 -34.25 10.91 14.40
CA LEU C 120 -35.71 10.85 14.39
C LEU C 120 -36.31 10.09 15.57
N PHE C 121 -35.68 8.97 15.96
CA PHE C 121 -36.32 8.07 16.90
C PHE C 121 -35.97 8.35 18.35
N ARG C 122 -35.24 9.45 18.64
CA ARG C 122 -34.84 9.67 20.02
C ARG C 122 -36.01 9.78 20.97
N GLU C 123 -37.07 10.49 20.57
CA GLU C 123 -38.15 10.72 21.51
C GLU C 123 -38.93 9.44 21.84
N CYS C 124 -39.01 8.52 20.88
CA CYS C 124 -39.84 7.33 21.09
C CYS C 124 -38.97 6.13 21.39
N SER C 125 -37.89 6.34 22.14
CA SER C 125 -37.03 5.23 22.50
C SER C 125 -36.23 5.62 23.72
N HIS C 126 -35.64 4.66 24.42
CA HIS C 126 -34.64 5.07 25.44
C HIS C 126 -33.24 4.74 25.05
N TYR C 127 -33.07 4.25 23.83
CA TYR C 127 -31.76 3.98 23.29
C TYR C 127 -31.87 4.02 21.80
N CYS C 128 -30.96 4.71 21.13
CA CYS C 128 -31.07 4.90 19.69
C CYS C 128 -29.68 5.27 19.13
N GLU C 129 -29.05 4.38 18.37
CA GLU C 129 -27.70 4.67 17.88
C GLU C 129 -27.43 4.09 16.52
N LEU C 130 -26.51 4.74 15.81
CA LEU C 130 -26.09 4.32 14.49
C LEU C 130 -24.90 3.38 14.64
N VAL C 131 -24.96 2.24 13.96
CA VAL C 131 -23.82 1.35 13.87
C VAL C 131 -23.01 1.66 12.63
N SER C 132 -21.95 2.45 12.80
CA SER C 132 -21.05 2.85 11.69
C SER C 132 -20.01 1.78 11.48
N SER C 133 -19.66 1.10 12.55
CA SER C 133 -18.56 0.16 12.55
C SER C 133 -18.99 -1.20 13.09
N PRO C 134 -18.60 -2.28 12.42
CA PRO C 134 -18.92 -3.60 12.94
C PRO C 134 -18.48 -3.77 14.40
N GLU C 135 -17.37 -3.14 14.79
CA GLU C 135 -16.88 -3.30 16.17
C GLU C 135 -17.89 -2.77 17.22
N GLN C 136 -18.84 -1.92 16.82
CA GLN C 136 -19.85 -1.44 17.74
C GLN C 136 -20.88 -2.48 18.10
N ILE C 137 -21.20 -3.40 17.17
CA ILE C 137 -22.45 -4.14 17.31
C ILE C 137 -22.59 -4.91 18.65
N PRO C 138 -21.52 -5.49 19.17
CA PRO C 138 -21.81 -6.22 20.45
C PRO C 138 -22.25 -5.31 21.60
N GLN C 139 -21.63 -4.13 21.75
CA GLN C 139 -22.04 -3.21 22.81
C GLN C 139 -23.38 -2.58 22.51
N VAL C 140 -23.56 -2.11 21.29
CA VAL C 140 -24.81 -1.43 20.92
C VAL C 140 -26.01 -2.38 21.06
N LEU C 141 -25.88 -3.60 20.54
CA LEU C 141 -26.96 -4.56 20.65
C LEU C 141 -27.24 -4.96 22.10
N ALA C 142 -26.19 -5.15 22.89
CA ALA C 142 -26.37 -5.54 24.27
C ALA C 142 -27.14 -4.47 25.05
N ILE C 143 -26.75 -3.21 24.92
CA ILE C 143 -27.39 -2.14 25.62
C ILE C 143 -28.82 -2.00 25.09
N ALA C 144 -28.96 -1.97 23.76
CA ALA C 144 -30.30 -1.85 23.18
C ALA C 144 -31.25 -2.91 23.76
N MET C 145 -30.84 -4.17 23.76
CA MET C 145 -31.74 -5.23 24.19
C MET C 145 -31.99 -5.14 25.68
N ARG C 146 -30.93 -4.87 26.46
CA ARG C 146 -31.09 -4.80 27.89
C ARG C 146 -32.04 -3.66 28.32
N LYS C 147 -31.88 -2.48 27.72
CA LYS C 147 -32.74 -1.38 28.04
C LYS C 147 -34.17 -1.68 27.59
N ALA C 148 -34.35 -2.26 26.41
CA ALA C 148 -35.70 -2.52 25.95
C ALA C 148 -36.41 -3.41 26.94
N VAL C 149 -35.73 -4.45 27.40
CA VAL C 149 -36.38 -5.41 28.27
C VAL C 149 -36.56 -4.86 29.67
N LEU C 150 -35.49 -4.36 30.28
CA LEU C 150 -35.54 -3.99 31.69
C LEU C 150 -36.14 -2.59 31.93
N ASN C 151 -35.89 -1.64 31.03
CA ASN C 151 -36.54 -0.34 31.15
C ASN C 151 -37.92 -0.33 30.52
N ARG C 152 -38.30 -1.41 29.84
CA ARG C 152 -39.67 -1.57 29.30
C ARG C 152 -40.02 -0.49 28.27
N GLY C 153 -39.45 -0.59 27.09
CA GLY C 153 -39.70 0.39 26.06
C GLY C 153 -38.94 0.05 24.79
N VAL C 154 -38.82 1.03 23.90
CA VAL C 154 -38.28 0.80 22.57
C VAL C 154 -36.80 1.13 22.55
N SER C 155 -36.01 0.27 21.91
CA SER C 155 -34.63 0.58 21.57
C SER C 155 -34.51 0.52 20.06
N VAL C 156 -33.68 1.40 19.49
CA VAL C 156 -33.50 1.44 18.05
C VAL C 156 -32.04 1.27 17.68
N VAL C 157 -31.77 0.35 16.75
CA VAL C 157 -30.44 0.14 16.24
C VAL C 157 -30.49 0.49 14.75
N VAL C 158 -29.67 1.46 14.34
CA VAL C 158 -29.69 1.94 12.97
C VAL C 158 -28.50 1.33 12.26
N LEU C 159 -28.77 0.62 11.17
CA LEU C 159 -27.77 -0.27 10.56
C LEU C 159 -27.65 -0.06 9.07
N PRO C 160 -26.62 0.68 8.62
CA PRO C 160 -26.44 0.85 7.18
C PRO C 160 -26.29 -0.53 6.52
N GLY C 161 -26.90 -0.68 5.36
CA GLY C 161 -26.92 -1.95 4.66
C GLY C 161 -25.56 -2.49 4.37
N ASP C 162 -24.58 -1.64 4.06
CA ASP C 162 -23.22 -2.12 3.82
C ASP C 162 -22.58 -2.65 5.12
N VAL C 163 -22.78 -1.93 6.23
CA VAL C 163 -22.22 -2.37 7.50
C VAL C 163 -22.81 -3.73 7.91
N ALA C 164 -24.10 -3.94 7.65
CA ALA C 164 -24.76 -5.17 7.95
C ALA C 164 -24.07 -6.37 7.31
N LEU C 165 -23.44 -6.14 6.15
CA LEU C 165 -22.84 -7.23 5.39
C LEU C 165 -21.39 -7.44 5.73
N LYS C 166 -20.86 -6.62 6.62
CA LYS C 166 -19.45 -6.77 7.01
C LYS C 166 -19.29 -7.83 8.07
N PRO C 167 -18.06 -8.34 8.25
CA PRO C 167 -17.88 -9.38 9.28
C PRO C 167 -18.12 -8.83 10.69
N ALA C 168 -18.90 -9.53 11.50
CA ALA C 168 -19.00 -9.24 12.91
C ALA C 168 -17.65 -9.47 13.60
N PRO C 169 -17.39 -8.84 14.75
CA PRO C 169 -16.16 -9.08 15.50
C PRO C 169 -16.06 -10.56 15.86
N GLU C 170 -14.89 -11.17 15.70
CA GLU C 170 -14.79 -12.63 15.88
C GLU C 170 -14.99 -13.13 17.32
N GLY C 171 -14.62 -12.32 18.31
CA GLY C 171 -14.74 -12.78 19.69
C GLY C 171 -16.10 -12.52 20.32
N ALA C 172 -16.98 -11.83 19.57
CA ALA C 172 -18.28 -11.44 20.12
C ALA C 172 -19.10 -12.65 20.54
N THR C 173 -19.89 -12.52 21.60
CA THR C 173 -20.71 -13.64 21.97
C THR C 173 -22.18 -13.39 21.66
N MET C 174 -22.88 -14.45 21.27
CA MET C 174 -24.27 -14.34 20.90
C MET C 174 -25.20 -14.90 21.96
N HIS C 175 -24.67 -15.59 22.98
CA HIS C 175 -25.54 -16.09 24.04
C HIS C 175 -26.11 -14.93 24.86
N TRP C 176 -27.40 -15.00 25.18
CA TRP C 176 -28.06 -13.98 25.98
C TRP C 176 -28.45 -14.50 27.35
N TYR C 177 -27.99 -13.83 28.41
CA TYR C 177 -28.45 -14.18 29.74
C TYR C 177 -29.74 -13.41 30.07
N HIS C 178 -30.84 -14.08 30.39
CA HIS C 178 -32.10 -13.34 30.72
C HIS C 178 -32.01 -12.89 32.17
N ALA C 179 -31.92 -11.60 32.39
CA ALA C 179 -32.00 -11.07 33.75
C ALA C 179 -33.40 -10.57 34.02
N PRO C 180 -34.08 -11.15 35.02
CA PRO C 180 -35.41 -10.69 35.43
C PRO C 180 -35.36 -9.30 36.10
N GLN C 181 -36.50 -8.65 36.25
CA GLN C 181 -36.57 -7.44 37.07
C GLN C 181 -36.04 -7.73 38.48
N PRO C 182 -35.42 -6.73 39.11
CA PRO C 182 -35.06 -6.91 40.51
C PRO C 182 -36.29 -6.75 41.40
N VAL C 183 -36.16 -7.08 42.67
CA VAL C 183 -37.15 -6.73 43.66
C VAL C 183 -36.87 -5.28 44.08
N VAL C 184 -37.89 -4.42 43.98
CA VAL C 184 -37.74 -3.02 44.34
CA VAL C 184 -37.76 -3.00 44.31
C VAL C 184 -38.76 -2.61 45.37
N THR C 185 -38.29 -2.27 46.56
CA THR C 185 -39.21 -1.94 47.62
C THR C 185 -38.65 -0.79 48.45
N PRO C 186 -39.53 0.09 48.94
CA PRO C 186 -39.05 1.27 49.66
C PRO C 186 -38.36 0.88 50.96
N GLU C 187 -37.54 1.78 51.48
CA GLU C 187 -36.90 1.57 52.77
C GLU C 187 -37.89 1.28 53.89
N GLU C 188 -37.49 0.42 54.80
CA GLU C 188 -38.40 0.11 55.89
C GLU C 188 -38.94 1.37 56.58
N GLU C 189 -38.06 2.33 56.88
N GLU C 189 -38.03 2.31 56.84
CA GLU C 189 -38.52 3.57 57.51
CA GLU C 189 -38.39 3.59 57.45
C GLU C 189 -39.63 4.26 56.70
C GLU C 189 -39.55 4.29 56.71
N GLU C 190 -39.49 4.29 55.37
CA GLU C 190 -40.51 4.91 54.53
C GLU C 190 -41.85 4.18 54.62
N LEU C 191 -41.82 2.85 54.64
CA LEU C 191 -43.03 2.08 54.83
C LEU C 191 -43.70 2.39 56.18
N ARG C 192 -42.90 2.49 57.24
CA ARG C 192 -43.41 2.82 58.56
C ARG C 192 -44.09 4.19 58.52
N LYS C 193 -43.46 5.14 57.83
CA LYS C 193 -44.04 6.47 57.71
C LYS C 193 -45.38 6.44 56.97
N LEU C 194 -45.43 5.68 55.87
CA LEU C 194 -46.67 5.51 55.14
C LEU C 194 -47.75 4.88 56.01
N ALA C 195 -47.40 3.82 56.73
CA ALA C 195 -48.38 3.14 57.59
C ALA C 195 -48.91 4.10 58.62
N GLN C 196 -48.04 4.91 59.20
CA GLN C 196 -48.47 5.88 60.18
C GLN C 196 -49.40 6.91 59.55
N LEU C 197 -49.07 7.37 58.35
CA LEU C 197 -49.90 8.33 57.65
C LEU C 197 -51.30 7.74 57.41
N LEU C 198 -51.37 6.52 56.93
CA LEU C 198 -52.65 5.89 56.66
C LEU C 198 -53.47 5.72 57.95
N ARG C 199 -52.79 5.45 59.06
CA ARG C 199 -53.42 5.32 60.34
C ARG C 199 -54.23 6.56 60.71
N TYR C 200 -53.74 7.71 60.31
CA TYR C 200 -54.37 8.97 60.68
C TYR C 200 -55.06 9.66 59.49
N SER C 201 -55.33 8.92 58.43
CA SER C 201 -56.02 9.48 57.27
C SER C 201 -57.42 8.91 57.19
N SER C 202 -58.34 9.66 56.58
CA SER C 202 -59.70 9.15 56.39
C SER C 202 -60.12 9.32 54.94
N ASN C 203 -61.22 8.67 54.58
CA ASN C 203 -61.79 8.82 53.25
C ASN C 203 -60.72 8.66 52.19
N ILE C 204 -60.11 7.48 52.19
CA ILE C 204 -59.00 7.16 51.31
C ILE C 204 -59.52 6.47 50.08
N ALA C 205 -59.06 6.91 48.91
CA ALA C 205 -59.32 6.18 47.69
C ALA C 205 -58.00 5.77 47.06
N LEU C 206 -58.00 4.68 46.31
CA LEU C 206 -56.82 4.25 45.58
C LEU C 206 -57.07 4.48 44.09
N MET C 207 -56.11 5.11 43.41
CA MET C 207 -56.17 5.25 41.96
C MET C 207 -55.13 4.29 41.39
N CYS C 208 -55.58 3.26 40.69
CA CYS C 208 -54.70 2.17 40.32
C CYS C 208 -54.53 2.05 38.82
N GLY C 209 -53.28 1.93 38.38
CA GLY C 209 -52.96 1.81 36.96
C GLY C 209 -52.28 0.48 36.66
N SER C 210 -51.69 0.37 35.48
CA SER C 210 -51.14 -0.93 35.08
C SER C 210 -49.94 -1.37 35.90
N GLY C 211 -49.39 -0.45 36.69
CA GLY C 211 -48.32 -0.81 37.63
C GLY C 211 -48.77 -1.86 38.64
N CYS C 212 -50.10 -2.01 38.79
CA CYS C 212 -50.67 -3.00 39.71
C CYS C 212 -50.74 -4.38 39.08
N ALA C 213 -50.36 -4.50 37.81
CA ALA C 213 -50.36 -5.82 37.17
C ALA C 213 -49.60 -6.82 38.04
N GLY C 214 -50.18 -7.98 38.31
CA GLY C 214 -49.46 -8.98 39.08
C GLY C 214 -49.62 -8.83 40.60
N ALA C 215 -50.28 -7.74 41.02
CA ALA C 215 -50.47 -7.44 42.43
C ALA C 215 -51.92 -7.47 42.88
N HIS C 216 -52.77 -8.13 42.09
CA HIS C 216 -54.22 -8.14 42.35
C HIS C 216 -54.54 -8.53 43.79
N LYS C 217 -53.98 -9.64 44.23
CA LYS C 217 -54.24 -10.19 45.56
C LYS C 217 -53.90 -9.19 46.66
N GLU C 218 -52.71 -8.61 46.58
CA GLU C 218 -52.24 -7.63 47.56
C GLU C 218 -53.10 -6.35 47.50
N LEU C 219 -53.43 -5.90 46.30
CA LEU C 219 -54.21 -4.71 46.11
C LEU C 219 -55.57 -4.84 46.78
N VAL C 220 -56.26 -5.93 46.50
CA VAL C 220 -57.58 -6.15 47.05
C VAL C 220 -57.53 -6.28 48.57
N GLU C 221 -56.52 -6.97 49.07
CA GLU C 221 -56.35 -7.12 50.50
C GLU C 221 -56.08 -5.74 51.16
N PHE C 222 -55.26 -4.91 50.52
CA PHE C 222 -54.95 -3.60 51.03
C PHE C 222 -56.19 -2.73 51.08
N ALA C 223 -56.95 -2.67 49.99
CA ALA C 223 -58.17 -1.88 49.95
C ALA C 223 -59.13 -2.29 51.04
N GLY C 224 -59.29 -3.59 51.23
CA GLY C 224 -60.20 -4.10 52.25
C GLY C 224 -59.74 -3.77 53.64
N LYS C 225 -58.43 -3.81 53.86
CA LYS C 225 -57.88 -3.56 55.18
C LYS C 225 -58.13 -2.11 55.63
N ILE C 226 -57.88 -1.13 54.75
CA ILE C 226 -58.10 0.26 55.10
C ILE C 226 -59.45 0.81 54.65
N LYS C 227 -60.27 -0.02 54.03
CA LYS C 227 -61.59 0.39 53.54
C LYS C 227 -61.51 1.52 52.51
N ALA C 228 -60.77 1.29 51.42
CA ALA C 228 -60.59 2.28 50.39
C ALA C 228 -61.21 1.81 49.09
N PRO C 229 -62.17 2.57 48.55
CA PRO C 229 -62.65 2.23 47.22
C PRO C 229 -61.50 2.37 46.23
N ILE C 230 -61.53 1.59 45.16
CA ILE C 230 -60.51 1.66 44.15
C ILE C 230 -61.10 2.26 42.88
N VAL C 231 -60.42 3.24 42.30
CA VAL C 231 -60.73 3.57 40.92
C VAL C 231 -59.53 3.20 40.09
N HIS C 232 -59.75 2.82 38.83
CA HIS C 232 -58.64 2.42 38.02
C HIS C 232 -58.48 3.33 36.79
N ALA C 233 -57.25 3.59 36.40
CA ALA C 233 -56.96 4.28 35.17
C ALA C 233 -57.23 3.27 34.05
N LEU C 234 -57.44 3.75 32.84
CA LEU C 234 -57.79 2.83 31.76
C LEU C 234 -56.83 1.65 31.62
N ARG C 235 -55.52 1.90 31.67
CA ARG C 235 -54.57 0.78 31.44
C ARG C 235 -54.51 -0.16 32.67
N GLY C 236 -55.19 0.23 33.76
CA GLY C 236 -55.31 -0.66 34.91
C GLY C 236 -56.52 -1.58 34.82
N LYS C 237 -57.45 -1.27 33.91
CA LYS C 237 -58.73 -1.97 33.85
C LYS C 237 -58.54 -3.48 33.80
N GLU C 238 -57.77 -3.97 32.84
CA GLU C 238 -57.64 -5.41 32.72
C GLU C 238 -56.98 -6.06 33.96
N HIS C 239 -56.22 -5.28 34.74
CA HIS C 239 -55.50 -5.83 35.88
C HIS C 239 -56.22 -5.69 37.22
N VAL C 240 -57.25 -4.86 37.27
CA VAL C 240 -57.81 -4.41 38.54
C VAL C 240 -59.30 -4.64 38.61
N GLU C 241 -59.98 -4.58 37.47
CA GLU C 241 -61.45 -4.58 37.47
C GLU C 241 -62.03 -5.99 37.33
N TYR C 242 -61.72 -6.85 38.28
CA TYR C 242 -62.37 -8.15 38.33
C TYR C 242 -62.08 -8.72 39.70
N ASP C 243 -62.94 -9.62 40.18
CA ASP C 243 -62.81 -10.18 41.52
C ASP C 243 -62.37 -9.10 42.50
N ASN C 244 -63.11 -8.00 42.52
CA ASN C 244 -62.65 -6.82 43.25
C ASN C 244 -63.85 -6.06 43.76
N PRO C 245 -64.27 -6.38 44.98
CA PRO C 245 -65.46 -5.73 45.51
C PRO C 245 -65.26 -4.25 45.83
N TYR C 246 -64.03 -3.75 45.69
CA TYR C 246 -63.74 -2.36 46.03
C TYR C 246 -63.70 -1.46 44.80
N ASP C 247 -63.74 -2.05 43.62
CA ASP C 247 -63.58 -1.27 42.40
C ASP C 247 -64.83 -0.52 42.04
N VAL C 248 -64.68 0.77 41.80
CA VAL C 248 -65.83 1.59 41.57
C VAL C 248 -65.79 2.34 40.20
N GLY C 249 -64.96 1.84 39.29
CA GLY C 249 -64.95 2.34 37.93
C GLY C 249 -63.78 3.24 37.58
N MET C 250 -64.04 4.24 36.73
CA MET C 250 -63.00 5.13 36.20
C MET C 250 -63.45 6.57 36.31
N THR C 251 -62.50 7.52 36.31
CA THR C 251 -62.79 8.94 36.02
C THR C 251 -62.23 9.29 34.66
N GLY C 252 -62.11 10.60 34.43
CA GLY C 252 -61.78 11.14 33.13
C GLY C 252 -63.07 11.23 32.35
N LEU C 253 -63.01 11.85 31.18
CA LEU C 253 -64.19 12.08 30.38
C LEU C 253 -64.92 10.78 30.00
N ILE C 254 -64.19 9.68 29.86
CA ILE C 254 -64.86 8.45 29.49
C ILE C 254 -65.17 7.57 30.70
N GLY C 255 -64.82 8.04 31.89
CA GLY C 255 -65.14 7.33 33.12
C GLY C 255 -66.58 7.56 33.46
N PHE C 256 -66.96 7.34 34.71
CA PHE C 256 -68.33 7.57 35.09
C PHE C 256 -68.47 8.15 36.48
N SER C 257 -69.73 8.46 36.85
CA SER C 257 -70.00 9.24 38.05
C SER C 257 -69.33 8.69 39.32
N SER C 258 -69.44 7.39 39.56
CA SER C 258 -68.87 6.80 40.75
C SER C 258 -67.35 7.01 40.83
N GLY C 259 -66.66 6.75 39.74
CA GLY C 259 -65.22 7.02 39.68
C GLY C 259 -64.97 8.51 39.87
N PHE C 260 -65.73 9.32 39.15
CA PHE C 260 -65.52 10.76 39.21
C PHE C 260 -65.63 11.26 40.65
N HIS C 261 -66.77 10.98 41.30
CA HIS C 261 -67.02 11.45 42.67
C HIS C 261 -66.07 10.87 43.71
N THR C 262 -65.75 9.59 43.58
CA THR C 262 -64.89 8.96 44.59
C THR C 262 -63.54 9.67 44.58
N MET C 263 -63.04 9.92 43.39
CA MET C 263 -61.81 10.66 43.22
C MET C 263 -61.88 12.09 43.72
N MET C 264 -62.91 12.82 43.31
CA MET C 264 -63.03 14.23 43.73
C MET C 264 -63.22 14.37 45.24
N ASN C 265 -63.92 13.44 45.85
CA ASN C 265 -64.32 13.63 47.25
C ASN C 265 -63.38 13.03 48.29
N ALA C 266 -62.40 12.24 47.82
CA ALA C 266 -61.44 11.64 48.74
C ALA C 266 -60.67 12.70 49.52
N ASP C 267 -60.39 12.44 50.79
CA ASP C 267 -59.50 13.30 51.57
C ASP C 267 -58.05 12.83 51.48
N THR C 268 -57.85 11.57 51.05
CA THR C 268 -56.53 10.99 50.94
C THR C 268 -56.56 10.13 49.72
N LEU C 269 -55.58 10.31 48.85
CA LEU C 269 -55.56 9.61 47.59
C LEU C 269 -54.23 8.89 47.44
N VAL C 270 -54.27 7.59 47.16
CA VAL C 270 -53.05 6.81 46.96
C VAL C 270 -52.94 6.42 45.50
N LEU C 271 -51.97 6.99 44.78
CA LEU C 271 -51.72 6.62 43.39
C LEU C 271 -50.82 5.40 43.32
N LEU C 272 -51.35 4.29 42.83
CA LEU C 272 -50.58 3.06 42.75
C LEU C 272 -50.29 2.70 41.30
N GLY C 273 -49.03 2.86 40.90
CA GLY C 273 -48.62 2.46 39.56
C GLY C 273 -49.49 3.09 38.49
N THR C 274 -49.65 4.40 38.53
CA THR C 274 -50.46 5.09 37.53
C THR C 274 -49.84 6.37 36.97
N GLN C 275 -50.25 6.70 35.76
CA GLN C 275 -49.77 7.86 34.97
C GLN C 275 -51.04 8.59 34.51
N PHE C 276 -52.19 8.27 35.09
CA PHE C 276 -53.44 8.93 34.72
C PHE C 276 -53.18 10.43 34.48
N PRO C 277 -53.36 10.87 33.22
CA PRO C 277 -52.82 12.18 32.86
C PRO C 277 -53.73 13.39 33.00
N TYR C 278 -55.00 13.19 33.33
CA TYR C 278 -55.96 14.31 33.26
C TYR C 278 -56.02 15.10 34.57
N ARG C 279 -55.19 16.11 34.65
CA ARG C 279 -54.92 16.81 35.92
C ARG C 279 -56.16 17.33 36.65
N ALA C 280 -57.17 17.76 35.91
CA ALA C 280 -58.33 18.41 36.56
C ALA C 280 -59.22 17.40 37.29
N PHE C 281 -59.00 16.11 37.07
CA PHE C 281 -59.81 15.09 37.73
C PHE C 281 -59.21 14.64 39.08
N TYR C 282 -58.05 15.16 39.45
CA TYR C 282 -57.52 14.87 40.77
C TYR C 282 -58.15 15.85 41.73
N PRO C 283 -58.38 15.44 42.97
CA PRO C 283 -59.04 16.36 43.91
C PRO C 283 -58.15 17.55 44.24
N THR C 284 -58.77 18.68 44.57
CA THR C 284 -58.01 19.88 44.93
C THR C 284 -57.28 19.87 46.29
N ASP C 285 -57.98 19.51 47.36
CA ASP C 285 -57.27 19.42 48.64
C ASP C 285 -57.46 18.13 49.39
N ALA C 286 -56.53 17.23 49.14
CA ALA C 286 -56.48 15.92 49.68
C ALA C 286 -55.02 15.67 49.80
N LYS C 287 -54.62 14.88 50.79
CA LYS C 287 -53.25 14.36 50.77
C LYS C 287 -53.13 13.43 49.61
N ILE C 288 -52.06 13.56 48.85
CA ILE C 288 -51.78 12.62 47.79
C ILE C 288 -50.48 11.88 48.02
N ILE C 289 -50.58 10.56 47.94
CA ILE C 289 -49.46 9.66 48.12
C ILE C 289 -49.28 8.93 46.80
N GLN C 290 -48.04 8.81 46.35
CA GLN C 290 -47.81 8.11 45.10
C GLN C 290 -46.68 7.10 45.23
N ILE C 291 -46.95 5.88 44.76
CA ILE C 291 -45.97 4.81 44.71
C ILE C 291 -45.79 4.43 43.25
N ASP C 292 -44.55 4.39 42.77
CA ASP C 292 -44.27 4.06 41.38
C ASP C 292 -42.81 3.57 41.28
N ILE C 293 -42.49 2.72 40.30
CA ILE C 293 -41.07 2.37 40.11
C ILE C 293 -40.31 3.43 39.34
N ASN C 294 -41.02 4.34 38.68
CA ASN C 294 -40.35 5.29 37.81
C ASN C 294 -40.39 6.70 38.38
N PRO C 295 -39.23 7.22 38.77
CA PRO C 295 -39.21 8.57 39.33
C PRO C 295 -39.88 9.59 38.41
N ALA C 296 -39.86 9.37 37.10
CA ALA C 296 -40.45 10.32 36.18
C ALA C 296 -41.98 10.40 36.26
N SER C 297 -42.60 9.40 36.88
CA SER C 297 -44.03 9.38 36.99
C SER C 297 -44.48 10.15 38.23
N ILE C 298 -43.55 10.38 39.14
CA ILE C 298 -43.94 10.88 40.44
C ILE C 298 -44.16 12.37 40.38
N GLY C 299 -45.41 12.80 40.56
CA GLY C 299 -45.72 14.21 40.49
C GLY C 299 -45.98 14.68 39.07
N ALA C 300 -46.14 13.75 38.13
CA ALA C 300 -46.26 14.16 36.74
C ALA C 300 -47.60 14.84 36.46
N HIS C 301 -48.64 14.44 37.17
CA HIS C 301 -49.98 14.95 36.90
C HIS C 301 -50.72 15.39 38.15
N SER C 302 -50.00 15.55 39.27
CA SER C 302 -50.61 16.03 40.49
C SER C 302 -49.54 16.41 41.47
N LYS C 303 -49.91 17.19 42.49
CA LYS C 303 -49.00 17.40 43.58
C LYS C 303 -48.82 16.06 44.28
N VAL C 304 -47.74 15.94 45.05
CA VAL C 304 -47.49 14.72 45.79
C VAL C 304 -47.03 15.08 47.20
N ASP C 305 -47.77 14.64 48.21
CA ASP C 305 -47.40 14.92 49.59
C ASP C 305 -46.45 13.90 50.16
N MET C 306 -46.54 12.66 49.66
CA MET C 306 -45.58 11.62 50.02
C MET C 306 -45.34 10.73 48.82
N ALA C 307 -44.07 10.56 48.48
CA ALA C 307 -43.67 9.74 47.32
C ALA C 307 -42.85 8.56 47.79
N LEU C 308 -43.12 7.39 47.21
CA LEU C 308 -42.28 6.22 47.47
C LEU C 308 -41.96 5.54 46.15
N VAL C 309 -40.70 5.13 45.98
CA VAL C 309 -40.31 4.37 44.83
C VAL C 309 -40.38 2.91 45.21
N GLY C 310 -41.19 2.14 44.48
CA GLY C 310 -41.27 0.72 44.74
C GLY C 310 -42.15 0.04 43.74
N ASP C 311 -41.97 -1.26 43.60
CA ASP C 311 -42.85 -2.05 42.77
C ASP C 311 -44.11 -2.35 43.60
N ILE C 312 -45.29 -2.29 42.99
CA ILE C 312 -46.53 -2.38 43.79
C ILE C 312 -46.66 -3.68 44.57
N LYS C 313 -46.38 -4.79 43.91
CA LYS C 313 -46.52 -6.09 44.56
C LYS C 313 -45.65 -6.16 45.80
N SER C 314 -44.38 -5.88 45.68
CA SER C 314 -43.55 -6.09 46.86
C SER C 314 -43.70 -4.98 47.90
N THR C 315 -44.04 -3.78 47.46
CA THR C 315 -44.36 -2.71 48.40
C THR C 315 -45.58 -3.06 49.26
N LEU C 316 -46.67 -3.47 48.61
CA LEU C 316 -47.86 -3.84 49.38
C LEU C 316 -47.59 -5.03 50.30
N ARG C 317 -46.79 -6.00 49.85
CA ARG C 317 -46.47 -7.13 50.71
C ARG C 317 -45.73 -6.70 51.95
N ALA C 318 -44.83 -5.74 51.81
CA ALA C 318 -44.07 -5.27 52.95
C ALA C 318 -44.91 -4.32 53.81
N LEU C 319 -45.84 -3.60 53.18
CA LEU C 319 -46.64 -2.61 53.85
C LEU C 319 -47.78 -3.23 54.68
N LEU C 320 -48.46 -4.22 54.09
CA LEU C 320 -49.64 -4.81 54.72
C LEU C 320 -49.51 -5.14 56.20
N PRO C 321 -48.41 -5.85 56.60
CA PRO C 321 -48.33 -6.20 58.02
C PRO C 321 -48.14 -4.97 58.93
N LEU C 322 -47.74 -3.83 58.37
CA LEU C 322 -47.53 -2.64 59.16
C LEU C 322 -48.81 -1.83 59.32
N VAL C 323 -49.77 -2.10 58.45
CA VAL C 323 -51.00 -1.33 58.39
C VAL C 323 -52.09 -1.92 59.27
N GLU C 324 -52.62 -1.09 60.15
CA GLU C 324 -53.66 -1.48 61.06
C GLU C 324 -54.98 -1.50 60.29
N GLU C 325 -55.83 -2.48 60.58
CA GLU C 325 -57.15 -2.56 59.96
C GLU C 325 -58.04 -1.40 60.44
N LYS C 326 -58.72 -0.72 59.51
CA LYS C 326 -59.63 0.37 59.87
C LYS C 326 -61.08 -0.14 59.91
N ALA C 327 -61.84 0.30 60.91
CA ALA C 327 -63.25 -0.11 61.02
C ALA C 327 -64.19 0.78 60.22
N ASP C 328 -63.79 2.03 60.01
CA ASP C 328 -64.65 3.03 59.39
C ASP C 328 -64.76 2.84 57.86
N ARG C 329 -65.96 2.50 57.40
CA ARG C 329 -66.19 2.16 56.01
C ARG C 329 -67.26 3.00 55.34
N LYS C 330 -67.57 4.16 55.91
CA LYS C 330 -68.58 5.05 55.33
C LYS C 330 -68.23 5.48 53.93
N PHE C 331 -66.98 5.93 53.73
CA PHE C 331 -66.58 6.42 52.45
C PHE C 331 -66.68 5.30 51.40
N LEU C 332 -66.17 4.13 51.75
CA LEU C 332 -66.25 3.01 50.85
C LEU C 332 -67.70 2.64 50.50
N ASP C 333 -68.57 2.58 51.52
CA ASP C 333 -69.95 2.22 51.28
C ASP C 333 -70.67 3.21 50.36
N LYS C 334 -70.38 4.50 50.53
CA LYS C 334 -70.97 5.51 49.68
C LYS C 334 -70.46 5.39 48.24
N ALA C 335 -69.17 5.15 48.08
CA ALA C 335 -68.64 4.90 46.75
C ALA C 335 -69.30 3.69 46.08
N LEU C 336 -69.50 2.62 46.84
CA LEU C 336 -70.11 1.42 46.28
C LEU C 336 -71.55 1.68 45.86
N GLU C 337 -72.25 2.52 46.62
CA GLU C 337 -73.60 2.89 46.29
C GLU C 337 -73.65 3.74 45.03
N ASP C 338 -72.74 4.71 44.92
CA ASP C 338 -72.55 5.51 43.71
C ASP C 338 -72.30 4.57 42.52
N TYR C 339 -71.47 3.57 42.74
CA TYR C 339 -71.13 2.64 41.69
C TYR C 339 -72.34 1.87 41.19
N ARG C 340 -73.16 1.38 42.11
CA ARG C 340 -74.38 0.68 41.74
C ARG C 340 -75.25 1.54 40.83
N ASP C 341 -75.38 2.83 41.16
CA ASP C 341 -76.18 3.76 40.36
C ASP C 341 -75.55 3.96 38.99
N ALA C 342 -74.24 4.16 38.96
CA ALA C 342 -73.54 4.38 37.71
C ALA C 342 -73.67 3.19 36.77
N ARG C 343 -73.53 1.98 37.28
N ARG C 343 -73.54 1.97 37.28
CA ARG C 343 -73.58 0.81 36.42
CA ARG C 343 -73.56 0.77 36.43
C ARG C 343 -74.96 0.67 35.83
C ARG C 343 -74.96 0.67 35.82
N LYS C 344 -75.95 1.00 36.62
CA LYS C 344 -77.30 0.91 36.14
C LYS C 344 -77.54 1.90 34.99
N GLY C 345 -76.94 3.09 35.10
CA GLY C 345 -77.06 4.10 34.05
C GLY C 345 -76.41 3.60 32.76
N LEU C 346 -75.23 3.02 32.91
CA LEU C 346 -74.49 2.39 31.81
C LEU C 346 -75.33 1.32 31.13
N ASP C 347 -75.99 0.48 31.94
CA ASP C 347 -76.75 -0.63 31.41
C ASP C 347 -77.98 -0.20 30.63
N ASP C 348 -78.57 0.93 31.03
CA ASP C 348 -79.78 1.44 30.39
C ASP C 348 -79.51 1.90 28.97
N LEU C 349 -78.28 2.31 28.73
CA LEU C 349 -77.87 2.75 27.41
C LEU C 349 -77.61 1.57 26.45
N ALA C 350 -77.44 0.37 26.99
CA ALA C 350 -77.01 -0.77 26.20
C ALA C 350 -78.15 -1.71 25.88
N LYS C 351 -79.20 -1.18 25.30
CA LYS C 351 -80.35 -2.02 25.03
C LYS C 351 -80.63 -2.07 23.52
N PRO C 352 -81.26 -3.15 23.07
CA PRO C 352 -81.65 -3.23 21.66
C PRO C 352 -82.76 -2.25 21.35
N SER C 353 -82.86 -1.83 20.10
CA SER C 353 -83.88 -0.90 19.67
C SER C 353 -84.19 -1.10 18.19
N GLU C 354 -85.31 -0.59 17.73
CA GLU C 354 -85.63 -0.68 16.30
C GLU C 354 -85.12 0.53 15.54
N LYS C 355 -84.79 1.58 16.29
CA LYS C 355 -84.29 2.85 15.73
C LYS C 355 -82.91 2.74 15.06
N ALA C 356 -81.95 2.20 15.79
CA ALA C 356 -80.56 2.27 15.34
C ALA C 356 -79.82 1.51 16.38
N ILE C 357 -78.63 1.04 16.03
CA ILE C 357 -77.96 0.20 16.97
C ILE C 357 -77.13 1.09 17.87
N HIS C 358 -77.43 1.07 19.16
CA HIS C 358 -76.60 1.77 20.11
C HIS C 358 -75.27 1.02 20.21
N PRO C 359 -74.15 1.73 19.97
CA PRO C 359 -72.87 1.08 20.04
C PRO C 359 -72.65 0.48 21.41
N GLN C 360 -73.28 1.03 22.43
CA GLN C 360 -73.01 0.46 23.74
C GLN C 360 -73.68 -0.90 23.90
N TYR C 361 -74.85 -1.09 23.27
CA TYR C 361 -75.44 -2.41 23.11
C TYR C 361 -74.47 -3.34 22.36
N LEU C 362 -73.91 -2.86 21.26
CA LEU C 362 -73.00 -3.69 20.49
C LEU C 362 -71.81 -4.15 21.36
N ALA C 363 -71.22 -3.22 22.10
CA ALA C 363 -70.07 -3.54 22.95
C ALA C 363 -70.46 -4.53 24.04
N GLN C 364 -71.62 -4.33 24.62
CA GLN C 364 -72.09 -5.22 25.67
C GLN C 364 -72.22 -6.67 25.15
N GLN C 365 -72.68 -6.81 23.91
CA GLN C 365 -72.94 -8.13 23.37
C GLN C 365 -71.62 -8.79 22.97
N ILE C 366 -70.66 -7.97 22.53
CA ILE C 366 -69.34 -8.47 22.25
C ILE C 366 -68.77 -9.10 23.52
N SER C 367 -68.88 -8.40 24.62
CA SER C 367 -68.41 -8.90 25.89
C SER C 367 -69.14 -10.18 26.29
N HIS C 368 -70.44 -10.24 26.01
CA HIS C 368 -71.24 -11.37 26.41
C HIS C 368 -70.89 -12.64 25.61
N PHE C 369 -70.65 -12.50 24.32
CA PHE C 369 -70.42 -13.67 23.47
C PHE C 369 -68.95 -14.02 23.22
N ALA C 370 -68.03 -13.09 23.47
CA ALA C 370 -66.60 -13.37 23.25
C ALA C 370 -66.09 -14.41 24.24
N ALA C 371 -64.97 -15.07 23.90
CA ALA C 371 -64.42 -16.11 24.77
C ALA C 371 -64.08 -15.58 26.15
N ASP C 372 -64.07 -16.51 27.08
N ASP C 372 -64.05 -16.49 27.11
CA ASP C 372 -63.63 -16.34 28.47
CA ASP C 372 -63.71 -16.16 28.49
C ASP C 372 -62.25 -15.72 28.63
C ASP C 372 -62.20 -15.88 28.70
N ASP C 373 -61.42 -15.92 27.62
CA ASP C 373 -60.04 -15.45 27.63
C ASP C 373 -59.71 -14.71 26.35
N ALA C 374 -60.69 -14.06 25.75
CA ALA C 374 -60.48 -13.33 24.53
C ALA C 374 -59.48 -12.20 24.75
N ILE C 375 -58.76 -11.86 23.69
CA ILE C 375 -57.95 -10.69 23.69
C ILE C 375 -58.66 -9.61 22.86
N PHE C 376 -58.96 -8.46 23.49
CA PHE C 376 -59.64 -7.37 22.81
C PHE C 376 -58.67 -6.25 22.49
N THR C 377 -58.81 -5.69 21.30
CA THR C 377 -58.11 -4.43 20.99
C THR C 377 -59.19 -3.44 20.61
N CYS C 378 -58.94 -2.15 20.82
CA CYS C 378 -59.97 -1.15 20.52
C CYS C 378 -59.34 0.13 19.95
N ASP C 379 -59.93 0.63 18.87
CA ASP C 379 -59.42 1.85 18.22
C ASP C 379 -59.57 3.08 19.11
N VAL C 380 -58.61 3.98 19.03
CA VAL C 380 -58.79 5.28 19.63
C VAL C 380 -59.99 5.92 18.97
N GLY C 381 -60.93 6.43 19.78
CA GLY C 381 -62.21 6.93 19.30
C GLY C 381 -63.31 6.31 20.16
N THR C 382 -64.57 6.29 19.68
CA THR C 382 -65.63 5.76 20.50
C THR C 382 -65.37 4.30 20.95
N PRO C 383 -64.66 3.48 20.12
CA PRO C 383 -64.51 2.10 20.58
C PRO C 383 -63.74 2.02 21.90
N THR C 384 -62.85 2.97 22.18
CA THR C 384 -62.18 3.00 23.46
C THR C 384 -63.15 3.29 24.60
N VAL C 385 -64.06 4.22 24.37
CA VAL C 385 -65.09 4.49 25.36
C VAL C 385 -65.93 3.22 25.66
N TRP C 386 -66.38 2.53 24.61
CA TRP C 386 -67.29 1.42 24.82
C TRP C 386 -66.55 0.26 25.46
N ALA C 387 -65.30 0.06 25.08
CA ALA C 387 -64.48 -0.99 25.69
C ALA C 387 -64.32 -0.71 27.17
N ALA C 388 -63.93 0.51 27.49
CA ALA C 388 -63.76 0.92 28.87
C ALA C 388 -65.02 0.63 29.71
N ARG C 389 -66.18 0.92 29.13
CA ARG C 389 -67.41 0.93 29.90
C ARG C 389 -68.12 -0.39 29.86
N TYR C 390 -67.88 -1.22 28.84
CA TYR C 390 -68.73 -2.40 28.66
C TYR C 390 -68.02 -3.74 28.60
N LEU C 391 -66.70 -3.76 28.41
CA LEU C 391 -65.99 -5.05 28.41
C LEU C 391 -65.81 -5.56 29.81
N LYS C 392 -66.32 -6.76 30.08
CA LYS C 392 -66.09 -7.35 31.38
C LYS C 392 -64.78 -8.14 31.44
N MET C 393 -63.89 -7.76 32.35
CA MET C 393 -62.58 -8.40 32.48
C MET C 393 -62.65 -9.45 33.56
N ASN C 394 -61.68 -10.36 33.60
CA ASN C 394 -61.76 -11.49 34.55
C ASN C 394 -60.44 -12.09 34.91
N GLY C 395 -59.35 -11.41 34.55
CA GLY C 395 -58.02 -11.90 34.85
C GLY C 395 -57.45 -12.78 33.76
N LYS C 396 -58.26 -13.12 32.76
CA LYS C 396 -57.78 -13.93 31.65
C LYS C 396 -57.89 -13.12 30.37
N ARG C 397 -59.01 -12.45 30.18
CA ARG C 397 -59.19 -11.54 29.06
C ARG C 397 -58.12 -10.43 29.09
N ARG C 398 -57.83 -9.86 27.93
CA ARG C 398 -56.88 -8.79 27.81
C ARG C 398 -57.47 -7.67 27.00
N LEU C 399 -57.02 -6.45 27.28
CA LEU C 399 -57.45 -5.29 26.53
C LEU C 399 -56.23 -4.49 26.08
N LEU C 400 -56.06 -4.34 24.77
CA LEU C 400 -54.97 -3.52 24.25
C LEU C 400 -55.54 -2.32 23.50
N GLY C 401 -54.84 -1.21 23.56
CA GLY C 401 -55.22 -0.06 22.78
C GLY C 401 -54.03 0.87 22.60
N SER C 402 -54.30 2.09 22.14
CA SER C 402 -53.29 3.09 22.07
C SER C 402 -53.65 4.16 23.08
N PHE C 403 -53.62 3.76 24.35
CA PHE C 403 -54.21 4.58 25.39
C PHE C 403 -53.37 5.80 25.81
N ASN C 404 -52.06 5.70 25.66
CA ASN C 404 -51.18 6.80 26.02
C ASN C 404 -50.82 7.65 24.81
N HIS C 405 -50.44 6.99 23.73
CA HIS C 405 -50.02 7.71 22.54
C HIS C 405 -51.27 8.24 21.79
N GLY C 406 -52.38 7.53 21.93
CA GLY C 406 -53.65 8.02 21.45
C GLY C 406 -53.79 8.06 19.94
N SER C 407 -53.26 7.04 19.27
CA SER C 407 -53.32 7.03 17.82
C SER C 407 -54.58 6.30 17.32
N MET C 408 -55.30 6.94 16.39
CA MET C 408 -56.26 6.21 15.58
C MET C 408 -55.63 4.98 14.94
N ALA C 409 -56.47 3.99 14.61
CA ALA C 409 -56.10 2.93 13.68
C ALA C 409 -55.24 1.83 14.29
N ASN C 410 -55.18 1.79 15.61
CA ASN C 410 -54.33 0.84 16.30
C ASN C 410 -54.96 -0.55 16.41
N ALA C 411 -56.29 -0.62 16.39
CA ALA C 411 -56.95 -1.86 16.81
C ALA C 411 -56.63 -3.07 15.94
N MET C 412 -56.81 -2.94 14.63
CA MET C 412 -56.56 -4.09 13.80
C MET C 412 -55.07 -4.46 13.77
N PRO C 413 -54.18 -3.46 13.64
CA PRO C 413 -52.77 -3.85 13.69
C PRO C 413 -52.37 -4.55 15.00
N GLN C 414 -52.87 -4.07 16.13
CA GLN C 414 -52.55 -4.76 17.37
C GLN C 414 -53.15 -6.17 17.37
N ALA C 415 -54.34 -6.32 16.79
CA ALA C 415 -55.00 -7.61 16.75
C ALA C 415 -54.15 -8.59 15.96
N LEU C 416 -53.55 -8.08 14.91
CA LEU C 416 -52.66 -8.86 14.08
C LEU C 416 -51.52 -9.43 14.90
N GLY C 417 -50.90 -8.58 15.72
CA GLY C 417 -49.79 -9.05 16.57
C GLY C 417 -50.30 -10.00 17.65
N ALA C 418 -51.46 -9.70 18.24
CA ALA C 418 -51.99 -10.56 19.29
C ALA C 418 -52.23 -11.93 18.71
N GLN C 419 -52.92 -11.97 17.57
CA GLN C 419 -53.32 -13.26 17.00
C GLN C 419 -52.10 -14.11 16.64
N ALA C 420 -51.05 -13.50 16.11
CA ALA C 420 -49.86 -14.28 15.76
C ALA C 420 -49.15 -14.79 17.00
N THR C 421 -49.22 -14.03 18.08
CA THR C 421 -48.54 -14.41 19.31
C THR C 421 -49.29 -15.53 19.99
N GLU C 422 -50.61 -15.47 19.94
CA GLU C 422 -51.47 -16.49 20.56
C GLU C 422 -52.40 -17.12 19.50
N PRO C 423 -51.85 -17.98 18.65
CA PRO C 423 -52.66 -18.47 17.54
C PRO C 423 -53.95 -19.23 17.92
N GLU C 424 -54.00 -19.79 19.13
CA GLU C 424 -55.17 -20.57 19.55
C GLU C 424 -56.25 -19.72 20.22
N ARG C 425 -55.95 -18.45 20.44
CA ARG C 425 -56.77 -17.61 21.28
C ARG C 425 -57.72 -16.74 20.42
N GLN C 426 -58.91 -16.43 20.91
CA GLN C 426 -59.81 -15.56 20.18
C GLN C 426 -59.34 -14.12 20.33
N VAL C 427 -59.27 -13.40 19.22
CA VAL C 427 -58.88 -12.00 19.23
C VAL C 427 -59.96 -11.18 18.56
N VAL C 428 -60.45 -10.14 19.25
CA VAL C 428 -61.54 -9.34 18.76
C VAL C 428 -61.07 -7.89 18.65
N ALA C 429 -61.02 -7.37 17.43
CA ALA C 429 -60.64 -5.97 17.21
C ALA C 429 -61.89 -5.08 17.12
N MET C 430 -62.05 -4.18 18.08
CA MET C 430 -63.14 -3.24 18.05
C MET C 430 -62.67 -1.99 17.31
N CYS C 431 -63.01 -1.89 16.03
CA CYS C 431 -62.45 -0.84 15.17
C CYS C 431 -63.42 0.29 14.88
N GLY C 432 -62.86 1.48 14.68
CA GLY C 432 -63.64 2.54 14.13
C GLY C 432 -63.61 2.42 12.62
N ASP C 433 -64.53 3.08 11.94
CA ASP C 433 -64.51 3.10 10.50
C ASP C 433 -63.35 3.98 10.04
N GLY C 434 -63.08 5.05 10.79
CA GLY C 434 -61.91 5.87 10.50
C GLY C 434 -60.63 5.07 10.72
N GLY C 435 -60.56 4.41 11.88
CA GLY C 435 -59.39 3.64 12.23
C GLY C 435 -59.12 2.51 11.25
N PHE C 436 -60.14 1.74 10.94
CA PHE C 436 -59.97 0.62 10.06
C PHE C 436 -59.49 1.12 8.70
N SER C 437 -60.11 2.17 8.18
CA SER C 437 -59.75 2.57 6.84
C SER C 437 -58.42 3.30 6.79
N MET C 438 -58.00 3.87 7.92
CA MET C 438 -56.73 4.60 7.97
C MET C 438 -55.50 3.70 7.67
N LEU C 439 -55.55 2.44 8.12
CA LEU C 439 -54.52 1.47 7.78
C LEU C 439 -55.13 0.23 7.08
N MET C 440 -56.10 0.46 6.21
CA MET C 440 -56.91 -0.62 5.64
C MET C 440 -56.10 -1.69 4.89
N GLY C 441 -54.91 -1.33 4.39
CA GLY C 441 -54.16 -2.22 3.52
C GLY C 441 -53.80 -3.46 4.29
N ASP C 442 -53.58 -3.34 5.59
CA ASP C 442 -53.16 -4.51 6.34
C ASP C 442 -54.29 -5.44 6.67
N PHE C 443 -55.50 -5.08 6.27
CA PHE C 443 -56.57 -6.05 6.27
C PHE C 443 -56.12 -7.23 5.44
N LEU C 444 -55.41 -6.97 4.35
CA LEU C 444 -54.89 -8.04 3.51
C LEU C 444 -53.89 -8.94 4.26
N SER C 445 -53.29 -8.43 5.33
CA SER C 445 -52.35 -9.22 6.11
C SER C 445 -53.09 -10.30 6.89
N VAL C 446 -54.32 -9.97 7.28
CA VAL C 446 -55.14 -10.93 7.97
C VAL C 446 -55.33 -12.18 7.11
N VAL C 447 -55.56 -11.99 5.81
CA VAL C 447 -55.65 -13.11 4.90
C VAL C 447 -54.30 -13.78 4.66
N GLN C 448 -53.32 -13.00 4.24
CA GLN C 448 -52.00 -13.52 3.92
C GLN C 448 -51.36 -14.29 5.09
N MET C 449 -51.55 -13.82 6.32
CA MET C 449 -50.96 -14.49 7.47
C MET C 449 -51.90 -15.53 8.06
N LYS C 450 -53.12 -15.58 7.55
CA LYS C 450 -54.12 -16.53 8.02
C LYS C 450 -54.35 -16.42 9.53
N LEU C 451 -54.56 -15.20 10.01
CA LEU C 451 -54.83 -14.98 11.40
C LEU C 451 -56.32 -14.74 11.59
N PRO C 452 -57.00 -15.64 12.33
CA PRO C 452 -58.47 -15.58 12.42
C PRO C 452 -59.00 -14.44 13.31
N VAL C 453 -58.54 -13.21 13.07
N VAL C 453 -58.53 -13.21 13.07
CA VAL C 453 -58.94 -12.05 13.86
CA VAL C 453 -58.98 -12.06 13.83
C VAL C 453 -60.41 -11.73 13.60
C VAL C 453 -60.47 -11.90 13.61
N LYS C 454 -61.21 -11.51 14.66
CA LYS C 454 -62.60 -11.09 14.52
C LYS C 454 -62.66 -9.57 14.58
N ILE C 455 -62.90 -8.94 13.44
CA ILE C 455 -62.97 -7.50 13.37
C ILE C 455 -64.43 -7.02 13.45
N VAL C 456 -64.72 -6.15 14.41
CA VAL C 456 -66.03 -5.57 14.51
C VAL C 456 -65.91 -4.09 14.26
N VAL C 457 -66.49 -3.60 13.17
CA VAL C 457 -66.36 -2.18 12.84
C VAL C 457 -67.57 -1.42 13.40
N PHE C 458 -67.29 -0.43 14.24
CA PHE C 458 -68.33 0.47 14.73
C PHE C 458 -68.55 1.49 13.66
N ASN C 459 -69.42 1.16 12.72
CA ASN C 459 -69.56 1.95 11.51
C ASN C 459 -70.54 3.08 11.74
N ASN C 460 -70.03 4.20 12.24
CA ASN C 460 -70.89 5.36 12.41
C ASN C 460 -70.69 6.36 11.28
N SER C 461 -69.98 5.91 10.26
CA SER C 461 -69.66 6.69 9.06
C SER C 461 -69.31 8.10 9.46
N VAL C 462 -68.53 8.18 10.53
CA VAL C 462 -67.99 9.43 11.01
C VAL C 462 -66.72 9.22 11.81
N LEU C 463 -65.97 10.31 11.95
CA LEU C 463 -64.85 10.41 12.88
C LEU C 463 -65.43 10.91 14.20
N GLY C 464 -66.11 10.02 14.91
CA GLY C 464 -67.09 10.40 15.94
C GLY C 464 -66.59 10.97 17.25
N PHE C 465 -65.41 10.58 17.70
CA PHE C 465 -64.97 10.99 19.04
C PHE C 465 -64.46 12.44 19.07
N VAL C 466 -65.12 13.28 19.86
CA VAL C 466 -64.79 14.71 19.94
C VAL C 466 -64.78 15.37 18.57
N GLY C 479 -70.63 16.76 12.10
CA GLY C 479 -69.29 17.33 12.28
C GLY C 479 -68.35 17.07 11.10
N THR C 480 -67.62 15.95 11.18
CA THR C 480 -66.66 15.57 10.13
C THR C 480 -66.92 14.16 9.58
N GLU C 481 -67.65 14.10 8.46
CA GLU C 481 -68.36 12.91 7.98
C GLU C 481 -67.48 11.95 7.18
N LEU C 482 -67.79 10.65 7.26
CA LEU C 482 -67.22 9.67 6.33
C LEU C 482 -68.29 9.17 5.37
N HIS C 483 -67.94 9.04 4.09
CA HIS C 483 -68.84 8.48 3.10
C HIS C 483 -69.30 7.07 3.54
N ASP C 484 -70.61 6.85 3.52
CA ASP C 484 -71.26 5.54 3.82
C ASP C 484 -70.54 4.39 3.19
N THR C 485 -69.79 3.65 3.98
CA THR C 485 -68.97 2.61 3.43
C THR C 485 -69.50 1.27 3.85
N ASN C 486 -69.49 0.30 2.94
CA ASN C 486 -69.85 -1.05 3.33
C ASN C 486 -68.60 -1.91 3.49
N PHE C 487 -68.15 -2.06 4.73
CA PHE C 487 -66.92 -2.79 4.98
C PHE C 487 -67.10 -4.29 4.82
N ALA C 488 -68.31 -4.78 5.02
CA ALA C 488 -68.57 -6.19 4.81
C ALA C 488 -68.33 -6.54 3.35
N ARG C 489 -68.78 -5.68 2.45
CA ARG C 489 -68.61 -5.91 1.04
C ARG C 489 -67.11 -5.91 0.72
N ILE C 490 -66.35 -5.02 1.36
CA ILE C 490 -64.94 -4.94 1.11
C ILE C 490 -64.26 -6.21 1.59
N ALA C 491 -64.64 -6.69 2.76
CA ALA C 491 -64.11 -7.93 3.27
C ALA C 491 -64.33 -9.07 2.28
N GLU C 492 -65.56 -9.23 1.80
CA GLU C 492 -65.87 -10.32 0.89
C GLU C 492 -64.97 -10.23 -0.34
N ALA C 493 -64.72 -9.02 -0.81
CA ALA C 493 -63.91 -8.84 -2.00
C ALA C 493 -62.47 -9.24 -1.75
N CYS C 494 -62.06 -9.17 -0.49
CA CYS C 494 -60.71 -9.55 -0.09
C CYS C 494 -60.60 -11.03 0.24
N GLY C 495 -61.73 -11.75 0.18
CA GLY C 495 -61.71 -13.16 0.50
C GLY C 495 -61.91 -13.51 1.97
N ILE C 496 -62.32 -12.53 2.78
CA ILE C 496 -62.71 -12.76 4.18
C ILE C 496 -64.23 -12.67 4.33
N THR C 497 -64.83 -13.51 5.18
CA THR C 497 -66.28 -13.41 5.44
C THR C 497 -66.67 -12.03 5.98
N GLY C 498 -67.70 -11.43 5.37
CA GLY C 498 -68.21 -10.16 5.82
C GLY C 498 -69.67 -10.23 6.22
N ILE C 499 -70.00 -9.70 7.39
CA ILE C 499 -71.38 -9.67 7.82
C ILE C 499 -71.82 -8.23 8.06
N ARG C 500 -72.82 -7.79 7.32
CA ARG C 500 -73.34 -6.44 7.44
C ARG C 500 -74.51 -6.46 8.43
N VAL C 501 -74.40 -5.66 9.49
CA VAL C 501 -75.43 -5.62 10.52
C VAL C 501 -76.06 -4.23 10.62
N GLU C 502 -77.36 -4.14 10.42
CA GLU C 502 -78.04 -2.85 10.44
C GLU C 502 -79.17 -2.79 11.45
N LYS C 503 -79.69 -3.95 11.86
CA LYS C 503 -80.77 -4.00 12.86
C LYS C 503 -80.26 -4.56 14.17
N ALA C 504 -80.68 -3.97 15.28
CA ALA C 504 -80.22 -4.44 16.59
C ALA C 504 -80.52 -5.92 16.80
N SER C 505 -81.63 -6.39 16.25
CA SER C 505 -82.03 -7.78 16.42
C SER C 505 -81.06 -8.77 15.72
N GLU C 506 -80.27 -8.27 14.77
CA GLU C 506 -79.35 -9.12 14.04
C GLU C 506 -78.00 -9.25 14.75
N VAL C 507 -77.77 -8.42 15.75
CA VAL C 507 -76.46 -8.38 16.40
C VAL C 507 -76.02 -9.69 17.03
N ASP C 508 -76.88 -10.27 17.87
CA ASP C 508 -76.54 -11.48 18.60
C ASP C 508 -76.10 -12.59 17.67
N GLU C 509 -76.88 -12.90 16.66
CA GLU C 509 -76.52 -13.96 15.76
C GLU C 509 -75.27 -13.63 14.93
N ALA C 510 -75.08 -12.35 14.59
CA ALA C 510 -73.92 -11.97 13.79
C ALA C 510 -72.64 -12.21 14.57
N LEU C 511 -72.63 -11.85 15.84
CA LEU C 511 -71.46 -12.06 16.66
C LEU C 511 -71.18 -13.54 16.87
N GLN C 512 -72.22 -14.31 17.15
CA GLN C 512 -72.04 -15.73 17.39
C GLN C 512 -71.48 -16.42 16.14
N ARG C 513 -72.01 -16.09 14.97
CA ARG C 513 -71.53 -16.65 13.72
CA ARG C 513 -71.51 -16.68 13.73
C ARG C 513 -70.06 -16.28 13.53
N ALA C 514 -69.74 -15.00 13.69
CA ALA C 514 -68.38 -14.51 13.47
C ALA C 514 -67.39 -15.28 14.35
N PHE C 515 -67.76 -15.48 15.62
CA PHE C 515 -66.87 -16.13 16.56
C PHE C 515 -66.71 -17.62 16.29
N SER C 516 -67.74 -18.29 15.74
CA SER C 516 -67.67 -19.73 15.42
C SER C 516 -66.92 -20.03 14.15
N ILE C 517 -66.97 -19.14 13.18
CA ILE C 517 -66.34 -19.40 11.90
C ILE C 517 -64.85 -19.67 12.11
N ASP C 518 -64.37 -20.71 11.46
CA ASP C 518 -62.99 -21.13 11.55
C ASP C 518 -62.15 -20.29 10.62
N GLY C 519 -62.00 -19.00 10.93
CA GLY C 519 -61.24 -18.08 10.10
C GLY C 519 -61.51 -16.63 10.49
N PRO C 520 -60.90 -15.68 9.78
CA PRO C 520 -61.11 -14.26 10.10
C PRO C 520 -62.48 -13.80 9.61
N VAL C 521 -63.08 -12.83 10.29
CA VAL C 521 -64.40 -12.35 9.93
C VAL C 521 -64.47 -10.86 10.20
N LEU C 522 -65.12 -10.13 9.31
CA LEU C 522 -65.40 -8.73 9.59
C LEU C 522 -66.90 -8.53 9.75
N VAL C 523 -67.29 -8.01 10.91
CA VAL C 523 -68.68 -7.67 11.18
C VAL C 523 -68.81 -6.15 11.11
N ASP C 524 -69.57 -5.68 10.14
CA ASP C 524 -69.70 -4.27 9.85
C ASP C 524 -71.01 -3.81 10.44
N VAL C 525 -70.96 -3.17 11.61
CA VAL C 525 -72.18 -2.79 12.30
C VAL C 525 -72.48 -1.30 12.22
N VAL C 526 -73.58 -0.94 11.55
CA VAL C 526 -73.99 0.44 11.46
C VAL C 526 -74.49 0.87 12.83
N VAL C 527 -73.80 1.82 13.46
CA VAL C 527 -74.18 2.26 14.80
C VAL C 527 -74.56 3.74 14.84
N ALA C 528 -75.40 4.11 15.81
CA ALA C 528 -75.87 5.46 16.01
C ALA C 528 -74.74 6.31 16.56
N LYS C 529 -74.76 7.63 16.30
CA LYS C 529 -73.87 8.58 17.02
C LYS C 529 -74.41 8.70 18.45
N GLU C 530 -73.52 8.60 19.44
CA GLU C 530 -73.93 8.73 20.84
C GLU C 530 -73.29 9.95 21.51
N GLU C 531 -73.51 10.07 22.81
CA GLU C 531 -72.89 11.08 23.63
C GLU C 531 -71.98 10.41 24.64
N LEU C 532 -71.04 11.20 25.18
CA LEU C 532 -70.14 10.72 26.22
C LEU C 532 -70.75 10.69 27.64
N ALA C 533 -71.45 11.74 28.04
CA ALA C 533 -72.02 11.79 29.40
C ALA C 533 -73.18 10.79 29.60
N ILE C 534 -73.38 10.33 30.84
CA ILE C 534 -74.43 9.36 31.19
C ILE C 534 -75.40 10.03 32.16
N PRO C 535 -76.68 10.19 31.77
CA PRO C 535 -77.59 11.02 32.59
C PRO C 535 -78.12 10.33 33.85
N LYS D 2 -59.10 41.68 15.77
CA LYS D 2 -60.07 41.04 16.72
C LYS D 2 -60.39 39.58 16.28
N GLN D 3 -59.49 38.63 16.56
CA GLN D 3 -59.54 37.33 15.91
C GLN D 3 -58.54 36.33 16.54
N THR D 4 -58.72 35.03 16.29
CA THR D 4 -57.90 34.07 16.97
C THR D 4 -56.52 33.83 16.29
N VAL D 5 -55.59 33.19 16.98
CA VAL D 5 -54.33 32.88 16.34
C VAL D 5 -54.63 32.01 15.09
N ALA D 6 -55.47 31.00 15.25
CA ALA D 6 -55.82 30.14 14.12
C ALA D 6 -56.51 30.94 12.99
N ALA D 7 -57.38 31.88 13.34
CA ALA D 7 -58.02 32.69 12.32
C ALA D 7 -56.98 33.52 11.57
N TYR D 8 -56.01 34.04 12.30
CA TYR D 8 -54.95 34.86 11.72
C TYR D 8 -54.20 34.04 10.69
N ILE D 9 -53.86 32.81 11.05
CA ILE D 9 -53.16 31.92 10.14
C ILE D 9 -54.00 31.68 8.88
N ALA D 10 -55.29 31.35 9.06
CA ALA D 10 -56.14 31.04 7.93
C ALA D 10 -56.29 32.23 6.98
N LYS D 11 -56.51 33.40 7.54
CA LYS D 11 -56.64 34.62 6.73
C LYS D 11 -55.37 34.91 5.95
N THR D 12 -54.21 34.68 6.57
CA THR D 12 -52.97 35.00 5.93
C THR D 12 -52.75 34.02 4.77
N LEU D 13 -53.01 32.74 5.00
CA LEU D 13 -52.95 31.74 3.92
C LEU D 13 -53.94 32.10 2.79
N GLU D 14 -55.14 32.53 3.14
CA GLU D 14 -56.10 32.93 2.15
C GLU D 14 -55.50 34.04 1.27
N SER D 15 -54.86 35.01 1.90
CA SER D 15 -54.31 36.13 1.19
C SER D 15 -53.15 35.70 0.28
N ALA D 16 -52.41 34.69 0.69
CA ALA D 16 -51.31 34.16 -0.12
C ALA D 16 -51.83 33.28 -1.26
N GLY D 17 -53.13 33.10 -1.32
CA GLY D 17 -53.73 32.37 -2.40
C GLY D 17 -53.91 30.88 -2.19
N VAL D 18 -53.67 30.35 -0.98
CA VAL D 18 -53.96 28.95 -0.78
C VAL D 18 -55.44 28.60 -0.94
N LYS D 19 -55.69 27.47 -1.58
CA LYS D 19 -57.05 27.09 -1.92
C LYS D 19 -57.60 25.97 -1.06
N ARG D 20 -56.71 25.18 -0.48
CA ARG D 20 -57.18 24.03 0.29
C ARG D 20 -56.14 23.61 1.30
N ILE D 21 -56.60 22.95 2.36
CA ILE D 21 -55.70 22.37 3.34
C ILE D 21 -56.00 20.87 3.43
N TRP D 22 -54.96 20.05 3.34
CA TRP D 22 -55.12 18.59 3.39
C TRP D 22 -54.87 18.07 4.78
N GLY D 23 -55.77 17.26 5.30
CA GLY D 23 -55.47 16.59 6.58
C GLY D 23 -56.53 15.63 7.06
N VAL D 24 -56.44 15.30 8.34
CA VAL D 24 -57.52 14.60 9.07
C VAL D 24 -57.74 15.44 10.35
N THR D 25 -58.98 15.74 10.73
CA THR D 25 -59.21 16.57 11.95
C THR D 25 -58.78 15.92 13.29
N GLY D 26 -59.05 16.68 14.35
CA GLY D 26 -58.85 16.27 15.73
C GLY D 26 -59.23 17.48 16.57
N ASP D 27 -59.51 17.25 17.85
CA ASP D 27 -59.87 18.34 18.76
C ASP D 27 -58.79 19.44 18.86
N SER D 28 -57.52 19.04 18.74
CA SER D 28 -56.42 20.01 18.78
C SER D 28 -56.42 20.96 17.59
N LEU D 29 -57.25 20.66 16.58
CA LEU D 29 -57.40 21.52 15.39
C LEU D 29 -58.71 22.34 15.39
N ASN D 30 -59.41 22.38 16.52
CA ASN D 30 -60.69 23.08 16.60
C ASN D 30 -60.61 24.53 16.17
N GLY D 31 -59.60 25.25 16.65
CA GLY D 31 -59.41 26.63 16.29
C GLY D 31 -59.34 26.77 14.78
N LEU D 32 -58.50 25.96 14.15
CA LEU D 32 -58.35 26.01 12.70
C LEU D 32 -59.65 25.65 11.96
N SER D 33 -60.27 24.52 12.31
CA SER D 33 -61.52 24.10 11.68
C SER D 33 -62.59 25.17 11.78
N ASP D 34 -62.73 25.73 12.98
CA ASP D 34 -63.66 26.81 13.22
C ASP D 34 -63.46 27.96 12.26
N SER D 35 -62.22 28.41 12.14
CA SER D 35 -62.02 29.56 11.28
C SER D 35 -62.14 29.20 9.79
N LEU D 36 -61.79 27.98 9.38
CA LEU D 36 -62.04 27.57 8.00
C LEU D 36 -63.53 27.55 7.70
N ASN D 37 -64.34 27.07 8.63
CA ASN D 37 -65.79 27.07 8.41
C ASN D 37 -66.37 28.45 8.34
N ARG D 38 -65.94 29.35 9.23
CA ARG D 38 -66.45 30.75 9.21
C ARG D 38 -66.00 31.46 7.93
N MET D 39 -64.77 31.19 7.49
CA MET D 39 -64.18 31.83 6.32
C MET D 39 -64.83 31.38 5.01
N GLY D 40 -65.03 30.07 4.88
CA GLY D 40 -65.69 29.50 3.71
C GLY D 40 -65.00 29.68 2.37
N THR D 41 -63.67 29.82 2.35
CA THR D 41 -62.94 30.00 1.09
C THR D 41 -61.89 28.93 0.91
N ILE D 42 -61.07 28.70 1.91
CA ILE D 42 -60.15 27.60 1.82
C ILE D 42 -60.88 26.30 2.10
N GLU D 43 -60.66 25.32 1.26
CA GLU D 43 -61.37 24.06 1.35
C GLU D 43 -60.60 23.00 2.14
N TRP D 44 -61.26 22.32 3.06
CA TRP D 44 -60.63 21.28 3.84
C TRP D 44 -60.68 19.95 3.09
N MET D 45 -59.54 19.33 2.83
CA MET D 45 -59.52 18.06 2.10
C MET D 45 -59.20 16.92 3.06
N SER D 46 -60.20 16.13 3.39
CA SER D 46 -60.04 15.09 4.41
C SER D 46 -59.58 13.76 3.83
N THR D 47 -58.39 13.30 4.22
CA THR D 47 -57.87 12.04 3.72
C THR D 47 -58.10 10.97 4.79
N ARG D 48 -57.78 9.71 4.47
CA ARG D 48 -57.92 8.65 5.44
C ARG D 48 -56.70 8.49 6.32
N HIS D 49 -55.54 8.90 5.83
CA HIS D 49 -54.30 8.83 6.58
C HIS D 49 -53.56 10.14 6.31
N GLU D 50 -53.03 10.78 7.34
CA GLU D 50 -52.40 12.06 7.16
C GLU D 50 -51.16 11.97 6.25
N GLU D 51 -50.56 10.78 6.15
CA GLU D 51 -49.44 10.63 5.25
C GLU D 51 -49.85 11.03 3.85
N VAL D 52 -51.07 10.61 3.47
CA VAL D 52 -51.59 10.88 2.16
C VAL D 52 -51.86 12.39 2.00
N ALA D 53 -52.31 13.05 3.06
CA ALA D 53 -52.49 14.49 2.99
C ALA D 53 -51.20 15.18 2.61
N ALA D 54 -50.09 14.75 3.23
CA ALA D 54 -48.78 15.35 2.93
C ALA D 54 -48.32 15.08 1.49
N PHE D 55 -48.42 13.84 1.03
CA PHE D 55 -48.09 13.54 -0.34
C PHE D 55 -48.93 14.39 -1.28
N ALA D 56 -50.23 14.46 -0.99
CA ALA D 56 -51.16 15.15 -1.89
C ALA D 56 -50.83 16.63 -1.98
N ALA D 57 -50.56 17.25 -0.82
CA ALA D 57 -50.16 18.65 -0.79
C ALA D 57 -48.90 18.85 -1.62
N GLY D 58 -47.94 17.92 -1.49
CA GLY D 58 -46.72 18.00 -2.30
C GLY D 58 -47.02 17.96 -3.78
N ALA D 59 -47.97 17.12 -4.18
CA ALA D 59 -48.32 17.03 -5.60
C ALA D 59 -48.98 18.34 -6.06
N GLU D 60 -49.83 18.90 -5.20
CA GLU D 60 -50.48 20.16 -5.53
C GLU D 60 -49.42 21.25 -5.73
N ALA D 61 -48.43 21.31 -4.83
CA ALA D 61 -47.44 22.35 -4.92
C ALA D 61 -46.57 22.15 -6.14
N GLN D 62 -46.24 20.90 -6.45
CA GLN D 62 -45.47 20.60 -7.65
C GLN D 62 -46.16 21.11 -8.90
N LEU D 63 -47.46 20.87 -9.01
CA LEU D 63 -48.18 21.22 -10.22
C LEU D 63 -48.50 22.71 -10.32
N SER D 64 -48.90 23.32 -9.22
CA SER D 64 -49.33 24.70 -9.25
C SER D 64 -48.15 25.67 -9.21
N GLY D 65 -47.02 25.24 -8.67
CA GLY D 65 -45.92 26.14 -8.43
C GLY D 65 -46.19 27.03 -7.24
N GLU D 66 -47.21 26.72 -6.45
CA GLU D 66 -47.61 27.62 -5.37
C GLU D 66 -47.74 26.93 -4.02
N LEU D 67 -47.73 27.71 -2.95
CA LEU D 67 -47.76 27.19 -1.58
C LEU D 67 -48.93 26.23 -1.41
N ALA D 68 -48.67 25.04 -0.89
CA ALA D 68 -49.73 24.11 -0.52
C ALA D 68 -49.63 23.88 0.98
N VAL D 69 -50.72 23.38 1.57
CA VAL D 69 -50.79 23.28 3.02
C VAL D 69 -51.38 21.94 3.46
N CYS D 70 -50.78 21.33 4.48
CA CYS D 70 -51.41 20.20 5.12
C CYS D 70 -51.44 20.39 6.63
N ALA D 71 -52.21 19.57 7.34
CA ALA D 71 -52.33 19.77 8.78
C ALA D 71 -52.55 18.45 9.46
N GLY D 72 -52.15 18.33 10.73
CA GLY D 72 -52.38 17.11 11.48
C GLY D 72 -52.70 17.44 12.91
N SER D 73 -53.50 16.61 13.57
CA SER D 73 -53.83 16.83 14.97
C SER D 73 -52.65 16.49 15.86
N CYS D 74 -52.82 16.66 17.18
CA CYS D 74 -51.64 16.53 18.04
C CYS D 74 -51.14 15.09 18.11
N GLY D 75 -49.86 14.92 18.42
CA GLY D 75 -49.26 13.60 18.57
C GLY D 75 -49.33 12.84 17.28
N PRO D 76 -50.04 11.71 17.29
CA PRO D 76 -50.11 10.80 16.15
C PRO D 76 -50.60 11.48 14.86
N GLY D 77 -51.47 12.46 15.00
CA GLY D 77 -52.06 13.09 13.83
C GLY D 77 -50.98 13.72 12.96
N ASN D 78 -50.26 14.69 13.51
CA ASN D 78 -49.23 15.34 12.73
C ASN D 78 -48.07 14.40 12.48
N LEU D 79 -47.82 13.49 13.40
CA LEU D 79 -46.72 12.54 13.20
C LEU D 79 -46.94 11.77 11.90
N HIS D 80 -48.20 11.44 11.61
CA HIS D 80 -48.54 10.73 10.39
C HIS D 80 -48.10 11.47 9.10
N LEU D 81 -47.87 12.79 9.19
CA LEU D 81 -47.48 13.54 8.00
C LEU D 81 -46.04 13.25 7.58
N ILE D 82 -45.24 12.75 8.52
CA ILE D 82 -43.79 12.87 8.37
C ILE D 82 -43.22 12.26 7.07
N ASN D 83 -43.62 11.06 6.70
CA ASN D 83 -43.06 10.46 5.50
C ASN D 83 -43.41 11.27 4.26
N GLY D 84 -44.61 11.80 4.22
CA GLY D 84 -45.03 12.63 3.10
C GLY D 84 -44.31 13.96 3.08
N LEU D 85 -44.02 14.50 4.26
CA LEU D 85 -43.28 15.76 4.30
C LEU D 85 -41.83 15.55 3.83
N PHE D 86 -41.23 14.42 4.16
CA PHE D 86 -39.92 14.12 3.59
C PHE D 86 -39.99 14.17 2.08
N ASP D 87 -41.04 13.57 1.52
CA ASP D 87 -41.18 13.59 0.07
C ASP D 87 -41.30 15.01 -0.47
N CYS D 88 -42.16 15.83 0.16
CA CYS D 88 -42.34 17.23 -0.24
C CYS D 88 -41.01 17.96 -0.19
N HIS D 89 -40.30 17.82 0.92
CA HIS D 89 -39.11 18.59 1.13
C HIS D 89 -38.07 18.15 0.13
N ARG D 90 -37.95 16.84 -0.06
CA ARG D 90 -36.96 16.33 -1.00
C ARG D 90 -37.27 16.67 -2.43
N ASN D 91 -38.56 16.87 -2.74
CA ASN D 91 -38.97 17.29 -4.07
C ASN D 91 -38.86 18.79 -4.27
N HIS D 92 -38.46 19.53 -3.24
CA HIS D 92 -38.32 20.98 -3.35
C HIS D 92 -39.63 21.67 -3.72
N VAL D 93 -40.73 21.31 -3.09
CA VAL D 93 -41.96 22.00 -3.39
C VAL D 93 -42.43 22.77 -2.15
N PRO D 94 -43.04 23.94 -2.36
CA PRO D 94 -43.42 24.80 -1.24
C PRO D 94 -44.63 24.25 -0.45
N VAL D 95 -44.39 23.75 0.75
CA VAL D 95 -45.48 23.20 1.56
C VAL D 95 -45.38 23.66 2.99
N LEU D 96 -46.48 24.19 3.51
CA LEU D 96 -46.58 24.52 4.93
C LEU D 96 -47.36 23.41 5.64
N ALA D 97 -46.77 22.90 6.72
CA ALA D 97 -47.48 21.91 7.55
C ALA D 97 -47.88 22.59 8.87
N ILE D 98 -49.16 22.55 9.19
CA ILE D 98 -49.59 23.00 10.48
C ILE D 98 -49.73 21.78 11.38
N ALA D 99 -48.82 21.66 12.35
CA ALA D 99 -48.85 20.52 13.27
C ALA D 99 -49.50 20.97 14.56
N ALA D 100 -50.76 20.63 14.75
CA ALA D 100 -51.44 20.92 16.02
C ALA D 100 -50.76 20.14 17.13
N HIS D 101 -50.79 20.69 18.34
CA HIS D 101 -49.97 20.16 19.42
C HIS D 101 -50.84 20.08 20.68
N ILE D 102 -50.39 19.36 21.69
CA ILE D 102 -51.17 19.16 22.91
C ILE D 102 -51.32 20.50 23.62
N PRO D 103 -52.24 20.60 24.60
CA PRO D 103 -52.37 21.90 25.27
C PRO D 103 -51.03 22.28 25.91
N SER D 104 -50.61 23.54 25.76
CA SER D 104 -49.28 23.92 26.17
C SER D 104 -49.06 23.71 27.69
N SER D 105 -50.13 23.74 28.47
CA SER D 105 -49.99 23.56 29.89
C SER D 105 -49.55 22.14 30.28
N GLU D 106 -49.76 21.17 29.40
CA GLU D 106 -49.41 19.78 29.70
C GLU D 106 -48.00 19.38 29.18
N ILE D 107 -47.36 20.27 28.43
CA ILE D 107 -46.08 19.93 27.84
C ILE D 107 -45.05 19.60 28.91
N GLY D 108 -44.29 18.54 28.69
CA GLY D 108 -43.21 18.15 29.59
C GLY D 108 -43.67 17.22 30.70
N SER D 109 -44.91 16.74 30.65
CA SER D 109 -45.42 15.95 31.75
C SER D 109 -45.68 14.53 31.35
N GLY D 110 -45.46 14.19 30.10
CA GLY D 110 -45.78 12.87 29.62
C GLY D 110 -47.28 12.77 29.43
N TYR D 111 -47.87 13.76 28.77
CA TYR D 111 -49.31 13.83 28.64
C TYR D 111 -49.84 12.88 27.55
N PHE D 112 -51.13 12.63 27.59
CA PHE D 112 -51.82 11.94 26.50
C PHE D 112 -51.37 12.51 25.16
N GLN D 113 -50.89 11.63 24.28
CA GLN D 113 -50.46 12.01 22.93
C GLN D 113 -49.24 12.93 22.86
N GLU D 114 -48.53 13.14 23.96
CA GLU D 114 -47.37 14.06 23.89
C GLU D 114 -46.29 13.62 22.92
N THR D 115 -45.90 14.51 22.02
CA THR D 115 -44.70 14.34 21.21
C THR D 115 -44.06 15.71 21.16
N HIS D 116 -42.94 15.84 20.47
CA HIS D 116 -42.30 17.13 20.29
C HIS D 116 -42.13 17.38 18.79
N PRO D 117 -43.19 17.78 18.11
CA PRO D 117 -43.11 17.92 16.64
C PRO D 117 -42.01 18.91 16.22
N GLN D 118 -41.75 19.90 17.04
CA GLN D 118 -40.76 20.91 16.68
C GLN D 118 -39.35 20.31 16.62
N GLU D 119 -39.15 19.13 17.20
CA GLU D 119 -37.91 18.40 17.02
C GLU D 119 -38.00 17.37 15.92
N LEU D 120 -39.08 16.60 15.88
CA LEU D 120 -39.23 15.55 14.86
C LEU D 120 -39.05 16.03 13.43
N PHE D 121 -39.59 17.19 13.12
CA PHE D 121 -39.64 17.62 11.73
C PHE D 121 -38.45 18.44 11.27
N ARG D 122 -37.38 18.55 12.08
CA ARG D 122 -36.24 19.36 11.68
CA ARG D 122 -36.20 19.34 11.70
C ARG D 122 -35.62 18.89 10.37
N GLU D 123 -35.44 17.58 10.21
CA GLU D 123 -34.74 17.11 9.04
C GLU D 123 -35.52 17.30 7.74
N CYS D 124 -36.84 17.25 7.80
CA CYS D 124 -37.62 17.33 6.59
C CYS D 124 -38.26 18.71 6.43
N SER D 125 -37.53 19.74 6.85
CA SER D 125 -38.04 21.10 6.68
C SER D 125 -36.86 22.08 6.70
N HIS D 126 -37.13 23.30 6.22
CA HIS D 126 -36.25 24.51 6.17
C HIS D 126 -36.46 25.34 7.48
N TYR D 127 -37.60 25.12 8.11
CA TYR D 127 -38.06 25.95 9.21
C TYR D 127 -39.05 25.14 10.01
N CYS D 128 -38.91 25.16 11.33
CA CYS D 128 -39.75 24.33 12.16
C CYS D 128 -39.76 24.88 13.60
N GLU D 129 -40.91 25.42 14.06
CA GLU D 129 -40.95 26.10 15.37
C GLU D 129 -42.24 25.94 16.10
N LEU D 130 -42.14 25.98 17.43
CA LEU D 130 -43.28 25.87 18.27
C LEU D 130 -43.81 27.29 18.57
N VAL D 131 -45.11 27.50 18.36
CA VAL D 131 -45.76 28.72 18.76
C VAL D 131 -46.30 28.57 20.19
N SER D 132 -45.52 29.03 21.18
CA SER D 132 -45.93 28.99 22.59
C SER D 132 -46.79 30.19 22.93
N SER D 133 -46.56 31.29 22.23
CA SER D 133 -47.17 32.55 22.54
C SER D 133 -47.84 33.16 21.30
N PRO D 134 -49.06 33.68 21.46
CA PRO D 134 -49.71 34.32 20.32
C PRO D 134 -48.83 35.40 19.69
N GLU D 135 -47.97 36.05 20.47
CA GLU D 135 -47.18 37.17 19.96
C GLU D 135 -46.16 36.67 18.91
N GLN D 136 -45.88 35.37 18.91
CA GLN D 136 -44.95 34.81 17.91
C GLN D 136 -45.55 34.73 16.54
N ILE D 137 -46.89 34.53 16.43
CA ILE D 137 -47.42 34.02 15.17
C ILE D 137 -47.09 34.91 13.95
N PRO D 138 -47.10 36.25 14.09
CA PRO D 138 -46.83 36.97 12.85
C PRO D 138 -45.41 36.73 12.28
N GLN D 139 -44.39 36.69 13.14
CA GLN D 139 -43.03 36.45 12.68
C GLN D 139 -42.87 34.98 12.24
N VAL D 140 -43.30 34.04 13.08
CA VAL D 140 -43.16 32.64 12.76
C VAL D 140 -43.86 32.29 11.43
N LEU D 141 -45.11 32.73 11.23
CA LEU D 141 -45.81 32.42 10.02
C LEU D 141 -45.14 33.13 8.81
N ALA D 142 -44.71 34.37 8.98
CA ALA D 142 -44.07 35.08 7.85
C ALA D 142 -42.80 34.35 7.38
N ILE D 143 -41.95 33.93 8.32
CA ILE D 143 -40.74 33.26 7.95
C ILE D 143 -41.06 31.86 7.39
N ALA D 144 -41.92 31.12 8.07
CA ALA D 144 -42.33 29.82 7.56
C ALA D 144 -42.81 29.91 6.12
N MET D 145 -43.72 30.84 5.80
CA MET D 145 -44.27 30.91 4.45
C MET D 145 -43.21 31.38 3.44
N ARG D 146 -42.42 32.37 3.83
CA ARG D 146 -41.43 32.88 2.92
C ARG D 146 -40.36 31.83 2.57
N LYS D 147 -39.89 31.10 3.57
CA LYS D 147 -38.92 30.06 3.32
C LYS D 147 -39.53 28.94 2.48
N ALA D 148 -40.75 28.52 2.79
CA ALA D 148 -41.37 27.45 2.01
C ALA D 148 -41.41 27.85 0.53
N VAL D 149 -41.85 29.08 0.25
CA VAL D 149 -42.01 29.48 -1.12
C VAL D 149 -40.67 29.73 -1.81
N LEU D 150 -39.81 30.56 -1.20
CA LEU D 150 -38.58 30.99 -1.88
C LEU D 150 -37.45 29.97 -1.78
N ASN D 151 -37.34 29.26 -0.67
CA ASN D 151 -36.34 28.19 -0.57
C ASN D 151 -36.85 26.88 -1.11
N ARG D 152 -38.13 26.82 -1.45
CA ARG D 152 -38.66 25.66 -2.10
C ARG D 152 -38.61 24.38 -1.29
N GLY D 153 -39.44 24.30 -0.27
CA GLY D 153 -39.44 23.14 0.60
C GLY D 153 -40.49 23.29 1.70
N VAL D 154 -40.34 22.48 2.75
CA VAL D 154 -41.35 22.38 3.76
C VAL D 154 -41.03 23.28 4.91
N SER D 155 -42.06 23.95 5.43
CA SER D 155 -41.94 24.70 6.70
C SER D 155 -42.99 24.12 7.64
N VAL D 156 -42.66 24.01 8.92
CA VAL D 156 -43.59 23.49 9.88
C VAL D 156 -43.86 24.47 10.99
N VAL D 157 -45.13 24.68 11.29
CA VAL D 157 -45.55 25.52 12.41
C VAL D 157 -46.28 24.64 13.40
N VAL D 158 -45.77 24.56 14.62
CA VAL D 158 -46.34 23.68 15.64
C VAL D 158 -47.19 24.54 16.56
N LEU D 159 -48.45 24.19 16.69
CA LEU D 159 -49.44 25.08 17.28
C LEU D 159 -50.30 24.36 18.34
N PRO D 160 -49.97 24.55 19.63
CA PRO D 160 -50.79 23.94 20.68
C PRO D 160 -52.25 24.39 20.51
N GLY D 161 -53.18 23.48 20.71
CA GLY D 161 -54.59 23.77 20.51
C GLY D 161 -55.10 24.92 21.35
N ASP D 162 -54.57 25.10 22.56
CA ASP D 162 -55.01 26.21 23.43
C ASP D 162 -54.49 27.53 22.85
N VAL D 163 -53.24 27.55 22.38
CA VAL D 163 -52.68 28.76 21.83
C VAL D 163 -53.44 29.17 20.56
N ALA D 164 -53.85 28.19 19.77
CA ALA D 164 -54.64 28.45 18.56
C ALA D 164 -55.89 29.26 18.84
N LEU D 165 -56.45 29.09 20.04
CA LEU D 165 -57.73 29.71 20.38
C LEU D 165 -57.56 31.05 21.06
N LYS D 166 -56.32 31.45 21.32
CA LYS D 166 -56.07 32.73 21.96
C LYS D 166 -56.11 33.88 20.94
N PRO D 167 -56.29 35.11 21.42
CA PRO D 167 -56.35 36.22 20.49
C PRO D 167 -55.04 36.43 19.76
N ALA D 168 -55.09 36.61 18.45
CA ALA D 168 -53.93 37.03 17.69
C ALA D 168 -53.53 38.47 18.10
N PRO D 169 -52.27 38.87 17.88
CA PRO D 169 -51.86 40.23 18.18
C PRO D 169 -52.70 41.21 17.34
N GLU D 170 -53.19 42.28 17.95
CA GLU D 170 -54.12 43.17 17.24
C GLU D 170 -53.55 43.93 16.04
N GLY D 171 -52.26 44.27 16.09
CA GLY D 171 -51.69 45.05 15.00
C GLY D 171 -51.17 44.20 13.84
N ALA D 172 -51.24 42.88 13.98
CA ALA D 172 -50.65 41.99 12.99
C ALA D 172 -51.33 42.16 11.63
N THR D 173 -50.58 42.00 10.56
CA THR D 173 -51.22 42.11 9.26
C THR D 173 -51.33 40.76 8.59
N MET D 174 -52.41 40.59 7.84
CA MET D 174 -52.69 39.32 7.17
C MET D 174 -52.46 39.43 5.67
N HIS D 175 -52.25 40.65 5.14
CA HIS D 175 -51.93 40.76 3.73
C HIS D 175 -50.58 40.11 3.39
N TRP D 176 -50.52 39.35 2.29
CA TRP D 176 -49.29 38.72 1.84
C TRP D 176 -48.76 39.32 0.54
N TYR D 177 -47.54 39.80 0.54
CA TYR D 177 -46.95 40.30 -0.71
C TYR D 177 -46.23 39.14 -1.39
N HIS D 178 -46.61 38.78 -2.62
CA HIS D 178 -45.90 37.69 -3.26
CA HIS D 178 -45.97 37.67 -3.33
C HIS D 178 -44.62 38.16 -3.91
N ALA D 179 -43.50 37.70 -3.36
CA ALA D 179 -42.21 38.03 -3.96
C ALA D 179 -41.75 36.87 -4.84
N PRO D 180 -41.55 37.12 -6.12
CA PRO D 180 -41.04 36.09 -7.04
C PRO D 180 -39.57 35.76 -6.75
N GLN D 181 -39.06 34.66 -7.32
CA GLN D 181 -37.61 34.41 -7.28
C GLN D 181 -36.85 35.58 -7.88
N PRO D 182 -35.64 35.83 -7.39
CA PRO D 182 -34.82 36.85 -8.02
C PRO D 182 -34.18 36.27 -9.27
N VAL D 183 -33.56 37.13 -10.07
CA VAL D 183 -32.71 36.68 -11.16
C VAL D 183 -31.35 36.37 -10.56
N VAL D 184 -30.85 35.17 -10.76
CA VAL D 184 -29.53 34.81 -10.23
C VAL D 184 -28.60 34.28 -11.31
N THR D 185 -27.52 35.01 -11.53
CA THR D 185 -26.64 34.70 -12.63
CA THR D 185 -26.63 34.73 -12.66
C THR D 185 -25.21 34.90 -12.18
N PRO D 186 -24.31 34.05 -12.66
CA PRO D 186 -22.93 34.17 -12.23
C PRO D 186 -22.28 35.48 -12.70
N GLU D 187 -21.13 35.81 -12.08
CA GLU D 187 -20.41 37.03 -12.39
CA GLU D 187 -20.30 37.00 -12.36
C GLU D 187 -19.90 36.98 -13.83
N GLU D 188 -19.99 38.12 -14.52
CA GLU D 188 -19.54 38.12 -15.92
C GLU D 188 -18.19 37.39 -16.10
N GLU D 189 -17.20 37.64 -15.24
CA GLU D 189 -15.87 37.01 -15.36
C GLU D 189 -15.94 35.49 -15.28
N GLU D 190 -16.84 34.98 -14.43
CA GLU D 190 -17.05 33.55 -14.34
C GLU D 190 -17.64 32.98 -15.65
N LEU D 191 -18.62 33.67 -16.23
CA LEU D 191 -19.15 33.23 -17.52
C LEU D 191 -18.06 33.23 -18.60
N ARG D 192 -17.22 34.27 -18.63
CA ARG D 192 -16.08 34.37 -19.56
CA ARG D 192 -16.17 34.29 -19.64
C ARG D 192 -15.18 33.15 -19.40
N LYS D 193 -14.91 32.81 -18.14
CA LYS D 193 -14.03 31.68 -17.86
C LYS D 193 -14.64 30.37 -18.33
N LEU D 194 -15.95 30.19 -18.07
CA LEU D 194 -16.65 29.01 -18.55
C LEU D 194 -16.59 28.94 -20.09
N ALA D 195 -16.86 30.06 -20.75
CA ALA D 195 -16.87 30.06 -22.22
C ALA D 195 -15.51 29.67 -22.75
N GLN D 196 -14.47 30.19 -22.11
CA GLN D 196 -13.13 29.86 -22.53
C GLN D 196 -12.84 28.38 -22.32
N LEU D 197 -13.29 27.83 -21.18
CA LEU D 197 -13.09 26.43 -20.89
C LEU D 197 -13.80 25.57 -21.94
N LEU D 198 -15.05 25.88 -22.27
CA LEU D 198 -15.78 25.13 -23.30
C LEU D 198 -15.09 25.21 -24.65
N ARG D 199 -14.48 26.35 -24.94
CA ARG D 199 -13.82 26.51 -26.22
C ARG D 199 -12.67 25.51 -26.40
N TYR D 200 -12.05 25.12 -25.30
CA TYR D 200 -10.90 24.23 -25.35
C TYR D 200 -11.23 22.83 -24.81
N SER D 201 -12.52 22.48 -24.72
CA SER D 201 -12.92 21.16 -24.25
C SER D 201 -13.50 20.37 -25.41
N SER D 202 -13.42 19.04 -25.33
CA SER D 202 -14.02 18.19 -26.36
C SER D 202 -14.91 17.14 -25.73
N ASN D 203 -15.71 16.47 -26.57
CA ASN D 203 -16.51 15.37 -26.11
C ASN D 203 -17.26 15.75 -24.84
N ILE D 204 -18.09 16.77 -24.97
CA ILE D 204 -18.85 17.33 -23.86
C ILE D 204 -20.23 16.71 -23.82
N ALA D 205 -20.66 16.31 -22.64
CA ALA D 205 -22.02 15.90 -22.44
C ALA D 205 -22.65 16.79 -21.38
N LEU D 206 -23.97 16.98 -21.47
CA LEU D 206 -24.70 17.72 -20.43
C LEU D 206 -25.55 16.74 -19.61
N MET D 207 -25.47 16.81 -18.29
CA MET D 207 -26.33 16.01 -17.42
C MET D 207 -27.34 16.99 -16.84
N CYS D 208 -28.61 16.84 -17.24
CA CYS D 208 -29.60 17.85 -16.92
C CYS D 208 -30.66 17.32 -15.99
N GLY D 209 -30.96 18.11 -14.95
CA GLY D 209 -32.00 17.76 -13.96
C GLY D 209 -33.13 18.78 -13.95
N SER D 210 -33.98 18.72 -12.93
CA SER D 210 -35.17 19.56 -12.94
C SER D 210 -34.85 21.04 -12.80
N GLY D 211 -33.60 21.36 -12.46
CA GLY D 211 -33.16 22.75 -12.44
C GLY D 211 -33.27 23.40 -13.82
N CYS D 212 -33.40 22.58 -14.87
CA CYS D 212 -33.56 23.08 -16.23
C CYS D 212 -35.00 23.41 -16.56
N ALA D 213 -35.91 23.13 -15.63
CA ALA D 213 -37.32 23.49 -15.87
C ALA D 213 -37.42 24.95 -16.31
N GLY D 214 -38.15 25.21 -17.38
CA GLY D 214 -38.32 26.60 -17.81
C GLY D 214 -37.21 27.10 -18.74
N ALA D 215 -36.15 26.30 -18.92
CA ALA D 215 -35.01 26.67 -19.73
C ALA D 215 -34.85 25.81 -21.00
N HIS D 216 -35.92 25.14 -21.42
CA HIS D 216 -35.83 24.20 -22.53
C HIS D 216 -35.17 24.82 -23.77
N LYS D 217 -35.66 25.99 -24.14
CA LYS D 217 -35.20 26.68 -25.33
C LYS D 217 -33.70 26.96 -25.27
N GLU D 218 -33.25 27.51 -24.16
CA GLU D 218 -31.84 27.81 -23.98
C GLU D 218 -30.98 26.55 -23.93
N LEU D 219 -31.47 25.54 -23.23
CA LEU D 219 -30.76 24.29 -23.10
C LEU D 219 -30.51 23.66 -24.49
N VAL D 220 -31.55 23.58 -25.31
CA VAL D 220 -31.45 22.94 -26.59
C VAL D 220 -30.52 23.75 -27.50
N GLU D 221 -30.60 25.06 -27.40
CA GLU D 221 -29.76 25.93 -28.19
C GLU D 221 -28.30 25.77 -27.78
N PHE D 222 -28.06 25.67 -26.48
CA PHE D 222 -26.72 25.48 -25.94
C PHE D 222 -26.12 24.15 -26.42
N ALA D 223 -26.85 23.05 -26.24
CA ALA D 223 -26.39 21.74 -26.69
C ALA D 223 -26.02 21.75 -28.17
N GLY D 224 -26.86 22.38 -28.97
CA GLY D 224 -26.64 22.42 -30.42
C GLY D 224 -25.43 23.26 -30.77
N LYS D 225 -25.21 24.33 -30.04
CA LYS D 225 -24.10 25.22 -30.30
C LYS D 225 -22.75 24.55 -30.07
N ILE D 226 -22.61 23.85 -28.94
CA ILE D 226 -21.35 23.16 -28.64
C ILE D 226 -21.33 21.67 -29.03
N LYS D 227 -22.43 21.19 -29.61
CA LYS D 227 -22.55 19.79 -30.03
C LYS D 227 -22.39 18.82 -28.86
N ALA D 228 -23.25 18.98 -27.84
CA ALA D 228 -23.20 18.14 -26.65
C ALA D 228 -24.46 17.31 -26.53
N PRO D 229 -24.31 15.98 -26.49
CA PRO D 229 -25.50 15.19 -26.22
C PRO D 229 -25.96 15.50 -24.84
N ILE D 230 -27.27 15.37 -24.60
CA ILE D 230 -27.82 15.60 -23.27
C ILE D 230 -28.27 14.29 -22.67
N VAL D 231 -27.87 14.02 -21.42
CA VAL D 231 -28.58 13.00 -20.67
C VAL D 231 -29.33 13.68 -19.54
N HIS D 232 -30.46 13.12 -19.13
CA HIS D 232 -31.24 13.77 -18.10
C HIS D 232 -31.38 12.87 -16.89
N ALA D 233 -31.34 13.47 -15.69
CA ALA D 233 -31.66 12.76 -14.47
C ALA D 233 -33.16 12.54 -14.47
N LEU D 234 -33.64 11.58 -13.68
CA LEU D 234 -35.06 11.26 -13.72
C LEU D 234 -35.95 12.51 -13.55
N ARG D 235 -35.64 13.38 -12.58
CA ARG D 235 -36.56 14.49 -12.34
C ARG D 235 -36.44 15.57 -13.44
N GLY D 236 -35.46 15.40 -14.34
CA GLY D 236 -35.37 16.29 -15.48
C GLY D 236 -36.20 15.78 -16.67
N LYS D 237 -36.63 14.52 -16.61
CA LYS D 237 -37.27 13.90 -17.77
C LYS D 237 -38.41 14.76 -18.33
N GLU D 238 -39.36 15.13 -17.49
CA GLU D 238 -40.51 15.88 -17.99
C GLU D 238 -40.13 17.24 -18.55
N HIS D 239 -38.95 17.76 -18.16
CA HIS D 239 -38.56 19.11 -18.57
C HIS D 239 -37.62 19.14 -19.77
N VAL D 240 -37.03 18.00 -20.09
CA VAL D 240 -35.89 17.96 -21.00
C VAL D 240 -36.10 16.99 -22.16
N GLU D 241 -36.83 15.92 -21.93
CA GLU D 241 -36.97 14.85 -22.89
C GLU D 241 -38.15 15.05 -23.88
N TYR D 242 -38.14 16.16 -24.62
CA TYR D 242 -39.11 16.33 -25.66
C TYR D 242 -38.59 17.45 -26.54
N ASP D 243 -39.00 17.48 -27.82
CA ASP D 243 -38.51 18.47 -28.75
C ASP D 243 -37.03 18.73 -28.51
N ASN D 244 -36.24 17.66 -28.49
CA ASN D 244 -34.85 17.76 -28.09
C ASN D 244 -34.02 16.76 -28.84
N PRO D 245 -33.46 17.16 -29.98
CA PRO D 245 -32.71 16.21 -30.80
C PRO D 245 -31.39 15.81 -30.17
N TYR D 246 -31.04 16.40 -29.04
CA TYR D 246 -29.76 16.07 -28.38
C TYR D 246 -29.91 15.08 -27.24
N ASP D 247 -31.16 14.80 -26.84
CA ASP D 247 -31.37 13.95 -25.67
C ASP D 247 -31.13 12.49 -25.95
N VAL D 248 -30.31 11.88 -25.12
CA VAL D 248 -29.93 10.48 -25.32
C VAL D 248 -30.33 9.52 -24.22
N GLY D 249 -31.24 9.95 -23.36
CA GLY D 249 -31.79 9.10 -22.33
C GLY D 249 -31.29 9.37 -20.93
N MET D 250 -31.15 8.29 -20.15
CA MET D 250 -30.76 8.38 -18.75
C MET D 250 -29.63 7.41 -18.44
N THR D 251 -28.87 7.64 -17.35
CA THR D 251 -28.04 6.60 -16.73
C THR D 251 -28.65 6.20 -15.40
N GLY D 252 -27.83 5.54 -14.59
CA GLY D 252 -28.30 4.92 -13.38
C GLY D 252 -28.83 3.54 -13.74
N LEU D 253 -29.16 2.73 -12.74
CA LEU D 253 -29.58 1.37 -12.99
C LEU D 253 -30.83 1.30 -13.83
N ILE D 254 -31.69 2.32 -13.78
CA ILE D 254 -32.91 2.27 -14.58
C ILE D 254 -32.79 3.03 -15.88
N GLY D 255 -31.61 3.59 -16.13
CA GLY D 255 -31.35 4.28 -17.39
C GLY D 255 -31.07 3.27 -18.47
N PHE D 256 -30.42 3.71 -19.55
CA PHE D 256 -30.06 2.76 -20.59
C PHE D 256 -28.73 3.00 -21.21
N SER D 257 -28.36 2.11 -22.15
CA SER D 257 -26.99 2.07 -22.63
C SER D 257 -26.49 3.40 -23.16
N SER D 258 -27.31 4.07 -23.95
CA SER D 258 -26.90 5.34 -24.55
C SER D 258 -26.57 6.41 -23.50
N GLY D 259 -27.44 6.54 -22.52
CA GLY D 259 -27.17 7.42 -21.40
C GLY D 259 -25.93 6.97 -20.65
N PHE D 260 -25.86 5.69 -20.38
CA PHE D 260 -24.77 5.22 -19.61
C PHE D 260 -23.42 5.49 -20.28
N HIS D 261 -23.26 5.09 -21.54
CA HIS D 261 -22.03 5.30 -22.29
C HIS D 261 -21.70 6.78 -22.51
N THR D 262 -22.71 7.59 -22.81
CA THR D 262 -22.44 8.98 -23.11
C THR D 262 -21.82 9.64 -21.88
N MET D 263 -22.40 9.33 -20.71
CA MET D 263 -21.88 9.81 -19.45
C MET D 263 -20.49 9.28 -19.14
N MET D 264 -20.31 7.98 -19.28
CA MET D 264 -19.02 7.35 -18.99
CA MET D 264 -19.02 7.40 -18.94
C MET D 264 -17.89 7.86 -19.88
N ASN D 265 -18.21 8.10 -21.14
CA ASN D 265 -17.18 8.37 -22.13
C ASN D 265 -16.85 9.83 -22.37
N ALA D 266 -17.66 10.73 -21.80
CA ALA D 266 -17.44 12.15 -21.99
C ALA D 266 -16.06 12.55 -21.41
N ASP D 267 -15.40 13.50 -22.06
CA ASP D 267 -14.18 14.08 -21.52
C ASP D 267 -14.49 15.34 -20.71
N THR D 268 -15.68 15.91 -20.92
CA THR D 268 -16.09 17.10 -20.24
C THR D 268 -17.56 16.93 -19.95
N LEU D 269 -17.94 17.19 -18.70
CA LEU D 269 -19.31 16.96 -18.28
C LEU D 269 -19.83 18.23 -17.64
N VAL D 270 -20.98 18.71 -18.09
CA VAL D 270 -21.59 19.87 -17.49
C VAL D 270 -22.87 19.47 -16.77
N LEU D 271 -22.86 19.60 -15.44
CA LEU D 271 -24.05 19.31 -14.63
C LEU D 271 -24.94 20.53 -14.55
N LEU D 272 -26.12 20.45 -15.13
CA LEU D 272 -27.04 21.58 -15.14
C LEU D 272 -28.27 21.32 -14.29
N GLY D 273 -28.34 21.98 -13.15
CA GLY D 273 -29.47 21.83 -12.28
C GLY D 273 -29.79 20.38 -11.94
N THR D 274 -28.81 19.64 -11.45
CA THR D 274 -29.03 18.24 -11.12
C THR D 274 -28.41 17.80 -9.78
N GLN D 275 -29.01 16.79 -9.18
CA GLN D 275 -28.65 16.22 -7.89
C GLN D 275 -28.49 14.71 -8.13
N PHE D 276 -28.41 14.28 -9.39
CA PHE D 276 -28.25 12.86 -9.71
C PHE D 276 -27.31 12.20 -8.70
N PRO D 277 -27.82 11.27 -7.89
CA PRO D 277 -27.06 10.88 -6.70
C PRO D 277 -26.12 9.67 -6.85
N TYR D 278 -26.13 8.98 -7.97
CA TYR D 278 -25.44 7.69 -8.05
C TYR D 278 -23.99 7.88 -8.52
N ARG D 279 -23.11 8.02 -7.53
CA ARG D 279 -21.72 8.47 -7.75
C ARG D 279 -20.94 7.63 -8.77
N ALA D 280 -21.21 6.33 -8.83
CA ALA D 280 -20.37 5.47 -9.69
C ALA D 280 -20.69 5.63 -11.19
N PHE D 281 -21.76 6.36 -11.50
CA PHE D 281 -22.15 6.57 -12.88
C PHE D 281 -21.55 7.83 -13.48
N TYR D 282 -20.82 8.61 -12.68
CA TYR D 282 -20.10 9.76 -13.23
C TYR D 282 -18.77 9.23 -13.76
N PRO D 283 -18.27 9.75 -14.90
CA PRO D 283 -17.00 9.30 -15.44
C PRO D 283 -15.84 9.67 -14.54
N THR D 284 -14.80 8.85 -14.52
CA THR D 284 -13.76 9.07 -13.54
C THR D 284 -12.62 10.00 -14.02
N ASP D 285 -12.44 10.15 -15.34
CA ASP D 285 -11.46 11.14 -15.85
C ASP D 285 -12.09 12.09 -16.89
N ALA D 286 -12.91 13.00 -16.44
CA ALA D 286 -13.46 14.04 -17.29
C ALA D 286 -13.31 15.33 -16.48
N LYS D 287 -13.33 16.49 -17.11
CA LYS D 287 -13.43 17.69 -16.34
C LYS D 287 -14.93 17.79 -16.05
N ILE D 288 -15.26 18.18 -14.83
CA ILE D 288 -16.67 18.35 -14.46
C ILE D 288 -16.97 19.79 -14.07
N ILE D 289 -18.01 20.32 -14.70
CA ILE D 289 -18.48 21.66 -14.46
C ILE D 289 -19.87 21.54 -13.90
N GLN D 290 -20.17 22.29 -12.86
CA GLN D 290 -21.53 22.24 -12.27
C GLN D 290 -22.11 23.64 -12.08
N ILE D 291 -23.33 23.82 -12.55
CA ILE D 291 -24.09 25.03 -12.38
C ILE D 291 -25.34 24.67 -11.59
N ASP D 292 -25.60 25.39 -10.49
CA ASP D 292 -26.75 25.11 -9.62
C ASP D 292 -27.08 26.35 -8.82
N ILE D 293 -28.34 26.55 -8.42
CA ILE D 293 -28.64 27.70 -7.55
C ILE D 293 -28.31 27.40 -6.11
N ASN D 294 -28.14 26.12 -5.77
CA ASN D 294 -27.98 25.74 -4.37
C ASN D 294 -26.56 25.28 -4.10
N PRO D 295 -25.82 26.06 -3.31
CA PRO D 295 -24.45 25.67 -2.98
C PRO D 295 -24.36 24.24 -2.42
N ALA D 296 -25.40 23.76 -1.76
CA ALA D 296 -25.33 22.43 -1.17
C ALA D 296 -25.35 21.30 -2.21
N SER D 297 -25.71 21.62 -3.45
CA SER D 297 -25.75 20.62 -4.49
C SER D 297 -24.39 20.48 -5.16
N ILE D 298 -23.55 21.50 -4.99
CA ILE D 298 -22.34 21.56 -5.75
C ILE D 298 -21.29 20.64 -5.15
N GLY D 299 -20.93 19.59 -5.89
CA GLY D 299 -19.94 18.64 -5.43
C GLY D 299 -20.57 17.57 -4.55
N ALA D 300 -21.90 17.45 -4.54
CA ALA D 300 -22.54 16.51 -3.61
C ALA D 300 -22.35 15.07 -4.05
N HIS D 301 -22.22 14.85 -5.37
CA HIS D 301 -22.10 13.47 -5.87
C HIS D 301 -21.01 13.29 -6.89
N SER D 302 -20.11 14.27 -7.00
CA SER D 302 -18.96 14.14 -7.89
C SER D 302 -17.95 15.20 -7.55
N LYS D 303 -16.72 15.00 -8.01
CA LYS D 303 -15.76 16.08 -7.96
C LYS D 303 -16.26 17.22 -8.86
N VAL D 304 -15.75 18.41 -8.64
CA VAL D 304 -16.14 19.54 -9.46
C VAL D 304 -14.90 20.35 -9.79
N ASP D 305 -14.59 20.47 -11.08
CA ASP D 305 -13.45 21.27 -11.50
C ASP D 305 -13.77 22.75 -11.65
N MET D 306 -15.02 23.07 -11.99
CA MET D 306 -15.47 24.44 -12.04
C MET D 306 -16.92 24.51 -11.60
N ALA D 307 -17.19 25.35 -10.62
CA ALA D 307 -18.55 25.51 -10.07
C ALA D 307 -19.07 26.91 -10.33
N LEU D 308 -20.33 27.03 -10.71
CA LEU D 308 -20.96 28.33 -10.84
C LEU D 308 -22.32 28.30 -10.19
N VAL D 309 -22.66 29.36 -9.46
CA VAL D 309 -23.97 29.46 -8.85
C VAL D 309 -24.79 30.30 -9.80
N GLY D 310 -25.90 29.75 -10.25
CA GLY D 310 -26.76 30.51 -11.14
C GLY D 310 -28.01 29.73 -11.45
N ASP D 311 -29.05 30.42 -11.84
CA ASP D 311 -30.25 29.78 -12.32
C ASP D 311 -29.98 29.39 -13.78
N ILE D 312 -30.46 28.23 -14.20
CA ILE D 312 -30.07 27.72 -15.52
C ILE D 312 -30.53 28.63 -16.67
N LYS D 313 -31.78 29.07 -16.62
CA LYS D 313 -32.31 29.89 -17.68
C LYS D 313 -31.46 31.16 -17.85
N SER D 314 -31.24 31.90 -16.77
CA SER D 314 -30.53 33.18 -16.97
C SER D 314 -29.05 33.00 -17.20
N THR D 315 -28.46 31.95 -16.63
CA THR D 315 -27.06 31.62 -16.90
C THR D 315 -26.84 31.29 -18.38
N LEU D 316 -27.66 30.37 -18.92
CA LEU D 316 -27.51 30.04 -20.33
C LEU D 316 -27.74 31.27 -21.23
N ARG D 317 -28.70 32.14 -20.87
CA ARG D 317 -28.94 33.31 -21.68
C ARG D 317 -27.73 34.21 -21.72
N ALA D 318 -27.06 34.33 -20.58
CA ALA D 318 -25.89 35.19 -20.51
C ALA D 318 -24.68 34.52 -21.15
N LEU D 319 -24.65 33.20 -21.07
CA LEU D 319 -23.51 32.42 -21.56
C LEU D 319 -23.49 32.28 -23.09
N LEU D 320 -24.66 31.99 -23.66
CA LEU D 320 -24.75 31.69 -25.08
C LEU D 320 -24.01 32.64 -25.99
N PRO D 321 -24.18 33.98 -25.81
CA PRO D 321 -23.50 34.87 -26.74
C PRO D 321 -21.97 34.84 -26.58
N LEU D 322 -21.49 34.32 -25.45
CA LEU D 322 -20.05 34.25 -25.21
C LEU D 322 -19.43 32.98 -25.79
N VAL D 323 -20.29 32.00 -26.08
CA VAL D 323 -19.84 30.69 -26.51
C VAL D 323 -19.76 30.61 -28.02
N GLU D 324 -18.58 30.23 -28.49
CA GLU D 324 -18.34 30.04 -29.92
C GLU D 324 -18.95 28.71 -30.39
N GLU D 325 -19.56 28.72 -31.57
CA GLU D 325 -20.11 27.49 -32.13
C GLU D 325 -19.00 26.49 -32.47
N LYS D 326 -19.17 25.23 -32.09
CA LYS D 326 -18.19 24.19 -32.39
C LYS D 326 -18.63 23.40 -33.62
N ALA D 327 -17.69 23.07 -34.51
CA ALA D 327 -18.02 22.29 -35.70
C ALA D 327 -17.98 20.78 -35.46
N ASP D 328 -17.17 20.37 -34.49
CA ASP D 328 -16.90 18.96 -34.26
C ASP D 328 -18.06 18.27 -33.54
N ARG D 329 -18.71 17.34 -34.24
CA ARG D 329 -19.91 16.68 -33.74
C ARG D 329 -19.81 15.17 -33.70
N LYS D 330 -18.59 14.63 -33.71
CA LYS D 330 -18.38 13.18 -33.63
C LYS D 330 -18.99 12.59 -32.36
N PHE D 331 -18.70 13.19 -31.21
CA PHE D 331 -19.17 12.66 -29.96
C PHE D 331 -20.69 12.64 -29.95
N LEU D 332 -21.29 13.75 -30.36
CA LEU D 332 -22.74 13.83 -30.42
C LEU D 332 -23.35 12.78 -31.34
N ASP D 333 -22.79 12.63 -32.53
CA ASP D 333 -23.31 11.68 -33.49
C ASP D 333 -23.24 10.24 -32.99
N LYS D 334 -22.15 9.90 -32.31
CA LYS D 334 -21.99 8.58 -31.75
C LYS D 334 -23.03 8.35 -30.66
N ALA D 335 -23.26 9.36 -29.82
CA ALA D 335 -24.26 9.25 -28.77
C ALA D 335 -25.65 9.04 -29.37
N LEU D 336 -25.94 9.77 -30.43
CA LEU D 336 -27.25 9.64 -31.09
C LEU D 336 -27.44 8.24 -31.70
N GLU D 337 -26.35 7.68 -32.19
CA GLU D 337 -26.41 6.36 -32.76
C GLU D 337 -26.64 5.33 -31.66
N ASP D 338 -25.94 5.48 -30.54
CA ASP D 338 -26.18 4.67 -29.38
C ASP D 338 -27.60 4.72 -28.95
N TYR D 339 -28.13 5.92 -28.97
CA TYR D 339 -29.49 6.16 -28.54
C TYR D 339 -30.50 5.42 -29.42
N ARG D 340 -30.32 5.49 -30.73
CA ARG D 340 -31.22 4.76 -31.62
C ARG D 340 -31.18 3.25 -31.33
N ASP D 341 -30.01 2.68 -31.04
CA ASP D 341 -29.91 1.27 -30.67
C ASP D 341 -30.66 1.01 -29.35
N ALA D 342 -30.44 1.88 -28.37
CA ALA D 342 -31.04 1.68 -27.06
C ALA D 342 -32.57 1.75 -27.13
N ARG D 343 -33.05 2.76 -27.83
CA ARG D 343 -34.47 2.99 -28.04
C ARG D 343 -35.16 1.84 -28.76
N LYS D 344 -34.44 1.09 -29.59
CA LYS D 344 -34.95 -0.10 -30.25
C LYS D 344 -34.97 -1.29 -29.31
N GLY D 345 -33.98 -1.40 -28.43
CA GLY D 345 -33.96 -2.47 -27.45
C GLY D 345 -35.14 -2.35 -26.50
N LEU D 346 -35.39 -1.14 -26.06
CA LEU D 346 -36.52 -0.81 -25.20
C LEU D 346 -37.82 -1.19 -25.85
N ASP D 347 -37.96 -0.90 -27.14
CA ASP D 347 -39.19 -1.16 -27.85
C ASP D 347 -39.46 -2.65 -28.03
N ASP D 348 -38.40 -3.45 -28.16
CA ASP D 348 -38.54 -4.90 -28.37
C ASP D 348 -39.12 -5.57 -27.14
N LEU D 349 -38.88 -4.96 -25.99
CA LEU D 349 -39.42 -5.48 -24.74
C LEU D 349 -40.89 -5.14 -24.51
N ALA D 350 -41.43 -4.19 -25.29
CA ALA D 350 -42.79 -3.72 -25.08
C ALA D 350 -43.78 -4.24 -26.08
N LYS D 351 -43.84 -5.57 -26.23
CA LYS D 351 -44.76 -6.11 -27.21
C LYS D 351 -45.80 -7.00 -26.56
N PRO D 352 -46.94 -7.14 -27.22
CA PRO D 352 -47.97 -8.04 -26.71
C PRO D 352 -47.52 -9.49 -26.84
N SER D 353 -48.06 -10.35 -25.98
CA SER D 353 -47.72 -11.76 -25.99
C SER D 353 -48.88 -12.57 -25.42
N GLU D 354 -48.91 -13.87 -25.68
CA GLU D 354 -49.95 -14.72 -25.11
C GLU D 354 -49.52 -15.28 -23.77
N LYS D 355 -48.22 -15.20 -23.49
CA LYS D 355 -47.63 -15.72 -22.25
C LYS D 355 -48.04 -14.96 -20.99
N ALA D 356 -47.88 -13.66 -21.02
CA ALA D 356 -48.05 -12.88 -19.80
C ALA D 356 -47.88 -11.46 -20.24
N ILE D 357 -48.35 -10.53 -19.44
CA ILE D 357 -48.32 -9.18 -19.93
C ILE D 357 -47.00 -8.58 -19.49
N HIS D 358 -46.17 -8.19 -20.45
CA HIS D 358 -44.96 -7.49 -20.12
C HIS D 358 -45.33 -6.10 -19.63
N PRO D 359 -44.89 -5.74 -18.41
CA PRO D 359 -45.24 -4.44 -17.88
C PRO D 359 -44.75 -3.33 -18.78
N GLN D 360 -43.70 -3.58 -19.56
CA GLN D 360 -43.24 -2.51 -20.41
C GLN D 360 -44.18 -2.27 -21.59
N TYR D 361 -44.83 -3.33 -22.07
CA TYR D 361 -45.95 -3.20 -22.99
C TYR D 361 -47.06 -2.37 -22.33
N LEU D 362 -47.40 -2.69 -21.09
CA LEU D 362 -48.47 -1.98 -20.42
C LEU D 362 -48.16 -0.48 -20.33
N ALA D 363 -46.93 -0.15 -19.95
CA ALA D 363 -46.54 1.24 -19.82
C ALA D 363 -46.57 1.95 -21.16
N GLN D 364 -46.10 1.27 -22.21
CA GLN D 364 -46.09 1.85 -23.53
C GLN D 364 -47.52 2.21 -23.97
N GLN D 365 -48.48 1.36 -23.62
CA GLN D 365 -49.85 1.57 -24.10
C GLN D 365 -50.51 2.67 -23.29
N ILE D 366 -50.13 2.77 -22.02
CA ILE D 366 -50.59 3.89 -21.19
C ILE D 366 -50.16 5.19 -21.84
N SER D 367 -48.90 5.27 -22.23
CA SER D 367 -48.40 6.45 -22.88
C SER D 367 -49.14 6.74 -24.20
N HIS D 368 -49.45 5.69 -24.93
CA HIS D 368 -50.08 5.84 -26.23
C HIS D 368 -51.52 6.35 -26.11
N PHE D 369 -52.28 5.85 -25.13
CA PHE D 369 -53.70 6.19 -25.02
C PHE D 369 -54.03 7.34 -24.06
N ALA D 370 -53.11 7.67 -23.17
CA ALA D 370 -53.36 8.74 -22.19
C ALA D 370 -53.43 10.10 -22.90
N ALA D 371 -54.07 11.09 -22.27
CA ALA D 371 -54.22 12.41 -22.88
C ALA D 371 -52.86 13.05 -23.20
N ASP D 372 -52.84 13.96 -24.16
CA ASP D 372 -51.59 14.63 -24.51
C ASP D 372 -51.10 15.62 -23.43
N ASP D 373 -51.94 15.86 -22.43
CA ASP D 373 -51.52 16.65 -21.28
C ASP D 373 -51.81 15.93 -19.98
N ALA D 374 -51.79 14.61 -20.02
CA ALA D 374 -52.04 13.84 -18.81
C ALA D 374 -50.99 14.11 -17.75
N ILE D 375 -51.38 13.97 -16.49
CA ILE D 375 -50.46 14.01 -15.39
C ILE D 375 -50.28 12.59 -14.90
N PHE D 376 -49.04 12.10 -14.91
CA PHE D 376 -48.73 10.76 -14.49
C PHE D 376 -48.03 10.76 -13.14
N THR D 377 -48.42 9.82 -12.27
CA THR D 377 -47.67 9.58 -11.07
C THR D 377 -47.26 8.11 -11.13
N CYS D 378 -46.15 7.76 -10.49
CA CYS D 378 -45.68 6.37 -10.52
C CYS D 378 -45.07 5.96 -9.16
N ASP D 379 -45.46 4.79 -8.69
CA ASP D 379 -44.96 4.26 -7.42
C ASP D 379 -43.47 3.93 -7.49
N VAL D 380 -42.79 4.17 -6.37
CA VAL D 380 -41.44 3.69 -6.27
C VAL D 380 -41.50 2.18 -6.38
N GLY D 381 -40.62 1.60 -7.22
CA GLY D 381 -40.67 0.19 -7.60
C GLY D 381 -40.64 0.10 -9.11
N THR D 382 -41.08 -1.02 -9.66
CA THR D 382 -40.98 -1.17 -11.13
C THR D 382 -41.74 -0.06 -11.88
N PRO D 383 -42.84 0.45 -11.30
CA PRO D 383 -43.54 1.47 -12.11
C PRO D 383 -42.66 2.69 -12.41
N THR D 384 -41.72 3.00 -11.53
CA THR D 384 -40.79 4.10 -11.79
C THR D 384 -39.90 3.77 -12.98
N VAL D 385 -39.44 2.53 -13.05
CA VAL D 385 -38.63 2.09 -14.17
C VAL D 385 -39.43 2.24 -15.47
N TRP D 386 -40.67 1.74 -15.49
CA TRP D 386 -41.43 1.74 -16.74
C TRP D 386 -41.79 3.16 -17.16
N ALA D 387 -42.11 4.00 -16.19
CA ALA D 387 -42.42 5.38 -16.48
C ALA D 387 -41.21 6.03 -17.10
N ALA D 388 -40.07 5.86 -16.45
CA ALA D 388 -38.83 6.45 -16.94
C ALA D 388 -38.55 6.07 -18.37
N ARG D 389 -38.78 4.78 -18.69
CA ARG D 389 -38.37 4.26 -19.98
C ARG D 389 -39.43 4.35 -21.05
N TYR D 390 -40.71 4.44 -20.68
CA TYR D 390 -41.77 4.32 -21.69
C TYR D 390 -42.76 5.48 -21.82
N LEU D 391 -42.82 6.37 -20.83
CA LEU D 391 -43.73 7.52 -20.94
C LEU D 391 -43.14 8.56 -21.87
N LYS D 392 -43.87 8.90 -22.92
CA LYS D 392 -43.41 9.96 -23.78
C LYS D 392 -43.88 11.33 -23.28
N MET D 393 -42.91 12.22 -23.04
CA MET D 393 -43.21 13.58 -22.55
C MET D 393 -43.26 14.54 -23.71
N ASN D 394 -43.84 15.72 -23.51
CA ASN D 394 -44.06 16.64 -24.63
C ASN D 394 -44.16 18.10 -24.22
N GLY D 395 -43.85 18.40 -22.98
CA GLY D 395 -43.91 19.78 -22.54
C GLY D 395 -45.26 20.12 -21.93
N LYS D 396 -46.22 19.21 -22.03
CA LYS D 396 -47.53 19.43 -21.41
C LYS D 396 -47.80 18.38 -20.37
N ARG D 397 -47.52 17.12 -20.70
CA ARG D 397 -47.58 16.02 -19.73
C ARG D 397 -46.66 16.25 -18.54
N ARG D 398 -47.01 15.67 -17.40
CA ARG D 398 -46.25 15.79 -16.19
C ARG D 398 -46.01 14.44 -15.59
N LEU D 399 -44.87 14.31 -14.89
CA LEU D 399 -44.53 13.07 -14.22
C LEU D 399 -44.17 13.38 -12.78
N LEU D 400 -44.92 12.82 -11.82
CA LEU D 400 -44.58 12.96 -10.42
C LEU D 400 -44.25 11.61 -9.82
N GLY D 401 -43.34 11.61 -8.84
CA GLY D 401 -43.04 10.39 -8.12
C GLY D 401 -42.39 10.73 -6.80
N SER D 402 -41.82 9.72 -6.17
CA SER D 402 -41.05 9.94 -4.97
C SER D 402 -39.60 9.63 -5.31
N PHE D 403 -39.03 10.44 -6.19
CA PHE D 403 -37.78 10.09 -6.83
C PHE D 403 -36.56 10.30 -5.96
N ASN D 404 -36.62 11.25 -5.04
CA ASN D 404 -35.50 11.53 -4.15
C ASN D 404 -35.66 10.80 -2.82
N HIS D 405 -36.87 10.87 -2.24
CA HIS D 405 -37.09 10.31 -0.92
C HIS D 405 -37.29 8.80 -1.08
N GLY D 406 -37.83 8.40 -2.24
CA GLY D 406 -37.84 6.99 -2.57
C GLY D 406 -38.83 6.16 -1.76
N SER D 407 -40.00 6.73 -1.48
CA SER D 407 -41.00 6.03 -0.71
C SER D 407 -41.93 5.21 -1.59
N MET D 408 -42.15 3.95 -1.24
CA MET D 408 -43.29 3.21 -1.79
C MET D 408 -44.59 3.99 -1.55
N ALA D 409 -45.59 3.70 -2.37
CA ALA D 409 -46.99 4.05 -2.08
C ALA D 409 -47.33 5.50 -2.36
N ASN D 410 -46.45 6.19 -3.10
CA ASN D 410 -46.65 7.60 -3.37
C ASN D 410 -47.66 7.87 -4.49
N ALA D 411 -47.80 6.94 -5.42
CA ALA D 411 -48.48 7.24 -6.67
C ALA D 411 -49.92 7.67 -6.48
N MET D 412 -50.71 6.85 -5.81
CA MET D 412 -52.11 7.21 -5.69
C MET D 412 -52.32 8.48 -4.84
N PRO D 413 -51.59 8.60 -3.71
CA PRO D 413 -51.75 9.82 -2.96
C PRO D 413 -51.37 11.06 -3.79
N GLN D 414 -50.29 11.00 -4.56
CA GLN D 414 -49.93 12.15 -5.39
C GLN D 414 -51.00 12.41 -6.44
N ALA D 415 -51.58 11.32 -6.97
CA ALA D 415 -52.64 11.45 -7.97
C ALA D 415 -53.83 12.19 -7.40
N LEU D 416 -54.13 11.89 -6.14
CA LEU D 416 -55.19 12.56 -5.43
C LEU D 416 -54.98 14.07 -5.42
N GLY D 417 -53.76 14.50 -5.09
CA GLY D 417 -53.48 15.90 -5.05
C GLY D 417 -53.47 16.52 -6.45
N ALA D 418 -52.93 15.79 -7.43
CA ALA D 418 -52.91 16.29 -8.79
C ALA D 418 -54.33 16.52 -9.27
N GLN D 419 -55.17 15.51 -9.09
CA GLN D 419 -56.52 15.59 -9.60
C GLN D 419 -57.31 16.75 -8.97
N ALA D 420 -57.13 16.97 -7.67
CA ALA D 420 -57.87 18.06 -7.02
C ALA D 420 -57.38 19.41 -7.51
N THR D 421 -56.10 19.48 -7.85
CA THR D 421 -55.51 20.75 -8.26
C THR D 421 -55.91 21.05 -9.69
N GLU D 422 -55.97 20.01 -10.51
CA GLU D 422 -56.40 20.16 -11.89
C GLU D 422 -57.63 19.31 -12.20
N PRO D 423 -58.81 19.75 -11.76
CA PRO D 423 -59.99 18.88 -11.88
C PRO D 423 -60.38 18.47 -13.31
N GLU D 424 -59.98 19.26 -14.30
CA GLU D 424 -60.36 18.99 -15.69
C GLU D 424 -59.36 18.10 -16.42
N ARG D 425 -58.25 17.78 -15.76
CA ARG D 425 -57.14 17.18 -16.42
C ARG D 425 -57.15 15.66 -16.15
N GLN D 426 -56.67 14.85 -17.09
CA GLN D 426 -56.56 13.41 -16.87
C GLN D 426 -55.35 13.10 -15.98
N VAL D 427 -55.55 12.29 -14.95
CA VAL D 427 -54.49 11.90 -14.05
C VAL D 427 -54.41 10.38 -14.00
N VAL D 428 -53.22 9.84 -14.25
CA VAL D 428 -53.04 8.41 -14.32
C VAL D 428 -51.99 8.00 -13.30
N ALA D 429 -52.42 7.19 -12.32
CA ALA D 429 -51.51 6.70 -11.29
C ALA D 429 -51.00 5.31 -11.66
N MET D 430 -49.70 5.19 -11.89
CA MET D 430 -49.09 3.91 -12.17
C MET D 430 -48.62 3.31 -10.87
N CYS D 431 -49.43 2.42 -10.31
CA CYS D 431 -49.22 1.91 -8.95
C CYS D 431 -48.64 0.52 -8.91
N GLY D 432 -47.87 0.25 -7.86
CA GLY D 432 -47.48 -1.11 -7.57
C GLY D 432 -48.59 -1.72 -6.74
N ASP D 433 -48.62 -3.05 -6.66
CA ASP D 433 -49.55 -3.71 -5.80
C ASP D 433 -49.14 -3.52 -4.34
N GLY D 434 -47.84 -3.51 -4.09
CA GLY D 434 -47.33 -3.16 -2.77
C GLY D 434 -47.66 -1.70 -2.41
N GLY D 435 -47.39 -0.80 -3.34
CA GLY D 435 -47.64 0.61 -3.10
C GLY D 435 -49.12 0.91 -2.88
N PHE D 436 -49.97 0.39 -3.76
CA PHE D 436 -51.38 0.63 -3.64
C PHE D 436 -51.90 0.10 -2.31
N SER D 437 -51.50 -1.11 -1.95
CA SER D 437 -52.07 -1.64 -0.73
C SER D 437 -51.45 -1.04 0.54
N MET D 438 -50.24 -0.49 0.44
CA MET D 438 -49.60 0.11 1.59
C MET D 438 -50.39 1.33 2.16
N LEU D 439 -51.04 2.10 1.27
CA LEU D 439 -51.91 3.20 1.72
C LEU D 439 -53.32 3.04 1.13
N MET D 440 -53.81 1.79 1.09
CA MET D 440 -55.04 1.47 0.40
C MET D 440 -56.27 2.22 0.89
N GLY D 441 -56.26 2.66 2.15
CA GLY D 441 -57.44 3.28 2.73
C GLY D 441 -57.83 4.52 1.95
N ASP D 442 -56.85 5.25 1.43
CA ASP D 442 -57.17 6.46 0.72
C ASP D 442 -57.73 6.23 -0.67
N PHE D 443 -57.80 4.97 -1.08
CA PHE D 443 -58.59 4.66 -2.25
C PHE D 443 -60.03 5.19 -2.01
N LEU D 444 -60.50 5.07 -0.77
CA LEU D 444 -61.81 5.60 -0.42
C LEU D 444 -61.90 7.12 -0.61
N SER D 445 -60.77 7.81 -0.59
CA SER D 445 -60.78 9.25 -0.78
C SER D 445 -61.07 9.58 -2.22
N VAL D 446 -60.67 8.70 -3.11
CA VAL D 446 -60.98 8.90 -4.52
C VAL D 446 -62.48 8.97 -4.72
N VAL D 447 -63.24 8.11 -4.02
CA VAL D 447 -64.69 8.17 -4.09
C VAL D 447 -65.24 9.38 -3.35
N GLN D 448 -64.86 9.52 -2.08
CA GLN D 448 -65.40 10.60 -1.25
C GLN D 448 -65.14 11.99 -1.85
N MET D 449 -63.97 12.20 -2.47
CA MET D 449 -63.66 13.50 -3.05
C MET D 449 -64.10 13.58 -4.51
N LYS D 450 -64.55 12.46 -5.06
CA LYS D 450 -65.02 12.41 -6.45
C LYS D 450 -63.93 12.88 -7.42
N LEU D 451 -62.73 12.36 -7.28
CA LEU D 451 -61.67 12.71 -8.16
C LEU D 451 -61.48 11.57 -9.17
N PRO D 452 -61.69 11.86 -10.47
CA PRO D 452 -61.67 10.80 -11.48
C PRO D 452 -60.27 10.27 -11.82
N VAL D 453 -59.48 9.88 -10.81
CA VAL D 453 -58.16 9.37 -11.09
C VAL D 453 -58.24 8.03 -11.80
N LYS D 454 -57.33 7.82 -12.75
CA LYS D 454 -57.23 6.52 -13.41
C LYS D 454 -56.07 5.76 -12.78
N ILE D 455 -56.40 4.75 -11.98
CA ILE D 455 -55.39 3.96 -11.34
C ILE D 455 -55.07 2.68 -12.11
N VAL D 456 -53.82 2.49 -12.47
CA VAL D 456 -53.42 1.27 -13.15
C VAL D 456 -52.45 0.51 -12.25
N VAL D 457 -52.87 -0.65 -11.77
CA VAL D 457 -52.03 -1.40 -10.86
C VAL D 457 -51.18 -2.38 -11.63
N PHE D 458 -49.87 -2.27 -11.47
CA PHE D 458 -48.94 -3.26 -12.04
C PHE D 458 -48.92 -4.44 -11.08
N ASN D 459 -49.85 -5.35 -11.27
CA ASN D 459 -50.09 -6.40 -10.31
C ASN D 459 -49.17 -7.57 -10.58
N ASN D 460 -47.97 -7.51 -10.00
CA ASN D 460 -47.05 -8.63 -10.18
C ASN D 460 -47.06 -9.48 -8.93
N SER D 461 -48.01 -9.19 -8.03
CA SER D 461 -48.21 -10.12 -6.96
C SER D 461 -46.91 -10.21 -6.15
N VAL D 462 -46.08 -9.16 -6.18
CA VAL D 462 -44.79 -9.15 -5.51
C VAL D 462 -44.32 -7.72 -5.22
N LEU D 463 -43.36 -7.63 -4.29
CA LEU D 463 -42.58 -6.43 -4.04
C LEU D 463 -41.37 -6.48 -4.97
N GLY D 464 -41.61 -6.23 -6.25
CA GLY D 464 -40.71 -6.65 -7.33
C GLY D 464 -39.35 -5.98 -7.45
N PHE D 465 -39.19 -4.78 -6.87
CA PHE D 465 -37.91 -4.04 -6.91
C PHE D 465 -37.11 -4.19 -5.59
N VAL D 466 -37.67 -3.66 -4.50
CA VAL D 466 -37.03 -3.70 -3.18
C VAL D 466 -37.73 -4.64 -2.22
N GLY D 479 -39.25 -12.70 1.74
CA GLY D 479 -40.39 -11.85 2.12
C GLY D 479 -40.81 -10.85 1.06
N THR D 480 -40.81 -11.29 -0.20
CA THR D 480 -41.20 -10.42 -1.31
C THR D 480 -42.59 -10.76 -1.87
N GLU D 481 -43.04 -11.98 -1.59
CA GLU D 481 -44.27 -12.49 -2.16
C GLU D 481 -45.53 -11.89 -1.51
N LEU D 482 -46.50 -11.48 -2.32
CA LEU D 482 -47.76 -10.97 -1.81
C LEU D 482 -48.89 -11.92 -2.19
N HIS D 483 -49.80 -12.18 -1.27
CA HIS D 483 -50.96 -12.99 -1.57
C HIS D 483 -51.62 -12.49 -2.85
N ASP D 484 -51.81 -13.37 -3.82
CA ASP D 484 -52.69 -13.10 -4.99
C ASP D 484 -53.87 -12.19 -4.63
N THR D 485 -54.02 -11.10 -5.36
CA THR D 485 -55.03 -10.16 -4.96
C THR D 485 -55.74 -9.60 -6.17
N ASN D 486 -57.05 -9.53 -6.08
CA ASN D 486 -57.80 -8.94 -7.16
C ASN D 486 -58.22 -7.52 -6.79
N PHE D 487 -57.47 -6.55 -7.26
CA PHE D 487 -57.77 -5.16 -6.94
C PHE D 487 -58.99 -4.61 -7.67
N ALA D 488 -59.32 -5.17 -8.83
CA ALA D 488 -60.53 -4.79 -9.53
C ALA D 488 -61.75 -5.13 -8.68
N ARG D 489 -61.73 -6.29 -8.06
CA ARG D 489 -62.84 -6.71 -7.22
C ARG D 489 -62.95 -5.75 -6.04
N ILE D 490 -61.81 -5.34 -5.48
CA ILE D 490 -61.83 -4.45 -4.35
C ILE D 490 -62.40 -3.10 -4.76
N ALA D 491 -62.00 -2.61 -5.93
CA ALA D 491 -62.54 -1.37 -6.43
C ALA D 491 -64.07 -1.44 -6.54
N GLU D 492 -64.58 -2.48 -7.16
CA GLU D 492 -66.01 -2.59 -7.34
C GLU D 492 -66.71 -2.54 -5.98
N ALA D 493 -66.11 -3.16 -4.98
CA ALA D 493 -66.73 -3.22 -3.67
C ALA D 493 -66.75 -1.84 -3.02
N CYS D 494 -65.83 -0.97 -3.44
CA CYS D 494 -65.75 0.38 -2.94
C CYS D 494 -66.61 1.33 -3.75
N GLY D 495 -67.28 0.83 -4.79
CA GLY D 495 -68.11 1.66 -5.64
C GLY D 495 -67.39 2.37 -6.79
N ILE D 496 -66.15 1.97 -7.07
CA ILE D 496 -65.40 2.46 -8.24
C ILE D 496 -65.35 1.35 -9.32
N THR D 497 -65.49 1.69 -10.61
CA THR D 497 -65.31 0.72 -11.69
C THR D 497 -63.94 0.01 -11.62
N GLY D 498 -63.96 -1.31 -11.68
CA GLY D 498 -62.74 -2.11 -11.69
C GLY D 498 -62.65 -2.97 -12.93
N ILE D 499 -61.50 -2.93 -13.59
CA ILE D 499 -61.28 -3.75 -14.77
C ILE D 499 -60.08 -4.66 -14.52
N ARG D 500 -60.33 -5.97 -14.57
CA ARG D 500 -59.28 -6.97 -14.37
C ARG D 500 -58.72 -7.37 -15.74
N VAL D 501 -57.41 -7.18 -15.91
CA VAL D 501 -56.77 -7.48 -17.18
C VAL D 501 -55.71 -8.57 -17.01
N GLU D 502 -55.86 -9.67 -17.74
CA GLU D 502 -54.95 -10.79 -17.61
C GLU D 502 -54.31 -11.21 -18.94
N LYS D 503 -54.92 -10.82 -20.05
CA LYS D 503 -54.37 -11.12 -21.37
C LYS D 503 -53.87 -9.85 -22.05
N ALA D 504 -52.71 -9.92 -22.69
CA ALA D 504 -52.15 -8.74 -23.36
C ALA D 504 -53.13 -8.15 -24.38
N SER D 505 -53.93 -9.00 -25.02
CA SER D 505 -54.88 -8.54 -26.02
C SER D 505 -56.01 -7.68 -25.42
N GLU D 506 -56.21 -7.78 -24.12
CA GLU D 506 -57.26 -7.02 -23.45
C GLU D 506 -56.80 -5.63 -23.03
N VAL D 507 -55.49 -5.38 -23.07
CA VAL D 507 -54.94 -4.15 -22.54
C VAL D 507 -55.47 -2.88 -23.23
N ASP D 508 -55.39 -2.86 -24.56
CA ASP D 508 -55.75 -1.67 -25.31
C ASP D 508 -57.17 -1.23 -24.96
N GLU D 509 -58.13 -2.13 -25.05
CA GLU D 509 -59.50 -1.76 -24.79
C GLU D 509 -59.73 -1.39 -23.31
N ALA D 510 -59.01 -2.04 -22.40
CA ALA D 510 -59.18 -1.72 -20.98
C ALA D 510 -58.73 -0.29 -20.67
N LEU D 511 -57.62 0.13 -21.24
CA LEU D 511 -57.13 1.47 -21.01
C LEU D 511 -58.07 2.51 -21.65
N GLN D 512 -58.53 2.23 -22.87
CA GLN D 512 -59.41 3.17 -23.54
C GLN D 512 -60.72 3.34 -22.76
N ARG D 513 -61.27 2.23 -22.28
CA ARG D 513 -62.50 2.29 -21.48
C ARG D 513 -62.25 3.09 -20.21
N ALA D 514 -61.19 2.78 -19.50
CA ALA D 514 -60.88 3.45 -18.25
C ALA D 514 -60.77 4.96 -18.46
N PHE D 515 -60.11 5.38 -19.53
CA PHE D 515 -59.89 6.79 -19.79
C PHE D 515 -61.18 7.52 -20.21
N SER D 516 -62.09 6.83 -20.88
CA SER D 516 -63.37 7.43 -21.31
C SER D 516 -64.40 7.55 -20.22
N ILE D 517 -64.39 6.62 -19.28
CA ILE D 517 -65.39 6.64 -18.23
C ILE D 517 -65.35 7.96 -17.46
N ASP D 518 -66.52 8.53 -17.25
CA ASP D 518 -66.68 9.78 -16.58
C ASP D 518 -66.61 9.55 -15.07
N GLY D 519 -65.45 9.16 -14.56
CA GLY D 519 -65.28 8.89 -13.15
C GLY D 519 -63.97 8.17 -12.88
N PRO D 520 -63.68 7.84 -11.62
CA PRO D 520 -62.43 7.13 -11.31
C PRO D 520 -62.52 5.66 -11.73
N VAL D 521 -61.37 5.07 -12.07
CA VAL D 521 -61.36 3.69 -12.53
C VAL D 521 -60.09 3.03 -12.04
N LEU D 522 -60.19 1.78 -11.62
CA LEU D 522 -58.99 1.02 -11.33
C LEU D 522 -58.82 -0.11 -12.34
N VAL D 523 -57.69 -0.12 -13.03
CA VAL D 523 -57.37 -1.17 -13.96
C VAL D 523 -56.30 -2.03 -13.31
N ASP D 524 -56.65 -3.28 -13.00
CA ASP D 524 -55.80 -4.21 -12.29
C ASP D 524 -55.16 -5.14 -13.31
N VAL D 525 -53.91 -4.87 -13.66
CA VAL D 525 -53.25 -5.64 -14.72
C VAL D 525 -52.23 -6.64 -14.18
N VAL D 526 -52.50 -7.92 -14.37
CA VAL D 526 -51.54 -8.94 -13.96
C VAL D 526 -50.34 -8.87 -14.89
N VAL D 527 -49.18 -8.52 -14.35
CA VAL D 527 -47.99 -8.41 -15.19
C VAL D 527 -46.90 -9.42 -14.81
N ALA D 528 -46.09 -9.80 -15.81
CA ALA D 528 -44.92 -10.67 -15.62
C ALA D 528 -43.85 -9.99 -14.74
N LYS D 529 -43.04 -10.80 -14.09
CA LYS D 529 -41.83 -10.31 -13.47
C LYS D 529 -40.74 -10.16 -14.54
N GLU D 530 -40.04 -9.03 -14.51
CA GLU D 530 -39.07 -8.69 -15.54
C GLU D 530 -37.65 -8.39 -14.99
N GLU D 531 -36.90 -7.55 -15.70
CA GLU D 531 -35.45 -7.34 -15.44
C GLU D 531 -34.88 -5.99 -15.95
N LEU D 532 -33.67 -5.71 -15.43
CA LEU D 532 -32.84 -4.58 -15.78
C LEU D 532 -31.55 -4.88 -15.00
N ALA D 533 -30.52 -5.45 -15.63
CA ALA D 533 -29.23 -5.63 -14.91
C ALA D 533 -28.34 -4.38 -14.90
N MET E 1 -10.19 -15.54 -8.72
CA MET E 1 -9.34 -14.68 -9.60
C MET E 1 -7.97 -15.31 -9.92
N LYS E 2 -6.92 -14.85 -9.20
CA LYS E 2 -5.62 -15.53 -9.21
C LYS E 2 -5.52 -16.44 -7.96
N GLN E 3 -5.42 -17.75 -8.16
CA GLN E 3 -5.67 -18.73 -7.11
C GLN E 3 -5.14 -20.11 -7.54
N THR E 4 -5.06 -21.05 -6.62
CA THR E 4 -4.43 -22.30 -6.95
C THR E 4 -5.47 -23.23 -7.59
N VAL E 5 -5.00 -24.27 -8.28
CA VAL E 5 -5.90 -25.25 -8.84
C VAL E 5 -6.83 -25.76 -7.75
N ALA E 6 -6.29 -26.08 -6.58
CA ALA E 6 -7.09 -26.58 -5.47
C ALA E 6 -8.14 -25.55 -5.02
N ALA E 7 -7.76 -24.28 -4.98
CA ALA E 7 -8.73 -23.24 -4.60
C ALA E 7 -9.87 -23.17 -5.62
N TYR E 8 -9.51 -23.32 -6.90
CA TYR E 8 -10.49 -23.26 -7.97
C TYR E 8 -11.50 -24.40 -7.77
N ILE E 9 -11.00 -25.58 -7.45
CA ILE E 9 -11.90 -26.70 -7.19
C ILE E 9 -12.82 -26.41 -6.01
N ALA E 10 -12.25 -25.95 -4.91
CA ALA E 10 -13.04 -25.70 -3.73
C ALA E 10 -14.14 -24.64 -3.95
N LYS E 11 -13.77 -23.54 -4.60
CA LYS E 11 -14.74 -22.49 -4.92
C LYS E 11 -15.86 -23.00 -5.81
N THR E 12 -15.51 -23.86 -6.78
CA THR E 12 -16.52 -24.34 -7.69
C THR E 12 -17.49 -25.26 -6.95
N LEU E 13 -16.96 -26.15 -6.12
CA LEU E 13 -17.81 -26.98 -5.26
C LEU E 13 -18.69 -26.11 -4.35
N GLU E 14 -18.11 -25.06 -3.79
CA GLU E 14 -18.89 -24.17 -2.94
C GLU E 14 -20.09 -23.64 -3.72
N SER E 15 -19.84 -23.25 -4.95
CA SER E 15 -20.87 -22.65 -5.78
C SER E 15 -21.94 -23.66 -6.13
N ALA E 16 -21.55 -24.92 -6.28
CA ALA E 16 -22.51 -26.00 -6.56
C ALA E 16 -23.29 -26.40 -5.31
N GLY E 17 -22.97 -25.77 -4.19
CA GLY E 17 -23.70 -26.02 -2.96
C GLY E 17 -23.17 -27.12 -2.07
N VAL E 18 -21.99 -27.67 -2.35
CA VAL E 18 -21.46 -28.67 -1.43
C VAL E 18 -21.14 -28.10 -0.05
N LYS E 19 -21.47 -28.86 0.98
CA LYS E 19 -21.40 -28.37 2.35
C LYS E 19 -20.22 -28.95 3.11
N ARG E 20 -19.75 -30.12 2.66
CA ARG E 20 -18.69 -30.78 3.41
C ARG E 20 -17.91 -31.71 2.52
N ILE E 21 -16.67 -31.97 2.89
CA ILE E 21 -15.86 -32.98 2.22
C ILE E 21 -15.40 -34.02 3.25
N TRP E 22 -15.59 -35.30 2.93
CA TRP E 22 -15.24 -36.37 3.84
C TRP E 22 -13.88 -36.94 3.49
N GLY E 23 -13.01 -37.10 4.47
CA GLY E 23 -11.75 -37.78 4.20
C GLY E 23 -10.83 -37.93 5.39
N VAL E 24 -9.58 -38.23 5.09
CA VAL E 24 -8.47 -38.18 6.07
C VAL E 24 -7.39 -37.36 5.34
N THR E 25 -6.74 -36.42 6.02
CA THR E 25 -5.69 -35.61 5.34
C THR E 25 -4.41 -36.38 4.96
N GLY E 26 -3.47 -35.61 4.41
CA GLY E 26 -2.14 -36.06 4.02
C GLY E 26 -1.48 -34.84 3.38
N ASP E 27 -0.16 -34.86 3.29
CA ASP E 27 0.59 -33.77 2.68
C ASP E 27 0.18 -33.52 1.22
N SER E 28 -0.20 -34.58 0.51
CA SER E 28 -0.61 -34.45 -0.89
C SER E 28 -1.91 -33.66 -1.04
N LEU E 29 -2.60 -33.44 0.07
CA LEU E 29 -3.85 -32.66 0.10
C LEU E 29 -3.66 -31.23 0.67
N ASN E 30 -2.42 -30.78 0.82
CA ASN E 30 -2.14 -29.46 1.39
C ASN E 30 -2.85 -28.32 0.65
N GLY E 31 -2.80 -28.34 -0.67
CA GLY E 31 -3.45 -27.33 -1.48
C GLY E 31 -4.91 -27.25 -1.11
N LEU E 32 -5.58 -28.40 -1.11
CA LEU E 32 -7.00 -28.45 -0.78
C LEU E 32 -7.30 -28.00 0.66
N SER E 33 -6.59 -28.54 1.63
CA SER E 33 -6.78 -28.15 3.04
C SER E 33 -6.60 -26.66 3.24
N ASP E 34 -5.55 -26.12 2.64
CA ASP E 34 -5.29 -24.70 2.79
C ASP E 34 -6.45 -23.88 2.22
N SER E 35 -6.97 -24.25 1.06
CA SER E 35 -8.09 -23.46 0.53
C SER E 35 -9.39 -23.66 1.30
N LEU E 36 -9.65 -24.85 1.82
CA LEU E 36 -10.80 -25.02 2.70
C LEU E 36 -10.68 -24.17 3.97
N ASN E 37 -9.49 -24.10 4.55
CA ASN E 37 -9.27 -23.25 5.73
C ASN E 37 -9.50 -21.80 5.44
N ARG E 38 -8.97 -21.32 4.32
CA ARG E 38 -9.13 -19.89 3.95
C ARG E 38 -10.57 -19.57 3.60
N MET E 39 -11.24 -20.50 2.96
CA MET E 39 -12.63 -20.32 2.53
C MET E 39 -13.60 -20.30 3.71
N GLY E 40 -13.42 -21.25 4.64
CA GLY E 40 -14.26 -21.33 5.84
C GLY E 40 -15.74 -21.60 5.63
N THR E 41 -16.13 -22.26 4.55
CA THR E 41 -17.54 -22.53 4.30
C THR E 41 -17.79 -24.03 4.14
N ILE E 42 -17.00 -24.70 3.32
CA ILE E 42 -17.12 -26.12 3.23
C ILE E 42 -16.43 -26.75 4.42
N GLU E 43 -17.11 -27.68 5.08
CA GLU E 43 -16.59 -28.29 6.29
C GLU E 43 -15.84 -29.59 6.01
N TRP E 44 -14.66 -29.75 6.62
CA TRP E 44 -13.89 -30.99 6.44
C TRP E 44 -14.33 -32.03 7.48
N MET E 45 -14.76 -33.20 7.02
CA MET E 45 -15.22 -34.24 7.95
C MET E 45 -14.18 -35.34 8.03
N SER E 46 -13.47 -35.41 9.13
CA SER E 46 -12.33 -36.32 9.24
C SER E 46 -12.74 -37.68 9.82
N THR E 47 -12.60 -38.74 9.03
CA THR E 47 -12.96 -40.08 9.49
C THR E 47 -11.69 -40.81 9.90
N ARG E 48 -11.83 -42.00 10.47
CA ARG E 48 -10.66 -42.78 10.87
C ARG E 48 -10.12 -43.62 9.71
N HIS E 49 -10.98 -43.99 8.77
CA HIS E 49 -10.57 -44.76 7.60
C HIS E 49 -11.27 -44.12 6.38
N GLU E 50 -10.55 -43.91 5.30
CA GLU E 50 -11.14 -43.25 4.15
C GLU E 50 -12.31 -44.05 3.55
N GLU E 51 -12.33 -45.36 3.77
CA GLU E 51 -13.44 -46.15 3.28
C GLU E 51 -14.74 -45.59 3.84
N VAL E 52 -14.70 -45.22 5.12
CA VAL E 52 -15.86 -44.69 5.80
C VAL E 52 -16.24 -43.31 5.24
N ALA E 53 -15.23 -42.53 4.86
CA ALA E 53 -15.51 -41.24 4.22
C ALA E 53 -16.36 -41.43 2.97
N ALA E 54 -15.98 -42.44 2.17
CA ALA E 54 -16.71 -42.71 0.93
C ALA E 54 -18.15 -43.18 1.21
N PHE E 55 -18.32 -44.15 2.11
CA PHE E 55 -19.66 -44.60 2.45
C PHE E 55 -20.49 -43.41 2.94
N ALA E 56 -19.91 -42.59 3.81
CA ALA E 56 -20.65 -41.51 4.42
C ALA E 56 -21.08 -40.48 3.36
N ALA E 57 -20.17 -40.15 2.45
CA ALA E 57 -20.51 -39.24 1.38
C ALA E 57 -21.66 -39.82 0.55
N GLY E 58 -21.61 -41.12 0.27
CA GLY E 58 -22.70 -41.76 -0.45
C GLY E 58 -24.02 -41.63 0.30
N ALA E 59 -24.00 -41.76 1.63
CA ALA E 59 -25.23 -41.64 2.39
C ALA E 59 -25.74 -40.19 2.31
N GLU E 60 -24.82 -39.24 2.38
CA GLU E 60 -25.21 -37.84 2.31
C GLU E 60 -25.86 -37.59 0.96
N ALA E 61 -25.25 -38.09 -0.11
CA ALA E 61 -25.81 -37.86 -1.45
C ALA E 61 -27.18 -38.53 -1.60
N GLN E 62 -27.31 -39.73 -1.05
CA GLN E 62 -28.58 -40.43 -1.09
C GLN E 62 -29.70 -39.60 -0.45
N LEU E 63 -29.41 -39.02 0.72
CA LEU E 63 -30.43 -38.31 1.48
C LEU E 63 -30.73 -36.93 0.92
N SER E 64 -29.69 -36.21 0.53
CA SER E 64 -29.89 -34.83 0.11
C SER E 64 -30.33 -34.74 -1.33
N GLY E 65 -30.02 -35.76 -2.13
CA GLY E 65 -30.25 -35.68 -3.57
C GLY E 65 -29.24 -34.78 -4.25
N GLU E 66 -28.16 -34.43 -3.53
CA GLU E 66 -27.20 -33.46 -4.07
C GLU E 66 -25.76 -33.94 -4.04
N LEU E 67 -24.90 -33.31 -4.84
CA LEU E 67 -23.51 -33.73 -4.95
C LEU E 67 -22.87 -33.82 -3.57
N ALA E 68 -22.23 -34.94 -3.28
CA ALA E 68 -21.40 -35.07 -2.08
C ALA E 68 -19.94 -35.31 -2.52
N VAL E 69 -19.01 -35.07 -1.61
CA VAL E 69 -17.61 -35.11 -1.98
C VAL E 69 -16.78 -35.83 -0.92
N CYS E 70 -15.85 -36.67 -1.35
CA CYS E 70 -14.87 -37.23 -0.44
C CYS E 70 -13.47 -37.06 -1.03
N ALA E 71 -12.43 -37.29 -0.21
CA ALA E 71 -11.08 -37.04 -0.67
C ALA E 71 -10.12 -37.99 0.01
N GLY E 72 -9.02 -38.33 -0.65
CA GLY E 72 -8.02 -39.17 -0.03
C GLY E 72 -6.64 -38.73 -0.43
N SER E 73 -5.65 -38.93 0.43
CA SER E 73 -4.30 -38.56 0.10
C SER E 73 -3.69 -39.51 -0.94
N CYS E 74 -2.44 -39.28 -1.32
CA CYS E 74 -1.90 -40.07 -2.40
C CYS E 74 -1.69 -41.53 -2.02
N GLY E 75 -1.69 -42.41 -3.02
CA GLY E 75 -1.47 -43.83 -2.81
C GLY E 75 -2.52 -44.41 -1.91
N PRO E 76 -2.10 -44.90 -0.73
CA PRO E 76 -3.00 -45.61 0.19
C PRO E 76 -4.20 -44.78 0.61
N GLY E 77 -4.04 -43.46 0.72
CA GLY E 77 -5.12 -42.60 1.17
C GLY E 77 -6.34 -42.73 0.30
N ASN E 78 -6.20 -42.37 -0.98
CA ASN E 78 -7.32 -42.45 -1.88
C ASN E 78 -7.68 -43.88 -2.17
N LEU E 79 -6.70 -44.77 -2.16
CA LEU E 79 -6.99 -46.19 -2.41
C LEU E 79 -8.02 -46.69 -1.38
N HIS E 80 -7.88 -46.23 -0.15
CA HIS E 80 -8.84 -46.60 0.90
C HIS E 80 -10.30 -46.27 0.55
N LEU E 81 -10.54 -45.34 -0.37
CA LEU E 81 -11.90 -44.94 -0.71
C LEU E 81 -12.62 -46.01 -1.51
N ILE E 82 -11.86 -46.89 -2.14
CA ILE E 82 -12.40 -47.64 -3.28
C ILE E 82 -13.66 -48.46 -2.97
N ASN E 83 -13.70 -49.19 -1.85
CA ASN E 83 -14.86 -50.02 -1.58
C ASN E 83 -16.08 -49.17 -1.36
N GLY E 84 -15.90 -48.03 -0.70
CA GLY E 84 -17.01 -47.10 -0.48
C GLY E 84 -17.47 -46.45 -1.77
N LEU E 85 -16.54 -46.18 -2.69
CA LEU E 85 -16.92 -45.62 -3.97
C LEU E 85 -17.72 -46.60 -4.81
N PHE E 86 -17.37 -47.90 -4.74
CA PHE E 86 -18.18 -48.91 -5.42
C PHE E 86 -19.59 -48.85 -4.88
N ASP E 87 -19.73 -48.70 -3.58
CA ASP E 87 -21.07 -48.60 -3.00
C ASP E 87 -21.81 -47.36 -3.52
N CYS E 88 -21.15 -46.21 -3.52
CA CYS E 88 -21.75 -44.98 -4.03
C CYS E 88 -22.20 -45.15 -5.48
N HIS E 89 -21.30 -45.69 -6.30
CA HIS E 89 -21.56 -45.76 -7.71
C HIS E 89 -22.70 -46.73 -7.95
N ARG E 90 -22.68 -47.85 -7.26
CA ARG E 90 -23.71 -48.85 -7.42
C ARG E 90 -25.05 -48.39 -6.90
N ASN E 91 -25.04 -47.49 -5.93
CA ASN E 91 -26.28 -46.91 -5.41
C ASN E 91 -26.79 -45.74 -6.25
N HIS E 92 -26.06 -45.39 -7.32
CA HIS E 92 -26.46 -44.29 -8.19
C HIS E 92 -26.60 -42.96 -7.46
N VAL E 93 -25.63 -42.59 -6.63
CA VAL E 93 -25.74 -41.32 -5.95
C VAL E 93 -24.61 -40.43 -6.40
N PRO E 94 -24.87 -39.12 -6.50
CA PRO E 94 -23.86 -38.20 -7.05
C PRO E 94 -22.71 -37.94 -6.07
N VAL E 95 -21.53 -38.49 -6.38
CA VAL E 95 -20.37 -38.30 -5.50
C VAL E 95 -19.12 -37.95 -6.30
N LEU E 96 -18.46 -36.88 -5.90
CA LEU E 96 -17.15 -36.56 -6.47
C LEU E 96 -16.05 -36.99 -5.50
N ALA E 97 -15.08 -37.74 -6.00
CA ALA E 97 -13.93 -38.15 -5.19
C ALA E 97 -12.72 -37.37 -5.69
N ILE E 98 -12.06 -36.67 -4.78
CA ILE E 98 -10.80 -36.03 -5.12
C ILE E 98 -9.68 -36.95 -4.64
N ALA E 99 -8.98 -37.56 -5.58
CA ALA E 99 -7.91 -38.45 -5.23
C ALA E 99 -6.58 -37.72 -5.37
N ALA E 100 -6.00 -37.26 -4.28
CA ALA E 100 -4.70 -36.61 -4.34
C ALA E 100 -3.66 -37.65 -4.78
N HIS E 101 -2.62 -37.19 -5.47
CA HIS E 101 -1.71 -38.09 -6.15
C HIS E 101 -0.27 -37.65 -5.85
N ILE E 102 0.71 -38.50 -6.10
CA ILE E 102 2.10 -38.20 -5.79
C ILE E 102 2.57 -37.02 -6.67
N PRO E 103 3.72 -36.42 -6.33
CA PRO E 103 4.11 -35.29 -7.16
C PRO E 103 4.30 -35.75 -8.60
N SER E 104 3.82 -34.96 -9.56
CA SER E 104 3.78 -35.44 -10.93
C SER E 104 5.20 -35.76 -11.47
N SER E 105 6.21 -35.12 -10.90
CA SER E 105 7.55 -35.34 -11.38
C SER E 105 8.06 -36.74 -11.10
N GLU E 106 7.45 -37.43 -10.13
CA GLU E 106 7.93 -38.74 -9.69
C GLU E 106 7.16 -39.86 -10.36
N ILE E 107 6.09 -39.52 -11.09
CA ILE E 107 5.28 -40.54 -11.72
C ILE E 107 6.10 -41.42 -12.66
N GLY E 108 5.89 -42.72 -12.58
CA GLY E 108 6.53 -43.66 -13.49
C GLY E 108 7.86 -44.17 -12.99
N SER E 109 8.23 -43.81 -11.76
CA SER E 109 9.58 -44.14 -11.29
C SER E 109 9.54 -45.17 -10.18
N GLY E 110 8.35 -45.59 -9.77
CA GLY E 110 8.24 -46.46 -8.62
C GLY E 110 8.47 -45.67 -7.36
N TYR E 111 7.81 -44.51 -7.23
CA TYR E 111 8.04 -43.62 -6.11
C TYR E 111 7.36 -44.07 -4.84
N PHE E 112 7.78 -43.51 -3.71
CA PHE E 112 7.05 -43.68 -2.46
C PHE E 112 5.55 -43.48 -2.69
N GLN E 113 4.76 -44.47 -2.28
CA GLN E 113 3.29 -44.41 -2.39
C GLN E 113 2.72 -44.41 -3.82
N GLU E 114 3.55 -44.60 -4.83
CA GLU E 114 3.02 -44.55 -6.20
C GLU E 114 1.89 -45.55 -6.47
N THR E 115 0.76 -45.06 -6.97
CA THR E 115 -0.29 -45.91 -7.53
C THR E 115 -0.77 -45.17 -8.78
N HIS E 116 -1.74 -45.73 -9.49
CA HIS E 116 -2.32 -45.05 -10.64
C HIS E 116 -3.83 -44.97 -10.42
N PRO E 117 -4.28 -44.01 -9.59
CA PRO E 117 -5.70 -43.93 -9.28
C PRO E 117 -6.58 -43.77 -10.50
N GLN E 118 -6.07 -43.11 -11.52
CA GLN E 118 -6.85 -42.90 -12.74
C GLN E 118 -7.15 -44.20 -13.47
N GLU E 119 -6.44 -45.28 -13.15
CA GLU E 119 -6.80 -46.61 -13.66
C GLU E 119 -7.62 -47.39 -12.66
N LEU E 120 -7.23 -47.38 -11.39
CA LEU E 120 -7.94 -48.14 -10.38
C LEU E 120 -9.45 -47.85 -10.33
N PHE E 121 -9.83 -46.58 -10.45
CA PHE E 121 -11.20 -46.21 -10.18
C PHE E 121 -12.13 -46.28 -11.40
N ARG E 122 -11.65 -46.78 -12.54
CA ARG E 122 -12.45 -46.82 -13.72
C ARG E 122 -13.78 -47.54 -13.54
N GLU E 123 -13.75 -48.71 -12.91
CA GLU E 123 -14.94 -49.51 -12.80
C GLU E 123 -16.01 -48.90 -11.89
N CYS E 124 -15.59 -48.16 -10.87
CA CYS E 124 -16.55 -47.64 -9.91
C CYS E 124 -16.78 -46.16 -10.14
N SER E 125 -16.78 -45.73 -11.40
CA SER E 125 -17.06 -44.34 -11.70
C SER E 125 -17.55 -44.24 -13.14
N HIS E 126 -18.13 -43.11 -13.52
CA HIS E 126 -18.32 -42.95 -14.94
C HIS E 126 -17.47 -41.86 -15.55
N TYR E 127 -16.56 -41.35 -14.75
CA TYR E 127 -15.58 -40.39 -15.21
C TYR E 127 -14.41 -40.47 -14.26
N CYS E 128 -13.21 -40.51 -14.82
CA CYS E 128 -12.03 -40.70 -13.98
C CYS E 128 -10.80 -40.24 -14.73
N GLU E 129 -10.19 -39.11 -14.33
CA GLU E 129 -9.07 -38.57 -15.08
C GLU E 129 -8.00 -37.94 -14.22
N LEU E 130 -6.76 -37.97 -14.72
CA LEU E 130 -5.63 -37.37 -14.06
C LEU E 130 -5.47 -35.92 -14.53
N VAL E 131 -5.35 -35.01 -13.58
CA VAL E 131 -5.07 -33.62 -13.91
C VAL E 131 -3.54 -33.43 -13.86
N SER E 132 -2.89 -33.47 -15.04
CA SER E 132 -1.44 -33.29 -15.17
C SER E 132 -1.13 -31.81 -15.26
N SER E 133 -2.08 -31.05 -15.82
CA SER E 133 -1.86 -29.67 -16.15
C SER E 133 -2.96 -28.80 -15.56
N PRO E 134 -2.59 -27.67 -14.96
CA PRO E 134 -3.62 -26.77 -14.47
C PRO E 134 -4.65 -26.41 -15.54
N GLU E 135 -4.23 -26.36 -16.81
CA GLU E 135 -5.16 -25.96 -17.87
C GLU E 135 -6.31 -26.94 -18.04
N GLN E 136 -6.16 -28.17 -17.56
CA GLN E 136 -7.23 -29.15 -17.64
C GLN E 136 -8.38 -28.87 -16.66
N ILE E 137 -8.10 -28.27 -15.50
CA ILE E 137 -9.04 -28.37 -14.40
C ILE E 137 -10.45 -27.82 -14.73
N PRO E 138 -10.58 -26.74 -15.52
CA PRO E 138 -11.96 -26.32 -15.73
C PRO E 138 -12.81 -27.37 -16.50
N GLN E 139 -12.24 -28.02 -17.51
CA GLN E 139 -12.99 -28.98 -18.29
C GLN E 139 -13.19 -30.26 -17.48
N VAL E 140 -12.12 -30.74 -16.86
CA VAL E 140 -12.18 -31.97 -16.11
C VAL E 140 -13.18 -31.85 -14.95
N LEU E 141 -13.11 -30.77 -14.20
CA LEU E 141 -14.03 -30.60 -13.08
C LEU E 141 -15.49 -30.41 -13.58
N ALA E 142 -15.68 -29.68 -14.68
CA ALA E 142 -17.04 -29.47 -15.18
C ALA E 142 -17.67 -30.82 -15.61
N ILE E 143 -16.93 -31.64 -16.32
CA ILE E 143 -17.46 -32.90 -16.78
C ILE E 143 -17.65 -33.82 -15.58
N ALA E 144 -16.65 -33.91 -14.71
CA ALA E 144 -16.77 -34.73 -13.52
C ALA E 144 -18.05 -34.39 -12.74
N MET E 145 -18.28 -33.11 -12.44
CA MET E 145 -19.42 -32.75 -11.63
C MET E 145 -20.73 -32.96 -12.38
N ARG E 146 -20.75 -32.63 -13.66
CA ARG E 146 -21.97 -32.80 -14.42
C ARG E 146 -22.38 -34.28 -14.53
N LYS E 147 -21.42 -35.14 -14.80
CA LYS E 147 -21.72 -36.55 -14.90
C LYS E 147 -22.14 -37.09 -13.55
N ALA E 148 -21.44 -36.73 -12.47
CA ALA E 148 -21.81 -37.24 -11.17
C ALA E 148 -23.28 -36.91 -10.87
N VAL E 149 -23.68 -35.68 -11.12
CA VAL E 149 -25.00 -35.25 -10.76
C VAL E 149 -26.05 -35.81 -11.73
N LEU E 150 -25.85 -35.66 -13.03
CA LEU E 150 -26.89 -36.02 -13.98
C LEU E 150 -26.92 -37.52 -14.33
N ASN E 151 -25.74 -38.15 -14.40
CA ASN E 151 -25.72 -39.58 -14.61
C ASN E 151 -25.85 -40.36 -13.31
N ARG E 152 -25.81 -39.66 -12.18
CA ARG E 152 -26.08 -40.26 -10.88
C ARG E 152 -25.09 -41.35 -10.50
N GLY E 153 -23.88 -40.94 -10.14
CA GLY E 153 -22.83 -41.86 -9.81
C GLY E 153 -21.56 -41.14 -9.45
N VAL E 154 -20.46 -41.88 -9.42
CA VAL E 154 -19.21 -41.37 -8.92
C VAL E 154 -18.36 -40.82 -10.06
N SER E 155 -17.75 -39.66 -9.83
CA SER E 155 -16.72 -39.15 -10.72
C SER E 155 -15.43 -39.00 -9.89
N VAL E 156 -14.29 -39.29 -10.50
CA VAL E 156 -13.04 -39.17 -9.81
C VAL E 156 -12.10 -38.19 -10.49
N VAL E 157 -11.52 -37.28 -9.73
CA VAL E 157 -10.54 -36.36 -10.25
C VAL E 157 -9.23 -36.64 -9.52
N VAL E 158 -8.19 -36.97 -10.26
CA VAL E 158 -6.93 -37.37 -9.66
C VAL E 158 -5.99 -36.17 -9.77
N LEU E 159 -5.46 -35.72 -8.64
CA LEU E 159 -4.80 -34.42 -8.57
C LEU E 159 -3.44 -34.51 -7.86
N PRO E 160 -2.35 -34.54 -8.63
CA PRO E 160 -1.03 -34.56 -7.99
C PRO E 160 -0.90 -33.33 -7.09
N GLY E 161 -0.28 -33.53 -5.93
CA GLY E 161 -0.13 -32.48 -4.93
C GLY E 161 0.56 -31.23 -5.45
N ASP E 162 1.55 -31.39 -6.33
CA ASP E 162 2.25 -30.24 -6.90
C ASP E 162 1.32 -29.47 -7.87
N VAL E 163 0.55 -30.19 -8.69
CA VAL E 163 -0.36 -29.54 -9.61
C VAL E 163 -1.43 -28.75 -8.83
N ALA E 164 -1.89 -29.30 -7.71
CA ALA E 164 -2.89 -28.64 -6.88
C ALA E 164 -2.44 -27.26 -6.45
N LEU E 165 -1.13 -27.07 -6.31
CA LEU E 165 -0.57 -25.82 -5.78
C LEU E 165 -0.23 -24.83 -6.88
N LYS E 166 -0.40 -25.22 -8.14
CA LYS E 166 -0.11 -24.33 -9.24
C LYS E 166 -1.27 -23.37 -9.49
N PRO E 167 -1.01 -22.26 -10.20
CA PRO E 167 -2.09 -21.32 -10.48
C PRO E 167 -3.15 -21.93 -11.38
N ALA E 168 -4.42 -21.79 -11.01
CA ALA E 168 -5.53 -22.12 -11.89
C ALA E 168 -5.52 -21.18 -13.13
N PRO E 169 -6.13 -21.60 -14.24
CA PRO E 169 -6.22 -20.71 -15.40
C PRO E 169 -6.96 -19.44 -15.03
N GLU E 170 -6.47 -18.28 -15.45
CA GLU E 170 -7.07 -17.02 -14.98
C GLU E 170 -8.50 -16.73 -15.47
N GLY E 171 -8.86 -17.20 -16.65
CA GLY E 171 -10.19 -16.92 -17.16
C GLY E 171 -11.27 -17.91 -16.73
N ALA E 172 -10.86 -18.95 -16.01
CA ALA E 172 -11.78 -20.02 -15.61
C ALA E 172 -12.92 -19.47 -14.76
N THR E 173 -14.11 -20.04 -14.89
CA THR E 173 -15.18 -19.58 -14.06
C THR E 173 -15.55 -20.61 -13.01
N MET E 174 -15.94 -20.12 -11.84
CA MET E 174 -16.25 -20.98 -10.72
C MET E 174 -17.75 -21.04 -10.46
N HIS E 175 -18.55 -20.18 -11.10
CA HIS E 175 -20.00 -20.28 -10.94
C HIS E 175 -20.53 -21.58 -11.52
N TRP E 176 -21.47 -22.21 -10.81
CA TRP E 176 -22.06 -23.46 -11.26
C TRP E 176 -23.53 -23.26 -11.58
N TYR E 177 -23.94 -23.60 -12.80
CA TYR E 177 -25.37 -23.57 -13.11
C TYR E 177 -25.99 -24.93 -12.79
N HIS E 178 -26.98 -24.99 -11.89
CA HIS E 178 -27.63 -26.28 -11.57
CA HIS E 178 -27.62 -26.31 -11.63
C HIS E 178 -28.62 -26.66 -12.69
N ALA E 179 -28.31 -27.67 -13.48
CA ALA E 179 -29.27 -28.17 -14.45
C ALA E 179 -29.98 -29.40 -13.86
N PRO E 180 -31.31 -29.30 -13.74
CA PRO E 180 -32.13 -30.44 -13.26
C PRO E 180 -32.18 -31.57 -14.31
N GLN E 181 -32.61 -32.76 -13.91
CA GLN E 181 -32.91 -33.81 -14.89
C GLN E 181 -33.91 -33.31 -15.94
N PRO E 182 -33.79 -33.80 -17.17
CA PRO E 182 -34.81 -33.46 -18.15
C PRO E 182 -36.06 -34.30 -17.90
N VAL E 183 -37.14 -33.98 -18.60
CA VAL E 183 -38.30 -34.85 -18.65
C VAL E 183 -38.02 -35.88 -19.72
N VAL E 184 -38.11 -37.16 -19.37
CA VAL E 184 -37.82 -38.26 -20.30
C VAL E 184 -39.05 -39.19 -20.42
N THR E 185 -39.70 -39.21 -21.58
CA THR E 185 -40.90 -39.96 -21.73
C THR E 185 -40.91 -40.66 -23.10
N PRO E 186 -41.42 -41.90 -23.16
CA PRO E 186 -41.39 -42.62 -24.44
C PRO E 186 -42.25 -41.94 -25.48
N GLU E 187 -41.95 -42.18 -26.77
N GLU E 187 -41.98 -42.18 -26.76
CA GLU E 187 -42.75 -41.68 -27.90
CA GLU E 187 -42.77 -41.59 -27.81
C GLU E 187 -44.21 -42.01 -27.64
C GLU E 187 -44.21 -42.01 -27.67
N GLU E 188 -45.10 -41.14 -28.10
CA GLU E 188 -46.53 -41.40 -27.99
C GLU E 188 -46.91 -42.77 -28.59
N GLU E 189 -46.34 -43.10 -29.74
CA GLU E 189 -46.65 -44.35 -30.41
C GLU E 189 -46.30 -45.55 -29.54
N GLU E 190 -45.21 -45.47 -28.79
CA GLU E 190 -44.81 -46.53 -27.91
C GLU E 190 -45.77 -46.67 -26.74
N LEU E 191 -46.22 -45.55 -26.19
CA LEU E 191 -47.20 -45.60 -25.11
C LEU E 191 -48.51 -46.25 -25.59
N ARG E 192 -48.95 -45.90 -26.79
CA ARG E 192 -50.15 -46.51 -27.38
C ARG E 192 -49.99 -48.00 -27.49
N LYS E 193 -48.81 -48.43 -27.92
CA LYS E 193 -48.55 -49.85 -28.05
C LYS E 193 -48.60 -50.56 -26.71
N LEU E 194 -47.99 -49.94 -25.70
CA LEU E 194 -48.04 -50.48 -24.35
C LEU E 194 -49.48 -50.57 -23.84
N ALA E 195 -50.25 -49.51 -24.02
CA ALA E 195 -51.65 -49.51 -23.57
C ALA E 195 -52.42 -50.62 -24.24
N GLN E 196 -52.19 -50.80 -25.53
CA GLN E 196 -52.86 -51.88 -26.24
C GLN E 196 -52.45 -53.24 -25.71
N LEU E 197 -51.16 -53.42 -25.43
CA LEU E 197 -50.67 -54.66 -24.89
C LEU E 197 -51.33 -54.96 -23.54
N LEU E 198 -51.38 -53.97 -22.66
CA LEU E 198 -52.00 -54.16 -21.34
C LEU E 198 -53.50 -54.51 -21.49
N ARG E 199 -54.15 -53.93 -22.49
CA ARG E 199 -55.56 -54.19 -22.74
C ARG E 199 -55.82 -55.67 -22.94
N TYR E 200 -54.86 -56.34 -23.55
CA TYR E 200 -55.03 -57.74 -23.91
C TYR E 200 -54.17 -58.67 -23.07
N SER E 201 -53.69 -58.20 -21.92
CA SER E 201 -52.90 -59.03 -21.02
C SER E 201 -53.69 -59.35 -19.77
N SER E 202 -53.40 -60.48 -19.13
CA SER E 202 -54.05 -60.82 -17.87
C SER E 202 -53.02 -61.15 -16.80
N ASN E 203 -53.47 -61.21 -15.55
CA ASN E 203 -52.62 -61.63 -14.46
C ASN E 203 -51.30 -60.89 -14.51
N ILE E 204 -51.40 -59.57 -14.39
CA ILE E 204 -50.27 -58.68 -14.48
C ILE E 204 -49.74 -58.37 -13.10
N ALA E 205 -48.43 -58.45 -12.93
CA ALA E 205 -47.80 -57.98 -11.71
C ALA E 205 -46.80 -56.89 -12.07
N LEU E 206 -46.56 -55.98 -11.13
CA LEU E 206 -45.57 -54.95 -11.31
C LEU E 206 -44.39 -55.25 -10.39
N MET E 207 -43.17 -55.23 -10.92
CA MET E 207 -41.96 -55.35 -10.10
C MET E 207 -41.33 -53.96 -10.04
N CYS E 208 -41.33 -53.36 -8.85
CA CYS E 208 -40.97 -51.96 -8.75
C CYS E 208 -39.72 -51.75 -7.94
N GLY E 209 -38.81 -50.94 -8.48
CA GLY E 209 -37.54 -50.63 -7.80
C GLY E 209 -37.43 -49.15 -7.51
N SER E 210 -36.23 -48.69 -7.16
CA SER E 210 -36.07 -47.30 -6.71
C SER E 210 -36.31 -46.29 -7.82
N GLY E 211 -36.38 -46.75 -9.06
CA GLY E 211 -36.75 -45.88 -10.18
C GLY E 211 -38.15 -45.29 -10.00
N CYS E 212 -38.95 -45.90 -9.12
CA CYS E 212 -40.30 -45.41 -8.83
C CYS E 212 -40.29 -44.30 -7.79
N ALA E 213 -39.12 -43.96 -7.25
CA ALA E 213 -39.05 -42.86 -6.27
C ALA E 213 -39.71 -41.61 -6.86
N GLY E 214 -40.59 -40.96 -6.11
CA GLY E 214 -41.23 -39.76 -6.62
C GLY E 214 -42.49 -40.01 -7.44
N ALA E 215 -42.79 -41.28 -7.73
CA ALA E 215 -43.91 -41.64 -8.57
C ALA E 215 -44.99 -42.44 -7.83
N HIS E 216 -44.98 -42.37 -6.49
CA HIS E 216 -45.87 -43.18 -5.68
C HIS E 216 -47.32 -43.06 -6.12
N LYS E 217 -47.78 -41.82 -6.26
CA LYS E 217 -49.16 -41.53 -6.63
C LYS E 217 -49.56 -42.19 -7.96
N GLU E 218 -48.72 -42.01 -8.97
CA GLU E 218 -48.97 -42.58 -10.28
C GLU E 218 -48.91 -44.10 -10.25
N LEU E 219 -47.94 -44.65 -9.51
CA LEU E 219 -47.77 -46.08 -9.42
C LEU E 219 -49.00 -46.74 -8.81
N VAL E 220 -49.48 -46.19 -7.71
CA VAL E 220 -50.62 -46.76 -7.03
C VAL E 220 -51.88 -46.65 -7.90
N GLU E 221 -52.01 -45.54 -8.59
CA GLU E 221 -53.15 -45.33 -9.46
C GLU E 221 -53.11 -46.33 -10.63
N PHE E 222 -51.91 -46.56 -11.17
CA PHE E 222 -51.72 -47.48 -12.27
C PHE E 222 -52.08 -48.91 -11.85
N ALA E 223 -51.51 -49.36 -10.73
CA ALA E 223 -51.80 -50.70 -10.22
C ALA E 223 -53.29 -50.91 -10.03
N GLY E 224 -53.96 -49.90 -9.46
CA GLY E 224 -55.39 -50.00 -9.21
C GLY E 224 -56.19 -50.05 -10.48
N LYS E 225 -55.75 -49.30 -11.47
CA LYS E 225 -56.47 -49.21 -12.73
C LYS E 225 -56.48 -50.55 -13.47
N ILE E 226 -55.33 -51.21 -13.55
CA ILE E 226 -55.23 -52.50 -14.23
C ILE E 226 -55.32 -53.70 -13.30
N LYS E 227 -55.50 -53.46 -12.01
CA LYS E 227 -55.59 -54.54 -11.00
C LYS E 227 -54.34 -55.41 -10.97
N ALA E 228 -53.19 -54.77 -10.74
CA ALA E 228 -51.92 -55.50 -10.68
C ALA E 228 -51.32 -55.43 -9.30
N PRO E 229 -51.09 -56.59 -8.68
CA PRO E 229 -50.35 -56.55 -7.42
C PRO E 229 -48.95 -56.01 -7.68
N ILE E 230 -48.37 -55.35 -6.69
CA ILE E 230 -47.03 -54.82 -6.82
C ILE E 230 -46.08 -55.63 -5.95
N VAL E 231 -44.97 -56.06 -6.50
CA VAL E 231 -43.88 -56.48 -5.63
C VAL E 231 -42.73 -55.52 -5.81
N HIS E 232 -41.97 -55.29 -4.76
CA HIS E 232 -40.89 -54.32 -4.86
C HIS E 232 -39.54 -54.97 -4.64
N ALA E 233 -38.54 -54.48 -5.39
CA ALA E 233 -37.16 -54.85 -5.16
C ALA E 233 -36.73 -54.16 -3.87
N LEU E 234 -35.69 -54.68 -3.23
CA LEU E 234 -35.28 -54.10 -1.95
C LEU E 234 -35.11 -52.57 -2.01
N ARG E 235 -34.46 -52.03 -3.04
CA ARG E 235 -34.19 -50.59 -3.02
C ARG E 235 -35.46 -49.80 -3.35
N GLY E 236 -36.53 -50.51 -3.72
CA GLY E 236 -37.81 -49.85 -3.92
C GLY E 236 -38.63 -49.77 -2.63
N LYS E 237 -38.23 -50.55 -1.63
CA LYS E 237 -39.03 -50.68 -0.42
C LYS E 237 -39.42 -49.31 0.16
N GLU E 238 -38.44 -48.45 0.42
CA GLU E 238 -38.76 -47.17 1.05
C GLU E 238 -39.67 -46.30 0.17
N HIS E 239 -39.69 -46.55 -1.13
CA HIS E 239 -40.44 -45.70 -2.05
C HIS E 239 -41.83 -46.22 -2.40
N VAL E 240 -42.07 -47.50 -2.11
CA VAL E 240 -43.21 -48.19 -2.67
C VAL E 240 -44.08 -48.85 -1.61
N GLU E 241 -43.47 -49.27 -0.51
CA GLU E 241 -44.15 -50.08 0.49
C GLU E 241 -44.81 -49.24 1.60
N TYR E 242 -45.72 -48.38 1.23
CA TYR E 242 -46.50 -47.64 2.21
C TYR E 242 -47.67 -47.04 1.47
N ASP E 243 -48.78 -46.79 2.19
CA ASP E 243 -50.00 -46.27 1.56
C ASP E 243 -50.20 -46.92 0.20
N ASN E 244 -50.17 -48.25 0.19
CA ASN E 244 -50.17 -48.98 -1.06
C ASN E 244 -50.92 -50.28 -0.90
N PRO E 245 -52.21 -50.28 -1.20
CA PRO E 245 -52.98 -51.49 -0.97
C PRO E 245 -52.66 -52.59 -1.97
N TYR E 246 -51.79 -52.33 -2.95
CA TYR E 246 -51.45 -53.32 -3.95
C TYR E 246 -50.14 -54.04 -3.65
N ASP E 247 -49.38 -53.54 -2.68
CA ASP E 247 -48.06 -54.09 -2.41
C ASP E 247 -48.11 -55.43 -1.69
N VAL E 248 -47.43 -56.42 -2.24
CA VAL E 248 -47.48 -57.75 -1.65
C VAL E 248 -46.12 -58.29 -1.23
N GLY E 249 -45.14 -57.40 -1.07
CA GLY E 249 -43.86 -57.78 -0.48
C GLY E 249 -42.72 -57.87 -1.47
N MET E 250 -41.81 -58.82 -1.24
CA MET E 250 -40.60 -58.97 -2.03
C MET E 250 -40.42 -60.43 -2.44
N THR E 251 -39.65 -60.68 -3.51
CA THR E 251 -39.07 -62.01 -3.77
C THR E 251 -37.57 -61.97 -3.50
N GLY E 252 -36.89 -62.99 -4.02
CA GLY E 252 -35.49 -63.22 -3.74
C GLY E 252 -35.45 -64.01 -2.46
N LEU E 253 -34.27 -64.45 -2.08
CA LEU E 253 -34.13 -65.31 -0.92
C LEU E 253 -34.59 -64.64 0.36
N ILE E 254 -34.50 -63.32 0.43
CA ILE E 254 -34.92 -62.66 1.67
C ILE E 254 -36.35 -62.11 1.57
N GLY E 255 -36.98 -62.33 0.42
CA GLY E 255 -38.37 -61.93 0.24
C GLY E 255 -39.27 -62.94 0.94
N PHE E 256 -40.54 -62.99 0.55
CA PHE E 256 -41.44 -63.96 1.15
C PHE E 256 -42.43 -64.55 0.18
N SER E 257 -43.22 -65.49 0.67
CA SER E 257 -44.05 -66.31 -0.19
C SER E 257 -44.95 -65.51 -1.14
N SER E 258 -45.63 -64.49 -0.62
CA SER E 258 -46.54 -63.71 -1.45
C SER E 258 -45.80 -63.03 -2.63
N GLY E 259 -44.67 -62.40 -2.34
CA GLY E 259 -43.84 -61.84 -3.40
C GLY E 259 -43.38 -62.94 -4.35
N PHE E 260 -42.89 -64.03 -3.78
CA PHE E 260 -42.37 -65.10 -4.60
C PHE E 260 -43.42 -65.61 -5.59
N HIS E 261 -44.57 -66.02 -5.07
CA HIS E 261 -45.64 -66.58 -5.90
C HIS E 261 -46.24 -65.59 -6.89
N THR E 262 -46.41 -64.34 -6.47
CA THR E 262 -47.02 -63.35 -7.35
C THR E 262 -46.13 -63.18 -8.58
N MET E 263 -44.83 -63.09 -8.34
CA MET E 263 -43.87 -63.00 -9.41
C MET E 263 -43.83 -64.24 -10.29
N MET E 264 -43.74 -65.42 -9.68
CA MET E 264 -43.65 -66.66 -10.46
C MET E 264 -44.92 -66.92 -11.28
N ASN E 265 -46.07 -66.55 -10.75
CA ASN E 265 -47.34 -66.95 -11.38
C ASN E 265 -47.93 -65.95 -12.36
N ALA E 266 -47.36 -64.74 -12.40
CA ALA E 266 -47.85 -63.71 -13.32
C ALA E 266 -47.76 -64.18 -14.76
N ASP E 267 -48.73 -63.81 -15.58
CA ASP E 267 -48.65 -64.04 -17.03
C ASP E 267 -48.04 -62.83 -17.75
N THR E 268 -48.01 -61.69 -17.08
CA THR E 268 -47.49 -60.47 -17.65
C THR E 268 -46.81 -59.75 -16.51
N LEU E 269 -45.58 -59.32 -16.76
CA LEU E 269 -44.78 -58.71 -15.73
C LEU E 269 -44.28 -57.38 -16.23
N VAL E 270 -44.49 -56.33 -15.46
CA VAL E 270 -44.00 -55.01 -15.83
C VAL E 270 -42.91 -54.59 -14.87
N LEU E 271 -41.67 -54.48 -15.37
CA LEU E 271 -40.55 -54.02 -14.56
C LEU E 271 -40.47 -52.51 -14.59
N LEU E 272 -40.69 -51.89 -13.44
CA LEU E 272 -40.68 -50.44 -13.36
C LEU E 272 -39.50 -49.94 -12.54
N GLY E 273 -38.50 -49.39 -13.23
CA GLY E 273 -37.36 -48.80 -12.56
C GLY E 273 -36.69 -49.78 -11.62
N THR E 274 -36.34 -50.95 -12.13
CA THR E 274 -35.72 -51.97 -11.30
C THR E 274 -34.52 -52.68 -11.96
N GLN E 275 -33.61 -53.15 -11.11
CA GLN E 275 -32.37 -53.82 -11.48
C GLN E 275 -32.35 -55.14 -10.69
N PHE E 276 -33.48 -55.52 -10.12
CA PHE E 276 -33.55 -56.77 -9.35
C PHE E 276 -32.73 -57.86 -10.05
N PRO E 277 -31.64 -58.32 -9.41
CA PRO E 277 -30.64 -59.08 -10.14
C PRO E 277 -30.79 -60.61 -10.15
N TYR E 278 -31.73 -61.17 -9.39
CA TYR E 278 -31.75 -62.62 -9.19
C TYR E 278 -32.60 -63.31 -10.25
N ARG E 279 -31.92 -63.72 -11.32
CA ARG E 279 -32.58 -64.15 -12.55
C ARG E 279 -33.60 -65.28 -12.36
N ALA E 280 -33.34 -66.20 -11.44
CA ALA E 280 -34.19 -67.38 -11.32
C ALA E 280 -35.54 -67.06 -10.70
N PHE E 281 -35.68 -65.86 -10.16
CA PHE E 281 -36.95 -65.46 -9.54
C PHE E 281 -37.91 -64.79 -10.51
N TYR E 282 -37.51 -64.57 -11.75
CA TYR E 282 -38.42 -64.07 -12.76
C TYR E 282 -39.16 -65.26 -13.34
N PRO E 283 -40.43 -65.08 -13.70
CA PRO E 283 -41.25 -66.12 -14.31
C PRO E 283 -40.75 -66.56 -15.69
N THR E 284 -40.79 -67.87 -15.96
CA THR E 284 -40.39 -68.42 -17.25
C THR E 284 -41.45 -68.15 -18.32
N ASP E 285 -42.69 -68.46 -17.99
CA ASP E 285 -43.76 -68.42 -18.97
C ASP E 285 -44.55 -67.09 -18.95
N ALA E 286 -43.90 -65.98 -19.25
CA ALA E 286 -44.59 -64.68 -19.18
C ALA E 286 -44.12 -63.64 -20.22
N LYS E 287 -44.97 -62.65 -20.42
CA LYS E 287 -44.66 -61.51 -21.28
C LYS E 287 -44.02 -60.53 -20.33
N ILE E 288 -42.82 -60.06 -20.63
CA ILE E 288 -42.12 -59.12 -19.77
C ILE E 288 -41.94 -57.77 -20.45
N ILE E 289 -42.36 -56.74 -19.75
CA ILE E 289 -42.28 -55.36 -20.20
C ILE E 289 -41.37 -54.64 -19.24
N GLN E 290 -40.45 -53.85 -19.74
CA GLN E 290 -39.54 -53.11 -18.87
C GLN E 290 -39.46 -51.64 -19.26
N ILE E 291 -39.62 -50.78 -18.26
CA ILE E 291 -39.49 -49.33 -18.43
C ILE E 291 -38.35 -48.89 -17.51
N ASP E 292 -37.37 -48.16 -18.06
CA ASP E 292 -36.20 -47.72 -17.30
C ASP E 292 -35.61 -46.50 -18.00
N ILE E 293 -34.92 -45.62 -17.28
CA ILE E 293 -34.23 -44.52 -17.96
C ILE E 293 -32.89 -44.95 -18.49
N ASN E 294 -32.40 -46.10 -18.03
CA ASN E 294 -31.05 -46.50 -18.41
C ASN E 294 -31.04 -47.69 -19.34
N PRO E 295 -30.64 -47.48 -20.59
CA PRO E 295 -30.62 -48.61 -21.54
C PRO E 295 -29.86 -49.81 -20.99
N ALA E 296 -28.85 -49.60 -20.14
CA ALA E 296 -28.06 -50.70 -19.63
C ALA E 296 -28.84 -51.62 -18.69
N SER E 297 -29.98 -51.15 -18.19
CA SER E 297 -30.77 -51.93 -17.26
C SER E 297 -31.73 -52.84 -18.02
N ILE E 298 -31.96 -52.52 -19.29
CA ILE E 298 -33.02 -53.17 -20.00
C ILE E 298 -32.56 -54.53 -20.48
N GLY E 299 -33.17 -55.58 -19.93
CA GLY E 299 -32.80 -56.95 -20.28
C GLY E 299 -31.57 -57.45 -19.51
N ALA E 300 -31.19 -56.74 -18.45
CA ALA E 300 -29.98 -57.14 -17.74
C ALA E 300 -30.18 -58.43 -16.94
N HIS E 301 -31.41 -58.70 -16.50
CA HIS E 301 -31.65 -59.86 -15.66
C HIS E 301 -32.88 -60.65 -16.07
N SER E 302 -33.37 -60.42 -17.28
CA SER E 302 -34.50 -61.18 -17.79
C SER E 302 -34.66 -60.91 -19.27
N LYS E 303 -35.36 -61.77 -19.97
CA LYS E 303 -35.76 -61.46 -21.31
C LYS E 303 -36.69 -60.25 -21.24
N VAL E 304 -36.86 -59.56 -22.37
CA VAL E 304 -37.75 -58.42 -22.44
C VAL E 304 -38.55 -58.49 -23.73
N ASP E 305 -39.88 -58.56 -23.62
CA ASP E 305 -40.73 -58.61 -24.80
C ASP E 305 -41.07 -57.23 -25.33
N MET E 306 -41.12 -56.25 -24.44
CA MET E 306 -41.31 -54.86 -24.82
C MET E 306 -40.52 -53.98 -23.89
N ALA E 307 -39.68 -53.12 -24.46
CA ALA E 307 -38.83 -52.19 -23.71
C ALA E 307 -39.22 -50.76 -24.00
N LEU E 308 -39.26 -49.92 -22.97
CA LEU E 308 -39.48 -48.51 -23.15
C LEU E 308 -38.49 -47.73 -22.31
N VAL E 309 -37.91 -46.67 -22.88
CA VAL E 309 -37.02 -45.81 -22.13
C VAL E 309 -37.84 -44.66 -21.66
N GLY E 310 -37.90 -44.45 -20.35
CA GLY E 310 -38.64 -43.33 -19.81
C GLY E 310 -38.48 -43.24 -18.31
N ASP E 311 -38.73 -42.06 -17.77
CA ASP E 311 -38.74 -41.89 -16.36
C ASP E 311 -40.12 -42.35 -15.85
N ILE E 312 -40.16 -43.04 -14.71
CA ILE E 312 -41.42 -43.67 -14.30
C ILE E 312 -42.56 -42.68 -14.10
N LYS E 313 -42.28 -41.61 -13.38
CA LYS E 313 -43.30 -40.61 -13.11
C LYS E 313 -43.91 -40.08 -14.39
N SER E 314 -43.09 -39.60 -15.32
CA SER E 314 -43.67 -38.99 -16.50
C SER E 314 -44.28 -40.00 -17.45
N THR E 315 -43.69 -41.20 -17.51
CA THR E 315 -44.24 -42.28 -18.31
C THR E 315 -45.63 -42.66 -17.84
N LEU E 316 -45.76 -42.92 -16.53
CA LEU E 316 -47.07 -43.30 -16.01
C LEU E 316 -48.09 -42.18 -16.21
N ARG E 317 -47.67 -40.93 -16.06
CA ARG E 317 -48.62 -39.82 -16.27
C ARG E 317 -49.13 -39.80 -17.69
N ALA E 318 -48.26 -40.07 -18.64
CA ALA E 318 -48.64 -40.06 -20.03
C ALA E 318 -49.43 -41.33 -20.39
N LEU E 319 -49.11 -42.43 -19.71
CA LEU E 319 -49.72 -43.71 -20.01
C LEU E 319 -51.14 -43.84 -19.44
N LEU E 320 -51.34 -43.38 -18.21
CA LEU E 320 -52.60 -43.57 -17.50
C LEU E 320 -53.85 -43.25 -18.32
N PRO E 321 -53.88 -42.07 -18.96
CA PRO E 321 -55.11 -41.73 -19.69
C PRO E 321 -55.35 -42.66 -20.89
N LEU E 322 -54.33 -43.37 -21.34
CA LEU E 322 -54.46 -44.27 -22.49
C LEU E 322 -54.91 -45.66 -22.08
N VAL E 323 -54.78 -45.95 -20.79
CA VAL E 323 -55.05 -47.28 -20.27
C VAL E 323 -56.50 -47.40 -19.79
N GLU E 324 -57.17 -48.40 -20.32
CA GLU E 324 -58.54 -48.68 -19.95
C GLU E 324 -58.57 -49.41 -18.61
N GLU E 325 -59.54 -49.06 -17.75
CA GLU E 325 -59.68 -49.72 -16.47
C GLU E 325 -60.11 -51.18 -16.66
N LYS E 326 -59.43 -52.10 -15.96
CA LYS E 326 -59.79 -53.53 -16.03
C LYS E 326 -60.69 -53.92 -14.85
N ALA E 327 -61.73 -54.72 -15.12
CA ALA E 327 -62.63 -55.16 -14.04
C ALA E 327 -62.12 -56.42 -13.32
N ASP E 328 -61.34 -57.23 -14.02
CA ASP E 328 -60.91 -58.53 -13.52
C ASP E 328 -59.80 -58.41 -12.48
N ARG E 329 -60.12 -58.80 -11.24
CA ARG E 329 -59.21 -58.61 -10.12
C ARG E 329 -58.89 -59.91 -9.37
N LYS E 330 -59.12 -61.05 -10.01
CA LYS E 330 -58.82 -62.34 -9.40
C LYS E 330 -57.36 -62.46 -9.00
N PHE E 331 -56.46 -62.14 -9.92
CA PHE E 331 -55.04 -62.30 -9.67
C PHE E 331 -54.63 -61.42 -8.50
N LEU E 332 -55.07 -60.17 -8.52
CA LEU E 332 -54.77 -59.25 -7.44
C LEU E 332 -55.29 -59.77 -6.09
N ASP E 333 -56.54 -60.20 -6.06
CA ASP E 333 -57.14 -60.68 -4.82
C ASP E 333 -56.40 -61.89 -4.24
N LYS E 334 -55.98 -62.79 -5.11
CA LYS E 334 -55.23 -63.96 -4.67
C LYS E 334 -53.86 -63.54 -4.11
N ALA E 335 -53.19 -62.62 -4.78
CA ALA E 335 -51.94 -62.09 -4.27
C ALA E 335 -52.11 -61.45 -2.90
N LEU E 336 -53.18 -60.68 -2.72
CA LEU E 336 -53.43 -60.03 -1.45
C LEU E 336 -53.68 -61.04 -0.33
N GLU E 337 -54.34 -62.14 -0.69
CA GLU E 337 -54.61 -63.19 0.27
C GLU E 337 -53.31 -63.89 0.66
N ASP E 338 -52.47 -64.17 -0.32
CA ASP E 338 -51.13 -64.75 -0.05
C ASP E 338 -50.35 -63.81 0.85
N TYR E 339 -50.47 -62.51 0.60
CA TYR E 339 -49.77 -61.52 1.38
C TYR E 339 -50.19 -61.55 2.83
N ARG E 340 -51.49 -61.61 3.10
CA ARG E 340 -51.88 -61.61 4.48
C ARG E 340 -51.40 -62.89 5.19
N ASP E 341 -51.33 -64.02 4.49
CA ASP E 341 -50.74 -65.24 5.09
C ASP E 341 -49.26 -65.03 5.39
N ALA E 342 -48.54 -64.46 4.43
CA ALA E 342 -47.10 -64.26 4.58
C ALA E 342 -46.79 -63.32 5.73
N ARG E 343 -47.48 -62.19 5.76
CA ARG E 343 -47.30 -61.19 6.82
C ARG E 343 -47.57 -61.78 8.22
N LYS E 344 -48.50 -62.74 8.33
CA LYS E 344 -48.78 -63.43 9.59
C LYS E 344 -47.64 -64.37 9.98
N GLY E 345 -47.06 -65.03 8.98
CA GLY E 345 -45.93 -65.92 9.23
C GLY E 345 -44.74 -65.13 9.76
N LEU E 346 -44.50 -63.98 9.13
CA LEU E 346 -43.46 -63.05 9.55
C LEU E 346 -43.66 -62.61 10.99
N ASP E 347 -44.89 -62.28 11.34
CA ASP E 347 -45.21 -61.77 12.67
C ASP E 347 -45.02 -62.83 13.76
N ASP E 348 -45.26 -64.09 13.43
CA ASP E 348 -45.15 -65.19 14.39
C ASP E 348 -43.71 -65.39 14.82
N LEU E 349 -42.79 -65.03 13.94
CA LEU E 349 -41.37 -65.15 14.25
C LEU E 349 -40.87 -64.03 15.14
N ALA E 350 -41.61 -62.93 15.24
CA ALA E 350 -41.15 -61.73 15.93
C ALA E 350 -41.76 -61.59 17.33
N LYS E 351 -41.62 -62.63 18.15
CA LYS E 351 -42.24 -62.64 19.47
C LYS E 351 -41.15 -62.65 20.54
N PRO E 352 -41.45 -62.10 21.72
CA PRO E 352 -40.52 -62.21 22.83
C PRO E 352 -40.47 -63.64 23.34
N SER E 353 -39.35 -64.02 23.95
CA SER E 353 -39.19 -65.37 24.47
C SER E 353 -38.19 -65.34 25.63
N GLU E 354 -38.20 -66.38 26.45
CA GLU E 354 -37.22 -66.47 27.53
C GLU E 354 -35.94 -67.17 27.08
N LYS E 355 -36.03 -67.86 25.95
CA LYS E 355 -34.92 -68.63 25.39
C LYS E 355 -33.75 -67.78 24.88
N ALA E 356 -34.06 -66.81 24.03
CA ALA E 356 -33.01 -66.08 23.35
C ALA E 356 -33.76 -65.03 22.57
N ILE E 357 -33.06 -63.99 22.16
CA ILE E 357 -33.79 -62.92 21.54
C ILE E 357 -33.81 -63.21 20.06
N HIS E 358 -35.02 -63.39 19.52
CA HIS E 358 -35.16 -63.52 18.09
C HIS E 358 -34.85 -62.16 17.46
N PRO E 359 -33.89 -62.13 16.54
CA PRO E 359 -33.55 -60.87 15.90
C PRO E 359 -34.76 -60.25 15.20
N GLN E 360 -35.72 -61.08 14.80
CA GLN E 360 -36.84 -60.49 14.11
C GLN E 360 -37.76 -59.73 15.09
N TYR E 361 -37.85 -60.22 16.32
CA TYR E 361 -38.44 -59.45 17.40
C TYR E 361 -37.70 -58.13 17.61
N LEU E 362 -36.37 -58.19 17.67
CA LEU E 362 -35.59 -56.97 17.85
C LEU E 362 -35.87 -55.96 16.74
N ALA E 363 -35.90 -56.42 15.50
CA ALA E 363 -36.15 -55.52 14.38
C ALA E 363 -37.54 -54.92 14.44
N GLN E 364 -38.52 -55.75 14.81
CA GLN E 364 -39.89 -55.29 14.91
C GLN E 364 -40.01 -54.17 15.94
N GLN E 365 -39.28 -54.29 17.03
CA GLN E 365 -39.39 -53.32 18.11
C GLN E 365 -38.66 -52.04 17.74
N ILE E 366 -37.56 -52.16 17.00
CA ILE E 366 -36.87 -51.00 16.47
C ILE E 366 -37.86 -50.19 15.64
N SER E 367 -38.56 -50.87 14.75
CA SER E 367 -39.54 -50.21 13.91
C SER E 367 -40.65 -49.56 14.74
N HIS E 368 -41.07 -50.22 15.80
CA HIS E 368 -42.15 -49.72 16.62
C HIS E 368 -41.76 -48.46 17.40
N PHE E 369 -40.56 -48.42 17.94
CA PHE E 369 -40.15 -47.31 18.82
C PHE E 369 -39.35 -46.19 18.11
N ALA E 370 -38.81 -46.46 16.93
CA ALA E 370 -38.05 -45.44 16.22
C ALA E 370 -38.95 -44.30 15.75
N ALA E 371 -38.37 -43.13 15.48
CA ALA E 371 -39.16 -41.96 15.07
C ALA E 371 -39.94 -42.24 13.79
N ASP E 372 -41.06 -41.57 13.60
CA ASP E 372 -41.77 -41.85 12.36
C ASP E 372 -41.12 -41.19 11.11
N ASP E 373 -39.99 -40.51 11.29
CA ASP E 373 -39.16 -40.10 10.15
C ASP E 373 -37.71 -40.51 10.34
N ALA E 374 -37.51 -41.59 11.05
CA ALA E 374 -36.16 -42.07 11.29
C ALA E 374 -35.48 -42.46 9.98
N ILE E 375 -34.15 -42.34 9.97
CA ILE E 375 -33.36 -42.85 8.88
C ILE E 375 -32.68 -44.11 9.38
N PHE E 376 -32.94 -45.23 8.69
CA PHE E 376 -32.33 -46.51 9.06
C PHE E 376 -31.24 -46.88 8.09
N THR E 377 -30.14 -47.41 8.63
CA THR E 377 -29.15 -48.07 7.78
C THR E 377 -29.03 -49.49 8.30
N CYS E 378 -28.65 -50.43 7.43
CA CYS E 378 -28.53 -51.82 7.86
C CYS E 378 -27.35 -52.50 7.21
N ASP E 379 -26.58 -53.25 7.99
CA ASP E 379 -25.41 -53.97 7.49
C ASP E 379 -25.80 -55.08 6.54
N VAL E 380 -24.95 -55.30 5.55
CA VAL E 380 -25.08 -56.48 4.73
C VAL E 380 -24.91 -57.68 5.65
N GLY E 381 -25.82 -58.64 5.57
CA GLY E 381 -25.90 -59.77 6.51
C GLY E 381 -27.32 -59.86 7.03
N THR E 382 -27.54 -60.52 8.16
CA THR E 382 -28.89 -60.69 8.65
C THR E 382 -29.62 -59.37 8.86
N PRO E 383 -28.91 -58.30 9.24
CA PRO E 383 -29.67 -57.07 9.46
C PRO E 383 -30.42 -56.59 8.21
N THR E 384 -29.89 -56.87 7.02
CA THR E 384 -30.59 -56.53 5.80
C THR E 384 -31.89 -57.33 5.68
N VAL E 385 -31.83 -58.61 6.03
CA VAL E 385 -33.01 -59.44 6.02
C VAL E 385 -34.07 -58.86 6.96
N TRP E 386 -33.66 -58.52 8.18
CA TRP E 386 -34.65 -58.10 9.17
C TRP E 386 -35.22 -56.74 8.81
N ALA E 387 -34.38 -55.86 8.29
CA ALA E 387 -34.84 -54.56 7.85
C ALA E 387 -35.87 -54.73 6.75
N ALA E 388 -35.53 -55.55 5.76
CA ALA E 388 -36.44 -55.79 4.64
C ALA E 388 -37.79 -56.28 5.12
N ARG E 389 -37.78 -57.16 6.11
CA ARG E 389 -39.00 -57.84 6.50
C ARG E 389 -39.75 -57.16 7.61
N TYR E 390 -39.09 -56.33 8.42
CA TYR E 390 -39.75 -55.81 9.61
C TYR E 390 -39.82 -54.29 9.77
N LEU E 391 -39.04 -53.53 8.99
CA LEU E 391 -39.12 -52.07 9.08
C LEU E 391 -40.35 -51.57 8.37
N LYS E 392 -41.23 -50.87 9.09
CA LYS E 392 -42.37 -50.28 8.42
C LYS E 392 -42.04 -48.90 7.85
N MET E 393 -42.21 -48.75 6.55
CA MET E 393 -41.94 -47.47 5.87
C MET E 393 -43.22 -46.65 5.77
N ASN E 394 -43.09 -45.35 5.49
CA ASN E 394 -44.27 -44.48 5.51
C ASN E 394 -44.15 -43.24 4.65
N GLY E 395 -43.11 -43.18 3.82
CA GLY E 395 -42.94 -42.01 2.97
C GLY E 395 -42.08 -40.94 3.62
N LYS E 396 -41.75 -41.12 4.90
CA LYS E 396 -40.85 -40.19 5.58
C LYS E 396 -39.59 -40.88 6.03
N ARG E 397 -39.74 -42.07 6.60
CA ARG E 397 -38.61 -42.91 6.95
C ARG E 397 -37.76 -43.25 5.73
N ARG E 398 -36.48 -43.53 5.97
CA ARG E 398 -35.56 -43.88 4.91
C ARG E 398 -34.80 -45.13 5.29
N LEU E 399 -34.38 -45.88 4.28
CA LEU E 399 -33.61 -47.08 4.50
C LEU E 399 -32.41 -47.05 3.57
N LEU E 400 -31.21 -47.06 4.14
CA LEU E 400 -29.98 -47.12 3.35
C LEU E 400 -29.25 -48.42 3.63
N GLY E 401 -28.57 -48.96 2.64
CA GLY E 401 -27.73 -50.13 2.84
C GLY E 401 -26.72 -50.22 1.72
N SER E 402 -26.09 -51.37 1.63
CA SER E 402 -25.17 -51.63 0.53
C SER E 402 -25.82 -52.74 -0.28
N PHE E 403 -26.97 -52.43 -0.85
CA PHE E 403 -27.83 -53.46 -1.45
C PHE E 403 -27.36 -53.99 -2.81
N ASN E 404 -26.66 -53.16 -3.58
CA ASN E 404 -26.15 -53.59 -4.87
C ASN E 404 -24.70 -54.08 -4.79
N HIS E 405 -23.85 -53.31 -4.10
CA HIS E 405 -22.45 -53.66 -4.01
C HIS E 405 -22.25 -54.76 -2.98
N GLY E 406 -23.14 -54.80 -1.98
CA GLY E 406 -23.19 -55.91 -1.04
C GLY E 406 -22.02 -55.99 -0.09
N SER E 407 -21.56 -54.85 0.41
CA SER E 407 -20.43 -54.84 1.31
C SER E 407 -20.83 -54.93 2.75
N MET E 408 -20.21 -55.84 3.50
CA MET E 408 -20.29 -55.78 4.96
C MET E 408 -19.88 -54.38 5.46
N ALA E 409 -20.33 -54.02 6.65
CA ALA E 409 -19.76 -52.94 7.42
C ALA E 409 -20.21 -51.56 6.96
N ASN E 410 -21.27 -51.52 6.16
CA ASN E 410 -21.74 -50.26 5.62
C ASN E 410 -22.60 -49.45 6.61
N ALA E 411 -23.26 -50.13 7.54
CA ALA E 411 -24.34 -49.48 8.28
C ALA E 411 -23.87 -48.29 9.12
N MET E 412 -22.86 -48.49 9.95
CA MET E 412 -22.45 -47.38 10.78
C MET E 412 -21.85 -46.24 9.95
N PRO E 413 -20.99 -46.56 8.97
CA PRO E 413 -20.47 -45.47 8.17
C PRO E 413 -21.57 -44.68 7.45
N GLN E 414 -22.57 -45.37 6.91
CA GLN E 414 -23.68 -44.65 6.27
C GLN E 414 -24.44 -43.82 7.30
N ALA E 415 -24.59 -44.36 8.51
CA ALA E 415 -25.29 -43.64 9.57
C ALA E 415 -24.57 -42.33 9.89
N LEU E 416 -23.25 -42.40 9.86
CA LEU E 416 -22.42 -41.24 10.10
C LEU E 416 -22.74 -40.16 9.09
N GLY E 417 -22.82 -40.52 7.82
CA GLY E 417 -23.16 -39.55 6.78
C GLY E 417 -24.58 -39.05 6.93
N ALA E 418 -25.51 -39.95 7.24
CA ALA E 418 -26.91 -39.56 7.36
C ALA E 418 -27.04 -38.53 8.48
N GLN E 419 -26.43 -38.87 9.62
CA GLN E 419 -26.59 -38.00 10.79
C GLN E 419 -26.01 -36.62 10.55
N ALA E 420 -24.87 -36.54 9.87
CA ALA E 420 -24.27 -35.23 9.62
C ALA E 420 -25.12 -34.42 8.65
N THR E 421 -25.76 -35.12 7.72
CA THR E 421 -26.57 -34.45 6.72
C THR E 421 -27.87 -33.94 7.32
N GLU E 422 -28.46 -34.73 8.21
CA GLU E 422 -29.69 -34.37 8.90
C GLU E 422 -29.49 -34.34 10.42
N PRO E 423 -28.84 -33.30 10.94
CA PRO E 423 -28.47 -33.32 12.37
C PRO E 423 -29.65 -33.41 13.35
N GLU E 424 -30.85 -33.00 12.93
CA GLU E 424 -32.02 -33.02 13.82
C GLU E 424 -32.79 -34.33 13.77
N ARG E 425 -32.39 -35.22 12.88
CA ARG E 425 -33.18 -36.39 12.57
C ARG E 425 -32.64 -37.62 13.33
N GLN E 426 -33.52 -38.54 13.71
CA GLN E 426 -33.06 -39.76 14.36
C GLN E 426 -32.47 -40.72 13.32
N VAL E 427 -31.28 -41.25 13.61
CA VAL E 427 -30.62 -42.19 12.71
C VAL E 427 -30.31 -43.48 13.47
N VAL E 428 -30.76 -44.61 12.92
CA VAL E 428 -30.62 -45.88 13.60
C VAL E 428 -29.84 -46.83 12.71
N ALA E 429 -28.65 -47.22 13.16
CA ALA E 429 -27.81 -48.15 12.41
C ALA E 429 -28.02 -49.57 12.91
N MET E 430 -28.57 -50.42 12.05
CA MET E 430 -28.75 -51.83 12.39
C MET E 430 -27.51 -52.59 11.94
N CYS E 431 -26.60 -52.85 12.87
CA CYS E 431 -25.28 -53.38 12.54
C CYS E 431 -25.13 -54.85 12.86
N GLY E 432 -24.29 -55.51 12.09
CA GLY E 432 -23.85 -56.84 12.44
C GLY E 432 -22.66 -56.68 13.36
N ASP E 433 -22.35 -57.73 14.10
CA ASP E 433 -21.14 -57.73 14.90
C ASP E 433 -19.91 -57.80 13.99
N GLY E 434 -20.03 -58.55 12.90
CA GLY E 434 -18.96 -58.58 11.91
C GLY E 434 -18.81 -57.20 11.26
N GLY E 435 -19.93 -56.64 10.82
CA GLY E 435 -19.92 -55.34 10.17
C GLY E 435 -19.38 -54.23 11.06
N PHE E 436 -19.91 -54.14 12.28
CA PHE E 436 -19.46 -53.12 13.20
C PHE E 436 -17.96 -53.26 13.44
N SER E 437 -17.48 -54.46 13.68
CA SER E 437 -16.08 -54.57 14.04
C SER E 437 -15.16 -54.42 12.83
N MET E 438 -15.68 -54.68 11.63
CA MET E 438 -14.85 -54.58 10.43
C MET E 438 -14.35 -53.14 10.18
N LEU E 439 -15.15 -52.13 10.51
CA LEU E 439 -14.72 -50.74 10.46
C LEU E 439 -14.89 -50.04 11.81
N MET E 440 -14.55 -50.76 12.88
CA MET E 440 -14.83 -50.30 14.24
C MET E 440 -14.18 -48.97 14.61
N GLY E 441 -13.09 -48.63 13.95
CA GLY E 441 -12.34 -47.43 14.33
C GLY E 441 -13.20 -46.19 14.20
N ASP E 442 -14.10 -46.19 13.22
CA ASP E 442 -14.92 -45.01 13.02
C ASP E 442 -16.05 -44.87 14.01
N PHE E 443 -16.17 -45.84 14.91
CA PHE E 443 -17.02 -45.64 16.05
C PHE E 443 -16.52 -44.37 16.78
N LEU E 444 -15.21 -44.18 16.80
CA LEU E 444 -14.63 -42.99 17.41
C LEU E 444 -15.07 -41.71 16.71
N SER E 445 -15.47 -41.82 15.44
CA SER E 445 -15.92 -40.64 14.72
C SER E 445 -17.29 -40.18 15.23
N VAL E 446 -18.09 -41.14 15.67
CA VAL E 446 -19.36 -40.81 16.27
C VAL E 446 -19.17 -39.87 17.45
N VAL E 447 -18.17 -40.12 18.28
CA VAL E 447 -17.84 -39.23 19.39
C VAL E 447 -17.22 -37.93 18.90
N GLN E 448 -16.15 -38.04 18.12
CA GLN E 448 -15.43 -36.85 17.66
C GLN E 448 -16.33 -35.86 16.87
N MET E 449 -17.26 -36.38 16.08
CA MET E 449 -18.15 -35.52 15.30
C MET E 449 -19.42 -35.18 16.07
N LYS E 450 -19.62 -35.83 17.21
CA LYS E 450 -20.79 -35.60 18.04
C LYS E 450 -22.09 -35.85 17.28
N LEU E 451 -22.17 -36.98 16.60
CA LEU E 451 -23.35 -37.32 15.86
C LEU E 451 -24.13 -38.36 16.66
N PRO E 452 -25.37 -38.02 17.08
CA PRO E 452 -26.13 -38.88 17.99
C PRO E 452 -26.73 -40.13 17.33
N VAL E 453 -25.94 -40.86 16.56
CA VAL E 453 -26.43 -42.08 15.91
C VAL E 453 -26.80 -43.15 16.97
N LYS E 454 -27.90 -43.83 16.73
CA LYS E 454 -28.29 -44.95 17.57
C LYS E 454 -27.85 -46.25 16.90
N ILE E 455 -26.83 -46.88 17.46
CA ILE E 455 -26.31 -48.12 16.90
C ILE E 455 -26.90 -49.32 17.62
N VAL E 456 -27.54 -50.21 16.87
CA VAL E 456 -28.06 -51.44 17.47
C VAL E 456 -27.29 -52.61 16.86
N VAL E 457 -26.50 -53.30 17.67
CA VAL E 457 -25.72 -54.40 17.14
C VAL E 457 -26.47 -55.71 17.29
N PHE E 458 -26.70 -56.39 16.17
CA PHE E 458 -27.29 -57.73 16.19
C PHE E 458 -26.15 -58.69 16.50
N ASN E 459 -25.92 -58.87 17.79
CA ASN E 459 -24.74 -59.59 18.24
C ASN E 459 -25.03 -61.08 18.27
N ASN E 460 -24.81 -61.76 17.16
CA ASN E 460 -24.98 -63.19 17.12
C ASN E 460 -23.64 -63.89 17.18
N SER E 461 -22.61 -63.09 17.51
CA SER E 461 -21.25 -63.59 17.70
C SER E 461 -20.90 -64.53 16.56
N VAL E 462 -21.36 -64.17 15.36
CA VAL E 462 -21.08 -64.92 14.16
C VAL E 462 -21.20 -64.06 12.91
N LEU E 463 -20.58 -64.54 11.83
CA LEU E 463 -20.77 -64.01 10.48
C LEU E 463 -21.96 -64.77 9.88
N GLY E 464 -23.16 -64.44 10.34
CA GLY E 464 -24.33 -65.30 10.23
C GLY E 464 -24.95 -65.52 8.87
N GLY E 479 -14.36 -70.64 10.77
CA GLY E 479 -14.47 -69.71 9.65
C GLY E 479 -15.54 -68.66 9.85
N THR E 480 -16.65 -69.06 10.45
CA THR E 480 -17.77 -68.15 10.70
C THR E 480 -17.86 -67.74 12.18
N GLU E 481 -17.28 -68.56 13.06
CA GLU E 481 -17.16 -68.26 14.49
C GLU E 481 -16.52 -66.90 14.79
N LEU E 482 -17.13 -66.11 15.67
CA LEU E 482 -16.48 -64.91 16.17
C LEU E 482 -16.44 -64.99 17.67
N HIS E 483 -15.29 -64.68 18.25
CA HIS E 483 -15.14 -64.66 19.70
C HIS E 483 -16.34 -63.92 20.30
N ASP E 484 -16.65 -64.24 21.55
CA ASP E 484 -17.72 -63.58 22.30
C ASP E 484 -17.35 -62.16 22.78
N THR E 485 -17.93 -61.14 22.13
CA THR E 485 -17.55 -59.75 22.32
C THR E 485 -18.66 -58.95 22.99
N ASN E 486 -18.32 -58.07 23.96
CA ASN E 486 -19.27 -57.15 24.56
C ASN E 486 -19.09 -55.74 24.00
N PHE E 487 -19.92 -55.39 23.03
CA PHE E 487 -19.80 -54.10 22.38
C PHE E 487 -20.26 -52.94 23.25
N ALA E 488 -21.18 -53.21 24.19
CA ALA E 488 -21.60 -52.18 25.12
C ALA E 488 -20.42 -51.74 25.96
N ARG E 489 -19.62 -52.70 26.41
CA ARG E 489 -18.45 -52.39 27.22
C ARG E 489 -17.50 -51.53 26.39
N ILE E 490 -17.35 -51.86 25.11
CA ILE E 490 -16.44 -51.13 24.25
C ILE E 490 -16.92 -49.71 24.07
N ALA E 491 -18.22 -49.54 23.87
CA ALA E 491 -18.81 -48.22 23.77
C ALA E 491 -18.50 -47.38 25.00
N GLU E 492 -18.75 -47.94 26.19
CA GLU E 492 -18.51 -47.19 27.42
C GLU E 492 -17.07 -46.73 27.48
N ALA E 493 -16.15 -47.59 27.04
CA ALA E 493 -14.74 -47.27 27.12
C ALA E 493 -14.39 -46.15 26.16
N CYS E 494 -15.19 -45.98 25.11
CA CYS E 494 -14.98 -44.92 24.14
C CYS E 494 -15.71 -43.65 24.55
N GLY E 495 -16.42 -43.68 25.67
CA GLY E 495 -17.17 -42.51 26.11
C GLY E 495 -18.58 -42.35 25.54
N ILE E 496 -19.10 -43.41 24.90
CA ILE E 496 -20.51 -43.44 24.44
C ILE E 496 -21.32 -44.38 25.35
N THR E 497 -22.56 -44.03 25.66
CA THR E 497 -23.44 -44.93 26.43
C THR E 497 -23.59 -46.30 25.75
N GLY E 498 -23.40 -47.36 26.53
CA GLY E 498 -23.58 -48.72 26.04
C GLY E 498 -24.62 -49.48 26.84
N ILE E 499 -25.55 -50.12 26.15
CA ILE E 499 -26.55 -50.92 26.82
C ILE E 499 -26.47 -52.36 26.34
N ARG E 500 -26.22 -53.27 27.26
CA ARG E 500 -26.09 -54.68 26.94
C ARG E 500 -27.45 -55.35 27.16
N VAL E 501 -27.99 -55.97 26.11
CA VAL E 501 -29.31 -56.58 26.19
C VAL E 501 -29.22 -58.09 25.94
N GLU E 502 -29.66 -58.89 26.89
CA GLU E 502 -29.56 -60.34 26.76
C GLU E 502 -30.91 -61.04 26.94
N LYS E 503 -31.87 -60.37 27.57
CA LYS E 503 -33.21 -60.96 27.73
C LYS E 503 -34.23 -60.22 26.87
N ALA E 504 -35.13 -60.96 26.24
CA ALA E 504 -36.12 -60.35 25.37
C ALA E 504 -36.94 -59.28 26.11
N SER E 505 -37.17 -59.49 27.40
CA SER E 505 -37.98 -58.56 28.19
C SER E 505 -37.28 -57.20 28.39
N GLU E 506 -35.96 -57.16 28.19
CA GLU E 506 -35.20 -55.93 28.35
C GLU E 506 -35.19 -55.07 27.09
N VAL E 507 -35.62 -55.64 25.96
CA VAL E 507 -35.51 -54.96 24.67
C VAL E 507 -36.26 -53.63 24.59
N ASP E 508 -37.54 -53.66 24.95
CA ASP E 508 -38.38 -52.48 24.83
C ASP E 508 -37.77 -51.29 25.56
N GLU E 509 -37.43 -51.46 26.83
CA GLU E 509 -36.89 -50.35 27.59
C GLU E 509 -35.51 -49.92 27.07
N ALA E 510 -34.71 -50.86 26.58
CA ALA E 510 -33.37 -50.52 26.09
C ALA E 510 -33.47 -49.62 24.85
N LEU E 511 -34.39 -49.93 23.95
CA LEU E 511 -34.56 -49.12 22.76
C LEU E 511 -35.11 -47.74 23.13
N GLN E 512 -36.08 -47.70 24.01
CA GLN E 512 -36.67 -46.42 24.39
C GLN E 512 -35.63 -45.51 25.05
N ARG E 513 -34.80 -46.08 25.94
CA ARG E 513 -33.76 -45.30 26.60
CA ARG E 513 -33.73 -45.32 26.59
C ARG E 513 -32.76 -44.80 25.55
N ALA E 514 -32.32 -45.68 24.67
CA ALA E 514 -31.35 -45.32 23.65
C ALA E 514 -31.85 -44.16 22.79
N PHE E 515 -33.11 -44.21 22.41
CA PHE E 515 -33.67 -43.19 21.54
C PHE E 515 -33.88 -41.84 22.25
N SER E 516 -34.16 -41.87 23.55
CA SER E 516 -34.34 -40.64 24.34
C SER E 516 -33.05 -39.92 24.70
N ILE E 517 -31.98 -40.69 24.91
CA ILE E 517 -30.73 -40.10 25.34
C ILE E 517 -30.28 -39.05 24.33
N ASP E 518 -29.89 -37.90 24.85
CA ASP E 518 -29.45 -36.78 24.05
C ASP E 518 -27.99 -37.01 23.65
N GLY E 519 -27.74 -37.99 22.79
CA GLY E 519 -26.39 -38.32 22.35
C GLY E 519 -26.35 -39.68 21.66
N PRO E 520 -25.17 -40.11 21.21
CA PRO E 520 -25.05 -41.41 20.56
C PRO E 520 -25.15 -42.54 21.58
N VAL E 521 -25.66 -43.69 21.13
CA VAL E 521 -25.84 -44.83 22.04
C VAL E 521 -25.58 -46.11 21.26
N LEU E 522 -24.92 -47.07 21.90
CA LEU E 522 -24.80 -48.39 21.31
C LEU E 522 -25.59 -49.39 22.14
N VAL E 523 -26.54 -50.06 21.50
CA VAL E 523 -27.31 -51.13 22.12
C VAL E 523 -26.80 -52.45 21.57
N ASP E 524 -26.20 -53.24 22.44
CA ASP E 524 -25.56 -54.49 22.08
C ASP E 524 -26.52 -55.64 22.42
N VAL E 525 -27.22 -56.15 21.42
CA VAL E 525 -28.25 -57.15 21.67
C VAL E 525 -27.80 -58.55 21.27
N VAL E 526 -27.67 -59.43 22.25
CA VAL E 526 -27.34 -60.82 21.97
C VAL E 526 -28.55 -61.48 21.31
N VAL E 527 -28.41 -61.87 20.04
CA VAL E 527 -29.54 -62.48 19.32
C VAL E 527 -29.24 -63.94 18.89
N ALA E 528 -30.29 -64.71 18.62
CA ALA E 528 -30.13 -66.11 18.19
C ALA E 528 -29.81 -66.24 16.70
N LYS E 529 -29.27 -67.39 16.31
CA LYS E 529 -29.07 -67.78 14.90
C LYS E 529 -30.40 -68.28 14.30
N GLU E 530 -30.65 -67.98 13.03
CA GLU E 530 -31.98 -68.26 12.41
C GLU E 530 -31.91 -68.68 10.94
N GLU E 531 -32.96 -69.35 10.46
CA GLU E 531 -33.11 -69.72 9.05
C GLU E 531 -33.67 -68.56 8.20
N LEU E 532 -33.65 -68.70 6.87
CA LEU E 532 -34.31 -67.72 5.98
C LEU E 532 -35.74 -68.14 5.65
N ALA E 533 -35.93 -69.43 5.41
CA ALA E 533 -37.23 -69.98 5.07
C ALA E 533 -38.25 -69.78 6.20
N ILE E 534 -39.48 -69.39 5.82
CA ILE E 534 -40.59 -69.18 6.74
C ILE E 534 -41.62 -70.32 6.58
N PRO E 535 -41.34 -71.50 7.18
CA PRO E 535 -42.10 -72.74 6.90
C PRO E 535 -43.61 -72.53 6.71
N PRO E 536 -44.12 -72.89 5.51
CA PRO E 536 -45.55 -72.82 5.17
C PRO E 536 -46.48 -73.39 6.25
N MET F 1 -7.24 -87.72 -9.19
CA MET F 1 -8.63 -88.25 -8.95
C MET F 1 -9.67 -87.11 -9.15
N LYS F 2 -10.93 -87.36 -8.79
CA LYS F 2 -12.02 -86.37 -8.89
C LYS F 2 -12.11 -85.48 -7.64
N GLN F 3 -11.94 -84.18 -7.84
CA GLN F 3 -11.99 -83.21 -6.75
C GLN F 3 -12.38 -81.88 -7.37
N THR F 4 -12.73 -80.92 -6.52
CA THR F 4 -13.11 -79.63 -7.02
C THR F 4 -11.88 -78.81 -7.42
N VAL F 5 -12.10 -77.80 -8.26
CA VAL F 5 -11.07 -76.85 -8.60
C VAL F 5 -10.48 -76.29 -7.30
N ALA F 6 -11.36 -75.95 -6.37
CA ALA F 6 -10.90 -75.40 -5.09
C ALA F 6 -10.01 -76.40 -4.32
N ALA F 7 -10.39 -77.67 -4.34
CA ALA F 7 -9.61 -78.68 -3.66
C ALA F 7 -8.23 -78.79 -4.30
N TYR F 8 -8.20 -78.71 -5.62
CA TYR F 8 -6.94 -78.81 -6.34
C TYR F 8 -6.01 -77.67 -5.90
N ILE F 9 -6.57 -76.46 -5.81
CA ILE F 9 -5.79 -75.34 -5.34
C ILE F 9 -5.25 -75.58 -3.93
N ALA F 10 -6.14 -76.02 -3.03
CA ALA F 10 -5.73 -76.20 -1.64
C ALA F 10 -4.62 -77.25 -1.51
N LYS F 11 -4.79 -78.37 -2.22
CA LYS F 11 -3.79 -79.43 -2.18
C LYS F 11 -2.44 -78.98 -2.74
N THR F 12 -2.48 -78.17 -3.79
CA THR F 12 -1.25 -77.69 -4.38
C THR F 12 -0.53 -76.74 -3.43
N LEU F 13 -1.27 -75.83 -2.81
CA LEU F 13 -0.69 -74.96 -1.79
C LEU F 13 -0.12 -75.79 -0.63
N GLU F 14 -0.85 -76.82 -0.21
CA GLU F 14 -0.37 -77.67 0.86
C GLU F 14 1.01 -78.24 0.49
N SER F 15 1.12 -78.69 -0.75
CA SER F 15 2.34 -79.33 -1.20
C SER F 15 3.48 -78.33 -1.28
N ALA F 16 3.16 -77.06 -1.58
CA ALA F 16 4.18 -76.00 -1.61
C ALA F 16 4.56 -75.55 -0.21
N GLY F 17 3.93 -76.14 0.81
CA GLY F 17 4.26 -75.84 2.18
C GLY F 17 3.50 -74.70 2.83
N VAL F 18 2.45 -74.15 2.19
CA VAL F 18 1.69 -73.12 2.88
C VAL F 18 0.99 -73.65 4.13
N LYS F 19 1.00 -72.83 5.18
CA LYS F 19 0.53 -73.27 6.48
C LYS F 19 -0.81 -72.65 6.83
N ARG F 20 -1.13 -71.51 6.25
CA ARG F 20 -2.35 -70.82 6.61
C ARG F 20 -2.81 -69.93 5.50
N ILE F 21 -4.11 -69.63 5.49
CA ILE F 21 -4.67 -68.66 4.57
C ILE F 21 -5.40 -67.59 5.38
N TRP F 22 -5.11 -66.33 5.08
CA TRP F 22 -5.71 -65.21 5.81
C TRP F 22 -6.90 -64.65 5.05
N GLY F 23 -8.03 -64.47 5.73
CA GLY F 23 -9.14 -63.81 5.07
C GLY F 23 -10.37 -63.61 5.94
N VAL F 24 -11.47 -63.30 5.28
CA VAL F 24 -12.81 -63.32 5.89
C VAL F 24 -13.65 -64.16 4.92
N THR F 25 -14.48 -65.09 5.41
CA THR F 25 -15.29 -65.93 4.49
C THR F 25 -16.38 -65.18 3.72
N GLY F 26 -17.13 -65.97 2.95
CA GLY F 26 -18.29 -65.55 2.19
C GLY F 26 -18.75 -66.78 1.43
N ASP F 27 -19.99 -66.76 0.94
CA ASP F 27 -20.54 -67.88 0.18
C ASP F 27 -19.73 -68.19 -1.09
N SER F 28 -19.16 -67.16 -1.71
CA SER F 28 -18.37 -67.37 -2.93
C SER F 28 -17.05 -68.13 -2.65
N LEU F 29 -16.74 -68.33 -1.36
CA LEU F 29 -15.55 -69.09 -0.94
C LEU F 29 -15.91 -70.50 -0.42
N ASN F 30 -17.14 -70.95 -0.63
CA ASN F 30 -17.59 -72.25 -0.09
C ASN F 30 -16.71 -73.41 -0.54
N GLY F 31 -16.39 -73.44 -1.83
CA GLY F 31 -15.53 -74.48 -2.36
C GLY F 31 -14.23 -74.54 -1.58
N LEU F 32 -13.60 -73.39 -1.41
CA LEU F 32 -12.32 -73.33 -0.70
C LEU F 32 -12.45 -73.71 0.76
N SER F 33 -13.43 -73.14 1.47
CA SER F 33 -13.66 -73.47 2.89
C SER F 33 -13.90 -74.97 3.09
N ASP F 34 -14.73 -75.53 2.23
CA ASP F 34 -15.03 -76.95 2.25
C ASP F 34 -13.76 -77.77 2.17
N SER F 35 -12.91 -77.44 1.19
CA SER F 35 -11.63 -78.13 0.98
C SER F 35 -10.70 -78.01 2.16
N LEU F 36 -10.60 -76.81 2.71
CA LEU F 36 -9.74 -76.60 3.87
C LEU F 36 -10.22 -77.39 5.08
N ASN F 37 -11.54 -77.44 5.28
CA ASN F 37 -12.09 -78.23 6.35
C ASN F 37 -11.82 -79.72 6.22
N ARG F 38 -12.01 -80.26 5.01
CA ARG F 38 -11.77 -81.69 4.77
C ARG F 38 -10.29 -82.02 4.89
N MET F 39 -9.45 -81.10 4.42
CA MET F 39 -8.00 -81.30 4.41
C MET F 39 -7.40 -81.27 5.84
N GLY F 40 -7.82 -80.29 6.63
CA GLY F 40 -7.38 -80.16 8.02
C GLY F 40 -5.90 -79.91 8.25
N THR F 41 -5.21 -79.30 7.28
CA THR F 41 -3.78 -79.02 7.44
C THR F 41 -3.48 -77.53 7.31
N ILE F 42 -3.98 -76.90 6.26
CA ILE F 42 -3.83 -75.47 6.16
C ILE F 42 -4.84 -74.80 7.08
N GLU F 43 -4.38 -73.85 7.87
CA GLU F 43 -5.22 -73.21 8.86
C GLU F 43 -5.85 -71.89 8.32
N TRP F 44 -7.14 -71.72 8.55
CA TRP F 44 -7.81 -70.50 8.11
C TRP F 44 -7.68 -69.42 9.18
N MET F 45 -7.14 -68.25 8.82
CA MET F 45 -6.94 -67.17 9.80
C MET F 45 -7.95 -66.07 9.53
N SER F 46 -8.97 -65.98 10.38
CA SER F 46 -10.06 -65.05 10.13
C SER F 46 -9.82 -63.67 10.73
N THR F 47 -9.71 -62.64 9.90
CA THR F 47 -9.49 -61.29 10.40
C THR F 47 -10.81 -60.54 10.40
N ARG F 48 -10.82 -59.32 10.92
CA ARG F 48 -12.05 -58.53 10.93
C ARG F 48 -12.23 -57.75 9.63
N HIS F 49 -11.13 -57.42 8.96
CA HIS F 49 -11.17 -56.69 7.70
C HIS F 49 -10.16 -57.37 6.78
N GLU F 50 -10.55 -57.63 5.54
CA GLU F 50 -9.65 -58.34 4.63
C GLU F 50 -8.35 -57.56 4.37
N GLU F 51 -8.38 -56.24 4.54
CA GLU F 51 -7.16 -55.46 4.38
C GLU F 51 -6.09 -56.02 5.30
N VAL F 52 -6.49 -56.33 6.53
CA VAL F 52 -5.59 -56.82 7.53
C VAL F 52 -5.08 -58.22 7.15
N ALA F 53 -5.93 -59.02 6.53
CA ALA F 53 -5.49 -60.33 6.08
C ALA F 53 -4.33 -60.19 5.12
N ALA F 54 -4.43 -59.22 4.22
CA ALA F 54 -3.38 -59.00 3.22
C ALA F 54 -2.08 -58.50 3.86
N PHE F 55 -2.18 -57.49 4.73
CA PHE F 55 -0.99 -57.05 5.45
C PHE F 55 -0.35 -58.21 6.19
N ALA F 56 -1.17 -58.99 6.89
CA ALA F 56 -0.67 -60.07 7.74
C ALA F 56 0.05 -61.12 6.88
N ALA F 57 -0.56 -61.47 5.74
CA ALA F 57 0.08 -62.43 4.85
C ALA F 57 1.42 -61.89 4.39
N GLY F 58 1.46 -60.61 4.05
CA GLY F 58 2.72 -59.99 3.68
C GLY F 58 3.79 -60.08 4.77
N ALA F 59 3.39 -59.90 6.03
CA ALA F 59 4.33 -59.99 7.13
C ALA F 59 4.82 -61.44 7.26
N GLU F 60 3.91 -62.39 7.10
CA GLU F 60 4.28 -63.79 7.18
C GLU F 60 5.30 -64.11 6.08
N ALA F 61 5.04 -63.64 4.87
CA ALA F 61 5.96 -63.93 3.77
C ALA F 61 7.31 -63.26 3.99
N GLN F 62 7.30 -62.05 4.52
CA GLN F 62 8.53 -61.35 4.81
C GLN F 62 9.40 -62.14 5.78
N LEU F 63 8.78 -62.66 6.84
CA LEU F 63 9.54 -63.34 7.89
C LEU F 63 9.98 -64.75 7.50
N SER F 64 9.08 -65.49 6.87
CA SER F 64 9.37 -66.88 6.58
C SER F 64 10.22 -67.03 5.32
N GLY F 65 10.17 -66.04 4.42
CA GLY F 65 10.81 -66.17 3.12
C GLY F 65 10.02 -67.10 2.20
N GLU F 66 8.78 -67.43 2.58
CA GLU F 66 8.00 -68.42 1.84
C GLU F 66 6.62 -67.95 1.43
N LEU F 67 6.04 -68.59 0.44
CA LEU F 67 4.73 -68.21 -0.09
C LEU F 67 3.72 -68.05 1.04
N ALA F 68 3.03 -66.91 1.07
CA ALA F 68 1.90 -66.73 1.97
C ALA F 68 0.64 -66.52 1.15
N VAL F 69 -0.52 -66.72 1.75
CA VAL F 69 -1.77 -66.70 0.99
C VAL F 69 -2.87 -65.95 1.72
N CYS F 70 -3.61 -65.13 1.00
CA CYS F 70 -4.80 -64.52 1.56
C CYS F 70 -5.98 -64.71 0.60
N ALA F 71 -7.20 -64.46 1.08
CA ALA F 71 -8.35 -64.74 0.24
C ALA F 71 -9.46 -63.75 0.59
N GLY F 72 -10.31 -63.45 -0.38
CA GLY F 72 -11.46 -62.59 -0.10
C GLY F 72 -12.66 -63.06 -0.88
N SER F 73 -13.85 -62.82 -0.34
CA SER F 73 -15.08 -63.21 -1.04
C SER F 73 -15.34 -62.29 -2.24
N CYS F 74 -16.43 -62.53 -2.95
CA CYS F 74 -16.63 -61.79 -4.19
C CYS F 74 -16.93 -60.32 -3.93
N GLY F 75 -16.64 -59.48 -4.93
CA GLY F 75 -16.88 -58.05 -4.85
C GLY F 75 -16.12 -57.42 -3.70
N PRO F 76 -16.86 -56.89 -2.70
CA PRO F 76 -16.27 -56.15 -1.60
C PRO F 76 -15.25 -56.96 -0.81
N GLY F 77 -15.45 -58.28 -0.72
CA GLY F 77 -14.57 -59.12 0.06
C GLY F 77 -13.14 -59.03 -0.41
N ASN F 78 -12.91 -59.45 -1.66
CA ASN F 78 -11.56 -59.41 -2.21
C ASN F 78 -11.10 -57.98 -2.45
N LEU F 79 -12.04 -57.07 -2.74
CA LEU F 79 -11.68 -55.67 -2.95
C LEU F 79 -10.98 -55.14 -1.70
N HIS F 80 -11.46 -55.55 -0.54
CA HIS F 80 -10.86 -55.14 0.73
C HIS F 80 -9.38 -55.48 0.86
N LEU F 81 -8.89 -56.44 0.07
CA LEU F 81 -7.48 -56.84 0.16
C LEU F 81 -6.56 -55.80 -0.43
N ILE F 82 -7.11 -54.96 -1.33
CA ILE F 82 -6.24 -54.24 -2.27
C ILE F 82 -5.12 -53.40 -1.63
N ASN F 83 -5.40 -52.63 -0.58
CA ASN F 83 -4.37 -51.79 -0.02
C ASN F 83 -3.27 -52.63 0.58
N GLY F 84 -3.64 -53.75 1.21
CA GLY F 84 -2.65 -54.66 1.78
C GLY F 84 -1.84 -55.37 0.70
N LEU F 85 -2.46 -55.66 -0.43
CA LEU F 85 -1.72 -56.29 -1.53
C LEU F 85 -0.72 -55.33 -2.14
N PHE F 86 -1.07 -54.04 -2.22
CA PHE F 86 -0.08 -53.06 -2.67
C PHE F 86 1.11 -53.11 -1.76
N ASP F 87 0.87 -53.19 -0.45
CA ASP F 87 1.99 -53.25 0.48
C ASP F 87 2.84 -54.51 0.26
N CYS F 88 2.17 -55.66 0.12
CA CYS F 88 2.89 -56.92 -0.16
C CYS F 88 3.75 -56.79 -1.42
N HIS F 89 3.12 -56.29 -2.48
CA HIS F 89 3.80 -56.28 -3.76
C HIS F 89 4.96 -55.32 -3.71
N ARG F 90 4.75 -54.18 -3.09
CA ARG F 90 5.79 -53.19 -2.98
C ARG F 90 6.94 -53.63 -2.08
N ASN F 91 6.64 -54.50 -1.11
CA ASN F 91 7.66 -55.03 -0.24
C ASN F 91 8.37 -56.23 -0.85
N HIS F 92 7.96 -56.64 -2.06
CA HIS F 92 8.60 -57.77 -2.75
C HIS F 92 8.51 -59.07 -1.95
N VAL F 93 7.35 -59.39 -1.41
CA VAL F 93 7.24 -60.65 -0.69
C VAL F 93 6.28 -61.56 -1.44
N PRO F 94 6.54 -62.87 -1.42
CA PRO F 94 5.73 -63.81 -2.19
C PRO F 94 4.34 -64.04 -1.58
N VAL F 95 3.30 -63.50 -2.22
CA VAL F 95 1.95 -63.67 -1.71
C VAL F 95 0.97 -64.03 -2.83
N LEU F 96 0.20 -65.09 -2.59
CA LEU F 96 -0.89 -65.44 -3.51
C LEU F 96 -2.20 -64.97 -2.91
N ALA F 97 -2.97 -64.21 -3.69
CA ALA F 97 -4.31 -63.80 -3.28
C ALA F 97 -5.35 -64.58 -4.09
N ILE F 98 -6.24 -65.26 -3.39
CA ILE F 98 -7.34 -65.92 -4.05
C ILE F 98 -8.54 -65.00 -3.93
N ALA F 99 -8.94 -64.43 -5.06
CA ALA F 99 -10.07 -63.52 -5.09
C ALA F 99 -11.29 -64.27 -5.59
N ALA F 100 -12.17 -64.68 -4.68
CA ALA F 100 -13.40 -65.32 -5.09
C ALA F 100 -14.26 -64.30 -5.86
N HIS F 101 -15.04 -64.78 -6.81
CA HIS F 101 -15.73 -63.92 -7.76
C HIS F 101 -17.19 -64.36 -7.86
N ILE F 102 -18.04 -63.50 -8.42
CA ILE F 102 -19.47 -63.80 -8.52
C ILE F 102 -19.68 -65.01 -9.44
N PRO F 103 -20.86 -65.62 -9.41
CA PRO F 103 -21.03 -66.79 -10.30
C PRO F 103 -20.79 -66.37 -11.75
N SER F 104 -20.06 -67.18 -12.51
CA SER F 104 -19.62 -66.76 -13.83
C SER F 104 -20.80 -66.48 -14.74
N SER F 105 -21.94 -67.12 -14.48
CA SER F 105 -23.09 -66.92 -15.34
C SER F 105 -23.66 -65.49 -15.27
N GLU F 106 -23.33 -64.76 -14.18
CA GLU F 106 -23.91 -63.44 -13.96
C GLU F 106 -22.96 -62.33 -14.41
N ILE F 107 -21.74 -62.71 -14.80
CA ILE F 107 -20.76 -61.71 -15.20
C ILE F 107 -21.25 -60.87 -16.39
N GLY F 108 -21.06 -59.56 -16.30
CA GLY F 108 -21.41 -58.66 -17.40
C GLY F 108 -22.84 -58.14 -17.31
N SER F 109 -23.54 -58.44 -16.23
CA SER F 109 -24.97 -58.09 -16.18
C SER F 109 -25.26 -57.05 -15.14
N GLY F 110 -24.22 -56.60 -14.43
CA GLY F 110 -24.44 -55.68 -13.34
C GLY F 110 -25.03 -56.42 -12.16
N TYR F 111 -24.43 -57.55 -11.80
CA TYR F 111 -24.99 -58.42 -10.77
C TYR F 111 -24.70 -57.92 -9.37
N PHE F 112 -25.42 -58.43 -8.39
CA PHE F 112 -25.11 -58.21 -6.99
C PHE F 112 -23.60 -58.43 -6.77
N GLN F 113 -22.95 -57.42 -6.19
CA GLN F 113 -21.52 -57.46 -5.86
C GLN F 113 -20.58 -57.52 -7.06
N GLU F 114 -21.07 -57.38 -8.29
CA GLU F 114 -20.16 -57.49 -9.43
C GLU F 114 -19.00 -56.49 -9.39
N THR F 115 -17.78 -56.99 -9.54
CA THR F 115 -16.60 -56.17 -9.80
C THR F 115 -15.79 -56.97 -10.80
N HIS F 116 -14.66 -56.43 -11.23
CA HIS F 116 -13.76 -57.13 -12.13
C HIS F 116 -12.39 -57.21 -11.48
N PRO F 117 -12.21 -58.14 -10.52
CA PRO F 117 -10.94 -58.22 -9.80
C PRO F 117 -9.72 -58.43 -10.72
N GLN F 118 -9.95 -59.12 -11.82
CA GLN F 118 -8.85 -59.38 -12.75
C GLN F 118 -8.33 -58.10 -13.41
N GLU F 119 -9.10 -57.03 -13.35
CA GLU F 119 -8.60 -55.71 -13.76
C GLU F 119 -8.09 -54.89 -12.60
N LEU F 120 -8.81 -54.88 -11.49
CA LEU F 120 -8.42 -54.04 -10.35
C LEU F 120 -7.00 -54.32 -9.85
N PHE F 121 -6.60 -55.58 -9.84
CA PHE F 121 -5.38 -55.95 -9.18
C PHE F 121 -4.16 -55.95 -10.07
N ARG F 122 -4.28 -55.49 -11.31
CA ARG F 122 -3.13 -55.53 -12.23
C ARG F 122 -1.93 -54.77 -11.66
N GLU F 123 -2.14 -53.58 -11.13
CA GLU F 123 -1.02 -52.77 -10.70
C GLU F 123 -0.27 -53.34 -9.50
N CYS F 124 -0.99 -54.02 -8.61
CA CYS F 124 -0.35 -54.50 -7.40
C CYS F 124 -0.08 -56.00 -7.48
N SER F 125 0.31 -56.47 -8.67
CA SER F 125 0.65 -57.88 -8.84
C SER F 125 1.52 -58.05 -10.08
N HIS F 126 2.17 -59.19 -10.20
CA HIS F 126 2.98 -59.60 -11.35
CA HIS F 126 2.88 -59.46 -11.45
C HIS F 126 2.16 -60.50 -12.29
N TYR F 127 1.02 -60.98 -11.78
CA TYR F 127 0.21 -61.97 -12.46
C TYR F 127 -1.18 -61.86 -11.90
N CYS F 128 -2.19 -61.84 -12.77
CA CYS F 128 -3.55 -61.62 -12.32
C CYS F 128 -4.52 -62.10 -13.39
N GLU F 129 -5.24 -63.19 -13.13
CA GLU F 129 -6.12 -63.78 -14.16
C GLU F 129 -7.39 -64.39 -13.63
N LEU F 130 -8.40 -64.38 -14.47
CA LEU F 130 -9.68 -64.95 -14.14
C LEU F 130 -9.69 -66.41 -14.58
N VAL F 131 -10.09 -67.29 -13.67
CA VAL F 131 -10.31 -68.70 -14.01
C VAL F 131 -11.78 -68.91 -14.41
N SER F 132 -12.06 -68.88 -15.73
CA SER F 132 -13.40 -69.08 -16.26
C SER F 132 -13.69 -70.55 -16.40
N SER F 133 -12.64 -71.32 -16.63
CA SER F 133 -12.77 -72.73 -16.96
C SER F 133 -11.87 -73.57 -16.03
N PRO F 134 -12.43 -74.68 -15.52
CA PRO F 134 -11.59 -75.58 -14.71
C PRO F 134 -10.30 -75.97 -15.41
N GLU F 135 -10.33 -76.08 -16.74
CA GLU F 135 -9.13 -76.52 -17.48
C GLU F 135 -7.97 -75.53 -17.34
N GLN F 136 -8.26 -74.29 -16.98
CA GLN F 136 -7.21 -73.30 -16.76
C GLN F 136 -6.38 -73.55 -15.49
N ILE F 137 -6.99 -74.10 -14.46
CA ILE F 137 -6.41 -73.97 -13.13
C ILE F 137 -4.98 -74.51 -13.00
N PRO F 138 -4.64 -75.62 -13.70
CA PRO F 138 -3.25 -76.05 -13.48
C PRO F 138 -2.21 -75.05 -14.00
N GLN F 139 -2.44 -74.47 -15.18
CA GLN F 139 -1.49 -73.49 -15.73
C GLN F 139 -1.52 -72.19 -14.94
N VAL F 140 -2.73 -71.68 -14.69
CA VAL F 140 -2.88 -70.41 -13.98
C VAL F 140 -2.26 -70.48 -12.58
N LEU F 141 -2.56 -71.55 -11.85
CA LEU F 141 -2.00 -71.69 -10.51
C LEU F 141 -0.47 -71.86 -10.56
N ALA F 142 0.02 -72.65 -11.52
CA ALA F 142 1.46 -72.87 -11.59
C ALA F 142 2.21 -71.56 -11.84
N ILE F 143 1.72 -70.77 -12.81
CA ILE F 143 2.38 -69.51 -13.13
C ILE F 143 2.23 -68.55 -11.96
N ALA F 144 1.00 -68.43 -11.43
CA ALA F 144 0.79 -67.57 -10.27
C ALA F 144 1.78 -67.87 -9.14
N MET F 145 1.92 -69.13 -8.77
CA MET F 145 2.76 -69.48 -7.63
C MET F 145 4.23 -69.27 -7.96
N ARG F 146 4.62 -69.65 -9.16
CA ARG F 146 6.02 -69.50 -9.56
C ARG F 146 6.45 -68.04 -9.60
N LYS F 147 5.60 -67.19 -10.18
CA LYS F 147 5.93 -65.78 -10.25
C LYS F 147 5.95 -65.17 -8.84
N ALA F 148 4.96 -65.50 -8.00
CA ALA F 148 4.95 -64.95 -6.65
C ALA F 148 6.27 -65.25 -5.94
N VAL F 149 6.73 -66.50 -6.03
CA VAL F 149 7.88 -66.93 -5.28
C VAL F 149 9.16 -66.39 -5.90
N LEU F 150 9.36 -66.62 -7.19
CA LEU F 150 10.64 -66.28 -7.83
C LEU F 150 10.76 -64.81 -8.23
N ASN F 151 9.69 -64.17 -8.66
CA ASN F 151 9.72 -62.74 -8.92
C ASN F 151 9.47 -61.91 -7.66
N ARG F 152 9.12 -62.57 -6.56
CA ARG F 152 9.03 -61.90 -5.27
C ARG F 152 7.94 -60.81 -5.22
N GLY F 153 6.68 -61.22 -5.24
CA GLY F 153 5.58 -60.27 -5.25
C GLY F 153 4.26 -60.97 -5.25
N VAL F 154 3.22 -60.23 -5.58
CA VAL F 154 1.85 -60.72 -5.45
C VAL F 154 1.37 -61.32 -6.75
N SER F 155 0.69 -62.47 -6.66
CA SER F 155 -0.05 -63.03 -7.79
C SER F 155 -1.48 -63.15 -7.37
N VAL F 156 -2.41 -62.89 -8.29
CA VAL F 156 -3.83 -62.98 -7.99
C VAL F 156 -4.52 -63.98 -8.89
N VAL F 157 -5.29 -64.89 -8.28
CA VAL F 157 -6.11 -65.81 -9.03
C VAL F 157 -7.56 -65.50 -8.71
N VAL F 158 -8.34 -65.18 -9.73
CA VAL F 158 -9.73 -64.78 -9.55
C VAL F 158 -10.61 -65.96 -9.90
N LEU F 159 -11.45 -66.38 -8.94
CA LEU F 159 -12.11 -67.67 -9.02
C LEU F 159 -13.60 -67.56 -8.75
N PRO F 160 -14.43 -67.58 -9.80
CA PRO F 160 -15.86 -67.54 -9.58
C PRO F 160 -16.28 -68.72 -8.70
N GLY F 161 -17.21 -68.47 -7.79
CA GLY F 161 -17.63 -69.48 -6.84
C GLY F 161 -18.17 -70.75 -7.48
N ASP F 162 -18.84 -70.63 -8.62
CA ASP F 162 -19.36 -71.80 -9.32
C ASP F 162 -18.20 -72.60 -9.94
N VAL F 163 -17.25 -71.92 -10.54
CA VAL F 163 -16.10 -72.61 -11.12
C VAL F 163 -15.28 -73.35 -10.04
N ALA F 164 -15.17 -72.76 -8.86
CA ALA F 164 -14.47 -73.39 -7.73
C ALA F 164 -15.05 -74.77 -7.40
N LEU F 165 -16.35 -74.93 -7.64
CA LEU F 165 -17.04 -76.17 -7.25
C LEU F 165 -17.07 -77.21 -8.36
N LYS F 166 -16.53 -76.86 -9.52
CA LYS F 166 -16.49 -77.79 -10.64
C LYS F 166 -15.31 -78.76 -10.51
N PRO F 167 -15.38 -79.90 -11.21
CA PRO F 167 -14.27 -80.85 -11.13
C PRO F 167 -13.00 -80.26 -11.70
N ALA F 168 -11.88 -80.39 -10.97
CA ALA F 168 -10.55 -80.11 -11.51
C ALA F 168 -10.24 -81.08 -12.65
N PRO F 169 -9.33 -80.72 -13.57
CA PRO F 169 -8.90 -81.65 -14.61
C PRO F 169 -8.30 -82.91 -13.98
N GLU F 170 -8.68 -84.09 -14.49
CA GLU F 170 -8.24 -85.32 -13.82
C GLU F 170 -6.74 -85.64 -13.85
N GLY F 171 -6.05 -85.21 -14.89
CA GLY F 171 -4.62 -85.51 -15.00
C GLY F 171 -3.72 -84.50 -14.31
N ALA F 172 -4.31 -83.44 -13.76
CA ALA F 172 -3.52 -82.36 -13.16
C ALA F 172 -2.70 -82.86 -11.99
N THR F 173 -1.51 -82.29 -11.80
CA THR F 173 -0.72 -82.72 -10.67
C THR F 173 -0.68 -81.65 -9.60
N MET F 174 -0.65 -82.10 -8.35
CA MET F 174 -0.67 -81.20 -7.22
C MET F 174 0.70 -81.11 -6.54
N HIS F 175 1.62 -82.01 -6.89
CA HIS F 175 2.97 -81.91 -6.31
C HIS F 175 3.69 -80.62 -6.76
N TRP F 176 4.36 -79.94 -5.83
CA TRP F 176 5.07 -78.72 -6.15
C TRP F 176 6.58 -78.92 -6.00
N TYR F 177 7.33 -78.64 -7.05
CA TYR F 177 8.79 -78.68 -6.95
C TYR F 177 9.30 -77.31 -6.52
N HIS F 178 9.99 -77.20 -5.39
CA HIS F 178 10.52 -75.91 -4.96
CA HIS F 178 10.51 -75.89 -5.00
C HIS F 178 11.79 -75.58 -5.74
N ALA F 179 11.73 -74.59 -6.62
CA ALA F 179 12.96 -74.13 -7.28
C ALA F 179 13.49 -72.88 -6.55
N PRO F 180 14.72 -72.96 -6.06
CA PRO F 180 15.38 -71.80 -5.41
C PRO F 180 15.75 -70.74 -6.42
N GLN F 181 16.06 -69.53 -5.96
CA GLN F 181 16.64 -68.51 -6.85
C GLN F 181 17.88 -69.07 -7.55
N PRO F 182 18.13 -68.63 -8.78
CA PRO F 182 19.38 -68.99 -9.41
C PRO F 182 20.51 -68.13 -8.85
N VAL F 183 21.74 -68.47 -9.18
CA VAL F 183 22.88 -67.62 -8.94
C VAL F 183 22.93 -66.61 -10.09
N VAL F 184 22.95 -65.32 -9.76
CA VAL F 184 22.94 -64.29 -10.78
C VAL F 184 24.17 -63.35 -10.55
N THR F 185 25.12 -63.37 -11.48
CA THR F 185 26.39 -62.67 -11.32
C THR F 185 26.74 -61.98 -12.64
N PRO F 186 27.26 -60.75 -12.59
CA PRO F 186 27.60 -60.08 -13.84
C PRO F 186 28.71 -60.82 -14.58
N GLU F 187 28.78 -60.67 -15.90
CA GLU F 187 29.85 -61.25 -16.70
C GLU F 187 31.21 -60.85 -16.13
N GLU F 188 32.20 -61.71 -16.24
CA GLU F 188 33.53 -61.43 -15.72
C GLU F 188 34.08 -60.09 -16.24
N GLU F 189 33.92 -59.82 -17.53
CA GLU F 189 34.41 -58.56 -18.09
C GLU F 189 33.87 -57.38 -17.28
N GLU F 190 32.56 -57.38 -17.03
CA GLU F 190 31.93 -56.29 -16.33
C GLU F 190 32.49 -56.10 -14.93
N LEU F 191 32.75 -57.20 -14.24
CA LEU F 191 33.39 -57.12 -12.92
C LEU F 191 34.79 -56.50 -13.02
N ARG F 192 35.56 -56.89 -14.03
CA ARG F 192 36.89 -56.30 -14.24
C ARG F 192 36.77 -54.81 -14.47
N LYS F 193 35.77 -54.40 -15.24
CA LYS F 193 35.59 -52.99 -15.51
C LYS F 193 35.26 -52.23 -14.24
N LEU F 194 34.35 -52.80 -13.43
CA LEU F 194 34.02 -52.21 -12.14
C LEU F 194 35.25 -52.09 -11.24
N ALA F 195 36.04 -53.16 -11.16
CA ALA F 195 37.22 -53.15 -10.31
C ALA F 195 38.17 -52.05 -10.76
N GLN F 196 38.33 -51.92 -12.07
CA GLN F 196 39.21 -50.89 -12.61
C GLN F 196 38.66 -49.50 -12.26
N LEU F 197 37.36 -49.32 -12.38
CA LEU F 197 36.74 -48.05 -12.05
C LEU F 197 36.98 -47.69 -10.59
N LEU F 198 36.75 -48.65 -9.68
CA LEU F 198 36.97 -48.42 -8.27
C LEU F 198 38.44 -48.08 -7.96
N ARG F 199 39.35 -48.69 -8.71
CA ARG F 199 40.77 -48.46 -8.54
C ARG F 199 41.11 -46.97 -8.73
N TYR F 200 40.38 -46.31 -9.62
CA TYR F 200 40.66 -44.92 -9.97
C TYR F 200 39.60 -43.96 -9.45
N SER F 201 38.82 -44.39 -8.47
CA SER F 201 37.80 -43.52 -7.88
C SER F 201 38.19 -43.16 -6.46
N SER F 202 37.73 -42.02 -5.98
CA SER F 202 37.99 -41.62 -4.59
C SER F 202 36.70 -41.25 -3.88
N ASN F 203 36.77 -41.13 -2.56
CA ASN F 203 35.64 -40.66 -1.79
C ASN F 203 34.37 -41.40 -2.20
N ILE F 204 34.43 -42.72 -2.01
CA ILE F 204 33.37 -43.62 -2.38
C ILE F 204 32.47 -43.89 -1.20
N ALA F 205 31.14 -43.80 -1.43
CA ALA F 205 30.18 -44.21 -0.42
C ALA F 205 29.33 -45.31 -1.02
N LEU F 206 28.81 -46.20 -0.16
CA LEU F 206 27.90 -47.23 -0.58
C LEU F 206 26.51 -46.89 -0.04
N MET F 207 25.50 -46.93 -0.90
CA MET F 207 24.11 -46.78 -0.46
C MET F 207 23.46 -48.15 -0.55
N CYS F 208 23.11 -48.71 0.60
CA CYS F 208 22.73 -50.12 0.65
C CYS F 208 21.30 -50.30 1.06
N GLY F 209 20.58 -51.13 0.32
CA GLY F 209 19.16 -51.42 0.60
C GLY F 209 18.96 -52.89 0.91
N SER F 210 17.72 -53.34 0.93
CA SER F 210 17.42 -54.69 1.37
C SER F 210 17.96 -55.74 0.41
N GLY F 211 18.39 -55.32 -0.78
CA GLY F 211 19.04 -56.26 -1.70
C GLY F 211 20.34 -56.82 -1.12
N CYS F 212 20.86 -56.17 -0.06
CA CYS F 212 22.03 -56.65 0.63
C CYS F 212 21.72 -57.72 1.67
N ALA F 213 20.44 -58.03 1.88
CA ALA F 213 20.08 -59.10 2.81
C ALA F 213 20.88 -60.37 2.49
N GLY F 214 21.48 -60.99 3.49
CA GLY F 214 22.23 -62.21 3.23
C GLY F 214 23.69 -61.99 2.81
N ALA F 215 24.06 -60.74 2.58
CA ALA F 215 25.40 -60.40 2.07
C ALA F 215 26.22 -59.59 3.08
N HIS F 216 25.82 -59.61 4.34
CA HIS F 216 26.44 -58.78 5.36
C HIS F 216 27.97 -58.90 5.36
N LYS F 217 28.43 -60.14 5.42
CA LYS F 217 29.84 -60.44 5.48
C LYS F 217 30.62 -59.83 4.30
N GLU F 218 30.11 -60.04 3.08
CA GLU F 218 30.74 -59.54 1.89
C GLU F 218 30.69 -58.02 1.85
N LEU F 219 29.55 -57.45 2.23
CA LEU F 219 29.36 -56.02 2.21
C LEU F 219 30.40 -55.34 3.13
N VAL F 220 30.53 -55.83 4.35
CA VAL F 220 31.41 -55.22 5.31
C VAL F 220 32.86 -55.37 4.87
N GLU F 221 33.18 -56.51 4.28
CA GLU F 221 34.52 -56.75 3.79
C GLU F 221 34.83 -55.80 2.62
N PHE F 222 33.85 -55.60 1.74
CA PHE F 222 34.01 -54.72 0.59
C PHE F 222 34.25 -53.29 1.05
N ALA F 223 33.37 -52.78 1.93
CA ALA F 223 33.52 -51.41 2.45
C ALA F 223 34.90 -51.20 3.06
N GLY F 224 35.36 -52.17 3.82
CA GLY F 224 36.66 -52.07 4.51
C GLY F 224 37.79 -52.07 3.53
N LYS F 225 37.66 -52.86 2.47
CA LYS F 225 38.71 -52.98 1.47
C LYS F 225 38.95 -51.67 0.71
N ILE F 226 37.87 -51.02 0.28
CA ILE F 226 37.99 -49.76 -0.45
C ILE F 226 37.80 -48.51 0.41
N LYS F 227 37.59 -48.71 1.72
CA LYS F 227 37.40 -47.61 2.66
C LYS F 227 36.21 -46.73 2.30
N ALA F 228 35.03 -47.35 2.19
CA ALA F 228 33.82 -46.64 1.85
C ALA F 228 32.83 -46.65 3.02
N PRO F 229 32.43 -45.46 3.49
CA PRO F 229 31.37 -45.45 4.48
C PRO F 229 30.10 -46.00 3.84
N ILE F 230 29.23 -46.61 4.65
CA ILE F 230 28.00 -47.16 4.14
C ILE F 230 26.85 -46.32 4.68
N VAL F 231 25.93 -45.89 3.80
CA VAL F 231 24.65 -45.45 4.30
C VAL F 231 23.60 -46.43 3.84
N HIS F 232 22.56 -46.62 4.63
CA HIS F 232 21.55 -47.60 4.26
C HIS F 232 20.20 -46.94 4.03
N ALA F 233 19.46 -47.45 3.06
CA ALA F 233 18.08 -47.07 2.88
C ALA F 233 17.28 -47.72 4.00
N LEU F 234 16.11 -47.19 4.30
CA LEU F 234 15.35 -47.72 5.42
C LEU F 234 15.17 -49.24 5.37
N ARG F 235 14.82 -49.82 4.21
CA ARG F 235 14.55 -51.25 4.21
C ARG F 235 15.88 -52.06 4.27
N GLY F 236 17.02 -51.37 4.21
CA GLY F 236 18.31 -52.02 4.42
C GLY F 236 18.71 -52.04 5.90
N LYS F 237 18.02 -51.25 6.71
CA LYS F 237 18.44 -51.07 8.11
C LYS F 237 18.63 -52.39 8.83
N GLU F 238 17.62 -53.25 8.84
CA GLU F 238 17.73 -54.51 9.56
C GLU F 238 18.84 -55.41 9.03
N HIS F 239 19.25 -55.21 7.78
CA HIS F 239 20.22 -56.10 7.15
C HIS F 239 21.67 -55.59 7.20
N VAL F 240 21.83 -54.31 7.51
CA VAL F 240 23.09 -53.64 7.27
C VAL F 240 23.60 -52.93 8.51
N GLU F 241 22.69 -52.48 9.38
CA GLU F 241 23.07 -51.62 10.50
C GLU F 241 23.36 -52.40 11.78
N TYR F 242 24.34 -53.28 11.72
CA TYR F 242 24.80 -53.98 12.91
C TYR F 242 26.13 -54.62 12.57
N ASP F 243 26.97 -54.83 13.59
CA ASP F 243 28.31 -55.37 13.37
C ASP F 243 28.91 -54.76 12.09
N ASN F 244 28.91 -53.45 12.02
CA ASN F 244 29.28 -52.77 10.79
C ASN F 244 29.95 -51.45 11.11
N PRO F 245 31.28 -51.47 11.21
CA PRO F 245 31.96 -50.25 11.60
C PRO F 245 31.94 -49.18 10.51
N TYR F 246 31.39 -49.49 9.35
CA TYR F 246 31.38 -48.53 8.24
C TYR F 246 30.05 -47.81 8.11
N ASP F 247 29.03 -48.27 8.84
CA ASP F 247 27.69 -47.72 8.70
C ASP F 247 27.55 -46.36 9.35
N VAL F 248 27.05 -45.40 8.60
CA VAL F 248 27.00 -44.04 9.03
C VAL F 248 25.55 -43.48 9.09
N GLY F 249 24.56 -44.37 9.02
CA GLY F 249 23.16 -43.95 9.16
C GLY F 249 22.36 -43.90 7.89
N MET F 250 21.43 -42.95 7.82
CA MET F 250 20.51 -42.82 6.71
C MET F 250 20.47 -41.38 6.19
N THR F 251 20.03 -41.18 4.94
CA THR F 251 19.57 -39.86 4.49
C THR F 251 18.06 -39.89 4.30
N GLY F 252 17.58 -38.89 3.56
CA GLY F 252 16.16 -38.65 3.40
C GLY F 252 15.75 -37.83 4.59
N LEU F 253 14.50 -37.38 4.59
CA LEU F 253 14.03 -36.47 5.63
C LEU F 253 14.10 -37.08 7.01
N ILE F 254 13.98 -38.41 7.11
CA ILE F 254 14.03 -39.01 8.43
C ILE F 254 15.42 -39.55 8.76
N GLY F 255 16.35 -39.37 7.85
CA GLY F 255 17.73 -39.77 8.11
C GLY F 255 18.40 -38.74 8.99
N PHE F 256 19.72 -38.72 8.99
CA PHE F 256 20.43 -37.72 9.79
C PHE F 256 21.67 -37.17 9.13
N SER F 257 22.29 -36.20 9.79
CA SER F 257 23.35 -35.42 9.18
C SER F 257 24.47 -36.26 8.56
N SER F 258 24.96 -37.25 9.30
CA SER F 258 26.06 -38.07 8.80
C SER F 258 25.68 -38.79 7.48
N GLY F 259 24.52 -39.42 7.45
CA GLY F 259 24.03 -40.02 6.21
C GLY F 259 23.87 -38.96 5.13
N PHE F 260 23.25 -37.84 5.50
CA PHE F 260 23.01 -36.76 4.58
C PHE F 260 24.29 -36.34 3.87
N HIS F 261 25.26 -35.90 4.68
CA HIS F 261 26.52 -35.40 4.17
C HIS F 261 27.37 -36.42 3.44
N THR F 262 27.39 -37.65 3.93
CA THR F 262 28.22 -38.67 3.31
C THR F 262 27.74 -38.88 1.89
N MET F 263 26.42 -38.97 1.74
CA MET F 263 25.80 -39.11 0.44
C MET F 263 26.03 -37.90 -0.46
N MET F 264 25.79 -36.70 0.06
CA MET F 264 25.93 -35.53 -0.80
C MET F 264 27.39 -35.28 -1.21
N ASN F 265 28.35 -35.62 -0.34
CA ASN F 265 29.75 -35.24 -0.59
C ASN F 265 30.57 -36.28 -1.30
N ALA F 266 30.04 -37.49 -1.47
CA ALA F 266 30.77 -38.54 -2.17
C ALA F 266 31.09 -38.13 -3.60
N ASP F 267 32.26 -38.55 -4.08
CA ASP F 267 32.61 -38.36 -5.50
C ASP F 267 32.22 -39.60 -6.31
N THR F 268 31.99 -40.70 -5.63
CA THR F 268 31.64 -41.95 -6.28
C THR F 268 30.65 -42.63 -5.37
N LEU F 269 29.55 -43.06 -5.94
CA LEU F 269 28.48 -43.64 -5.16
C LEU F 269 28.11 -45.00 -5.75
N VAL F 270 28.10 -46.03 -4.91
CA VAL F 270 27.73 -47.36 -5.35
C VAL F 270 26.40 -47.74 -4.73
N LEU F 271 25.36 -47.86 -5.57
CA LEU F 271 24.04 -48.28 -5.09
C LEU F 271 23.96 -49.80 -5.09
N LEU F 272 23.86 -50.38 -3.91
CA LEU F 272 23.79 -51.83 -3.78
C LEU F 272 22.40 -52.29 -3.33
N GLY F 273 21.65 -52.89 -4.25
CA GLY F 273 20.35 -53.44 -3.93
C GLY F 273 19.45 -52.42 -3.26
N THR F 274 19.29 -51.25 -3.89
CA THR F 274 18.45 -50.21 -3.31
C THR F 274 17.51 -49.53 -4.31
N GLN F 275 16.40 -49.02 -3.80
CA GLN F 275 15.33 -48.36 -4.55
C GLN F 275 15.09 -47.02 -3.85
N PHE F 276 16.01 -46.61 -2.98
CA PHE F 276 15.86 -45.34 -2.27
C PHE F 276 15.29 -44.26 -3.21
N PRO F 277 14.06 -43.78 -2.93
CA PRO F 277 13.34 -43.05 -3.95
C PRO F 277 13.51 -41.54 -3.97
N TYR F 278 14.19 -40.95 -2.99
CA TYR F 278 14.16 -39.49 -2.86
C TYR F 278 15.27 -38.84 -3.66
N ARG F 279 14.95 -38.47 -4.89
CA ARG F 279 15.94 -38.09 -5.90
C ARG F 279 16.87 -36.94 -5.48
N ALA F 280 16.34 -35.99 -4.72
CA ALA F 280 17.15 -34.81 -4.38
C ALA F 280 18.26 -35.10 -3.37
N PHE F 281 18.23 -36.28 -2.77
CA PHE F 281 19.26 -36.65 -1.79
C PHE F 281 20.46 -37.36 -2.42
N TYR F 282 20.41 -37.62 -3.72
CA TYR F 282 21.58 -38.19 -4.40
C TYR F 282 22.48 -37.01 -4.77
N PRO F 283 23.81 -37.22 -4.76
CA PRO F 283 24.78 -36.20 -5.12
C PRO F 283 24.65 -35.71 -6.54
N THR F 284 25.14 -34.50 -6.78
CA THR F 284 24.95 -33.81 -8.06
C THR F 284 25.99 -34.24 -9.10
N ASP F 285 27.27 -34.26 -8.72
CA ASP F 285 28.23 -34.80 -9.67
C ASP F 285 29.21 -35.74 -9.05
N ALA F 286 28.70 -36.91 -8.73
CA ALA F 286 29.47 -38.05 -8.38
C ALA F 286 29.32 -38.97 -9.56
N LYS F 287 30.25 -39.90 -9.75
CA LYS F 287 30.03 -41.04 -10.62
C LYS F 287 29.12 -41.98 -9.84
N ILE F 288 28.05 -42.47 -10.47
CA ILE F 288 27.12 -43.40 -9.82
C ILE F 288 27.11 -44.77 -10.47
N ILE F 289 27.29 -45.78 -9.64
CA ILE F 289 27.34 -47.17 -10.04
C ILE F 289 26.19 -47.84 -9.36
N GLN F 290 25.44 -48.66 -10.09
CA GLN F 290 24.32 -49.37 -9.48
C GLN F 290 24.33 -50.85 -9.82
N ILE F 291 24.20 -51.67 -8.79
CA ILE F 291 24.10 -53.12 -8.92
C ILE F 291 22.74 -53.54 -8.38
N ASP F 292 21.97 -54.30 -9.16
CA ASP F 292 20.63 -54.70 -8.75
C ASP F 292 20.25 -55.95 -9.54
N ILE F 293 19.37 -56.81 -9.01
CA ILE F 293 18.89 -57.93 -9.82
C ILE F 293 17.76 -57.53 -10.74
N ASN F 294 17.17 -56.37 -10.49
CA ASN F 294 15.97 -55.98 -11.26
C ASN F 294 16.27 -54.82 -12.20
N PRO F 295 16.23 -55.07 -13.50
CA PRO F 295 16.50 -53.99 -14.45
C PRO F 295 15.63 -52.77 -14.20
N ALA F 296 14.42 -52.96 -13.69
CA ALA F 296 13.53 -51.84 -13.46
C ALA F 296 14.00 -50.88 -12.36
N SER F 297 14.93 -51.32 -11.53
CA SER F 297 15.44 -50.50 -10.44
C SER F 297 16.59 -49.62 -10.92
N ILE F 298 17.18 -50.00 -12.05
CA ILE F 298 18.40 -49.36 -12.47
C ILE F 298 18.12 -48.02 -13.10
N GLY F 299 18.53 -46.96 -12.43
CA GLY F 299 18.31 -45.61 -12.94
C GLY F 299 16.94 -45.07 -12.58
N ALA F 300 16.26 -45.73 -11.66
CA ALA F 300 14.89 -45.31 -11.32
C ALA F 300 14.86 -43.99 -10.56
N HIS F 301 15.89 -43.71 -9.79
CA HIS F 301 15.90 -42.50 -8.97
C HIS F 301 17.20 -41.74 -9.04
N SER F 302 18.04 -42.03 -10.04
CA SER F 302 19.26 -41.28 -10.23
C SER F 302 19.83 -41.61 -11.59
N LYS F 303 20.74 -40.77 -12.08
CA LYS F 303 21.51 -41.14 -13.24
C LYS F 303 22.37 -42.34 -12.86
N VAL F 304 22.83 -43.06 -13.87
CA VAL F 304 23.70 -44.19 -13.62
C VAL F 304 24.84 -44.19 -14.62
N ASP F 305 26.08 -44.14 -14.13
CA ASP F 305 27.24 -44.12 -15.01
C ASP F 305 27.70 -45.52 -15.37
N MET F 306 27.49 -46.46 -14.46
CA MET F 306 27.76 -47.85 -14.73
C MET F 306 26.73 -48.71 -14.02
N ALA F 307 26.07 -49.58 -14.79
CA ALA F 307 25.04 -50.47 -14.27
C ALA F 307 25.47 -51.92 -14.39
N LEU F 308 25.20 -52.72 -13.35
CA LEU F 308 25.46 -54.15 -13.41
C LEU F 308 24.24 -54.90 -12.85
N VAL F 309 23.85 -55.96 -13.53
CA VAL F 309 22.79 -56.79 -13.04
C VAL F 309 23.43 -57.93 -12.31
N GLY F 310 23.08 -58.08 -11.04
CA GLY F 310 23.63 -59.19 -10.26
C GLY F 310 23.02 -59.22 -8.88
N ASP F 311 23.10 -60.38 -8.26
CA ASP F 311 22.70 -60.50 -6.88
C ASP F 311 23.89 -60.02 -6.00
N ILE F 312 23.60 -59.29 -4.92
CA ILE F 312 24.68 -58.62 -4.19
C ILE F 312 25.71 -59.60 -3.64
N LYS F 313 25.22 -60.64 -2.99
CA LYS F 313 26.11 -61.63 -2.39
C LYS F 313 27.07 -62.21 -3.42
N SER F 314 26.54 -62.73 -4.53
CA SER F 314 27.37 -63.34 -5.55
C SER F 314 28.30 -62.39 -6.25
N THR F 315 27.78 -61.20 -6.51
CA THR F 315 28.55 -60.18 -7.18
C THR F 315 29.73 -59.75 -6.31
N LEU F 316 29.49 -59.45 -5.03
CA LEU F 316 30.58 -59.05 -4.18
C LEU F 316 31.62 -60.17 -4.01
N ARG F 317 31.17 -61.43 -3.94
CA ARG F 317 32.11 -62.54 -3.84
C ARG F 317 33.01 -62.63 -5.04
N ALA F 318 32.45 -62.38 -6.23
CA ALA F 318 33.24 -62.45 -7.43
C ALA F 318 34.11 -61.20 -7.60
N LEU F 319 33.62 -60.07 -7.08
CA LEU F 319 34.30 -58.79 -7.23
C LEU F 319 35.49 -58.64 -6.28
N LEU F 320 35.32 -59.06 -5.03
CA LEU F 320 36.32 -58.84 -4.00
C LEU F 320 37.73 -59.19 -4.39
N PRO F 321 37.96 -60.39 -4.96
CA PRO F 321 39.34 -60.75 -5.29
C PRO F 321 39.93 -59.89 -6.41
N LEU F 322 39.08 -59.20 -7.16
CA LEU F 322 39.55 -58.33 -8.26
C LEU F 322 39.88 -56.93 -7.78
N VAL F 323 39.36 -56.57 -6.60
CA VAL F 323 39.49 -55.23 -6.07
C VAL F 323 40.74 -55.09 -5.20
N GLU F 324 41.56 -54.10 -5.54
CA GLU F 324 42.77 -53.81 -4.81
C GLU F 324 42.41 -53.04 -3.54
N GLU F 325 43.09 -53.35 -2.44
CA GLU F 325 42.87 -52.63 -1.19
C GLU F 325 43.33 -51.18 -1.30
N LYS F 326 42.52 -50.23 -0.86
CA LYS F 326 42.89 -48.82 -0.88
C LYS F 326 43.40 -48.38 0.49
N ALA F 327 44.48 -47.58 0.51
CA ALA F 327 45.03 -47.09 1.77
C ALA F 327 44.34 -45.81 2.27
N ASP F 328 43.79 -45.03 1.33
CA ASP F 328 43.25 -43.72 1.63
C ASP F 328 41.88 -43.80 2.30
N ARG F 329 41.82 -43.36 3.55
CA ARG F 329 40.63 -43.50 4.38
C ARG F 329 40.12 -42.17 4.95
N LYS F 330 40.52 -41.06 4.36
CA LYS F 330 40.10 -39.74 4.82
C LYS F 330 38.59 -39.60 4.77
N PHE F 331 38.00 -39.95 3.64
CA PHE F 331 36.58 -39.79 3.47
C PHE F 331 35.83 -40.63 4.50
N LEU F 332 36.24 -41.88 4.66
CA LEU F 332 35.62 -42.76 5.63
C LEU F 332 35.74 -42.19 7.06
N ASP F 333 36.94 -41.74 7.43
CA ASP F 333 37.15 -41.22 8.78
C ASP F 333 36.28 -39.99 9.06
N LYS F 334 36.14 -39.11 8.08
CA LYS F 334 35.32 -37.94 8.25
C LYS F 334 33.86 -38.35 8.40
N ALA F 335 33.40 -39.30 7.60
CA ALA F 335 32.03 -39.79 7.73
C ALA F 335 31.78 -40.37 9.12
N LEU F 336 32.75 -41.13 9.64
CA LEU F 336 32.62 -41.74 10.95
C LEU F 336 32.54 -40.68 12.05
N GLU F 337 33.28 -39.60 11.86
CA GLU F 337 33.27 -38.51 12.82
C GLU F 337 31.93 -37.80 12.78
N ASP F 338 31.41 -37.56 11.58
CA ASP F 338 30.07 -36.99 11.40
C ASP F 338 29.05 -37.87 12.10
N TYR F 339 29.22 -39.17 11.94
CA TYR F 339 28.31 -40.13 12.54
C TYR F 339 28.29 -40.05 14.05
N ARG F 340 29.47 -39.98 14.66
CA ARG F 340 29.54 -39.85 16.10
C ARG F 340 28.79 -38.60 16.59
N ASP F 341 28.92 -37.48 15.87
CA ASP F 341 28.19 -36.27 16.22
C ASP F 341 26.68 -36.47 16.08
N ALA F 342 26.28 -37.07 14.97
CA ALA F 342 24.86 -37.28 14.70
C ALA F 342 24.22 -38.17 15.76
N ARG F 343 24.90 -39.24 16.14
CA ARG F 343 24.36 -40.19 17.11
CA ARG F 343 24.36 -40.19 17.11
C ARG F 343 24.15 -39.47 18.43
N LYS F 344 25.10 -38.62 18.78
CA LYS F 344 25.00 -37.89 20.02
C LYS F 344 23.80 -36.94 20.02
N GLY F 345 23.54 -36.32 18.87
CA GLY F 345 22.39 -35.43 18.75
C GLY F 345 21.10 -36.20 18.95
N LEU F 346 21.03 -37.38 18.32
CA LEU F 346 19.91 -38.29 18.44
C LEU F 346 19.67 -38.67 19.89
N ASP F 347 20.75 -38.97 20.60
CA ASP F 347 20.66 -39.43 21.98
C ASP F 347 20.18 -38.34 22.94
N ASP F 348 20.52 -37.09 22.64
CA ASP F 348 20.14 -35.97 23.49
C ASP F 348 18.63 -35.74 23.46
N LEU F 349 18.01 -36.13 22.36
CA LEU F 349 16.56 -36.00 22.24
C LEU F 349 15.81 -37.11 22.99
N ALA F 350 16.49 -38.19 23.35
CA ALA F 350 15.83 -39.35 23.92
C ALA F 350 16.00 -39.44 25.45
N LYS F 351 15.66 -38.37 26.15
CA LYS F 351 15.85 -38.36 27.61
C LYS F 351 14.50 -38.26 28.30
N PRO F 352 14.43 -38.76 29.52
CA PRO F 352 13.22 -38.60 30.32
C PRO F 352 13.04 -37.14 30.73
N SER F 353 11.80 -36.75 30.97
CA SER F 353 11.50 -35.38 31.36
C SER F 353 10.22 -35.35 32.19
N GLU F 354 9.98 -34.28 32.93
CA GLU F 354 8.74 -34.16 33.68
C GLU F 354 7.65 -33.47 32.85
N LYS F 355 8.08 -32.82 31.77
CA LYS F 355 7.18 -32.09 30.88
C LYS F 355 6.22 -32.97 30.08
N ALA F 356 6.75 -33.97 29.40
CA ALA F 356 5.93 -34.72 28.46
C ALA F 356 6.85 -35.80 27.99
N ILE F 357 6.30 -36.85 27.43
CA ILE F 357 7.16 -37.95 27.09
C ILE F 357 7.63 -37.73 25.68
N HIS F 358 8.93 -37.57 25.51
CA HIS F 358 9.49 -37.49 24.17
C HIS F 358 9.38 -38.87 23.53
N PRO F 359 8.73 -38.94 22.36
CA PRO F 359 8.56 -40.23 21.71
C PRO F 359 9.90 -40.86 21.43
N GLN F 360 10.95 -40.05 21.29
CA GLN F 360 12.22 -40.68 20.97
C GLN F 360 12.80 -41.39 22.20
N TYR F 361 12.53 -40.85 23.39
CA TYR F 361 12.79 -41.58 24.63
C TYR F 361 12.01 -42.89 24.65
N LEU F 362 10.72 -42.83 24.32
CA LEU F 362 9.91 -44.04 24.32
C LEU F 362 10.49 -45.10 23.39
N ALA F 363 10.87 -44.69 22.18
CA ALA F 363 11.42 -45.63 21.20
C ALA F 363 12.73 -46.22 21.71
N GLN F 364 13.57 -45.38 22.30
CA GLN F 364 14.85 -45.84 22.82
C GLN F 364 14.66 -46.92 23.88
N GLN F 365 13.63 -46.75 24.71
CA GLN F 365 13.42 -47.67 25.81
C GLN F 365 12.81 -48.97 25.30
N ILE F 366 11.99 -48.87 24.26
CA ILE F 366 11.47 -50.06 23.59
C ILE F 366 12.63 -50.90 23.11
N SER F 367 13.57 -50.26 22.44
CA SER F 367 14.76 -50.96 21.96
C SER F 367 15.57 -51.57 23.10
N HIS F 368 15.66 -50.85 24.22
CA HIS F 368 16.46 -51.32 25.34
C HIS F 368 15.84 -52.55 26.02
N PHE F 369 14.52 -52.56 26.18
CA PHE F 369 13.87 -53.64 26.94
C PHE F 369 13.31 -54.80 26.08
N ALA F 370 13.16 -54.57 24.78
CA ALA F 370 12.61 -55.63 23.92
C ALA F 370 13.59 -56.78 23.78
N ALA F 371 13.11 -57.96 23.39
CA ALA F 371 13.97 -59.14 23.28
C ALA F 371 15.08 -58.93 22.26
N ASP F 372 16.17 -59.68 22.38
CA ASP F 372 17.28 -59.53 21.46
C ASP F 372 16.97 -60.10 20.08
N ASP F 373 15.82 -60.75 19.95
CA ASP F 373 15.39 -61.20 18.63
C ASP F 373 13.95 -60.79 18.38
N ALA F 374 13.54 -59.67 18.99
CA ALA F 374 12.18 -59.18 18.78
C ALA F 374 11.93 -58.85 17.34
N ILE F 375 10.67 -58.98 16.93
CA ILE F 375 10.22 -58.52 15.64
C ILE F 375 9.44 -57.24 15.87
N PHE F 376 9.90 -56.15 15.25
CA PHE F 376 9.24 -54.85 15.37
C PHE F 376 8.49 -54.50 14.12
N THR F 377 7.28 -53.96 14.30
CA THR F 377 6.56 -53.35 13.18
C THR F 377 6.31 -51.90 13.57
N CYS F 378 6.23 -51.00 12.59
CA CYS F 378 6.01 -49.60 12.90
C CYS F 378 5.06 -48.93 11.91
N ASP F 379 4.11 -48.16 12.43
CA ASP F 379 3.14 -47.47 11.58
C ASP F 379 3.79 -46.40 10.73
N VAL F 380 3.30 -46.23 9.51
CA VAL F 380 3.68 -45.07 8.72
C VAL F 380 3.23 -43.83 9.50
N GLY F 381 4.14 -42.86 9.64
CA GLY F 381 3.95 -41.71 10.54
C GLY F 381 5.17 -41.60 11.46
N THR F 382 5.06 -40.87 12.57
CA THR F 382 6.21 -40.69 13.44
C THR F 382 6.84 -42.01 13.90
N PRO F 383 6.02 -43.08 14.07
CA PRO F 383 6.68 -44.29 14.56
C PRO F 383 7.75 -44.82 13.60
N THR F 384 7.59 -44.58 12.31
CA THR F 384 8.61 -44.98 11.36
C THR F 384 9.90 -44.17 11.59
N VAL F 385 9.74 -42.88 11.88
CA VAL F 385 10.90 -42.05 12.16
C VAL F 385 11.64 -42.58 13.39
N TRP F 386 10.89 -42.87 14.45
CA TRP F 386 11.54 -43.25 15.71
C TRP F 386 12.18 -44.64 15.59
N ALA F 387 11.51 -45.53 14.86
CA ALA F 387 12.07 -46.85 14.63
C ALA F 387 13.37 -46.72 13.88
N ALA F 388 13.35 -45.94 12.81
CA ALA F 388 14.53 -45.74 11.98
C ALA F 388 15.70 -45.24 12.82
N ARG F 389 15.41 -44.32 13.72
CA ARG F 389 16.47 -43.62 14.42
C ARG F 389 16.87 -44.26 15.74
N TYR F 390 15.98 -45.05 16.34
CA TYR F 390 16.26 -45.53 17.70
C TYR F 390 16.27 -47.04 17.93
N LEU F 391 15.75 -47.84 16.99
CA LEU F 391 15.79 -49.29 17.17
C LEU F 391 17.16 -49.80 16.86
N LYS F 392 17.77 -50.48 17.82
CA LYS F 392 19.07 -51.10 17.55
C LYS F 392 18.91 -52.50 16.96
N MET F 393 19.46 -52.71 15.77
CA MET F 393 19.37 -54.01 15.08
C MET F 393 20.61 -54.83 15.39
N ASN F 394 20.55 -56.14 15.15
CA ASN F 394 21.65 -57.01 15.53
C ASN F 394 21.78 -58.27 14.73
N GLY F 395 21.03 -58.37 13.63
CA GLY F 395 21.08 -59.56 12.80
C GLY F 395 20.07 -60.62 13.22
N LYS F 396 19.37 -60.40 14.33
CA LYS F 396 18.33 -61.30 14.76
C LYS F 396 16.99 -60.58 14.79
N ARG F 397 16.99 -59.37 15.33
CA ARG F 397 15.81 -58.53 15.32
C ARG F 397 15.35 -58.24 13.90
N ARG F 398 14.07 -57.95 13.75
CA ARG F 398 13.49 -57.64 12.45
C ARG F 398 12.69 -56.38 12.55
N LEU F 399 12.59 -55.67 11.42
CA LEU F 399 11.79 -54.46 11.35
C LEU F 399 10.90 -54.53 10.12
N LEU F 400 9.60 -54.51 10.33
CA LEU F 400 8.65 -54.46 9.20
C LEU F 400 7.88 -53.16 9.22
N GLY F 401 7.55 -52.66 8.04
CA GLY F 401 6.71 -51.48 7.93
C GLY F 401 6.05 -51.44 6.58
N SER F 402 5.45 -50.29 6.27
CA SER F 402 4.92 -50.09 4.95
C SER F 402 5.79 -49.02 4.31
N PHE F 403 7.04 -49.36 4.08
CA PHE F 403 8.04 -48.35 3.75
C PHE F 403 8.00 -47.87 2.32
N ASN F 404 7.54 -48.71 1.40
CA ASN F 404 7.43 -48.33 0.00
C ASN F 404 6.03 -47.85 -0.36
N HIS F 405 5.02 -48.60 0.08
CA HIS F 405 3.65 -48.25 -0.27
C HIS F 405 3.17 -47.10 0.63
N GLY F 406 3.74 -47.03 1.83
CA GLY F 406 3.52 -45.87 2.68
C GLY F 406 2.12 -45.75 3.26
N SER F 407 1.53 -46.87 3.66
CA SER F 407 0.18 -46.86 4.18
C SER F 407 0.16 -46.70 5.68
N MET F 408 -0.64 -45.77 6.17
CA MET F 408 -1.00 -45.78 7.59
C MET F 408 -1.57 -47.15 8.00
N ALA F 409 -1.48 -47.45 9.30
CA ALA F 409 -2.25 -48.52 9.92
C ALA F 409 -1.70 -49.91 9.66
N ASN F 410 -0.46 -49.97 9.18
CA ASN F 410 0.15 -51.25 8.85
C ASN F 410 0.66 -52.02 10.08
N ALA F 411 1.01 -51.30 11.15
CA ALA F 411 1.83 -51.92 12.20
C ALA F 411 1.14 -53.07 12.90
N MET F 412 -0.07 -52.85 13.39
CA MET F 412 -0.72 -53.93 14.09
C MET F 412 -1.07 -55.11 13.18
N PRO F 413 -1.61 -54.82 11.99
CA PRO F 413 -1.87 -55.94 11.11
C PRO F 413 -0.63 -56.75 10.76
N GLN F 414 0.50 -56.09 10.49
CA GLN F 414 1.74 -56.83 10.26
C GLN F 414 2.17 -57.62 11.50
N ALA F 415 1.96 -57.03 12.67
CA ALA F 415 2.31 -57.71 13.92
C ALA F 415 1.53 -58.99 14.06
N LEU F 416 0.27 -58.93 13.66
CA LEU F 416 -0.60 -60.09 13.69
C LEU F 416 -0.01 -61.21 12.86
N GLY F 417 0.43 -60.90 11.65
CA GLY F 417 1.05 -61.90 10.80
C GLY F 417 2.37 -62.42 11.37
N ALA F 418 3.17 -61.50 11.90
CA ALA F 418 4.46 -61.88 12.44
C ALA F 418 4.24 -62.85 13.58
N GLN F 419 3.33 -62.49 14.50
CA GLN F 419 3.14 -63.28 15.68
C GLN F 419 2.65 -64.69 15.35
N ALA F 420 1.75 -64.80 14.38
CA ALA F 420 1.24 -66.12 14.01
C ALA F 420 2.32 -66.96 13.35
N THR F 421 3.23 -66.32 12.64
CA THR F 421 4.28 -67.02 11.93
C THR F 421 5.35 -67.49 12.90
N GLU F 422 5.63 -66.66 13.90
CA GLU F 422 6.61 -67.00 14.94
C GLU F 422 5.98 -66.96 16.33
N PRO F 423 5.20 -67.98 16.67
CA PRO F 423 4.44 -67.91 17.92
C PRO F 423 5.29 -67.76 19.21
N GLU F 424 6.55 -68.18 19.17
CA GLU F 424 7.40 -68.14 20.36
C GLU F 424 8.17 -66.82 20.50
N ARG F 425 8.06 -65.98 19.49
CA ARG F 425 8.91 -64.83 19.37
C ARG F 425 8.19 -63.56 19.90
N GLN F 426 8.93 -62.62 20.48
CA GLN F 426 8.32 -61.37 20.92
C GLN F 426 8.06 -60.46 19.73
N VAL F 427 6.84 -59.92 19.62
CA VAL F 427 6.49 -59.02 18.53
C VAL F 427 5.98 -57.70 19.11
N VAL F 428 6.58 -56.60 18.69
CA VAL F 428 6.27 -55.30 19.24
C VAL F 428 5.79 -54.39 18.13
N ALA F 429 4.52 -53.97 18.20
CA ALA F 429 3.94 -53.08 17.19
C ALA F 429 4.03 -51.64 17.68
N MET F 430 4.81 -50.82 16.98
CA MET F 430 4.90 -49.40 17.31
C MET F 430 3.85 -48.66 16.48
N CYS F 431 2.71 -48.38 17.11
CA CYS F 431 1.54 -47.86 16.39
C CYS F 431 1.33 -46.38 16.59
N GLY F 432 0.77 -45.73 15.57
CA GLY F 432 0.25 -44.41 15.76
C GLY F 432 -1.17 -44.52 16.28
N ASP F 433 -1.68 -43.44 16.85
CA ASP F 433 -3.05 -43.43 17.27
C ASP F 433 -3.97 -43.40 16.05
N GLY F 434 -3.53 -42.70 15.00
CA GLY F 434 -4.27 -42.71 13.74
C GLY F 434 -4.23 -44.10 13.13
N GLY F 435 -3.04 -44.69 13.07
CA GLY F 435 -2.87 -46.00 12.48
C GLY F 435 -3.66 -47.09 13.22
N PHE F 436 -3.53 -47.10 14.54
CA PHE F 436 -4.23 -48.09 15.32
C PHE F 436 -5.73 -47.95 15.12
N SER F 437 -6.25 -46.74 15.17
CA SER F 437 -7.68 -46.62 15.10
C SER F 437 -8.21 -46.82 13.67
N MET F 438 -7.36 -46.61 12.68
CA MET F 438 -7.79 -46.76 11.28
C MET F 438 -8.22 -48.20 10.96
N LEU F 439 -7.57 -49.19 11.57
CA LEU F 439 -7.97 -50.60 11.43
C LEU F 439 -8.23 -51.24 12.80
N MET F 440 -8.85 -50.48 13.69
CA MET F 440 -8.99 -50.88 15.08
C MET F 440 -9.72 -52.19 15.31
N GLY F 441 -10.59 -52.57 14.38
CA GLY F 441 -11.41 -53.74 14.56
C GLY F 441 -10.56 -54.99 14.73
N ASP F 442 -9.42 -55.03 14.05
CA ASP F 442 -8.60 -56.21 14.15
C ASP F 442 -7.81 -56.30 15.43
N PHE F 443 -7.93 -55.30 16.29
CA PHE F 443 -7.46 -55.46 17.63
C PHE F 443 -8.16 -56.69 18.23
N LEU F 444 -9.43 -56.88 17.87
CA LEU F 444 -10.17 -58.06 18.34
C LEU F 444 -9.57 -59.37 17.83
N SER F 445 -8.82 -59.31 16.75
CA SER F 445 -8.17 -60.51 16.23
C SER F 445 -7.03 -60.95 17.14
N VAL F 446 -6.38 -59.97 17.76
CA VAL F 446 -5.35 -60.27 18.71
C VAL F 446 -5.88 -61.17 19.83
N VAL F 447 -7.07 -60.87 20.31
CA VAL F 447 -7.72 -61.73 21.32
C VAL F 447 -8.17 -63.05 20.72
N GLN F 448 -8.96 -62.99 19.66
CA GLN F 448 -9.53 -64.18 19.05
C GLN F 448 -8.45 -65.19 18.62
N MET F 449 -7.33 -64.71 18.10
CA MET F 449 -6.27 -65.60 17.65
C MET F 449 -5.27 -65.90 18.77
N LYS F 450 -5.42 -65.21 19.89
CA LYS F 450 -4.53 -65.40 21.04
C LYS F 450 -3.07 -65.18 20.67
N LEU F 451 -2.78 -64.09 19.99
CA LEU F 451 -1.43 -63.77 19.61
C LEU F 451 -0.91 -62.69 20.58
N PRO F 452 0.14 -63.02 21.35
CA PRO F 452 0.62 -62.12 22.41
C PRO F 452 1.37 -60.89 21.91
N VAL F 453 0.80 -60.19 20.94
CA VAL F 453 1.43 -58.99 20.42
C VAL F 453 1.60 -57.95 21.53
N LYS F 454 2.72 -57.24 21.52
CA LYS F 454 2.88 -56.09 22.40
C LYS F 454 2.65 -54.80 21.58
N ILE F 455 1.51 -54.16 21.78
CA ILE F 455 1.19 -52.93 21.07
C ILE F 455 1.57 -51.71 21.88
N VAL F 456 2.41 -50.85 21.31
CA VAL F 456 2.74 -49.60 21.97
C VAL F 456 2.20 -48.45 21.12
N VAL F 457 1.22 -47.72 21.65
CA VAL F 457 0.64 -46.64 20.89
C VAL F 457 1.34 -45.33 21.19
N PHE F 458 1.89 -44.70 20.17
CA PHE F 458 2.45 -43.36 20.29
C PHE F 458 1.29 -42.39 20.23
N ASN F 459 0.69 -42.14 21.38
CA ASN F 459 -0.55 -41.42 21.44
C ASN F 459 -0.28 -39.93 21.49
N ASN F 460 -0.16 -39.31 20.33
CA ASN F 460 0.03 -37.86 20.29
C ASN F 460 -1.27 -37.18 19.93
N SER F 461 -2.36 -37.96 19.98
CA SER F 461 -3.71 -37.51 19.71
C SER F 461 -3.70 -36.57 18.52
N VAL F 462 -2.91 -36.96 17.52
CA VAL F 462 -2.83 -36.25 16.26
C VAL F 462 -2.36 -37.19 15.13
N LEU F 463 -2.62 -36.73 13.90
CA LEU F 463 -2.06 -37.32 12.69
C LEU F 463 -0.73 -36.58 12.43
N GLY F 464 0.27 -36.91 13.24
CA GLY F 464 1.43 -36.04 13.44
C GLY F 464 2.43 -35.87 12.30
N GLY F 479 -8.21 -31.24 10.90
CA GLY F 479 -7.99 -32.27 9.88
C GLY F 479 -6.98 -33.32 10.33
N THR F 480 -6.08 -32.90 11.20
CA THR F 480 -5.06 -33.76 11.78
C THR F 480 -5.20 -33.78 13.31
N GLU F 481 -6.35 -33.31 13.79
CA GLU F 481 -6.60 -33.08 15.21
C GLU F 481 -7.41 -34.22 15.83
N LEU F 482 -6.75 -35.30 16.23
CA LEU F 482 -7.50 -36.38 16.86
C LEU F 482 -8.11 -35.94 18.19
N HIS F 483 -9.13 -36.67 18.62
CA HIS F 483 -9.80 -36.43 19.88
C HIS F 483 -9.04 -37.24 20.94
N ASP F 484 -8.81 -36.66 22.12
CA ASP F 484 -7.99 -37.35 23.16
C ASP F 484 -8.62 -38.69 23.61
N THR F 485 -7.98 -39.77 23.18
CA THR F 485 -8.58 -41.10 23.25
C THR F 485 -7.73 -42.00 24.16
N ASN F 486 -8.38 -42.70 25.09
CA ASN F 486 -7.66 -43.62 25.98
C ASN F 486 -7.68 -45.05 25.43
N PHE F 487 -6.60 -45.43 24.77
CA PHE F 487 -6.56 -46.76 24.17
C PHE F 487 -6.37 -47.88 25.19
N ALA F 488 -5.77 -47.56 26.33
CA ALA F 488 -5.64 -48.55 27.38
C ALA F 488 -7.04 -48.96 27.85
N ARG F 489 -7.93 -47.99 27.99
CA ARG F 489 -9.27 -48.26 28.46
C ARG F 489 -9.95 -49.15 27.43
N ILE F 490 -9.72 -48.87 26.15
CA ILE F 490 -10.35 -49.63 25.09
C ILE F 490 -9.85 -51.07 25.11
N ALA F 491 -8.54 -51.24 25.32
CA ALA F 491 -7.98 -52.56 25.43
C ALA F 491 -8.64 -53.35 26.55
N GLU F 492 -8.73 -52.76 27.74
CA GLU F 492 -9.32 -53.46 28.87
C GLU F 492 -10.74 -53.91 28.53
N ALA F 493 -11.47 -53.06 27.81
CA ALA F 493 -12.86 -53.39 27.49
C ALA F 493 -12.92 -54.56 26.52
N CYS F 494 -11.84 -54.76 25.76
CA CYS F 494 -11.77 -55.85 24.81
C CYS F 494 -11.22 -57.11 25.46
N GLY F 495 -10.85 -57.03 26.73
CA GLY F 495 -10.28 -58.18 27.42
C GLY F 495 -8.76 -58.35 27.29
N ILE F 496 -8.07 -57.33 26.78
CA ILE F 496 -6.60 -57.31 26.75
C ILE F 496 -6.07 -56.34 27.83
N THR F 497 -4.97 -56.68 28.50
CA THR F 497 -4.35 -55.75 29.44
C THR F 497 -3.98 -54.41 28.80
N GLY F 498 -4.40 -53.32 29.43
CA GLY F 498 -4.05 -51.97 28.97
C GLY F 498 -3.29 -51.19 30.02
N ILE F 499 -2.19 -50.57 29.60
CA ILE F 499 -1.42 -49.74 30.50
C ILE F 499 -1.34 -48.32 29.95
N ARG F 500 -1.85 -47.37 30.72
CA ARG F 500 -1.85 -45.97 30.32
C ARG F 500 -0.61 -45.30 30.91
N VAL F 501 0.22 -44.73 30.05
CA VAL F 501 1.46 -44.10 30.49
C VAL F 501 1.47 -42.61 30.15
N GLU F 502 1.60 -41.76 31.16
CA GLU F 502 1.57 -40.32 30.95
C GLU F 502 2.81 -39.61 31.48
N LYS F 503 3.56 -40.25 32.39
CA LYS F 503 4.79 -39.67 32.91
C LYS F 503 6.01 -40.42 32.41
N ALA F 504 7.06 -39.71 32.04
CA ALA F 504 8.25 -40.36 31.54
C ALA F 504 8.82 -41.40 32.52
N SER F 505 8.66 -41.12 33.81
CA SER F 505 9.19 -42.03 34.83
C SER F 505 8.46 -43.38 34.87
N GLU F 506 7.25 -43.43 34.29
CA GLU F 506 6.46 -44.66 34.27
C GLU F 506 6.80 -45.56 33.10
N VAL F 507 7.55 -45.04 32.14
CA VAL F 507 7.81 -45.77 30.88
C VAL F 507 8.54 -47.10 31.09
N ASP F 508 9.66 -47.06 31.81
CA ASP F 508 10.49 -48.25 31.98
C ASP F 508 9.68 -49.41 32.55
N GLU F 509 8.99 -49.18 33.66
CA GLU F 509 8.24 -50.25 34.27
C GLU F 509 7.06 -50.71 33.38
N ALA F 510 6.45 -49.78 32.64
CA ALA F 510 5.32 -50.15 31.79
C ALA F 510 5.76 -51.10 30.68
N LEU F 511 6.90 -50.83 30.08
CA LEU F 511 7.40 -51.69 29.02
C LEU F 511 7.81 -53.05 29.58
N GLN F 512 8.48 -53.05 30.72
CA GLN F 512 8.91 -54.32 31.29
C GLN F 512 7.71 -55.20 31.65
N ARG F 513 6.69 -54.60 32.25
CA ARG F 513 5.45 -55.33 32.58
C ARG F 513 4.83 -55.90 31.31
N ALA F 514 4.66 -55.04 30.31
CA ALA F 514 4.03 -55.45 29.08
C ALA F 514 4.74 -56.65 28.45
N PHE F 515 6.08 -56.60 28.44
CA PHE F 515 6.85 -57.66 27.82
C PHE F 515 6.82 -58.98 28.62
N SER F 516 6.71 -58.90 29.94
CA SER F 516 6.65 -60.10 30.79
C SER F 516 5.29 -60.79 30.79
N ILE F 517 4.23 -60.03 30.66
CA ILE F 517 2.90 -60.59 30.71
C ILE F 517 2.75 -61.69 29.67
N ASP F 518 2.22 -62.83 30.11
CA ASP F 518 2.01 -63.97 29.25
C ASP F 518 0.73 -63.77 28.42
N GLY F 519 0.76 -62.82 27.49
CA GLY F 519 -0.41 -62.49 26.68
C GLY F 519 -0.23 -61.17 25.96
N PRO F 520 -1.23 -60.76 25.17
CA PRO F 520 -1.13 -59.50 24.45
C PRO F 520 -1.33 -58.31 25.41
N VAL F 521 -0.71 -57.18 25.09
CA VAL F 521 -0.78 -56.01 25.96
C VAL F 521 -0.79 -54.76 25.09
N LEU F 522 -1.58 -53.79 25.47
CA LEU F 522 -1.51 -52.49 24.82
C LEU F 522 -0.98 -51.46 25.81
N VAL F 523 0.12 -50.81 25.44
CA VAL F 523 0.69 -49.73 26.21
C VAL F 523 0.37 -48.42 25.50
N ASP F 524 -0.44 -47.59 26.13
CA ASP F 524 -0.95 -46.36 25.54
C ASP F 524 -0.13 -45.21 26.10
N VAL F 525 0.84 -44.74 25.32
CA VAL F 525 1.76 -43.72 25.84
C VAL F 525 1.48 -42.34 25.26
N VAL F 526 1.06 -41.42 26.12
CA VAL F 526 0.85 -40.03 25.69
C VAL F 526 2.21 -39.40 25.40
N VAL F 527 2.45 -39.05 24.14
CA VAL F 527 3.75 -38.47 23.75
C VAL F 527 3.60 -37.04 23.21
N ALA F 528 4.68 -36.24 23.25
CA ALA F 528 4.67 -34.86 22.71
C ALA F 528 4.80 -34.78 21.17
N LYS F 529 4.49 -33.60 20.61
CA LYS F 529 4.80 -33.29 19.20
C LYS F 529 6.29 -32.97 19.06
N GLU F 530 6.92 -33.46 18.00
CA GLU F 530 8.38 -33.33 17.81
C GLU F 530 8.80 -32.91 16.41
N GLU F 531 9.95 -32.22 16.33
CA GLU F 531 10.61 -31.90 15.05
C GLU F 531 11.28 -33.10 14.39
N LEU F 532 11.61 -32.99 13.11
CA LEU F 532 12.45 -33.99 12.45
C LEU F 532 13.93 -33.57 12.44
N ALA F 533 14.19 -32.29 12.20
CA ALA F 533 15.58 -31.79 12.15
C ALA F 533 16.29 -31.93 13.52
N ILE F 534 17.62 -32.05 13.50
CA ILE F 534 18.43 -32.23 14.73
C ILE F 534 19.55 -31.16 14.88
N PRO F 535 19.67 -30.53 16.07
CA PRO F 535 20.62 -29.43 16.33
C PRO F 535 21.92 -29.51 15.51
N MET G 1 23.01 -27.60 -20.01
CA MET G 1 22.51 -28.26 -21.26
C MET G 1 21.06 -27.89 -21.55
N LYS G 2 20.85 -26.79 -22.28
CA LYS G 2 19.50 -26.35 -22.61
C LYS G 2 18.87 -27.06 -23.85
N GLN G 3 17.86 -27.90 -23.62
CA GLN G 3 17.26 -28.67 -24.70
C GLN G 3 15.80 -29.12 -24.42
N THR G 4 15.08 -29.50 -25.46
CA THR G 4 13.70 -29.91 -25.24
C THR G 4 13.63 -31.36 -24.70
N VAL G 5 12.53 -31.73 -24.05
CA VAL G 5 12.32 -33.11 -23.58
C VAL G 5 12.56 -34.07 -24.75
N ALA G 6 12.02 -33.73 -25.92
CA ALA G 6 12.19 -34.58 -27.10
C ALA G 6 13.67 -34.69 -27.50
N ALA G 7 14.40 -33.60 -27.41
CA ALA G 7 15.83 -33.65 -27.75
C ALA G 7 16.57 -34.57 -26.77
N TYR G 8 16.19 -34.50 -25.51
CA TYR G 8 16.80 -35.31 -24.48
C TYR G 8 16.60 -36.78 -24.81
N ILE G 9 15.39 -37.13 -25.20
CA ILE G 9 15.10 -38.50 -25.58
C ILE G 9 15.97 -38.92 -26.78
N ALA G 10 16.03 -38.07 -27.80
CA ALA G 10 16.73 -38.44 -29.02
C ALA G 10 18.21 -38.64 -28.74
N LYS G 11 18.80 -37.73 -27.97
CA LYS G 11 20.21 -37.82 -27.62
C LYS G 11 20.52 -39.08 -26.83
N THR G 12 19.62 -39.45 -25.92
CA THR G 12 19.84 -40.61 -25.08
C THR G 12 19.78 -41.87 -25.95
N LEU G 13 18.79 -41.95 -26.84
CA LEU G 13 18.72 -43.06 -27.78
C LEU G 13 19.98 -43.12 -28.65
N GLU G 14 20.46 -41.95 -29.10
CA GLU G 14 21.65 -41.92 -29.92
C GLU G 14 22.81 -42.55 -29.15
N SER G 15 22.90 -42.22 -27.88
CA SER G 15 23.99 -42.71 -27.06
C SER G 15 23.88 -44.21 -26.82
N ALA G 16 22.65 -44.72 -26.77
CA ALA G 16 22.42 -46.16 -26.61
C ALA G 16 22.66 -46.90 -27.93
N GLY G 17 23.00 -46.16 -28.98
CA GLY G 17 23.31 -46.76 -30.27
C GLY G 17 22.14 -47.00 -31.21
N VAL G 18 20.94 -46.46 -30.92
CA VAL G 18 19.88 -46.60 -31.91
C VAL G 18 20.18 -45.88 -33.22
N LYS G 19 19.84 -46.53 -34.32
CA LYS G 19 20.21 -46.05 -35.64
C LYS G 19 19.03 -45.44 -36.39
N ARG G 20 17.83 -45.84 -36.03
CA ARG G 20 16.68 -45.39 -36.78
C ARG G 20 15.43 -45.46 -35.93
N ILE G 21 14.44 -44.64 -36.29
CA ILE G 21 13.13 -44.72 -35.67
C ILE G 21 12.09 -44.93 -36.76
N TRP G 22 11.21 -45.91 -36.56
CA TRP G 22 10.18 -46.25 -37.54
C TRP G 22 8.86 -45.59 -37.18
N GLY G 23 8.22 -44.92 -38.13
CA GLY G 23 6.90 -44.40 -37.86
C GLY G 23 6.25 -43.69 -39.02
N VAL G 24 5.20 -42.94 -38.68
CA VAL G 24 4.56 -41.99 -39.61
C VAL G 24 4.47 -40.70 -38.77
N THR G 25 4.80 -39.55 -39.34
CA THR G 25 4.73 -38.28 -38.56
C THR G 25 3.33 -37.82 -38.17
N GLY G 26 3.30 -36.66 -37.52
CA GLY G 26 2.10 -35.95 -37.12
C GLY G 26 2.58 -34.73 -36.36
N ASP G 27 1.71 -33.73 -36.21
CA ASP G 27 2.06 -32.52 -35.48
C ASP G 27 2.45 -32.79 -34.02
N SER G 28 1.84 -33.81 -33.42
CA SER G 28 2.13 -34.17 -32.03
C SER G 28 3.58 -34.70 -31.87
N LEU G 29 4.25 -34.97 -33.01
CA LEU G 29 5.64 -35.44 -33.02
C LEU G 29 6.65 -34.35 -33.44
N ASN G 30 6.21 -33.09 -33.50
CA ASN G 30 7.07 -32.00 -33.94
C ASN G 30 8.36 -31.89 -33.15
N GLY G 31 8.27 -31.97 -31.83
CA GLY G 31 9.44 -31.91 -30.99
C GLY G 31 10.45 -32.95 -31.40
N LEU G 32 9.98 -34.19 -31.53
CA LEU G 32 10.85 -35.30 -31.92
C LEU G 32 11.45 -35.11 -33.32
N SER G 33 10.61 -34.82 -34.30
CA SER G 33 11.09 -34.60 -35.68
C SER G 33 12.13 -33.51 -35.75
N ASP G 34 11.87 -32.40 -35.05
CA ASP G 34 12.81 -31.31 -35.06
C ASP G 34 14.15 -31.72 -34.49
N SER G 35 14.14 -32.46 -33.39
CA SER G 35 15.39 -32.95 -32.78
C SER G 35 16.14 -33.91 -33.69
N LEU G 36 15.41 -34.82 -34.34
CA LEU G 36 16.04 -35.75 -35.27
C LEU G 36 16.67 -35.02 -36.43
N ASN G 37 15.99 -34.00 -36.94
CA ASN G 37 16.54 -33.22 -38.05
C ASN G 37 17.79 -32.47 -37.66
N ARG G 38 17.79 -31.85 -36.49
CA ARG G 38 18.96 -31.10 -36.06
C ARG G 38 20.13 -32.03 -35.70
N MET G 39 19.81 -33.20 -35.16
CA MET G 39 20.82 -34.18 -34.77
C MET G 39 21.50 -34.82 -35.98
N GLY G 40 20.70 -35.21 -36.98
CA GLY G 40 21.21 -35.79 -38.22
C GLY G 40 21.95 -37.12 -38.11
N THR G 41 21.64 -37.93 -37.11
CA THR G 41 22.32 -39.22 -36.92
C THR G 41 21.32 -40.37 -36.91
N ILE G 42 20.28 -40.26 -36.11
CA ILE G 42 19.25 -41.27 -36.15
C ILE G 42 18.37 -41.02 -37.36
N GLU G 43 18.10 -42.07 -38.11
CA GLU G 43 17.36 -41.94 -39.35
C GLU G 43 15.86 -42.21 -39.15
N TRP G 44 15.01 -41.36 -39.71
CA TRP G 44 13.57 -41.57 -39.63
C TRP G 44 13.08 -42.47 -40.75
N MET G 45 12.43 -43.58 -40.41
CA MET G 45 11.96 -44.53 -41.44
C MET G 45 10.45 -44.42 -41.57
N SER G 46 9.99 -43.81 -42.65
CA SER G 46 8.58 -43.51 -42.79
C SER G 46 7.81 -44.64 -43.49
N THR G 47 6.87 -45.26 -42.78
CA THR G 47 6.09 -46.34 -43.37
C THR G 47 4.74 -45.80 -43.79
N ARG G 48 3.92 -46.62 -44.44
CA ARG G 48 2.59 -46.19 -44.86
C ARG G 48 1.57 -46.40 -43.77
N HIS G 49 1.81 -47.36 -42.90
CA HIS G 49 0.90 -47.64 -41.77
C HIS G 49 1.78 -47.87 -40.56
N GLU G 50 1.43 -47.27 -39.42
CA GLU G 50 2.28 -47.41 -38.24
C GLU G 50 2.40 -48.87 -37.77
N GLU G 51 1.40 -49.69 -38.07
CA GLU G 51 1.49 -51.10 -37.72
C GLU G 51 2.78 -51.71 -38.28
N VAL G 52 3.08 -51.34 -39.52
CA VAL G 52 4.26 -51.83 -40.20
C VAL G 52 5.53 -51.28 -39.54
N ALA G 53 5.49 -50.05 -39.07
CA ALA G 53 6.64 -49.51 -38.35
C ALA G 53 6.96 -50.37 -37.14
N ALA G 54 5.94 -50.80 -36.41
CA ALA G 54 6.14 -51.63 -35.22
C ALA G 54 6.68 -53.03 -35.59
N PHE G 55 6.07 -53.68 -36.58
CA PHE G 55 6.61 -54.96 -37.03
C PHE G 55 8.08 -54.80 -37.44
N ALA G 56 8.36 -53.76 -38.22
CA ALA G 56 9.70 -53.58 -38.78
C ALA G 56 10.72 -53.36 -37.65
N ALA G 57 10.36 -52.53 -36.67
CA ALA G 57 11.24 -52.32 -35.54
C ALA G 57 11.50 -53.64 -34.82
N GLY G 58 10.45 -54.44 -34.63
CA GLY G 58 10.62 -55.76 -34.05
C GLY G 58 11.61 -56.64 -34.83
N ALA G 59 11.54 -56.60 -36.15
CA ALA G 59 12.44 -57.38 -36.96
C ALA G 59 13.87 -56.87 -36.79
N GLU G 60 14.01 -55.55 -36.73
CA GLU G 60 15.33 -54.97 -36.55
C GLU G 60 15.91 -55.42 -35.22
N ALA G 61 15.11 -55.37 -34.17
CA ALA G 61 15.59 -55.77 -32.85
C ALA G 61 15.94 -57.25 -32.80
N GLN G 62 15.12 -58.07 -33.47
CA GLN G 62 15.38 -59.49 -33.54
C GLN G 62 16.75 -59.76 -34.15
N LEU G 63 17.07 -59.08 -35.25
CA LEU G 63 18.28 -59.37 -35.98
C LEU G 63 19.51 -58.77 -35.35
N SER G 64 19.40 -57.54 -34.87
CA SER G 64 20.56 -56.86 -34.32
C SER G 64 20.86 -57.27 -32.89
N GLY G 65 19.86 -57.75 -32.18
CA GLY G 65 20.02 -58.00 -30.75
C GLY G 65 20.03 -56.69 -29.95
N GLU G 66 19.65 -55.58 -30.57
CA GLU G 66 19.75 -54.29 -29.93
C GLU G 66 18.47 -53.49 -29.93
N LEU G 67 18.37 -52.51 -29.04
CA LEU G 67 17.17 -51.69 -28.91
C LEU G 67 16.73 -51.14 -30.25
N ALA G 68 15.46 -51.33 -30.62
CA ALA G 68 14.88 -50.67 -31.79
C ALA G 68 13.77 -49.74 -31.32
N VAL G 69 13.40 -48.79 -32.16
CA VAL G 69 12.45 -47.76 -31.75
C VAL G 69 11.41 -47.49 -32.81
N CYS G 70 10.16 -47.34 -32.40
CA CYS G 70 9.12 -46.87 -33.32
C CYS G 70 8.34 -45.74 -32.66
N ALA G 71 7.54 -45.02 -33.44
CA ALA G 71 6.84 -43.85 -32.90
C ALA G 71 5.54 -43.67 -33.62
N GLY G 72 4.55 -43.09 -32.95
CA GLY G 72 3.28 -42.79 -33.61
C GLY G 72 2.75 -41.48 -33.09
N SER G 73 1.99 -40.78 -33.94
CA SER G 73 1.38 -39.52 -33.53
C SER G 73 0.22 -39.76 -32.56
N CYS G 74 -0.42 -38.68 -32.12
CA CYS G 74 -1.40 -38.85 -31.07
C CYS G 74 -2.65 -39.59 -31.57
N GLY G 75 -3.36 -40.23 -30.64
CA GLY G 75 -4.58 -40.92 -30.97
C GLY G 75 -4.31 -42.03 -31.95
N PRO G 76 -4.93 -41.92 -33.14
CA PRO G 76 -4.87 -42.98 -34.15
C PRO G 76 -3.43 -43.35 -34.53
N GLY G 77 -2.54 -42.38 -34.52
CA GLY G 77 -1.16 -42.62 -34.96
C GLY G 77 -0.51 -43.72 -34.14
N ASN G 78 -0.37 -43.48 -32.85
CA ASN G 78 0.26 -44.48 -32.00
C ASN G 78 -0.64 -45.70 -31.84
N LEU G 79 -1.95 -45.51 -31.89
CA LEU G 79 -2.85 -46.66 -31.79
C LEU G 79 -2.55 -47.66 -32.88
N HIS G 80 -2.22 -47.16 -34.06
CA HIS G 80 -1.87 -48.04 -35.17
C HIS G 80 -0.70 -48.98 -34.88
N LEU G 81 0.15 -48.66 -33.90
CA LEU G 81 1.30 -49.48 -33.59
C LEU G 81 0.89 -50.79 -32.92
N ILE G 82 -0.29 -50.80 -32.31
CA ILE G 82 -0.57 -51.80 -31.27
C ILE G 82 -0.38 -53.27 -31.71
N ASN G 83 -0.90 -53.65 -32.87
CA ASN G 83 -0.78 -55.04 -33.26
C ASN G 83 0.68 -55.43 -33.47
N GLY G 84 1.46 -54.51 -34.00
CA GLY G 84 2.89 -54.76 -34.21
C GLY G 84 3.64 -54.83 -32.88
N LEU G 85 3.24 -54.01 -31.91
CA LEU G 85 3.86 -54.06 -30.61
C LEU G 85 3.56 -55.37 -29.88
N PHE G 86 2.34 -55.90 -30.02
CA PHE G 86 2.07 -57.23 -29.48
C PHE G 86 3.04 -58.20 -30.08
N ASP G 87 3.27 -58.13 -31.38
CA ASP G 87 4.23 -59.06 -32.00
C ASP G 87 5.65 -58.89 -31.42
N CYS G 88 6.09 -57.64 -31.28
CA CYS G 88 7.41 -57.36 -30.69
C CYS G 88 7.51 -57.95 -29.29
N HIS G 89 6.50 -57.67 -28.48
CA HIS G 89 6.56 -58.04 -27.09
C HIS G 89 6.53 -59.55 -26.98
N ARG G 90 5.66 -60.17 -27.76
CA ARG G 90 5.56 -61.62 -27.73
C ARG G 90 6.77 -62.33 -28.26
N ASN G 91 7.51 -61.65 -29.15
CA ASN G 91 8.76 -62.22 -29.68
C ASN G 91 9.95 -61.93 -28.77
N HIS G 92 9.71 -61.22 -27.66
CA HIS G 92 10.79 -60.91 -26.70
C HIS G 92 11.94 -60.13 -27.32
N VAL G 93 11.63 -59.09 -28.09
CA VAL G 93 12.70 -58.30 -28.64
C VAL G 93 12.65 -56.89 -28.07
N PRO G 94 13.82 -56.29 -27.84
CA PRO G 94 13.87 -54.96 -27.18
C PRO G 94 13.37 -53.82 -28.09
N VAL G 95 12.19 -53.29 -27.79
CA VAL G 95 11.63 -52.20 -28.60
C VAL G 95 11.06 -51.10 -27.73
N LEU G 96 11.46 -49.87 -28.01
CA LEU G 96 10.86 -48.72 -27.36
C LEU G 96 9.87 -48.06 -28.32
N ALA G 97 8.65 -47.82 -27.85
CA ALA G 97 7.65 -47.14 -28.63
C ALA G 97 7.44 -45.76 -28.03
N ILE G 98 7.58 -44.72 -28.84
CA ILE G 98 7.29 -43.39 -28.38
C ILE G 98 5.91 -43.05 -28.89
N ALA G 99 4.94 -42.95 -27.99
CA ALA G 99 3.56 -42.69 -28.37
C ALA G 99 3.27 -41.22 -28.09
N ALA G 100 3.31 -40.39 -29.11
CA ALA G 100 2.97 -38.99 -28.95
C ALA G 100 1.50 -38.87 -28.56
N HIS G 101 1.17 -37.85 -27.80
CA HIS G 101 -0.13 -37.78 -27.16
C HIS G 101 -0.69 -36.36 -27.36
N ILE G 102 -2.00 -36.20 -27.13
CA ILE G 102 -2.64 -34.89 -27.33
C ILE G 102 -2.08 -33.86 -26.36
N PRO G 103 -2.31 -32.58 -26.61
CA PRO G 103 -1.74 -31.60 -25.65
C PRO G 103 -2.26 -31.89 -24.26
N SER G 104 -1.38 -31.86 -23.27
CA SER G 104 -1.78 -32.29 -21.94
C SER G 104 -2.95 -31.46 -21.39
N SER G 105 -3.06 -30.21 -21.83
CA SER G 105 -4.09 -29.35 -21.31
C SER G 105 -5.51 -29.84 -21.71
N GLU G 106 -5.61 -30.66 -22.74
CA GLU G 106 -6.91 -31.06 -23.26
C GLU G 106 -7.31 -32.44 -22.72
N ILE G 107 -6.40 -33.11 -22.02
CA ILE G 107 -6.67 -34.45 -21.52
C ILE G 107 -7.92 -34.43 -20.63
N GLY G 108 -8.79 -35.43 -20.82
CA GLY G 108 -9.96 -35.60 -19.96
C GLY G 108 -11.18 -34.85 -20.46
N SER G 109 -11.08 -34.23 -21.62
CA SER G 109 -12.17 -33.37 -22.06
C SER G 109 -12.91 -33.94 -23.27
N GLY G 110 -12.44 -35.09 -23.77
CA GLY G 110 -13.00 -35.62 -24.97
C GLY G 110 -12.47 -34.84 -26.16
N TYR G 111 -11.17 -34.62 -26.20
CA TYR G 111 -10.59 -33.77 -27.23
C TYR G 111 -10.46 -34.48 -28.58
N PHE G 112 -10.24 -33.70 -29.63
CA PHE G 112 -9.87 -34.26 -30.92
C PHE G 112 -8.77 -35.30 -30.73
N GLN G 113 -9.01 -36.50 -31.26
CA GLN G 113 -8.03 -37.62 -31.21
C GLN G 113 -7.73 -38.17 -29.82
N GLU G 114 -8.44 -37.72 -28.78
CA GLU G 114 -8.10 -38.23 -27.43
C GLU G 114 -8.18 -39.76 -27.30
N THR G 115 -7.11 -40.38 -26.80
CA THR G 115 -7.12 -41.76 -26.35
C THR G 115 -6.29 -41.75 -25.08
N HIS G 116 -6.15 -42.91 -24.45
CA HIS G 116 -5.27 -43.04 -23.29
C HIS G 116 -4.24 -44.15 -23.57
N PRO G 117 -3.17 -43.80 -24.32
CA PRO G 117 -2.19 -44.81 -24.70
C PRO G 117 -1.57 -45.50 -23.49
N GLN G 118 -1.44 -44.78 -22.39
CA GLN G 118 -0.81 -45.35 -21.21
C GLN G 118 -1.63 -46.47 -20.61
N GLU G 119 -2.91 -46.56 -20.99
CA GLU G 119 -3.73 -47.71 -20.61
C GLU G 119 -3.76 -48.76 -21.72
N LEU G 120 -3.92 -48.35 -22.97
CA LEU G 120 -4.04 -49.29 -24.06
C LEU G 120 -2.87 -50.27 -24.13
N PHE G 121 -1.66 -49.78 -23.92
CA PHE G 121 -0.49 -50.57 -24.22
C PHE G 121 0.02 -51.42 -23.05
N ARG G 122 -0.73 -51.47 -21.94
CA ARG G 122 -0.22 -52.20 -20.79
C ARG G 122 0.03 -53.68 -21.09
N GLU G 123 -0.87 -54.32 -21.81
CA GLU G 123 -0.73 -55.76 -22.04
C GLU G 123 0.46 -56.11 -22.95
N CYS G 124 0.80 -55.25 -23.89
CA CYS G 124 1.83 -55.57 -24.84
C CYS G 124 3.10 -54.82 -24.51
N SER G 125 3.38 -54.67 -23.22
CA SER G 125 4.63 -54.03 -22.81
C SER G 125 4.96 -54.46 -21.39
N HIS G 126 6.19 -54.24 -20.93
CA HIS G 126 6.43 -54.45 -19.53
C HIS G 126 6.66 -53.11 -18.79
N TYR G 127 6.51 -52.01 -19.50
CA TYR G 127 6.62 -50.69 -18.93
C TYR G 127 5.86 -49.73 -19.83
N CYS G 128 5.03 -48.89 -19.25
CA CYS G 128 4.13 -48.05 -20.03
C CYS G 128 3.67 -46.86 -19.19
N GLU G 129 4.18 -45.66 -19.46
CA GLU G 129 3.81 -44.52 -18.61
C GLU G 129 3.69 -43.21 -19.37
N LEU G 130 2.87 -42.32 -18.81
CA LEU G 130 2.63 -41.02 -19.38
C LEU G 130 3.61 -40.04 -18.79
N VAL G 131 4.30 -39.28 -19.65
CA VAL G 131 5.17 -38.19 -19.20
C VAL G 131 4.36 -36.89 -19.16
N SER G 132 3.84 -36.55 -17.98
CA SER G 132 3.07 -35.33 -17.76
C SER G 132 3.99 -34.15 -17.51
N SER G 133 5.15 -34.44 -16.94
CA SER G 133 6.07 -33.42 -16.49
C SER G 133 7.47 -33.67 -17.06
N PRO G 134 8.13 -32.62 -17.53
CA PRO G 134 9.49 -32.79 -17.99
C PRO G 134 10.38 -33.46 -16.94
N GLU G 135 10.13 -33.21 -15.66
CA GLU G 135 10.98 -33.76 -14.61
C GLU G 135 10.96 -35.30 -14.57
N GLN G 136 9.93 -35.92 -15.15
CA GLN G 136 9.85 -37.37 -15.22
C GLN G 136 10.81 -37.98 -16.21
N ILE G 137 11.14 -37.28 -17.28
CA ILE G 137 11.73 -37.98 -18.42
C ILE G 137 13.01 -38.75 -18.12
N PRO G 138 13.89 -38.24 -17.23
CA PRO G 138 15.10 -39.06 -17.05
C PRO G 138 14.83 -40.41 -16.42
N GLN G 139 13.95 -40.46 -15.42
CA GLN G 139 13.62 -41.74 -14.78
C GLN G 139 12.79 -42.63 -15.70
N VAL G 140 11.74 -42.06 -16.31
CA VAL G 140 10.88 -42.82 -17.17
C VAL G 140 11.64 -43.41 -18.36
N LEU G 141 12.48 -42.62 -19.00
CA LEU G 141 13.25 -43.11 -20.13
C LEU G 141 14.27 -44.16 -19.70
N ALA G 142 14.92 -43.94 -18.56
CA ALA G 142 15.92 -44.89 -18.09
C ALA G 142 15.30 -46.26 -17.81
N ILE G 143 14.15 -46.28 -17.12
CA ILE G 143 13.50 -47.53 -16.81
C ILE G 143 12.96 -48.15 -18.10
N ALA G 144 12.29 -47.36 -18.91
CA ALA G 144 11.78 -47.87 -20.18
C ALA G 144 12.89 -48.57 -20.99
N MET G 145 14.03 -47.91 -21.15
CA MET G 145 15.08 -48.49 -21.99
C MET G 145 15.70 -49.71 -21.34
N ARG G 146 15.92 -49.63 -20.04
CA ARG G 146 16.54 -50.74 -19.34
C ARG G 146 15.67 -51.98 -19.37
N LYS G 147 14.38 -51.81 -19.12
CA LYS G 147 13.47 -52.94 -19.16
C LYS G 147 13.37 -53.50 -20.57
N ALA G 148 13.26 -52.63 -21.57
CA ALA G 148 13.16 -53.13 -22.94
C ALA G 148 14.35 -54.04 -23.28
N VAL G 149 15.55 -53.58 -22.93
CA VAL G 149 16.73 -54.29 -23.30
C VAL G 149 16.93 -55.54 -22.44
N LEU G 150 16.89 -55.40 -21.13
CA LEU G 150 17.23 -56.52 -20.26
C LEU G 150 16.07 -57.51 -20.03
N ASN G 151 14.85 -57.03 -19.96
CA ASN G 151 13.70 -57.94 -19.88
C ASN G 151 13.23 -58.40 -21.25
N ARG G 152 13.78 -57.84 -22.32
CA ARG G 152 13.55 -58.33 -23.63
C ARG G 152 12.09 -58.20 -24.09
N GLY G 153 11.65 -56.98 -24.35
CA GLY G 153 10.29 -56.74 -24.73
C GLY G 153 10.05 -55.26 -24.96
N VAL G 154 8.77 -54.88 -24.99
CA VAL G 154 8.39 -53.56 -25.40
C VAL G 154 8.23 -52.66 -24.19
N SER G 155 8.72 -51.43 -24.30
CA SER G 155 8.42 -50.39 -23.33
C SER G 155 7.78 -49.24 -24.10
N VAL G 156 6.82 -48.58 -23.45
CA VAL G 156 6.13 -47.47 -24.08
C VAL G 156 6.24 -46.20 -23.26
N VAL G 157 6.61 -45.13 -23.93
CA VAL G 157 6.69 -43.81 -23.31
C VAL G 157 5.66 -42.93 -24.01
N VAL G 158 4.69 -42.43 -23.25
CA VAL G 158 3.61 -41.64 -23.82
C VAL G 158 3.93 -40.18 -23.58
N LEU G 159 4.00 -39.40 -24.64
CA LEU G 159 4.58 -38.05 -24.56
C LEU G 159 3.67 -36.98 -25.22
N PRO G 160 2.93 -36.22 -24.41
CA PRO G 160 2.09 -35.19 -24.98
C PRO G 160 2.98 -34.23 -25.78
N GLY G 161 2.47 -33.77 -26.92
CA GLY G 161 3.23 -32.91 -27.82
C GLY G 161 3.72 -31.62 -27.19
N ASP G 162 2.95 -31.07 -26.25
CA ASP G 162 3.36 -29.84 -25.57
C ASP G 162 4.51 -30.14 -24.58
N VAL G 163 4.41 -31.25 -23.85
CA VAL G 163 5.47 -31.63 -22.93
C VAL G 163 6.78 -31.88 -23.68
N ALA G 164 6.69 -32.48 -24.86
CA ALA G 164 7.87 -32.77 -25.68
C ALA G 164 8.67 -31.52 -25.97
N LEU G 165 7.98 -30.38 -26.05
CA LEU G 165 8.61 -29.11 -26.44
C LEU G 165 9.11 -28.31 -25.26
N LYS G 166 8.87 -28.82 -24.05
CA LYS G 166 9.33 -28.12 -22.85
C LYS G 166 10.80 -28.41 -22.56
N PRO G 167 11.46 -27.57 -21.77
CA PRO G 167 12.85 -27.84 -21.45
C PRO G 167 13.02 -29.13 -20.65
N ALA G 168 13.97 -29.97 -21.05
CA ALA G 168 14.37 -31.12 -20.25
C ALA G 168 15.03 -30.61 -18.96
N PRO G 169 15.07 -31.44 -17.91
CA PRO G 169 15.78 -31.05 -16.67
C PRO G 169 17.25 -30.80 -16.97
N GLU G 170 17.81 -29.71 -16.43
CA GLU G 170 19.17 -29.33 -16.82
C GLU G 170 20.30 -30.28 -16.38
N GLY G 171 20.11 -30.96 -15.25
CA GLY G 171 21.16 -31.86 -14.75
C GLY G 171 21.10 -33.26 -15.33
N ALA G 172 20.07 -33.55 -16.14
CA ALA G 172 19.85 -34.90 -16.64
C ALA G 172 21.02 -35.36 -17.51
N THR G 173 21.34 -36.65 -17.46
CA THR G 173 22.41 -37.12 -18.30
C THR G 173 21.88 -37.96 -19.45
N MET G 174 22.55 -37.84 -20.59
CA MET G 174 22.13 -38.53 -21.80
C MET G 174 23.05 -39.70 -22.12
N HIS G 175 24.21 -39.83 -21.44
CA HIS G 175 25.07 -40.99 -21.68
C HIS G 175 24.39 -42.30 -21.23
N TRP G 176 24.49 -43.33 -22.02
CA TRP G 176 23.91 -44.62 -21.70
C TRP G 176 24.98 -45.67 -21.44
N TYR G 177 24.95 -46.31 -20.28
CA TYR G 177 25.86 -47.40 -20.02
C TYR G 177 25.22 -48.70 -20.48
N HIS G 178 25.86 -49.43 -21.39
CA HIS G 178 25.32 -50.72 -21.86
C HIS G 178 25.58 -51.82 -20.84
N ALA G 179 24.55 -52.28 -20.14
CA ALA G 179 24.73 -53.43 -19.25
C ALA G 179 24.29 -54.70 -19.95
N PRO G 180 25.20 -55.67 -20.12
CA PRO G 180 24.87 -56.96 -20.73
C PRO G 180 24.01 -57.81 -19.78
N GLN G 181 23.39 -58.87 -20.31
CA GLN G 181 22.72 -59.85 -19.43
C GLN G 181 23.71 -60.35 -18.38
N PRO G 182 23.20 -60.69 -17.19
CA PRO G 182 24.07 -61.36 -16.23
C PRO G 182 24.23 -62.83 -16.59
N VAL G 183 25.14 -63.51 -15.92
CA VAL G 183 25.23 -64.97 -16.00
C VAL G 183 24.21 -65.52 -15.01
N VAL G 184 23.30 -66.37 -15.48
CA VAL G 184 22.29 -66.94 -14.60
CA VAL G 184 22.25 -66.95 -14.63
C VAL G 184 22.31 -68.46 -14.65
N THR G 185 22.63 -69.06 -13.53
CA THR G 185 22.92 -70.49 -13.43
C THR G 185 22.23 -71.03 -12.17
N PRO G 186 21.60 -72.21 -12.25
CA PRO G 186 20.99 -72.76 -11.04
C PRO G 186 22.03 -73.06 -9.96
N GLU G 187 21.62 -73.06 -8.70
CA GLU G 187 22.46 -73.46 -7.59
C GLU G 187 23.12 -74.81 -7.89
N GLU G 188 24.34 -74.98 -7.39
CA GLU G 188 25.06 -76.24 -7.60
C GLU G 188 24.23 -77.46 -7.15
N GLU G 189 23.58 -77.39 -6.00
CA GLU G 189 22.82 -78.56 -5.53
C GLU G 189 21.65 -78.90 -6.47
N GLU G 190 21.05 -77.89 -7.08
CA GLU G 190 20.01 -78.17 -8.05
C GLU G 190 20.57 -78.90 -9.27
N LEU G 191 21.73 -78.49 -9.74
CA LEU G 191 22.37 -79.18 -10.85
C LEU G 191 22.70 -80.62 -10.50
N ARG G 192 23.20 -80.86 -9.28
CA ARG G 192 23.48 -82.24 -8.90
C ARG G 192 22.20 -83.05 -8.83
N LYS G 193 21.11 -82.45 -8.36
CA LYS G 193 19.84 -83.16 -8.33
C LYS G 193 19.40 -83.53 -9.73
N LEU G 194 19.52 -82.59 -10.66
CA LEU G 194 19.18 -82.85 -12.05
C LEU G 194 20.04 -83.96 -12.63
N ALA G 195 21.34 -83.90 -12.38
CA ALA G 195 22.25 -84.93 -12.91
C ALA G 195 21.85 -86.30 -12.37
N GLN G 196 21.53 -86.34 -11.09
CA GLN G 196 21.12 -87.60 -10.50
C GLN G 196 19.81 -88.10 -11.13
N LEU G 197 18.87 -87.18 -11.36
CA LEU G 197 17.61 -87.55 -11.99
C LEU G 197 17.83 -88.13 -13.38
N LEU G 198 18.67 -87.47 -14.19
CA LEU G 198 18.98 -87.96 -15.53
C LEU G 198 19.67 -89.32 -15.49
N ARG G 199 20.50 -89.56 -14.47
CA ARG G 199 21.20 -90.82 -14.34
C ARG G 199 20.19 -91.98 -14.24
N TYR G 200 19.05 -91.74 -13.63
CA TYR G 200 18.06 -92.78 -13.41
C TYR G 200 16.83 -92.65 -14.29
N SER G 201 16.93 -91.88 -15.37
CA SER G 201 15.81 -91.71 -16.29
C SER G 201 16.13 -92.41 -17.60
N SER G 202 15.09 -92.83 -18.32
CA SER G 202 15.28 -93.43 -19.64
C SER G 202 14.41 -92.77 -20.69
N ASN G 203 14.70 -93.03 -21.95
CA ASN G 203 13.86 -92.56 -23.03
C ASN G 203 13.60 -91.08 -22.88
N ILE G 204 14.68 -90.31 -22.88
CA ILE G 204 14.65 -88.89 -22.65
C ILE G 204 14.60 -88.16 -23.99
N ALA G 205 13.72 -87.18 -24.10
CA ALA G 205 13.71 -86.30 -25.24
C ALA G 205 13.90 -84.87 -24.77
N LEU G 206 14.49 -84.04 -25.61
CA LEU G 206 14.64 -82.63 -25.30
C LEU G 206 13.68 -81.83 -26.20
N MET G 207 12.93 -80.91 -25.61
CA MET G 207 12.08 -80.01 -26.39
C MET G 207 12.73 -78.64 -26.31
N CYS G 208 13.24 -78.14 -27.44
CA CYS G 208 14.11 -76.98 -27.40
C CYS G 208 13.50 -75.83 -28.14
N GLY G 209 13.52 -74.65 -27.50
CA GLY G 209 12.98 -73.42 -28.09
C GLY G 209 14.06 -72.38 -28.25
N SER G 210 13.65 -71.13 -28.51
CA SER G 210 14.64 -70.09 -28.83
C SER G 210 15.55 -69.72 -27.64
N GLY G 211 15.18 -70.18 -26.45
CA GLY G 211 16.05 -70.01 -25.29
C GLY G 211 17.40 -70.69 -25.47
N CYS G 212 17.47 -71.64 -26.43
CA CYS G 212 18.72 -72.33 -26.73
C CYS G 212 19.61 -71.54 -27.68
N ALA G 213 19.15 -70.37 -28.15
CA ALA G 213 19.98 -69.53 -29.01
C ALA G 213 21.34 -69.31 -28.35
N GLY G 214 22.42 -69.51 -29.10
CA GLY G 214 23.75 -69.29 -28.53
C GLY G 214 24.32 -70.49 -27.77
N ALA G 215 23.52 -71.53 -27.60
CA ALA G 215 23.93 -72.71 -26.85
C ALA G 215 24.04 -73.98 -27.70
N HIS G 216 24.15 -73.80 -29.01
CA HIS G 216 24.13 -74.94 -29.94
C HIS G 216 25.12 -76.02 -29.56
N LYS G 217 26.36 -75.61 -29.33
CA LYS G 217 27.44 -76.51 -29.01
C LYS G 217 27.12 -77.34 -27.77
N GLU G 218 26.70 -76.69 -26.70
CA GLU G 218 26.38 -77.35 -25.44
C GLU G 218 25.17 -78.27 -25.60
N LEU G 219 24.16 -77.79 -26.33
CA LEU G 219 22.95 -78.56 -26.54
C LEU G 219 23.23 -79.86 -27.24
N VAL G 220 23.99 -79.80 -28.33
CA VAL G 220 24.31 -80.99 -29.10
C VAL G 220 25.16 -81.95 -28.28
N GLU G 221 26.10 -81.41 -27.52
CA GLU G 221 26.95 -82.24 -26.67
C GLU G 221 26.11 -82.93 -25.59
N PHE G 222 25.16 -82.19 -25.01
CA PHE G 222 24.28 -82.73 -23.99
C PHE G 222 23.44 -83.88 -24.55
N ALA G 223 22.78 -83.64 -25.68
CA ALA G 223 21.93 -84.66 -26.30
C ALA G 223 22.72 -85.92 -26.59
N GLY G 224 23.93 -85.76 -27.10
CA GLY G 224 24.78 -86.90 -27.42
C GLY G 224 25.21 -87.65 -26.18
N LYS G 225 25.47 -86.93 -25.10
CA LYS G 225 25.96 -87.53 -23.87
C LYS G 225 24.91 -88.45 -23.26
N ILE G 226 23.65 -88.00 -23.20
CA ILE G 226 22.59 -88.80 -22.61
C ILE G 226 21.74 -89.55 -23.64
N LYS G 227 22.10 -89.41 -24.92
CA LYS G 227 21.36 -90.07 -26.01
C LYS G 227 19.89 -89.65 -26.05
N ALA G 228 19.64 -88.34 -26.19
CA ALA G 228 18.29 -87.82 -26.24
C ALA G 228 18.00 -87.18 -27.59
N PRO G 229 16.98 -87.67 -28.28
CA PRO G 229 16.60 -86.98 -29.50
C PRO G 229 16.10 -85.60 -29.14
N ILE G 230 16.27 -84.65 -30.06
CA ILE G 230 15.84 -83.29 -29.82
C ILE G 230 14.65 -83.01 -30.72
N VAL G 231 13.57 -82.46 -30.16
CA VAL G 231 12.59 -81.82 -31.02
C VAL G 231 12.59 -80.34 -30.69
N HIS G 232 12.31 -79.52 -31.70
CA HIS G 232 12.38 -78.09 -31.48
C HIS G 232 11.02 -77.42 -31.69
N ALA G 233 10.75 -76.41 -30.87
CA ALA G 233 9.58 -75.58 -31.07
C ALA G 233 9.89 -74.69 -32.25
N LEU G 234 8.86 -74.16 -32.90
CA LEU G 234 9.11 -73.37 -34.11
C LEU G 234 10.17 -72.26 -33.91
N ARG G 235 10.11 -71.52 -32.81
CA ARG G 235 11.05 -70.41 -32.71
C ARG G 235 12.47 -70.91 -32.35
N GLY G 236 12.60 -72.21 -32.09
CA GLY G 236 13.91 -72.80 -31.89
C GLY G 236 14.54 -73.28 -33.21
N LYS G 237 13.72 -73.35 -34.25
CA LYS G 237 14.18 -73.95 -35.52
C LYS G 237 15.49 -73.35 -35.99
N GLU G 238 15.55 -72.03 -36.12
CA GLU G 238 16.75 -71.41 -36.66
C GLU G 238 17.97 -71.62 -35.76
N HIS G 239 17.76 -71.92 -34.48
CA HIS G 239 18.85 -72.04 -33.53
C HIS G 239 19.31 -73.47 -33.27
N VAL G 240 18.49 -74.43 -33.67
CA VAL G 240 18.67 -75.81 -33.23
C VAL G 240 18.75 -76.80 -34.38
N GLU G 241 18.08 -76.49 -35.50
CA GLU G 241 17.93 -77.44 -36.58
C GLU G 241 19.03 -77.32 -37.65
N TYR G 242 20.28 -77.51 -37.24
CA TYR G 242 21.36 -77.54 -38.19
C TYR G 242 22.56 -78.15 -37.45
N ASP G 243 23.48 -78.78 -38.18
CA ASP G 243 24.62 -79.43 -37.57
C ASP G 243 24.20 -80.11 -36.30
N ASN G 244 23.16 -80.94 -36.39
CA ASN G 244 22.55 -81.52 -35.21
C ASN G 244 22.02 -82.90 -35.51
N PRO G 245 22.86 -83.91 -35.28
CA PRO G 245 22.42 -85.26 -35.64
C PRO G 245 21.30 -85.79 -34.72
N TYR G 246 20.92 -85.04 -33.69
CA TYR G 246 19.91 -85.50 -32.75
C TYR G 246 18.52 -84.90 -33.04
N ASP G 247 18.47 -83.91 -33.92
CA ASP G 247 17.21 -83.25 -34.20
C ASP G 247 16.26 -84.06 -35.03
N VAL G 248 15.05 -84.22 -34.54
CA VAL G 248 14.08 -85.06 -35.24
C VAL G 248 12.80 -84.31 -35.65
N GLY G 249 12.87 -82.97 -35.70
CA GLY G 249 11.79 -82.18 -36.24
C GLY G 249 10.94 -81.46 -35.21
N MET G 250 9.64 -81.35 -35.51
CA MET G 250 8.72 -80.57 -34.68
C MET G 250 7.47 -81.39 -34.37
N THR G 251 6.75 -81.03 -33.30
CA THR G 251 5.35 -81.46 -33.13
C THR G 251 4.44 -80.27 -33.32
N GLY G 252 3.20 -80.44 -32.86
CA GLY G 252 2.15 -79.48 -33.10
C GLY G 252 1.56 -79.82 -34.44
N LEU G 253 0.46 -79.18 -34.79
CA LEU G 253 -0.24 -79.49 -36.03
C LEU G 253 0.62 -79.32 -37.26
N ILE G 254 1.58 -78.41 -37.23
CA ILE G 254 2.42 -78.21 -38.41
C ILE G 254 3.74 -78.96 -38.32
N GLY G 255 3.91 -79.70 -37.23
CA GLY G 255 5.09 -80.53 -37.08
C GLY G 255 4.93 -81.80 -37.90
N PHE G 256 5.69 -82.83 -37.56
CA PHE G 256 5.56 -84.09 -38.28
C PHE G 256 5.69 -85.30 -37.41
N SER G 257 5.48 -86.48 -38.01
CA SER G 257 5.35 -87.71 -37.26
C SER G 257 6.50 -87.98 -36.29
N SER G 258 7.73 -87.81 -36.74
CA SER G 258 8.88 -88.08 -35.89
C SER G 258 8.89 -87.19 -34.63
N GLY G 259 8.67 -85.89 -34.82
CA GLY G 259 8.54 -85.00 -33.68
C GLY G 259 7.37 -85.40 -32.81
N PHE G 260 6.24 -85.67 -33.45
CA PHE G 260 5.04 -86.01 -32.74
C PHE G 260 5.28 -87.23 -31.82
N HIS G 261 5.71 -88.35 -32.41
CA HIS G 261 5.94 -89.59 -31.66
C HIS G 261 7.06 -89.50 -30.62
N THR G 262 8.14 -88.82 -30.94
CA THR G 262 9.25 -88.74 -30.00
C THR G 262 8.77 -88.06 -28.73
N MET G 263 8.02 -86.98 -28.91
CA MET G 263 7.43 -86.26 -27.80
C MET G 263 6.42 -87.09 -27.02
N MET G 264 5.49 -87.73 -27.73
CA MET G 264 4.45 -88.50 -27.08
C MET G 264 5.02 -89.72 -26.32
N ASN G 265 6.07 -90.32 -26.86
CA ASN G 265 6.53 -91.60 -26.32
C ASN G 265 7.64 -91.50 -25.29
N ALA G 266 8.21 -90.30 -25.11
CA ALA G 266 9.28 -90.11 -24.14
C ALA G 266 8.79 -90.46 -22.73
N ASP G 267 9.68 -91.03 -21.91
CA ASP G 267 9.38 -91.25 -20.51
C ASP G 267 9.89 -90.07 -19.67
N THR G 268 10.78 -89.27 -20.24
CA THR G 268 11.37 -88.15 -19.55
C THR G 268 11.53 -87.09 -20.59
N LEU G 269 11.06 -85.89 -20.25
CA LEU G 269 11.08 -84.80 -21.18
C LEU G 269 11.78 -83.60 -20.55
N VAL G 270 12.76 -83.04 -21.24
CA VAL G 270 13.44 -81.85 -20.74
C VAL G 270 13.10 -80.66 -21.62
N LEU G 271 12.37 -79.69 -21.05
CA LEU G 271 12.03 -78.47 -21.77
C LEU G 271 13.15 -77.45 -21.62
N LEU G 272 13.84 -77.13 -22.71
CA LEU G 272 14.94 -76.21 -22.66
C LEU G 272 14.60 -74.91 -23.38
N GLY G 273 14.38 -73.83 -22.60
CA GLY G 273 14.10 -72.53 -23.17
C GLY G 273 12.96 -72.55 -24.17
N THR G 274 11.81 -73.08 -23.74
CA THR G 274 10.66 -73.17 -24.64
C THR G 274 9.33 -72.75 -24.00
N GLN G 275 8.42 -72.29 -24.84
CA GLN G 275 7.08 -71.79 -24.47
C GLN G 275 6.10 -72.54 -25.37
N PHE G 276 6.54 -73.60 -26.02
CA PHE G 276 5.65 -74.37 -26.88
C PHE G 276 4.26 -74.49 -26.25
N PRO G 277 3.24 -73.89 -26.89
CA PRO G 277 1.99 -73.67 -26.17
C PRO G 277 0.92 -74.75 -26.31
N TYR G 278 1.13 -75.76 -27.15
CA TYR G 278 0.03 -76.67 -27.47
C TYR G 278 -0.01 -77.85 -26.49
N ARG G 279 -0.79 -77.68 -25.43
CA ARG G 279 -0.75 -78.57 -24.28
C ARG G 279 -0.99 -80.06 -24.59
N ALA G 280 -1.83 -80.35 -25.58
CA ALA G 280 -2.19 -81.75 -25.84
C ALA G 280 -1.05 -82.54 -26.50
N PHE G 281 -0.01 -81.85 -26.94
CA PHE G 281 1.13 -82.51 -27.58
C PHE G 281 2.22 -82.92 -26.59
N TYR G 282 2.07 -82.56 -25.32
CA TYR G 282 3.02 -83.03 -24.32
C TYR G 282 2.55 -84.41 -23.89
N PRO G 283 3.48 -85.33 -23.61
CA PRO G 283 2.98 -86.62 -23.17
C PRO G 283 2.30 -86.49 -21.82
N THR G 284 1.58 -87.54 -21.46
CA THR G 284 0.68 -87.55 -20.31
C THR G 284 1.26 -88.06 -18.96
N ASP G 285 1.90 -89.24 -18.93
CA ASP G 285 2.48 -89.71 -17.65
C ASP G 285 4.00 -89.74 -17.62
N ALA G 286 4.62 -88.78 -18.29
CA ALA G 286 6.07 -88.63 -18.31
C ALA G 286 6.58 -87.75 -17.17
N LYS G 287 7.83 -87.93 -16.82
CA LYS G 287 8.49 -87.00 -15.94
C LYS G 287 8.91 -85.77 -16.80
N ILE G 288 8.59 -84.57 -16.35
CA ILE G 288 8.91 -83.37 -17.09
C ILE G 288 9.82 -82.43 -16.29
N ILE G 289 10.92 -82.04 -16.92
CA ILE G 289 11.91 -81.15 -16.36
C ILE G 289 11.91 -79.90 -17.22
N GLN G 290 11.91 -78.72 -16.58
CA GLN G 290 11.93 -77.48 -17.35
C GLN G 290 12.99 -76.53 -16.84
N ILE G 291 13.81 -76.02 -17.76
CA ILE G 291 14.82 -75.03 -17.48
C ILE G 291 14.47 -73.79 -18.30
N ASP G 292 14.42 -72.63 -17.66
CA ASP G 292 14.04 -71.38 -18.33
C ASP G 292 14.55 -70.20 -17.50
N ILE G 293 14.83 -69.06 -18.13
CA ILE G 293 15.20 -67.89 -17.33
C ILE G 293 13.99 -67.18 -16.76
N ASN G 294 12.82 -67.47 -17.28
CA ASN G 294 11.64 -66.72 -16.89
C ASN G 294 10.70 -67.58 -16.07
N PRO G 295 10.54 -67.25 -14.79
CA PRO G 295 9.62 -68.01 -13.95
C PRO G 295 8.22 -68.13 -14.55
N ALA G 296 7.78 -67.14 -15.32
CA ALA G 296 6.45 -67.19 -15.89
C ALA G 296 6.27 -68.28 -16.96
N SER G 297 7.37 -68.81 -17.48
CA SER G 297 7.31 -69.85 -18.50
C SER G 297 7.20 -71.23 -17.85
N ILE G 298 7.57 -71.30 -16.59
CA ILE G 298 7.69 -72.61 -15.97
C ILE G 298 6.32 -73.15 -15.58
N GLY G 299 5.92 -74.23 -16.24
CA GLY G 299 4.62 -74.83 -15.97
C GLY G 299 3.50 -74.17 -16.75
N ALA G 300 3.84 -73.33 -17.73
CA ALA G 300 2.79 -72.58 -18.41
C ALA G 300 1.94 -73.48 -19.32
N HIS G 301 2.56 -74.55 -19.85
CA HIS G 301 1.82 -75.40 -20.79
C HIS G 301 1.98 -76.89 -20.49
N SER G 302 2.46 -77.22 -19.30
CA SER G 302 2.56 -78.62 -18.89
C SER G 302 2.79 -78.70 -17.40
N LYS G 303 2.56 -79.86 -16.82
CA LYS G 303 3.02 -80.08 -15.47
C LYS G 303 4.55 -80.02 -15.47
N VAL G 304 5.13 -79.82 -14.30
CA VAL G 304 6.56 -79.79 -14.17
C VAL G 304 6.99 -80.54 -12.93
N ASP G 305 7.79 -81.59 -13.10
CA ASP G 305 8.24 -82.39 -11.96
C ASP G 305 9.49 -81.82 -11.34
N MET G 306 10.32 -81.18 -12.15
CA MET G 306 11.49 -80.48 -11.66
C MET G 306 11.70 -79.22 -12.50
N ALA G 307 11.81 -78.08 -11.81
CA ALA G 307 12.00 -76.79 -12.45
C ALA G 307 13.35 -76.21 -12.06
N LEU G 308 14.06 -75.63 -13.02
CA LEU G 308 15.28 -74.90 -12.72
C LEU G 308 15.28 -73.57 -13.45
N VAL G 309 15.68 -72.51 -12.76
CA VAL G 309 15.82 -71.22 -13.39
C VAL G 309 17.27 -71.08 -13.81
N GLY G 310 17.50 -70.88 -15.10
CA GLY G 310 18.86 -70.71 -15.58
C GLY G 310 18.88 -70.38 -17.05
N ASP G 311 19.97 -69.79 -17.48
CA ASP G 311 20.16 -69.54 -18.89
C ASP G 311 20.72 -70.86 -19.50
N ILE G 312 20.25 -71.23 -20.69
CA ILE G 312 20.57 -72.58 -21.21
C ILE G 312 22.07 -72.79 -21.38
N LYS G 313 22.74 -71.83 -21.98
CA LYS G 313 24.18 -71.97 -22.22
C LYS G 313 24.94 -72.22 -20.91
N SER G 314 24.75 -71.35 -19.92
CA SER G 314 25.46 -71.45 -18.64
CA SER G 314 25.47 -71.46 -18.65
C SER G 314 25.09 -72.71 -17.87
N THR G 315 23.80 -73.04 -17.90
CA THR G 315 23.30 -74.20 -17.20
C THR G 315 23.90 -75.48 -17.78
N LEU G 316 23.83 -75.63 -19.10
CA LEU G 316 24.40 -76.83 -19.72
C LEU G 316 25.90 -76.92 -19.47
N ARG G 317 26.60 -75.79 -19.50
CA ARG G 317 28.05 -75.83 -19.23
C ARG G 317 28.35 -76.33 -17.83
N ALA G 318 27.54 -75.93 -16.87
CA ALA G 318 27.75 -76.34 -15.50
C ALA G 318 27.26 -77.78 -15.29
N LEU G 319 26.25 -78.18 -16.04
CA LEU G 319 25.62 -79.47 -15.88
C LEU G 319 26.44 -80.60 -16.53
N LEU G 320 26.95 -80.36 -17.73
CA LEU G 320 27.64 -81.39 -18.49
C LEU G 320 28.67 -82.21 -17.71
N PRO G 321 29.58 -81.55 -16.96
CA PRO G 321 30.58 -82.35 -16.27
C PRO G 321 29.98 -83.22 -15.16
N LEU G 322 28.76 -82.92 -14.74
CA LEU G 322 28.12 -83.68 -13.67
C LEU G 322 27.37 -84.88 -14.21
N VAL G 323 27.09 -84.84 -15.52
CA VAL G 323 26.26 -85.85 -16.16
C VAL G 323 27.10 -86.99 -16.70
N GLU G 324 26.74 -88.19 -16.29
CA GLU G 324 27.42 -89.41 -16.73
C GLU G 324 26.94 -89.77 -18.14
N GLU G 325 27.85 -90.20 -18.99
CA GLU G 325 27.48 -90.64 -20.34
C GLU G 325 26.62 -91.91 -20.30
N LYS G 326 25.52 -91.92 -21.05
CA LYS G 326 24.63 -93.10 -21.10
C LYS G 326 24.94 -93.93 -22.34
N ALA G 327 24.98 -95.25 -22.19
CA ALA G 327 25.25 -96.15 -23.33
C ALA G 327 23.98 -96.49 -24.14
N ASP G 328 22.83 -96.43 -23.47
CA ASP G 328 21.56 -96.88 -24.05
C ASP G 328 21.00 -95.88 -25.04
N ARG G 329 20.95 -96.25 -26.31
CA ARG G 329 20.57 -95.35 -27.37
C ARG G 329 19.39 -95.87 -28.23
N LYS G 330 18.64 -96.82 -27.70
CA LYS G 330 17.48 -97.35 -28.41
C LYS G 330 16.46 -96.26 -28.74
N PHE G 331 16.11 -95.45 -27.75
CA PHE G 331 15.10 -94.44 -27.95
C PHE G 331 15.55 -93.46 -29.03
N LEU G 332 16.78 -93.01 -28.92
CA LEU G 332 17.34 -92.11 -29.92
C LEU G 332 17.32 -92.71 -31.32
N ASP G 333 17.79 -93.96 -31.45
CA ASP G 333 17.85 -94.59 -32.74
C ASP G 333 16.46 -94.74 -33.38
N LYS G 334 15.46 -95.07 -32.58
CA LYS G 334 14.11 -95.21 -33.08
C LYS G 334 13.59 -93.84 -33.55
N ALA G 335 13.85 -92.80 -32.77
CA ALA G 335 13.46 -91.44 -33.18
C ALA G 335 14.12 -91.05 -34.50
N LEU G 336 15.39 -91.39 -34.66
CA LEU G 336 16.13 -91.06 -35.89
C LEU G 336 15.55 -91.81 -37.09
N GLU G 337 15.10 -93.03 -36.86
CA GLU G 337 14.50 -93.81 -37.91
C GLU G 337 13.15 -93.22 -38.30
N ASP G 338 12.35 -92.83 -37.30
CA ASP G 338 11.08 -92.12 -37.53
C ASP G 338 11.33 -90.88 -38.35
N TYR G 339 12.40 -90.17 -38.00
CA TYR G 339 12.73 -88.95 -38.67
C TYR G 339 13.04 -89.15 -40.14
N ARG G 340 13.82 -90.18 -40.44
CA ARG G 340 14.17 -90.48 -41.81
C ARG G 340 12.88 -90.75 -42.64
N ASP G 341 11.91 -91.45 -42.05
CA ASP G 341 10.63 -91.71 -42.71
C ASP G 341 9.86 -90.41 -42.92
N ALA G 342 9.81 -89.58 -41.89
CA ALA G 342 9.05 -88.34 -41.96
C ALA G 342 9.63 -87.43 -43.02
N ARG G 343 10.96 -87.38 -43.09
CA ARG G 343 11.61 -86.46 -44.00
C ARG G 343 11.43 -86.86 -45.44
N LYS G 344 11.24 -88.15 -45.64
CA LYS G 344 10.95 -88.67 -46.96
C LYS G 344 9.51 -88.36 -47.37
N GLY G 345 8.58 -88.41 -46.41
CA GLY G 345 7.19 -88.08 -46.68
C GLY G 345 7.06 -86.63 -47.09
N LEU G 346 7.77 -85.76 -46.36
CA LEU G 346 7.85 -84.34 -46.65
C LEU G 346 8.37 -84.09 -48.06
N ASP G 347 9.41 -84.81 -48.44
CA ASP G 347 10.05 -84.62 -49.73
C ASP G 347 9.18 -85.06 -50.90
N ASP G 348 8.34 -86.06 -50.69
CA ASP G 348 7.46 -86.57 -51.73
C ASP G 348 6.39 -85.56 -52.12
N LEU G 349 6.05 -84.70 -51.18
CA LEU G 349 5.07 -83.67 -51.43
C LEU G 349 5.65 -82.49 -52.20
N ALA G 350 6.98 -82.37 -52.24
CA ALA G 350 7.62 -81.19 -52.81
C ALA G 350 8.17 -81.44 -54.20
N LYS G 351 7.32 -81.93 -55.09
CA LYS G 351 7.77 -82.26 -56.43
C LYS G 351 7.08 -81.37 -57.47
N PRO G 352 7.75 -81.15 -58.62
CA PRO G 352 7.11 -80.40 -59.68
C PRO G 352 5.99 -81.22 -60.30
N SER G 353 5.01 -80.56 -60.89
CA SER G 353 3.89 -81.23 -61.52
C SER G 353 3.32 -80.36 -62.64
N GLU G 354 2.54 -80.94 -63.53
CA GLU G 354 1.91 -80.16 -64.58
C GLU G 354 0.54 -79.66 -64.14
N LYS G 355 0.02 -80.25 -63.07
CA LYS G 355 -1.31 -79.94 -62.53
C LYS G 355 -1.41 -78.54 -61.89
N ALA G 356 -0.50 -78.24 -60.99
CA ALA G 356 -0.63 -77.04 -60.20
C ALA G 356 0.62 -77.01 -59.37
N ILE G 357 0.97 -75.86 -58.84
CA ILE G 357 2.22 -75.79 -58.17
C ILE G 357 1.97 -76.12 -56.73
N HIS G 358 2.58 -77.20 -56.26
CA HIS G 358 2.52 -77.52 -54.84
C HIS G 358 3.33 -76.49 -54.10
N PRO G 359 2.72 -75.81 -53.13
CA PRO G 359 3.44 -74.79 -52.37
C PRO G 359 4.66 -75.41 -51.69
N GLN G 360 4.63 -76.70 -51.40
CA GLN G 360 5.77 -77.24 -50.70
C GLN G 360 6.96 -77.38 -51.64
N TYR G 361 6.69 -77.65 -52.92
CA TYR G 361 7.71 -77.53 -53.96
C TYR G 361 8.27 -76.10 -54.01
N LEU G 362 7.37 -75.12 -54.00
CA LEU G 362 7.80 -73.74 -54.07
C LEU G 362 8.74 -73.41 -52.90
N ALA G 363 8.35 -73.82 -51.70
CA ALA G 363 9.16 -73.53 -50.51
C ALA G 363 10.51 -74.22 -50.59
N GLN G 364 10.50 -75.46 -51.06
CA GLN G 364 11.74 -76.22 -51.19
C GLN G 364 12.71 -75.52 -52.12
N GLN G 365 12.20 -74.93 -53.20
CA GLN G 365 13.06 -74.32 -54.20
C GLN G 365 13.56 -72.97 -53.69
N ILE G 366 12.75 -72.28 -52.91
CA ILE G 366 13.17 -71.06 -52.26
C ILE G 366 14.40 -71.37 -51.41
N SER G 367 14.30 -72.43 -50.62
CA SER G 367 15.40 -72.83 -49.76
C SER G 367 16.63 -73.19 -50.58
N HIS G 368 16.42 -73.85 -51.70
CA HIS G 368 17.53 -74.30 -52.53
C HIS G 368 18.29 -73.13 -53.19
N PHE G 369 17.57 -72.13 -53.68
CA PHE G 369 18.19 -71.04 -54.43
C PHE G 369 18.53 -69.78 -53.59
N ALA G 370 17.93 -69.63 -52.42
CA ALA G 370 18.21 -68.45 -51.60
C ALA G 370 19.64 -68.48 -51.07
N ALA G 371 20.16 -67.32 -50.69
CA ALA G 371 21.54 -67.22 -50.21
C ALA G 371 21.78 -68.09 -48.99
N ASP G 372 23.02 -68.49 -48.75
CA ASP G 372 23.21 -69.35 -47.61
C ASP G 372 23.16 -68.60 -46.29
N ASP G 373 23.05 -67.26 -46.34
CA ASP G 373 22.79 -66.46 -45.14
C ASP G 373 21.56 -65.60 -45.30
N ALA G 374 20.62 -66.06 -46.11
CA ALA G 374 19.40 -65.29 -46.33
C ALA G 374 18.63 -65.12 -45.03
N ILE G 375 17.89 -64.03 -44.94
CA ILE G 375 16.94 -63.84 -43.87
C ILE G 375 15.54 -64.07 -44.43
N PHE G 376 14.82 -65.03 -43.86
CA PHE G 376 13.46 -65.36 -44.32
C PHE G 376 12.42 -64.84 -43.34
N THR G 377 11.35 -64.29 -43.86
CA THR G 377 10.20 -64.01 -43.04
C THR G 377 9.04 -64.78 -43.67
N CYS G 378 8.05 -65.15 -42.86
CA CYS G 378 6.92 -65.91 -43.39
C CYS G 378 5.61 -65.48 -42.74
N ASP G 379 4.57 -65.30 -43.56
CA ASP G 379 3.26 -64.87 -43.06
C ASP G 379 2.61 -65.96 -42.22
N VAL G 380 1.88 -65.55 -41.21
CA VAL G 380 1.02 -66.48 -40.50
C VAL G 380 0.02 -67.02 -41.52
N GLY G 381 -0.14 -68.34 -41.56
CA GLY G 381 -0.92 -69.01 -42.61
C GLY G 381 -0.08 -70.12 -43.19
N THR G 382 -0.42 -70.60 -44.39
CA THR G 382 0.33 -71.74 -44.94
C THR G 382 1.84 -71.44 -45.07
N PRO G 383 2.22 -70.16 -45.29
CA PRO G 383 3.64 -69.95 -45.46
C PRO G 383 4.44 -70.33 -44.22
N THR G 384 3.84 -70.21 -43.05
CA THR G 384 4.51 -70.64 -41.83
C THR G 384 4.72 -72.15 -41.82
N VAL G 385 3.71 -72.88 -42.29
CA VAL G 385 3.84 -74.32 -42.40
C VAL G 385 4.98 -74.69 -43.33
N TRP G 386 5.03 -74.07 -44.51
CA TRP G 386 6.02 -74.48 -45.49
C TRP G 386 7.43 -74.08 -45.04
N ALA G 387 7.54 -72.91 -44.40
CA ALA G 387 8.81 -72.48 -43.88
C ALA G 387 9.30 -73.49 -42.86
N ALA G 388 8.42 -73.84 -41.92
CA ALA G 388 8.77 -74.76 -40.86
C ALA G 388 9.28 -76.09 -41.44
N ARG G 389 8.62 -76.54 -42.49
CA ARG G 389 8.89 -77.87 -43.00
C ARG G 389 9.95 -77.94 -44.09
N TYR G 390 10.20 -76.84 -44.78
CA TYR G 390 11.05 -76.90 -45.96
C TYR G 390 12.26 -75.98 -46.00
N LEU G 391 12.32 -74.96 -45.13
CA LEU G 391 13.52 -74.10 -45.09
C LEU G 391 14.66 -74.80 -44.39
N LYS G 392 15.78 -74.96 -45.07
CA LYS G 392 16.94 -75.53 -44.42
C LYS G 392 17.78 -74.45 -43.72
N MET G 393 17.95 -74.61 -42.41
CA MET G 393 18.73 -73.65 -41.63
C MET G 393 20.17 -74.11 -41.51
N ASN G 394 21.07 -73.21 -41.12
CA ASN G 394 22.50 -73.57 -41.12
C ASN G 394 23.34 -72.77 -40.15
N GLY G 395 22.70 -72.00 -39.28
CA GLY G 395 23.44 -71.19 -38.32
C GLY G 395 23.75 -69.81 -38.85
N LYS G 396 23.46 -69.55 -40.11
CA LYS G 396 23.63 -68.22 -40.68
C LYS G 396 22.31 -67.64 -41.14
N ARG G 397 21.52 -68.46 -41.82
CA ARG G 397 20.17 -68.08 -42.19
C ARG G 397 19.32 -67.75 -40.97
N ARG G 398 18.30 -66.93 -41.18
CA ARG G 398 17.39 -66.52 -40.12
C ARG G 398 15.96 -66.70 -40.55
N LEU G 399 15.09 -66.95 -39.58
CA LEU G 399 13.68 -67.10 -39.86
C LEU G 399 12.90 -66.23 -38.90
N LEU G 400 12.15 -65.26 -39.41
CA LEU G 400 11.28 -64.43 -38.57
C LEU G 400 9.84 -64.67 -38.94
N GLY G 401 8.95 -64.57 -37.95
CA GLY G 401 7.53 -64.65 -38.21
C GLY G 401 6.76 -64.02 -37.09
N SER G 402 5.46 -64.25 -37.08
CA SER G 402 4.64 -63.83 -35.96
C SER G 402 4.18 -65.10 -35.25
N PHE G 403 5.13 -65.82 -34.68
CA PHE G 403 4.87 -67.18 -34.24
C PHE G 403 4.09 -67.28 -32.93
N ASN G 404 4.23 -66.27 -32.06
CA ASN G 404 3.55 -66.27 -30.79
C ASN G 404 2.25 -65.47 -30.85
N HIS G 405 2.32 -64.28 -31.43
CA HIS G 405 1.18 -63.40 -31.47
C HIS G 405 0.24 -63.86 -32.59
N GLY G 406 0.82 -64.49 -33.61
CA GLY G 406 0.02 -65.15 -34.65
C GLY G 406 -0.76 -64.21 -35.56
N SER G 407 -0.16 -63.09 -35.94
CA SER G 407 -0.83 -62.14 -36.78
C SER G 407 -0.58 -62.40 -38.25
N MET G 408 -1.66 -62.43 -39.04
CA MET G 408 -1.49 -62.33 -40.49
C MET G 408 -0.67 -61.08 -40.85
N ALA G 409 -0.05 -61.10 -42.03
CA ALA G 409 0.46 -59.90 -42.70
C ALA G 409 1.77 -59.42 -42.15
N ASN G 410 2.45 -60.27 -41.37
CA ASN G 410 3.71 -59.89 -40.74
C ASN G 410 4.91 -59.95 -41.69
N ALA G 411 4.83 -60.79 -42.71
CA ALA G 411 6.05 -61.15 -43.46
C ALA G 411 6.70 -59.97 -44.16
N MET G 412 5.94 -59.25 -44.96
CA MET G 412 6.57 -58.16 -45.67
C MET G 412 7.04 -57.04 -44.72
N PRO G 413 6.19 -56.66 -43.75
CA PRO G 413 6.68 -55.66 -42.82
C PRO G 413 7.95 -56.06 -42.09
N GLN G 414 8.04 -57.32 -41.65
CA GLN G 414 9.28 -57.76 -41.01
C GLN G 414 10.45 -57.74 -41.99
N ALA G 415 10.17 -58.08 -43.25
CA ALA G 415 11.20 -58.07 -44.28
C ALA G 415 11.77 -56.68 -44.45
N LEU G 416 10.87 -55.71 -44.40
CA LEU G 416 11.24 -54.31 -44.49
C LEU G 416 12.26 -53.95 -43.40
N GLY G 417 11.98 -54.34 -42.16
CA GLY G 417 12.90 -54.07 -41.06
C GLY G 417 14.20 -54.85 -41.21
N ALA G 418 14.10 -56.11 -41.63
CA ALA G 418 15.29 -56.92 -41.80
C ALA G 418 16.20 -56.28 -42.84
N GLN G 419 15.62 -55.96 -43.99
CA GLN G 419 16.43 -55.41 -45.09
C GLN G 419 17.13 -54.10 -44.70
N ALA G 420 16.43 -53.23 -43.96
CA ALA G 420 17.05 -51.96 -43.58
C ALA G 420 18.16 -52.19 -42.58
N THR G 421 18.01 -53.21 -41.75
CA THR G 421 19.00 -53.48 -40.73
C THR G 421 20.24 -54.12 -41.34
N GLU G 422 20.02 -54.99 -42.33
CA GLU G 422 21.12 -55.65 -43.03
C GLU G 422 21.07 -55.35 -44.52
N PRO G 423 21.47 -54.14 -44.93
CA PRO G 423 21.29 -53.75 -46.33
C PRO G 423 22.00 -54.65 -47.37
N GLU G 424 23.06 -55.34 -46.97
CA GLU G 424 23.83 -56.16 -47.91
C GLU G 424 23.30 -57.59 -48.01
N ARG G 425 22.35 -57.93 -47.18
CA ARG G 425 21.93 -59.31 -47.00
C ARG G 425 20.66 -59.60 -47.83
N GLN G 426 20.52 -60.82 -48.31
CA GLN G 426 19.32 -61.19 -49.06
C GLN G 426 18.17 -61.42 -48.07
N VAL G 427 17.02 -60.81 -48.34
CA VAL G 427 15.84 -60.99 -47.51
C VAL G 427 14.67 -61.51 -48.36
N VAL G 428 14.09 -62.62 -47.95
CA VAL G 428 13.03 -63.26 -48.70
C VAL G 428 11.77 -63.32 -47.87
N ALA G 429 10.73 -62.61 -48.30
CA ALA G 429 9.45 -62.63 -47.58
C ALA G 429 8.51 -63.65 -48.21
N MET G 430 8.17 -64.70 -47.45
CA MET G 430 7.21 -65.69 -47.91
C MET G 430 5.81 -65.25 -47.47
N CYS G 431 5.07 -64.64 -48.39
CA CYS G 431 3.81 -63.98 -48.04
C CYS G 431 2.60 -64.77 -48.47
N GLY G 432 1.53 -64.63 -47.72
CA GLY G 432 0.24 -65.08 -48.18
C GLY G 432 -0.38 -63.99 -49.02
N ASP G 433 -1.36 -64.35 -49.84
CA ASP G 433 -2.08 -63.34 -50.59
C ASP G 433 -2.96 -62.52 -49.64
N GLY G 434 -3.49 -63.17 -48.62
CA GLY G 434 -4.23 -62.46 -47.59
C GLY G 434 -3.29 -61.52 -46.83
N GLY G 435 -2.16 -62.07 -46.39
CA GLY G 435 -1.19 -61.30 -45.62
C GLY G 435 -0.66 -60.10 -46.40
N PHE G 436 -0.22 -60.35 -47.63
CA PHE G 436 0.33 -59.28 -48.42
C PHE G 436 -0.72 -58.19 -48.62
N SER G 437 -1.95 -58.56 -48.95
CA SER G 437 -2.91 -57.53 -49.25
C SER G 437 -3.42 -56.83 -47.99
N MET G 438 -3.34 -57.49 -46.85
CA MET G 438 -3.82 -56.91 -45.60
C MET G 438 -3.05 -55.63 -45.21
N LEU G 439 -1.75 -55.58 -45.52
CA LEU G 439 -0.95 -54.38 -45.30
C LEU G 439 -0.26 -53.95 -46.60
N MET G 440 -0.99 -54.05 -47.71
CA MET G 440 -0.41 -53.85 -49.03
C MET G 440 0.22 -52.48 -49.27
N GLY G 441 -0.25 -51.47 -48.54
CA GLY G 441 0.23 -50.11 -48.78
C GLY G 441 1.72 -50.00 -48.57
N ASP G 442 2.26 -50.77 -47.64
CA ASP G 442 3.67 -50.66 -47.38
C ASP G 442 4.53 -51.37 -48.40
N PHE G 443 3.89 -52.00 -49.37
CA PHE G 443 4.64 -52.42 -50.54
C PHE G 443 5.32 -51.18 -51.13
N LEU G 444 4.64 -50.04 -51.08
CA LEU G 444 5.21 -48.79 -51.56
C LEU G 444 6.44 -48.37 -50.77
N SER G 445 6.56 -48.85 -49.54
CA SER G 445 7.74 -48.53 -48.74
C SER G 445 8.96 -49.24 -49.28
N VAL G 446 8.76 -50.42 -49.85
CA VAL G 446 9.86 -51.14 -50.46
C VAL G 446 10.50 -50.31 -51.55
N VAL G 447 9.70 -49.62 -52.36
CA VAL G 447 10.22 -48.71 -53.37
C VAL G 447 10.82 -47.45 -52.74
N GLN G 448 10.03 -46.75 -51.94
CA GLN G 448 10.46 -45.51 -51.34
C GLN G 448 11.76 -45.64 -50.53
N MET G 449 11.92 -46.75 -49.81
CA MET G 449 13.12 -46.95 -49.01
C MET G 449 14.22 -47.66 -49.79
N LYS G 450 13.89 -48.11 -50.99
CA LYS G 450 14.84 -48.81 -51.85
C LYS G 450 15.46 -50.02 -51.16
N LEU G 451 14.60 -50.85 -50.58
CA LEU G 451 15.07 -52.05 -49.92
C LEU G 451 14.80 -53.24 -50.85
N PRO G 452 15.86 -53.92 -51.30
CA PRO G 452 15.72 -54.98 -52.30
C PRO G 452 15.11 -56.27 -51.78
N VAL G 453 14.00 -56.19 -51.08
CA VAL G 453 13.43 -57.41 -50.56
C VAL G 453 12.85 -58.27 -51.69
N LYS G 454 12.98 -59.58 -51.53
CA LYS G 454 12.42 -60.52 -52.47
C LYS G 454 11.10 -61.06 -51.91
N ILE G 455 9.99 -60.64 -52.49
CA ILE G 455 8.68 -61.07 -52.02
C ILE G 455 8.17 -62.22 -52.85
N VAL G 456 7.86 -63.35 -52.21
CA VAL G 456 7.25 -64.46 -52.92
C VAL G 456 5.86 -64.67 -52.37
N VAL G 457 4.84 -64.45 -53.20
CA VAL G 457 3.47 -64.57 -52.74
C VAL G 457 2.96 -65.97 -53.03
N PHE G 458 2.55 -66.68 -51.98
CA PHE G 458 1.88 -67.97 -52.13
C PHE G 458 0.45 -67.68 -52.47
N ASN G 459 0.19 -67.52 -53.77
CA ASN G 459 -1.10 -67.02 -54.22
C ASN G 459 -2.06 -68.17 -54.39
N ASN G 460 -2.76 -68.51 -53.32
CA ASN G 460 -3.75 -69.57 -53.41
C ASN G 460 -5.15 -68.96 -53.48
N SER G 461 -5.17 -67.64 -53.70
CA SER G 461 -6.40 -66.89 -53.87
C SER G 461 -7.41 -67.32 -52.80
N VAL G 462 -6.88 -67.56 -51.59
CA VAL G 462 -7.69 -67.92 -50.45
C VAL G 462 -6.99 -67.55 -49.14
N LEU G 463 -7.80 -67.48 -48.08
CA LEU G 463 -7.32 -67.42 -46.70
C LEU G 463 -7.16 -68.87 -46.21
N GLY G 464 -6.12 -69.53 -46.69
CA GLY G 464 -6.05 -70.99 -46.71
C GLY G 464 -5.88 -71.73 -45.39
N GLY G 479 -16.25 -66.91 -48.14
CA GLY G 479 -15.75 -66.17 -46.99
C GLY G 479 -14.24 -66.29 -46.80
N THR G 480 -13.64 -67.26 -47.49
CA THR G 480 -12.20 -67.51 -47.39
C THR G 480 -11.47 -67.33 -48.72
N GLU G 481 -12.21 -67.04 -49.79
CA GLU G 481 -11.62 -66.84 -51.11
C GLU G 481 -11.17 -65.38 -51.29
N LEU G 482 -10.30 -65.14 -52.28
CA LEU G 482 -9.89 -63.78 -52.62
C LEU G 482 -9.94 -63.60 -54.13
N HIS G 483 -10.76 -62.65 -54.58
CA HIS G 483 -10.84 -62.38 -56.01
C HIS G 483 -9.47 -62.68 -56.61
N ASP G 484 -9.47 -63.46 -57.70
CA ASP G 484 -8.22 -63.87 -58.38
C ASP G 484 -7.34 -62.67 -58.64
N THR G 485 -6.21 -62.62 -57.95
CA THR G 485 -5.50 -61.38 -57.94
C THR G 485 -4.14 -61.56 -58.60
N ASN G 486 -3.79 -60.65 -59.51
CA ASN G 486 -2.46 -60.70 -60.08
C ASN G 486 -1.51 -59.73 -59.38
N PHE G 487 -0.75 -60.23 -58.41
CA PHE G 487 0.15 -59.37 -57.67
C PHE G 487 1.37 -58.93 -58.46
N ALA G 488 1.76 -59.71 -59.45
CA ALA G 488 2.86 -59.31 -60.32
C ALA G 488 2.47 -58.03 -61.07
N ARG G 489 1.24 -57.99 -61.54
CA ARG G 489 0.78 -56.84 -62.28
C ARG G 489 0.79 -55.64 -61.35
N ILE G 490 0.39 -55.83 -60.11
CA ILE G 490 0.34 -54.75 -59.14
C ILE G 490 1.75 -54.24 -58.86
N ALA G 491 2.70 -55.16 -58.71
CA ALA G 491 4.08 -54.77 -58.53
C ALA G 491 4.57 -53.89 -59.68
N GLU G 492 4.35 -54.33 -60.90
CA GLU G 492 4.82 -53.58 -62.05
C GLU G 492 4.26 -52.17 -62.01
N ALA G 493 2.98 -52.04 -61.62
CA ALA G 493 2.33 -50.75 -61.60
C ALA G 493 2.94 -49.85 -60.53
N CYS G 494 3.55 -50.46 -59.51
CA CYS G 494 4.20 -49.72 -58.45
C CYS G 494 5.66 -49.43 -58.78
N GLY G 495 6.14 -49.90 -59.93
CA GLY G 495 7.53 -49.69 -60.30
C GLY G 495 8.52 -50.73 -59.79
N ILE G 496 8.02 -51.85 -59.25
CA ILE G 496 8.86 -52.98 -58.86
C ILE G 496 8.69 -54.13 -59.89
N THR G 497 9.77 -54.84 -60.21
CA THR G 497 9.67 -56.02 -61.08
C THR G 497 8.69 -57.07 -60.55
N GLY G 498 7.77 -57.51 -61.39
CA GLY G 498 6.83 -58.55 -61.02
C GLY G 498 6.93 -59.77 -61.94
N ILE G 499 7.01 -60.95 -61.33
CA ILE G 499 7.05 -62.18 -62.11
C ILE G 499 5.87 -63.07 -61.75
N ARG G 500 5.04 -63.36 -62.73
CA ARG G 500 3.86 -64.19 -62.53
C ARG G 500 4.23 -65.63 -62.86
N VAL G 501 4.05 -66.53 -61.90
CA VAL G 501 4.43 -67.93 -62.08
C VAL G 501 3.20 -68.83 -61.95
N GLU G 502 2.88 -69.59 -62.99
CA GLU G 502 1.72 -70.45 -62.98
C GLU G 502 2.03 -71.91 -63.27
N LYS G 503 3.18 -72.18 -63.87
CA LYS G 503 3.60 -73.57 -64.14
C LYS G 503 4.79 -73.96 -63.27
N ALA G 504 4.77 -75.18 -62.75
CA ALA G 504 5.84 -75.62 -61.87
C ALA G 504 7.21 -75.51 -62.54
N SER G 505 7.24 -75.72 -63.86
CA SER G 505 8.50 -75.67 -64.60
C SER G 505 9.11 -74.26 -64.66
N GLU G 506 8.29 -73.24 -64.40
CA GLU G 506 8.77 -71.86 -64.43
C GLU G 506 9.37 -71.42 -63.10
N VAL G 507 9.16 -72.20 -62.04
CA VAL G 507 9.56 -71.81 -60.70
C VAL G 507 11.06 -71.55 -60.54
N ASP G 508 11.88 -72.51 -60.96
CA ASP G 508 13.31 -72.43 -60.77
C ASP G 508 13.88 -71.14 -61.37
N GLU G 509 13.56 -70.88 -62.63
CA GLU G 509 14.10 -69.70 -63.28
C GLU G 509 13.52 -68.41 -62.68
N ALA G 510 12.28 -68.43 -62.24
CA ALA G 510 11.68 -67.23 -61.63
C ALA G 510 12.38 -66.84 -60.34
N LEU G 511 12.69 -67.83 -59.51
CA LEU G 511 13.39 -67.54 -58.26
C LEU G 511 14.82 -67.07 -58.53
N GLN G 512 15.50 -67.72 -59.46
CA GLN G 512 16.87 -67.31 -59.76
C GLN G 512 16.93 -65.89 -60.28
N ARG G 513 16.02 -65.54 -61.19
CA ARG G 513 15.98 -64.18 -61.73
C ARG G 513 15.68 -63.19 -60.60
N ALA G 514 14.68 -63.49 -59.77
CA ALA G 514 14.29 -62.59 -58.69
C ALA G 514 15.48 -62.31 -57.77
N PHE G 515 16.24 -63.35 -57.44
CA PHE G 515 17.34 -63.21 -56.52
C PHE G 515 18.53 -62.46 -57.12
N SER G 516 18.73 -62.57 -58.43
CA SER G 516 19.84 -61.86 -59.12
C SER G 516 19.57 -60.40 -59.37
N ILE G 517 18.31 -60.04 -59.60
CA ILE G 517 17.99 -58.67 -59.91
C ILE G 517 18.47 -57.74 -58.81
N ASP G 518 19.14 -56.67 -59.21
CA ASP G 518 19.67 -55.68 -58.30
C ASP G 518 18.56 -54.74 -57.84
N GLY G 519 17.62 -55.25 -57.07
CA GLY G 519 16.47 -54.46 -56.62
C GLY G 519 15.39 -55.36 -56.04
N PRO G 520 14.27 -54.75 -55.58
CA PRO G 520 13.18 -55.54 -55.03
C PRO G 520 12.40 -56.25 -56.14
N VAL G 521 11.83 -57.40 -55.83
CA VAL G 521 11.10 -58.18 -56.83
C VAL G 521 9.93 -58.86 -56.14
N LEU G 522 8.80 -58.91 -56.82
CA LEU G 522 7.69 -59.71 -56.34
C LEU G 522 7.44 -60.88 -57.30
N VAL G 523 7.52 -62.08 -56.74
CA VAL G 523 7.21 -63.29 -57.49
C VAL G 523 5.84 -63.79 -57.02
N ASP G 524 4.88 -63.75 -57.93
CA ASP G 524 3.49 -64.08 -57.64
C ASP G 524 3.25 -65.51 -58.12
N VAL G 525 3.27 -66.46 -57.20
CA VAL G 525 3.15 -67.86 -57.59
C VAL G 525 1.77 -68.44 -57.29
N VAL G 526 1.05 -68.83 -58.33
CA VAL G 526 -0.25 -69.47 -58.14
C VAL G 526 -0.01 -70.86 -57.59
N VAL G 527 -0.45 -71.12 -56.37
CA VAL G 527 -0.24 -72.43 -55.74
C VAL G 527 -1.54 -73.17 -55.43
N ALA G 528 -1.46 -74.50 -55.30
CA ALA G 528 -2.62 -75.34 -54.94
C ALA G 528 -2.88 -75.34 -53.42
N LYS G 529 -4.07 -75.80 -53.00
CA LYS G 529 -4.35 -75.91 -51.54
C LYS G 529 -4.00 -77.34 -51.12
N GLU G 530 -3.59 -77.47 -49.87
CA GLU G 530 -2.87 -78.66 -49.40
C GLU G 530 -3.31 -79.18 -48.03
N GLU G 531 -3.08 -80.46 -47.79
CA GLU G 531 -3.37 -81.11 -46.51
C GLU G 531 -2.25 -80.82 -45.51
N LEU G 532 -2.48 -81.20 -44.25
CA LEU G 532 -1.45 -81.06 -43.21
C LEU G 532 -0.81 -82.41 -42.85
N ALA G 533 -1.44 -83.51 -43.24
CA ALA G 533 -0.90 -84.84 -42.95
C ALA G 533 -0.14 -85.41 -44.16
N MET H 1 -34.62 -72.92 -30.17
CA MET H 1 -34.32 -74.38 -30.37
C MET H 1 -33.08 -74.70 -29.52
N LYS H 2 -32.55 -75.93 -29.58
CA LYS H 2 -31.22 -76.17 -29.00
C LYS H 2 -30.10 -75.82 -30.02
N GLN H 3 -29.25 -74.85 -29.67
CA GLN H 3 -28.29 -74.29 -30.62
C GLN H 3 -27.04 -73.73 -29.95
N THR H 4 -26.04 -73.39 -30.76
CA THR H 4 -24.81 -72.89 -30.19
C THR H 4 -25.00 -71.46 -29.71
N VAL H 5 -24.11 -71.06 -28.79
CA VAL H 5 -24.06 -69.71 -28.34
C VAL H 5 -23.95 -68.80 -29.56
N ALA H 6 -23.10 -69.18 -30.52
CA ALA H 6 -22.91 -68.35 -31.72
C ALA H 6 -24.21 -68.26 -32.53
N ALA H 7 -24.94 -69.37 -32.63
CA ALA H 7 -26.21 -69.34 -33.37
C ALA H 7 -27.19 -68.40 -32.69
N TYR H 8 -27.19 -68.42 -31.37
CA TYR H 8 -28.09 -67.59 -30.59
C TYR H 8 -27.80 -66.13 -30.90
N ILE H 9 -26.52 -65.77 -30.92
CA ILE H 9 -26.13 -64.41 -31.26
C ILE H 9 -26.60 -64.04 -32.66
N ALA H 10 -26.37 -64.93 -33.64
CA ALA H 10 -26.68 -64.62 -35.02
C ALA H 10 -28.19 -64.42 -35.18
N LYS H 11 -28.98 -65.30 -34.58
CA LYS H 11 -30.44 -65.22 -34.68
C LYS H 11 -30.95 -63.95 -34.04
N THR H 12 -30.34 -63.55 -32.93
CA THR H 12 -30.79 -62.35 -32.24
C THR H 12 -30.49 -61.12 -33.10
N LEU H 13 -29.30 -61.08 -33.68
CA LEU H 13 -28.96 -60.00 -34.59
C LEU H 13 -29.90 -59.97 -35.77
N GLU H 14 -30.22 -61.15 -36.31
CA GLU H 14 -31.14 -61.23 -37.42
C GLU H 14 -32.46 -60.57 -37.05
N SER H 15 -32.93 -60.87 -35.84
CA SER H 15 -34.22 -60.37 -35.40
C SER H 15 -34.18 -58.84 -35.21
N ALA H 16 -33.02 -58.31 -34.82
CA ALA H 16 -32.85 -56.88 -34.65
C ALA H 16 -32.69 -56.17 -35.99
N GLY H 17 -32.69 -56.95 -37.07
CA GLY H 17 -32.61 -56.38 -38.40
C GLY H 17 -31.22 -56.19 -38.97
N VAL H 18 -30.18 -56.70 -38.33
CA VAL H 18 -28.87 -56.59 -38.97
C VAL H 18 -28.77 -57.35 -40.30
N LYS H 19 -28.12 -56.73 -41.27
CA LYS H 19 -28.08 -57.27 -42.62
C LYS H 19 -26.75 -57.89 -42.98
N ARG H 20 -25.68 -57.46 -42.31
CA ARG H 20 -24.36 -57.93 -42.66
C ARG H 20 -23.43 -57.81 -41.50
N ILE H 21 -22.37 -58.62 -41.51
CA ILE H 21 -21.31 -58.51 -40.53
C ILE H 21 -20.01 -58.34 -41.28
N TRP H 22 -19.22 -57.34 -40.87
CA TRP H 22 -17.95 -57.04 -41.53
C TRP H 22 -16.79 -57.66 -40.76
N GLY H 23 -15.90 -58.36 -41.46
CA GLY H 23 -14.71 -58.85 -40.80
C GLY H 23 -13.75 -59.60 -41.69
N VAL H 24 -12.82 -60.30 -41.05
CA VAL H 24 -11.96 -61.29 -41.70
C VAL H 24 -12.11 -62.55 -40.84
N THR H 25 -12.29 -63.73 -41.44
CA THR H 25 -12.44 -64.97 -40.63
C THR H 25 -11.20 -65.40 -39.83
N GLY H 26 -11.36 -66.53 -39.17
CA GLY H 26 -10.32 -67.22 -38.41
C GLY H 26 -11.00 -68.42 -37.77
N ASP H 27 -10.22 -69.40 -37.35
CA ASP H 27 -10.76 -70.60 -36.70
C ASP H 27 -11.57 -70.29 -35.43
N SER H 28 -11.17 -69.24 -34.71
CA SER H 28 -11.89 -68.90 -33.48
C SER H 28 -13.28 -68.30 -33.76
N LEU H 29 -13.59 -68.06 -35.05
CA LEU H 29 -14.92 -67.63 -35.50
C LEU H 29 -15.77 -68.75 -36.15
N ASN H 30 -15.33 -70.00 -36.04
CA ASN H 30 -16.01 -71.11 -36.69
C ASN H 30 -17.48 -71.21 -36.30
N GLY H 31 -17.77 -71.09 -35.01
CA GLY H 31 -19.14 -71.14 -34.54
C GLY H 31 -19.98 -70.12 -35.26
N LEU H 32 -19.50 -68.87 -35.30
CA LEU H 32 -20.23 -67.79 -35.95
C LEU H 32 -20.38 -68.03 -37.47
N SER H 33 -19.29 -68.34 -38.16
CA SER H 33 -19.35 -68.63 -39.61
C SER H 33 -20.33 -69.74 -39.94
N ASP H 34 -20.27 -70.80 -39.16
CA ASP H 34 -21.15 -71.93 -39.41
C ASP H 34 -22.61 -71.49 -39.25
N SER H 35 -22.94 -70.71 -38.23
CA SER H 35 -24.30 -70.18 -38.04
C SER H 35 -24.76 -69.28 -39.15
N LEU H 36 -23.88 -68.40 -39.59
CA LEU H 36 -24.20 -67.50 -40.69
C LEU H 36 -24.46 -68.28 -41.97
N ASN H 37 -23.65 -69.30 -42.22
CA ASN H 37 -23.81 -70.11 -43.39
C ASN H 37 -25.17 -70.88 -43.37
N ARG H 38 -25.53 -71.43 -42.22
CA ARG H 38 -26.79 -72.14 -42.06
C ARG H 38 -27.99 -71.25 -42.17
N MET H 39 -27.85 -70.07 -41.61
CA MET H 39 -28.93 -69.09 -41.56
C MET H 39 -29.21 -68.49 -42.93
N GLY H 40 -28.16 -68.12 -43.66
CA GLY H 40 -28.28 -67.60 -45.02
C GLY H 40 -29.03 -66.28 -45.17
N THR H 41 -29.04 -65.45 -44.13
CA THR H 41 -29.73 -64.16 -44.22
C THR H 41 -28.78 -63.00 -43.96
N ILE H 42 -28.02 -63.06 -42.88
CA ILE H 42 -27.02 -62.05 -42.66
C ILE H 42 -25.82 -62.32 -43.56
N GLU H 43 -25.36 -61.30 -44.25
CA GLU H 43 -24.28 -61.45 -45.20
C GLU H 43 -22.90 -61.16 -44.59
N TRP H 44 -21.93 -62.02 -44.84
CA TRP H 44 -20.58 -61.80 -44.33
C TRP H 44 -19.80 -60.93 -45.31
N MET H 45 -19.28 -59.78 -44.84
CA MET H 45 -18.52 -58.89 -45.71
C MET H 45 -17.03 -59.01 -45.38
N SER H 46 -16.27 -59.64 -46.25
CA SER H 46 -14.87 -59.92 -45.97
C SER H 46 -13.94 -58.81 -46.44
N THR H 47 -13.25 -58.14 -45.52
CA THR H 47 -12.33 -57.08 -45.90
C THR H 47 -10.91 -57.63 -45.88
N ARG H 48 -9.95 -56.82 -46.31
CA ARG H 48 -8.55 -57.27 -46.31
C ARG H 48 -7.88 -57.00 -44.96
N HIS H 49 -8.36 -56.00 -44.23
CA HIS H 49 -7.83 -55.69 -42.90
C HIS H 49 -9.04 -55.43 -42.01
N GLU H 50 -9.04 -55.97 -40.80
CA GLU H 50 -10.20 -55.80 -39.92
C GLU H 50 -10.45 -54.33 -39.56
N GLU H 51 -9.40 -53.49 -39.61
CA GLU H 51 -9.57 -52.09 -39.31
C GLU H 51 -10.64 -51.53 -40.25
N VAL H 52 -10.57 -51.95 -41.51
CA VAL H 52 -11.49 -51.48 -42.53
C VAL H 52 -12.90 -52.00 -42.24
N ALA H 53 -13.00 -53.24 -41.73
CA ALA H 53 -14.31 -53.77 -41.37
C ALA H 53 -14.99 -52.84 -40.35
N ALA H 54 -14.22 -52.38 -39.36
CA ALA H 54 -14.76 -51.52 -38.32
C ALA H 54 -15.18 -50.14 -38.89
N PHE H 55 -14.32 -49.51 -39.68
CA PHE H 55 -14.68 -48.26 -40.29
C PHE H 55 -15.96 -48.44 -41.10
N ALA H 56 -16.01 -49.51 -41.90
CA ALA H 56 -17.12 -49.73 -42.81
C ALA H 56 -18.41 -49.91 -42.01
N ALA H 57 -18.37 -50.70 -40.94
CA ALA H 57 -19.55 -50.89 -40.11
C ALA H 57 -20.00 -49.55 -39.56
N GLY H 58 -19.05 -48.73 -39.10
CA GLY H 58 -19.40 -47.41 -38.62
C GLY H 58 -20.09 -46.56 -39.69
N ALA H 59 -19.62 -46.67 -40.94
CA ALA H 59 -20.27 -45.90 -42.02
C ALA H 59 -21.70 -46.41 -42.26
N GLU H 60 -21.86 -47.74 -42.21
CA GLU H 60 -23.17 -48.33 -42.38
C GLU H 60 -24.10 -47.84 -41.28
N ALA H 61 -23.63 -47.86 -40.04
CA ALA H 61 -24.48 -47.42 -38.94
C ALA H 61 -24.83 -45.91 -39.05
N GLN H 62 -23.85 -45.11 -39.45
CA GLN H 62 -24.09 -43.70 -39.66
C GLN H 62 -25.23 -43.46 -40.67
N LEU H 63 -25.19 -44.19 -41.77
CA LEU H 63 -26.15 -43.95 -42.84
C LEU H 63 -27.51 -44.54 -42.57
N SER H 64 -27.54 -45.74 -42.01
CA SER H 64 -28.82 -46.42 -41.83
C SER H 64 -29.53 -45.97 -40.57
N GLY H 65 -28.78 -45.46 -39.60
CA GLY H 65 -29.35 -45.16 -38.30
C GLY H 65 -29.59 -46.44 -37.50
N GLU H 66 -29.02 -47.56 -37.94
CA GLU H 66 -29.33 -48.85 -37.31
C GLU H 66 -28.09 -49.63 -36.91
N LEU H 67 -28.25 -50.57 -35.99
CA LEU H 67 -27.14 -51.36 -35.49
C LEU H 67 -26.33 -51.96 -36.64
N ALA H 68 -25.02 -51.77 -36.62
CA ALA H 68 -24.11 -52.46 -37.55
C ALA H 68 -23.18 -53.36 -36.75
N VAL H 69 -22.56 -54.32 -37.42
CA VAL H 69 -21.79 -55.34 -36.70
C VAL H 69 -20.49 -55.64 -37.40
N CYS H 70 -19.42 -55.75 -36.65
CA CYS H 70 -18.17 -56.25 -37.20
C CYS H 70 -17.60 -57.35 -36.30
N ALA H 71 -16.62 -58.09 -36.79
CA ALA H 71 -16.10 -59.23 -36.04
C ALA H 71 -14.65 -59.45 -36.35
N GLY H 72 -13.91 -60.00 -35.40
CA GLY H 72 -12.49 -60.28 -35.62
C GLY H 72 -12.12 -61.56 -34.94
N SER H 73 -11.17 -62.29 -35.51
CA SER H 73 -10.69 -63.53 -34.90
C SER H 73 -9.87 -63.25 -33.63
N CYS H 74 -9.41 -64.30 -32.98
CA CYS H 74 -8.74 -64.08 -31.69
C CYS H 74 -7.42 -63.34 -31.83
N GLY H 75 -7.02 -62.68 -30.76
CA GLY H 75 -5.76 -61.98 -30.74
C GLY H 75 -5.70 -60.90 -31.80
N PRO H 76 -4.78 -61.05 -32.76
CA PRO H 76 -4.54 -60.03 -33.79
C PRO H 76 -5.80 -59.68 -34.59
N GLY H 77 -6.67 -60.66 -34.79
CA GLY H 77 -7.85 -60.46 -35.63
C GLY H 77 -8.71 -59.33 -35.07
N ASN H 78 -9.21 -59.51 -33.86
CA ASN H 78 -10.06 -58.51 -33.28
C ASN H 78 -9.25 -57.28 -32.91
N LEU H 79 -7.99 -57.47 -32.55
CA LEU H 79 -7.15 -56.30 -32.22
C LEU H 79 -7.13 -55.33 -33.40
N HIS H 80 -7.08 -55.88 -34.62
CA HIS H 80 -7.10 -55.04 -35.81
C HIS H 80 -8.31 -54.08 -35.91
N LEU H 81 -9.40 -54.39 -35.18
CA LEU H 81 -10.60 -53.57 -35.25
C LEU H 81 -10.41 -52.24 -34.53
N ILE H 82 -9.45 -52.18 -33.62
CA ILE H 82 -9.48 -51.15 -32.59
C ILE H 82 -9.54 -49.71 -33.11
N ASN H 83 -8.72 -49.35 -34.08
CA ASN H 83 -8.71 -47.98 -34.53
C ASN H 83 -10.04 -47.61 -35.17
N GLY H 84 -10.63 -48.56 -35.89
CA GLY H 84 -11.94 -48.32 -36.49
C GLY H 84 -13.06 -48.24 -35.46
N LEU H 85 -12.94 -49.02 -34.38
CA LEU H 85 -13.92 -48.93 -33.32
C LEU H 85 -13.84 -47.60 -32.57
N PHE H 86 -12.63 -47.05 -32.40
CA PHE H 86 -12.52 -45.70 -31.84
C PHE H 86 -13.28 -44.74 -32.72
N ASP H 87 -13.13 -44.88 -34.03
CA ASP H 87 -13.87 -43.99 -34.92
C ASP H 87 -15.38 -44.15 -34.76
N CYS H 88 -15.85 -45.39 -34.74
CA CYS H 88 -17.29 -45.65 -34.55
C CYS H 88 -17.78 -45.03 -33.26
N HIS H 89 -17.03 -45.24 -32.18
CA HIS H 89 -17.53 -44.87 -30.88
C HIS H 89 -17.54 -43.35 -30.82
N ARG H 90 -16.49 -42.72 -31.33
CA ARG H 90 -16.39 -41.29 -31.30
C ARG H 90 -17.40 -40.62 -32.22
N ASN H 91 -17.83 -41.31 -33.27
CA ASN H 91 -18.87 -40.81 -34.14
C ASN H 91 -20.27 -41.06 -33.59
N HIS H 92 -20.39 -41.73 -32.44
CA HIS H 92 -21.68 -42.02 -31.83
C HIS H 92 -22.59 -42.84 -32.73
N VAL H 93 -22.07 -43.89 -33.34
CA VAL H 93 -22.95 -44.72 -34.16
C VAL H 93 -23.06 -46.10 -33.54
N PRO H 94 -24.24 -46.73 -33.66
CA PRO H 94 -24.48 -48.00 -33.00
C PRO H 94 -23.73 -49.16 -33.69
N VAL H 95 -22.68 -49.66 -33.04
CA VAL H 95 -21.94 -50.78 -33.61
C VAL H 95 -21.64 -51.86 -32.56
N LEU H 96 -21.92 -53.11 -32.91
CA LEU H 96 -21.57 -54.24 -32.08
C LEU H 96 -20.34 -54.92 -32.67
N ALA H 97 -19.29 -55.09 -31.87
CA ALA H 97 -18.10 -55.80 -32.29
C ALA H 97 -18.08 -57.18 -31.61
N ILE H 98 -18.02 -58.24 -32.40
CA ILE H 98 -17.84 -59.55 -31.82
C ILE H 98 -16.37 -59.90 -31.90
N ALA H 99 -15.72 -59.92 -30.74
CA ALA H 99 -14.29 -60.20 -30.69
C ALA H 99 -14.09 -61.66 -30.30
N ALA H 100 -13.82 -62.53 -31.27
CA ALA H 100 -13.54 -63.92 -30.97
C ALA H 100 -12.25 -64.00 -30.14
N HIS H 101 -12.16 -65.00 -29.29
CA HIS H 101 -11.09 -65.03 -28.30
C HIS H 101 -10.51 -66.46 -28.27
N ILE H 102 -9.35 -66.63 -27.67
CA ILE H 102 -8.66 -67.91 -27.63
C ILE H 102 -9.49 -68.90 -26.85
N PRO H 103 -9.20 -70.21 -26.96
CA PRO H 103 -10.03 -71.15 -26.19
C PRO H 103 -9.93 -70.82 -24.71
N SER H 104 -11.05 -70.82 -24.01
CA SER H 104 -11.06 -70.33 -22.63
C SER H 104 -10.13 -71.14 -21.72
N SER H 105 -9.86 -72.40 -22.08
CA SER H 105 -9.01 -73.24 -21.26
C SER H 105 -7.55 -72.75 -21.24
N GLU H 106 -7.16 -71.97 -22.24
CA GLU H 106 -5.78 -71.55 -22.38
C GLU H 106 -5.54 -70.16 -21.79
N ILE H 107 -6.62 -69.48 -21.39
CA ILE H 107 -6.49 -68.12 -20.88
C ILE H 107 -5.57 -68.07 -19.66
N GLY H 108 -4.68 -67.09 -19.62
CA GLY H 108 -3.81 -66.88 -18.48
C GLY H 108 -2.50 -67.62 -18.57
N SER H 109 -2.25 -68.28 -19.69
CA SER H 109 -1.08 -69.16 -19.77
C SER H 109 -0.04 -68.63 -20.73
N GLY H 110 -0.32 -67.50 -21.36
CA GLY H 110 0.58 -66.99 -22.37
C GLY H 110 0.41 -67.82 -23.64
N TYR H 111 -0.83 -68.06 -24.06
CA TYR H 111 -1.09 -68.93 -25.17
C TYR H 111 -0.83 -68.27 -26.52
N PHE H 112 -0.71 -69.08 -27.56
CA PHE H 112 -0.70 -68.58 -28.93
C PHE H 112 -1.82 -67.55 -29.13
N GLN H 113 -1.43 -66.36 -29.60
CA GLN H 113 -2.37 -65.27 -29.86
C GLN H 113 -3.07 -64.67 -28.63
N GLU H 114 -2.69 -65.06 -27.42
CA GLU H 114 -3.39 -64.51 -26.24
C GLU H 114 -3.37 -62.98 -26.15
N THR H 115 -4.55 -62.37 -26.00
CA THR H 115 -4.68 -60.97 -25.65
C THR H 115 -5.83 -60.93 -24.67
N HIS H 116 -6.17 -59.76 -24.16
CA HIS H 116 -7.31 -59.61 -23.29
C HIS H 116 -8.23 -58.52 -23.88
N PRO H 117 -9.02 -58.90 -24.90
CA PRO H 117 -9.83 -57.92 -25.59
C PRO H 117 -10.80 -57.19 -24.64
N GLN H 118 -11.26 -57.89 -23.60
CA GLN H 118 -12.20 -57.30 -22.67
C GLN H 118 -11.57 -56.13 -21.91
N GLU H 119 -10.25 -56.03 -21.89
CA GLU H 119 -9.58 -54.85 -21.34
C GLU H 119 -9.22 -53.84 -22.41
N LEU H 120 -8.70 -54.29 -23.53
CA LEU H 120 -8.25 -53.39 -24.59
C LEU H 120 -9.36 -52.42 -25.07
N PHE H 121 -10.59 -52.92 -25.17
CA PHE H 121 -11.62 -52.15 -25.83
C PHE H 121 -12.45 -51.28 -24.87
N ARG H 122 -12.06 -51.20 -23.60
CA ARG H 122 -12.80 -50.42 -22.60
C ARG H 122 -13.01 -48.97 -23.08
N GLU H 123 -11.94 -48.32 -23.55
CA GLU H 123 -12.02 -46.90 -23.85
C GLU H 123 -12.90 -46.59 -25.08
N CYS H 124 -12.94 -47.51 -26.05
CA CYS H 124 -13.64 -47.22 -27.27
C CYS H 124 -14.98 -47.98 -27.30
N SER H 125 -15.63 -48.08 -26.13
CA SER H 125 -16.93 -48.72 -26.08
C SER H 125 -17.65 -48.25 -24.83
N HIS H 126 -18.95 -48.44 -24.74
CA HIS H 126 -19.56 -48.21 -23.43
C HIS H 126 -20.04 -49.51 -22.79
N TYR H 127 -19.70 -50.64 -23.42
CA TYR H 127 -19.96 -51.94 -22.84
C TYR H 127 -18.95 -52.88 -23.43
N CYS H 128 -18.33 -53.71 -22.59
CA CYS H 128 -17.27 -54.58 -23.08
C CYS H 128 -17.07 -55.75 -22.09
N GLU H 129 -17.45 -56.97 -22.46
CA GLU H 129 -17.39 -58.08 -21.50
C GLU H 129 -17.04 -59.39 -22.15
N LEU H 130 -16.39 -60.26 -21.35
CA LEU H 130 -16.02 -61.57 -21.77
C LEU H 130 -17.15 -62.55 -21.47
N VAL H 131 -17.54 -63.35 -22.46
CA VAL H 131 -18.48 -64.42 -22.25
C VAL H 131 -17.73 -65.72 -21.93
N SER H 132 -17.59 -66.03 -20.64
CA SER H 132 -16.90 -67.23 -20.16
C SER H 132 -17.86 -68.39 -20.16
N SER H 133 -19.12 -68.08 -19.95
CA SER H 133 -20.15 -69.09 -19.75
C SER H 133 -21.33 -68.88 -20.70
N PRO H 134 -21.80 -69.97 -21.32
CA PRO H 134 -22.99 -69.81 -22.17
C PRO H 134 -24.14 -69.13 -21.46
N GLU H 135 -24.28 -69.33 -20.15
CA GLU H 135 -25.39 -68.76 -19.40
C GLU H 135 -25.37 -67.21 -19.42
N GLN H 136 -24.22 -66.61 -19.71
CA GLN H 136 -24.13 -65.17 -19.76
C GLN H 136 -24.77 -64.60 -21.02
N ILE H 137 -24.77 -65.35 -22.12
CA ILE H 137 -25.00 -64.70 -23.41
C ILE H 137 -26.32 -63.92 -23.52
N PRO H 138 -27.42 -64.42 -22.92
CA PRO H 138 -28.63 -63.59 -23.11
C PRO H 138 -28.54 -62.21 -22.47
N GLN H 139 -27.97 -62.12 -21.27
CA GLN H 139 -27.85 -60.82 -20.60
C GLN H 139 -26.79 -59.95 -21.26
N VAL H 140 -25.64 -60.53 -21.55
CA VAL H 140 -24.55 -59.80 -22.14
C VAL H 140 -24.93 -59.24 -23.50
N LEU H 141 -25.53 -60.07 -24.34
CA LEU H 141 -25.95 -59.61 -25.66
C LEU H 141 -27.07 -58.56 -25.58
N ALA H 142 -28.00 -58.74 -24.65
CA ALA H 142 -29.10 -57.79 -24.55
C ALA H 142 -28.58 -56.42 -24.15
N ILE H 143 -27.70 -56.35 -23.16
CA ILE H 143 -27.16 -55.10 -22.71
C ILE H 143 -26.27 -54.52 -23.79
N ALA H 144 -25.39 -55.33 -24.35
CA ALA H 144 -24.53 -54.84 -25.44
C ALA H 144 -25.38 -54.17 -26.55
N MET H 145 -26.42 -54.84 -27.03
CA MET H 145 -27.14 -54.32 -28.16
C MET H 145 -27.94 -53.09 -27.76
N ARG H 146 -28.54 -53.12 -26.57
CA ARG H 146 -29.33 -52.00 -26.13
C ARG H 146 -28.49 -50.74 -25.95
N LYS H 147 -27.32 -50.88 -25.34
CA LYS H 147 -26.45 -49.76 -25.14
C LYS H 147 -25.94 -49.25 -26.48
N ALA H 148 -25.52 -50.14 -27.37
CA ALA H 148 -25.04 -49.69 -28.68
C ALA H 148 -26.09 -48.82 -29.37
N VAL H 149 -27.35 -49.29 -29.36
CA VAL H 149 -28.37 -48.58 -30.10
C VAL H 149 -28.80 -47.30 -29.37
N LEU H 150 -29.14 -47.40 -28.10
CA LEU H 150 -29.72 -46.25 -27.41
C LEU H 150 -28.69 -45.25 -26.90
N ASN H 151 -27.52 -45.73 -26.45
CA ASN H 151 -26.46 -44.80 -26.07
C ASN H 151 -25.62 -44.38 -27.24
N ARG H 152 -25.85 -44.98 -28.41
CA ARG H 152 -25.21 -44.56 -29.66
C ARG H 152 -23.69 -44.66 -29.63
N GLY H 153 -23.19 -45.88 -29.70
CA GLY H 153 -21.78 -46.12 -29.67
C GLY H 153 -21.48 -47.59 -29.78
N VAL H 154 -20.26 -47.96 -29.43
CA VAL H 154 -19.78 -49.31 -29.65
C VAL H 154 -19.98 -50.15 -28.43
N SER H 155 -20.42 -51.39 -28.63
CA SER H 155 -20.41 -52.40 -27.57
C SER H 155 -19.56 -53.56 -28.07
N VAL H 156 -18.82 -54.19 -27.17
CA VAL H 156 -17.99 -55.30 -27.51
C VAL H 156 -18.35 -56.56 -26.73
N VAL H 157 -18.51 -57.67 -27.43
CA VAL H 157 -18.76 -58.96 -26.80
C VAL H 157 -17.58 -59.85 -27.15
N VAL H 158 -16.87 -60.34 -26.13
CA VAL H 158 -15.66 -61.12 -26.33
C VAL H 158 -16.03 -62.56 -26.14
N LEU H 159 -15.77 -63.39 -27.13
CA LEU H 159 -16.35 -64.73 -27.18
C LEU H 159 -15.29 -65.80 -27.52
N PRO H 160 -14.82 -66.52 -26.49
CA PRO H 160 -13.87 -67.59 -26.78
C PRO H 160 -14.48 -68.60 -27.75
N GLY H 161 -13.67 -69.07 -28.69
CA GLY H 161 -14.13 -69.95 -29.73
C GLY H 161 -14.80 -71.22 -29.22
N ASP H 162 -14.33 -71.75 -28.09
CA ASP H 162 -14.93 -72.96 -27.52
C ASP H 162 -16.30 -72.63 -26.93
N VAL H 163 -16.41 -71.50 -26.25
CA VAL H 163 -17.68 -71.10 -25.68
C VAL H 163 -18.73 -70.87 -26.78
N ALA H 164 -18.28 -70.30 -27.90
CA ALA H 164 -19.17 -70.08 -29.03
C ALA H 164 -19.86 -71.35 -29.50
N LEU H 165 -19.18 -72.49 -29.32
CA LEU H 165 -19.67 -73.77 -29.86
C LEU H 165 -20.51 -74.52 -28.85
N LYS H 166 -20.62 -73.99 -27.64
CA LYS H 166 -21.41 -74.66 -26.60
C LYS H 166 -22.90 -74.36 -26.76
N PRO H 167 -23.76 -75.17 -26.15
CA PRO H 167 -25.19 -74.92 -26.28
C PRO H 167 -25.58 -73.60 -25.61
N ALA H 168 -26.36 -72.78 -26.30
CA ALA H 168 -27.00 -71.61 -25.69
C ALA H 168 -28.00 -72.09 -24.64
N PRO H 169 -28.34 -71.24 -23.66
CA PRO H 169 -29.38 -71.58 -22.68
C PRO H 169 -30.70 -71.87 -23.39
N GLU H 170 -31.40 -72.92 -23.00
CA GLU H 170 -32.59 -73.34 -23.75
C GLU H 170 -33.78 -72.38 -23.69
N GLY H 171 -33.93 -71.66 -22.59
CA GLY H 171 -35.09 -70.77 -22.45
C GLY H 171 -34.85 -69.37 -23.03
N ALA H 172 -33.65 -69.11 -23.50
CA ALA H 172 -33.28 -67.77 -23.97
C ALA H 172 -34.15 -67.36 -25.15
N THR H 173 -34.47 -66.07 -25.25
CA THR H 173 -35.25 -65.64 -26.39
C THR H 173 -34.41 -64.85 -27.36
N MET H 174 -34.72 -65.01 -28.63
CA MET H 174 -33.97 -64.35 -29.69
C MET H 174 -34.75 -63.19 -30.31
N HIS H 175 -36.05 -63.06 -29.99
CA HIS H 175 -36.81 -61.91 -30.47
C HIS H 175 -36.28 -60.60 -29.93
N TRP H 176 -36.16 -59.58 -30.77
CA TRP H 176 -35.69 -58.27 -30.33
C TRP H 176 -36.79 -57.23 -30.43
N TYR H 177 -37.11 -56.57 -29.32
CA TYR H 177 -38.04 -55.46 -29.38
C TYR H 177 -37.30 -54.15 -29.68
N HIS H 178 -37.62 -53.47 -30.76
CA HIS H 178 -36.95 -52.19 -31.09
C HIS H 178 -37.53 -51.08 -30.23
N ALA H 179 -36.77 -50.58 -29.26
CA ALA H 179 -37.20 -49.40 -28.51
C ALA H 179 -36.56 -48.14 -29.10
N PRO H 180 -37.40 -47.21 -29.58
CA PRO H 180 -36.90 -45.93 -30.10
C PRO H 180 -36.34 -45.03 -28.96
N GLN H 181 -35.59 -43.98 -29.33
CA GLN H 181 -35.23 -42.97 -28.33
C GLN H 181 -36.46 -42.45 -27.63
N PRO H 182 -36.33 -42.07 -26.37
CA PRO H 182 -37.45 -41.38 -25.72
C PRO H 182 -37.50 -39.91 -26.17
N VAL H 183 -38.56 -39.22 -25.82
CA VAL H 183 -38.62 -37.78 -25.96
C VAL H 183 -37.94 -37.19 -24.73
N VAL H 184 -36.93 -36.35 -24.94
CA VAL H 184 -36.28 -35.72 -23.80
CA VAL H 184 -36.28 -35.73 -23.79
C VAL H 184 -36.23 -34.22 -23.92
N THR H 185 -36.86 -33.57 -22.97
CA THR H 185 -36.99 -32.15 -23.04
C THR H 185 -36.87 -31.55 -21.64
N PRO H 186 -36.26 -30.36 -21.55
CA PRO H 186 -36.02 -29.78 -20.23
C PRO H 186 -37.32 -29.47 -19.53
N GLU H 187 -37.30 -29.54 -18.21
CA GLU H 187 -38.40 -29.07 -17.40
C GLU H 187 -38.95 -27.68 -17.85
N GLU H 188 -40.29 -27.47 -17.82
CA GLU H 188 -40.91 -26.23 -18.26
C GLU H 188 -40.26 -25.01 -17.62
N GLU H 189 -39.93 -25.08 -16.34
CA GLU H 189 -39.35 -23.94 -15.70
C GLU H 189 -37.99 -23.55 -16.25
N GLU H 190 -37.22 -24.54 -16.67
CA GLU H 190 -35.96 -24.26 -17.29
C GLU H 190 -36.13 -23.59 -18.64
N LEU H 191 -37.12 -24.02 -19.42
CA LEU H 191 -37.40 -23.37 -20.69
C LEU H 191 -37.83 -21.91 -20.51
N ARG H 192 -38.65 -21.66 -19.50
CA ARG H 192 -39.07 -20.30 -19.22
C ARG H 192 -37.87 -19.44 -18.84
N LYS H 193 -36.93 -20.02 -18.07
CA LYS H 193 -35.73 -19.29 -17.69
C LYS H 193 -34.88 -18.95 -18.92
N LEU H 194 -34.74 -19.93 -19.80
CA LEU H 194 -34.00 -19.72 -21.03
C LEU H 194 -34.65 -18.63 -21.88
N ALA H 195 -35.97 -18.70 -22.04
CA ALA H 195 -36.68 -17.70 -22.83
C ALA H 195 -36.48 -16.31 -22.24
N GLN H 196 -36.54 -16.20 -20.92
CA GLN H 196 -36.30 -14.94 -20.28
C GLN H 196 -34.89 -14.44 -20.53
N LEU H 197 -33.90 -15.35 -20.44
CA LEU H 197 -32.52 -14.99 -20.67
C LEU H 197 -32.35 -14.44 -22.10
N LEU H 198 -32.93 -15.13 -23.08
CA LEU H 198 -32.82 -14.70 -24.47
C LEU H 198 -33.48 -13.36 -24.70
N ARG H 199 -34.57 -13.11 -24.00
CA ARG H 199 -35.29 -11.87 -24.13
C ARG H 199 -34.35 -10.68 -23.73
N TYR H 200 -33.41 -10.90 -22.82
CA TYR H 200 -32.53 -9.85 -22.34
C TYR H 200 -31.10 -10.00 -22.81
N SER H 201 -30.89 -10.78 -23.86
CA SER H 201 -29.55 -10.97 -24.42
C SER H 201 -29.46 -10.32 -25.78
N SER H 202 -28.27 -9.91 -26.18
CA SER H 202 -28.08 -9.35 -27.52
C SER H 202 -26.94 -10.05 -28.24
N ASN H 203 -26.84 -9.81 -29.54
CA ASN H 203 -25.73 -10.30 -30.31
C ASN H 203 -25.51 -11.79 -30.01
N ILE H 204 -26.55 -12.55 -30.32
CA ILE H 204 -26.58 -13.97 -30.06
C ILE H 204 -26.15 -14.73 -31.29
N ALA H 205 -25.27 -15.69 -31.11
CA ALA H 205 -24.92 -16.63 -32.19
C ALA H 205 -25.25 -18.05 -31.73
N LEU H 206 -25.57 -18.92 -32.69
CA LEU H 206 -25.79 -20.32 -32.37
C LEU H 206 -24.63 -21.13 -32.93
N MET H 207 -24.05 -22.01 -32.11
CA MET H 207 -23.02 -22.93 -32.58
C MET H 207 -23.68 -24.30 -32.64
N CYS H 208 -23.85 -24.83 -33.85
CA CYS H 208 -24.68 -26.02 -34.02
C CYS H 208 -23.87 -27.19 -34.51
N GLY H 209 -24.05 -28.35 -33.86
CA GLY H 209 -23.39 -29.58 -34.22
C GLY H 209 -24.37 -30.65 -34.66
N SER H 210 -23.91 -31.90 -34.72
CA SER H 210 -24.75 -32.97 -35.29
C SER H 210 -25.95 -33.30 -34.43
N GLY H 211 -25.96 -32.80 -33.20
CA GLY H 211 -27.13 -32.93 -32.34
C GLY H 211 -28.37 -32.26 -32.92
N CYS H 212 -28.16 -31.36 -33.91
CA CYS H 212 -29.26 -30.69 -34.59
C CYS H 212 -29.85 -31.54 -35.72
N ALA H 213 -29.27 -32.71 -35.99
CA ALA H 213 -29.81 -33.58 -37.03
C ALA H 213 -31.30 -33.81 -36.80
N GLY H 214 -32.12 -33.63 -37.82
CA GLY H 214 -33.55 -33.85 -37.64
C GLY H 214 -34.33 -32.64 -37.15
N ALA H 215 -33.61 -31.56 -36.78
CA ALA H 215 -34.23 -30.37 -36.21
C ALA H 215 -34.06 -29.14 -37.11
N HIS H 216 -33.77 -29.36 -38.38
CA HIS H 216 -33.50 -28.26 -39.30
C HIS H 216 -34.58 -27.17 -39.27
N LYS H 217 -35.83 -27.59 -39.40
CA LYS H 217 -36.94 -26.69 -39.42
C LYS H 217 -37.02 -25.81 -38.18
N GLU H 218 -36.91 -26.43 -37.00
CA GLU H 218 -36.97 -25.73 -35.74
C GLU H 218 -35.77 -24.81 -35.57
N LEU H 219 -34.60 -25.31 -35.95
CA LEU H 219 -33.37 -24.54 -35.84
C LEU H 219 -33.46 -23.23 -36.65
N VAL H 220 -33.88 -23.35 -37.90
CA VAL H 220 -33.95 -22.20 -38.76
C VAL H 220 -35.01 -21.21 -38.28
N GLU H 221 -36.11 -21.73 -37.80
CA GLU H 221 -37.17 -20.88 -37.25
C GLU H 221 -36.68 -20.15 -35.99
N PHE H 222 -35.95 -20.85 -35.14
CA PHE H 222 -35.39 -20.27 -33.92
C PHE H 222 -34.42 -19.14 -34.24
N ALA H 223 -33.46 -19.41 -35.12
CA ALA H 223 -32.47 -18.40 -35.52
C ALA H 223 -33.16 -17.15 -36.06
N GLY H 224 -34.18 -17.34 -36.90
CA GLY H 224 -34.89 -16.23 -37.52
C GLY H 224 -35.67 -15.43 -36.49
N LYS H 225 -36.23 -16.12 -35.50
CA LYS H 225 -37.04 -15.49 -34.47
C LYS H 225 -36.20 -14.53 -33.61
N ILE H 226 -35.03 -14.99 -33.15
CA ILE H 226 -34.17 -14.15 -32.30
C ILE H 226 -33.06 -13.43 -33.08
N LYS H 227 -33.03 -13.61 -34.41
CA LYS H 227 -32.01 -12.99 -35.26
C LYS H 227 -30.60 -13.38 -34.87
N ALA H 228 -30.33 -14.67 -34.90
CA ALA H 228 -29.02 -15.19 -34.52
C ALA H 228 -28.35 -15.86 -35.71
N PRO H 229 -27.16 -15.39 -36.09
CA PRO H 229 -26.45 -16.10 -37.13
C PRO H 229 -26.08 -17.49 -36.58
N ILE H 230 -25.96 -18.45 -37.47
CA ILE H 230 -25.61 -19.80 -37.07
C ILE H 230 -24.21 -20.12 -37.57
N VAL H 231 -23.35 -20.63 -36.70
CA VAL H 231 -22.17 -21.29 -37.20
C VAL H 231 -22.27 -22.76 -36.85
N HIS H 232 -21.72 -23.61 -37.70
CA HIS H 232 -21.84 -25.03 -37.45
C HIS H 232 -20.48 -25.68 -37.23
N ALA H 233 -20.44 -26.65 -36.33
CA ALA H 233 -19.26 -27.50 -36.16
C ALA H 233 -19.21 -28.41 -37.36
N LEU H 234 -18.03 -28.95 -37.66
CA LEU H 234 -17.92 -29.78 -38.85
C LEU H 234 -18.98 -30.90 -38.94
N ARG H 235 -19.27 -31.61 -37.86
CA ARG H 235 -20.19 -32.73 -37.98
C ARG H 235 -21.65 -32.22 -38.07
N GLY H 236 -21.84 -30.92 -37.90
CA GLY H 236 -23.16 -30.32 -38.12
C GLY H 236 -23.38 -29.92 -39.58
N LYS H 237 -22.30 -29.86 -40.34
CA LYS H 237 -22.36 -29.31 -41.70
C LYS H 237 -23.48 -29.94 -42.52
N GLU H 238 -23.50 -31.26 -42.61
CA GLU H 238 -24.51 -31.92 -43.47
C GLU H 238 -25.93 -31.69 -42.96
N HIS H 239 -26.08 -31.36 -41.67
CA HIS H 239 -27.41 -31.20 -41.09
C HIS H 239 -27.93 -29.77 -41.04
N VAL H 240 -27.04 -28.80 -41.23
CA VAL H 240 -27.33 -27.43 -40.90
C VAL H 240 -27.08 -26.48 -42.06
N GLU H 241 -26.10 -26.81 -42.91
CA GLU H 241 -25.64 -25.90 -43.94
C GLU H 241 -26.38 -26.06 -45.27
N TYR H 242 -27.69 -25.88 -45.25
CA TYR H 242 -28.46 -25.87 -46.49
C TYR H 242 -29.81 -25.26 -46.13
N ASP H 243 -30.50 -24.70 -47.14
CA ASP H 243 -31.77 -24.01 -46.91
C ASP H 243 -31.73 -23.27 -45.57
N ASN H 244 -30.71 -22.45 -45.39
CA ASN H 244 -30.47 -21.84 -44.10
C ASN H 244 -29.87 -20.45 -44.27
N PRO H 245 -30.74 -19.43 -44.34
CA PRO H 245 -30.22 -18.10 -44.60
C PRO H 245 -29.43 -17.52 -43.42
N TYR H 246 -29.38 -18.24 -42.30
CA TYR H 246 -28.67 -17.74 -41.12
C TYR H 246 -27.27 -18.32 -40.98
N ASP H 247 -26.94 -19.34 -41.79
CA ASP H 247 -25.66 -20.02 -41.64
C ASP H 247 -24.51 -19.22 -42.19
N VAL H 248 -23.49 -19.07 -41.38
CA VAL H 248 -22.38 -18.19 -41.69
C VAL H 248 -21.02 -18.95 -41.76
N GLY H 249 -21.07 -20.28 -41.79
CA GLY H 249 -19.87 -21.07 -41.98
C GLY H 249 -19.36 -21.77 -40.73
N MET H 250 -18.04 -21.90 -40.62
CA MET H 250 -17.40 -22.62 -39.53
C MET H 250 -16.29 -21.79 -38.91
N THR H 251 -15.91 -22.08 -37.67
CA THR H 251 -14.62 -21.64 -37.11
C THR H 251 -13.69 -22.83 -36.98
N GLY H 252 -12.63 -22.64 -36.19
CA GLY H 252 -11.56 -23.59 -36.07
C GLY H 252 -10.59 -23.28 -37.19
N LEU H 253 -9.44 -23.93 -37.19
CA LEU H 253 -8.43 -23.65 -38.17
C LEU H 253 -8.90 -23.88 -39.60
N ILE H 254 -9.82 -24.80 -39.83
CA ILE H 254 -10.26 -25.03 -41.19
C ILE H 254 -11.54 -24.29 -41.51
N GLY H 255 -12.04 -23.52 -40.54
CA GLY H 255 -13.22 -22.69 -40.77
C GLY H 255 -12.82 -21.45 -41.54
N PHE H 256 -13.65 -20.41 -41.49
CA PHE H 256 -13.30 -19.18 -42.18
C PHE H 256 -13.70 -17.95 -41.43
N SER H 257 -13.32 -16.79 -41.97
CA SER H 257 -13.42 -15.54 -41.27
C SER H 257 -14.81 -15.24 -40.69
N SER H 258 -15.85 -15.43 -41.47
CA SER H 258 -17.21 -15.15 -41.00
C SER H 258 -17.58 -16.00 -39.77
N GLY H 259 -17.31 -17.30 -39.84
CA GLY H 259 -17.51 -18.17 -38.68
C GLY H 259 -16.64 -17.72 -37.52
N PHE H 260 -15.38 -17.46 -37.82
CA PHE H 260 -14.48 -17.10 -36.75
C PHE H 260 -14.95 -15.83 -36.02
N HIS H 261 -15.18 -14.74 -36.75
CA HIS H 261 -15.61 -13.49 -36.15
C HIS H 261 -16.98 -13.55 -35.48
N THR H 262 -17.92 -14.28 -36.07
CA THR H 262 -19.26 -14.32 -35.51
C THR H 262 -19.18 -14.95 -34.13
N MET H 263 -18.41 -16.02 -34.04
CA MET H 263 -18.17 -16.69 -32.77
C MET H 263 -17.42 -15.83 -31.77
N MET H 264 -16.31 -15.23 -32.19
CA MET H 264 -15.54 -14.42 -31.27
C MET H 264 -16.30 -13.19 -30.78
N ASN H 265 -17.14 -12.60 -31.62
CA ASN H 265 -17.75 -11.31 -31.29
C ASN H 265 -19.11 -11.38 -30.62
N ALA H 266 -19.71 -12.56 -30.60
CA ALA H 266 -21.02 -12.73 -29.97
C ALA H 266 -20.98 -12.34 -28.49
N ASP H 267 -22.05 -11.75 -27.99
CA ASP H 267 -22.18 -11.48 -26.56
C ASP H 267 -22.91 -12.63 -25.86
N THR H 268 -23.62 -13.44 -26.64
CA THR H 268 -24.36 -14.56 -26.10
C THR H 268 -24.21 -15.67 -27.10
N LEU H 269 -23.87 -16.85 -26.61
CA LEU H 269 -23.59 -17.96 -27.47
C LEU H 269 -24.42 -19.17 -27.03
N VAL H 270 -25.17 -19.76 -27.94
CA VAL H 270 -25.97 -20.92 -27.63
C VAL H 270 -25.38 -22.14 -28.33
N LEU H 271 -24.85 -23.07 -27.53
CA LEU H 271 -24.32 -24.33 -28.08
C LEU H 271 -25.43 -25.35 -28.23
N LEU H 272 -25.76 -25.70 -29.48
CA LEU H 272 -26.84 -26.65 -29.72
C LEU H 272 -26.30 -27.97 -30.25
N GLY H 273 -26.32 -28.99 -29.41
CA GLY H 273 -25.90 -30.31 -29.85
C GLY H 273 -24.51 -30.31 -30.47
N THR H 274 -23.53 -29.77 -29.75
CA THR H 274 -22.17 -29.71 -30.26
C THR H 274 -21.09 -30.08 -29.23
N GLN H 275 -19.97 -30.59 -29.74
CA GLN H 275 -18.81 -31.04 -28.99
C GLN H 275 -17.61 -30.31 -29.59
N PHE H 276 -17.82 -29.28 -30.40
CA PHE H 276 -16.73 -28.52 -31.00
C PHE H 276 -15.59 -28.36 -29.98
N PRO H 277 -14.41 -28.96 -30.27
CA PRO H 277 -13.43 -29.15 -29.20
C PRO H 277 -12.37 -28.07 -29.06
N TYR H 278 -12.31 -27.10 -29.95
CA TYR H 278 -11.16 -26.20 -29.97
C TYR H 278 -11.41 -24.96 -29.08
N ARG H 279 -10.96 -25.09 -27.83
CA ARG H 279 -11.35 -24.18 -26.76
C ARG H 279 -11.05 -22.69 -27.05
N ALA H 280 -9.96 -22.43 -27.77
CA ALA H 280 -9.54 -21.04 -27.94
C ALA H 280 -10.44 -20.28 -28.94
N PHE H 281 -11.31 -21.00 -29.63
CA PHE H 281 -12.21 -20.38 -30.60
C PHE H 281 -13.55 -19.95 -29.99
N TYR H 282 -13.76 -20.26 -28.72
CA TYR H 282 -14.95 -19.76 -28.05
C TYR H 282 -14.65 -18.36 -27.53
N PRO H 283 -15.66 -17.50 -27.43
CA PRO H 283 -15.37 -16.14 -26.95
C PRO H 283 -15.17 -16.09 -25.45
N THR H 284 -14.43 -15.08 -25.00
CA THR H 284 -14.10 -14.91 -23.59
CA THR H 284 -14.11 -14.92 -23.58
C THR H 284 -15.21 -14.18 -22.79
N ASP H 285 -15.69 -13.06 -23.32
CA ASP H 285 -16.67 -12.24 -22.58
CA ASP H 285 -16.65 -12.18 -22.66
C ASP H 285 -18.11 -12.41 -23.09
N ALA H 286 -18.57 -13.66 -23.12
CA ALA H 286 -19.91 -13.95 -23.58
C ALA H 286 -20.64 -14.85 -22.59
N LYS H 287 -21.97 -14.70 -22.52
CA LYS H 287 -22.81 -15.63 -21.79
C LYS H 287 -22.92 -16.86 -22.68
N ILE H 288 -22.63 -18.02 -22.11
CA ILE H 288 -22.73 -19.26 -22.89
C ILE H 288 -23.81 -20.18 -22.34
N ILE H 289 -24.68 -20.59 -23.25
CA ILE H 289 -25.80 -21.47 -22.97
C ILE H 289 -25.55 -22.74 -23.75
N GLN H 290 -25.71 -23.90 -23.11
CA GLN H 290 -25.52 -25.15 -23.83
C GLN H 290 -26.68 -26.10 -23.60
N ILE H 291 -27.18 -26.66 -24.72
CA ILE H 291 -28.25 -27.66 -24.71
C ILE H 291 -27.66 -28.92 -25.33
N ASP H 292 -27.77 -30.05 -24.63
CA ASP H 292 -27.22 -31.31 -25.14
C ASP H 292 -27.96 -32.48 -24.47
N ILE H 293 -28.05 -33.65 -25.10
CA ILE H 293 -28.65 -34.78 -24.41
C ILE H 293 -27.66 -35.46 -23.48
N ASN H 294 -26.37 -35.17 -23.64
CA ASN H 294 -25.36 -35.90 -22.91
C ASN H 294 -24.69 -35.02 -21.88
N PRO H 295 -24.91 -35.33 -20.60
CA PRO H 295 -24.29 -34.52 -19.55
C PRO H 295 -22.78 -34.39 -19.74
N ALA H 296 -22.13 -35.38 -20.30
CA ALA H 296 -20.69 -35.33 -20.46
C ALA H 296 -20.22 -34.27 -21.46
N SER H 297 -21.12 -33.78 -22.29
CA SER H 297 -20.74 -32.79 -23.29
C SER H 297 -20.82 -31.38 -22.68
N ILE H 298 -21.52 -31.26 -21.56
CA ILE H 298 -21.85 -29.95 -21.07
C ILE H 298 -20.67 -29.37 -20.32
N GLY H 299 -20.09 -28.31 -20.88
CA GLY H 299 -18.95 -27.69 -20.26
C GLY H 299 -17.63 -28.37 -20.66
N ALA H 300 -17.66 -29.25 -21.66
CA ALA H 300 -16.47 -29.99 -21.99
C ALA H 300 -15.39 -29.11 -22.64
N HIS H 301 -15.81 -28.07 -23.35
CA HIS H 301 -14.84 -27.23 -24.08
C HIS H 301 -15.10 -25.75 -23.89
N SER H 302 -15.88 -25.39 -22.89
CA SER H 302 -16.09 -23.97 -22.59
C SER H 302 -16.76 -23.86 -21.24
N LYS H 303 -16.70 -22.66 -20.65
CA LYS H 303 -17.54 -22.41 -19.50
C LYS H 303 -19.00 -22.48 -19.95
N VAL H 304 -19.90 -22.66 -18.99
CA VAL H 304 -21.30 -22.69 -19.29
C VAL H 304 -22.07 -21.89 -18.24
N ASP H 305 -22.79 -20.86 -18.68
CA ASP H 305 -23.56 -20.04 -17.76
C ASP H 305 -24.94 -20.60 -17.50
N MET H 306 -25.48 -21.30 -18.49
CA MET H 306 -26.76 -21.99 -18.33
C MET H 306 -26.72 -23.27 -19.15
N ALA H 307 -27.01 -24.39 -18.49
CA ALA H 307 -27.01 -25.70 -19.11
C ALA H 307 -28.41 -26.30 -19.11
N LEU H 308 -28.80 -26.94 -20.20
CA LEU H 308 -30.08 -27.63 -20.25
C LEU H 308 -29.85 -28.99 -20.91
N VAL H 309 -30.46 -30.04 -20.34
CA VAL H 309 -30.40 -31.33 -20.94
C VAL H 309 -31.65 -31.51 -21.76
N GLY H 310 -31.50 -31.78 -23.04
CA GLY H 310 -32.65 -32.00 -23.88
C GLY H 310 -32.24 -32.37 -25.28
N ASP H 311 -33.15 -32.96 -26.01
CA ASP H 311 -32.94 -33.23 -27.42
C ASP H 311 -33.27 -31.95 -28.19
N ILE H 312 -32.48 -31.61 -29.20
CA ILE H 312 -32.65 -30.31 -29.84
C ILE H 312 -34.03 -30.10 -30.44
N LYS H 313 -34.50 -31.09 -31.18
CA LYS H 313 -35.80 -30.98 -31.83
C LYS H 313 -36.90 -30.70 -30.83
N SER H 314 -37.00 -31.52 -29.80
CA SER H 314 -38.12 -31.36 -28.89
C SER H 314 -37.95 -30.11 -27.97
N THR H 315 -36.72 -29.79 -27.60
CA THR H 315 -36.44 -28.57 -26.86
C THR H 315 -36.84 -27.32 -27.64
N LEU H 316 -36.39 -27.22 -28.90
CA LEU H 316 -36.75 -26.05 -29.68
C LEU H 316 -38.27 -25.95 -29.89
N ARG H 317 -38.94 -27.09 -30.07
CA ARG H 317 -40.39 -27.06 -30.24
C ARG H 317 -41.08 -26.52 -29.01
N ALA H 318 -40.57 -26.88 -27.83
CA ALA H 318 -41.18 -26.42 -26.62
C ALA H 318 -40.78 -24.97 -26.31
N LEU H 319 -39.59 -24.58 -26.76
CA LEU H 319 -39.04 -23.27 -26.46
C LEU H 319 -39.65 -22.18 -27.35
N LEU H 320 -39.78 -22.48 -28.64
CA LEU H 320 -40.21 -21.48 -29.60
C LEU H 320 -41.43 -20.64 -29.20
N PRO H 321 -42.50 -21.28 -28.70
CA PRO H 321 -43.68 -20.47 -28.36
C PRO H 321 -43.42 -19.57 -27.17
N LEU H 322 -42.38 -19.85 -26.38
CA LEU H 322 -42.07 -19.03 -25.22
C LEU H 322 -41.20 -17.84 -25.56
N VAL H 323 -40.55 -17.92 -26.72
CA VAL H 323 -39.58 -16.93 -27.14
C VAL H 323 -40.21 -15.81 -27.96
N GLU H 324 -40.01 -14.58 -27.51
CA GLU H 324 -40.54 -13.41 -28.16
C GLU H 324 -39.65 -13.11 -29.37
N GLU H 325 -40.27 -12.71 -30.47
CA GLU H 325 -39.52 -12.30 -31.65
C GLU H 325 -38.71 -11.00 -31.41
N LYS H 326 -37.43 -10.99 -31.81
CA LYS H 326 -36.58 -9.82 -31.64
C LYS H 326 -36.52 -9.02 -32.94
N ALA H 327 -36.60 -7.70 -32.86
CA ALA H 327 -36.51 -6.87 -34.06
C ALA H 327 -35.07 -6.56 -34.47
N ASP H 328 -34.17 -6.53 -33.48
CA ASP H 328 -32.80 -6.09 -33.70
C ASP H 328 -31.96 -7.14 -34.44
N ARG H 329 -31.55 -6.79 -35.65
CA ARG H 329 -30.85 -7.75 -36.52
C ARG H 329 -29.50 -7.25 -37.01
N LYS H 330 -28.92 -6.26 -36.32
CA LYS H 330 -27.60 -5.72 -36.67
C LYS H 330 -26.53 -6.82 -36.67
N PHE H 331 -26.48 -7.61 -35.58
CA PHE H 331 -25.46 -8.60 -35.45
C PHE H 331 -25.57 -9.61 -36.57
N LEU H 332 -26.79 -10.07 -36.82
CA LEU H 332 -27.03 -11.03 -37.89
C LEU H 332 -26.62 -10.46 -39.26
N ASP H 333 -27.02 -9.23 -39.55
CA ASP H 333 -26.70 -8.62 -40.83
C ASP H 333 -25.19 -8.47 -41.06
N LYS H 334 -24.46 -8.10 -40.00
CA LYS H 334 -23.01 -7.99 -40.10
C LYS H 334 -22.37 -9.36 -40.33
N ALA H 335 -22.86 -10.39 -39.63
CA ALA H 335 -22.37 -11.75 -39.87
C ALA H 335 -22.62 -12.19 -41.31
N LEU H 336 -23.79 -11.87 -41.83
CA LEU H 336 -24.12 -12.26 -43.21
C LEU H 336 -23.20 -11.55 -44.22
N GLU H 337 -22.86 -10.31 -43.90
CA GLU H 337 -21.98 -9.56 -44.76
C GLU H 337 -20.57 -10.13 -44.73
N ASP H 338 -20.10 -10.48 -43.53
CA ASP H 338 -18.81 -11.17 -43.40
C ASP H 338 -18.82 -12.47 -44.16
N TYR H 339 -19.94 -13.16 -44.12
CA TYR H 339 -20.06 -14.42 -44.82
C TYR H 339 -19.93 -14.25 -46.33
N ARG H 340 -20.60 -13.24 -46.88
CA ARG H 340 -20.50 -12.91 -48.29
C ARG H 340 -19.03 -12.74 -48.70
N ASP H 341 -18.28 -12.00 -47.89
CA ASP H 341 -16.87 -11.76 -48.16
C ASP H 341 -16.07 -13.05 -48.10
N ALA H 342 -16.32 -13.85 -47.06
CA ALA H 342 -15.59 -15.10 -46.87
C ALA H 342 -15.82 -16.06 -48.02
N ARG H 343 -17.08 -16.22 -48.44
CA ARG H 343 -17.34 -17.16 -49.51
C ARG H 343 -16.70 -16.73 -50.81
N LYS H 344 -16.61 -15.43 -51.02
CA LYS H 344 -15.94 -14.94 -52.20
C LYS H 344 -14.44 -15.25 -52.17
N GLY H 345 -13.84 -15.16 -50.99
CA GLY H 345 -12.43 -15.48 -50.84
C GLY H 345 -12.19 -16.95 -51.15
N LEU H 346 -13.07 -17.79 -50.62
CA LEU H 346 -13.05 -19.22 -50.87
C LEU H 346 -13.14 -19.53 -52.35
N ASP H 347 -14.03 -18.84 -53.04
CA ASP H 347 -14.27 -19.08 -54.46
C ASP H 347 -13.09 -18.68 -55.33
N ASP H 348 -12.36 -17.66 -54.91
CA ASP H 348 -11.20 -17.16 -55.68
C ASP H 348 -10.08 -18.18 -55.70
N LEU H 349 -10.03 -19.01 -54.67
CA LEU H 349 -9.01 -20.04 -54.59
C LEU H 349 -9.34 -21.25 -55.46
N ALA H 350 -10.60 -21.39 -55.87
CA ALA H 350 -11.06 -22.60 -56.57
C ALA H 350 -11.17 -22.38 -58.07
N LYS H 351 -10.08 -21.93 -58.70
CA LYS H 351 -10.13 -21.66 -60.12
CA LYS H 351 -10.09 -21.61 -60.12
C LYS H 351 -9.17 -22.56 -60.88
N PRO H 352 -9.48 -22.82 -62.16
CA PRO H 352 -8.56 -23.59 -62.96
C PRO H 352 -7.31 -22.78 -63.26
N SER H 353 -6.20 -23.45 -63.52
CA SER H 353 -4.95 -22.78 -63.82
C SER H 353 -4.07 -23.70 -64.69
N GLU H 354 -3.07 -23.14 -65.34
CA GLU H 354 -2.15 -23.95 -66.12
C GLU H 354 -0.97 -24.42 -65.28
N LYS H 355 -0.79 -23.77 -64.14
CA LYS H 355 0.33 -24.06 -63.22
C LYS H 355 0.23 -25.43 -62.54
N ALA H 356 -0.90 -25.71 -61.93
CA ALA H 356 -1.01 -26.89 -61.09
C ALA H 356 -2.44 -26.89 -60.67
N ILE H 357 -2.92 -28.05 -60.21
CA ILE H 357 -4.32 -28.10 -59.94
C ILE H 357 -4.49 -27.71 -58.49
N HIS H 358 -5.20 -26.62 -58.26
CA HIS H 358 -5.57 -26.26 -56.90
C HIS H 358 -6.57 -27.28 -56.38
N PRO H 359 -6.27 -27.92 -55.25
CA PRO H 359 -7.19 -28.92 -54.72
C PRO H 359 -8.54 -28.30 -54.43
N GLN H 360 -8.59 -27.00 -54.20
CA GLN H 360 -9.89 -26.44 -53.89
C GLN H 360 -10.76 -26.34 -55.14
N TYR H 361 -10.13 -26.12 -56.28
CA TYR H 361 -10.79 -26.28 -57.57
C TYR H 361 -11.30 -27.71 -57.73
N LEU H 362 -10.45 -28.68 -57.44
CA LEU H 362 -10.86 -30.07 -57.57
C LEU H 362 -12.08 -30.37 -56.72
N ALA H 363 -12.06 -29.94 -55.47
CA ALA H 363 -13.19 -30.18 -54.56
C ALA H 363 -14.46 -29.49 -55.05
N GLN H 364 -14.31 -28.27 -55.54
CA GLN H 364 -15.46 -27.54 -56.05
C GLN H 364 -16.13 -28.27 -57.21
N GLN H 365 -15.32 -28.89 -58.06
CA GLN H 365 -15.85 -29.55 -59.25
C GLN H 365 -16.49 -30.88 -58.86
N ILE H 366 -15.92 -31.54 -57.87
CA ILE H 366 -16.52 -32.75 -57.32
C ILE H 366 -17.95 -32.42 -56.86
N SER H 367 -18.08 -31.34 -56.10
CA SER H 367 -19.39 -30.92 -55.63
C SER H 367 -20.33 -30.60 -56.78
N HIS H 368 -19.79 -29.99 -57.83
CA HIS H 368 -20.61 -29.57 -58.95
C HIS H 368 -21.13 -30.75 -59.77
N PHE H 369 -20.31 -31.77 -59.98
CA PHE H 369 -20.68 -32.89 -60.84
C PHE H 369 -21.25 -34.12 -60.11
N ALA H 370 -21.02 -34.22 -58.80
CA ALA H 370 -21.52 -35.37 -58.05
C ALA H 370 -23.05 -35.36 -57.98
N ALA H 371 -23.66 -36.51 -57.72
CA ALA H 371 -25.13 -36.61 -57.66
C ALA H 371 -25.69 -35.69 -56.59
N ASP H 372 -26.92 -35.27 -56.75
CA ASP H 372 -27.36 -34.37 -55.72
C ASP H 372 -27.88 -35.11 -54.47
N ASP H 373 -27.69 -36.44 -54.42
CA ASP H 373 -27.79 -37.20 -53.17
C ASP H 373 -26.57 -38.05 -52.92
N ALA H 374 -25.43 -37.62 -53.46
CA ALA H 374 -24.19 -38.38 -53.26
C ALA H 374 -23.85 -38.49 -51.79
N ILE H 375 -23.17 -39.58 -51.45
CA ILE H 375 -22.56 -39.73 -50.15
C ILE H 375 -21.07 -39.49 -50.29
N PHE H 376 -20.55 -38.50 -49.55
CA PHE H 376 -19.12 -38.19 -49.61
C PHE H 376 -18.42 -38.66 -48.36
N THR H 377 -17.23 -39.23 -48.53
CA THR H 377 -16.35 -39.46 -47.39
C THR H 377 -15.06 -38.71 -47.68
N CYS H 378 -14.36 -38.31 -46.63
CA CYS H 378 -13.12 -37.56 -46.84
C CYS H 378 -12.05 -37.93 -45.82
N ASP H 379 -10.82 -38.13 -46.30
CA ASP H 379 -9.71 -38.52 -45.43
C ASP H 379 -9.33 -37.40 -44.48
N VAL H 380 -8.93 -37.78 -43.27
CA VAL H 380 -8.32 -36.83 -42.38
C VAL H 380 -7.05 -36.31 -43.07
N GLY H 381 -6.89 -34.98 -43.11
CA GLY H 381 -5.85 -34.33 -43.90
C GLY H 381 -6.50 -33.24 -44.75
N THR H 382 -5.82 -32.78 -45.80
CA THR H 382 -6.38 -31.70 -46.59
C THR H 382 -7.78 -32.03 -47.15
N PRO H 383 -8.06 -33.30 -47.44
CA PRO H 383 -9.39 -33.54 -48.00
C PRO H 383 -10.52 -33.12 -47.06
N THR H 384 -10.29 -33.21 -45.76
CA THR H 384 -11.28 -32.73 -44.79
C THR H 384 -11.47 -31.21 -44.91
N VAL H 385 -10.38 -30.48 -45.09
CA VAL H 385 -10.47 -29.07 -45.27
C VAL H 385 -11.30 -28.75 -46.51
N TRP H 386 -11.00 -29.42 -47.62
CA TRP H 386 -11.65 -29.05 -48.88
C TRP H 386 -13.13 -29.43 -48.85
N ALA H 387 -13.43 -30.57 -48.24
CA ALA H 387 -14.81 -31.00 -48.09
C ALA H 387 -15.55 -29.98 -47.27
N ALA H 388 -14.99 -29.61 -46.13
CA ALA H 388 -15.63 -28.62 -45.25
C ALA H 388 -15.94 -27.32 -46.00
N ARG H 389 -15.02 -26.89 -46.84
CA ARG H 389 -15.13 -25.57 -47.44
C ARG H 389 -15.82 -25.58 -48.78
N TYR H 390 -15.85 -26.71 -49.49
CA TYR H 390 -16.32 -26.68 -50.87
C TYR H 390 -17.49 -27.62 -51.23
N LEU H 391 -17.80 -28.60 -50.38
CA LEU H 391 -18.93 -29.46 -50.67
C LEU H 391 -20.23 -28.76 -50.37
N LYS H 392 -21.11 -28.65 -51.35
CA LYS H 392 -22.41 -28.07 -51.09
C LYS H 392 -23.41 -29.14 -50.62
N MET H 393 -23.97 -28.95 -49.42
CA MET H 393 -24.93 -29.88 -48.86
C MET H 393 -26.35 -29.41 -49.18
N ASN H 394 -27.33 -30.32 -49.04
CA ASN H 394 -28.69 -29.97 -49.46
C ASN H 394 -29.77 -30.74 -48.77
N GLY H 395 -29.42 -31.47 -47.72
CA GLY H 395 -30.41 -32.25 -46.99
C GLY H 395 -30.56 -33.67 -47.54
N LYS H 396 -29.90 -33.96 -48.66
CA LYS H 396 -29.91 -35.32 -49.20
C LYS H 396 -28.51 -35.89 -49.24
N ARG H 397 -27.55 -35.08 -49.68
CA ARG H 397 -26.13 -35.45 -49.61
C ARG H 397 -25.68 -35.73 -48.19
N ARG H 398 -24.65 -36.56 -48.07
CA ARG H 398 -24.10 -36.91 -46.77
C ARG H 398 -22.61 -36.73 -46.77
N LEU H 399 -22.06 -36.45 -45.62
CA LEU H 399 -20.61 -36.30 -45.48
C LEU H 399 -20.14 -37.13 -44.29
N LEU H 400 -19.29 -38.11 -44.54
CA LEU H 400 -18.72 -38.89 -43.44
C LEU H 400 -17.21 -38.66 -43.38
N GLY H 401 -16.65 -38.71 -42.18
CA GLY H 401 -15.21 -38.62 -42.03
C GLY H 401 -14.81 -39.21 -40.69
N SER H 402 -13.56 -38.98 -40.31
CA SER H 402 -13.12 -39.35 -39.00
C SER H 402 -12.87 -38.05 -38.23
N PHE H 403 -13.95 -37.32 -37.98
CA PHE H 403 -13.82 -35.94 -37.53
C PHE H 403 -13.48 -35.78 -36.05
N ASN H 404 -13.87 -36.76 -35.23
CA ASN H 404 -13.58 -36.71 -33.81
C ASN H 404 -12.32 -37.51 -33.47
N HIS H 405 -12.22 -38.73 -34.02
CA HIS H 405 -11.12 -39.59 -33.68
C HIS H 405 -9.89 -39.16 -34.50
N GLY H 406 -10.13 -38.58 -35.68
CA GLY H 406 -9.07 -37.94 -36.42
C GLY H 406 -8.06 -38.90 -37.03
N SER H 407 -8.53 -40.04 -37.54
CA SER H 407 -7.63 -41.01 -38.12
C SER H 407 -7.43 -40.80 -39.61
N MET H 408 -6.19 -40.78 -40.05
CA MET H 408 -5.92 -40.94 -41.49
C MET H 408 -6.62 -42.20 -42.03
N ALA H 409 -6.84 -42.22 -43.32
CA ALA H 409 -7.14 -43.47 -44.06
C ALA H 409 -8.58 -43.94 -43.92
N ASN H 410 -9.43 -43.08 -43.41
CA ASN H 410 -10.82 -43.45 -43.16
C ASN H 410 -11.70 -43.42 -44.43
N ALA H 411 -11.34 -42.59 -45.40
CA ALA H 411 -12.26 -42.28 -46.48
C ALA H 411 -12.70 -43.49 -47.30
N MET H 412 -11.73 -44.25 -47.81
CA MET H 412 -12.12 -45.37 -48.64
C MET H 412 -12.83 -46.44 -47.84
N PRO H 413 -12.31 -46.77 -46.65
CA PRO H 413 -13.05 -47.77 -45.87
C PRO H 413 -14.48 -47.34 -45.56
N GLN H 414 -14.71 -46.07 -45.22
CA GLN H 414 -16.07 -45.62 -44.97
C GLN H 414 -16.90 -45.69 -46.25
N ALA H 415 -16.28 -45.38 -47.38
CA ALA H 415 -16.97 -45.43 -48.66
C ALA H 415 -17.45 -46.86 -48.94
N LEU H 416 -16.62 -47.81 -48.59
CA LEU H 416 -16.95 -49.21 -48.74
C LEU H 416 -18.23 -49.55 -48.00
N GLY H 417 -18.32 -49.10 -46.74
CA GLY H 417 -19.51 -49.34 -45.93
C GLY H 417 -20.72 -48.60 -46.49
N ALA H 418 -20.51 -47.34 -46.91
CA ALA H 418 -21.60 -46.54 -47.46
C ALA H 418 -22.16 -47.23 -48.69
N GLN H 419 -21.28 -47.59 -49.62
CA GLN H 419 -21.72 -48.17 -50.85
C GLN H 419 -22.49 -49.48 -50.63
N ALA H 420 -22.05 -50.32 -49.70
CA ALA H 420 -22.74 -51.58 -49.48
C ALA H 420 -24.12 -51.33 -48.87
N THR H 421 -24.22 -50.28 -48.06
CA THR H 421 -25.46 -49.98 -47.38
C THR H 421 -26.46 -49.37 -48.34
N GLU H 422 -25.97 -48.55 -49.25
CA GLU H 422 -26.81 -47.92 -50.28
C GLU H 422 -26.33 -48.27 -51.69
N PRO H 423 -26.60 -49.49 -52.15
CA PRO H 423 -26.01 -49.93 -53.41
C PRO H 423 -26.38 -49.09 -54.66
N GLU H 424 -27.50 -48.38 -54.60
CA GLU H 424 -27.97 -47.61 -55.76
C GLU H 424 -27.45 -46.16 -55.74
N ARG H 425 -26.77 -45.79 -54.67
CA ARG H 425 -26.42 -44.41 -54.44
C ARG H 425 -24.97 -44.13 -54.87
N GLN H 426 -24.70 -42.92 -55.35
CA GLN H 426 -23.33 -42.57 -55.70
C GLN H 426 -22.50 -42.28 -54.44
N VAL H 427 -21.33 -42.88 -54.34
CA VAL H 427 -20.45 -42.67 -53.20
C VAL H 427 -19.09 -42.18 -53.69
N VAL H 428 -18.65 -41.06 -53.14
CA VAL H 428 -17.41 -40.43 -53.60
C VAL H 428 -16.45 -40.32 -52.44
N ALA H 429 -15.34 -41.03 -52.52
CA ALA H 429 -14.31 -40.98 -51.48
C ALA H 429 -13.22 -39.97 -51.83
N MET H 430 -13.14 -38.90 -51.04
CA MET H 430 -12.09 -37.90 -51.23
C MET H 430 -10.89 -38.32 -50.39
N CYS H 431 -9.92 -38.98 -51.03
CA CYS H 431 -8.80 -39.59 -50.31
C CYS H 431 -7.52 -38.81 -50.40
N GLY H 432 -6.71 -38.93 -49.36
CA GLY H 432 -5.33 -38.45 -49.43
C GLY H 432 -4.50 -39.57 -50.02
N ASP H 433 -3.33 -39.23 -50.51
CA ASP H 433 -2.42 -40.25 -51.00
C ASP H 433 -1.86 -41.03 -49.82
N GLY H 434 -1.65 -40.33 -48.70
CA GLY H 434 -1.23 -41.00 -47.47
C GLY H 434 -2.36 -41.92 -47.00
N GLY H 435 -3.56 -41.38 -46.93
CA GLY H 435 -4.71 -42.14 -46.44
C GLY H 435 -5.01 -43.36 -47.30
N PHE H 436 -5.06 -43.17 -48.61
CA PHE H 436 -5.34 -44.26 -49.50
C PHE H 436 -4.29 -45.34 -49.34
N SER H 437 -3.02 -44.97 -49.33
CA SER H 437 -2.01 -46.02 -49.29
C SER H 437 -1.88 -46.66 -47.91
N MET H 438 -2.31 -45.95 -46.87
CA MET H 438 -2.21 -46.48 -45.50
C MET H 438 -3.05 -47.76 -45.31
N LEU H 439 -4.19 -47.84 -45.99
CA LEU H 439 -5.03 -49.05 -45.98
C LEU H 439 -5.31 -49.55 -47.40
N MET H 440 -4.30 -49.46 -48.25
CA MET H 440 -4.45 -49.70 -49.68
C MET H 440 -5.00 -51.08 -50.02
N GLY H 441 -4.78 -52.06 -49.16
CA GLY H 441 -5.14 -53.44 -49.46
C GLY H 441 -6.64 -53.55 -49.71
N ASP H 442 -7.42 -52.75 -49.02
CA ASP H 442 -8.86 -52.86 -49.17
C ASP H 442 -9.39 -52.21 -50.43
N PHE H 443 -8.49 -51.60 -51.20
CA PHE H 443 -8.85 -51.23 -52.54
C PHE H 443 -9.33 -52.50 -53.25
N LEU H 444 -8.69 -53.62 -52.96
CA LEU H 444 -9.10 -54.89 -53.57
C LEU H 444 -10.51 -55.29 -53.15
N SER H 445 -10.99 -54.78 -52.03
CA SER H 445 -12.34 -55.09 -51.59
C SER H 445 -13.37 -54.41 -52.50
N VAL H 446 -13.00 -53.26 -53.02
CA VAL H 446 -13.86 -52.56 -53.94
C VAL H 446 -14.17 -53.44 -55.14
N VAL H 447 -13.16 -54.14 -55.66
CA VAL H 447 -13.37 -55.09 -56.76
C VAL H 447 -14.13 -56.32 -56.28
N GLN H 448 -13.60 -56.99 -55.24
CA GLN H 448 -14.19 -58.23 -54.77
C GLN H 448 -15.66 -58.08 -54.38
N MET H 449 -16.02 -56.96 -53.77
CA MET H 449 -17.41 -56.73 -53.35
C MET H 449 -18.24 -56.06 -54.46
N LYS H 450 -17.57 -55.63 -55.53
CA LYS H 450 -18.23 -54.99 -56.65
C LYS H 450 -19.01 -53.76 -56.21
N LEU H 451 -18.38 -52.90 -55.41
CA LEU H 451 -19.01 -51.69 -54.97
C LEU H 451 -18.48 -50.52 -55.82
N PRO H 452 -19.36 -49.86 -56.58
CA PRO H 452 -18.93 -48.84 -57.55
C PRO H 452 -18.51 -47.52 -56.91
N VAL H 453 -17.67 -47.56 -55.88
CA VAL H 453 -17.25 -46.31 -55.26
C VAL H 453 -16.40 -45.50 -56.23
N LYS H 454 -16.56 -44.18 -56.18
CA LYS H 454 -15.73 -43.27 -56.95
C LYS H 454 -14.64 -42.70 -56.03
N ILE H 455 -13.40 -43.14 -56.23
CA ILE H 455 -12.29 -42.68 -55.41
C ILE H 455 -11.55 -41.54 -56.11
N VAL H 456 -11.44 -40.40 -55.45
CA VAL H 456 -10.66 -39.30 -55.99
C VAL H 456 -9.48 -39.07 -55.06
N VAL H 457 -8.28 -39.31 -55.55
CA VAL H 457 -7.09 -39.14 -54.73
C VAL H 457 -6.53 -37.74 -54.90
N PHE H 458 -6.43 -37.01 -53.80
CA PHE H 458 -5.75 -35.72 -53.80
C PHE H 458 -4.27 -36.00 -53.70
N ASN H 459 -3.66 -36.22 -54.85
CA ASN H 459 -2.29 -36.71 -54.90
C ASN H 459 -1.32 -35.55 -54.82
N ASN H 460 -0.97 -35.16 -53.60
CA ASN H 460 0.02 -34.11 -53.43
C ASN H 460 1.37 -34.70 -53.07
N SER H 461 1.45 -36.01 -53.22
CA SER H 461 2.67 -36.78 -52.98
C SER H 461 3.32 -36.29 -51.70
N VAL H 462 2.47 -36.02 -50.70
CA VAL H 462 2.91 -35.61 -49.39
C VAL H 462 1.86 -35.93 -48.33
N LEU H 463 2.32 -35.96 -47.08
CA LEU H 463 1.46 -35.98 -45.90
C LEU H 463 1.18 -34.53 -45.53
N GLY H 464 0.32 -33.89 -46.32
CA GLY H 464 0.26 -32.43 -46.40
C GLY H 464 -0.30 -31.65 -45.22
N GLY H 479 10.24 -36.93 -44.17
CA GLY H 479 9.32 -37.36 -43.12
C GLY H 479 7.86 -37.14 -43.49
N THR H 480 7.64 -36.12 -44.33
CA THR H 480 6.33 -35.84 -44.88
C THR H 480 6.31 -36.27 -46.35
N GLU H 481 7.50 -36.39 -46.94
CA GLU H 481 7.64 -36.58 -48.37
C GLU H 481 7.35 -38.02 -48.81
N LEU H 482 6.31 -38.18 -49.63
CA LEU H 482 5.98 -39.47 -50.21
C LEU H 482 6.61 -39.62 -51.61
N HIS H 483 6.91 -40.86 -51.98
CA HIS H 483 7.46 -41.13 -53.29
C HIS H 483 6.36 -40.90 -54.33
N ASP H 484 6.69 -40.21 -55.43
CA ASP H 484 5.73 -39.87 -56.51
C ASP H 484 5.03 -41.10 -57.10
N THR H 485 3.79 -41.31 -56.68
CA THR H 485 3.05 -42.53 -57.00
C THR H 485 1.97 -42.31 -58.03
N ASN H 486 1.84 -43.25 -58.94
CA ASN H 486 0.73 -43.19 -59.88
C ASN H 486 -0.38 -44.16 -59.45
N PHE H 487 -1.39 -43.63 -58.78
CA PHE H 487 -2.47 -44.47 -58.29
C PHE H 487 -3.41 -44.96 -59.38
N ALA H 488 -3.50 -44.21 -60.48
CA ALA H 488 -4.30 -44.65 -61.61
C ALA H 488 -3.72 -45.93 -62.17
N ARG H 489 -2.40 -45.99 -62.26
CA ARG H 489 -1.74 -47.17 -62.79
C ARG H 489 -2.03 -48.34 -61.86
N ILE H 490 -2.00 -48.08 -60.56
CA ILE H 490 -2.23 -49.14 -59.58
C ILE H 490 -3.65 -49.66 -59.71
N ALA H 491 -4.61 -48.75 -59.87
CA ALA H 491 -5.99 -49.15 -60.09
C ALA H 491 -6.12 -50.06 -61.30
N GLU H 492 -5.56 -49.66 -62.43
CA GLU H 492 -5.67 -50.45 -63.64
C GLU H 492 -5.13 -51.86 -63.39
N ALA H 493 -4.05 -51.96 -62.64
CA ALA H 493 -3.43 -53.24 -62.39
C ALA H 493 -4.32 -54.11 -61.52
N CYS H 494 -5.18 -53.47 -60.74
CA CYS H 494 -6.12 -54.18 -59.88
C CYS H 494 -7.42 -54.51 -60.60
N GLY H 495 -7.54 -54.08 -61.86
CA GLY H 495 -8.76 -54.32 -62.63
C GLY H 495 -9.86 -53.26 -62.45
N ILE H 496 -9.54 -52.12 -61.84
CA ILE H 496 -10.46 -50.98 -61.74
C ILE H 496 -10.00 -49.87 -62.72
N THR H 497 -10.94 -49.19 -63.37
CA THR H 497 -10.59 -48.03 -64.21
C THR H 497 -9.82 -46.95 -63.44
N GLY H 498 -8.68 -46.53 -63.99
CA GLY H 498 -7.89 -45.45 -63.40
C GLY H 498 -7.73 -44.27 -64.35
N ILE H 499 -7.96 -43.07 -63.85
CA ILE H 499 -7.79 -41.89 -64.64
C ILE H 499 -6.77 -40.98 -63.98
N ARG H 500 -5.68 -40.71 -64.68
CA ARG H 500 -4.62 -39.84 -64.18
C ARG H 500 -4.87 -38.42 -64.65
N VAL H 501 -5.00 -37.50 -63.71
CA VAL H 501 -5.28 -36.10 -64.04
C VAL H 501 -4.15 -35.19 -63.59
N GLU H 502 -3.55 -34.46 -64.52
CA GLU H 502 -2.43 -33.58 -64.21
C GLU H 502 -2.66 -32.14 -64.61
N LYS H 503 -3.58 -31.90 -65.54
CA LYS H 503 -3.89 -30.53 -65.96
C LYS H 503 -5.28 -30.12 -65.49
N ALA H 504 -5.42 -28.90 -65.02
CA ALA H 504 -6.71 -28.43 -64.52
C ALA H 504 -7.82 -28.57 -65.57
N SER H 505 -7.46 -28.41 -66.84
CA SER H 505 -8.44 -28.49 -67.91
C SER H 505 -9.01 -29.91 -68.10
N GLU H 506 -8.31 -30.91 -67.57
CA GLU H 506 -8.75 -32.29 -67.68
C GLU H 506 -9.72 -32.70 -66.57
N VAL H 507 -9.83 -31.88 -65.53
CA VAL H 507 -10.59 -32.25 -64.36
C VAL H 507 -12.08 -32.51 -64.64
N ASP H 508 -12.73 -31.56 -65.30
CA ASP H 508 -14.16 -31.66 -65.55
C ASP H 508 -14.53 -32.97 -66.24
N GLU H 509 -13.86 -33.26 -67.35
CA GLU H 509 -14.19 -34.48 -68.08
C GLU H 509 -13.82 -35.74 -67.28
N ALA H 510 -12.75 -35.69 -66.50
CA ALA H 510 -12.35 -36.87 -65.71
C ALA H 510 -13.41 -37.21 -64.68
N LEU H 511 -13.95 -36.20 -64.01
CA LEU H 511 -14.97 -36.45 -63.01
C LEU H 511 -16.26 -36.96 -63.65
N GLN H 512 -16.65 -36.35 -64.77
CA GLN H 512 -17.87 -36.77 -65.42
C GLN H 512 -17.78 -38.21 -65.90
N ARG H 513 -16.64 -38.59 -66.49
CA ARG H 513 -16.46 -39.96 -66.94
C ARG H 513 -16.49 -40.91 -65.74
N ALA H 514 -15.76 -40.58 -64.68
CA ALA H 514 -15.72 -41.44 -63.51
C ALA H 514 -17.12 -41.70 -62.97
N PHE H 515 -17.94 -40.65 -62.91
CA PHE H 515 -19.27 -40.77 -62.33
C PHE H 515 -20.22 -41.55 -63.23
N SER H 516 -20.03 -41.50 -64.54
CA SER H 516 -20.89 -42.22 -65.49
C SER H 516 -20.56 -43.70 -65.61
N ILE H 517 -19.29 -44.04 -65.45
CA ILE H 517 -18.89 -45.44 -65.61
C ILE H 517 -19.67 -46.32 -64.65
N ASP H 518 -20.18 -47.42 -65.20
CA ASP H 518 -20.96 -48.37 -64.46
C ASP H 518 -20.03 -49.29 -63.67
N GLY H 519 -19.35 -48.75 -62.65
CA GLY H 519 -18.41 -49.51 -61.86
C GLY H 519 -17.53 -48.59 -61.04
N PRO H 520 -16.59 -49.16 -60.26
CA PRO H 520 -15.72 -48.34 -59.42
C PRO H 520 -14.66 -47.66 -60.28
N VAL H 521 -14.20 -46.49 -59.85
CA VAL H 521 -13.21 -45.74 -60.62
C VAL H 521 -12.28 -45.03 -59.66
N LEU H 522 -11.00 -45.01 -59.99
CA LEU H 522 -10.08 -44.17 -59.23
C LEU H 522 -9.57 -43.02 -60.11
N VAL H 523 -9.81 -41.80 -59.65
CA VAL H 523 -9.28 -40.63 -60.31
C VAL H 523 -8.10 -40.10 -59.48
N ASP H 524 -6.93 -40.16 -60.06
CA ASP H 524 -5.68 -39.80 -59.40
C ASP H 524 -5.31 -38.39 -59.84
N VAL H 525 -5.58 -37.41 -58.98
CA VAL H 525 -5.37 -36.02 -59.37
C VAL H 525 -4.15 -35.42 -58.69
N VAL H 526 -3.14 -35.08 -59.50
CA VAL H 526 -1.96 -34.39 -58.97
C VAL H 526 -2.35 -32.97 -58.56
N VAL H 527 -2.28 -32.67 -57.27
CA VAL H 527 -2.68 -31.35 -56.79
C VAL H 527 -1.50 -30.59 -56.14
N ALA H 528 -1.59 -29.25 -56.18
CA ALA H 528 -0.62 -28.34 -55.55
C ALA H 528 -0.70 -28.41 -54.03
N LYS H 529 0.33 -27.89 -53.34
CA LYS H 529 0.28 -27.72 -51.86
C LYS H 529 -0.22 -26.32 -51.54
N GLU H 530 -1.26 -26.23 -50.72
CA GLU H 530 -1.88 -24.94 -50.44
C GLU H 530 -1.68 -24.55 -48.99
N GLU H 531 -2.21 -23.38 -48.64
CA GLU H 531 -2.31 -23.00 -47.23
C GLU H 531 -3.75 -22.91 -46.75
N LEU H 532 -3.93 -23.05 -45.43
CA LEU H 532 -5.25 -22.95 -44.80
C LEU H 532 -5.73 -21.51 -44.80
N ALA H 533 -4.95 -20.62 -44.17
CA ALA H 533 -5.32 -19.23 -44.06
C ALA H 533 -5.66 -18.65 -45.44
N ILE H 534 -6.77 -17.91 -45.50
CA ILE H 534 -7.29 -17.32 -46.76
C ILE H 534 -6.98 -15.80 -46.87
N PRO H 535 -6.50 -15.35 -48.05
CA PRO H 535 -6.20 -13.92 -48.18
C PRO H 535 -7.40 -13.02 -47.85
N PRO H 536 -7.19 -11.98 -47.01
CA PRO H 536 -8.14 -10.87 -46.83
C PRO H 536 -8.35 -10.06 -48.12
N MET I 1 55.03 35.66 -34.85
CA MET I 1 55.34 37.04 -34.36
C MET I 1 56.29 37.00 -33.14
N LYS I 2 57.46 37.60 -33.32
CA LYS I 2 58.45 37.63 -32.25
C LYS I 2 58.33 38.88 -31.33
N GLN I 3 57.40 38.82 -30.37
CA GLN I 3 57.01 39.97 -29.55
C GLN I 3 56.86 39.58 -28.07
N THR I 4 56.69 40.58 -27.20
CA THR I 4 56.56 40.29 -25.79
C THR I 4 55.11 39.91 -25.41
N VAL I 5 54.97 39.32 -24.23
CA VAL I 5 53.65 39.03 -23.74
C VAL I 5 52.86 40.35 -23.69
N ALA I 6 53.48 41.39 -23.16
CA ALA I 6 52.81 42.69 -23.07
C ALA I 6 52.42 43.23 -24.46
N ALA I 7 53.30 43.07 -25.44
CA ALA I 7 52.97 43.53 -26.79
C ALA I 7 51.78 42.76 -27.34
N TYR I 8 51.74 41.46 -27.06
CA TYR I 8 50.67 40.60 -27.53
C TYR I 8 49.36 41.12 -26.97
N ILE I 9 49.36 41.44 -25.68
CA ILE I 9 48.15 41.97 -25.05
C ILE I 9 47.72 43.29 -25.73
N ALA I 10 48.68 44.20 -25.91
CA ALA I 10 48.36 45.51 -26.48
C ALA I 10 47.79 45.38 -27.90
N LYS I 11 48.42 44.54 -28.71
CA LYS I 11 47.97 44.32 -30.08
C LYS I 11 46.56 43.74 -30.12
N THR I 12 46.29 42.82 -29.21
CA THR I 12 45.00 42.18 -29.20
C THR I 12 43.92 43.19 -28.80
N LEU I 13 44.20 43.98 -27.77
CA LEU I 13 43.28 45.06 -27.40
C LEU I 13 43.07 46.04 -28.57
N GLU I 14 44.15 46.38 -29.27
CA GLU I 14 44.04 47.27 -30.41
C GLU I 14 43.06 46.71 -31.41
N SER I 15 43.18 45.41 -31.65
CA SER I 15 42.33 44.74 -32.64
C SER I 15 40.87 44.71 -32.19
N ALA I 16 40.64 44.62 -30.90
CA ALA I 16 39.29 44.64 -30.34
C ALA I 16 38.71 46.06 -30.33
N GLY I 17 39.51 47.03 -30.77
CA GLY I 17 39.03 48.39 -30.84
C GLY I 17 39.23 49.27 -29.62
N VAL I 18 39.95 48.80 -28.59
CA VAL I 18 40.22 49.72 -27.49
C VAL I 18 41.04 50.94 -27.88
N LYS I 19 40.66 52.08 -27.34
CA LYS I 19 41.25 53.35 -27.76
C LYS I 19 42.21 53.91 -26.70
N ARG I 20 42.04 53.50 -25.45
CA ARG I 20 42.85 54.09 -24.40
C ARG I 20 42.92 53.16 -23.22
N ILE I 21 43.99 53.31 -22.44
CA ILE I 21 44.10 52.60 -21.17
C ILE I 21 44.29 53.61 -20.06
N TRP I 22 43.51 53.47 -18.99
CA TRP I 22 43.57 54.41 -17.86
C TRP I 22 44.45 53.83 -16.74
N GLY I 23 45.38 54.62 -16.24
CA GLY I 23 46.12 54.17 -15.08
C GLY I 23 47.14 55.17 -14.55
N VAL I 24 48.03 54.66 -13.70
CA VAL I 24 49.24 55.39 -13.27
C VAL I 24 50.37 54.38 -13.54
N THR I 25 51.50 54.81 -14.11
CA THR I 25 52.62 53.86 -14.38
C THR I 25 53.32 53.31 -13.13
N GLY I 26 54.35 52.52 -13.41
CA GLY I 26 55.23 51.92 -12.42
C GLY I 26 56.19 51.04 -13.22
N ASP I 27 57.32 50.69 -12.62
CA ASP I 27 58.30 49.83 -13.28
C ASP I 27 57.73 48.46 -13.67
N SER I 28 56.79 47.96 -12.89
CA SER I 28 56.18 46.67 -13.17
C SER I 28 55.33 46.69 -14.44
N LEU I 29 55.09 47.89 -14.97
CA LEU I 29 54.32 48.09 -16.21
C LEU I 29 55.20 48.44 -17.42
N ASN I 30 56.52 48.30 -17.28
CA ASN I 30 57.45 48.67 -18.35
C ASN I 30 57.15 47.98 -19.68
N GLY I 31 56.91 46.68 -19.63
CA GLY I 31 56.57 45.94 -20.82
C GLY I 31 55.40 46.59 -21.54
N LEU I 32 54.32 46.84 -20.79
CA LEU I 32 53.12 47.43 -21.36
C LEU I 32 53.38 48.84 -21.92
N SER I 33 54.00 49.72 -21.11
CA SER I 33 54.32 51.08 -21.55
C SER I 33 55.15 51.09 -22.82
N ASP I 34 56.17 50.24 -22.85
CA ASP I 34 57.05 50.15 -23.99
C ASP I 34 56.24 49.79 -25.24
N SER I 35 55.36 48.81 -25.14
CA SER I 35 54.67 48.43 -26.34
C SER I 35 53.56 49.44 -26.73
N LEU I 36 52.93 50.12 -25.76
CA LEU I 36 52.04 51.24 -26.10
C LEU I 36 52.79 52.36 -26.84
N ASN I 37 54.00 52.70 -26.39
CA ASN I 37 54.74 53.75 -27.11
C ASN I 37 55.16 53.33 -28.48
N ARG I 38 55.58 52.07 -28.65
CA ARG I 38 55.96 51.57 -29.98
C ARG I 38 54.76 51.53 -30.93
N MET I 39 53.63 51.14 -30.37
CA MET I 39 52.40 50.97 -31.14
C MET I 39 51.81 52.30 -31.59
N GLY I 40 51.77 53.27 -30.67
CA GLY I 40 51.28 54.61 -30.96
C GLY I 40 49.82 54.73 -31.37
N THR I 41 48.96 53.82 -30.94
CA THR I 41 47.55 53.88 -31.30
C THR I 41 46.66 53.93 -30.07
N ILE I 42 46.88 53.04 -29.12
CA ILE I 42 46.14 53.12 -27.89
C ILE I 42 46.76 54.21 -27.02
N GLU I 43 45.92 55.08 -26.48
CA GLU I 43 46.39 56.23 -25.72
C GLU I 43 46.42 55.94 -24.22
N TRP I 44 47.51 56.31 -23.57
CA TRP I 44 47.64 56.11 -22.13
C TRP I 44 47.04 57.31 -21.39
N MET I 45 46.07 57.07 -20.50
CA MET I 45 45.41 58.17 -19.77
C MET I 45 45.87 58.14 -18.33
N SER I 46 46.73 59.09 -17.96
CA SER I 46 47.35 59.07 -16.66
C SER I 46 46.55 59.84 -15.61
N THR I 47 46.04 59.15 -14.59
CA THR I 47 45.26 59.81 -13.56
C THR I 47 46.16 60.05 -12.34
N ARG I 48 45.64 60.73 -11.32
CA ARG I 48 46.42 60.96 -10.12
C ARG I 48 46.29 59.82 -9.11
N HIS I 49 45.17 59.10 -9.16
CA HIS I 49 44.94 57.97 -8.29
C HIS I 49 44.34 56.87 -9.17
N GLU I 50 44.82 55.64 -9.03
CA GLU I 50 44.32 54.57 -9.88
C GLU I 50 42.82 54.29 -9.67
N GLU I 51 42.28 54.62 -8.50
CA GLU I 51 40.86 54.45 -8.27
C GLU I 51 40.09 55.21 -9.36
N VAL I 52 40.58 56.41 -9.68
CA VAL I 52 39.93 57.26 -10.67
C VAL I 52 40.05 56.65 -12.07
N ALA I 53 41.19 56.02 -12.35
CA ALA I 53 41.34 55.32 -13.62
C ALA I 53 40.23 54.28 -13.79
N ALA I 54 39.96 53.52 -12.74
CA ALA I 54 38.93 52.48 -12.79
C ALA I 54 37.53 53.07 -12.99
N PHE I 55 37.18 54.08 -12.20
CA PHE I 55 35.89 54.74 -12.39
C PHE I 55 35.78 55.26 -13.82
N ALA I 56 36.83 55.92 -14.29
CA ALA I 56 36.79 56.55 -15.61
C ALA I 56 36.62 55.50 -16.71
N ALA I 57 37.34 54.39 -16.60
CA ALA I 57 37.18 53.30 -17.57
C ALA I 57 35.72 52.81 -17.56
N GLY I 58 35.17 52.63 -16.37
CA GLY I 58 33.78 52.24 -16.25
C GLY I 58 32.84 53.22 -16.96
N ALA I 59 33.10 54.52 -16.83
CA ALA I 59 32.24 55.50 -17.49
C ALA I 59 32.39 55.39 -19.01
N GLU I 60 33.63 55.18 -19.46
CA GLU I 60 33.87 55.02 -20.88
C GLU I 60 33.10 53.82 -21.40
N ALA I 61 33.17 52.69 -20.68
CA ALA I 61 32.49 51.50 -21.13
C ALA I 61 30.96 51.68 -21.12
N GLN I 62 30.47 52.36 -20.10
CA GLN I 62 29.05 52.65 -20.03
C GLN I 62 28.57 53.42 -21.26
N LEU I 63 29.31 54.45 -21.65
CA LEU I 63 28.89 55.30 -22.74
C LEU I 63 29.09 54.69 -24.10
N SER I 64 30.24 54.05 -24.32
CA SER I 64 30.55 53.54 -25.65
C SER I 64 29.88 52.19 -25.91
N GLY I 65 29.54 51.45 -24.86
CA GLY I 65 29.05 50.10 -25.02
C GLY I 65 30.17 49.14 -25.39
N GLU I 66 31.42 49.58 -25.24
CA GLU I 66 32.56 48.78 -25.68
C GLU I 66 33.62 48.56 -24.62
N LEU I 67 34.46 47.54 -24.80
CA LEU I 67 35.48 47.21 -23.84
C LEU I 67 36.32 48.41 -23.47
N ALA I 68 36.47 48.68 -22.17
CA ALA I 68 37.40 49.71 -21.70
C ALA I 68 38.47 49.02 -20.85
N VAL I 69 39.59 49.70 -20.64
CA VAL I 69 40.74 49.07 -20.01
C VAL I 69 41.40 50.00 -19.01
N CYS I 70 41.76 49.47 -17.85
CA CYS I 70 42.58 50.22 -16.90
C CYS I 70 43.74 49.36 -16.42
N ALA I 71 44.73 49.98 -15.79
CA ALA I 71 45.92 49.22 -15.41
C ALA I 71 46.52 49.79 -14.16
N GLY I 72 47.19 48.95 -13.37
CA GLY I 72 47.85 49.44 -12.18
C GLY I 72 49.17 48.73 -11.99
N SER I 73 50.14 49.39 -11.36
CA SER I 73 51.42 48.78 -11.10
C SER I 73 51.31 47.76 -9.97
N CYS I 74 52.42 47.13 -9.62
CA CYS I 74 52.32 46.01 -8.67
C CYS I 74 51.97 46.49 -7.27
N GLY I 75 51.36 45.61 -6.47
CA GLY I 75 51.02 45.92 -5.11
C GLY I 75 50.03 47.07 -5.04
N PRO I 76 50.46 48.18 -4.43
CA PRO I 76 49.58 49.32 -4.19
C PRO I 76 48.97 49.89 -5.46
N GLY I 77 49.69 49.82 -6.56
CA GLY I 77 49.21 50.41 -7.82
C GLY I 77 47.89 49.80 -8.24
N ASN I 78 47.88 48.48 -8.49
CA ASN I 78 46.68 47.84 -8.92
C ASN I 78 45.67 47.76 -7.78
N LEU I 79 46.15 47.69 -6.54
CA LEU I 79 45.23 47.64 -5.40
C LEU I 79 44.37 48.88 -5.41
N HIS I 80 44.95 50.02 -5.79
CA HIS I 80 44.18 51.27 -5.86
C HIS I 80 42.97 51.21 -6.79
N LEU I 81 42.95 50.25 -7.72
CA LEU I 81 41.84 50.15 -8.69
C LEU I 81 40.58 49.62 -8.02
N ILE I 82 40.74 48.92 -6.89
CA ILE I 82 39.69 48.02 -6.45
C ILE I 82 38.29 48.66 -6.27
N ASN I 83 38.20 49.83 -5.65
CA ASN I 83 36.89 50.42 -5.39
C ASN I 83 36.23 50.79 -6.70
N GLY I 84 37.03 51.26 -7.66
CA GLY I 84 36.50 51.61 -8.96
C GLY I 84 36.10 50.39 -9.76
N LEU I 85 36.82 49.29 -9.60
CA LEU I 85 36.43 48.04 -10.25
C LEU I 85 35.11 47.49 -9.69
N PHE I 86 34.88 47.62 -8.39
CA PHE I 86 33.60 47.21 -7.85
C PHE I 86 32.53 48.00 -8.53
N ASP I 87 32.74 49.30 -8.73
CA ASP I 87 31.73 50.12 -9.39
C ASP I 87 31.48 49.63 -10.82
N CYS I 88 32.56 49.38 -11.56
CA CYS I 88 32.44 48.88 -12.93
C CYS I 88 31.66 47.58 -12.96
N HIS I 89 32.05 46.65 -12.10
CA HIS I 89 31.46 45.33 -12.15
C HIS I 89 29.99 45.43 -11.76
N ARG I 90 29.69 46.21 -10.73
CA ARG I 90 28.33 46.36 -10.30
C ARG I 90 27.45 47.08 -11.31
N ASN I 91 28.06 47.95 -12.13
CA ASN I 91 27.34 48.64 -13.16
C ASN I 91 27.20 47.80 -14.43
N HIS I 92 27.77 46.58 -14.42
CA HIS I 92 27.67 45.70 -15.59
C HIS I 92 28.28 46.30 -16.86
N VAL I 93 29.47 46.88 -16.76
CA VAL I 93 30.06 47.43 -17.97
C VAL I 93 31.33 46.64 -18.27
N PRO I 94 31.63 46.44 -19.55
CA PRO I 94 32.80 45.65 -19.94
C PRO I 94 34.14 46.36 -19.67
N VAL I 95 34.87 45.88 -18.67
CA VAL I 95 36.16 46.48 -18.34
C VAL I 95 37.23 45.43 -18.09
N LEU I 96 38.36 45.59 -18.75
CA LEU I 96 39.52 44.74 -18.48
C LEU I 96 40.51 45.51 -17.63
N ALA I 97 40.91 44.91 -16.52
CA ALA I 97 41.95 45.50 -15.65
C ALA I 97 43.23 44.69 -15.81
N ILE I 98 44.33 45.38 -16.15
CA ILE I 98 45.61 44.72 -16.19
C ILE I 98 46.30 45.06 -14.90
N ALA I 99 46.45 44.07 -14.04
CA ALA I 99 47.10 44.29 -12.76
C ALA I 99 48.54 43.80 -12.83
N ALA I 100 49.47 44.72 -13.01
CA ALA I 100 50.89 44.34 -12.99
C ALA I 100 51.25 43.79 -11.61
N HIS I 101 52.21 42.88 -11.57
CA HIS I 101 52.47 42.13 -10.35
C HIS I 101 54.01 42.09 -10.13
N ILE I 102 54.44 41.71 -8.93
CA ILE I 102 55.85 41.73 -8.60
C ILE I 102 56.57 40.66 -9.43
N PRO I 103 57.90 40.69 -9.48
CA PRO I 103 58.55 39.69 -10.33
C PRO I 103 58.19 38.30 -9.83
N SER I 104 57.88 37.38 -10.74
CA SER I 104 57.35 36.08 -10.32
C SER I 104 58.33 35.32 -9.43
N SER I 105 59.62 35.59 -9.57
CA SER I 105 60.61 34.87 -8.79
C SER I 105 60.52 35.22 -7.29
N GLU I 106 59.93 36.36 -6.95
CA GLU I 106 59.88 36.81 -5.56
C GLU I 106 58.56 36.44 -4.88
N ILE I 107 57.60 35.92 -5.65
CA ILE I 107 56.31 35.56 -5.08
C ILE I 107 56.44 34.54 -3.92
N GLY I 108 55.73 34.80 -2.84
CA GLY I 108 55.69 33.86 -1.73
C GLY I 108 56.77 34.15 -0.68
N SER I 109 57.51 35.25 -0.82
CA SER I 109 58.64 35.46 0.05
C SER I 109 58.43 36.67 0.94
N GLY I 110 57.29 37.34 0.80
CA GLY I 110 57.10 38.57 1.52
C GLY I 110 57.91 39.69 0.89
N TYR I 111 57.84 39.82 -0.43
CA TYR I 111 58.68 40.76 -1.14
C TYR I 111 58.17 42.19 -1.04
N PHE I 112 59.03 43.16 -1.33
CA PHE I 112 58.60 44.54 -1.53
C PHE I 112 57.31 44.59 -2.38
N GLN I 113 56.29 45.25 -1.84
CA GLN I 113 55.01 45.42 -2.51
C GLN I 113 54.20 44.15 -2.76
N GLU I 114 54.62 43.02 -2.22
CA GLU I 114 53.86 41.78 -2.49
C GLU I 114 52.38 41.84 -2.08
N THR I 115 51.47 41.52 -3.00
CA THR I 115 50.07 41.27 -2.70
C THR I 115 49.71 40.09 -3.56
N HIS I 116 48.46 39.64 -3.49
CA HIS I 116 47.97 38.58 -4.36
C HIS I 116 46.74 39.07 -5.09
N PRO I 117 46.94 39.86 -6.14
CA PRO I 117 45.79 40.47 -6.84
C PRO I 117 44.81 39.42 -7.35
N GLN I 118 45.31 38.25 -7.73
CA GLN I 118 44.46 37.21 -8.26
C GLN I 118 43.46 36.70 -7.22
N GLU I 119 43.71 36.95 -5.95
CA GLU I 119 42.72 36.69 -4.91
C GLU I 119 41.89 37.91 -4.57
N LEU I 120 42.51 39.07 -4.42
CA LEU I 120 41.79 40.28 -4.04
C LEU I 120 40.61 40.60 -4.95
N PHE I 121 40.77 40.41 -6.25
CA PHE I 121 39.80 40.91 -7.18
C PHE I 121 38.71 39.92 -7.55
N ARG I 122 38.65 38.79 -6.85
CA ARG I 122 37.68 37.76 -7.19
CA ARG I 122 37.69 37.78 -7.20
C ARG I 122 36.24 38.28 -7.11
N GLU I 123 35.91 38.99 -6.05
CA GLU I 123 34.52 39.43 -5.84
C GLU I 123 34.04 40.47 -6.89
N CYS I 124 34.95 41.31 -7.37
CA CYS I 124 34.57 42.39 -8.25
C CYS I 124 34.97 42.05 -9.67
N SER I 125 34.85 40.78 -10.04
CA SER I 125 35.12 40.40 -11.41
C SER I 125 34.42 39.09 -11.72
N HIS I 126 34.29 38.73 -12.99
CA HIS I 126 33.84 37.35 -13.27
C HIS I 126 34.94 36.48 -13.82
N TYR I 127 36.14 37.04 -13.89
CA TYR I 127 37.31 36.30 -14.33
C TYR I 127 38.52 37.00 -13.75
N CYS I 128 39.42 36.23 -13.18
CA CYS I 128 40.57 36.82 -12.48
C CYS I 128 41.68 35.80 -12.35
N GLU I 129 42.78 35.96 -13.10
CA GLU I 129 43.84 34.95 -13.09
C GLU I 129 45.23 35.50 -13.22
N LEU I 130 46.19 34.75 -12.66
CA LEU I 130 47.59 35.10 -12.70
C LEU I 130 48.23 34.47 -13.92
N VAL I 131 48.93 35.28 -14.70
CA VAL I 131 49.70 34.77 -15.82
C VAL I 131 51.14 34.49 -15.34
N SER I 132 51.42 33.23 -15.00
CA SER I 132 52.72 32.81 -14.53
C SER I 132 53.61 32.49 -15.72
N SER I 133 52.98 32.05 -16.80
CA SER I 133 53.69 31.55 -17.95
C SER I 133 53.22 32.26 -19.22
N PRO I 134 54.16 32.63 -20.10
CA PRO I 134 53.76 33.24 -21.36
C PRO I 134 52.76 32.37 -22.12
N GLU I 135 52.87 31.05 -21.99
CA GLU I 135 51.99 30.16 -22.75
C GLU I 135 50.51 30.33 -22.36
N GLN I 136 50.25 30.90 -21.20
CA GLN I 136 48.88 31.14 -20.79
C GLN I 136 48.21 32.28 -21.53
N ILE I 137 48.98 33.29 -21.95
CA ILE I 137 48.35 34.56 -22.29
C ILE I 137 47.25 34.46 -23.37
N PRO I 138 47.43 33.59 -24.39
CA PRO I 138 46.35 33.63 -25.39
C PRO I 138 45.01 33.16 -24.84
N GLN I 139 45.01 32.10 -24.02
CA GLN I 139 43.75 31.61 -23.43
C GLN I 139 43.20 32.57 -22.39
N VAL I 140 44.06 33.00 -21.49
CA VAL I 140 43.66 33.89 -20.41
C VAL I 140 43.10 35.19 -20.96
N LEU I 141 43.80 35.81 -21.90
CA LEU I 141 43.30 37.05 -22.48
C LEU I 141 42.00 36.84 -23.26
N ALA I 142 41.91 35.75 -24.00
CA ALA I 142 40.68 35.50 -24.78
C ALA I 142 39.46 35.36 -23.86
N ILE I 143 39.60 34.59 -22.77
CA ILE I 143 38.49 34.39 -21.87
C ILE I 143 38.20 35.68 -21.15
N ALA I 144 39.24 36.32 -20.64
CA ALA I 144 39.06 37.61 -19.94
C ALA I 144 38.25 38.60 -20.80
N MET I 145 38.66 38.78 -22.05
CA MET I 145 37.99 39.77 -22.90
C MET I 145 36.57 39.32 -23.26
N ARG I 146 36.41 38.04 -23.56
CA ARG I 146 35.11 37.57 -23.95
C ARG I 146 34.09 37.69 -22.80
N LYS I 147 34.52 37.32 -21.59
CA LYS I 147 33.64 37.43 -20.46
C LYS I 147 33.32 38.89 -20.16
N ALA I 148 34.34 39.74 -20.21
CA ALA I 148 34.08 41.16 -19.92
C ALA I 148 33.02 41.70 -20.85
N VAL I 149 33.12 41.38 -22.13
CA VAL I 149 32.23 41.96 -23.09
C VAL I 149 30.86 41.32 -23.02
N LEU I 150 30.79 39.99 -23.08
CA LEU I 150 29.52 39.30 -23.21
C LEU I 150 28.79 39.11 -21.88
N ASN I 151 29.53 38.90 -20.80
CA ASN I 151 28.89 38.82 -19.47
C ASN I 151 28.74 40.19 -18.84
N ARG I 152 29.32 41.20 -19.47
CA ARG I 152 29.10 42.58 -19.06
C ARG I 152 29.62 42.85 -17.64
N GLY I 153 30.94 42.91 -17.48
CA GLY I 153 31.52 43.15 -16.20
C GLY I 153 33.03 43.19 -16.29
N VAL I 154 33.69 43.06 -15.14
CA VAL I 154 35.12 43.25 -15.05
C VAL I 154 35.85 41.90 -15.19
N SER I 155 36.93 41.89 -15.95
CA SER I 155 37.85 40.78 -15.95
C SER I 155 39.21 41.31 -15.52
N VAL I 156 39.94 40.51 -14.77
CA VAL I 156 41.27 40.93 -14.34
C VAL I 156 42.36 39.96 -14.80
N VAL I 157 43.41 40.51 -15.38
CA VAL I 157 44.56 39.71 -15.78
C VAL I 157 45.74 40.21 -14.95
N VAL I 158 46.33 39.29 -14.16
CA VAL I 158 47.43 39.66 -13.27
C VAL I 158 48.74 39.25 -13.92
N LEU I 159 49.65 40.19 -14.10
CA LEU I 159 50.79 39.99 -14.99
C LEU I 159 52.09 40.43 -14.32
N PRO I 160 52.86 39.46 -13.82
CA PRO I 160 54.16 39.82 -13.24
C PRO I 160 55.01 40.55 -14.27
N GLY I 161 55.72 41.59 -13.83
CA GLY I 161 56.51 42.42 -14.73
C GLY I 161 57.55 41.66 -15.54
N ASP I 162 58.11 40.59 -14.97
CA ASP I 162 59.10 39.80 -15.69
C ASP I 162 58.40 38.97 -16.78
N VAL I 163 57.24 38.40 -16.46
CA VAL I 163 56.51 37.62 -17.45
C VAL I 163 56.08 38.51 -18.63
N ALA I 164 55.70 39.74 -18.34
CA ALA I 164 55.31 40.69 -19.36
C ALA I 164 56.37 40.87 -20.43
N LEU I 165 57.63 40.74 -20.03
CA LEU I 165 58.78 41.01 -20.91
C LEU I 165 59.26 39.78 -21.64
N LYS I 166 58.65 38.63 -21.36
CA LYS I 166 59.04 37.39 -22.03
C LYS I 166 58.36 37.27 -23.40
N PRO I 167 58.92 36.43 -24.27
CA PRO I 167 58.30 36.29 -25.59
C PRO I 167 56.90 35.68 -25.50
N ALA I 168 55.94 36.29 -26.19
CA ALA I 168 54.63 35.67 -26.38
C ALA I 168 54.78 34.38 -27.19
N PRO I 169 53.82 33.43 -27.08
CA PRO I 169 53.85 32.24 -27.92
C PRO I 169 53.81 32.63 -29.41
N GLU I 170 54.64 32.00 -30.22
CA GLU I 170 54.76 32.44 -31.63
C GLU I 170 53.52 32.23 -32.51
N GLY I 171 52.74 31.20 -32.23
CA GLY I 171 51.57 30.93 -33.08
C GLY I 171 50.31 31.68 -32.66
N ALA I 172 50.40 32.41 -31.55
CA ALA I 172 49.22 33.07 -30.99
C ALA I 172 48.64 34.09 -31.98
N THR I 173 47.33 34.24 -31.99
CA THR I 173 46.76 35.23 -32.88
C THR I 173 46.24 36.43 -32.11
N MET I 174 46.37 37.60 -32.73
CA MET I 174 45.98 38.85 -32.10
C MET I 174 44.69 39.39 -32.70
N HIS I 175 44.22 38.84 -33.82
CA HIS I 175 42.95 39.29 -34.37
C HIS I 175 41.78 38.97 -33.43
N TRP I 176 40.88 39.93 -33.26
CA TRP I 176 39.71 39.72 -32.40
C TRP I 176 38.42 39.69 -33.23
N TYR I 177 37.64 38.62 -33.10
CA TYR I 177 36.34 38.59 -33.75
C TYR I 177 35.29 39.16 -32.80
N HIS I 178 34.59 40.22 -33.18
CA HIS I 178 33.56 40.81 -32.29
C HIS I 178 32.28 39.97 -32.38
N ALA I 179 31.94 39.22 -31.34
CA ALA I 179 30.67 38.52 -31.30
C ALA I 179 29.65 39.36 -30.53
N PRO I 180 28.54 39.73 -31.16
CA PRO I 180 27.46 40.46 -30.52
C PRO I 180 26.71 39.58 -29.53
N GLN I 181 25.90 40.18 -28.65
CA GLN I 181 24.97 39.39 -27.82
C GLN I 181 24.11 38.51 -28.72
N PRO I 182 23.71 37.35 -28.21
CA PRO I 182 22.73 36.56 -28.95
C PRO I 182 21.33 37.12 -28.74
N VAL I 183 20.37 36.63 -29.49
CA VAL I 183 18.98 36.90 -29.24
C VAL I 183 18.53 35.90 -28.17
N VAL I 184 17.99 36.41 -27.06
CA VAL I 184 17.51 35.52 -26.04
C VAL I 184 16.07 35.79 -25.66
N THR I 185 15.23 34.80 -25.90
CA THR I 185 13.79 34.96 -25.73
C THR I 185 13.19 33.69 -25.13
N PRO I 186 12.22 33.85 -24.24
CA PRO I 186 11.66 32.68 -23.57
C PRO I 186 10.96 31.75 -24.56
N GLU I 187 10.82 30.48 -24.24
CA GLU I 187 10.08 29.56 -25.07
C GLU I 187 8.70 30.09 -25.36
N GLU I 188 8.19 29.68 -26.52
CA GLU I 188 6.88 30.11 -26.90
C GLU I 188 5.83 29.74 -25.83
N GLU I 189 5.90 28.51 -25.32
CA GLU I 189 4.97 28.05 -24.30
C GLU I 189 4.97 28.96 -23.05
N GLU I 190 6.13 29.46 -22.64
CA GLU I 190 6.21 30.36 -21.52
C GLU I 190 5.59 31.73 -21.80
N LEU I 191 5.79 32.24 -23.01
CA LEU I 191 5.14 33.48 -23.42
C LEU I 191 3.61 33.34 -23.41
N ARG I 192 3.12 32.21 -23.91
CA ARG I 192 1.66 31.96 -23.90
C ARG I 192 1.14 31.96 -22.47
N LYS I 193 1.90 31.35 -21.57
CA LYS I 193 1.50 31.30 -20.17
C LYS I 193 1.45 32.70 -19.56
N LEU I 194 2.47 33.50 -19.85
CA LEU I 194 2.50 34.88 -19.40
C LEU I 194 1.32 35.67 -19.94
N ALA I 195 1.05 35.53 -21.24
CA ALA I 195 -0.07 36.26 -21.85
C ALA I 195 -1.37 35.88 -21.18
N GLN I 196 -1.53 34.59 -20.91
CA GLN I 196 -2.72 34.13 -20.25
C GLN I 196 -2.83 34.71 -18.83
N LEU I 197 -1.72 34.74 -18.11
CA LEU I 197 -1.71 35.30 -16.78
C LEU I 197 -2.11 36.78 -16.81
N LEU I 198 -1.53 37.55 -17.73
CA LEU I 198 -1.87 38.98 -17.84
C LEU I 198 -3.34 39.17 -18.17
N ARG I 199 -3.90 38.26 -18.97
CA ARG I 199 -5.31 38.28 -19.37
C ARG I 199 -6.21 38.32 -18.15
N TYR I 200 -5.80 37.60 -17.11
CA TYR I 200 -6.63 37.44 -15.93
C TYR I 200 -6.09 38.20 -14.71
N SER I 201 -5.21 39.18 -14.93
CA SER I 201 -4.66 39.97 -13.84
C SER I 201 -5.22 41.36 -13.92
N SER I 202 -5.29 42.05 -12.78
CA SER I 202 -5.72 43.45 -12.76
C SER I 202 -4.72 44.31 -12.01
N ASN I 203 -4.85 45.63 -12.16
CA ASN I 203 -4.04 46.55 -11.41
C ASN I 203 -2.57 46.16 -11.50
N ILE I 204 -2.09 46.15 -12.74
CA ILE I 204 -0.73 45.77 -13.05
C ILE I 204 0.17 46.98 -13.10
N ALA I 205 1.32 46.90 -12.46
CA ALA I 205 2.35 47.90 -12.60
C ALA I 205 3.60 47.24 -13.16
N LEU I 206 4.40 48.02 -13.88
CA LEU I 206 5.70 47.54 -14.35
C LEU I 206 6.81 48.25 -13.57
N MET I 207 7.76 47.49 -13.05
CA MET I 207 8.95 48.07 -12.42
C MET I 207 10.10 47.86 -13.39
N CYS I 208 10.63 48.93 -13.95
CA CYS I 208 11.57 48.81 -15.05
C CYS I 208 12.93 49.33 -14.68
N GLY I 209 13.95 48.55 -15.00
CA GLY I 209 15.36 48.93 -14.74
C GLY I 209 16.14 49.05 -16.04
N SER I 210 17.46 49.10 -15.93
CA SER I 210 18.29 49.37 -17.10
C SER I 210 18.25 48.22 -18.12
N GLY I 211 17.72 47.07 -17.72
CA GLY I 211 17.52 45.97 -18.66
C GLY I 211 16.58 46.37 -19.80
N CYS I 212 15.83 47.45 -19.61
CA CYS I 212 14.93 47.94 -20.63
C CYS I 212 15.64 48.84 -21.63
N ALA I 213 16.92 49.12 -21.42
CA ALA I 213 17.67 49.93 -22.40
C ALA I 213 17.48 49.37 -23.80
N GLY I 214 17.16 50.21 -24.76
CA GLY I 214 17.00 49.73 -26.12
C GLY I 214 15.60 49.21 -26.47
N ALA I 215 14.74 49.10 -25.45
CA ALA I 215 13.40 48.54 -25.60
C ALA I 215 12.30 49.56 -25.36
N HIS I 216 12.63 50.85 -25.42
CA HIS I 216 11.68 51.91 -25.10
C HIS I 216 10.35 51.76 -25.85
N LYS I 217 10.45 51.58 -27.15
CA LYS I 217 9.29 51.47 -28.00
C LYS I 217 8.37 50.32 -27.57
N GLU I 218 8.95 49.16 -27.36
CA GLU I 218 8.19 47.98 -26.97
C GLU I 218 7.61 48.15 -25.57
N LEU I 219 8.40 48.72 -24.67
CA LEU I 219 7.96 48.93 -23.31
C LEU I 219 6.73 49.82 -23.26
N VAL I 220 6.78 50.94 -23.97
CA VAL I 220 5.70 51.90 -23.94
C VAL I 220 4.44 51.30 -24.59
N GLU I 221 4.64 50.54 -25.66
CA GLU I 221 3.55 49.89 -26.32
C GLU I 221 2.91 48.84 -25.40
N PHE I 222 3.73 48.08 -24.69
CA PHE I 222 3.25 47.07 -23.76
C PHE I 222 2.42 47.70 -22.63
N ALA I 223 2.98 48.72 -21.97
CA ALA I 223 2.26 49.42 -20.90
C ALA I 223 0.92 49.93 -21.37
N GLY I 224 0.89 50.52 -22.56
CA GLY I 224 -0.36 51.08 -23.10
C GLY I 224 -1.37 49.99 -23.41
N LYS I 225 -0.88 48.85 -23.87
CA LYS I 225 -1.75 47.75 -24.26
C LYS I 225 -2.50 47.17 -23.05
N ILE I 226 -1.80 46.94 -21.95
CA ILE I 226 -2.43 46.39 -20.76
C ILE I 226 -2.81 47.43 -19.73
N LYS I 227 -2.56 48.71 -20.02
CA LYS I 227 -2.87 49.80 -19.11
C LYS I 227 -2.12 49.68 -17.77
N ALA I 228 -0.80 49.62 -17.84
CA ALA I 228 0.03 49.48 -16.63
C ALA I 228 0.89 50.70 -16.43
N PRO I 229 0.74 51.37 -15.30
CA PRO I 229 1.68 52.45 -15.01
C PRO I 229 3.08 51.87 -14.87
N ILE I 230 4.09 52.66 -15.19
CA ILE I 230 5.45 52.22 -15.11
C ILE I 230 6.14 52.95 -13.98
N VAL I 231 6.82 52.23 -13.09
CA VAL I 231 7.79 52.90 -12.25
C VAL I 231 9.16 52.40 -12.62
N HIS I 232 10.16 53.26 -12.49
CA HIS I 232 11.50 52.85 -12.90
C HIS I 232 12.46 52.84 -11.71
N ALA I 233 13.36 51.88 -11.71
CA ALA I 233 14.48 51.86 -10.78
C ALA I 233 15.44 52.96 -11.23
N LEU I 234 16.29 53.42 -10.31
CA LEU I 234 17.16 54.53 -10.66
C LEU I 234 17.96 54.29 -11.95
N ARG I 235 18.51 53.11 -12.14
CA ARG I 235 19.38 52.92 -13.34
C ARG I 235 18.52 52.74 -14.60
N GLY I 236 17.20 52.68 -14.42
CA GLY I 236 16.30 52.69 -15.58
C GLY I 236 15.90 54.11 -16.01
N LYS I 237 16.15 55.09 -15.14
CA LYS I 237 15.69 56.43 -15.38
C LYS I 237 16.03 56.94 -16.78
N GLU I 238 17.32 56.89 -17.14
CA GLU I 238 17.73 57.44 -18.42
C GLU I 238 17.11 56.68 -19.60
N HIS I 239 16.70 55.44 -19.38
CA HIS I 239 16.18 54.61 -20.46
C HIS I 239 14.66 54.61 -20.60
N VAL I 240 13.97 55.07 -19.56
CA VAL I 240 12.56 54.81 -19.44
C VAL I 240 11.75 56.09 -19.22
N GLU I 241 12.37 57.07 -18.57
CA GLU I 241 11.64 58.28 -18.15
C GLU I 241 11.67 59.40 -19.19
N TYR I 242 11.15 59.13 -20.38
CA TYR I 242 11.00 60.18 -21.39
C TYR I 242 10.06 59.62 -22.43
N ASP I 243 9.37 60.51 -23.16
CA ASP I 243 8.38 60.09 -24.14
C ASP I 243 7.62 58.89 -23.64
N ASN I 244 7.07 59.00 -22.43
CA ASN I 244 6.48 57.85 -21.76
C ASN I 244 5.31 58.29 -20.92
N PRO I 245 4.11 58.26 -21.50
CA PRO I 245 2.97 58.76 -20.75
C PRO I 245 2.56 57.83 -19.60
N TYR I 246 3.21 56.68 -19.47
CA TYR I 246 2.87 55.73 -18.41
C TYR I 246 3.77 55.83 -17.20
N ASP I 247 4.88 56.58 -17.32
CA ASP I 247 5.85 56.64 -16.24
C ASP I 247 5.40 57.49 -15.07
N VAL I 248 5.47 56.91 -13.90
CA VAL I 248 4.92 57.50 -12.71
C VAL I 248 6.02 57.80 -11.63
N GLY I 249 7.30 57.69 -12.01
CA GLY I 249 8.40 58.04 -11.10
C GLY I 249 9.14 56.86 -10.51
N MET I 250 9.59 57.01 -9.26
CA MET I 250 10.40 56.01 -8.60
C MET I 250 9.85 55.71 -7.22
N THR I 251 10.19 54.54 -6.65
CA THR I 251 10.06 54.31 -5.21
C THR I 251 11.45 54.28 -4.57
N GLY I 252 11.49 53.74 -3.34
CA GLY I 252 12.69 53.76 -2.54
C GLY I 252 12.68 55.08 -1.80
N LEU I 253 13.62 55.24 -0.89
CA LEU I 253 13.64 56.44 -0.06
C LEU I 253 13.82 57.71 -0.87
N ILE I 254 14.47 57.63 -2.02
CA ILE I 254 14.65 58.86 -2.82
C ILE I 254 13.60 58.98 -3.92
N GLY I 255 12.68 58.02 -3.99
CA GLY I 255 11.61 58.07 -4.95
C GLY I 255 10.55 59.03 -4.45
N PHE I 256 9.33 58.92 -4.98
CA PHE I 256 8.26 59.78 -4.50
C PHE I 256 6.93 59.09 -4.39
N SER I 257 5.95 59.83 -3.88
CA SER I 257 4.67 59.24 -3.51
C SER I 257 4.01 58.41 -4.62
N SER I 258 3.96 58.94 -5.84
CA SER I 258 3.31 58.24 -6.93
C SER I 258 3.99 56.87 -7.21
N GLY I 259 5.31 56.85 -7.29
CA GLY I 259 6.02 55.61 -7.44
C GLY I 259 5.76 54.70 -6.24
N PHE I 260 5.85 55.26 -5.05
CA PHE I 260 5.68 54.44 -3.85
C PHE I 260 4.32 53.76 -3.85
N HIS I 261 3.25 54.56 -3.98
CA HIS I 261 1.88 54.01 -3.95
C HIS I 261 1.56 53.06 -5.10
N THR I 262 2.04 53.38 -6.30
CA THR I 262 1.73 52.54 -7.45
C THR I 262 2.29 51.14 -7.21
N MET I 263 3.53 51.11 -6.72
CA MET I 263 4.18 49.86 -6.38
C MET I 263 3.49 49.13 -5.24
N MET I 264 3.19 49.84 -4.15
CA MET I 264 2.55 49.23 -2.99
C MET I 264 1.18 48.66 -3.31
N ASN I 265 0.43 49.36 -4.16
CA ASN I 265 -0.98 49.05 -4.34
C ASN I 265 -1.28 48.11 -5.50
N ALA I 266 -0.29 47.84 -6.32
CA ALA I 266 -0.50 46.93 -7.47
C ALA I 266 -0.93 45.55 -6.98
N ASP I 267 -1.80 44.90 -7.74
CA ASP I 267 -2.15 43.51 -7.50
C ASP I 267 -1.27 42.56 -8.31
N THR I 268 -0.62 43.10 -9.35
CA THR I 268 0.23 42.32 -10.20
C THR I 268 1.38 43.21 -10.56
N LEU I 269 2.60 42.68 -10.41
CA LEU I 269 3.78 43.46 -10.60
C LEU I 269 4.69 42.74 -11.58
N VAL I 270 5.12 43.43 -12.64
CA VAL I 270 6.02 42.83 -13.61
C VAL I 270 7.37 43.51 -13.50
N LEU I 271 8.39 42.76 -13.06
CA LEU I 271 9.75 43.28 -12.97
C LEU I 271 10.47 43.09 -14.30
N LEU I 272 10.77 44.20 -14.98
CA LEU I 272 11.44 44.12 -16.28
C LEU I 272 12.86 44.62 -16.22
N GLY I 273 13.81 43.69 -16.28
CA GLY I 273 15.20 44.07 -16.30
C GLY I 273 15.59 44.95 -15.12
N THR I 274 15.27 44.52 -13.91
CA THR I 274 15.61 45.29 -12.73
C THR I 274 16.21 44.48 -11.57
N GLN I 275 16.99 45.16 -10.75
CA GLN I 275 17.71 44.63 -9.59
C GLN I 275 17.35 45.55 -8.42
N PHE I 276 16.32 46.37 -8.56
CA PHE I 276 15.90 47.25 -7.47
C PHE I 276 15.99 46.51 -6.13
N PRO I 277 16.88 46.98 -5.25
CA PRO I 277 17.26 46.12 -4.11
C PRO I 277 16.49 46.31 -2.81
N TYR I 278 15.61 47.29 -2.73
CA TYR I 278 15.02 47.63 -1.44
C TYR I 278 13.75 46.82 -1.18
N ARG I 279 13.92 45.69 -0.51
CA ARG I 279 12.89 44.68 -0.41
C ARG I 279 11.55 45.17 0.18
N ALA I 280 11.61 46.12 1.12
CA ALA I 280 10.39 46.52 1.80
C ALA I 280 9.47 47.38 0.92
N PHE I 281 9.97 47.81 -0.23
CA PHE I 281 9.18 48.62 -1.14
C PHE I 281 8.38 47.79 -2.15
N TYR I 282 8.56 46.48 -2.15
CA TYR I 282 7.75 45.63 -3.02
C TYR I 282 6.48 45.34 -2.28
N PRO I 283 5.37 45.21 -3.01
CA PRO I 283 4.06 44.90 -2.48
C PRO I 283 4.00 43.57 -1.76
N THR I 284 3.32 43.57 -0.62
CA THR I 284 3.16 42.38 0.18
C THR I 284 2.33 41.29 -0.56
N ASP I 285 1.18 41.69 -1.13
CA ASP I 285 0.24 40.71 -1.69
C ASP I 285 0.17 40.42 -3.20
N ALA I 286 0.79 41.26 -4.02
CA ALA I 286 0.75 41.08 -5.47
C ALA I 286 1.25 39.74 -5.99
N LYS I 287 0.83 39.38 -7.19
CA LYS I 287 1.44 38.34 -7.97
C LYS I 287 2.65 38.99 -8.65
N ILE I 288 3.85 38.42 -8.52
CA ILE I 288 5.04 39.04 -9.07
C ILE I 288 5.62 38.20 -10.19
N ILE I 289 5.84 38.86 -11.33
CA ILE I 289 6.40 38.27 -12.51
C ILE I 289 7.72 38.96 -12.76
N GLN I 290 8.76 38.19 -13.06
CA GLN I 290 10.07 38.80 -13.34
C GLN I 290 10.67 38.24 -14.62
N ILE I 291 11.12 39.16 -15.49
CA ILE I 291 11.82 38.83 -16.71
C ILE I 291 13.21 39.44 -16.63
N ASP I 292 14.25 38.64 -16.86
CA ASP I 292 15.62 39.11 -16.75
C ASP I 292 16.52 38.19 -17.58
N ILE I 293 17.66 38.67 -18.07
CA ILE I 293 18.57 37.75 -18.76
C ILE I 293 19.46 36.99 -17.78
N ASN I 294 19.51 37.43 -16.53
CA ASN I 294 20.45 36.86 -15.60
C ASN I 294 19.71 36.10 -14.54
N PRO I 295 19.88 34.77 -14.51
CA PRO I 295 19.22 33.96 -13.48
C PRO I 295 19.49 34.46 -12.07
N ALA I 296 20.65 35.06 -11.84
CA ALA I 296 20.99 35.52 -10.50
C ALA I 296 20.14 36.69 -10.01
N SER I 297 19.45 37.37 -10.92
CA SER I 297 18.64 38.50 -10.56
C SER I 297 17.24 38.05 -10.19
N ILE I 298 16.87 36.84 -10.59
CA ILE I 298 15.49 36.41 -10.43
C ILE I 298 15.22 35.98 -9.01
N GLY I 299 14.38 36.75 -8.32
CA GLY I 299 14.06 36.44 -6.94
C GLY I 299 15.07 37.02 -5.96
N ALA I 300 15.94 37.91 -6.42
CA ALA I 300 16.98 38.43 -5.56
C ALA I 300 16.43 39.36 -4.48
N HIS I 301 15.33 40.05 -4.78
CA HIS I 301 14.84 41.03 -3.84
C HIS I 301 13.32 40.95 -3.66
N SER I 302 12.72 39.86 -4.10
CA SER I 302 11.30 39.66 -3.89
C SER I 302 10.95 38.22 -4.19
N LYS I 303 9.78 37.78 -3.74
CA LYS I 303 9.27 36.50 -4.19
C LYS I 303 8.98 36.63 -5.67
N VAL I 304 8.87 35.50 -6.35
CA VAL I 304 8.57 35.50 -7.76
C VAL I 304 7.56 34.41 -8.05
N ASP I 305 6.39 34.77 -8.55
CA ASP I 305 5.36 33.81 -8.89
C ASP I 305 5.53 33.22 -10.28
N MET I 306 6.09 34.01 -11.18
CA MET I 306 6.44 33.52 -12.51
C MET I 306 7.72 34.19 -12.99
N ALA I 307 8.67 33.37 -13.40
CA ALA I 307 9.99 33.85 -13.84
C ALA I 307 10.20 33.50 -15.30
N LEU I 308 10.76 34.41 -16.06
CA LEU I 308 11.12 34.13 -17.46
C LEU I 308 12.50 34.70 -17.72
N VAL I 309 13.34 33.92 -18.38
CA VAL I 309 14.66 34.38 -18.79
C VAL I 309 14.53 34.88 -20.20
N GLY I 310 14.86 36.15 -20.41
CA GLY I 310 14.79 36.71 -21.75
C GLY I 310 15.31 38.12 -21.77
N ASP I 311 15.71 38.57 -22.95
CA ASP I 311 16.10 39.95 -23.12
C ASP I 311 14.81 40.76 -23.29
N ILE I 312 14.73 41.95 -22.69
CA ILE I 312 13.45 42.67 -22.67
C ILE I 312 12.93 42.99 -24.05
N LYS I 313 13.79 43.51 -24.92
CA LYS I 313 13.37 43.90 -26.25
C LYS I 313 12.77 42.71 -26.98
N SER I 314 13.49 41.59 -27.06
CA SER I 314 12.99 40.49 -27.89
C SER I 314 11.79 39.79 -27.20
N THR I 315 11.79 39.75 -25.87
CA THR I 315 10.67 39.17 -25.15
C THR I 315 9.39 39.96 -25.40
N LEU I 316 9.46 41.28 -25.23
CA LEU I 316 8.26 42.08 -25.47
C LEU I 316 7.81 41.99 -26.93
N ARG I 317 8.74 41.92 -27.88
CA ARG I 317 8.34 41.79 -29.27
C ARG I 317 7.58 40.51 -29.51
N ALA I 318 8.01 39.45 -28.86
CA ALA I 318 7.36 38.16 -29.06
C ALA I 318 6.06 38.09 -28.26
N LEU I 319 6.03 38.79 -27.13
CA LEU I 319 4.87 38.76 -26.24
C LEU I 319 3.70 39.61 -26.75
N LEU I 320 4.00 40.82 -27.24
CA LEU I 320 2.98 41.77 -27.63
C LEU I 320 1.84 41.19 -28.47
N PRO I 321 2.16 40.43 -29.53
CA PRO I 321 1.08 39.93 -30.37
C PRO I 321 0.20 38.91 -29.64
N LEU I 322 0.69 38.35 -28.55
CA LEU I 322 -0.07 37.35 -27.80
C LEU I 322 -0.96 37.98 -26.75
N VAL I 323 -0.67 39.24 -26.42
CA VAL I 323 -1.36 39.94 -25.35
C VAL I 323 -2.57 40.70 -25.88
N GLU I 324 -3.71 40.42 -25.28
CA GLU I 324 -4.97 41.08 -25.63
C GLU I 324 -5.00 42.47 -25.00
N GLU I 325 -5.50 43.46 -25.74
CA GLU I 325 -5.62 44.80 -25.21
C GLU I 325 -6.66 44.85 -24.08
N LYS I 326 -6.31 45.50 -22.95
CA LYS I 326 -7.25 45.64 -21.84
C LYS I 326 -7.93 47.01 -21.87
N ALA I 327 -9.23 47.05 -21.61
CA ALA I 327 -9.98 48.31 -21.60
C ALA I 327 -9.91 49.05 -20.25
N ASP I 328 -9.72 48.28 -19.18
CA ASP I 328 -9.78 48.81 -17.82
C ASP I 328 -8.52 49.60 -17.46
N ARG I 329 -8.68 50.89 -17.26
CA ARG I 329 -7.56 51.80 -17.03
C ARG I 329 -7.67 52.59 -15.73
N LYS I 330 -8.51 52.14 -14.79
CA LYS I 330 -8.66 52.81 -13.50
C LYS I 330 -7.34 52.91 -12.75
N PHE I 331 -6.62 51.80 -12.65
CA PHE I 331 -5.39 51.78 -11.89
C PHE I 331 -4.39 52.75 -12.50
N LEU I 332 -4.24 52.69 -13.81
CA LEU I 332 -3.34 53.60 -14.51
C LEU I 332 -3.72 55.06 -14.29
N ASP I 333 -4.99 55.37 -14.43
CA ASP I 333 -5.45 56.76 -14.27
C ASP I 333 -5.19 57.30 -12.86
N LYS I 334 -5.41 56.47 -11.86
CA LYS I 334 -5.14 56.86 -10.49
C LYS I 334 -3.64 57.09 -10.27
N ALA I 335 -2.80 56.21 -10.83
CA ALA I 335 -1.36 56.39 -10.74
C ALA I 335 -0.93 57.71 -11.40
N LEU I 336 -1.51 58.02 -12.54
CA LEU I 336 -1.17 59.25 -13.26
C LEU I 336 -1.57 60.47 -12.46
N GLU I 337 -2.69 60.37 -11.75
CA GLU I 337 -3.16 61.47 -10.94
C GLU I 337 -2.24 61.66 -9.74
N ASP I 338 -1.84 60.56 -9.10
CA ASP I 338 -0.84 60.59 -8.02
C ASP I 338 0.44 61.24 -8.52
N TYR I 339 0.84 60.88 -9.72
CA TYR I 339 2.04 61.43 -10.32
C TYR I 339 1.98 62.94 -10.49
N ARG I 340 0.86 63.45 -11.00
CA ARG I 340 0.73 64.89 -11.13
C ARG I 340 0.89 65.59 -9.80
N ASP I 341 0.31 65.02 -8.75
CA ASP I 341 0.45 65.61 -7.41
C ASP I 341 1.89 65.58 -6.96
N ALA I 342 2.56 64.44 -7.16
CA ALA I 342 3.93 64.28 -6.71
C ALA I 342 4.87 65.25 -7.42
N ARG I 343 4.71 65.43 -8.72
CA ARG I 343 5.60 66.31 -9.48
C ARG I 343 5.40 67.75 -9.07
N LYS I 344 4.18 68.09 -8.69
CA LYS I 344 3.93 69.42 -8.20
C LYS I 344 4.62 69.66 -6.86
N GLY I 345 4.64 68.64 -6.01
CA GLY I 345 5.30 68.76 -4.71
C GLY I 345 6.79 68.96 -4.91
N LEU I 346 7.37 68.17 -5.82
CA LEU I 346 8.76 68.28 -6.22
C LEU I 346 9.09 69.67 -6.70
N ASP I 347 8.21 70.24 -7.54
CA ASP I 347 8.46 71.54 -8.14
C ASP I 347 8.42 72.66 -7.13
N ASP I 348 7.59 72.51 -6.09
CA ASP I 348 7.45 73.55 -5.06
C ASP I 348 8.72 73.71 -4.24
N LEU I 349 9.49 72.63 -4.16
CA LEU I 349 10.74 72.65 -3.44
C LEU I 349 11.86 73.32 -4.24
N ALA I 350 11.69 73.44 -5.55
CA ALA I 350 12.77 73.91 -6.42
C ALA I 350 12.61 75.37 -6.82
N LYS I 351 12.47 76.24 -5.83
CA LYS I 351 12.21 77.66 -6.03
C LYS I 351 13.41 78.48 -5.60
N PRO I 352 13.64 79.65 -6.24
CA PRO I 352 14.67 80.55 -5.75
C PRO I 352 14.22 81.17 -4.43
N SER I 353 15.17 81.59 -3.61
CA SER I 353 14.86 82.20 -2.32
C SER I 353 15.99 83.13 -1.92
N GLU I 354 15.75 84.02 -0.97
CA GLU I 354 16.81 84.90 -0.48
C GLU I 354 17.52 84.27 0.70
N LYS I 355 16.89 83.27 1.30
CA LYS I 355 17.42 82.57 2.47
C LYS I 355 18.68 81.76 2.21
N ALA I 356 18.64 80.90 1.21
CA ALA I 356 19.71 79.94 1.02
C ALA I 356 19.34 79.23 -0.25
N ILE I 357 20.30 78.58 -0.87
CA ILE I 357 19.98 78.02 -2.15
C ILE I 357 19.49 76.62 -1.90
N HIS I 358 18.25 76.35 -2.25
CA HIS I 358 17.73 75.00 -2.20
C HIS I 358 18.44 74.19 -3.29
N PRO I 359 19.09 73.08 -2.89
CA PRO I 359 19.79 72.26 -3.87
C PRO I 359 18.83 71.78 -4.94
N GLN I 360 17.55 71.66 -4.62
CA GLN I 360 16.66 71.15 -5.64
C GLN I 360 16.40 72.21 -6.72
N TYR I 361 16.40 73.47 -6.33
CA TYR I 361 16.44 74.57 -7.28
C TYR I 361 17.70 74.48 -8.15
N LEU I 362 18.85 74.25 -7.52
CA LEU I 362 20.10 74.18 -8.27
C LEU I 362 20.03 73.06 -9.31
N ALA I 363 19.54 71.90 -8.90
CA ALA I 363 19.46 70.76 -9.81
C ALA I 363 18.49 71.04 -10.96
N GLN I 364 17.38 71.68 -10.64
CA GLN I 364 16.39 72.00 -11.66
C GLN I 364 16.98 72.92 -12.73
N GLN I 365 17.83 73.85 -12.31
CA GLN I 365 18.38 74.84 -13.23
C GLN I 365 19.47 74.20 -14.06
N ILE I 366 20.21 73.26 -13.47
CA ILE I 366 21.20 72.49 -14.21
C ILE I 366 20.50 71.79 -15.36
N SER I 367 19.38 71.13 -15.05
CA SER I 367 18.62 70.45 -16.08
C SER I 367 18.11 71.42 -17.15
N HIS I 368 17.71 72.59 -16.73
CA HIS I 368 17.16 73.57 -17.66
C HIS I 368 18.21 74.13 -18.63
N PHE I 369 19.41 74.41 -18.13
CA PHE I 369 20.43 75.06 -18.95
C PHE I 369 21.44 74.10 -19.63
N ALA I 370 21.54 72.87 -19.14
CA ALA I 370 22.49 71.91 -19.72
C ALA I 370 22.08 71.52 -21.15
N ALA I 371 23.02 71.03 -21.94
CA ALA I 371 22.72 70.66 -23.32
C ALA I 371 21.64 69.59 -23.41
N ASP I 372 20.93 69.53 -24.53
CA ASP I 372 19.90 68.51 -24.75
C ASP I 372 20.48 67.11 -24.88
N ASP I 373 21.79 67.00 -24.98
CA ASP I 373 22.42 65.67 -24.98
C ASP I 373 23.57 65.61 -23.98
N ALA I 374 23.46 66.39 -22.91
CA ALA I 374 24.48 66.39 -21.90
C ALA I 374 24.62 65.02 -21.26
N ILE I 375 25.81 64.72 -20.79
CA ILE I 375 26.05 63.57 -19.98
C ILE I 375 26.24 64.04 -18.52
N PHE I 376 25.39 63.53 -17.62
CA PHE I 376 25.44 63.91 -16.22
C PHE I 376 26.01 62.80 -15.41
N THR I 377 26.86 63.15 -14.46
CA THR I 377 27.28 62.20 -13.44
C THR I 377 26.89 62.81 -12.11
N CYS I 378 26.64 61.98 -11.09
CA CYS I 378 26.24 62.52 -9.79
C CYS I 378 26.83 61.70 -8.64
N ASP I 379 27.37 62.40 -7.64
CA ASP I 379 28.00 61.74 -6.51
C ASP I 379 26.96 61.00 -5.66
N VAL I 380 27.37 59.89 -5.09
CA VAL I 380 26.58 59.24 -4.08
C VAL I 380 26.43 60.22 -2.92
N GLY I 381 25.21 60.43 -2.45
CA GLY I 381 24.88 61.49 -1.50
C GLY I 381 23.71 62.29 -2.03
N THR I 382 23.48 63.50 -1.53
CA THR I 382 22.33 64.26 -1.97
C THR I 382 22.30 64.46 -3.49
N PRO I 383 23.48 64.55 -4.15
CA PRO I 383 23.38 64.82 -5.57
C PRO I 383 22.65 63.71 -6.33
N THR I 384 22.72 62.47 -5.82
CA THR I 384 21.97 61.38 -6.43
C THR I 384 20.47 61.61 -6.28
N VAL I 385 20.07 62.08 -5.10
CA VAL I 385 18.67 62.39 -4.88
C VAL I 385 18.19 63.47 -5.87
N TRP I 386 18.97 64.53 -6.01
CA TRP I 386 18.51 65.65 -6.82
C TRP I 386 18.50 65.28 -8.30
N ALA I 387 19.49 64.51 -8.72
CA ALA I 387 19.55 64.03 -10.08
C ALA I 387 18.32 63.18 -10.37
N ALA I 388 18.06 62.23 -9.51
CA ALA I 388 16.91 61.35 -9.66
C ALA I 388 15.62 62.15 -9.82
N ARG I 389 15.48 63.19 -9.02
CA ARG I 389 14.20 63.90 -8.94
C ARG I 389 14.08 65.05 -9.89
N TYR I 390 15.20 65.62 -10.35
CA TYR I 390 15.11 66.87 -11.11
C TYR I 390 15.73 66.89 -12.50
N LEU I 391 16.56 65.92 -12.85
CA LEU I 391 17.12 65.86 -14.21
C LEU I 391 16.09 65.35 -15.19
N LYS I 392 15.78 66.15 -16.20
CA LYS I 392 14.88 65.68 -17.23
C LYS I 392 15.63 64.92 -18.34
N MET I 393 15.25 63.65 -18.54
CA MET I 393 15.89 62.81 -19.56
C MET I 393 15.10 62.88 -20.85
N ASN I 394 15.69 62.46 -21.96
CA ASN I 394 15.04 62.61 -23.26
C ASN I 394 15.47 61.64 -24.31
N GLY I 395 16.23 60.62 -23.92
CA GLY I 395 16.70 59.63 -24.89
C GLY I 395 18.05 59.99 -25.49
N LYS I 396 18.55 61.18 -25.19
CA LYS I 396 19.87 61.58 -25.64
C LYS I 396 20.79 61.84 -24.46
N ARG I 397 20.27 62.53 -23.44
CA ARG I 397 21.01 62.74 -22.21
C ARG I 397 21.33 61.41 -21.53
N ARG I 398 22.38 61.42 -20.70
CA ARG I 398 22.81 60.25 -19.99
C ARG I 398 23.02 60.59 -18.54
N LEU I 399 22.84 59.60 -17.68
CA LEU I 399 23.05 59.78 -16.26
C LEU I 399 23.92 58.62 -15.76
N LEU I 400 25.10 58.95 -15.23
CA LEU I 400 25.95 57.92 -14.64
C LEU I 400 26.12 58.20 -13.15
N GLY I 401 26.24 57.15 -12.36
CA GLY I 401 26.55 57.30 -10.95
C GLY I 401 27.15 56.02 -10.41
N SER I 402 27.19 55.92 -9.09
CA SER I 402 27.63 54.69 -8.47
C SER I 402 26.40 54.14 -7.76
N PHE I 403 25.40 53.76 -8.53
CA PHE I 403 24.10 53.47 -7.98
C PHE I 403 23.96 52.13 -7.30
N ASN I 404 24.78 51.14 -7.71
CA ASN I 404 24.74 49.82 -7.10
C ASN I 404 25.82 49.68 -6.04
N HIS I 405 27.04 50.09 -6.37
CA HIS I 405 28.15 49.94 -5.45
C HIS I 405 28.09 51.03 -4.38
N GLY I 406 27.51 52.17 -4.73
CA GLY I 406 27.20 53.20 -3.76
C GLY I 406 28.41 53.90 -3.16
N SER I 407 29.41 54.17 -3.99
CA SER I 407 30.60 54.81 -3.51
C SER I 407 30.52 56.33 -3.60
N MET I 408 30.85 57.03 -2.52
CA MET I 408 31.14 58.44 -2.62
C MET I 408 32.21 58.71 -3.68
N ALA I 409 32.22 59.93 -4.19
CA ALA I 409 33.36 60.46 -4.95
C ALA I 409 33.45 59.97 -6.39
N ASN I 410 32.36 59.39 -6.89
CA ASN I 410 32.36 58.81 -8.22
C ASN I 410 32.17 59.86 -9.32
N ALA I 411 31.51 60.98 -8.99
CA ALA I 411 31.02 61.87 -10.05
C ALA I 411 32.12 62.46 -10.93
N MET I 412 33.11 63.08 -10.33
CA MET I 412 34.13 63.68 -11.14
C MET I 412 34.96 62.64 -11.90
N PRO I 413 35.35 61.57 -11.23
CA PRO I 413 36.09 60.56 -11.98
C PRO I 413 35.30 60.01 -13.17
N GLN I 414 34.00 59.75 -12.97
CA GLN I 414 33.20 59.28 -14.09
C GLN I 414 33.11 60.34 -15.19
N ALA I 415 33.03 61.61 -14.79
CA ALA I 415 32.96 62.71 -15.74
C ALA I 415 34.20 62.74 -16.61
N LEU I 416 35.34 62.48 -15.97
CA LEU I 416 36.61 62.42 -16.65
C LEU I 416 36.56 61.39 -17.77
N GLY I 417 36.05 60.20 -17.47
CA GLY I 417 35.95 59.16 -18.48
C GLY I 417 34.93 59.52 -19.55
N ALA I 418 33.81 60.10 -19.15
CA ALA I 418 32.77 60.47 -20.10
C ALA I 418 33.35 61.47 -21.08
N GLN I 419 33.98 62.51 -20.53
CA GLN I 419 34.47 63.59 -21.39
C GLN I 419 35.53 63.11 -22.38
N ALA I 420 36.39 62.19 -21.95
CA ALA I 420 37.43 61.70 -22.86
C ALA I 420 36.81 60.85 -23.96
N THR I 421 35.73 60.15 -23.63
CA THR I 421 35.10 59.26 -24.56
C THR I 421 34.30 60.05 -25.58
N GLU I 422 33.66 61.11 -25.12
CA GLU I 422 32.89 62.01 -25.98
C GLU I 422 33.41 63.44 -25.93
N PRO I 423 34.54 63.70 -26.59
CA PRO I 423 35.18 65.02 -26.42
C PRO I 423 34.31 66.24 -26.85
N GLU I 424 33.34 66.02 -27.74
CA GLU I 424 32.52 67.12 -28.25
C GLU I 424 31.27 67.37 -27.41
N ARG I 425 31.04 66.51 -26.44
CA ARG I 425 29.79 66.49 -25.73
C ARG I 425 29.91 67.24 -24.37
N GLN I 426 28.84 67.88 -23.93
CA GLN I 426 28.87 68.55 -22.63
C GLN I 426 28.74 67.51 -21.51
N VAL I 427 29.62 67.60 -20.52
CA VAL I 427 29.59 66.69 -19.38
C VAL I 427 29.48 67.49 -18.10
N VAL I 428 28.48 67.18 -17.29
CA VAL I 428 28.22 67.93 -16.07
C VAL I 428 28.30 67.01 -14.87
N ALA I 429 29.28 67.25 -13.99
CA ALA I 429 29.46 66.42 -12.79
C ALA I 429 28.76 67.11 -11.61
N MET I 430 27.72 66.48 -11.08
CA MET I 430 27.05 66.97 -9.90
C MET I 430 27.72 66.36 -8.66
N CYS I 431 28.62 67.11 -8.04
CA CYS I 431 29.48 66.58 -6.99
C CYS I 431 29.07 67.01 -5.60
N GLY I 432 29.33 66.16 -4.62
CA GLY I 432 29.22 66.57 -3.25
C GLY I 432 30.55 67.20 -2.87
N ASP I 433 30.54 67.97 -1.79
CA ASP I 433 31.78 68.51 -1.27
C ASP I 433 32.64 67.38 -0.67
N GLY I 434 31.98 66.40 -0.05
CA GLY I 434 32.67 65.23 0.45
C GLY I 434 33.25 64.45 -0.71
N GLY I 435 32.41 64.18 -1.71
CA GLY I 435 32.83 63.40 -2.86
C GLY I 435 33.96 64.06 -3.63
N PHE I 436 33.82 65.34 -3.94
CA PHE I 436 34.85 66.02 -4.67
C PHE I 436 36.16 65.99 -3.90
N SER I 437 36.12 66.27 -2.61
CA SER I 437 37.38 66.33 -1.90
C SER I 437 37.98 64.95 -1.62
N MET I 438 37.15 63.91 -1.62
CA MET I 438 37.63 62.58 -1.35
C MET I 438 38.63 62.09 -2.42
N LEU I 439 38.44 62.50 -3.66
CA LEU I 439 39.39 62.19 -4.74
C LEU I 439 39.86 63.46 -5.43
N MET I 440 40.08 64.50 -4.65
CA MET I 440 40.32 65.84 -5.19
C MET I 440 41.55 65.93 -6.11
N GLY I 441 42.51 65.04 -5.94
CA GLY I 441 43.76 65.13 -6.69
C GLY I 441 43.49 65.05 -8.17
N ASP I 442 42.48 64.29 -8.57
CA ASP I 442 42.23 64.14 -9.99
C ASP I 442 41.53 65.32 -10.61
N PHE I 443 41.21 66.31 -9.80
CA PHE I 443 40.81 67.57 -10.34
C PHE I 443 41.95 68.06 -11.26
N LEU I 444 43.18 67.79 -10.87
CA LEU I 444 44.33 68.15 -11.68
C LEU I 444 44.33 67.42 -13.02
N SER I 445 43.66 66.28 -13.10
CA SER I 445 43.59 65.55 -14.37
C SER I 445 42.71 66.28 -15.37
N VAL I 446 41.72 66.99 -14.86
CA VAL I 446 40.86 67.77 -15.71
C VAL I 446 41.69 68.79 -16.48
N VAL I 447 42.65 69.42 -15.82
CA VAL I 447 43.56 70.35 -16.48
C VAL I 447 44.54 69.61 -17.39
N GLN I 448 45.27 68.66 -16.83
CA GLN I 448 46.29 67.94 -17.58
C GLN I 448 45.75 67.27 -18.85
N MET I 449 44.54 66.72 -18.78
CA MET I 449 43.94 66.05 -19.94
C MET I 449 43.14 67.02 -20.80
N LYS I 450 42.95 68.24 -20.32
CA LYS I 450 42.21 69.26 -21.04
C LYS I 450 40.80 68.79 -21.38
N LEU I 451 40.10 68.26 -20.40
CA LEU I 451 38.74 67.81 -20.60
C LEU I 451 37.80 68.87 -20.01
N PRO I 452 36.96 69.48 -20.86
CA PRO I 452 36.13 70.61 -20.41
C PRO I 452 34.94 70.22 -19.55
N VAL I 453 35.19 69.45 -18.48
CA VAL I 453 34.15 69.08 -17.53
C VAL I 453 33.51 70.29 -16.86
N LYS I 454 32.20 70.26 -16.73
CA LYS I 454 31.55 71.25 -15.90
C LYS I 454 31.24 70.63 -14.53
N ILE I 455 31.99 71.04 -13.53
CA ILE I 455 31.80 70.52 -12.19
C ILE I 455 30.92 71.47 -11.35
N VAL I 456 29.83 70.95 -10.81
CA VAL I 456 28.99 71.76 -9.95
C VAL I 456 29.01 71.13 -8.57
N VAL I 457 29.58 71.83 -7.60
CA VAL I 457 29.68 71.28 -6.26
C VAL I 457 28.49 71.70 -5.43
N PHE I 458 27.76 70.71 -4.91
CA PHE I 458 26.69 70.97 -3.96
C PHE I 458 27.34 71.16 -2.60
N ASN I 459 27.76 72.38 -2.35
CA ASN I 459 28.59 72.66 -1.19
C ASN I 459 27.71 72.91 0.03
N ASN I 460 27.37 71.84 0.73
CA ASN I 460 26.59 71.99 1.95
C ASN I 460 27.48 71.85 3.16
N SER I 461 28.79 71.89 2.92
CA SER I 461 29.70 71.97 4.06
C SER I 461 29.48 70.77 4.95
N VAL I 462 28.96 69.65 4.43
CA VAL I 462 28.62 68.50 5.23
C VAL I 462 28.62 67.21 4.40
N LEU I 463 28.69 66.08 5.11
CA LEU I 463 28.45 64.76 4.56
C LEU I 463 26.95 64.49 4.72
N GLY I 464 26.15 65.14 3.89
CA GLY I 464 24.73 65.35 4.16
C GLY I 464 23.76 64.18 4.08
N PHE I 465 23.98 63.23 3.16
CA PHE I 465 23.00 62.14 3.00
C PHE I 465 23.12 61.17 4.19
N VAL I 466 24.30 60.58 4.37
CA VAL I 466 24.57 59.75 5.54
C VAL I 466 25.98 59.92 6.05
N GLY I 479 30.78 63.71 13.53
CA GLY I 479 31.72 63.51 12.44
C GLY I 479 31.15 63.76 11.06
N THR I 480 30.13 64.62 11.00
CA THR I 480 29.43 64.98 9.76
C THR I 480 29.85 66.35 9.19
N GLU I 481 30.12 67.32 10.06
CA GLU I 481 30.51 68.67 9.63
C GLU I 481 31.83 68.66 8.83
N LEU I 482 31.86 69.42 7.72
CA LEU I 482 33.10 69.69 7.00
C LEU I 482 33.51 71.16 7.19
N HIS I 483 34.81 71.39 7.39
CA HIS I 483 35.35 72.74 7.45
C HIS I 483 34.93 73.50 6.21
N ASP I 484 34.71 74.81 6.36
CA ASP I 484 34.19 75.69 5.28
C ASP I 484 35.14 75.98 4.11
N THR I 485 35.01 75.17 3.06
CA THR I 485 35.93 75.21 1.95
C THR I 485 35.34 75.98 0.82
N ASN I 486 36.16 76.82 0.22
CA ASN I 486 35.84 77.49 -1.01
C ASN I 486 36.47 76.75 -2.20
N PHE I 487 35.67 75.94 -2.88
CA PHE I 487 36.19 75.15 -3.98
C PHE I 487 36.47 75.98 -5.23
N ALA I 488 35.76 77.09 -5.39
CA ALA I 488 36.03 78.00 -6.50
C ALA I 488 37.45 78.54 -6.39
N ARG I 489 37.85 78.91 -5.18
CA ARG I 489 39.17 79.42 -4.94
C ARG I 489 40.19 78.35 -5.29
N ILE I 490 39.89 77.10 -4.92
CA ILE I 490 40.82 76.01 -5.18
C ILE I 490 40.96 75.79 -6.67
N ALA I 491 39.84 75.85 -7.39
CA ALA I 491 39.87 75.71 -8.83
C ALA I 491 40.77 76.77 -9.45
N GLU I 492 40.58 78.02 -9.07
CA GLU I 492 41.38 79.10 -9.64
C GLU I 492 42.86 78.83 -9.42
N ALA I 493 43.19 78.32 -8.25
CA ALA I 493 44.59 78.08 -7.92
C ALA I 493 45.16 76.95 -8.78
N CYS I 494 44.29 76.07 -9.26
CA CYS I 494 44.70 74.98 -10.13
C CYS I 494 44.69 75.39 -11.60
N GLY I 495 44.31 76.63 -11.89
CA GLY I 495 44.25 77.08 -13.26
C GLY I 495 42.95 76.79 -14.02
N ILE I 496 41.91 76.38 -13.30
CA ILE I 496 40.56 76.22 -13.87
C ILE I 496 39.64 77.37 -13.40
N THR I 497 38.77 77.88 -14.26
CA THR I 497 37.80 78.89 -13.83
C THR I 497 36.92 78.42 -12.67
N GLY I 498 36.83 79.24 -11.63
CA GLY I 498 35.96 78.93 -10.49
C GLY I 498 34.92 79.99 -10.26
N ILE I 499 33.67 79.57 -10.09
CA ILE I 499 32.60 80.50 -9.80
C ILE I 499 31.96 80.16 -8.47
N ARG I 500 32.01 81.09 -7.54
CA ARG I 500 31.44 80.91 -6.21
C ARG I 500 30.01 81.46 -6.21
N VAL I 501 29.04 80.62 -5.89
CA VAL I 501 27.64 81.02 -5.92
C VAL I 501 27.03 80.91 -4.52
N GLU I 502 26.51 82.01 -4.00
CA GLU I 502 25.96 82.01 -2.65
C GLU I 502 24.52 82.52 -2.60
N LYS I 503 24.09 83.25 -3.62
CA LYS I 503 22.71 83.74 -3.69
C LYS I 503 21.94 83.01 -4.80
N ALA I 504 20.69 82.65 -4.52
CA ALA I 504 19.89 81.95 -5.51
C ALA I 504 19.78 82.73 -6.83
N SER I 505 19.78 84.06 -6.74
CA SER I 505 19.64 84.89 -7.93
C SER I 505 20.87 84.82 -8.85
N GLU I 506 22.00 84.35 -8.31
CA GLU I 506 23.23 84.23 -9.09
C GLU I 506 23.33 82.90 -9.86
N VAL I 507 22.46 81.95 -9.52
CA VAL I 507 22.56 80.61 -10.07
C VAL I 507 22.45 80.56 -11.60
N ASP I 508 21.39 81.17 -12.14
CA ASP I 508 21.12 81.09 -13.57
C ASP I 508 22.33 81.56 -14.38
N GLU I 509 22.84 82.75 -14.07
CA GLU I 509 23.95 83.27 -14.85
C GLU I 509 25.23 82.44 -14.61
N ALA I 510 25.42 81.89 -13.42
CA ALA I 510 26.62 81.10 -13.14
C ALA I 510 26.65 79.83 -13.99
N LEU I 511 25.51 79.17 -14.10
CA LEU I 511 25.44 77.97 -14.90
C LEU I 511 25.63 78.29 -16.40
N GLN I 512 25.00 79.35 -16.86
CA GLN I 512 25.11 79.70 -18.27
C GLN I 512 26.54 80.05 -18.63
N ARG I 513 27.23 80.81 -17.78
CA ARG I 513 28.62 81.20 -18.06
CA ARG I 513 28.63 81.20 -18.08
C ARG I 513 29.47 79.89 -18.03
N ALA I 514 29.29 79.04 -17.02
CA ALA I 514 30.07 77.81 -16.93
C ALA I 514 29.95 76.97 -18.19
N PHE I 515 28.72 76.84 -18.69
CA PHE I 515 28.47 76.00 -19.85
C PHE I 515 29.02 76.60 -21.15
N SER I 516 29.06 77.93 -21.24
CA SER I 516 29.59 78.61 -22.44
C SER I 516 31.11 78.64 -22.52
N ILE I 517 31.77 78.71 -21.37
CA ILE I 517 33.21 78.81 -21.37
C ILE I 517 33.83 77.62 -22.10
N ASP I 518 34.77 77.94 -22.96
CA ASP I 518 35.47 76.96 -23.77
C ASP I 518 36.56 76.28 -22.93
N GLY I 519 36.16 75.51 -21.94
CA GLY I 519 37.11 74.86 -21.05
C GLY I 519 36.41 74.32 -19.80
N PRO I 520 37.17 73.70 -18.89
CA PRO I 520 36.56 73.16 -17.67
C PRO I 520 36.22 74.27 -16.70
N VAL I 521 35.19 74.06 -15.89
CA VAL I 521 34.75 75.08 -14.95
C VAL I 521 34.27 74.42 -13.68
N LEU I 522 34.57 75.00 -12.54
CA LEU I 522 33.98 74.54 -11.30
C LEU I 522 33.04 75.61 -10.75
N VAL I 523 31.78 75.24 -10.57
CA VAL I 523 30.80 76.11 -9.95
C VAL I 523 30.56 75.59 -8.52
N ASP I 524 30.95 76.41 -7.55
CA ASP I 524 30.89 76.05 -6.14
C ASP I 524 29.65 76.70 -5.55
N VAL I 525 28.59 75.91 -5.38
CA VAL I 525 27.31 76.47 -4.93
C VAL I 525 27.02 76.12 -3.47
N VAL I 526 26.98 77.13 -2.61
CA VAL I 526 26.62 76.92 -1.22
C VAL I 526 25.13 76.59 -1.15
N VAL I 527 24.80 75.39 -0.72
CA VAL I 527 23.39 74.96 -0.67
C VAL I 527 22.94 74.67 0.78
N ALA I 528 21.66 74.86 1.09
CA ALA I 528 21.12 74.56 2.42
C ALA I 528 21.06 73.06 2.62
N LYS I 529 21.04 72.61 3.88
CA LYS I 529 20.71 71.21 4.17
C LYS I 529 19.19 70.97 4.03
N GLU I 530 18.79 69.78 3.56
CA GLU I 530 17.37 69.53 3.22
C GLU I 530 16.82 68.16 3.65
N GLU I 531 15.48 68.04 3.65
CA GLU I 531 14.79 66.74 3.83
C GLU I 531 14.67 65.93 2.53
N LEU I 532 14.45 64.63 2.68
CA LEU I 532 14.15 63.72 1.58
C LEU I 532 12.66 63.59 1.34
N ALA I 533 11.94 63.20 2.39
CA ALA I 533 10.49 63.05 2.31
C ALA I 533 9.82 64.37 1.86
N ILE I 534 8.56 64.29 1.46
CA ILE I 534 7.93 65.45 0.83
C ILE I 534 6.44 65.63 1.22
N PRO I 535 6.13 66.75 1.89
CA PRO I 535 4.75 67.02 2.34
C PRO I 535 3.74 67.06 1.19
N MET J 1 24.64 44.39 32.22
CA MET J 1 25.06 45.61 31.45
C MET J 1 24.40 45.69 30.06
N LYS J 2 23.33 46.49 29.98
CA LYS J 2 22.51 46.62 28.77
C LYS J 2 23.01 47.75 27.85
N GLN J 3 23.53 47.37 26.69
CA GLN J 3 24.23 48.27 25.83
C GLN J 3 24.34 47.59 24.46
N THR J 4 24.63 48.35 23.41
CA THR J 4 24.71 47.76 22.09
C THR J 4 26.06 47.09 21.85
N VAL J 5 26.09 46.24 20.83
CA VAL J 5 27.33 45.61 20.42
C VAL J 5 28.37 46.70 20.17
N ALA J 6 27.96 47.76 19.46
CA ALA J 6 28.89 48.86 19.17
C ALA J 6 29.38 49.53 20.44
N ALA J 7 28.51 49.73 21.41
CA ALA J 7 28.93 50.34 22.66
C ALA J 7 29.96 49.45 23.37
N TYR J 8 29.73 48.13 23.32
CA TYR J 8 30.62 47.17 23.96
C TYR J 8 32.01 47.31 23.34
N ILE J 9 32.05 47.40 22.02
CA ILE J 9 33.33 47.58 21.33
C ILE J 9 34.02 48.87 21.77
N ALA J 10 33.26 49.96 21.77
CA ALA J 10 33.84 51.25 22.12
C ALA J 10 34.38 51.27 23.56
N LYS J 11 33.61 50.75 24.49
CA LYS J 11 34.05 50.67 25.88
C LYS J 11 35.31 49.83 26.06
N THR J 12 35.40 48.73 25.32
CA THR J 12 36.52 47.85 25.44
C THR J 12 37.77 48.54 24.89
N LEU J 13 37.64 49.19 23.74
CA LEU J 13 38.73 49.99 23.21
C LEU J 13 39.15 51.10 24.19
N GLU J 14 38.18 51.76 24.81
CA GLU J 14 38.48 52.78 25.77
C GLU J 14 39.36 52.21 26.89
N SER J 15 38.99 51.02 27.36
CA SER J 15 39.70 50.39 28.44
C SER J 15 41.11 49.99 28.05
N ALA J 16 41.30 49.62 26.80
CA ALA J 16 42.63 49.28 26.27
C ALA J 16 43.47 50.53 26.03
N GLY J 17 42.88 51.70 26.25
CA GLY J 17 43.63 52.94 26.11
C GLY J 17 43.59 53.61 24.77
N VAL J 18 42.77 53.14 23.82
CA VAL J 18 42.68 53.87 22.56
C VAL J 18 42.12 55.28 22.71
N LYS J 19 42.72 56.20 21.99
CA LYS J 19 42.40 57.62 22.17
C LYS J 19 41.57 58.18 21.04
N ARG J 20 41.63 57.55 19.88
CA ARG J 20 40.94 58.09 18.71
C ARG J 20 40.66 56.99 17.71
N ILE J 21 39.64 57.20 16.89
CA ILE J 21 39.35 56.31 15.77
C ILE J 21 39.36 57.15 14.48
N TRP J 22 40.07 56.66 13.46
CA TRP J 22 40.18 57.38 12.19
C TRP J 22 39.21 56.82 11.18
N GLY J 23 38.45 57.68 10.51
CA GLY J 23 37.61 57.21 9.43
C GLY J 23 36.81 58.28 8.75
N VAL J 24 35.80 57.83 7.99
CA VAL J 24 34.78 58.69 7.41
C VAL J 24 33.47 57.99 7.80
N THR J 25 32.45 58.73 8.27
CA THR J 25 31.17 58.09 8.68
C THR J 25 30.35 57.47 7.54
N GLY J 26 29.20 56.95 7.93
CA GLY J 26 28.20 56.39 7.04
C GLY J 26 27.09 55.88 7.95
N ASP J 27 25.91 55.66 7.40
CA ASP J 27 24.78 55.14 8.18
C ASP J 27 25.07 53.78 8.82
N SER J 28 25.88 52.97 8.14
CA SER J 28 26.25 51.65 8.63
C SER J 28 27.10 51.71 9.92
N LEU J 29 27.59 52.92 10.23
CA LEU J 29 28.38 53.18 11.44
C LEU J 29 27.60 53.92 12.54
N ASN J 30 26.27 54.01 12.41
CA ASN J 30 25.45 54.73 13.39
C ASN J 30 25.64 54.24 14.82
N GLY J 31 25.62 52.93 15.00
CA GLY J 31 25.80 52.34 16.30
C GLY J 31 27.09 52.85 16.93
N LEU J 32 28.19 52.75 16.18
CA LEU J 32 29.49 53.19 16.65
C LEU J 32 29.54 54.70 16.94
N SER J 33 29.08 55.52 15.98
CA SER J 33 29.05 56.98 16.18
C SER J 33 28.26 57.37 17.42
N ASP J 34 27.08 56.77 17.57
CA ASP J 34 26.24 56.99 18.73
C ASP J 34 26.99 56.74 20.02
N SER J 35 27.66 55.60 20.09
CA SER J 35 28.42 55.21 21.30
C SER J 35 29.57 56.15 21.58
N LEU J 36 30.29 56.52 20.53
CA LEU J 36 31.38 57.47 20.69
C LEU J 36 30.89 58.82 21.21
N ASN J 37 29.76 59.31 20.67
CA ASN J 37 29.18 60.57 21.12
CA ASN J 37 29.15 60.56 21.11
C ASN J 37 28.77 60.51 22.59
N ARG J 38 28.11 59.42 22.99
CA ARG J 38 27.66 59.36 24.38
CA ARG J 38 27.66 59.22 24.39
C ARG J 38 28.84 59.12 25.34
N MET J 39 29.87 58.41 24.89
CA MET J 39 31.05 58.14 25.70
C MET J 39 31.90 59.40 25.92
N GLY J 40 32.12 60.16 24.85
CA GLY J 40 32.87 61.41 24.91
C GLY J 40 34.34 61.31 25.32
N THR J 41 34.99 60.17 25.08
CA THR J 41 36.39 60.01 25.46
C THR J 41 37.25 59.67 24.25
N ILE J 42 36.85 58.68 23.46
CA ILE J 42 37.57 58.41 22.26
C ILE J 42 37.17 59.46 21.22
N GLU J 43 38.16 60.01 20.54
CA GLU J 43 37.91 61.07 19.59
C GLU J 43 37.80 60.56 18.16
N TRP J 44 36.79 61.01 17.43
CA TRP J 44 36.62 60.59 16.04
C TRP J 44 37.43 61.51 15.11
N MET J 45 38.32 60.93 14.31
CA MET J 45 39.17 61.73 13.40
C MET J 45 38.69 61.55 11.98
N SER J 46 38.05 62.57 11.44
CA SER J 46 37.41 62.45 10.14
C SER J 46 38.34 62.85 9.00
N THR J 47 38.68 61.91 8.13
CA THR J 47 39.55 62.22 7.00
C THR J 47 38.70 62.41 5.76
N ARG J 48 39.33 62.78 4.64
CA ARG J 48 38.60 62.96 3.40
C ARG J 48 38.49 61.67 2.62
N HIS J 49 39.44 60.77 2.80
CA HIS J 49 39.43 59.46 2.14
C HIS J 49 39.82 58.42 3.20
N GLU J 50 39.09 57.32 3.26
CA GLU J 50 39.37 56.33 4.31
C GLU J 50 40.79 55.73 4.17
N GLU J 51 41.37 55.77 2.98
CA GLU J 51 42.73 55.26 2.81
C GLU J 51 43.65 56.03 3.76
N VAL J 52 43.41 57.34 3.85
CA VAL J 52 44.22 58.20 4.70
C VAL J 52 44.00 57.87 6.17
N ALA J 53 42.77 57.51 6.53
CA ALA J 53 42.49 57.10 7.90
C ALA J 53 43.37 55.92 8.29
N ALA J 54 43.48 54.95 7.39
CA ALA J 54 44.28 53.74 7.64
C ALA J 54 45.78 54.06 7.75
N PHE J 55 46.32 54.85 6.81
CA PHE J 55 47.71 55.25 6.92
C PHE J 55 47.94 55.97 8.24
N ALA J 56 47.04 56.91 8.57
CA ALA J 56 47.22 57.74 9.76
C ALA J 56 47.21 56.87 11.02
N ALA J 57 46.27 55.93 11.09
CA ALA J 57 46.23 55.01 12.22
C ALA J 57 47.54 54.23 12.34
N GLY J 58 48.06 53.76 11.21
CA GLY J 58 49.33 53.08 11.18
C GLY J 58 50.45 53.96 11.74
N ALA J 59 50.47 55.25 11.38
CA ALA J 59 51.51 56.12 11.88
C ALA J 59 51.36 56.30 13.38
N GLU J 60 50.12 56.46 13.85
CA GLU J 60 49.86 56.59 15.28
C GLU J 60 50.38 55.35 16.03
N ALA J 61 50.08 54.17 15.50
CA ALA J 61 50.52 52.95 16.17
C ALA J 61 52.05 52.82 16.15
N GLN J 62 52.66 53.20 15.04
CA GLN J 62 54.09 53.18 14.94
C GLN J 62 54.74 54.04 16.03
N LEU J 63 54.22 55.25 16.22
CA LEU J 63 54.83 56.19 17.15
C LEU J 63 54.53 55.86 18.60
N SER J 64 53.28 55.50 18.90
CA SER J 64 52.89 55.29 20.27
C SER J 64 53.29 53.93 20.79
N GLY J 65 53.46 52.97 19.89
CA GLY J 65 53.67 51.59 20.30
C GLY J 65 52.37 50.95 20.79
N GLU J 66 51.23 51.58 20.53
CA GLU J 66 49.98 51.10 21.09
C GLU J 66 48.89 50.94 20.08
N LEU J 67 47.86 50.16 20.41
CA LEU J 67 46.77 49.87 19.49
C LEU J 67 46.19 51.16 18.90
N ALA J 68 46.07 51.21 17.57
CA ALA J 68 45.36 52.31 16.92
C ALA J 68 44.15 51.71 16.17
N VAL J 69 43.18 52.56 15.84
CA VAL J 69 41.93 52.07 15.30
C VAL J 69 41.45 52.92 14.14
N CYS J 70 41.00 52.27 13.07
CA CYS J 70 40.32 53.01 12.00
C CYS J 70 38.99 52.32 11.66
N ALA J 71 38.13 53.01 10.93
CA ALA J 71 36.81 52.45 10.64
C ALA J 71 36.33 52.90 9.29
N GLY J 72 35.50 52.10 8.65
CA GLY J 72 34.93 52.50 7.37
C GLY J 72 33.49 52.03 7.27
N SER J 73 32.67 52.76 6.53
CA SER J 73 31.28 52.37 6.36
C SER J 73 31.17 51.16 5.43
N CYS J 74 29.95 50.71 5.19
CA CYS J 74 29.81 49.47 4.43
C CYS J 74 30.24 49.63 2.97
N GLY J 75 30.65 48.51 2.35
CA GLY J 75 31.03 48.51 0.94
C GLY J 75 32.21 49.40 0.70
N PRO J 76 32.01 50.46 -0.10
CA PRO J 76 33.10 51.34 -0.51
C PRO J 76 33.83 52.00 0.65
N GLY J 77 33.13 52.25 1.75
CA GLY J 77 33.73 52.94 2.88
C GLY J 77 34.92 52.17 3.43
N ASN J 78 34.65 50.95 3.92
CA ASN J 78 35.72 50.16 4.47
C ASN J 78 36.67 49.69 3.37
N LEU J 79 36.15 49.48 2.16
CA LEU J 79 37.03 49.06 1.07
C LEU J 79 38.14 50.08 0.87
N HIS J 80 37.81 51.37 1.02
CA HIS J 80 38.80 52.43 0.90
C HIS J 80 39.97 52.29 1.86
N LEU J 81 39.82 51.52 2.94
CA LEU J 81 40.89 51.37 3.93
C LEU J 81 42.03 50.51 3.38
N ILE J 82 41.71 49.68 2.39
CA ILE J 82 42.55 48.51 2.13
C ILE J 82 44.05 48.82 1.90
N ASN J 83 44.36 49.81 1.06
CA ASN J 83 45.74 50.07 0.75
C ASN J 83 46.50 50.52 1.99
N GLY J 84 45.83 51.33 2.83
CA GLY J 84 46.45 51.77 4.06
C GLY J 84 46.62 50.63 5.06
N LEU J 85 45.69 49.69 5.08
CA LEU J 85 45.82 48.54 5.95
C LEU J 85 46.97 47.61 5.52
N PHE J 86 47.20 47.47 4.23
CA PHE J 86 48.38 46.75 3.77
C PHE J 86 49.60 47.41 4.34
N ASP J 87 49.64 48.74 4.29
CA ASP J 87 50.80 49.45 4.83
C ASP J 87 50.97 49.17 6.33
N CYS J 88 49.87 49.27 7.07
CA CYS J 88 49.91 49.00 8.52
C CYS J 88 50.42 47.60 8.79
N HIS J 89 49.85 46.63 8.10
CA HIS J 89 50.15 45.25 8.38
C HIS J 89 51.61 44.98 8.02
N ARG J 90 52.05 45.51 6.88
CA ARG J 90 53.41 45.29 6.45
C ARG J 90 54.42 45.99 7.34
N ASN J 91 54.00 47.08 8.00
CA ASN J 91 54.88 47.80 8.90
C ASN J 91 54.86 47.17 10.30
N HIS J 92 54.05 46.13 10.50
CA HIS J 92 53.98 45.45 11.80
C HIS J 92 53.54 46.37 12.91
N VAL J 93 52.50 47.15 12.71
CA VAL J 93 52.03 48.00 13.78
C VAL J 93 50.61 47.55 14.18
N PRO J 94 50.30 47.68 15.47
CA PRO J 94 49.03 47.18 15.98
C PRO J 94 47.85 48.08 15.57
N VAL J 95 47.01 47.59 14.65
CA VAL J 95 45.87 48.36 14.20
C VAL J 95 44.62 47.50 14.13
N LEU J 96 43.54 47.98 14.72
CA LEU J 96 42.24 47.37 14.57
C LEU J 96 41.41 48.17 13.56
N ALA J 97 40.87 47.48 12.56
CA ALA J 97 39.96 48.11 11.59
C ALA J 97 38.55 47.62 11.86
N ILE J 98 37.64 48.55 12.07
CA ILE J 98 36.24 48.19 12.18
C ILE J 98 35.60 48.43 10.85
N ALA J 99 35.26 47.35 10.15
CA ALA J 99 34.64 47.46 8.84
C ALA J 99 33.13 47.30 8.97
N ALA J 100 32.40 48.39 8.96
CA ALA J 100 30.94 48.31 8.98
C ALA J 100 30.45 47.64 7.70
N HIS J 101 29.33 46.95 7.80
CA HIS J 101 28.91 46.05 6.74
C HIS J 101 27.41 46.29 6.48
N ILE J 102 26.88 45.77 5.38
CA ILE J 102 25.50 46.00 5.01
C ILE J 102 24.61 45.29 6.01
N PRO J 103 23.29 45.61 6.04
CA PRO J 103 22.45 44.89 7.02
C PRO J 103 22.53 43.41 6.77
N SER J 104 22.68 42.61 7.83
CA SER J 104 22.92 41.19 7.65
C SER J 104 21.80 40.50 6.88
N SER J 105 20.60 41.04 6.94
CA SER J 105 19.47 40.41 6.27
C SER J 105 19.59 40.45 4.73
N GLU J 106 20.40 41.37 4.21
CA GLU J 106 20.52 41.56 2.78
C GLU J 106 21.73 40.82 2.20
N ILE J 107 22.56 40.24 3.06
CA ILE J 107 23.76 39.56 2.60
C ILE J 107 23.41 38.43 1.62
N GLY J 108 24.15 38.34 0.53
CA GLY J 108 23.98 37.24 -0.42
C GLY J 108 22.97 37.55 -1.51
N SER J 109 22.45 38.77 -1.57
CA SER J 109 21.36 39.07 -2.47
C SER J 109 21.79 40.03 -3.56
N GLY J 110 23.04 40.48 -3.50
CA GLY J 110 23.48 41.49 -4.45
C GLY J 110 22.94 42.84 -4.03
N TYR J 111 23.07 43.19 -2.76
CA TYR J 111 22.43 44.39 -2.23
C TYR J 111 23.21 45.65 -2.58
N PHE J 112 22.55 46.79 -2.43
CA PHE J 112 23.25 48.07 -2.48
C PHE J 112 24.54 48.02 -1.65
N GLN J 113 25.64 48.36 -2.28
CA GLN J 113 26.95 48.37 -1.59
C GLN J 113 27.50 47.04 -1.13
N GLU J 114 26.86 45.92 -1.46
CA GLU J 114 27.36 44.63 -0.98
C GLU J 114 28.81 44.31 -1.36
N THR J 115 29.64 43.99 -0.37
CA THR J 115 30.97 43.42 -0.60
C THR J 115 31.11 42.36 0.46
N HIS J 116 32.24 41.67 0.47
CA HIS J 116 32.52 40.68 1.51
C HIS J 116 33.85 41.05 2.19
N PRO J 117 33.81 42.03 3.10
CA PRO J 117 35.07 42.50 3.69
C PRO J 117 35.84 41.38 4.41
N GLN J 118 35.10 40.43 4.98
CA GLN J 118 35.74 39.34 5.69
C GLN J 118 36.60 38.46 4.77
N GLU J 119 36.38 38.54 3.46
CA GLU J 119 37.28 37.92 2.51
C GLU J 119 38.34 38.87 1.98
N LEU J 120 37.97 40.09 1.62
CA LEU J 120 38.91 41.04 1.05
C LEU J 120 40.14 41.27 1.93
N PHE J 121 39.95 41.35 3.23
CA PHE J 121 41.04 41.78 4.09
C PHE J 121 41.91 40.66 4.63
N ARG J 122 41.71 39.44 4.15
CA ARG J 122 42.52 38.32 4.67
C ARG J 122 44.01 38.54 4.53
N GLU J 123 44.46 38.99 3.37
CA GLU J 123 45.87 39.09 3.13
C GLU J 123 46.56 40.18 3.96
N CYS J 124 45.85 41.27 4.27
CA CYS J 124 46.47 42.36 4.98
C CYS J 124 46.06 42.37 6.44
N SER J 125 45.93 41.18 7.04
CA SER J 125 45.58 41.10 8.45
C SER J 125 46.00 39.74 8.97
N HIS J 126 46.06 39.58 10.29
CA HIS J 126 46.27 38.23 10.79
C HIS J 126 45.01 37.69 11.48
N TYR J 127 43.94 38.48 11.43
CA TYR J 127 42.66 38.07 11.96
C TYR J 127 41.61 38.89 11.25
N CYS J 128 40.55 38.24 10.80
CA CYS J 128 39.55 38.92 10.00
C CYS J 128 38.23 38.12 10.03
N GLU J 129 37.20 38.60 10.72
CA GLU J 129 35.95 37.82 10.82
C GLU J 129 34.71 38.68 10.84
N LEU J 130 33.63 38.07 10.39
CA LEU J 130 32.33 38.71 10.35
C LEU J 130 31.59 38.44 11.64
N VAL J 131 31.07 39.51 12.26
CA VAL J 131 30.22 39.37 13.44
C VAL J 131 28.76 39.29 12.98
N SER J 132 28.23 38.08 12.84
CA SER J 132 26.85 37.84 12.44
C SER J 132 25.94 37.89 13.65
N SER J 133 26.49 37.53 14.81
CA SER J 133 25.71 37.38 16.02
C SER J 133 26.33 38.20 17.16
N PRO J 134 25.48 38.90 17.93
CA PRO J 134 26.02 39.63 19.07
C PRO J 134 26.84 38.73 19.99
N GLU J 135 26.48 37.43 20.07
CA GLU J 135 27.16 36.54 21.00
C GLU J 135 28.64 36.33 20.62
N GLN J 136 28.99 36.62 19.38
CA GLN J 136 30.36 36.52 18.97
C GLN J 136 31.27 37.62 19.53
N ILE J 137 30.72 38.82 19.76
CA ILE J 137 31.60 39.98 19.88
C ILE J 137 32.66 39.87 21.01
N PRO J 138 32.35 39.22 22.14
CA PRO J 138 33.43 39.21 23.14
C PRO J 138 34.65 38.39 22.69
N GLN J 139 34.41 37.25 22.03
CA GLN J 139 35.54 36.42 21.60
C GLN J 139 36.25 37.04 20.41
N VAL J 140 35.47 37.48 19.44
CA VAL J 140 36.03 38.06 18.23
C VAL J 140 36.85 39.32 18.54
N LEU J 141 36.31 40.21 19.37
CA LEU J 141 37.04 41.42 19.73
C LEU J 141 38.28 41.09 20.57
N ALA J 142 38.17 40.14 21.48
CA ALA J 142 39.35 39.79 22.31
C ALA J 142 40.49 39.24 21.46
N ILE J 143 40.21 38.33 20.54
CA ILE J 143 41.22 37.76 19.70
C ILE J 143 41.75 38.83 18.76
N ALA J 144 40.85 39.57 18.12
CA ALA J 144 41.29 40.66 17.23
C ALA J 144 42.29 41.61 17.95
N MET J 145 41.95 42.07 19.14
CA MET J 145 42.80 43.03 19.81
C MET J 145 44.11 42.41 20.26
N ARG J 146 44.02 41.20 20.81
CA ARG J 146 45.21 40.54 21.27
C ARG J 146 46.20 40.24 20.14
N LYS J 147 45.70 39.75 19.01
CA LYS J 147 46.57 39.48 17.89
C LYS J 147 47.15 40.79 17.34
N ALA J 148 46.34 41.84 17.23
CA ALA J 148 46.87 43.09 16.70
C ALA J 148 48.05 43.57 17.55
N VAL J 149 47.89 43.51 18.86
CA VAL J 149 48.88 44.04 19.73
C VAL J 149 50.11 43.13 19.81
N LEU J 150 49.90 41.85 20.11
CA LEU J 150 51.02 40.95 20.36
C LEU J 150 51.67 40.39 19.10
N ASN J 151 50.89 40.13 18.06
CA ASN J 151 51.47 39.73 16.78
C ASN J 151 51.90 40.91 15.93
N ARG J 152 51.56 42.12 16.35
CA ARG J 152 52.03 43.36 15.69
C ARG J 152 51.55 43.46 14.25
N GLY J 153 50.27 43.75 14.06
CA GLY J 153 49.72 43.85 12.74
C GLY J 153 48.25 44.20 12.79
N VAL J 154 47.55 43.99 11.68
CA VAL J 154 46.19 44.45 11.53
C VAL J 154 45.23 43.33 11.87
N SER J 155 44.18 43.67 12.60
CA SER J 155 43.05 42.78 12.78
C SER J 155 41.80 43.50 12.26
N VAL J 156 40.91 42.75 11.64
CA VAL J 156 39.69 43.32 11.10
C VAL J 156 38.45 42.69 11.70
N VAL J 157 37.54 43.53 12.18
CA VAL J 157 36.24 43.08 12.67
C VAL J 157 35.17 43.64 11.74
N VAL J 158 34.40 42.75 11.12
CA VAL J 158 33.40 43.18 10.15
C VAL J 158 32.05 43.14 10.83
N LEU J 159 31.37 44.27 10.85
CA LEU J 159 30.21 44.46 11.71
C LEU J 159 29.00 45.02 10.95
N PRO J 160 28.04 44.16 10.60
CA PRO J 160 26.85 44.66 9.92
C PRO J 160 26.15 45.72 10.81
N GLY J 161 25.64 46.78 10.21
CA GLY J 161 25.08 47.88 10.93
C GLY J 161 23.92 47.50 11.82
N ASP J 162 23.14 46.49 11.43
CA ASP J 162 22.02 46.04 12.26
C ASP J 162 22.56 45.29 13.49
N VAL J 163 23.57 44.46 13.31
CA VAL J 163 24.14 43.74 14.43
C VAL J 163 24.77 44.70 15.43
N ALA J 164 25.38 45.77 14.94
CA ALA J 164 25.99 46.78 15.81
C ALA J 164 24.99 47.35 16.80
N LEU J 165 23.72 47.41 16.39
CA LEU J 165 22.67 48.05 17.19
C LEU J 165 21.96 47.08 18.12
N LYS J 166 22.29 45.80 18.05
CA LYS J 166 21.68 44.81 18.92
C LYS J 166 22.35 44.80 20.29
N PRO J 167 21.66 44.23 21.30
CA PRO J 167 22.25 44.20 22.64
C PRO J 167 23.50 43.32 22.66
N ALA J 168 24.57 43.82 23.27
CA ALA J 168 25.74 43.01 23.58
C ALA J 168 25.34 41.94 24.59
N PRO J 169 26.10 40.83 24.68
CA PRO J 169 25.84 39.81 25.72
C PRO J 169 25.96 40.43 27.09
N GLU J 170 25.03 40.14 28.00
CA GLU J 170 25.04 40.83 29.30
C GLU J 170 26.21 40.53 30.23
N GLY J 171 26.77 39.33 30.15
CA GLY J 171 27.87 38.98 31.06
C GLY J 171 29.25 39.37 30.54
N ALA J 172 29.30 39.90 29.31
CA ALA J 172 30.58 40.22 28.67
C ALA J 172 31.37 41.26 29.48
N THR J 173 32.69 41.15 29.48
CA THR J 173 33.44 42.13 30.22
C THR J 173 34.18 43.06 29.27
N MET J 174 34.30 44.31 29.69
CA MET J 174 34.92 45.34 28.86
C MET J 174 36.31 45.70 29.37
N HIS J 175 36.67 45.26 30.58
CA HIS J 175 38.03 45.54 31.07
C HIS J 175 39.09 44.83 30.22
N TRP J 176 40.16 45.53 29.89
CA TRP J 176 41.25 44.97 29.12
C TRP J 176 42.51 44.83 29.97
N TYR J 177 43.05 43.62 30.05
CA TYR J 177 44.34 43.44 30.71
C TYR J 177 45.47 43.62 29.70
N HIS J 178 46.37 44.56 29.91
CA HIS J 178 47.48 44.72 28.97
CA HIS J 178 47.47 44.76 28.97
C HIS J 178 48.56 43.71 29.24
N ALA J 179 48.75 42.76 28.32
CA ALA J 179 49.85 41.83 28.43
C ALA J 179 50.99 42.29 27.54
N PRO J 180 52.18 42.53 28.14
CA PRO J 180 53.37 42.93 27.39
C PRO J 180 53.91 41.74 26.59
N GLN J 181 54.80 42.01 25.62
CA GLN J 181 55.55 40.92 24.96
C GLN J 181 56.25 40.06 26.03
N PRO J 182 56.41 38.77 25.74
CA PRO J 182 57.21 37.93 26.63
C PRO J 182 58.67 38.17 26.34
N VAL J 183 59.53 37.63 27.20
CA VAL J 183 60.95 37.57 26.93
C VAL J 183 61.17 36.35 26.06
N VAL J 184 61.79 36.51 24.90
CA VAL J 184 62.04 35.36 24.04
CA VAL J 184 62.05 35.35 24.06
C VAL J 184 63.51 35.30 23.63
N THR J 185 64.14 34.21 24.05
CA THR J 185 65.57 34.11 23.93
C THR J 185 65.90 32.65 23.54
N PRO J 186 66.87 32.44 22.65
CA PRO J 186 67.19 31.07 22.21
C PRO J 186 67.69 30.21 23.38
N GLU J 187 67.54 28.89 23.28
CA GLU J 187 68.04 28.04 24.35
CA GLU J 187 68.11 27.92 24.23
C GLU J 187 69.53 28.29 24.51
N GLU J 188 70.00 28.02 25.71
CA GLU J 188 71.40 28.21 26.03
C GLU J 188 72.34 27.46 25.07
N GLU J 189 72.02 26.20 24.75
CA GLU J 189 72.91 25.47 23.86
C GLU J 189 73.03 26.13 22.47
N GLU J 190 71.97 26.72 21.98
CA GLU J 190 72.03 27.40 20.70
C GLU J 190 72.92 28.64 20.77
N LEU J 191 72.84 29.37 21.87
CA LEU J 191 73.74 30.51 22.08
C LEU J 191 75.20 30.08 22.12
N ARG J 192 75.49 28.98 22.80
CA ARG J 192 76.87 28.54 22.85
C ARG J 192 77.32 28.11 21.47
N LYS J 193 76.45 27.50 20.68
CA LYS J 193 76.82 27.14 19.32
C LYS J 193 77.14 28.38 18.49
N LEU J 194 76.29 29.39 18.60
CA LEU J 194 76.53 30.64 17.91
C LEU J 194 77.87 31.27 18.34
N ALA J 195 78.12 31.32 19.64
CA ALA J 195 79.37 31.90 20.15
C ALA J 195 80.55 31.15 19.58
N GLN J 196 80.46 29.83 19.54
CA GLN J 196 81.53 29.03 18.98
C GLN J 196 81.73 29.33 17.49
N LEU J 197 80.64 29.46 16.77
CA LEU J 197 80.70 29.77 15.35
C LEU J 197 81.39 31.12 15.12
N LEU J 198 81.00 32.13 15.89
CA LEU J 198 81.61 33.44 15.76
C LEU J 198 83.11 33.41 16.09
N ARG J 199 83.48 32.56 17.05
CA ARG J 199 84.88 32.44 17.45
C ARG J 199 85.75 32.02 16.27
N TYR J 200 85.18 31.23 15.36
CA TYR J 200 85.93 30.69 14.23
C TYR J 200 85.52 31.31 12.90
N SER J 201 84.87 32.47 12.94
CA SER J 201 84.49 33.15 11.72
C SER J 201 85.31 34.43 11.55
N SER J 202 85.50 34.87 10.31
CA SER J 202 86.20 36.12 10.06
C SER J 202 85.39 37.02 9.16
N ASN J 203 85.79 38.29 9.09
CA ASN J 203 85.16 39.22 8.17
C ASN J 203 83.65 39.16 8.29
N ILE J 204 83.18 39.46 9.50
CA ILE J 204 81.79 39.39 9.83
C ILE J 204 81.15 40.75 9.66
N ALA J 205 79.98 40.79 9.03
CA ALA J 205 79.19 42.00 8.98
C ALA J 205 77.84 41.72 9.61
N LEU J 206 77.21 42.74 10.17
CA LEU J 206 75.87 42.62 10.70
C LEU J 206 74.92 43.38 9.79
N MET J 207 73.80 42.76 9.40
CA MET J 207 72.77 43.44 8.65
C MET J 207 71.61 43.64 9.62
N CYS J 208 71.34 44.89 9.96
CA CYS J 208 70.39 45.15 11.04
C CYS J 208 69.14 45.85 10.56
N GLY J 209 67.98 45.36 10.99
CA GLY J 209 66.70 45.96 10.64
C GLY J 209 65.96 46.45 11.88
N SER J 210 64.67 46.74 11.74
CA SER J 210 63.94 47.37 12.83
C SER J 210 63.76 46.44 14.03
N GLY J 211 64.04 45.14 13.85
CA GLY J 211 64.03 44.22 14.97
C GLY J 211 65.06 44.60 16.04
N CYS J 212 66.01 45.45 15.69
CA CYS J 212 67.01 45.95 16.63
C CYS J 212 66.51 47.14 17.45
N ALA J 213 65.31 47.62 17.16
CA ALA J 213 64.75 48.71 17.97
C ALA J 213 64.85 48.36 19.46
N GLY J 214 65.33 49.28 20.26
CA GLY J 214 65.41 49.01 21.70
C GLY J 214 66.69 48.31 22.13
N ALA J 215 67.48 47.84 21.16
CA ALA J 215 68.67 47.06 21.45
C ALA J 215 69.98 47.79 21.07
N HIS J 216 69.90 49.11 20.91
CA HIS J 216 71.04 49.88 20.42
C HIS J 216 72.33 49.62 21.20
N LYS J 217 72.23 49.70 22.51
CA LYS J 217 73.35 49.50 23.41
C LYS J 217 74.01 48.14 23.19
N GLU J 218 73.20 47.07 23.19
CA GLU J 218 73.69 45.73 23.01
C GLU J 218 74.29 45.54 21.61
N LEU J 219 73.63 46.10 20.61
CA LEU J 219 74.07 45.97 19.23
C LEU J 219 75.46 46.57 19.06
N VAL J 220 75.64 47.77 19.57
CA VAL J 220 76.88 48.48 19.39
C VAL J 220 77.99 47.78 20.16
N GLU J 221 77.67 47.27 21.34
CA GLU J 221 78.64 46.54 22.14
C GLU J 221 79.04 45.24 21.42
N PHE J 222 78.07 44.57 20.81
CA PHE J 222 78.31 43.32 20.09
C PHE J 222 79.24 43.56 18.90
N ALA J 223 78.88 44.54 18.07
CA ALA J 223 79.70 44.87 16.90
C ALA J 223 81.14 45.18 17.31
N GLY J 224 81.30 45.93 18.39
CA GLY J 224 82.64 46.33 18.82
C GLY J 224 83.42 45.14 19.34
N LYS J 225 82.72 44.22 19.99
CA LYS J 225 83.37 43.05 20.58
C LYS J 225 83.97 42.14 19.51
N ILE J 226 83.19 41.87 18.45
CA ILE J 226 83.68 41.00 17.38
C ILE J 226 84.23 41.75 16.18
N LYS J 227 84.27 43.08 16.26
CA LYS J 227 84.79 43.91 15.16
C LYS J 227 84.02 43.72 13.86
N ALA J 228 82.70 43.91 13.89
CA ALA J 228 81.85 43.74 12.73
C ALA J 228 81.24 45.08 12.31
N PRO J 229 81.49 45.49 11.06
CA PRO J 229 80.80 46.67 10.59
C PRO J 229 79.31 46.36 10.54
N ILE J 230 78.48 47.38 10.71
CA ILE J 230 77.05 47.22 10.66
C ILE J 230 76.52 47.88 9.39
N VAL J 231 75.71 47.15 8.62
CA VAL J 231 74.87 47.84 7.66
C VAL J 231 73.43 47.71 8.09
N HIS J 232 72.61 48.71 7.80
CA HIS J 232 71.23 48.65 8.23
C HIS J 232 70.26 48.65 7.07
N ALA J 233 69.18 47.89 7.21
CA ALA J 233 68.09 47.93 6.25
C ALA J 233 67.36 49.26 6.48
N LEU J 234 66.61 49.71 5.49
CA LEU J 234 65.98 51.01 5.64
C LEU J 234 65.19 51.16 6.94
N ARG J 235 64.38 50.16 7.32
CA ARG J 235 63.52 50.36 8.50
C ARG J 235 64.36 50.24 9.79
N GLY J 236 65.64 49.88 9.66
CA GLY J 236 66.54 49.91 10.80
C GLY J 236 67.22 51.26 11.00
N LYS J 237 67.15 52.11 9.96
CA LYS J 237 67.88 53.38 9.98
C LYS J 237 67.65 54.17 11.27
N GLU J 238 66.40 54.44 11.61
CA GLU J 238 66.14 55.27 12.76
C GLU J 238 66.60 54.63 14.06
N HIS J 239 66.76 53.30 14.06
CA HIS J 239 67.10 52.60 15.30
C HIS J 239 68.60 52.31 15.46
N VAL J 240 69.35 52.43 14.37
CA VAL J 240 70.68 51.88 14.32
C VAL J 240 71.73 52.93 13.91
N GLU J 241 71.32 53.89 13.09
CA GLU J 241 72.26 54.83 12.48
C GLU J 241 72.48 56.11 13.31
N TYR J 242 72.96 55.94 14.53
CA TYR J 242 73.31 57.09 15.35
C TYR J 242 74.15 56.55 16.50
N ASP J 243 75.02 57.39 17.06
CA ASP J 243 75.91 56.97 18.13
C ASP J 243 76.41 55.56 17.86
N ASN J 244 76.96 55.36 16.68
CA ASN J 244 77.28 54.01 16.22
C ASN J 244 78.50 54.05 15.32
N PRO J 245 79.67 53.87 15.92
CA PRO J 245 80.89 54.00 15.12
C PRO J 245 81.08 52.83 14.16
N TYR J 246 80.21 51.83 14.20
CA TYR J 246 80.35 50.66 13.35
C TYR J 246 79.45 50.73 12.11
N ASP J 247 78.53 51.69 12.09
CA ASP J 247 77.56 51.76 10.99
C ASP J 247 78.17 52.29 9.71
N VAL J 248 78.01 51.55 8.62
CA VAL J 248 78.60 51.99 7.33
C VAL J 248 77.55 52.16 6.22
N GLY J 249 76.29 52.36 6.61
CA GLY J 249 75.28 52.72 5.63
C GLY J 249 74.31 51.64 5.24
N MET J 250 73.88 51.67 3.98
CA MET J 250 72.87 50.75 3.47
C MET J 250 73.33 50.12 2.17
N THR J 251 72.78 48.95 1.81
CA THR J 251 72.81 48.45 0.42
C THR J 251 71.44 48.57 -0.21
N GLY J 252 71.26 47.83 -1.31
CA GLY J 252 70.09 47.97 -2.15
C GLY J 252 70.35 49.12 -3.09
N LEU J 253 69.46 49.31 -4.05
CA LEU J 253 69.65 50.33 -5.06
C LEU J 253 69.76 51.73 -4.48
N ILE J 254 69.13 51.99 -3.35
CA ILE J 254 69.20 53.33 -2.79
C ILE J 254 70.26 53.44 -1.71
N GLY J 255 70.96 52.33 -1.45
CA GLY J 255 72.06 52.35 -0.49
C GLY J 255 73.28 52.97 -1.13
N PHE J 256 74.45 52.70 -0.57
CA PHE J 256 75.67 53.25 -1.16
C PHE J 256 76.83 52.29 -1.12
N SER J 257 77.94 52.72 -1.72
CA SER J 257 79.06 51.83 -1.96
C SER J 257 79.56 51.09 -0.73
N SER J 258 79.73 51.81 0.39
CA SER J 258 80.23 51.19 1.60
C SER J 258 79.31 50.06 2.11
N GLY J 259 78.02 50.32 2.16
CA GLY J 259 77.05 49.29 2.49
C GLY J 259 77.11 48.14 1.48
N PHE J 260 77.12 48.51 0.20
CA PHE J 260 77.12 47.50 -0.86
C PHE J 260 78.29 46.55 -0.70
N HIS J 261 79.51 47.11 -0.67
CA HIS J 261 80.75 46.31 -0.58
C HIS J 261 80.88 45.53 0.72
N THR J 262 80.48 46.14 1.84
CA THR J 262 80.65 45.47 3.11
C THR J 262 79.80 44.19 3.11
N MET J 263 78.59 44.32 2.60
CA MET J 263 77.71 43.19 2.47
C MET J 263 78.19 42.15 1.48
N MET J 264 78.59 42.57 0.30
CA MET J 264 79.04 41.60 -0.69
C MET J 264 80.35 40.89 -0.28
N ASN J 265 81.23 41.58 0.45
CA ASN J 265 82.56 41.02 0.70
C ASN J 265 82.69 40.25 2.01
N ALA J 266 81.67 40.32 2.86
CA ALA J 266 81.70 39.62 4.14
C ALA J 266 81.84 38.11 3.92
N ASP J 267 82.58 37.44 4.81
CA ASP J 267 82.65 35.99 4.80
C ASP J 267 81.61 35.39 5.74
N THR J 268 81.09 36.21 6.64
CA THR J 268 80.11 35.77 7.62
C THR J 268 79.17 36.92 7.81
N LEU J 269 77.88 36.64 7.70
CA LEU J 269 76.88 37.66 7.75
C LEU J 269 75.85 37.30 8.82
N VAL J 270 75.59 38.24 9.73
CA VAL J 270 74.59 38.02 10.77
C VAL J 270 73.39 38.93 10.53
N LEU J 271 72.25 38.33 10.20
CA LEU J 271 71.01 39.09 9.99
C LEU J 271 70.30 39.29 11.32
N LEU J 272 70.22 40.52 11.79
CA LEU J 272 69.59 40.79 13.07
C LEU J 272 68.30 41.55 12.89
N GLY J 273 67.18 40.87 13.11
CA GLY J 273 65.88 41.50 13.01
C GLY J 273 65.67 42.24 11.70
N THR J 274 65.89 41.55 10.59
CA THR J 274 65.69 42.18 9.29
C THR J 274 64.93 41.29 8.28
N GLN J 275 64.29 41.97 7.33
CA GLN J 275 63.45 41.38 6.27
C GLN J 275 63.98 41.98 4.94
N PHE J 276 65.16 42.60 4.97
CA PHE J 276 65.74 43.19 3.76
C PHE J 276 65.47 42.26 2.56
N PRO J 277 64.67 42.74 1.59
CA PRO J 277 64.10 41.79 0.61
C PRO J 277 64.87 41.60 -0.70
N TYR J 278 65.96 42.34 -0.91
CA TYR J 278 66.57 42.34 -2.23
C TYR J 278 67.65 41.27 -2.32
N ARG J 279 67.25 40.10 -2.78
CA ARG J 279 68.06 38.89 -2.68
C ARG J 279 69.44 39.00 -3.33
N ALA J 280 69.57 39.76 -4.41
CA ALA J 280 70.83 39.79 -5.14
C ALA J 280 71.92 40.58 -4.39
N PHE J 281 71.54 41.30 -3.33
CA PHE J 281 72.49 42.08 -2.57
C PHE J 281 73.10 41.29 -1.41
N TYR J 282 72.65 40.07 -1.18
CA TYR J 282 73.29 39.24 -0.19
C TYR J 282 74.50 38.57 -0.83
N PRO J 283 75.55 38.34 -0.03
CA PRO J 283 76.77 37.68 -0.47
C PRO J 283 76.46 36.26 -0.88
N THR J 284 77.15 35.77 -1.89
CA THR J 284 76.87 34.45 -2.43
C THR J 284 77.75 33.37 -1.78
N ASP J 285 78.90 33.79 -1.23
CA ASP J 285 79.93 32.86 -0.74
C ASP J 285 79.92 32.70 0.79
N ALA J 286 79.25 33.61 1.47
CA ALA J 286 79.24 33.71 2.92
C ALA J 286 78.48 32.63 3.71
N LYS J 287 78.86 32.50 4.98
CA LYS J 287 78.10 31.83 6.01
C LYS J 287 77.06 32.82 6.55
N ILE J 288 75.79 32.45 6.54
CA ILE J 288 74.74 33.38 6.96
C ILE J 288 74.01 32.89 8.21
N ILE J 289 73.93 33.77 9.19
CA ILE J 289 73.30 33.51 10.46
C ILE J 289 72.15 34.49 10.57
N GLN J 290 70.99 34.01 10.99
CA GLN J 290 69.82 34.89 11.13
C GLN J 290 69.14 34.71 12.47
N ILE J 291 68.90 35.83 13.13
CA ILE J 291 68.17 35.87 14.39
C ILE J 291 66.93 36.72 14.16
N ASP J 292 65.75 36.19 14.49
CA ASP J 292 64.49 36.88 14.28
C ASP J 292 63.44 36.31 15.25
N ILE J 293 62.43 37.10 15.66
CA ILE J 293 61.35 36.52 16.46
C ILE J 293 60.34 35.79 15.60
N ASN J 294 60.35 36.02 14.30
CA ASN J 294 59.31 35.49 13.45
C ASN J 294 59.84 34.41 12.53
N PRO J 295 59.40 33.16 12.75
CA PRO J 295 59.88 32.08 11.90
C PRO J 295 59.70 32.37 10.41
N ALA J 296 58.69 33.14 10.06
CA ALA J 296 58.43 33.42 8.65
C ALA J 296 59.49 34.29 7.99
N SER J 297 60.30 34.96 8.79
CA SER J 297 61.33 35.82 8.26
C SER J 297 62.61 35.03 7.98
N ILE J 298 62.72 33.85 8.60
CA ILE J 298 63.96 33.15 8.55
C ILE J 298 64.13 32.43 7.22
N GLY J 299 65.12 32.87 6.44
CA GLY J 299 65.35 32.30 5.14
C GLY J 299 64.47 32.89 4.05
N ALA J 300 63.81 34.01 4.34
CA ALA J 300 62.85 34.54 3.37
C ALA J 300 63.55 35.15 2.15
N HIS J 301 64.76 35.67 2.35
CA HIS J 301 65.46 36.36 1.27
C HIS J 301 66.92 35.94 1.14
N SER J 302 67.30 34.83 1.79
CA SER J 302 68.65 34.33 1.63
C SER J 302 68.70 32.92 2.18
N LYS J 303 69.74 32.17 1.82
CA LYS J 303 70.00 30.93 2.49
C LYS J 303 70.33 31.26 3.97
N VAL J 304 70.23 30.25 4.83
CA VAL J 304 70.55 30.44 6.22
C VAL J 304 71.31 29.24 6.72
N ASP J 305 72.54 29.45 7.18
CA ASP J 305 73.37 28.36 7.69
C ASP J 305 73.12 28.07 9.15
N MET J 306 72.73 29.11 9.90
CA MET J 306 72.31 28.93 11.28
C MET J 306 71.19 29.92 11.61
N ALA J 307 70.09 29.39 12.12
CA ALA J 307 68.91 30.19 12.46
C ALA J 307 68.66 30.14 13.95
N LEU J 308 68.33 31.28 14.55
CA LEU J 308 67.93 31.32 15.94
C LEU J 308 66.68 32.17 16.08
N VAL J 309 65.73 31.69 16.86
CA VAL J 309 64.54 32.47 17.15
C VAL J 309 64.78 33.19 18.45
N GLY J 310 64.71 34.51 18.43
CA GLY J 310 64.89 35.27 19.66
C GLY J 310 64.68 36.73 19.43
N ASP J 311 64.39 37.46 20.50
CA ASP J 311 64.28 38.87 20.41
C ASP J 311 65.72 39.45 20.48
N ILE J 312 66.02 40.47 19.69
CA ILE J 312 67.42 40.90 19.57
C ILE J 312 68.03 41.36 20.89
N LYS J 313 67.30 42.19 21.63
CA LYS J 313 67.80 42.70 22.88
C LYS J 313 68.16 41.56 23.85
N SER J 314 67.22 40.64 24.09
CA SER J 314 67.48 39.53 25.04
C SER J 314 68.54 38.58 24.57
N THR J 315 68.50 38.30 23.27
CA THR J 315 69.49 37.40 22.67
C THR J 315 70.89 37.97 22.81
N LEU J 316 71.09 39.22 22.43
CA LEU J 316 72.41 39.79 22.54
C LEU J 316 72.87 39.88 24.00
N ARG J 317 71.96 40.17 24.92
CA ARG J 317 72.35 40.18 26.34
C ARG J 317 72.83 38.84 26.81
N ALA J 318 72.17 37.77 26.36
CA ALA J 318 72.57 36.45 26.77
C ALA J 318 73.83 35.99 26.02
N LEU J 319 73.99 36.47 24.79
CA LEU J 319 75.09 36.06 23.94
C LEU J 319 76.42 36.72 24.32
N LEU J 320 76.37 38.03 24.58
CA LEU J 320 77.58 38.80 24.83
C LEU J 320 78.59 38.17 25.78
N PRO J 321 78.13 37.71 26.96
CA PRO J 321 79.13 37.14 27.88
C PRO J 321 79.76 35.84 27.36
N LEU J 322 79.14 35.20 26.38
CA LEU J 322 79.68 33.96 25.82
C LEU J 322 80.67 34.22 24.70
N VAL J 323 80.63 35.42 24.15
CA VAL J 323 81.43 35.78 22.99
C VAL J 323 82.78 36.37 23.40
N GLU J 324 83.83 35.77 22.87
CA GLU J 324 85.18 36.21 23.13
C GLU J 324 85.48 37.45 22.27
N GLU J 325 86.20 38.40 22.85
CA GLU J 325 86.58 39.60 22.09
C GLU J 325 87.58 39.23 20.99
N LYS J 326 87.36 39.73 19.77
CA LYS J 326 88.28 39.49 18.65
C LYS J 326 89.23 40.69 18.47
N ALA J 327 90.51 40.42 18.22
CA ALA J 327 91.49 41.48 18.03
C ALA J 327 91.55 41.97 16.57
N ASP J 328 91.18 41.09 15.65
CA ASP J 328 91.32 41.36 14.22
C ASP J 328 90.24 42.29 13.69
N ARG J 329 90.65 43.48 13.26
CA ARG J 329 89.71 44.53 12.87
C ARG J 329 89.94 45.05 11.44
N LYS J 330 90.64 44.26 10.62
CA LYS J 330 90.95 44.68 9.24
C LYS J 330 89.69 44.93 8.47
N PHE J 331 88.75 43.98 8.53
CA PHE J 331 87.54 44.07 7.77
C PHE J 331 86.75 45.31 8.18
N LEU J 332 86.61 45.51 9.48
CA LEU J 332 85.93 46.69 10.00
C LEU J 332 86.60 47.98 9.53
N ASP J 333 87.92 48.05 9.65
CA ASP J 333 88.64 49.28 9.27
C ASP J 333 88.47 49.61 7.78
N LYS J 334 88.47 48.58 6.94
CA LYS J 334 88.29 48.79 5.52
C LYS J 334 86.87 49.28 5.24
N ALA J 335 85.89 48.70 5.92
CA ALA J 335 84.51 49.14 5.75
C ALA J 335 84.37 50.61 6.17
N LEU J 336 85.02 50.99 7.26
CA LEU J 336 84.93 52.35 7.75
C LEU J 336 85.55 53.32 6.76
N GLU J 337 86.61 52.88 6.11
CA GLU J 337 87.28 53.70 5.13
C GLU J 337 86.40 53.87 3.90
N ASP J 338 85.76 52.77 3.45
CA ASP J 338 84.78 52.82 2.38
C ASP J 338 83.68 53.80 2.72
N TYR J 339 83.25 53.75 3.96
CA TYR J 339 82.17 54.60 4.42
C TYR J 339 82.54 56.07 4.33
N ARG J 340 83.74 56.43 4.77
CA ARG J 340 84.18 57.79 4.67
C ARG J 340 84.15 58.29 3.23
N ASP J 341 84.57 57.45 2.29
CA ASP J 341 84.53 57.81 0.86
C ASP J 341 83.09 57.98 0.39
N ALA J 342 82.23 57.06 0.78
CA ALA J 342 80.84 57.11 0.35
C ALA J 342 80.14 58.37 0.85
N ARG J 343 80.35 58.75 2.12
CA ARG J 343 79.65 59.92 2.70
C ARG J 343 80.13 61.18 2.04
N LYS J 344 81.39 61.18 1.62
CA LYS J 344 81.89 62.32 0.92
C LYS J 344 81.25 62.45 -0.46
N GLY J 345 81.02 61.33 -1.13
CA GLY J 345 80.36 61.34 -2.43
C GLY J 345 78.95 61.87 -2.30
N LEU J 346 78.26 61.39 -1.27
CA LEU J 346 76.90 61.84 -0.93
C LEU J 346 76.87 63.35 -0.70
N ASP J 347 77.84 63.85 0.04
CA ASP J 347 77.87 65.25 0.41
C ASP J 347 78.12 66.17 -0.79
N ASP J 348 78.88 65.67 -1.77
CA ASP J 348 79.22 66.47 -2.95
C ASP J 348 78.00 66.73 -3.81
N LEU J 349 77.03 65.82 -3.72
CA LEU J 349 75.79 65.97 -4.47
C LEU J 349 74.83 66.98 -3.82
N ALA J 350 75.04 67.29 -2.55
CA ALA J 350 74.10 68.11 -1.78
C ALA J 350 74.55 69.55 -1.64
N LYS J 351 74.85 70.20 -2.75
CA LYS J 351 75.31 71.58 -2.66
C LYS J 351 74.37 72.52 -3.39
N PRO J 352 74.38 73.78 -2.96
CA PRO J 352 73.56 74.77 -3.63
C PRO J 352 74.11 75.06 -5.02
N SER J 353 73.24 75.50 -5.92
CA SER J 353 73.65 75.81 -7.29
C SER J 353 72.72 76.86 -7.87
N GLU J 354 73.13 77.52 -8.94
CA GLU J 354 72.26 78.49 -9.59
C GLU J 354 71.42 77.83 -10.68
N LYS J 355 71.82 76.62 -11.08
CA LYS J 355 71.15 75.85 -12.13
C LYS J 355 69.75 75.37 -11.75
N ALA J 356 69.64 74.70 -10.63
CA ALA J 356 68.40 74.02 -10.29
C ALA J 356 68.65 73.48 -8.91
N ILE J 357 67.58 73.16 -8.21
CA ILE J 357 67.80 72.76 -6.84
C ILE J 357 67.98 71.27 -6.83
N HIS J 358 69.16 70.82 -6.41
CA HIS J 358 69.37 69.41 -6.21
C HIS J 358 68.55 68.96 -5.03
N PRO J 359 67.68 67.96 -5.24
CA PRO J 359 66.85 67.49 -4.14
C PRO J 359 67.71 67.01 -2.98
N GLN J 360 68.94 66.58 -3.27
CA GLN J 360 69.71 66.08 -2.15
C GLN J 360 70.20 67.23 -1.26
N TYR J 361 70.46 68.39 -1.87
CA TYR J 361 70.64 69.61 -1.12
C TYR J 361 69.40 69.93 -0.27
N LEU J 362 68.23 69.85 -0.88
CA LEU J 362 67.01 70.15 -0.16
C LEU J 362 66.87 69.22 1.06
N ALA J 363 67.09 67.93 0.86
CA ALA J 363 66.97 66.98 1.96
C ALA J 363 67.98 67.28 3.07
N GLN J 364 69.20 67.58 2.66
CA GLN J 364 70.25 67.89 3.63
C GLN J 364 69.87 69.08 4.51
N GLN J 365 69.23 70.07 3.91
CA GLN J 365 68.89 71.28 4.65
C GLN J 365 67.68 71.04 5.56
N ILE J 366 66.77 70.18 5.11
CA ILE J 366 65.67 69.76 5.96
C ILE J 366 66.24 69.15 7.22
N SER J 367 67.18 68.23 7.07
CA SER J 367 67.81 67.60 8.21
C SER J 367 68.52 68.61 9.12
N HIS J 368 69.15 69.60 8.50
CA HIS J 368 69.91 70.58 9.26
C HIS J 368 69.00 71.50 10.10
N PHE J 369 67.88 71.93 9.53
CA PHE J 369 67.01 72.90 10.21
C PHE J 369 65.83 72.29 11.01
N ALA J 370 65.47 71.04 10.74
CA ALA J 370 64.37 70.41 11.45
C ALA J 370 64.72 70.20 12.94
N ALA J 371 63.70 70.05 13.78
CA ALA J 371 63.94 69.87 15.22
C ALA J 371 64.79 68.64 15.51
N ASP J 372 65.50 68.63 16.64
CA ASP J 372 66.29 67.48 16.95
C ASP J 372 65.47 66.27 17.40
N ASP J 373 64.16 66.43 17.50
CA ASP J 373 63.27 65.28 17.72
C ASP J 373 62.13 65.28 16.71
N ALA J 374 62.38 65.83 15.54
CA ALA J 374 61.36 65.86 14.50
C ALA J 374 60.94 64.46 14.10
N ILE J 375 59.69 64.32 13.69
CA ILE J 375 59.22 63.10 13.07
C ILE J 375 59.12 63.35 11.58
N PHE J 376 59.84 62.56 10.79
CA PHE J 376 59.83 62.68 9.34
C PHE J 376 59.03 61.56 8.71
N THR J 377 58.26 61.91 7.68
CA THR J 377 57.65 60.90 6.84
C THR J 377 58.13 61.19 5.43
N CYS J 378 58.21 60.17 4.59
CA CYS J 378 58.67 60.39 3.23
C CYS J 378 57.90 59.52 2.22
N ASP J 379 57.50 60.14 1.10
CA ASP J 379 56.75 59.43 0.07
C ASP J 379 57.60 58.36 -0.61
N VAL J 380 56.97 57.26 -0.97
CA VAL J 380 57.60 56.31 -1.85
C VAL J 380 57.93 57.04 -3.15
N GLY J 381 59.17 56.92 -3.61
CA GLY J 381 59.68 57.68 -4.75
C GLY J 381 60.99 58.31 -4.34
N THR J 382 61.44 59.36 -5.03
CA THR J 382 62.74 59.93 -4.71
C THR J 382 62.82 60.38 -3.24
N PRO J 383 61.71 60.80 -2.65
CA PRO J 383 61.88 61.30 -1.28
C PRO J 383 62.38 60.22 -0.34
N THR J 384 62.06 58.96 -0.60
CA THR J 384 62.58 57.87 0.20
C THR J 384 64.09 57.75 0.03
N VAL J 385 64.57 57.91 -1.20
CA VAL J 385 66.01 57.89 -1.44
C VAL J 385 66.68 59.01 -0.63
N TRP J 386 66.15 60.22 -0.71
CA TRP J 386 66.84 61.35 -0.09
C TRP J 386 66.79 61.25 1.43
N ALA J 387 65.66 60.76 1.94
CA ALA J 387 65.53 60.56 3.38
C ALA J 387 66.57 59.55 3.83
N ALA J 388 66.64 58.43 3.12
CA ALA J 388 67.58 57.38 3.47
C ALA J 388 69.00 57.91 3.51
N ARG J 389 69.34 58.74 2.54
CA ARG J 389 70.73 59.16 2.37
C ARG J 389 71.10 60.42 3.13
N TYR J 390 70.12 61.27 3.45
CA TYR J 390 70.47 62.59 4.00
C TYR J 390 69.89 62.95 5.36
N LEU J 391 68.88 62.23 5.85
CA LEU J 391 68.34 62.54 7.17
C LEU J 391 69.27 62.03 8.26
N LYS J 392 69.73 62.91 9.12
CA LYS J 392 70.54 62.45 10.23
C LYS J 392 69.66 62.04 11.42
N MET J 393 69.78 60.79 11.86
CA MET J 393 69.02 60.29 12.99
C MET J 393 69.83 60.42 14.28
N ASN J 394 69.17 60.31 15.43
CA ASN J 394 69.86 60.56 16.69
C ASN J 394 69.25 59.89 17.90
N GLY J 395 68.30 58.98 17.67
CA GLY J 395 67.67 58.30 18.78
C GLY J 395 66.44 59.00 19.27
N LYS J 396 66.18 60.21 18.77
CA LYS J 396 64.96 60.94 19.12
C LYS J 396 64.09 61.15 17.89
N ARG J 397 64.71 61.56 16.79
CA ARG J 397 64.03 61.70 15.51
C ARG J 397 63.45 60.37 15.05
N ARG J 398 62.40 60.45 14.24
CA ARG J 398 61.73 59.26 13.73
C ARG J 398 61.58 59.38 12.24
N LEU J 399 61.55 58.24 11.56
CA LEU J 399 61.34 58.20 10.13
C LEU J 399 60.27 57.18 9.81
N LEU J 400 59.18 57.63 9.21
CA LEU J 400 58.10 56.71 8.78
C LEU J 400 57.97 56.76 7.26
N GLY J 401 57.62 55.64 6.67
CA GLY J 401 57.35 55.61 5.25
C GLY J 401 56.49 54.40 4.93
N SER J 402 56.39 54.09 3.64
CA SER J 402 55.74 52.90 3.23
C SER J 402 56.82 52.00 2.65
N PHE J 403 57.73 51.57 3.50
CA PHE J 403 58.94 50.93 3.03
C PHE J 403 58.77 49.47 2.59
N ASN J 404 57.79 48.77 3.15
CA ASN J 404 57.57 47.37 2.77
C ASN J 404 56.46 47.25 1.73
N HIS J 405 55.35 47.96 1.95
CA HIS J 405 54.22 47.85 1.06
C HIS J 405 54.49 48.71 -0.19
N GLY J 406 55.29 49.76 -0.02
CA GLY J 406 55.77 50.53 -1.16
C GLY J 406 54.72 51.34 -1.90
N SER J 407 53.82 51.96 -1.14
CA SER J 407 52.78 52.74 -1.75
C SER J 407 53.15 54.20 -1.90
N MET J 408 52.96 54.74 -3.09
CA MET J 408 52.95 56.19 -3.26
C MET J 408 51.98 56.83 -2.26
N ALA J 409 52.22 58.12 -1.96
CA ALA J 409 51.21 58.99 -1.34
C ALA J 409 51.06 58.78 0.16
N ASN J 410 52.01 58.07 0.78
CA ASN J 410 51.92 57.75 2.18
C ASN J 410 52.33 58.91 3.09
N ALA J 411 53.18 59.82 2.58
CA ALA J 411 53.86 60.75 3.49
C ALA J 411 52.92 61.69 4.22
N MET J 412 52.06 62.37 3.49
CA MET J 412 51.20 63.32 4.19
C MET J 412 50.20 62.61 5.09
N PRO J 413 49.58 61.54 4.60
CA PRO J 413 48.66 60.83 5.51
C PRO J 413 49.35 60.33 6.79
N GLN J 414 50.56 59.79 6.68
CA GLN J 414 51.27 59.39 7.88
C GLN J 414 51.59 60.59 8.78
N ALA J 415 51.90 61.72 8.16
CA ALA J 415 52.22 62.93 8.90
C ALA J 415 51.02 63.36 9.72
N LEU J 416 49.84 63.20 9.12
CA LEU J 416 48.60 63.52 9.77
C LEU J 416 48.47 62.73 11.07
N GLY J 417 48.71 61.42 10.98
CA GLY J 417 48.62 60.57 12.15
C GLY J 417 49.70 60.90 13.17
N ALA J 418 50.92 61.15 12.69
CA ALA J 418 52.01 61.48 13.61
C ALA J 418 51.67 62.75 14.38
N GLN J 419 51.25 63.78 13.65
CA GLN J 419 51.00 65.06 14.29
C GLN J 419 49.88 64.96 15.34
N ALA J 420 48.83 64.19 15.06
CA ALA J 420 47.74 64.08 16.01
C ALA J 420 48.18 63.33 17.24
N THR J 421 49.10 62.38 17.06
CA THR J 421 49.56 61.54 18.16
C THR J 421 50.50 62.33 19.04
N GLU J 422 51.35 63.15 18.41
CA GLU J 422 52.29 64.00 19.12
C GLU J 422 52.06 65.48 18.82
N PRO J 423 51.02 66.07 19.39
CA PRO J 423 50.66 67.44 18.99
C PRO J 423 51.76 68.52 19.22
N GLU J 424 52.68 68.28 20.15
CA GLU J 424 53.71 69.27 20.47
C GLU J 424 54.97 69.09 19.63
N ARG J 425 55.01 68.05 18.82
CA ARG J 425 56.22 67.66 18.15
C ARG J 425 56.24 68.19 16.71
N GLN J 426 57.41 68.49 16.18
CA GLN J 426 57.51 68.92 14.79
C GLN J 426 57.40 67.72 13.85
N VAL J 427 56.55 67.80 12.84
CA VAL J 427 56.37 66.73 11.88
C VAL J 427 56.62 67.26 10.47
N VAL J 428 57.51 66.62 9.74
CA VAL J 428 57.91 67.08 8.43
C VAL J 428 57.62 66.00 7.41
N ALA J 429 56.70 66.27 6.49
CA ALA J 429 56.35 65.31 5.44
C ALA J 429 57.13 65.62 4.17
N MET J 430 58.01 64.70 3.78
CA MET J 430 58.77 64.85 2.54
C MET J 430 57.98 64.20 1.42
N CYS J 431 57.23 65.00 0.66
CA CYS J 431 56.26 64.47 -0.31
C CYS J 431 56.75 64.56 -1.73
N GLY J 432 56.31 63.61 -2.55
CA GLY J 432 56.46 63.75 -3.98
C GLY J 432 55.29 64.56 -4.50
N ASP J 433 55.42 65.10 -5.70
CA ASP J 433 54.31 65.81 -6.31
C ASP J 433 53.24 64.78 -6.74
N GLY J 434 53.69 63.61 -7.17
CA GLY J 434 52.77 62.52 -7.46
C GLY J 434 52.07 62.08 -6.19
N GLY J 435 52.85 61.83 -5.15
CA GLY J 435 52.31 61.36 -3.87
C GLY J 435 51.33 62.34 -3.26
N PHE J 436 51.73 63.61 -3.18
CA PHE J 436 50.87 64.61 -2.61
C PHE J 436 49.56 64.71 -3.39
N SER J 437 49.63 64.74 -4.71
CA SER J 437 48.41 64.93 -5.43
C SER J 437 47.54 63.68 -5.47
N MET J 438 48.15 62.51 -5.31
CA MET J 438 47.40 61.25 -5.34
C MET J 438 46.34 61.16 -4.22
N LEU J 439 46.64 61.71 -3.05
CA LEU J 439 45.65 61.81 -1.97
C LEU J 439 45.46 63.26 -1.51
N MET J 440 45.43 64.19 -2.47
CA MET J 440 45.46 65.61 -2.18
C MET J 440 44.31 66.11 -1.32
N GLY J 441 43.18 65.42 -1.35
CA GLY J 441 41.99 65.89 -0.65
C GLY J 441 42.26 66.01 0.84
N ASP J 442 43.08 65.12 1.37
CA ASP J 442 43.33 65.17 2.81
C ASP J 442 44.27 66.28 3.23
N PHE J 443 44.78 67.02 2.27
CA PHE J 443 45.42 68.26 2.59
C PHE J 443 44.43 69.11 3.40
N LEU J 444 43.15 69.04 3.02
CA LEU J 444 42.12 69.75 3.75
C LEU J 444 41.99 69.28 5.19
N SER J 445 42.43 68.06 5.49
CA SER J 445 42.35 67.55 6.85
C SER J 445 43.38 68.25 7.73
N VAL J 446 44.50 68.63 7.12
CA VAL J 446 45.49 69.38 7.85
C VAL J 446 44.90 70.67 8.41
N VAL J 447 44.07 71.35 7.63
CA VAL J 447 43.37 72.55 8.11
C VAL J 447 42.28 72.18 9.11
N GLN J 448 41.38 71.32 8.70
CA GLN J 448 40.23 70.95 9.54
C GLN J 448 40.65 70.42 10.92
N MET J 449 41.72 69.63 10.97
CA MET J 449 42.17 69.07 12.25
C MET J 449 43.17 70.00 12.95
N LYS J 450 43.59 71.06 12.26
CA LYS J 450 44.55 72.01 12.80
C LYS J 450 45.84 71.34 13.25
N LEU J 451 46.40 70.51 12.38
CA LEU J 451 47.64 69.84 12.69
C LEU J 451 48.77 70.56 11.96
N PRO J 452 49.73 71.14 12.71
CA PRO J 452 50.77 71.98 12.08
C PRO J 452 51.85 71.19 11.34
N VAL J 453 51.48 70.19 10.55
CA VAL J 453 52.49 69.47 9.80
C VAL J 453 53.19 70.37 8.78
N LYS J 454 54.50 70.20 8.62
CA LYS J 454 55.30 70.92 7.63
C LYS J 454 55.47 70.03 6.40
N ILE J 455 54.80 70.41 5.31
CA ILE J 455 54.86 69.63 4.09
C ILE J 455 55.90 70.22 3.13
N VAL J 456 56.85 69.40 2.72
CA VAL J 456 57.83 69.85 1.73
C VAL J 456 57.66 69.02 0.49
N VAL J 457 57.23 69.65 -0.60
CA VAL J 457 57.00 68.90 -1.84
C VAL J 457 58.25 68.93 -2.70
N PHE J 458 58.76 67.76 -3.02
CA PHE J 458 59.85 67.64 -3.98
C PHE J 458 59.22 67.71 -5.37
N ASN J 459 59.06 68.92 -5.85
CA ASN J 459 58.29 69.16 -7.05
C ASN J 459 59.16 69.01 -8.28
N ASN J 460 59.29 67.79 -8.77
CA ASN J 460 60.06 67.56 -9.99
C ASN J 460 59.12 67.41 -11.17
N SER J 461 57.85 67.74 -10.94
CA SER J 461 56.79 67.72 -11.96
C SER J 461 56.93 66.44 -12.78
N VAL J 462 57.23 65.35 -12.06
CA VAL J 462 57.32 64.03 -12.66
C VAL J 462 57.09 62.94 -11.61
N LEU J 463 56.77 61.74 -12.13
CA LEU J 463 56.75 60.51 -11.35
C LEU J 463 58.16 59.92 -11.44
N GLY J 464 59.09 60.54 -10.71
CA GLY J 464 60.52 60.40 -10.98
C GLY J 464 61.22 59.09 -10.69
N PHE J 465 60.75 58.32 -9.71
CA PHE J 465 61.37 57.02 -9.42
C PHE J 465 60.80 55.89 -10.29
N VAL J 466 59.92 56.24 -11.24
CA VAL J 466 59.38 55.26 -12.17
C VAL J 466 58.02 55.64 -12.77
N GLY J 479 53.87 58.15 -19.77
CA GLY J 479 53.04 58.44 -18.61
C GLY J 479 53.81 58.69 -17.33
N THR J 480 54.90 59.43 -17.44
CA THR J 480 55.70 59.83 -16.28
C THR J 480 55.54 61.33 -16.00
N GLU J 481 55.37 62.13 -17.06
CA GLU J 481 55.32 63.60 -16.97
C GLU J 481 54.04 64.10 -16.28
N LEU J 482 54.17 65.08 -15.40
CA LEU J 482 53.00 65.70 -14.77
C LEU J 482 52.92 67.18 -15.05
N HIS J 483 51.91 67.60 -15.81
CA HIS J 483 51.70 69.01 -16.09
C HIS J 483 52.13 69.87 -14.89
N ASP J 484 53.06 70.79 -15.13
CA ASP J 484 53.61 71.74 -14.12
C ASP J 484 52.57 72.43 -13.16
N THR J 485 52.71 72.18 -11.86
CA THR J 485 51.73 72.55 -10.85
C THR J 485 52.38 73.40 -9.77
N ASN J 486 51.67 74.41 -9.30
CA ASN J 486 52.15 75.23 -8.19
C ASN J 486 51.40 74.85 -6.91
N PHE J 487 52.01 74.02 -6.10
CA PHE J 487 51.38 73.55 -4.88
C PHE J 487 51.28 74.62 -3.79
N ALA J 488 52.21 75.58 -3.81
CA ALA J 488 52.14 76.70 -2.88
C ALA J 488 50.85 77.49 -3.12
N ARG J 489 50.52 77.70 -4.39
CA ARG J 489 49.31 78.44 -4.72
C ARG J 489 48.11 77.65 -4.21
N ILE J 490 48.15 76.33 -4.37
CA ILE J 490 47.04 75.51 -3.94
C ILE J 490 46.87 75.57 -2.43
N ALA J 491 48.00 75.53 -1.72
CA ALA J 491 47.96 75.66 -0.27
C ALA J 491 47.29 76.97 0.15
N GLU J 492 47.71 78.07 -0.45
CA GLU J 492 47.16 79.38 -0.08
C GLU J 492 45.66 79.37 -0.28
N ALA J 493 45.20 78.74 -1.35
CA ALA J 493 43.78 78.73 -1.67
C ALA J 493 43.01 77.91 -0.65
N CYS J 494 43.70 76.98 0.01
CA CYS J 494 43.09 76.15 1.03
C CYS J 494 43.19 76.79 2.41
N GLY J 495 43.82 77.97 2.50
CA GLY J 495 44.00 78.63 3.78
C GLY J 495 45.23 78.21 4.59
N ILE J 496 46.15 77.49 3.97
CA ILE J 496 47.45 77.17 4.59
C ILE J 496 48.57 78.01 3.95
N THR J 497 49.53 78.47 4.73
CA THR J 497 50.69 79.16 4.16
C THR J 497 51.43 78.33 3.10
N GLY J 498 51.67 78.93 1.94
CA GLY J 498 52.44 78.27 0.90
C GLY J 498 53.68 79.06 0.52
N ILE J 499 54.81 78.37 0.43
CA ILE J 499 56.04 79.02 0.02
C ILE J 499 56.59 78.32 -1.23
N ARG J 500 56.72 79.09 -2.31
CA ARG J 500 57.22 78.55 -3.57
C ARG J 500 58.72 78.79 -3.63
N VAL J 501 59.50 77.73 -3.78
CA VAL J 501 60.95 77.83 -3.80
C VAL J 501 61.52 77.36 -5.14
N GLU J 502 62.23 78.23 -5.84
CA GLU J 502 62.75 77.90 -7.15
C GLU J 502 64.27 78.09 -7.25
N LYS J 503 64.85 78.88 -6.37
CA LYS J 503 66.30 79.09 -6.35
C LYS J 503 66.93 78.45 -5.13
N ALA J 504 68.08 77.82 -5.32
CA ALA J 504 68.73 77.13 -4.21
C ALA J 504 69.01 78.09 -3.04
N SER J 505 69.28 79.35 -3.35
CA SER J 505 69.59 80.32 -2.32
C SER J 505 68.38 80.66 -1.42
N GLU J 506 67.17 80.35 -1.90
CA GLU J 506 65.96 80.61 -1.13
C GLU J 506 65.61 79.48 -0.17
N VAL J 507 66.27 78.33 -0.31
CA VAL J 507 65.91 77.15 0.47
C VAL J 507 66.03 77.34 1.98
N ASP J 508 67.20 77.80 2.43
CA ASP J 508 67.46 77.92 3.85
C ASP J 508 66.38 78.76 4.55
N GLU J 509 66.13 79.96 4.04
CA GLU J 509 65.15 80.82 4.67
C GLU J 509 63.71 80.25 4.56
N ALA J 510 63.41 79.54 3.48
CA ALA J 510 62.07 78.98 3.32
C ALA J 510 61.80 77.91 4.37
N LEU J 511 62.80 77.07 4.62
CA LEU J 511 62.63 76.01 5.62
C LEU J 511 62.53 76.61 7.02
N GLN J 512 63.38 77.59 7.32
CA GLN J 512 63.35 78.20 8.64
C GLN J 512 62.02 78.88 8.91
N ARG J 513 61.49 79.61 7.93
CA ARG J 513 60.20 80.28 8.07
CA ARG J 513 60.20 80.28 8.10
C ARG J 513 59.10 79.21 8.28
N ALA J 514 59.10 78.17 7.44
CA ALA J 514 58.09 77.11 7.54
C ALA J 514 58.07 76.49 8.93
N PHE J 515 59.25 76.22 9.47
CA PHE J 515 59.34 75.57 10.77
C PHE J 515 58.94 76.47 11.94
N SER J 516 59.15 77.79 11.81
CA SER J 516 58.79 78.75 12.86
C SER J 516 57.32 79.08 12.90
N ILE J 517 56.67 79.08 11.73
CA ILE J 517 55.28 79.47 11.67
C ILE J 517 54.44 78.59 12.59
N ASP J 518 53.61 79.24 13.38
CA ASP J 518 52.73 78.57 14.33
C ASP J 518 51.53 77.99 13.59
N GLY J 519 51.74 77.00 12.74
CA GLY J 519 50.67 76.39 11.96
C GLY J 519 51.23 75.51 10.85
N PRO J 520 50.34 74.92 10.04
CA PRO J 520 50.81 74.06 8.95
C PRO J 520 51.36 74.90 7.81
N VAL J 521 52.32 74.36 7.06
CA VAL J 521 52.93 75.10 5.97
C VAL J 521 53.26 74.14 4.85
N LEU J 522 53.07 74.57 3.62
CA LEU J 522 53.53 73.77 2.49
C LEU J 522 54.64 74.52 1.78
N VAL J 523 55.79 73.87 1.67
CA VAL J 523 56.93 74.42 0.94
C VAL J 523 57.05 73.65 -0.36
N ASP J 524 56.83 74.35 -1.46
CA ASP J 524 56.77 73.75 -2.80
C ASP J 524 58.11 74.00 -3.47
N VAL J 525 58.97 73.00 -3.48
CA VAL J 525 60.33 73.21 -4.00
C VAL J 525 60.53 72.58 -5.36
N VAL J 526 60.77 73.41 -6.38
CA VAL J 526 61.07 72.89 -7.70
C VAL J 526 62.45 72.26 -7.68
N VAL J 527 62.54 70.94 -7.89
CA VAL J 527 63.83 70.25 -7.84
C VAL J 527 64.18 69.63 -9.18
N ALA J 528 65.48 69.47 -9.44
CA ALA J 528 65.96 68.88 -10.70
C ALA J 528 65.76 67.38 -10.67
N LYS J 529 65.96 66.73 -11.82
CA LYS J 529 65.96 65.27 -11.93
C LYS J 529 67.35 64.75 -11.61
N GLU J 530 67.42 63.58 -10.99
CA GLU J 530 68.70 63.03 -10.53
C GLU J 530 68.85 61.53 -10.82
N GLU J 531 70.08 61.06 -10.71
CA GLU J 531 70.40 59.63 -10.81
C GLU J 531 70.45 59.08 -9.40
N LEU J 532 70.52 57.74 -9.28
CA LEU J 532 70.78 57.06 -8.00
C LEU J 532 72.24 56.64 -7.84
N ALA J 533 72.85 56.16 -8.92
CA ALA J 533 74.24 55.77 -8.90
C ALA J 533 75.15 56.99 -8.71
N ILE J 534 76.33 56.77 -8.12
CA ILE J 534 77.22 57.84 -7.71
C ILE J 534 78.69 57.54 -8.06
N MET K 1 74.01 22.54 -7.40
CA MET K 1 73.78 21.31 -8.24
C MET K 1 73.00 21.63 -9.51
N LYS K 2 73.10 20.72 -10.49
CA LYS K 2 72.34 20.77 -11.76
C LYS K 2 71.16 19.77 -11.69
N GLN K 3 70.15 20.11 -10.89
CA GLN K 3 69.09 19.20 -10.50
C GLN K 3 67.69 19.84 -10.64
N THR K 4 66.64 19.04 -10.49
CA THR K 4 65.28 19.58 -10.72
C THR K 4 64.77 20.30 -9.48
N VAL K 5 63.75 21.12 -9.62
CA VAL K 5 63.10 21.75 -8.48
C VAL K 5 62.63 20.66 -7.51
N ALA K 6 62.03 19.62 -8.04
CA ALA K 6 61.55 18.52 -7.20
C ALA K 6 62.72 17.84 -6.44
N ALA K 7 63.86 17.66 -7.09
CA ALA K 7 64.99 17.07 -6.42
C ALA K 7 65.46 17.95 -5.28
N TYR K 8 65.44 19.26 -5.52
CA TYR K 8 65.86 20.22 -4.52
C TYR K 8 64.98 20.09 -3.28
N ILE K 9 63.69 20.01 -3.51
CA ILE K 9 62.75 19.82 -2.41
C ILE K 9 63.04 18.53 -1.65
N ALA K 10 63.20 17.43 -2.37
CA ALA K 10 63.41 16.14 -1.72
C ALA K 10 64.71 16.13 -0.88
N LYS K 11 65.78 16.66 -1.45
CA LYS K 11 67.07 16.75 -0.74
C LYS K 11 66.97 17.61 0.52
N THR K 12 66.23 18.71 0.44
CA THR K 12 66.09 19.58 1.58
C THR K 12 65.30 18.90 2.68
N LEU K 13 64.20 18.24 2.32
CA LEU K 13 63.46 17.43 3.29
C LEU K 13 64.34 16.34 3.90
N GLU K 14 65.15 15.68 3.09
CA GLU K 14 66.04 14.66 3.59
C GLU K 14 66.93 15.25 4.67
N SER K 15 67.46 16.43 4.40
CA SER K 15 68.39 17.06 5.30
C SER K 15 67.70 17.46 6.61
N ALA K 16 66.44 17.83 6.54
CA ALA K 16 65.66 18.16 7.72
C ALA K 16 65.24 16.91 8.49
N GLY K 17 65.60 15.73 7.98
CA GLY K 17 65.32 14.50 8.67
C GLY K 17 63.99 13.83 8.37
N VAL K 18 63.24 14.30 7.35
CA VAL K 18 62.04 13.56 7.02
C VAL K 18 62.31 12.15 6.52
N LYS K 19 61.48 11.22 6.96
CA LYS K 19 61.72 9.80 6.68
C LYS K 19 60.77 9.24 5.63
N ARG K 20 59.62 9.88 5.46
CA ARG K 20 58.65 9.32 4.54
C ARG K 20 57.71 10.40 4.05
N ILE K 21 57.11 10.18 2.89
CA ILE K 21 56.08 11.06 2.38
C ILE K 21 54.83 10.22 2.11
N TRP K 22 53.69 10.70 2.58
CA TRP K 22 52.44 9.97 2.43
C TRP K 22 51.65 10.52 1.26
N GLY K 23 51.16 9.65 0.39
CA GLY K 23 50.27 10.15 -0.66
C GLY K 23 49.75 9.08 -1.58
N VAL K 24 49.23 9.51 -2.73
CA VAL K 24 48.88 8.64 -3.85
C VAL K 24 49.54 9.33 -5.05
N THR K 25 50.21 8.60 -5.94
CA THR K 25 50.87 9.25 -7.10
C THR K 25 49.91 9.85 -8.14
N GLY K 26 50.53 10.37 -9.20
CA GLY K 26 49.86 10.92 -10.36
C GLY K 26 50.99 11.44 -11.26
N ASP K 27 50.69 11.65 -12.54
CA ASP K 27 51.68 12.17 -13.47
C ASP K 27 52.25 13.55 -13.07
N SER K 28 51.41 14.36 -12.43
CA SER K 28 51.80 15.68 -11.95
C SER K 28 52.90 15.62 -10.86
N LEU K 29 53.11 14.40 -10.31
CA LEU K 29 54.12 14.16 -9.28
C LEU K 29 55.38 13.43 -9.83
N ASN K 30 55.53 13.33 -11.14
CA ASN K 30 56.65 12.61 -11.72
C ASN K 30 58.01 13.10 -11.26
N GLY K 31 58.19 14.41 -11.24
CA GLY K 31 59.43 14.99 -10.79
C GLY K 31 59.76 14.50 -9.40
N LEU K 32 58.79 14.61 -8.49
CA LEU K 32 58.99 14.18 -7.12
C LEU K 32 59.28 12.67 -7.01
N SER K 33 58.45 11.83 -7.64
CA SER K 33 58.65 10.38 -7.62
C SER K 33 60.03 9.99 -8.13
N ASP K 34 60.39 10.60 -9.25
CA ASP K 34 61.68 10.38 -9.84
C ASP K 34 62.81 10.63 -8.85
N SER K 35 62.75 11.77 -8.18
CA SER K 35 63.85 12.05 -7.29
C SER K 35 63.81 11.24 -6.01
N LEU K 36 62.63 10.86 -5.53
CA LEU K 36 62.58 9.92 -4.41
C LEU K 36 63.18 8.57 -4.78
N ASN K 37 62.89 8.08 -6.00
CA ASN K 37 63.49 6.82 -6.48
C ASN K 37 64.99 6.89 -6.54
N ARG K 38 65.52 7.98 -7.11
CA ARG K 38 66.98 8.14 -7.28
C ARG K 38 67.65 8.28 -5.92
N MET K 39 66.98 8.98 -5.00
CA MET K 39 67.53 9.26 -3.68
C MET K 39 67.59 8.02 -2.80
N GLY K 40 66.49 7.26 -2.80
CA GLY K 40 66.41 6.00 -2.05
C GLY K 40 66.49 6.10 -0.53
N THR K 41 66.10 7.24 0.05
CA THR K 41 66.19 7.41 1.50
C THR K 41 64.82 7.75 2.09
N ILE K 42 64.14 8.72 1.52
CA ILE K 42 62.81 9.00 1.98
C ILE K 42 61.86 7.97 1.37
N GLU K 43 61.00 7.40 2.18
CA GLU K 43 60.13 6.33 1.76
C GLU K 43 58.76 6.84 1.36
N TRP K 44 58.26 6.38 0.22
CA TRP K 44 56.92 6.78 -0.25
C TRP K 44 55.85 5.87 0.36
N MET K 45 54.88 6.45 1.06
CA MET K 45 53.84 5.65 1.70
C MET K 45 52.55 5.82 0.95
N SER K 46 52.15 4.81 0.20
CA SER K 46 51.00 4.92 -0.70
C SER K 46 49.70 4.52 -0.02
N THR K 47 48.77 5.44 0.13
CA THR K 47 47.49 5.14 0.75
C THR K 47 46.44 4.94 -0.32
N ARG K 48 45.24 4.55 0.06
CA ARG K 48 44.16 4.37 -0.92
C ARG K 48 43.43 5.66 -1.21
N HIS K 49 43.40 6.58 -0.23
CA HIS K 49 42.75 7.87 -0.38
C HIS K 49 43.70 8.90 0.20
N GLU K 50 43.94 10.01 -0.50
CA GLU K 50 44.89 10.99 0.00
C GLU K 50 44.45 11.60 1.35
N GLU K 51 43.14 11.57 1.66
CA GLU K 51 42.69 12.06 2.95
C GLU K 51 43.45 11.32 4.04
N VAL K 52 43.59 10.00 3.85
CA VAL K 52 44.26 9.15 4.83
C VAL K 52 45.74 9.51 4.90
N ALA K 53 46.34 9.83 3.77
CA ALA K 53 47.75 10.27 3.79
C ALA K 53 47.93 11.47 4.71
N ALA K 54 47.02 12.44 4.63
CA ALA K 54 47.10 13.63 5.47
C ALA K 54 46.88 13.30 6.96
N PHE K 55 45.85 12.53 7.27
CA PHE K 55 45.67 12.10 8.68
C PHE K 55 46.94 11.39 9.21
N ALA K 56 47.47 10.48 8.40
CA ALA K 56 48.58 9.65 8.83
C ALA K 56 49.82 10.52 9.07
N ALA K 57 50.07 11.46 8.15
CA ALA K 57 51.19 12.37 8.35
C ALA K 57 51.03 13.15 9.65
N GLY K 58 49.80 13.63 9.91
CA GLY K 58 49.53 14.32 11.16
C GLY K 58 49.83 13.43 12.37
N ALA K 59 49.47 12.15 12.31
CA ALA K 59 49.74 11.27 13.42
C ALA K 59 51.26 11.09 13.59
N GLU K 60 51.98 10.95 12.49
CA GLU K 60 53.41 10.84 12.55
C GLU K 60 54.03 12.07 13.19
N ALA K 61 53.59 13.25 12.77
CA ALA K 61 54.14 14.48 13.35
C ALA K 61 53.80 14.62 14.85
N GLN K 62 52.59 14.24 15.21
CA GLN K 62 52.20 14.25 16.61
C GLN K 62 53.13 13.39 17.46
N LEU K 63 53.45 12.19 17.00
CA LEU K 63 54.22 11.26 17.79
C LEU K 63 55.70 11.58 17.79
N SER K 64 56.24 11.96 16.63
CA SER K 64 57.67 12.15 16.54
C SER K 64 58.09 13.53 17.02
N GLY K 65 57.17 14.50 17.01
CA GLY K 65 57.54 15.88 17.30
C GLY K 65 58.28 16.51 16.13
N GLU K 66 58.28 15.85 14.97
CA GLU K 66 59.07 16.33 13.84
C GLU K 66 58.28 16.49 12.55
N LEU K 67 58.82 17.27 11.61
CA LEU K 67 58.15 17.56 10.37
C LEU K 67 57.70 16.29 9.68
N ALA K 68 56.43 16.23 9.27
CA ALA K 68 55.94 15.12 8.46
C ALA K 68 55.47 15.70 7.12
N VAL K 69 55.36 14.84 6.10
CA VAL K 69 55.08 15.33 4.76
C VAL K 69 54.04 14.48 4.05
N CYS K 70 53.12 15.13 3.35
CA CYS K 70 52.20 14.38 2.50
C CYS K 70 52.13 15.05 1.13
N ALA K 71 51.58 14.37 0.14
CA ALA K 71 51.59 14.91 -1.20
C ALA K 71 50.36 14.45 -1.96
N GLY K 72 49.91 15.24 -2.93
CA GLY K 72 48.77 14.84 -3.73
C GLY K 72 48.97 15.30 -5.15
N SER K 73 48.41 14.57 -6.12
CA SER K 73 48.53 14.94 -7.51
C SER K 73 47.65 16.15 -7.82
N CYS K 74 47.65 16.59 -9.07
CA CYS K 74 46.95 17.83 -9.35
C CYS K 74 45.44 17.66 -9.26
N GLY K 75 44.75 18.79 -8.99
CA GLY K 75 43.30 18.79 -8.90
C GLY K 75 42.81 17.90 -7.79
N PRO K 76 42.03 16.86 -8.16
CA PRO K 76 41.43 15.95 -7.17
C PRO K 76 42.46 15.30 -6.20
N GLY K 77 43.67 15.04 -6.68
CA GLY K 77 44.64 14.38 -5.84
C GLY K 77 44.92 15.17 -4.59
N ASN K 78 45.44 16.38 -4.74
CA ASN K 78 45.75 17.19 -3.59
C ASN K 78 44.49 17.64 -2.87
N LEU K 79 43.41 17.84 -3.62
CA LEU K 79 42.15 18.25 -3.00
C LEU K 79 41.75 17.22 -1.95
N HIS K 80 41.97 15.93 -2.25
CA HIS K 80 41.65 14.89 -1.30
C HIS K 80 42.34 15.04 0.06
N LEU K 81 43.47 15.79 0.14
CA LEU K 81 44.17 15.96 1.39
C LEU K 81 43.40 16.84 2.37
N ILE K 82 42.51 17.67 1.86
CA ILE K 82 42.06 18.83 2.63
C ILE K 82 41.50 18.52 4.02
N ASN K 83 40.62 17.54 4.15
CA ASN K 83 40.02 17.27 5.48
C ASN K 83 41.10 16.83 6.45
N GLY K 84 42.07 16.05 5.97
CA GLY K 84 43.15 15.59 6.82
C GLY K 84 44.08 16.72 7.21
N LEU K 85 44.30 17.67 6.29
CA LEU K 85 45.12 18.83 6.60
C LEU K 85 44.46 19.74 7.66
N PHE K 86 43.15 19.91 7.59
CA PHE K 86 42.45 20.63 8.65
C PHE K 86 42.76 19.95 9.98
N ASP K 87 42.71 18.62 10.01
CA ASP K 87 42.96 17.93 11.27
C ASP K 87 44.40 18.19 11.73
N CYS K 88 45.37 18.08 10.81
CA CYS K 88 46.78 18.38 11.14
C CYS K 88 46.94 19.80 11.69
N HIS K 89 46.34 20.76 10.99
CA HIS K 89 46.55 22.13 11.36
C HIS K 89 45.91 22.40 12.69
N ARG K 90 44.72 21.88 12.88
CA ARG K 90 44.01 22.10 14.12
C ARG K 90 44.67 21.41 15.31
N ASN K 91 45.38 20.31 15.03
CA ASN K 91 46.11 19.61 16.07
C ASN K 91 47.49 20.23 16.32
N HIS K 92 47.84 21.29 15.58
CA HIS K 92 49.11 21.98 15.79
C HIS K 92 50.31 21.07 15.59
N VAL K 93 50.31 20.28 14.53
CA VAL K 93 51.47 19.42 14.32
C VAL K 93 52.16 19.87 13.03
N PRO K 94 53.48 19.76 12.98
CA PRO K 94 54.24 20.26 11.82
C PRO K 94 54.09 19.35 10.59
N VAL K 95 53.36 19.82 9.59
CA VAL K 95 53.17 19.04 8.39
C VAL K 95 53.34 19.89 7.14
N LEU K 96 54.16 19.41 6.20
CA LEU K 96 54.27 20.02 4.89
C LEU K 96 53.47 19.21 3.87
N ALA K 97 52.60 19.90 3.14
CA ALA K 97 51.84 19.27 2.08
C ALA K 97 52.41 19.75 0.73
N ILE K 98 52.81 18.81 -0.11
CA ILE K 98 53.20 19.17 -1.47
C ILE K 98 52.00 18.92 -2.37
N ALA K 99 51.40 19.98 -2.86
CA ALA K 99 50.25 19.87 -3.72
C ALA K 99 50.70 20.04 -5.18
N ALA K 100 50.84 18.95 -5.90
CA ALA K 100 51.18 19.02 -7.30
C ALA K 100 50.03 19.70 -8.05
N HIS K 101 50.35 20.38 -9.15
CA HIS K 101 49.40 21.26 -9.78
C HIS K 101 49.48 21.04 -11.29
N ILE K 102 48.47 21.49 -12.03
CA ILE K 102 48.42 21.28 -13.48
C ILE K 102 49.56 22.01 -14.15
N PRO K 103 49.85 21.69 -15.42
CA PRO K 103 51.00 22.40 -16.04
C PRO K 103 50.74 23.89 -16.02
N SER K 104 51.74 24.68 -15.66
CA SER K 104 51.49 26.10 -15.45
C SER K 104 50.97 26.79 -16.74
N SER K 105 51.31 26.26 -17.89
CA SER K 105 50.87 26.87 -19.14
C SER K 105 49.35 26.82 -19.33
N GLU K 106 48.67 25.91 -18.62
CA GLU K 106 47.24 25.71 -18.82
C GLU K 106 46.42 26.46 -17.77
N ILE K 107 47.09 27.03 -16.78
CA ILE K 107 46.37 27.71 -15.70
C ILE K 107 45.48 28.83 -16.26
N GLY K 108 44.27 28.92 -15.76
CA GLY K 108 43.39 30.02 -16.13
C GLY K 108 42.51 29.70 -17.32
N SER K 109 42.58 28.47 -17.82
CA SER K 109 41.91 28.19 -19.09
C SER K 109 40.76 27.22 -18.89
N GLY K 110 40.56 26.77 -17.65
CA GLY K 110 39.55 25.76 -17.41
C GLY K 110 40.08 24.39 -17.86
N TYR K 111 41.30 24.06 -17.48
CA TYR K 111 41.97 22.86 -18.00
C TYR K 111 41.46 21.60 -17.30
N PHE K 112 41.72 20.45 -17.89
CA PHE K 112 41.53 19.19 -17.23
C PHE K 112 42.11 19.24 -15.80
N GLN K 113 41.27 18.91 -14.82
CA GLN K 113 41.64 18.88 -13.39
C GLN K 113 41.97 20.23 -12.77
N GLU K 114 41.78 21.35 -13.47
CA GLU K 114 42.15 22.64 -12.91
C GLU K 114 41.46 22.96 -11.54
N THR K 115 42.25 23.29 -10.53
CA THR K 115 41.75 23.86 -9.30
C THR K 115 42.79 24.93 -8.95
N HIS K 116 42.57 25.63 -7.84
CA HIS K 116 43.51 26.61 -7.35
C HIS K 116 43.87 26.25 -5.92
N PRO K 117 44.78 25.29 -5.75
CA PRO K 117 45.12 24.82 -4.40
C PRO K 117 45.66 25.95 -3.52
N GLN K 118 46.33 26.91 -4.12
CA GLN K 118 46.90 27.99 -3.33
C GLN K 118 45.82 28.86 -2.69
N GLU K 119 44.60 28.77 -3.16
CA GLU K 119 43.47 29.41 -2.50
C GLU K 119 42.73 28.47 -1.57
N LEU K 120 42.47 27.24 -2.01
CA LEU K 120 41.74 26.29 -1.20
C LEU K 120 42.33 26.07 0.19
N PHE K 121 43.66 26.01 0.28
CA PHE K 121 44.26 25.56 1.50
C PHE K 121 44.62 26.68 2.48
N ARG K 122 44.19 27.91 2.18
CA ARG K 122 44.56 29.02 3.06
CA ARG K 122 44.49 29.08 3.04
C ARG K 122 44.08 28.83 4.49
N GLU K 123 42.86 28.36 4.69
CA GLU K 123 42.32 28.27 6.04
C GLU K 123 42.99 27.19 6.88
N CYS K 124 43.47 26.11 6.24
CA CYS K 124 44.00 25.00 7.01
C CYS K 124 45.51 25.01 6.91
N SER K 125 46.12 26.19 6.89
CA SER K 125 47.56 26.27 6.88
C SER K 125 47.99 27.63 7.40
N HIS K 126 49.25 27.79 7.75
CA HIS K 126 49.68 29.16 7.99
C HIS K 126 50.64 29.69 6.92
N TYR K 127 50.83 28.89 5.88
CA TYR K 127 51.61 29.29 4.73
C TYR K 127 51.14 28.48 3.55
N CYS K 128 50.92 29.13 2.43
CA CYS K 128 50.35 28.43 1.27
C CYS K 128 50.64 29.24 0.01
N GLU K 129 51.52 28.75 -0.86
CA GLU K 129 51.87 29.52 -2.04
C GLU K 129 52.17 28.66 -3.28
N LEU K 130 51.95 29.26 -4.44
CA LEU K 130 52.19 28.63 -5.69
C LEU K 130 53.61 28.90 -6.16
N VAL K 131 54.30 27.84 -6.58
CA VAL K 131 55.63 27.99 -7.13
C VAL K 131 55.50 28.06 -8.66
N SER K 132 55.49 29.27 -9.21
CA SER K 132 55.36 29.50 -10.65
C SER K 132 56.73 29.43 -11.27
N SER K 133 57.76 29.80 -10.50
CA SER K 133 59.10 29.95 -11.02
C SER K 133 60.07 29.14 -10.17
N PRO K 134 60.98 28.41 -10.82
CA PRO K 134 62.03 27.71 -10.05
C PRO K 134 62.76 28.64 -9.07
N GLU K 135 62.93 29.92 -9.43
CA GLU K 135 63.68 30.85 -8.55
C GLU K 135 62.98 31.05 -7.18
N GLN K 136 61.70 30.77 -7.10
CA GLN K 136 61.01 30.86 -5.82
C GLN K 136 61.37 29.77 -4.83
N ILE K 137 61.70 28.56 -5.31
CA ILE K 137 61.66 27.41 -4.42
C ILE K 137 62.52 27.53 -3.16
N PRO K 138 63.71 28.17 -3.24
CA PRO K 138 64.46 28.19 -1.97
C PRO K 138 63.77 29.01 -0.87
N GLN K 139 63.21 30.17 -1.22
CA GLN K 139 62.53 31.00 -0.23
C GLN K 139 61.20 30.36 0.21
N VAL K 140 60.40 29.91 -0.75
CA VAL K 140 59.12 29.33 -0.45
C VAL K 140 59.26 28.08 0.42
N LEU K 141 60.17 27.18 0.06
CA LEU K 141 60.39 26.00 0.85
C LEU K 141 60.94 26.33 2.26
N ALA K 142 61.88 27.27 2.34
CA ALA K 142 62.44 27.64 3.65
C ALA K 142 61.36 28.19 4.60
N ILE K 143 60.53 29.11 4.11
CA ILE K 143 59.48 29.65 4.93
C ILE K 143 58.43 28.57 5.25
N ALA K 144 58.01 27.83 4.25
CA ALA K 144 57.05 26.75 4.50
C ALA K 144 57.53 25.82 5.62
N MET K 145 58.78 25.36 5.54
CA MET K 145 59.26 24.38 6.52
C MET K 145 59.43 25.02 7.88
N ARG K 146 59.96 26.24 7.90
CA ARG K 146 60.17 26.91 9.16
C ARG K 146 58.87 27.20 9.90
N LYS K 147 57.88 27.67 9.18
CA LYS K 147 56.58 27.93 9.79
C LYS K 147 55.92 26.62 10.24
N ALA K 148 56.01 25.59 9.44
CA ALA K 148 55.38 24.34 9.85
C ALA K 148 55.96 23.87 11.18
N VAL K 149 57.28 23.91 11.30
CA VAL K 149 57.92 23.39 12.46
C VAL K 149 57.74 24.32 13.66
N LEU K 150 58.06 25.60 13.50
CA LEU K 150 58.08 26.50 14.66
C LEU K 150 56.73 27.08 15.04
N ASN K 151 55.87 27.33 14.05
CA ASN K 151 54.48 27.71 14.36
C ASN K 151 53.57 26.53 14.58
N ARG K 152 54.07 25.33 14.33
CA ARG K 152 53.35 24.10 14.63
CA ARG K 152 53.33 24.12 14.67
C ARG K 152 52.01 23.98 13.92
N GLY K 153 52.08 23.69 12.63
CA GLY K 153 50.93 23.56 11.83
C GLY K 153 51.28 23.22 10.40
N VAL K 154 50.31 23.39 9.50
CA VAL K 154 50.47 22.93 8.13
C VAL K 154 50.99 24.05 7.24
N SER K 155 51.91 23.72 6.36
CA SER K 155 52.34 24.61 5.28
C SER K 155 52.09 23.89 3.98
N VAL K 156 51.68 24.64 2.96
CA VAL K 156 51.40 24.03 1.68
C VAL K 156 52.25 24.67 0.58
N VAL K 157 52.90 23.83 -0.22
CA VAL K 157 53.64 24.29 -1.38
C VAL K 157 52.96 23.72 -2.63
N VAL K 158 52.49 24.59 -3.51
CA VAL K 158 51.77 24.16 -4.68
C VAL K 158 52.72 24.21 -5.86
N LEU K 159 52.87 23.08 -6.55
CA LEU K 159 53.98 22.88 -7.48
C LEU K 159 53.49 22.31 -8.81
N PRO K 160 53.32 23.17 -9.82
CA PRO K 160 52.94 22.67 -11.13
C PRO K 160 53.96 21.61 -11.61
N GLY K 161 53.46 20.56 -12.25
CA GLY K 161 54.30 19.44 -12.65
C GLY K 161 55.40 19.81 -13.60
N ASP K 162 55.17 20.80 -14.45
CA ASP K 162 56.23 21.27 -15.37
C ASP K 162 57.32 22.03 -14.59
N VAL K 163 56.92 22.87 -13.64
CA VAL K 163 57.89 23.59 -12.85
C VAL K 163 58.76 22.64 -12.03
N ALA K 164 58.16 21.57 -11.52
CA ALA K 164 58.87 20.57 -10.73
C ALA K 164 60.06 20.00 -11.52
N LEU K 165 59.92 19.96 -12.84
CA LEU K 165 60.92 19.32 -13.70
C LEU K 165 61.97 20.28 -14.21
N LYS K 166 61.82 21.54 -13.88
CA LYS K 166 62.81 22.55 -14.30
C LYS K 166 64.01 22.57 -13.36
N PRO K 167 65.13 23.13 -13.84
CA PRO K 167 66.32 23.18 -12.97
C PRO K 167 66.08 24.06 -11.75
N ALA K 168 66.44 23.55 -10.58
CA ALA K 168 66.50 24.38 -9.39
C ALA K 168 67.60 25.45 -9.56
N PRO K 169 67.51 26.57 -8.82
CA PRO K 169 68.57 27.57 -8.86
C PRO K 169 69.90 26.96 -8.44
N GLU K 170 70.98 27.25 -9.15
CA GLU K 170 72.25 26.56 -8.87
C GLU K 170 72.91 26.87 -7.53
N GLY K 171 72.70 28.08 -7.01
CA GLY K 171 73.36 28.45 -5.75
C GLY K 171 72.57 28.05 -4.51
N ALA K 172 71.38 27.50 -4.71
CA ALA K 172 70.48 27.18 -3.59
C ALA K 172 71.11 26.17 -2.66
N THR K 173 70.84 26.28 -1.37
CA THR K 173 71.41 25.30 -0.47
C THR K 173 70.32 24.37 0.07
N MET K 174 70.70 23.12 0.28
CA MET K 174 69.75 22.10 0.71
C MET K 174 69.98 21.73 2.17
N HIS K 175 71.09 22.18 2.78
CA HIS K 175 71.28 21.91 4.19
C HIS K 175 70.24 22.60 5.06
N TRP K 176 69.70 21.90 6.07
CA TRP K 176 68.71 22.48 6.96
C TRP K 176 69.28 22.63 8.36
N TYR K 177 69.24 23.85 8.90
CA TYR K 177 69.61 24.04 10.30
C TYR K 177 68.38 23.85 11.18
N HIS K 178 68.40 22.90 12.12
CA HIS K 178 67.27 22.70 13.01
CA HIS K 178 67.26 22.74 13.02
C HIS K 178 67.28 23.77 14.12
N ALA K 179 66.35 24.71 14.11
CA ALA K 179 66.21 25.65 15.21
C ALA K 179 65.12 25.18 16.16
N PRO K 180 65.46 24.95 17.42
CA PRO K 180 64.48 24.56 18.45
C PRO K 180 63.56 25.73 18.81
N GLN K 181 62.45 25.46 19.49
CA GLN K 181 61.66 26.55 20.07
C GLN K 181 62.53 27.42 20.96
N PRO K 182 62.22 28.73 21.04
CA PRO K 182 62.93 29.55 22.01
C PRO K 182 62.34 29.32 23.40
N VAL K 183 62.99 29.87 24.40
CA VAL K 183 62.42 29.95 25.74
C VAL K 183 61.52 31.17 25.76
N VAL K 184 60.26 30.99 26.15
CA VAL K 184 59.32 32.08 26.20
C VAL K 184 58.70 32.20 27.58
N THR K 185 58.96 33.30 28.26
CA THR K 185 58.59 33.47 29.66
C THR K 185 58.07 34.90 29.85
N PRO K 186 56.99 35.07 30.64
CA PRO K 186 56.50 36.44 30.83
C PRO K 186 57.52 37.31 31.56
N GLU K 187 57.47 38.63 31.39
CA GLU K 187 58.28 39.59 32.15
C GLU K 187 58.24 39.21 33.61
N GLU K 188 59.31 39.54 34.31
CA GLU K 188 59.34 39.32 35.74
C GLU K 188 58.22 40.07 36.46
N GLU K 189 57.99 41.33 36.11
CA GLU K 189 56.93 42.02 36.79
C GLU K 189 55.56 41.33 36.63
N GLU K 190 55.26 40.81 35.44
CA GLU K 190 53.99 40.11 35.24
C GLU K 190 53.88 38.88 36.13
N LEU K 191 54.98 38.16 36.29
CA LEU K 191 54.99 37.02 37.19
C LEU K 191 54.74 37.44 38.64
N ARG K 192 55.35 38.54 39.08
CA ARG K 192 55.08 38.92 40.45
CA ARG K 192 55.10 39.02 40.44
C ARG K 192 53.64 39.41 40.59
N LYS K 193 53.06 40.04 39.57
CA LYS K 193 51.64 40.40 39.63
C LYS K 193 50.78 39.16 39.79
N LEU K 194 51.07 38.12 39.00
CA LEU K 194 50.35 36.87 39.09
C LEU K 194 50.48 36.25 40.47
N ALA K 195 51.71 36.21 41.00
CA ALA K 195 51.94 35.64 42.31
C ALA K 195 51.13 36.39 43.36
N GLN K 196 51.11 37.71 43.26
CA GLN K 196 50.34 38.51 44.20
C GLN K 196 48.85 38.20 44.07
N LEU K 197 48.37 38.06 42.83
CA LEU K 197 46.97 37.76 42.61
C LEU K 197 46.61 36.41 43.26
N LEU K 198 47.43 35.39 43.02
CA LEU K 198 47.20 34.08 43.60
C LEU K 198 47.21 34.11 45.15
N ARG K 199 48.06 34.96 45.71
CA ARG K 199 48.15 35.06 47.17
CA ARG K 199 48.17 35.15 47.17
C ARG K 199 46.81 35.52 47.76
N TYR K 200 46.04 36.29 47.01
CA TYR K 200 44.78 36.84 47.51
C TYR K 200 43.56 36.21 46.85
N SER K 201 43.75 35.05 46.22
CA SER K 201 42.63 34.36 45.57
C SER K 201 42.30 33.10 46.34
N SER K 202 41.05 32.65 46.27
CA SER K 202 40.67 31.40 46.90
C SER K 202 39.96 30.48 45.93
N ASN K 203 39.80 29.22 46.30
CA ASN K 203 39.03 28.28 45.52
C ASN K 203 39.48 28.34 44.06
N ILE K 204 40.76 28.04 43.85
CA ILE K 204 41.38 28.10 42.57
C ILE K 204 41.35 26.74 41.93
N ALA K 205 40.96 26.68 40.66
CA ALA K 205 41.09 25.47 39.87
C ALA K 205 41.98 25.76 38.66
N LEU K 206 42.66 24.74 38.18
CA LEU K 206 43.46 24.85 36.97
C LEU K 206 42.77 24.10 35.85
N MET K 207 42.60 24.72 34.69
CA MET K 207 42.10 24.04 33.49
C MET K 207 43.29 23.83 32.57
N CYS K 208 43.69 22.60 32.36
CA CYS K 208 44.95 22.32 31.68
C CYS K 208 44.75 21.60 30.38
N GLY K 209 45.42 22.09 29.33
CA GLY K 209 45.34 21.52 27.99
C GLY K 209 46.71 21.03 27.53
N SER K 210 46.84 20.73 26.25
CA SER K 210 48.05 20.09 25.76
C SER K 210 49.27 21.02 25.84
N GLY K 211 49.03 22.31 26.08
CA GLY K 211 50.12 23.24 26.29
C GLY K 211 50.96 22.87 27.50
N CYS K 212 50.41 22.03 28.39
CA CYS K 212 51.13 21.56 29.55
C CYS K 212 52.05 20.37 29.24
N ALA K 213 52.02 19.87 27.99
CA ALA K 213 52.92 18.77 27.63
C ALA K 213 54.35 19.12 28.02
N GLY K 214 55.03 18.22 28.68
CA GLY K 214 56.42 18.49 29.05
C GLY K 214 56.59 19.21 30.39
N ALA K 215 55.47 19.67 30.96
CA ALA K 215 55.48 20.44 32.20
C ALA K 215 54.84 19.72 33.39
N HIS K 216 54.72 18.40 33.30
CA HIS K 216 54.00 17.63 34.29
C HIS K 216 54.49 17.90 35.72
N LYS K 217 55.80 17.83 35.89
CA LYS K 217 56.43 18.03 37.17
C LYS K 217 56.09 19.41 37.77
N GLU K 218 56.25 20.46 36.98
CA GLU K 218 55.97 21.80 37.42
C GLU K 218 54.48 21.98 37.71
N LEU K 219 53.65 21.41 36.85
CA LEU K 219 52.19 21.54 36.98
C LEU K 219 51.72 20.95 38.30
N VAL K 220 52.18 19.74 38.60
CA VAL K 220 51.77 19.04 39.80
C VAL K 220 52.28 19.76 41.06
N GLU K 221 53.51 20.26 40.99
CA GLU K 221 54.08 21.00 42.08
C GLU K 221 53.29 22.30 42.31
N PHE K 222 52.91 22.98 41.23
CA PHE K 222 52.14 24.22 41.32
C PHE K 222 50.78 23.97 41.96
N ALA K 223 50.04 22.99 41.45
CA ALA K 223 48.73 22.65 42.00
C ALA K 223 48.83 22.34 43.51
N GLY K 224 49.84 21.58 43.90
CA GLY K 224 50.02 21.21 45.30
C GLY K 224 50.36 22.41 46.16
N LYS K 225 51.14 23.33 45.62
CA LYS K 225 51.57 24.49 46.37
C LYS K 225 50.39 25.40 46.72
N ILE K 226 49.52 25.66 45.73
CA ILE K 226 48.37 26.54 45.97
C ILE K 226 47.07 25.78 46.28
N LYS K 227 47.15 24.44 46.34
CA LYS K 227 45.99 23.60 46.62
C LYS K 227 44.87 23.80 45.59
N ALA K 228 45.18 23.60 44.31
CA ALA K 228 44.21 23.76 43.25
C ALA K 228 43.93 22.43 42.58
N PRO K 229 42.66 21.99 42.56
CA PRO K 229 42.35 20.83 41.78
C PRO K 229 42.60 21.13 40.31
N ILE K 230 42.94 20.10 39.54
CA ILE K 230 43.20 20.27 38.13
C ILE K 230 42.07 19.61 37.34
N VAL K 231 41.50 20.33 36.37
CA VAL K 231 40.72 19.63 35.38
C VAL K 231 41.44 19.77 34.05
N HIS K 232 41.31 18.77 33.18
CA HIS K 232 42.05 18.82 31.93
C HIS K 232 41.10 18.82 30.75
N ALA K 233 41.45 19.59 29.72
CA ALA K 233 40.76 19.52 28.47
C ALA K 233 41.14 18.20 27.80
N LEU K 234 40.34 17.74 26.84
CA LEU K 234 40.60 16.42 26.27
C LEU K 234 42.05 16.26 25.75
N ARG K 235 42.58 17.26 25.05
CA ARG K 235 43.90 17.07 24.47
C ARG K 235 45.00 17.20 25.56
N GLY K 236 44.61 17.56 26.78
CA GLY K 236 45.53 17.54 27.88
C GLY K 236 45.58 16.19 28.59
N LYS K 237 44.60 15.34 28.30
CA LYS K 237 44.47 14.10 29.04
C LYS K 237 45.78 13.28 29.10
N GLU K 238 46.36 13.00 27.96
CA GLU K 238 47.56 12.17 27.94
C GLU K 238 48.74 12.83 28.66
N HIS K 239 48.71 14.15 28.82
CA HIS K 239 49.83 14.88 29.40
C HIS K 239 49.67 15.17 30.88
N VAL K 240 48.45 15.05 31.40
CA VAL K 240 48.13 15.61 32.69
C VAL K 240 47.50 14.57 33.62
N GLU K 241 46.80 13.59 33.06
CA GLU K 241 46.01 12.66 33.85
C GLU K 241 46.78 11.38 34.27
N TYR K 242 47.87 11.56 34.98
CA TYR K 242 48.59 10.41 35.50
C TYR K 242 49.55 10.96 36.54
N ASP K 243 49.92 10.12 37.50
CA ASP K 243 50.78 10.55 38.62
C ASP K 243 50.40 11.96 39.06
N ASN K 244 49.11 12.16 39.32
CA ASN K 244 48.61 13.49 39.54
C ASN K 244 47.47 13.45 40.55
N PRO K 245 47.81 13.62 41.83
CA PRO K 245 46.77 13.51 42.84
C PRO K 245 45.77 14.67 42.81
N TYR K 246 46.00 15.67 41.96
CA TYR K 246 45.14 16.84 41.94
C TYR K 246 44.11 16.76 40.80
N ASP K 247 44.29 15.80 39.90
CA ASP K 247 43.43 15.74 38.73
C ASP K 247 42.04 15.21 39.05
N VAL K 248 41.01 15.96 38.66
CA VAL K 248 39.64 15.53 38.98
C VAL K 248 38.77 15.33 37.72
N GLY K 249 39.41 15.11 36.57
CA GLY K 249 38.67 14.72 35.37
C GLY K 249 38.50 15.81 34.33
N MET K 250 37.35 15.79 33.66
CA MET K 250 37.07 16.70 32.56
C MET K 250 35.68 17.33 32.72
N THR K 251 35.44 18.49 32.07
CA THR K 251 34.08 18.98 31.85
C THR K 251 33.74 18.85 30.38
N GLY K 252 32.70 19.57 29.99
CA GLY K 252 32.12 19.44 28.67
C GLY K 252 31.15 18.30 28.72
N LEU K 253 30.41 18.09 27.64
CA LEU K 253 29.38 17.06 27.63
C LEU K 253 29.92 15.67 27.86
N ILE K 254 31.17 15.42 27.47
CA ILE K 254 31.70 14.08 27.68
C ILE K 254 32.54 13.98 28.94
N GLY K 255 32.64 15.07 29.69
CA GLY K 255 33.36 15.08 30.95
C GLY K 255 32.47 14.46 32.00
N PHE K 256 32.75 14.73 33.27
CA PHE K 256 31.93 14.19 34.33
C PHE K 256 31.73 15.15 35.47
N SER K 257 30.92 14.73 36.43
CA SER K 257 30.44 15.63 37.49
C SER K 257 31.56 16.38 38.22
N SER K 258 32.61 15.66 38.64
CA SER K 258 33.69 16.28 39.38
C SER K 258 34.35 17.42 38.56
N GLY K 259 34.66 17.15 37.30
CA GLY K 259 35.21 18.18 36.43
C GLY K 259 34.21 19.31 36.28
N PHE K 260 32.96 18.93 36.01
CA PHE K 260 31.94 19.93 35.79
C PHE K 260 31.84 20.89 36.99
N HIS K 261 31.58 20.34 38.18
CA HIS K 261 31.43 21.15 39.38
C HIS K 261 32.67 21.94 39.77
N THR K 262 33.85 21.33 39.63
CA THR K 262 35.06 22.00 40.07
C THR K 262 35.22 23.28 39.25
N MET K 263 34.99 23.15 37.96
CA MET K 263 35.04 24.27 37.05
C MET K 263 33.96 25.30 37.32
N MET K 264 32.71 24.88 37.47
CA MET K 264 31.65 25.86 37.70
C MET K 264 31.79 26.57 39.05
N ASN K 265 32.30 25.88 40.08
CA ASN K 265 32.28 26.46 41.43
C ASN K 265 33.53 27.23 41.81
N ALA K 266 34.58 27.16 40.99
CA ALA K 266 35.83 27.88 41.29
C ALA K 266 35.57 29.37 41.38
N ASP K 267 36.28 30.04 42.30
CA ASP K 267 36.25 31.50 42.34
C ASP K 267 37.39 32.08 41.51
N THR K 268 38.39 31.27 41.19
CA THR K 268 39.54 31.71 40.44
C THR K 268 39.92 30.56 39.57
N LEU K 269 40.10 30.86 38.28
CA LEU K 269 40.35 29.82 37.31
C LEU K 269 41.62 30.17 36.54
N VAL K 270 42.56 29.24 36.47
CA VAL K 270 43.78 29.47 35.71
C VAL K 270 43.81 28.55 34.51
N LEU K 271 43.70 29.14 33.31
CA LEU K 271 43.76 28.38 32.07
C LEU K 271 45.22 28.19 31.65
N LEU K 272 45.71 26.97 31.67
CA LEU K 272 47.09 26.68 31.32
C LEU K 272 47.19 25.91 30.01
N GLY K 273 47.60 26.58 28.95
CA GLY K 273 47.80 25.92 27.69
C GLY K 273 46.57 25.21 27.22
N THR K 274 45.45 25.92 27.18
CA THR K 274 44.19 25.30 26.72
C THR K 274 43.37 26.16 25.76
N GLN K 275 42.56 25.50 24.95
CA GLN K 275 41.71 26.06 23.91
C GLN K 275 40.33 25.45 24.15
N PHE K 276 40.10 24.83 25.29
CA PHE K 276 38.80 24.24 25.61
C PHE K 276 37.68 25.15 25.09
N PRO K 277 36.90 24.67 24.12
CA PRO K 277 36.06 25.62 23.35
C PRO K 277 34.64 25.82 23.84
N TYR K 278 34.19 25.05 24.83
CA TYR K 278 32.74 25.05 25.17
C TYR K 278 32.44 26.13 26.22
N ARG K 279 32.07 27.30 25.71
CA ARG K 279 31.99 28.52 26.51
C ARG K 279 31.07 28.42 27.73
N ALA K 280 29.98 27.65 27.64
CA ALA K 280 29.01 27.61 28.73
C ALA K 280 29.52 26.83 29.93
N PHE K 281 30.64 26.13 29.80
CA PHE K 281 31.19 25.35 30.89
C PHE K 281 32.19 26.14 31.73
N TYR K 282 32.50 27.36 31.33
CA TYR K 282 33.35 28.19 32.17
C TYR K 282 32.47 28.87 33.21
N PRO K 283 33.00 29.14 34.40
CA PRO K 283 32.16 29.70 35.46
C PRO K 283 31.75 31.13 35.10
N THR K 284 30.69 31.64 35.72
CA THR K 284 30.21 32.98 35.38
C THR K 284 30.93 34.11 36.11
N ASP K 285 31.12 33.98 37.43
CA ASP K 285 31.86 35.02 38.15
C ASP K 285 33.07 34.48 38.91
N ALA K 286 34.15 34.31 38.19
CA ALA K 286 35.39 33.95 38.79
C ALA K 286 36.41 34.89 38.18
N LYS K 287 37.54 35.11 38.87
CA LYS K 287 38.66 35.67 38.18
C LYS K 287 39.19 34.61 37.24
N ILE K 288 39.39 34.98 35.98
CA ILE K 288 40.01 34.08 35.04
C ILE K 288 41.39 34.60 34.61
N ILE K 289 42.38 33.72 34.75
CA ILE K 289 43.74 33.98 34.37
C ILE K 289 44.08 33.00 33.27
N GLN K 290 44.74 33.48 32.21
CA GLN K 290 45.11 32.59 31.12
C GLN K 290 46.58 32.79 30.73
N ILE K 291 47.29 31.67 30.64
CA ILE K 291 48.66 31.63 30.18
C ILE K 291 48.71 30.76 28.92
N ASP K 292 49.28 31.30 27.85
CA ASP K 292 49.35 30.58 26.57
C ASP K 292 50.50 31.14 25.75
N ILE K 293 51.09 30.35 24.85
CA ILE K 293 52.09 30.95 23.96
C ILE K 293 51.48 31.67 22.78
N ASN K 294 50.19 31.43 22.51
CA ASN K 294 49.59 31.96 21.32
C ASN K 294 48.57 33.04 21.66
N PRO K 295 48.88 34.28 21.28
CA PRO K 295 47.93 35.37 21.56
C PRO K 295 46.53 35.07 21.05
N ALA K 296 46.39 34.28 19.99
CA ALA K 296 45.08 34.00 19.45
C ALA K 296 44.21 33.13 20.35
N SER K 297 44.83 32.49 21.33
CA SER K 297 44.09 31.61 22.23
C SER K 297 43.56 32.40 23.41
N ILE K 298 44.11 33.56 23.63
CA ILE K 298 43.81 34.27 24.85
C ILE K 298 42.47 34.98 24.73
N GLY K 299 41.50 34.53 25.51
CA GLY K 299 40.18 35.11 25.50
C GLY K 299 39.31 34.53 24.40
N ALA K 300 39.73 33.41 23.81
CA ALA K 300 38.99 32.87 22.68
C ALA K 300 37.66 32.24 23.12
N HIS K 301 37.59 31.76 24.35
CA HIS K 301 36.39 31.06 24.80
C HIS K 301 35.96 31.47 26.19
N SER K 302 36.49 32.59 26.69
CA SER K 302 36.07 33.09 27.98
C SER K 302 36.59 34.51 28.14
N LYS K 303 36.01 35.26 29.08
CA LYS K 303 36.63 36.50 29.49
C LYS K 303 37.99 36.17 30.10
N VAL K 304 38.85 37.17 30.16
CA VAL K 304 40.16 37.01 30.78
C VAL K 304 40.48 38.22 31.63
N ASP K 305 40.67 38.01 32.93
CA ASP K 305 40.99 39.11 33.84
C ASP K 305 42.47 39.40 33.90
N MET K 306 43.28 38.38 33.67
CA MET K 306 44.73 38.54 33.56
C MET K 306 45.29 37.56 32.54
N ALA K 307 46.02 38.09 31.57
CA ALA K 307 46.58 37.28 30.50
C ALA K 307 48.11 37.33 30.58
N LEU K 308 48.76 36.19 30.37
CA LEU K 308 50.21 36.17 30.26
C LEU K 308 50.63 35.30 29.08
N VAL K 309 51.60 35.77 28.30
CA VAL K 309 52.10 35.00 27.19
C VAL K 309 53.33 34.28 27.71
N GLY K 310 53.32 32.97 27.63
CA GLY K 310 54.49 32.22 28.07
C GLY K 310 54.31 30.74 27.79
N ASP K 311 55.42 30.04 27.73
CA ASP K 311 55.38 28.61 27.63
C ASP K 311 55.14 28.04 29.07
N ILE K 312 54.31 27.03 29.20
CA ILE K 312 53.89 26.60 30.54
C ILE K 312 55.07 26.14 31.42
N LYS K 313 55.93 25.32 30.86
CA LYS K 313 57.06 24.81 31.61
C LYS K 313 57.92 25.95 32.16
N SER K 314 58.36 26.87 31.31
CA SER K 314 59.28 27.84 31.84
C SER K 314 58.56 28.93 32.66
N THR K 315 57.29 29.21 32.36
CA THR K 315 56.49 30.11 33.18
C THR K 315 56.34 29.56 34.61
N LEU K 316 55.92 28.30 34.72
CA LEU K 316 55.76 27.72 36.04
C LEU K 316 57.08 27.65 36.79
N ARG K 317 58.17 27.37 36.10
CA ARG K 317 59.48 27.37 36.77
C ARG K 317 59.84 28.72 37.34
N ALA K 318 59.52 29.78 36.61
CA ALA K 318 59.85 31.10 37.07
C ALA K 318 58.85 31.55 38.14
N LEU K 319 57.61 31.07 38.05
CA LEU K 319 56.55 31.48 38.95
C LEU K 319 56.64 30.82 40.31
N LEU K 320 56.93 29.52 40.33
CA LEU K 320 56.91 28.76 41.57
C LEU K 320 57.62 29.38 42.75
N PRO K 321 58.87 29.85 42.54
CA PRO K 321 59.57 30.42 43.72
C PRO K 321 58.92 31.72 44.21
N LEU K 322 58.09 32.35 43.39
CA LEU K 322 57.43 33.60 43.79
C LEU K 322 56.13 33.34 44.55
N VAL K 323 55.61 32.12 44.40
CA VAL K 323 54.31 31.77 44.94
C VAL K 323 54.42 31.18 46.33
N GLU K 324 53.68 31.79 47.25
CA GLU K 324 53.67 31.35 48.64
C GLU K 324 52.77 30.12 48.75
N GLU K 325 53.18 29.15 49.56
CA GLU K 325 52.36 27.96 49.80
C GLU K 325 51.08 28.31 50.55
N LYS K 326 49.94 27.80 50.08
CA LYS K 326 48.65 28.06 50.75
C LYS K 326 48.28 26.87 51.64
N ALA K 327 47.78 27.15 52.84
CA ALA K 327 47.37 26.07 53.76
C ALA K 327 45.94 25.58 53.49
N ASP K 328 45.11 26.46 52.96
CA ASP K 328 43.68 26.19 52.83
C ASP K 328 43.39 25.24 51.66
N ARG K 329 42.89 24.06 51.98
CA ARG K 329 42.71 23.00 50.99
C ARG K 329 41.26 22.47 50.94
N LYS K 330 40.31 23.25 51.46
CA LYS K 330 38.91 22.84 51.44
C LYS K 330 38.41 22.59 50.03
N PHE K 331 38.67 23.53 49.13
CA PHE K 331 38.17 23.43 47.78
C PHE K 331 38.75 22.19 47.12
N LEU K 332 40.05 21.99 47.27
CA LEU K 332 40.70 20.84 46.69
C LEU K 332 40.10 19.53 47.25
N ASP K 333 39.94 19.46 48.56
CA ASP K 333 39.42 18.25 49.18
C ASP K 333 38.00 17.91 48.69
N LYS K 334 37.18 18.91 48.54
CA LYS K 334 35.83 18.72 48.07
C LYS K 334 35.84 18.25 46.59
N ALA K 335 36.70 18.84 45.76
CA ALA K 335 36.84 18.37 44.40
C ALA K 335 37.29 16.90 44.36
N LEU K 336 38.21 16.52 45.23
CA LEU K 336 38.73 15.15 45.24
C LEU K 336 37.62 14.19 45.64
N GLU K 337 36.75 14.64 46.53
CA GLU K 337 35.67 13.82 47.00
C GLU K 337 34.63 13.64 45.90
N ASP K 338 34.33 14.72 45.19
CA ASP K 338 33.47 14.69 44.00
C ASP K 338 34.05 13.71 42.97
N TYR K 339 35.37 13.76 42.80
CA TYR K 339 36.03 12.90 41.85
C TYR K 339 35.86 11.42 42.21
N ARG K 340 36.04 11.08 43.50
CA ARG K 340 35.86 9.72 43.98
C ARG K 340 34.47 9.20 43.57
N ASP K 341 33.46 10.04 43.77
CA ASP K 341 32.09 9.66 43.45
C ASP K 341 31.93 9.49 41.95
N ALA K 342 32.47 10.42 41.16
CA ALA K 342 32.33 10.36 39.72
C ALA K 342 33.00 9.10 39.16
N ARG K 343 34.20 8.78 39.62
CA ARG K 343 34.90 7.62 39.11
C ARG K 343 34.05 6.38 39.36
N LYS K 344 33.50 6.31 40.55
CA LYS K 344 32.71 5.17 40.91
C LYS K 344 31.48 5.00 39.98
N GLY K 345 30.89 6.13 39.61
CA GLY K 345 29.75 6.10 38.70
C GLY K 345 30.17 5.58 37.33
N LEU K 346 31.32 6.06 36.85
CA LEU K 346 31.94 5.61 35.62
C LEU K 346 32.18 4.09 35.65
N ASP K 347 32.68 3.60 36.77
CA ASP K 347 33.05 2.20 36.88
C ASP K 347 31.84 1.28 36.88
N ASP K 348 30.72 1.78 37.40
CA ASP K 348 29.49 0.98 37.49
C ASP K 348 28.92 0.71 36.11
N LEU K 349 29.19 1.61 35.19
CA LEU K 349 28.72 1.44 33.83
C LEU K 349 29.57 0.45 33.02
N ALA K 350 30.78 0.14 33.49
CA ALA K 350 31.72 -0.67 32.74
C ALA K 350 31.77 -2.12 33.22
N LYS K 351 30.61 -2.76 33.28
CA LYS K 351 30.49 -4.11 33.81
C LYS K 351 30.11 -5.09 32.70
N PRO K 352 30.53 -6.36 32.80
CA PRO K 352 30.04 -7.36 31.86
C PRO K 352 28.58 -7.64 32.11
N SER K 353 27.87 -8.10 31.08
CA SER K 353 26.46 -8.41 31.19
C SER K 353 26.09 -9.48 30.16
N GLU K 354 24.96 -10.13 30.34
CA GLU K 354 24.50 -11.10 29.36
C GLU K 354 23.62 -10.46 28.31
N LYS K 355 23.15 -9.25 28.62
CA LYS K 355 22.25 -8.49 27.73
C LYS K 355 22.91 -8.00 26.44
N ALA K 356 24.04 -7.33 26.56
CA ALA K 356 24.63 -6.65 25.42
C ALA K 356 25.91 -6.11 25.94
N ILE K 357 26.82 -5.78 25.07
CA ILE K 357 28.10 -5.38 25.55
C ILE K 357 28.06 -3.91 25.74
N HIS K 358 28.25 -3.45 26.97
CA HIS K 358 28.38 -2.03 27.21
C HIS K 358 29.70 -1.57 26.65
N PRO K 359 29.66 -0.57 25.75
CA PRO K 359 30.92 -0.10 25.16
C PRO K 359 31.86 0.40 26.24
N GLN K 360 31.33 0.84 27.37
CA GLN K 360 32.26 1.33 28.36
C GLN K 360 33.03 0.18 29.03
N TYR K 361 32.39 -0.99 29.15
CA TYR K 361 33.09 -2.20 29.50
C TYR K 361 34.18 -2.50 28.48
N LEU K 362 33.82 -2.44 27.20
CA LEU K 362 34.79 -2.74 26.15
C LEU K 362 36.01 -1.82 26.25
N ALA K 363 35.78 -0.52 26.41
CA ALA K 363 36.88 0.45 26.53
C ALA K 363 37.74 0.19 27.77
N GLN K 364 37.11 -0.12 28.90
CA GLN K 364 37.83 -0.43 30.11
C GLN K 364 38.77 -1.62 29.91
N GLN K 365 38.33 -2.63 29.15
CA GLN K 365 39.11 -3.84 29.01
C GLN K 365 40.26 -3.59 28.02
N ILE K 366 39.99 -2.74 27.03
CA ILE K 366 41.05 -2.32 26.12
C ILE K 366 42.18 -1.71 26.94
N SER K 367 41.83 -0.79 27.83
CA SER K 367 42.80 -0.14 28.67
C SER K 367 43.54 -1.14 29.55
N HIS K 368 42.81 -2.12 30.06
CA HIS K 368 43.40 -3.11 30.96
C HIS K 368 44.42 -4.02 30.24
N PHE K 369 44.11 -4.46 29.02
CA PHE K 369 44.95 -5.44 28.33
C PHE K 369 45.98 -4.83 27.35
N ALA K 370 45.78 -3.58 26.95
CA ALA K 370 46.71 -2.96 26.01
C ALA K 370 48.09 -2.74 26.65
N ALA K 371 49.12 -2.57 25.83
CA ALA K 371 50.47 -2.41 26.36
C ALA K 371 50.59 -1.17 27.24
N ASP K 372 51.64 -1.18 28.07
CA ASP K 372 51.86 -0.13 29.00
C ASP K 372 52.38 1.15 28.32
N ASP K 373 52.66 1.06 27.02
CA ASP K 373 53.03 2.22 26.21
C ASP K 373 52.28 2.21 24.89
N ALA K 374 51.08 1.64 24.88
CA ALA K 374 50.29 1.60 23.68
C ALA K 374 50.01 3.01 23.17
N ILE K 375 49.84 3.12 21.85
CA ILE K 375 49.33 4.32 21.26
C ILE K 375 47.88 4.08 20.84
N PHE K 376 46.96 4.88 21.39
CA PHE K 376 45.55 4.74 21.08
C PHE K 376 45.08 5.86 20.16
N THR K 377 44.26 5.49 19.19
CA THR K 377 43.56 6.51 18.41
C THR K 377 42.08 6.22 18.60
N CYS K 378 41.24 7.23 18.49
CA CYS K 378 39.80 7.02 18.66
C CYS K 378 38.98 7.89 17.68
N ASP K 379 37.98 7.27 17.07
CA ASP K 379 37.12 7.97 16.11
C ASP K 379 36.27 9.01 16.80
N VAL K 380 36.03 10.11 16.11
CA VAL K 380 35.04 11.06 16.56
C VAL K 380 33.71 10.34 16.59
N GLY K 381 32.98 10.47 17.69
CA GLY K 381 31.80 9.67 17.97
C GLY K 381 31.93 9.05 19.36
N THR K 382 31.15 8.03 19.65
CA THR K 382 31.19 7.45 21.00
C THR K 382 32.60 6.99 21.40
N PRO K 383 33.43 6.55 20.42
CA PRO K 383 34.75 6.08 20.87
C PRO K 383 35.57 7.17 21.54
N THR K 384 35.38 8.43 21.17
CA THR K 384 36.04 9.52 21.84
C THR K 384 35.57 9.64 23.29
N VAL K 385 34.26 9.47 23.50
CA VAL K 385 33.71 9.51 24.87
C VAL K 385 34.35 8.40 25.69
N TRP K 386 34.41 7.19 25.15
CA TRP K 386 34.87 6.06 25.95
C TRP K 386 36.37 6.17 26.24
N ALA K 387 37.10 6.65 25.24
CA ALA K 387 38.53 6.86 25.41
C ALA K 387 38.76 7.88 26.50
N ALA K 388 38.06 8.99 26.40
CA ALA K 388 38.18 10.06 27.43
C ALA K 388 37.93 9.53 28.82
N ARG K 389 36.91 8.70 28.95
CA ARG K 389 36.47 8.30 30.29
C ARG K 389 37.13 7.04 30.80
N TYR K 390 37.66 6.19 29.92
CA TYR K 390 38.11 4.85 30.38
C TYR K 390 39.56 4.47 30.10
N LEU K 391 40.25 5.20 29.22
CA LEU K 391 41.66 4.90 28.96
C LEU K 391 42.52 5.43 30.07
N LYS K 392 43.28 4.54 30.72
CA LYS K 392 44.19 5.02 31.73
C LYS K 392 45.55 5.42 31.14
N MET K 393 45.96 6.67 31.37
CA MET K 393 47.20 7.17 30.83
C MET K 393 48.29 7.05 31.87
N ASN K 394 49.55 7.17 31.47
CA ASN K 394 50.65 6.94 32.42
C ASN K 394 51.95 7.61 32.06
N GLY K 395 51.91 8.51 31.09
CA GLY K 395 53.12 9.20 30.70
C GLY K 395 53.86 8.50 29.56
N LYS K 396 53.44 7.29 29.23
CA LYS K 396 54.04 6.55 28.11
C LYS K 396 53.02 6.31 27.02
N ARG K 397 51.81 5.90 27.42
CA ARG K 397 50.71 5.77 26.49
C ARG K 397 50.39 7.10 25.80
N ARG K 398 49.79 7.02 24.61
CA ARG K 398 49.44 8.20 23.85
C ARG K 398 48.01 8.08 23.40
N LEU K 399 47.35 9.23 23.22
CA LEU K 399 46.01 9.24 22.72
C LEU K 399 45.90 10.24 21.57
N LEU K 400 45.55 9.78 20.38
CA LEU K 400 45.35 10.69 19.25
C LEU K 400 43.88 10.64 18.81
N GLY K 401 43.38 11.77 18.34
CA GLY K 401 42.06 11.80 17.77
C GLY K 401 41.91 13.00 16.87
N SER K 402 40.66 13.30 16.51
CA SER K 402 40.38 14.49 15.76
C SER K 402 39.59 15.41 16.68
N PHE K 403 40.25 15.86 17.73
CA PHE K 403 39.53 16.49 18.83
C PHE K 403 39.12 17.93 18.58
N ASN K 404 39.88 18.63 17.74
CA ASN K 404 39.56 20.02 17.43
C ASN K 404 38.74 20.13 16.13
N HIS K 405 39.18 19.42 15.10
CA HIS K 405 38.56 19.52 13.81
C HIS K 405 37.30 18.67 13.81
N GLY K 406 37.30 17.62 14.63
CA GLY K 406 36.07 16.85 14.88
C GLY K 406 35.59 16.00 13.70
N SER K 407 36.53 15.39 12.98
CA SER K 407 36.16 14.61 11.82
C SER K 407 35.92 13.17 12.15
N MET K 408 34.80 12.61 11.72
CA MET K 408 34.66 11.15 11.73
C MET K 408 35.84 10.53 10.99
N ALA K 409 36.08 9.25 11.27
CA ALA K 409 36.89 8.37 10.40
C ALA K 409 38.39 8.59 10.58
N ASN K 410 38.78 9.27 11.63
CA ASN K 410 40.18 9.60 11.84
C ASN K 410 40.99 8.44 12.42
N ALA K 411 40.34 7.55 13.17
CA ALA K 411 41.08 6.65 14.03
C ALA K 411 42.00 5.71 13.25
N MET K 412 41.46 5.02 12.25
CA MET K 412 42.31 4.06 11.56
C MET K 412 43.41 4.78 10.77
N PRO K 413 43.06 5.85 10.06
CA PRO K 413 44.12 6.53 9.34
C PRO K 413 45.23 7.05 10.29
N GLN K 414 44.87 7.60 11.45
CA GLN K 414 45.91 8.01 12.39
C GLN K 414 46.71 6.81 12.90
N ALA K 415 46.03 5.68 13.09
CA ALA K 415 46.71 4.47 13.57
C ALA K 415 47.78 4.05 12.55
N LEU K 416 47.43 4.20 11.28
CA LEU K 416 48.32 3.87 10.20
C LEU K 416 49.61 4.68 10.32
N GLY K 417 49.48 5.98 10.56
CA GLY K 417 50.63 6.84 10.70
C GLY K 417 51.40 6.53 11.98
N ALA K 418 50.69 6.26 13.06
CA ALA K 418 51.36 5.95 14.32
C ALA K 418 52.19 4.68 14.15
N GLN K 419 51.57 3.64 13.59
CA GLN K 419 52.24 2.37 13.48
C GLN K 419 53.49 2.45 12.60
N ALA K 420 53.44 3.21 11.50
CA ALA K 420 54.60 3.32 10.64
C ALA K 420 55.71 4.10 11.35
N THR K 421 55.33 5.04 12.19
CA THR K 421 56.31 5.88 12.86
C THR K 421 56.99 5.10 13.97
N GLU K 422 56.21 4.29 14.68
CA GLU K 422 56.72 3.45 15.75
C GLU K 422 56.45 1.96 15.47
N PRO K 423 57.22 1.37 14.56
CA PRO K 423 56.91 0.00 14.14
C PRO K 423 56.93 -1.07 15.25
N GLU K 424 57.65 -0.83 16.35
CA GLU K 424 57.74 -1.82 17.43
C GLU K 424 56.64 -1.65 18.48
N ARG K 425 55.84 -0.59 18.36
CA ARG K 425 54.94 -0.20 19.41
C ARG K 425 53.50 -0.73 19.13
N GLN K 426 52.75 -1.05 20.16
CA GLN K 426 51.39 -1.48 19.96
C GLN K 426 50.50 -0.27 19.67
N VAL K 427 49.67 -0.37 18.62
CA VAL K 427 48.78 0.71 18.26
C VAL K 427 47.35 0.18 18.20
N VAL K 428 46.46 0.81 18.93
CA VAL K 428 45.09 0.35 19.02
C VAL K 428 44.14 1.42 18.52
N ALA K 429 43.41 1.11 17.45
CA ALA K 429 42.47 2.08 16.88
C ALA K 429 41.09 1.77 17.39
N MET K 430 40.51 2.69 18.17
CA MET K 430 39.13 2.54 18.64
C MET K 430 38.20 3.20 17.61
N CYS K 431 37.62 2.40 16.74
CA CYS K 431 36.87 2.90 15.60
C CYS K 431 35.36 2.81 15.76
N GLY K 432 34.65 3.74 15.17
CA GLY K 432 33.23 3.59 15.03
C GLY K 432 32.98 2.78 13.75
N ASP K 433 31.79 2.21 13.64
CA ASP K 433 31.41 1.54 12.44
C ASP K 433 31.21 2.57 11.31
N GLY K 434 30.68 3.73 11.64
CA GLY K 434 30.60 4.80 10.68
C GLY K 434 31.99 5.26 10.24
N GLY K 435 32.85 5.50 11.21
CA GLY K 435 34.19 5.98 10.95
C GLY K 435 35.01 5.00 10.14
N PHE K 436 34.99 3.74 10.55
CA PHE K 436 35.74 2.73 9.84
C PHE K 436 35.26 2.64 8.41
N SER K 437 33.94 2.60 8.19
CA SER K 437 33.49 2.39 6.84
C SER K 437 33.62 3.65 5.98
N MET K 438 33.69 4.81 6.60
CA MET K 438 33.77 6.06 5.87
C MET K 438 35.08 6.16 5.05
N LEU K 439 36.18 5.61 5.60
CA LEU K 439 37.46 5.53 4.85
C LEU K 439 37.94 4.06 4.77
N MET K 440 37.00 3.13 4.57
CA MET K 440 37.30 1.71 4.66
C MET K 440 38.40 1.23 3.70
N GLY K 441 38.62 1.93 2.61
CA GLY K 441 39.51 1.44 1.57
C GLY K 441 40.92 1.33 2.13
N ASP K 442 41.26 2.21 3.06
CA ASP K 442 42.61 2.17 3.59
C ASP K 442 42.82 1.08 4.60
N PHE K 443 41.77 0.34 4.92
CA PHE K 443 41.98 -0.91 5.61
C PHE K 443 42.99 -1.77 4.80
N LEU K 444 42.89 -1.71 3.48
CA LEU K 444 43.81 -2.44 2.63
C LEU K 444 45.24 -1.94 2.79
N SER K 445 45.42 -0.71 3.27
CA SER K 445 46.78 -0.20 3.48
C SER K 445 47.43 -0.90 4.67
N VAL K 446 46.60 -1.28 5.64
CA VAL K 446 47.11 -2.02 6.78
C VAL K 446 47.79 -3.30 6.32
N VAL K 447 47.20 -4.01 5.36
CA VAL K 447 47.82 -5.19 4.77
C VAL K 447 49.01 -4.82 3.90
N GLN K 448 48.80 -3.95 2.93
CA GLN K 448 49.86 -3.57 2.00
C GLN K 448 51.13 -3.04 2.69
N MET K 449 50.96 -2.25 3.75
CA MET K 449 52.10 -1.69 4.44
C MET K 449 52.58 -2.61 5.57
N LYS K 450 51.82 -3.67 5.84
CA LYS K 450 52.16 -4.62 6.89
C LYS K 450 52.33 -3.93 8.25
N LEU K 451 51.36 -3.10 8.62
CA LEU K 451 51.41 -2.44 9.89
C LEU K 451 50.45 -3.16 10.85
N PRO K 452 50.98 -3.74 11.94
CA PRO K 452 50.17 -4.58 12.82
C PRO K 452 49.21 -3.81 13.70
N VAL K 453 48.45 -2.87 13.11
CA VAL K 453 47.48 -2.11 13.89
C VAL K 453 46.43 -3.04 14.50
N LYS K 454 46.00 -2.76 15.72
CA LYS K 454 44.87 -3.48 16.33
C LYS K 454 43.63 -2.61 16.22
N ILE K 455 42.69 -3.01 15.36
CA ILE K 455 41.48 -2.23 15.18
C ILE K 455 40.34 -2.82 15.99
N VAL K 456 39.73 -2.01 16.85
CA VAL K 456 38.57 -2.47 17.58
C VAL K 456 37.37 -1.64 17.14
N VAL K 457 36.40 -2.27 16.49
CA VAL K 457 35.23 -1.53 16.00
C VAL K 457 34.12 -1.57 17.04
N PHE K 458 33.71 -0.39 17.48
CA PHE K 458 32.54 -0.27 18.35
C PHE K 458 31.31 -0.35 17.45
N ASN K 459 30.86 -1.57 17.21
CA ASN K 459 29.87 -1.81 16.19
C ASN K 459 28.48 -1.66 16.79
N ASN K 460 27.97 -0.44 16.77
CA ASN K 460 26.63 -0.21 17.30
C ASN K 460 25.66 -0.07 16.15
N SER K 461 26.14 -0.39 14.95
CA SER K 461 25.23 -0.48 13.86
C SER K 461 24.54 0.87 13.68
N VAL K 462 25.17 1.97 14.10
CA VAL K 462 24.56 3.29 14.06
C VAL K 462 25.63 4.38 14.04
N LEU K 463 25.20 5.57 13.61
CA LEU K 463 25.96 6.81 13.75
C LEU K 463 25.58 7.41 15.11
N GLY K 464 26.10 6.81 16.18
CA GLY K 464 25.53 6.93 17.52
C GLY K 464 25.66 8.24 18.26
N PHE K 465 26.74 9.00 17.99
CA PHE K 465 26.90 10.32 18.59
C PHE K 465 26.23 11.39 17.70
N ASP K 478 15.29 7.70 9.93
CA ASP K 478 16.36 8.34 10.67
C ASP K 478 17.69 8.10 9.96
N GLY K 479 18.27 9.18 9.45
CA GLY K 479 19.57 9.08 8.79
C GLY K 479 20.70 8.64 9.70
N THR K 480 20.35 7.89 10.75
CA THR K 480 21.30 7.47 11.78
C THR K 480 21.64 5.97 11.75
N GLU K 481 20.70 5.15 11.29
CA GLU K 481 20.85 3.69 11.28
C GLU K 481 21.90 3.24 10.25
N LEU K 482 22.68 2.20 10.57
CA LEU K 482 23.56 1.56 9.60
C LEU K 482 23.16 0.10 9.43
N HIS K 483 23.26 -0.40 8.21
CA HIS K 483 22.96 -1.80 7.91
C HIS K 483 23.88 -2.66 8.75
N ASP K 484 23.30 -3.72 9.33
CA ASP K 484 24.03 -4.72 10.16
C ASP K 484 25.31 -5.27 9.48
N THR K 485 26.47 -4.92 9.97
CA THR K 485 27.63 -5.24 9.20
C THR K 485 28.56 -6.09 9.99
N ASN K 486 29.09 -7.09 9.30
CA ASN K 486 30.07 -7.91 9.96
C ASN K 486 31.47 -7.53 9.50
N PHE K 487 32.14 -6.69 10.27
CA PHE K 487 33.45 -6.22 9.91
C PHE K 487 34.53 -7.28 10.05
N ALA K 488 34.33 -8.24 10.95
CA ALA K 488 35.27 -9.35 11.07
C ALA K 488 35.29 -10.15 9.77
N ARG K 489 34.12 -10.38 9.18
CA ARG K 489 34.04 -11.12 7.94
C ARG K 489 34.81 -10.32 6.86
N ILE K 490 34.66 -9.00 6.87
CA ILE K 490 35.29 -8.19 5.85
C ILE K 490 36.79 -8.27 6.01
N ALA K 491 37.26 -8.19 7.25
CA ALA K 491 38.68 -8.31 7.51
C ALA K 491 39.23 -9.63 6.96
N GLU K 492 38.57 -10.75 7.26
CA GLU K 492 39.05 -12.04 6.81
C GLU K 492 39.16 -12.03 5.29
N ALA K 493 38.20 -11.40 4.61
CA ALA K 493 38.19 -11.40 3.16
C ALA K 493 39.35 -10.59 2.62
N CYS K 494 39.83 -9.64 3.43
CA CYS K 494 40.96 -8.82 3.04
C CYS K 494 42.29 -9.45 3.43
N GLY K 495 42.25 -10.63 4.07
CA GLY K 495 43.47 -11.29 4.49
C GLY K 495 44.01 -10.86 5.87
N ILE K 496 43.21 -10.13 6.64
CA ILE K 496 43.55 -9.80 8.04
C ILE K 496 42.68 -10.63 9.01
N THR K 497 43.26 -11.10 10.12
CA THR K 497 42.46 -11.81 11.13
C THR K 497 41.28 -10.99 11.64
N GLY K 498 40.09 -11.59 11.64
CA GLY K 498 38.90 -10.91 12.17
C GLY K 498 38.27 -11.70 13.31
N ILE K 499 37.96 -11.01 14.40
CA ILE K 499 37.29 -11.65 15.51
C ILE K 499 35.96 -10.94 15.77
N ARG K 500 34.87 -11.70 15.69
CA ARG K 500 33.53 -11.18 15.90
C ARG K 500 33.16 -11.42 17.36
N VAL K 501 32.83 -10.36 18.08
CA VAL K 501 32.52 -10.47 19.50
C VAL K 501 31.10 -9.98 19.78
N GLU K 502 30.27 -10.87 20.32
CA GLU K 502 28.87 -10.53 20.57
C GLU K 502 28.46 -10.72 22.02
N LYS K 503 29.20 -11.53 22.77
CA LYS K 503 28.91 -11.72 24.20
C LYS K 503 29.98 -11.06 25.08
N ALA K 504 29.55 -10.40 26.14
CA ALA K 504 30.50 -9.72 27.01
C ALA K 504 31.59 -10.68 27.53
N SER K 505 31.23 -11.94 27.76
CA SER K 505 32.18 -12.93 28.27
C SER K 505 33.30 -13.26 27.27
N GLU K 506 33.10 -12.95 26.00
CA GLU K 506 34.10 -13.21 24.97
C GLU K 506 35.11 -12.08 24.84
N VAL K 507 34.83 -10.93 25.43
CA VAL K 507 35.66 -9.75 25.24
C VAL K 507 37.12 -9.92 25.67
N ASP K 508 37.32 -10.37 26.90
CA ASP K 508 38.66 -10.49 27.46
C ASP K 508 39.56 -11.34 26.56
N GLU K 509 39.11 -12.54 26.21
CA GLU K 509 39.95 -13.38 25.39
C GLU K 509 40.14 -12.81 23.96
N ALA K 510 39.14 -12.11 23.43
CA ALA K 510 39.26 -11.56 22.08
C ALA K 510 40.33 -10.48 22.04
N LEU K 511 40.36 -9.63 23.05
CA LEU K 511 41.38 -8.59 23.10
C LEU K 511 42.79 -9.18 23.32
N GLN K 512 42.90 -10.14 24.21
CA GLN K 512 44.19 -10.74 24.44
C GLN K 512 44.73 -11.43 23.19
N ARG K 513 43.87 -12.17 22.49
CA ARG K 513 44.28 -12.83 21.28
C ARG K 513 44.72 -11.77 20.23
N ALA K 514 43.91 -10.73 20.05
CA ALA K 514 44.22 -9.69 19.06
C ALA K 514 45.57 -9.06 19.33
N PHE K 515 45.86 -8.81 20.59
CA PHE K 515 47.11 -8.14 20.96
C PHE K 515 48.33 -9.04 20.82
N SER K 516 48.15 -10.35 21.00
CA SER K 516 49.26 -11.30 20.86
C SER K 516 49.61 -11.66 19.43
N ILE K 517 48.61 -11.69 18.56
CA ILE K 517 48.85 -12.06 17.19
C ILE K 517 49.92 -11.17 16.57
N ASP K 518 50.86 -11.81 15.89
CA ASP K 518 51.96 -11.13 15.24
C ASP K 518 51.50 -10.56 13.91
N GLY K 519 50.64 -9.56 13.93
CA GLY K 519 50.09 -8.97 12.72
C GLY K 519 48.88 -8.10 13.03
N PRO K 520 48.28 -7.51 12.00
CA PRO K 520 47.10 -6.67 12.21
C PRO K 520 45.86 -7.52 12.53
N VAL K 521 44.93 -6.96 13.30
CA VAL K 521 43.74 -7.71 13.68
C VAL K 521 42.58 -6.75 13.75
N LEU K 522 41.41 -7.18 13.33
CA LEU K 522 40.21 -6.38 13.54
C LEU K 522 39.28 -7.14 14.48
N VAL K 523 38.96 -6.51 15.61
CA VAL K 523 37.99 -7.03 16.55
C VAL K 523 36.69 -6.26 16.39
N ASP K 524 35.65 -6.96 15.93
CA ASP K 524 34.37 -6.36 15.61
C ASP K 524 33.44 -6.63 16.78
N VAL K 525 33.26 -5.63 17.65
CA VAL K 525 32.46 -5.83 18.86
C VAL K 525 31.08 -5.21 18.76
N VAL K 526 30.03 -6.04 18.78
CA VAL K 526 28.66 -5.52 18.78
C VAL K 526 28.40 -4.90 20.14
N VAL K 527 28.18 -3.58 20.16
CA VAL K 527 27.95 -2.88 21.44
C VAL K 527 26.57 -2.27 21.51
N ALA K 528 26.06 -2.13 22.73
CA ALA K 528 24.79 -1.47 22.95
C ALA K 528 24.88 0.06 22.67
N LYS K 529 23.73 0.68 22.39
CA LYS K 529 23.54 2.13 22.36
C LYS K 529 23.43 2.63 23.79
N GLU K 530 24.18 3.68 24.13
CA GLU K 530 24.25 4.19 25.51
C GLU K 530 23.89 5.68 25.60
N GLU K 531 23.62 6.18 26.80
CA GLU K 531 23.58 7.63 27.01
C GLU K 531 24.91 8.24 27.47
N LEU K 532 25.01 9.59 27.36
CA LEU K 532 26.17 10.37 27.85
C LEU K 532 26.20 10.58 29.36
N ALA K 533 25.10 11.13 29.88
CA ALA K 533 25.00 11.49 31.28
C ALA K 533 25.16 10.22 32.17
N ILE K 534 25.62 10.41 33.41
CA ILE K 534 25.82 9.30 34.33
C ILE K 534 24.74 9.31 35.44
N PRO K 535 24.02 8.19 35.62
CA PRO K 535 23.02 8.04 36.69
C PRO K 535 23.40 8.72 38.02
N MET L 1 3.39 31.46 7.24
CA MET L 1 3.75 30.19 7.93
C MET L 1 4.78 30.32 9.10
N LYS L 2 4.46 29.80 10.30
CA LYS L 2 5.51 29.55 11.33
C LYS L 2 6.30 28.24 11.09
N GLN L 3 7.57 28.36 10.76
CA GLN L 3 8.36 27.20 10.42
C GLN L 3 9.83 27.59 10.61
N THR L 4 10.70 26.60 10.68
CA THR L 4 12.06 26.91 10.91
C THR L 4 12.63 27.29 9.54
N VAL L 5 13.77 27.94 9.57
CA VAL L 5 14.50 28.19 8.35
C VAL L 5 14.71 26.88 7.61
N ALA L 6 15.12 25.85 8.32
CA ALA L 6 15.35 24.54 7.67
C ALA L 6 14.06 23.99 7.02
N ALA L 7 12.92 24.16 7.70
CA ALA L 7 11.66 23.68 7.13
C ALA L 7 11.37 24.44 5.85
N TYR L 8 11.65 25.74 5.85
CA TYR L 8 11.39 26.60 4.71
C TYR L 8 12.20 26.09 3.51
N ILE L 9 13.46 25.79 3.74
CA ILE L 9 14.29 25.23 2.70
C ILE L 9 13.75 23.89 2.18
N ALA L 10 13.39 22.98 3.09
CA ALA L 10 12.90 21.67 2.68
C ALA L 10 11.59 21.77 1.85
N LYS L 11 10.66 22.60 2.30
CA LYS L 11 9.42 22.81 1.57
C LYS L 11 9.65 23.42 0.19
N THR L 12 10.60 24.33 0.09
CA THR L 12 10.86 24.97 -1.18
C THR L 12 11.45 23.95 -2.16
N LEU L 13 12.42 23.16 -1.68
CA LEU L 13 12.97 22.06 -2.49
C LEU L 13 11.88 21.08 -2.90
N GLU L 14 10.98 20.74 -1.99
CA GLU L 14 9.91 19.85 -2.32
C GLU L 14 9.10 20.42 -3.50
N SER L 15 8.83 21.70 -3.44
CA SER L 15 8.02 22.35 -4.46
C SER L 15 8.75 22.39 -5.81
N ALA L 16 10.06 22.49 -5.79
CA ALA L 16 10.86 22.48 -7.01
C ALA L 16 10.99 21.04 -7.55
N GLY L 17 10.43 20.07 -6.83
CA GLY L 17 10.44 18.70 -7.29
C GLY L 17 11.61 17.85 -6.86
N VAL L 18 12.46 18.31 -5.93
CA VAL L 18 13.50 17.42 -5.46
C VAL L 18 12.98 16.20 -4.74
N LYS L 19 13.60 15.05 -5.02
CA LYS L 19 13.09 13.79 -4.51
C LYS L 19 13.93 13.25 -3.36
N ARG L 20 15.19 13.65 -3.29
CA ARG L 20 16.05 13.09 -2.28
C ARG L 20 17.20 14.02 -1.97
N ILE L 21 17.77 13.87 -0.78
CA ILE L 21 18.97 14.61 -0.43
C ILE L 21 20.02 13.59 -0.01
N TRP L 22 21.23 13.74 -0.53
CA TRP L 22 22.32 12.82 -0.26
C TRP L 22 23.22 13.39 0.80
N GLY L 23 23.53 12.60 1.83
CA GLY L 23 24.55 13.07 2.78
C GLY L 23 24.86 12.09 3.89
N VAL L 24 25.51 12.60 4.94
CA VAL L 24 25.70 11.89 6.20
C VAL L 24 25.21 12.89 7.26
N THR L 25 24.42 12.48 8.26
CA THR L 25 23.94 13.43 9.28
C THR L 25 25.02 13.99 10.21
N GLY L 26 24.55 14.80 11.15
CA GLY L 26 25.34 15.40 12.21
C GLY L 26 24.38 16.27 13.00
N ASP L 27 24.73 16.64 14.22
CA ASP L 27 23.89 17.51 15.06
C ASP L 27 23.61 18.86 14.40
N SER L 28 24.57 19.36 13.64
CA SER L 28 24.47 20.63 12.91
CA SER L 28 24.47 20.63 12.89
C SER L 28 23.34 20.61 11.84
N LEU L 29 22.87 19.39 11.52
CA LEU L 29 21.79 19.18 10.55
C LEU L 29 20.43 18.84 11.19
N ASN L 30 20.32 19.00 12.51
CA ASN L 30 19.08 18.62 13.21
C ASN L 30 17.84 19.28 12.64
N GLY L 31 17.94 20.58 12.37
CA GLY L 31 16.82 21.32 11.83
C GLY L 31 16.34 20.69 10.54
N LEU L 32 17.28 20.43 9.64
CA LEU L 32 16.97 19.81 8.38
C LEU L 32 16.40 18.39 8.51
N SER L 33 17.07 17.53 9.28
CA SER L 33 16.57 16.16 9.52
C SER L 33 15.17 16.14 10.10
N ASP L 34 14.95 17.00 11.10
CA ASP L 34 13.65 17.11 11.73
C ASP L 34 12.58 17.45 10.66
N SER L 35 12.86 18.41 9.79
CA SER L 35 11.86 18.78 8.82
C SER L 35 11.65 17.73 7.74
N LEU L 36 12.70 17.05 7.34
CA LEU L 36 12.55 15.95 6.41
C LEU L 36 11.72 14.82 6.98
N ASN L 37 11.94 14.51 8.26
CA ASN L 37 11.15 13.47 8.91
C ASN L 37 9.68 13.87 9.03
N ARG L 38 9.36 15.13 9.39
CA ARG L 38 7.92 15.40 9.45
C ARG L 38 7.28 15.61 8.11
N MET L 39 8.06 16.03 7.10
CA MET L 39 7.56 16.20 5.75
C MET L 39 7.23 14.85 5.09
N GLY L 40 8.14 13.89 5.26
CA GLY L 40 7.98 12.54 4.72
C GLY L 40 7.86 12.41 3.19
N THR L 41 8.45 13.33 2.43
CA THR L 41 8.36 13.26 0.99
C THR L 41 9.73 13.21 0.35
N ILE L 42 10.61 14.12 0.72
CA ILE L 42 11.98 14.03 0.27
C ILE L 42 12.69 12.95 1.05
N GLU L 43 13.39 12.08 0.34
CA GLU L 43 14.05 10.96 0.95
C GLU L 43 15.53 11.25 1.27
N TRP L 44 15.94 10.90 2.49
CA TRP L 44 17.34 11.10 2.88
C TRP L 44 18.19 9.89 2.44
N MET L 45 19.25 10.14 1.66
CA MET L 45 20.10 9.05 1.19
C MET L 45 21.42 9.08 1.91
N SER L 46 21.62 8.14 2.83
CA SER L 46 22.79 8.19 3.70
C SER L 46 23.97 7.42 3.12
N THR L 47 25.06 8.11 2.84
CA THR L 47 26.24 7.45 2.29
C THR L 47 27.25 7.23 3.39
N ARG L 48 28.36 6.55 3.08
CA ARG L 48 29.38 6.31 4.09
C ARG L 48 30.39 7.44 4.16
N HIS L 49 30.56 8.17 3.05
CA HIS L 49 31.45 9.30 2.98
C HIS L 49 30.69 10.41 2.21
N GLU L 50 30.72 11.64 2.71
CA GLU L 50 29.99 12.69 2.04
C GLU L 50 30.48 12.94 0.60
N GLU L 51 31.74 12.59 0.32
CA GLU L 51 32.26 12.79 -1.02
C GLU L 51 31.35 12.03 -2.00
N VAL L 52 30.94 10.82 -1.59
CA VAL L 52 30.12 9.98 -2.41
C VAL L 52 28.71 10.58 -2.57
N ALA L 53 28.21 11.23 -1.52
CA ALA L 53 26.92 11.91 -1.61
C ALA L 53 26.96 12.95 -2.73
N ALA L 54 28.04 13.73 -2.77
CA ALA L 54 28.19 14.74 -3.81
C ALA L 54 28.28 14.13 -5.24
N PHE L 55 29.13 13.13 -5.43
CA PHE L 55 29.19 12.46 -6.72
C PHE L 55 27.82 11.94 -7.11
N ALA L 56 27.14 11.28 -6.17
CA ALA L 56 25.87 10.64 -6.45
C ALA L 56 24.84 11.68 -6.86
N ALA L 57 24.79 12.80 -6.12
CA ALA L 57 23.86 13.87 -6.49
C ALA L 57 24.16 14.38 -7.90
N GLY L 58 25.41 14.54 -8.22
CA GLY L 58 25.80 14.91 -9.56
C GLY L 58 25.32 13.94 -10.61
N ALA L 59 25.40 12.64 -10.32
CA ALA L 59 24.94 11.65 -11.29
C ALA L 59 23.40 11.76 -11.44
N GLU L 60 22.70 11.97 -10.33
CA GLU L 60 21.27 12.12 -10.37
C GLU L 60 20.92 13.32 -11.24
N ALA L 61 21.62 14.43 -11.02
CA ALA L 61 21.29 15.64 -11.79
C ALA L 61 21.60 15.45 -13.28
N GLN L 62 22.70 14.76 -13.57
CA GLN L 62 23.05 14.48 -14.94
C GLN L 62 21.95 13.70 -15.66
N LEU L 63 21.42 12.65 -14.99
CA LEU L 63 20.44 11.79 -15.63
C LEU L 63 19.05 12.40 -15.69
N SER L 64 18.62 13.07 -14.62
CA SER L 64 17.27 13.57 -14.57
C SER L 64 17.12 14.90 -15.29
N GLY L 65 18.22 15.65 -15.42
CA GLY L 65 18.14 16.99 -15.96
C GLY L 65 17.56 17.95 -14.93
N GLU L 66 17.45 17.51 -13.67
CA GLU L 66 16.80 18.33 -12.64
C GLU L 66 17.63 18.55 -11.39
N LEU L 67 17.29 19.57 -10.61
CA LEU L 67 18.03 19.93 -9.42
C LEU L 67 18.22 18.71 -8.54
N ALA L 68 19.46 18.47 -8.11
CA ALA L 68 19.75 17.44 -7.10
C ALA L 68 20.36 18.13 -5.89
N VAL L 69 20.34 17.46 -4.74
CA VAL L 69 20.74 18.11 -3.51
C VAL L 69 21.61 17.19 -2.66
N CYS L 70 22.68 17.73 -2.07
CA CYS L 70 23.44 16.98 -1.09
C CYS L 70 23.66 17.86 0.15
N ALA L 71 24.06 17.27 1.26
CA ALA L 71 24.21 18.03 2.48
C ALA L 71 25.36 17.46 3.32
N GLY L 72 25.97 18.29 4.14
CA GLY L 72 27.04 17.82 5.03
C GLY L 72 26.96 18.55 6.33
N SER L 73 27.37 17.90 7.42
CA SER L 73 27.36 18.52 8.72
C SER L 73 28.48 19.56 8.83
N CYS L 74 28.59 20.20 9.98
CA CYS L 74 29.54 21.29 10.05
C CYS L 74 31.00 20.82 9.96
N GLY L 75 31.88 21.71 9.50
CA GLY L 75 33.31 21.41 9.45
C GLY L 75 33.59 20.26 8.55
N PRO L 76 34.10 19.16 9.10
CA PRO L 76 34.51 18.01 8.28
C PRO L 76 33.37 17.43 7.43
N GLY L 77 32.15 17.52 7.91
CA GLY L 77 31.03 16.89 7.21
C GLY L 77 30.88 17.50 5.83
N ASN L 78 30.61 18.81 5.77
CA ASN L 78 30.44 19.46 4.49
C ASN L 78 31.76 19.52 3.74
N LEU L 79 32.87 19.61 4.45
CA LEU L 79 34.17 19.65 3.78
C LEU L 79 34.34 18.41 2.93
N HIS L 80 33.87 17.27 3.45
CA HIS L 80 33.94 16.02 2.68
C HIS L 80 33.25 16.07 1.31
N LEU L 81 32.35 17.03 1.10
CA LEU L 81 31.64 17.11 -0.17
C LEU L 81 32.55 17.62 -1.29
N ILE L 82 33.62 18.31 -0.92
CA ILE L 82 34.25 19.23 -1.86
C ILE L 82 34.70 18.59 -3.19
N ASN L 83 35.37 17.44 -3.14
CA ASN L 83 35.86 16.85 -4.38
C ASN L 83 34.69 16.46 -5.26
N GLY L 84 33.60 16.00 -4.66
CA GLY L 84 32.44 15.62 -5.48
C GLY L 84 31.72 16.83 -6.04
N LEU L 85 31.70 17.93 -5.30
CA LEU L 85 31.13 19.18 -5.81
C LEU L 85 31.96 19.75 -6.98
N PHE L 86 33.29 19.61 -6.93
CA PHE L 86 34.09 20.00 -8.11
C PHE L 86 33.63 19.20 -9.31
N ASP L 87 33.39 17.90 -9.11
CA ASP L 87 32.96 17.09 -10.22
C ASP L 87 31.58 17.58 -10.74
N CYS L 88 30.65 17.81 -9.82
CA CYS L 88 29.32 18.30 -10.22
C CYS L 88 29.43 19.60 -11.02
N HIS L 89 30.19 20.54 -10.48
CA HIS L 89 30.26 21.84 -11.08
C HIS L 89 30.93 21.75 -12.44
N ARG L 90 32.01 20.99 -12.53
CA ARG L 90 32.70 20.83 -13.78
C ARG L 90 31.88 20.08 -14.81
N ASN L 91 30.97 19.23 -14.37
CA ASN L 91 30.10 18.52 -15.27
C ASN L 91 28.87 19.33 -15.66
N HIS L 92 28.76 20.56 -15.12
CA HIS L 92 27.64 21.45 -15.44
C HIS L 92 26.28 20.84 -15.11
N VAL L 93 26.12 20.26 -13.94
CA VAL L 93 24.84 19.70 -13.58
C VAL L 93 24.30 20.49 -12.40
N PRO L 94 22.98 20.66 -12.35
CA PRO L 94 22.37 21.49 -11.29
C PRO L 94 22.36 20.80 -9.93
N VAL L 95 23.23 21.25 -9.01
CA VAL L 95 23.28 20.67 -7.68
C VAL L 95 23.30 21.74 -6.60
N LEU L 96 22.44 21.61 -5.60
CA LEU L 96 22.46 22.45 -4.43
C LEU L 96 23.11 21.68 -3.29
N ALA L 97 24.11 22.30 -2.66
CA ALA L 97 24.77 21.72 -1.48
C ALA L 97 24.34 22.54 -0.26
N ILE L 98 23.77 21.89 0.73
CA ILE L 98 23.50 22.54 2.00
C ILE L 98 24.63 22.18 2.93
N ALA L 99 25.45 23.16 3.24
CA ALA L 99 26.59 22.96 4.13
C ALA L 99 26.21 23.46 5.50
N ALA L 100 25.87 22.55 6.41
CA ALA L 100 25.60 22.95 7.80
C ALA L 100 26.88 23.50 8.41
N HIS L 101 26.72 24.44 9.34
CA HIS L 101 27.86 25.20 9.87
C HIS L 101 27.77 25.24 11.40
N ILE L 102 28.85 25.65 12.05
CA ILE L 102 28.90 25.63 13.51
C ILE L 102 27.92 26.68 14.03
N PRO L 103 27.60 26.64 15.34
CA PRO L 103 26.64 27.65 15.80
C PRO L 103 27.20 29.04 15.52
N SER L 104 26.38 29.94 15.02
CA SER L 104 26.89 31.24 14.59
C SER L 104 27.56 32.03 15.75
N SER L 105 27.18 31.75 16.99
CA SER L 105 27.76 32.47 18.10
C SER L 105 29.23 32.16 18.31
N GLU L 106 29.68 31.01 17.78
CA GLU L 106 31.06 30.56 18.03
C GLU L 106 32.00 30.94 16.88
N ILE L 107 31.42 31.47 15.79
CA ILE L 107 32.22 31.82 14.63
C ILE L 107 33.35 32.83 14.98
N GLY L 108 34.54 32.58 14.49
CA GLY L 108 35.64 33.50 14.67
C GLY L 108 36.45 33.23 15.92
N SER L 109 36.15 32.14 16.63
CA SER L 109 36.78 31.92 17.93
C SER L 109 37.69 30.71 17.91
N GLY L 110 37.77 30.04 16.77
CA GLY L 110 38.55 28.83 16.72
C GLY L 110 37.78 27.71 17.38
N TYR L 111 36.49 27.57 17.05
CA TYR L 111 35.64 26.64 17.76
C TYR L 111 35.85 25.20 17.29
N PHE L 112 35.38 24.24 18.07
CA PHE L 112 35.30 22.86 17.64
C PHE L 112 34.73 22.81 16.21
N GLN L 113 35.47 22.12 15.32
CA GLN L 113 35.07 21.93 13.93
C GLN L 113 34.97 23.20 13.07
N GLU L 114 35.41 24.36 13.58
CA GLU L 114 35.29 25.59 12.78
C GLU L 114 35.98 25.51 11.41
N THR L 115 35.25 25.81 10.35
CA THR L 115 35.83 26.06 9.02
C THR L 115 35.05 27.25 8.48
N HIS L 116 35.38 27.69 7.27
CA HIS L 116 34.62 28.74 6.62
C HIS L 116 34.16 28.22 5.26
N PRO L 117 33.06 27.42 5.26
CA PRO L 117 32.61 26.81 4.00
C PRO L 117 32.29 27.86 2.93
N GLN L 118 31.82 29.02 3.36
CA GLN L 118 31.47 30.07 2.39
C GLN L 118 32.69 30.58 1.62
N GLU L 119 33.89 30.33 2.12
CA GLU L 119 35.10 30.61 1.35
C GLU L 119 35.61 29.39 0.59
N LEU L 120 35.62 28.22 1.24
CA LEU L 120 36.13 27.01 0.62
C LEU L 120 35.49 26.68 -0.71
N PHE L 121 34.18 26.87 -0.83
CA PHE L 121 33.46 26.36 -1.95
C PHE L 121 33.33 27.34 -3.10
N ARG L 122 34.00 28.49 -3.02
CA ARG L 122 33.85 29.48 -4.10
C ARG L 122 34.23 28.95 -5.45
N GLU L 123 35.35 28.23 -5.56
CA GLU L 123 35.81 27.80 -6.83
C GLU L 123 34.88 26.75 -7.50
N CYS L 124 34.24 25.92 -6.70
CA CYS L 124 33.48 24.84 -7.26
C CYS L 124 31.98 25.15 -7.18
N SER L 125 31.62 26.41 -7.36
CA SER L 125 30.23 26.79 -7.37
C SER L 125 30.07 28.12 -8.14
N HIS L 126 28.86 28.47 -8.52
CA HIS L 126 28.70 29.80 -9.03
C HIS L 126 27.91 30.70 -8.07
N TYR L 127 27.58 30.17 -6.87
CA TYR L 127 26.92 30.91 -5.83
C TYR L 127 27.24 30.21 -4.52
N CYS L 128 27.61 30.98 -3.51
CA CYS L 128 28.09 30.40 -2.26
C CYS L 128 27.99 31.44 -1.15
N GLU L 129 27.04 31.29 -0.23
CA GLU L 129 26.86 32.31 0.80
C GLU L 129 26.46 31.75 2.15
N LEU L 130 26.82 32.50 3.20
CA LEU L 130 26.49 32.15 4.55
C LEU L 130 25.16 32.77 4.93
N VAL L 131 24.27 31.96 5.50
CA VAL L 131 23.01 32.48 6.04
C VAL L 131 23.21 32.76 7.52
N SER L 132 23.47 34.02 7.86
CA SER L 132 23.67 34.47 9.24
C SER L 132 22.33 34.79 9.86
N SER L 133 21.39 35.22 9.03
CA SER L 133 20.11 35.72 9.49
C SER L 133 18.97 35.00 8.79
N PRO L 134 17.93 34.63 9.54
CA PRO L 134 16.77 34.01 8.90
C PRO L 134 16.23 34.86 7.76
N GLU L 135 16.35 36.18 7.87
CA GLU L 135 15.75 37.07 6.87
C GLU L 135 16.41 36.90 5.49
N GLN L 136 17.60 36.34 5.46
CA GLN L 136 18.28 36.10 4.20
C GLN L 136 17.68 34.95 3.41
N ILE L 137 17.14 33.93 4.08
CA ILE L 137 16.92 32.65 3.41
C ILE L 137 16.06 32.72 2.15
N PRO L 138 15.03 33.58 2.10
CA PRO L 138 14.28 33.53 0.84
C PRO L 138 15.09 34.01 -0.38
N GLN L 139 15.91 35.06 -0.22
CA GLN L 139 16.70 35.56 -1.35
C GLN L 139 17.85 34.61 -1.66
N VAL L 140 18.55 34.17 -0.62
CA VAL L 140 19.70 33.31 -0.81
C VAL L 140 19.31 31.98 -1.45
N LEU L 141 18.22 31.38 -0.96
CA LEU L 141 17.76 30.11 -1.55
C LEU L 141 17.24 30.32 -2.98
N ALA L 142 16.53 31.42 -3.23
CA ALA L 142 16.01 31.66 -4.58
C ALA L 142 17.16 31.80 -5.61
N ILE L 143 18.17 32.60 -5.27
CA ILE L 143 19.28 32.78 -6.16
C ILE L 143 20.08 31.47 -6.29
N ALA L 144 20.36 30.82 -5.16
CA ALA L 144 21.08 29.57 -5.22
C ALA L 144 20.39 28.57 -6.17
N MET L 145 19.09 28.39 -6.00
CA MET L 145 18.40 27.39 -6.81
C MET L 145 18.33 27.81 -8.28
N ARG L 146 18.04 29.09 -8.52
CA ARG L 146 17.94 29.56 -9.87
C ARG L 146 19.27 29.44 -10.63
N LYS L 147 20.37 29.82 -9.99
CA LYS L 147 21.65 29.71 -10.62
C LYS L 147 22.02 28.25 -10.85
N ALA L 148 21.77 27.39 -9.88
CA ALA L 148 22.11 25.98 -10.06
C ALA L 148 21.42 25.44 -11.30
N VAL L 149 20.12 25.72 -11.43
CA VAL L 149 19.37 25.14 -12.49
C VAL L 149 19.70 25.80 -13.85
N LEU L 150 19.65 27.12 -13.91
CA LEU L 150 19.79 27.81 -15.18
C LEU L 150 21.23 28.00 -15.65
N ASN L 151 22.15 28.23 -14.72
CA ASN L 151 23.56 28.30 -15.08
C ASN L 151 24.20 26.95 -15.10
N ARG L 152 23.48 25.92 -14.65
CA ARG L 152 23.97 24.53 -14.78
CA ARG L 152 23.92 24.53 -14.71
C ARG L 152 25.24 24.26 -13.96
N GLY L 153 25.12 24.19 -12.65
CA GLY L 153 26.28 24.00 -11.82
C GLY L 153 25.90 23.98 -10.36
N VAL L 154 26.90 24.12 -9.49
CA VAL L 154 26.69 23.94 -8.08
C VAL L 154 26.43 25.29 -7.41
N SER L 155 25.45 25.32 -6.50
CA SER L 155 25.26 26.43 -5.57
C SER L 155 25.38 25.90 -4.18
N VAL L 156 25.96 26.69 -3.29
CA VAL L 156 26.16 26.28 -1.90
C VAL L 156 25.48 27.26 -0.95
N VAL L 157 24.71 26.73 -0.02
CA VAL L 157 24.10 27.55 1.02
C VAL L 157 24.67 27.05 2.35
N VAL L 158 25.33 27.96 3.07
CA VAL L 158 25.99 27.59 4.33
C VAL L 158 25.08 28.01 5.47
N LEU L 159 24.71 27.05 6.33
CA LEU L 159 23.62 27.28 7.26
C LEU L 159 24.03 26.84 8.68
N PRO L 160 24.36 27.82 9.54
CA PRO L 160 24.68 27.47 10.93
C PRO L 160 23.49 26.73 11.56
N GLY L 161 23.79 25.70 12.36
CA GLY L 161 22.76 24.89 12.95
C GLY L 161 21.76 25.66 13.79
N ASP L 162 22.21 26.73 14.46
CA ASP L 162 21.31 27.51 15.30
C ASP L 162 20.38 28.34 14.39
N VAL L 163 20.90 28.89 13.31
CA VAL L 163 20.07 29.65 12.40
C VAL L 163 19.02 28.78 11.75
N ALA L 164 19.39 27.53 11.42
CA ALA L 164 18.45 26.59 10.83
C ALA L 164 17.21 26.38 11.68
N LEU L 165 17.36 26.53 13.00
CA LEU L 165 16.28 26.27 13.95
C LEU L 165 15.45 27.50 14.26
N LYS L 166 15.84 28.65 13.72
CA LYS L 166 15.10 29.87 13.95
C LYS L 166 13.89 29.98 13.02
N PRO L 167 12.93 30.84 13.38
CA PRO L 167 11.75 30.97 12.52
C PRO L 167 12.12 31.56 11.17
N ALA L 168 11.64 30.96 10.08
CA ALA L 168 11.70 31.55 8.77
C ALA L 168 10.86 32.84 8.75
N PRO L 169 11.16 33.76 7.83
CA PRO L 169 10.32 34.96 7.69
C PRO L 169 8.87 34.56 7.36
N GLU L 170 7.90 35.19 8.01
CA GLU L 170 6.50 34.74 7.85
C GLU L 170 5.87 34.93 6.45
N GLY L 171 6.29 35.98 5.74
CA GLY L 171 5.70 36.24 4.42
C GLY L 171 6.37 35.48 3.29
N ALA L 172 7.44 34.75 3.59
CA ALA L 172 8.22 34.09 2.56
C ALA L 172 7.38 33.07 1.80
N THR L 173 7.62 32.90 0.50
CA THR L 173 6.86 31.90 -0.21
C THR L 173 7.73 30.70 -0.55
N MET L 174 7.10 29.53 -0.54
CA MET L 174 7.79 28.28 -0.81
C MET L 174 7.46 27.71 -2.18
N HIS L 175 6.47 28.27 -2.89
CA HIS L 175 6.15 27.85 -4.23
CA HIS L 175 6.18 27.82 -4.24
C HIS L 175 7.34 28.13 -5.19
N TRP L 176 7.68 27.19 -6.06
CA TRP L 176 8.75 27.38 -7.02
C TRP L 176 8.20 27.40 -8.44
N TYR L 177 8.46 28.48 -9.19
CA TYR L 177 8.11 28.48 -10.58
C TYR L 177 9.25 27.90 -11.41
N HIS L 178 9.03 26.83 -12.16
CA HIS L 178 10.12 26.29 -12.99
CA HIS L 178 10.09 26.25 -12.98
C HIS L 178 10.25 27.09 -14.28
N ALA L 179 11.35 27.82 -14.40
CA ALA L 179 11.63 28.53 -15.66
C ALA L 179 12.59 27.70 -16.52
N PRO L 180 12.16 27.30 -17.72
CA PRO L 180 13.03 26.56 -18.65
C PRO L 180 14.14 27.46 -19.20
N GLN L 181 15.16 26.86 -19.81
CA GLN L 181 16.15 27.66 -20.55
C GLN L 181 15.44 28.52 -21.59
N PRO L 182 16.01 29.70 -21.88
CA PRO L 182 15.47 30.47 -23.00
C PRO L 182 15.95 29.88 -24.31
N VAL L 183 15.39 30.37 -25.42
CA VAL L 183 15.94 30.10 -26.74
C VAL L 183 17.06 31.09 -26.97
N VAL L 184 18.26 30.59 -27.29
CA VAL L 184 19.38 31.48 -27.56
C VAL L 184 20.01 31.22 -28.90
N THR L 185 19.95 32.23 -29.76
CA THR L 185 20.36 32.09 -31.14
C THR L 185 21.12 33.31 -31.56
N PRO L 186 22.18 33.15 -32.37
CA PRO L 186 22.92 34.32 -32.81
C PRO L 186 22.05 35.23 -33.66
N GLU L 187 22.30 36.54 -33.63
CA GLU L 187 21.61 37.47 -34.55
C GLU L 187 21.63 36.93 -35.99
N GLU L 188 20.64 37.28 -36.77
CA GLU L 188 20.57 36.84 -38.17
C GLU L 188 21.82 37.23 -39.01
N GLU L 189 22.28 38.47 -38.86
CA GLU L 189 23.46 38.92 -39.58
C GLU L 189 24.68 37.98 -39.33
N GLU L 190 24.87 37.50 -38.09
CA GLU L 190 25.97 36.61 -37.76
C GLU L 190 25.82 35.25 -38.41
N LEU L 191 24.60 34.73 -38.45
CA LEU L 191 24.33 33.49 -39.18
C LEU L 191 24.63 33.62 -40.68
N ARG L 192 24.27 34.74 -41.27
CA ARG L 192 24.56 34.93 -42.68
CA ARG L 192 24.54 34.97 -42.68
C ARG L 192 26.06 34.99 -42.91
N LYS L 193 26.79 35.61 -42.00
CA LYS L 193 28.24 35.66 -42.11
C LYS L 193 28.84 34.26 -42.04
N LEU L 194 28.35 33.46 -41.09
CA LEU L 194 28.81 32.10 -40.95
C LEU L 194 28.51 31.29 -42.21
N ALA L 195 27.29 31.42 -42.74
CA ALA L 195 26.94 30.68 -43.95
C ALA L 195 27.86 31.06 -45.10
N GLN L 196 28.14 32.35 -45.22
CA GLN L 196 29.03 32.80 -46.25
C GLN L 196 30.43 32.22 -46.07
N LEU L 197 30.91 32.19 -44.83
CA LEU L 197 32.21 31.65 -44.53
C LEU L 197 32.29 30.18 -44.91
N LEU L 198 31.27 29.41 -44.55
CA LEU L 198 31.24 28.00 -44.90
C LEU L 198 31.21 27.79 -46.42
N ARG L 199 30.54 28.70 -47.13
CA ARG L 199 30.46 28.65 -48.59
C ARG L 199 31.83 28.62 -49.21
N TYR L 200 32.73 29.35 -48.59
CA TYR L 200 34.04 29.53 -49.13
C TYR L 200 35.11 28.81 -48.31
N SER L 201 34.73 27.82 -47.53
CA SER L 201 35.70 27.03 -46.81
C SER L 201 35.76 25.61 -47.35
N SER L 202 36.89 24.94 -47.20
CA SER L 202 37.01 23.53 -47.62
C SER L 202 37.53 22.67 -46.46
N ASN L 203 37.43 21.35 -46.64
CA ASN L 203 38.02 20.44 -45.70
C ASN L 203 37.64 20.83 -44.28
N ILE L 204 36.33 20.83 -44.04
CA ILE L 204 35.77 21.24 -42.80
C ILE L 204 35.54 20.01 -41.91
N ALA L 205 35.95 20.10 -40.66
CA ALA L 205 35.59 19.09 -39.67
C ALA L 205 34.81 19.76 -38.53
N LEU L 206 33.93 18.99 -37.89
CA LEU L 206 33.22 19.48 -36.74
C LEU L 206 33.76 18.79 -35.49
N MET L 207 34.06 19.55 -34.46
CA MET L 207 34.46 18.99 -33.16
C MET L 207 33.29 19.21 -32.22
N CYS L 208 32.66 18.12 -31.79
CA CYS L 208 31.38 18.23 -31.10
C CYS L 208 31.46 17.72 -29.70
N GLY L 209 30.92 18.50 -28.75
CA GLY L 209 30.92 18.16 -27.34
C GLY L 209 29.51 18.03 -26.82
N SER L 210 29.35 17.96 -25.51
CA SER L 210 28.04 17.71 -24.92
C SER L 210 27.05 18.85 -25.15
N GLY L 211 27.53 20.00 -25.59
CA GLY L 211 26.62 21.07 -25.97
C GLY L 211 25.72 20.69 -27.14
N CYS L 212 26.08 19.63 -27.85
CA CYS L 212 25.24 19.09 -28.94
C CYS L 212 24.11 18.18 -28.43
N ALA L 213 24.07 17.89 -27.13
CA ALA L 213 22.96 17.11 -26.58
C ALA L 213 21.62 17.66 -27.05
N GLY L 214 20.74 16.81 -27.56
CA GLY L 214 19.44 17.28 -27.97
C GLY L 214 19.40 17.81 -29.41
N ALA L 215 20.56 17.90 -30.05
CA ALA L 215 20.65 18.46 -31.40
C ALA L 215 21.12 17.42 -32.45
N HIS L 216 20.97 16.13 -32.12
CA HIS L 216 21.49 15.08 -32.98
C HIS L 216 21.03 15.23 -34.42
N LYS L 217 19.74 15.38 -34.59
CA LYS L 217 19.13 15.47 -35.89
C LYS L 217 19.73 16.62 -36.73
N GLU L 218 19.81 17.81 -36.12
CA GLU L 218 20.34 18.98 -36.78
C GLU L 218 21.83 18.81 -37.09
N LEU L 219 22.56 18.24 -36.13
CA LEU L 219 24.00 18.05 -36.28
C LEU L 219 24.30 17.15 -37.47
N VAL L 220 23.61 16.02 -37.55
CA VAL L 220 23.84 15.06 -38.61
C VAL L 220 23.46 15.66 -39.96
N GLU L 221 22.36 16.40 -39.98
CA GLU L 221 21.92 17.04 -41.21
C GLU L 221 22.94 18.10 -41.66
N PHE L 222 23.47 18.85 -40.71
CA PHE L 222 24.48 19.88 -40.99
C PHE L 222 25.74 19.25 -41.58
N ALA L 223 26.27 18.24 -40.91
CA ALA L 223 27.48 17.55 -41.39
C ALA L 223 27.29 17.02 -42.80
N GLY L 224 26.13 16.44 -43.08
CA GLY L 224 25.85 15.86 -44.39
C GLY L 224 25.74 16.95 -45.44
N LYS L 225 25.19 18.09 -45.05
CA LYS L 225 24.98 19.18 -46.00
C LYS L 225 26.30 19.76 -46.50
N ILE L 226 27.22 20.01 -45.58
CA ILE L 226 28.52 20.57 -45.96
C ILE L 226 29.62 19.51 -46.13
N LYS L 227 29.28 18.23 -45.93
CA LYS L 227 30.26 17.14 -46.05
C LYS L 227 31.43 17.28 -45.07
N ALA L 228 31.10 17.35 -43.78
CA ALA L 228 32.10 17.50 -42.72
C ALA L 228 32.13 16.28 -41.83
N PRO L 229 33.28 15.61 -41.74
CA PRO L 229 33.37 14.54 -40.79
C PRO L 229 33.22 15.13 -39.38
N ILE L 230 32.71 14.34 -38.45
CA ILE L 230 32.54 14.81 -37.09
C ILE L 230 33.51 14.08 -36.19
N VAL L 231 34.25 14.81 -35.36
CA VAL L 231 34.89 14.16 -34.22
C VAL L 231 34.25 14.66 -32.96
N HIS L 232 34.16 13.81 -31.94
CA HIS L 232 33.51 14.22 -30.73
C HIS L 232 34.46 14.24 -29.54
N ALA L 233 34.31 15.23 -28.67
CA ALA L 233 35.01 15.24 -27.42
C ALA L 233 34.38 14.14 -26.54
N LEU L 234 35.09 13.67 -25.53
CA LEU L 234 34.59 12.57 -24.72
C LEU L 234 33.17 12.82 -24.20
N ARG L 235 32.87 14.01 -23.67
CA ARG L 235 31.54 14.19 -23.09
C ARG L 235 30.46 14.34 -24.17
N GLY L 236 30.89 14.41 -25.43
CA GLY L 236 29.93 14.38 -26.54
C GLY L 236 29.59 12.96 -27.00
N LYS L 237 30.39 11.99 -26.56
CA LYS L 237 30.26 10.64 -27.07
C LYS L 237 28.82 10.13 -27.01
N GLU L 238 28.22 10.17 -25.84
CA GLU L 238 26.89 9.61 -25.70
C GLU L 238 25.85 10.35 -26.53
N HIS L 239 26.15 11.61 -26.92
CA HIS L 239 25.18 12.43 -27.63
C HIS L 239 25.35 12.42 -29.12
N VAL L 240 26.50 11.95 -29.60
CA VAL L 240 26.91 12.21 -30.97
C VAL L 240 27.27 10.93 -31.70
N GLU L 241 27.79 9.95 -30.96
CA GLU L 241 28.36 8.75 -31.59
C GLU L 241 27.34 7.62 -31.77
N TYR L 242 26.29 7.87 -32.53
CA TYR L 242 25.32 6.83 -32.85
C TYR L 242 24.49 7.37 -33.99
N ASP L 243 23.93 6.48 -34.81
CA ASP L 243 23.14 6.88 -35.98
C ASP L 243 23.78 8.08 -36.63
N ASN L 244 25.07 7.97 -36.91
CA ASN L 244 25.84 9.13 -37.36
C ASN L 244 26.91 8.69 -38.35
N PRO L 245 26.57 8.69 -39.63
CA PRO L 245 27.54 8.21 -40.60
C PRO L 245 28.73 9.15 -40.79
N TYR L 246 28.74 10.30 -40.12
CA TYR L 246 29.83 11.25 -40.26
C TYR L 246 30.84 11.16 -39.14
N ASP L 247 30.51 10.42 -38.08
CA ASP L 247 31.37 10.39 -36.90
C ASP L 247 32.61 9.55 -37.12
N VAL L 248 33.77 10.11 -36.83
CA VAL L 248 35.00 9.35 -37.03
C VAL L 248 35.87 9.21 -35.79
N GLY L 249 35.26 9.34 -34.62
CA GLY L 249 35.94 9.00 -33.39
C GLY L 249 36.34 10.19 -32.55
N MET L 250 37.49 10.05 -31.86
CA MET L 250 37.97 11.06 -30.93
C MET L 250 39.43 11.37 -31.19
N THR L 251 39.91 12.55 -30.76
CA THR L 251 41.36 12.79 -30.59
C THR L 251 41.69 12.84 -29.11
N GLY L 252 42.88 13.38 -28.82
CA GLY L 252 43.43 13.38 -27.51
C GLY L 252 44.16 12.06 -27.36
N LEU L 253 44.89 11.90 -26.26
CA LEU L 253 45.68 10.72 -26.05
C LEU L 253 44.87 9.44 -26.03
N ILE L 254 43.61 9.52 -25.61
CA ILE L 254 42.80 8.30 -25.61
C ILE L 254 41.93 8.16 -26.83
N GLY L 255 42.04 9.11 -27.77
CA GLY L 255 41.31 9.04 -29.02
C GLY L 255 42.01 8.07 -29.95
N PHE L 256 41.74 8.19 -31.25
CA PHE L 256 42.42 7.32 -32.19
C PHE L 256 42.79 8.01 -33.48
N SER L 257 43.47 7.27 -34.36
CA SER L 257 44.09 7.85 -35.52
C SER L 257 43.13 8.66 -36.39
N SER L 258 41.95 8.12 -36.66
CA SER L 258 41.00 8.81 -37.52
C SER L 258 40.60 10.17 -36.93
N GLY L 259 40.25 10.21 -35.67
CA GLY L 259 39.98 11.46 -35.00
C GLY L 259 41.18 12.37 -35.02
N PHE L 260 42.33 11.80 -34.67
CA PHE L 260 43.55 12.59 -34.60
C PHE L 260 43.83 13.30 -35.96
N HIS L 261 43.92 12.52 -37.04
CA HIS L 261 44.20 13.07 -38.37
C HIS L 261 43.12 14.01 -38.89
N THR L 262 41.85 13.68 -38.66
CA THR L 262 40.80 14.50 -39.22
C THR L 262 40.92 15.89 -38.63
N MET L 263 41.15 15.95 -37.33
CA MET L 263 41.35 17.19 -36.63
C MET L 263 42.60 17.93 -37.07
N MET L 264 43.72 17.24 -37.14
CA MET L 264 44.97 17.90 -37.52
C MET L 264 44.94 18.41 -38.97
N ASN L 265 44.27 17.69 -39.87
CA ASN L 265 44.37 18.00 -41.29
C ASN L 265 43.28 18.93 -41.83
N ALA L 266 42.25 19.20 -41.02
CA ALA L 266 41.18 20.10 -41.44
C ALA L 266 41.72 21.49 -41.78
N ASP L 267 41.15 22.12 -42.79
CA ASP L 267 41.46 23.50 -43.09
C ASP L 267 40.48 24.45 -42.38
N THR L 268 39.35 23.91 -41.96
CA THR L 268 38.32 24.71 -41.31
C THR L 268 37.76 23.81 -40.23
N LEU L 269 37.67 24.35 -39.03
CA LEU L 269 37.24 23.57 -37.90
C LEU L 269 36.10 24.31 -37.18
N VAL L 270 34.99 23.61 -36.97
CA VAL L 270 33.84 24.20 -36.30
C VAL L 270 33.66 23.54 -34.94
N LEU L 271 33.91 24.29 -33.86
CA LEU L 271 33.74 23.77 -32.51
C LEU L 271 32.30 23.96 -32.07
N LEU L 272 31.59 22.86 -31.88
CA LEU L 272 30.17 22.93 -31.52
C LEU L 272 29.96 22.43 -30.10
N GLY L 273 29.71 23.35 -29.18
CA GLY L 273 29.40 22.98 -27.82
C GLY L 273 30.48 22.12 -27.21
N THR L 274 31.73 22.55 -27.29
CA THR L 274 32.83 21.78 -26.71
C THR L 274 33.84 22.61 -25.90
N GLN L 275 34.49 21.94 -24.96
CA GLN L 275 35.49 22.49 -24.05
C GLN L 275 36.72 21.58 -24.16
N PHE L 276 36.78 20.75 -25.17
CA PHE L 276 37.93 19.87 -25.38
C PHE L 276 39.23 20.63 -25.03
N PRO L 277 39.92 20.17 -23.97
CA PRO L 277 40.96 21.04 -23.37
C PRO L 277 42.38 20.85 -23.88
N TYR L 278 42.65 19.86 -24.72
CA TYR L 278 44.03 19.52 -25.04
C TYR L 278 44.54 20.32 -26.24
N ARG L 279 45.15 21.46 -25.95
CA ARG L 279 45.45 22.48 -26.95
C ARG L 279 46.28 21.97 -28.14
N ALA L 280 47.19 21.04 -27.90
CA ALA L 280 48.12 20.62 -28.96
C ALA L 280 47.44 19.76 -30.01
N PHE L 281 46.22 19.32 -29.76
CA PHE L 281 45.48 18.50 -30.71
C PHE L 281 44.65 19.33 -31.68
N TYR L 282 44.62 20.65 -31.51
CA TYR L 282 43.92 21.48 -32.48
C TYR L 282 44.89 21.76 -33.61
N PRO L 283 44.38 21.90 -34.84
CA PRO L 283 45.31 22.27 -35.91
C PRO L 283 45.98 23.64 -35.71
N THR L 284 47.20 23.79 -36.19
CA THR L 284 47.90 25.05 -35.99
C THR L 284 47.52 26.07 -37.09
N ASP L 285 47.13 25.58 -38.26
CA ASP L 285 47.04 26.43 -39.43
C ASP L 285 45.63 26.57 -40.02
N ALA L 286 44.59 26.24 -39.29
CA ALA L 286 43.25 26.22 -39.84
C ALA L 286 42.39 27.40 -39.39
N LYS L 287 41.26 27.58 -40.04
CA LYS L 287 40.29 28.55 -39.64
C LYS L 287 39.41 27.89 -38.57
N ILE L 288 39.25 28.58 -37.46
CA ILE L 288 38.47 28.00 -36.39
C ILE L 288 37.24 28.84 -36.05
N ILE L 289 36.11 28.16 -36.05
CA ILE L 289 34.82 28.75 -35.75
C ILE L 289 34.30 28.07 -34.49
N GLN L 290 33.80 28.85 -33.54
CA GLN L 290 33.28 28.26 -32.32
C GLN L 290 31.89 28.80 -31.99
N ILE L 291 30.99 27.89 -31.71
CA ILE L 291 29.64 28.20 -31.27
C ILE L 291 29.45 27.60 -29.88
N ASP L 292 29.03 28.42 -28.91
CA ASP L 292 28.86 27.96 -27.54
C ASP L 292 27.87 28.88 -26.83
N ILE L 293 27.15 28.40 -25.80
CA ILE L 293 26.29 29.31 -25.05
C ILE L 293 27.08 30.07 -24.00
N ASN L 294 28.28 29.64 -23.70
CA ASN L 294 29.03 30.24 -22.61
C ASN L 294 30.22 31.02 -23.12
N PRO L 295 30.18 32.33 -22.95
CA PRO L 295 31.32 33.14 -23.41
C PRO L 295 32.64 32.66 -22.86
N ALA L 296 32.65 32.07 -21.67
CA ALA L 296 33.90 31.61 -21.07
C ALA L 296 34.56 30.45 -21.80
N SER L 297 33.78 29.77 -22.65
CA SER L 297 34.31 28.62 -23.39
C SER L 297 34.96 29.08 -24.67
N ILE L 298 34.64 30.28 -25.11
CA ILE L 298 35.06 30.71 -26.42
C ILE L 298 36.52 31.14 -26.41
N GLY L 299 37.37 30.35 -27.09
CA GLY L 299 38.77 30.66 -27.16
C GLY L 299 39.53 30.12 -25.97
N ALA L 300 38.91 29.23 -25.20
CA ALA L 300 39.57 28.74 -23.99
C ALA L 300 40.73 27.80 -24.31
N HIS L 301 40.67 27.08 -25.43
CA HIS L 301 41.69 26.11 -25.73
C HIS L 301 42.15 26.18 -27.20
N SER L 302 41.82 27.28 -27.87
CA SER L 302 42.32 27.47 -29.23
C SER L 302 42.10 28.91 -29.64
N LYS L 303 42.78 29.34 -30.69
CA LYS L 303 42.42 30.60 -31.30
C LYS L 303 41.01 30.46 -31.87
N VAL L 304 40.37 31.59 -32.11
CA VAL L 304 39.04 31.58 -32.71
C VAL L 304 38.94 32.67 -33.75
N ASP L 305 38.66 32.29 -35.00
CA ASP L 305 38.55 33.25 -36.08
C ASP L 305 37.15 33.83 -36.18
N MET L 306 36.15 33.04 -35.82
CA MET L 306 34.80 33.53 -35.75
C MET L 306 34.08 32.86 -34.57
N ALA L 307 33.49 33.67 -33.70
CA ALA L 307 32.79 33.20 -32.53
C ALA L 307 31.32 33.54 -32.59
N LEU L 308 30.45 32.61 -32.19
CA LEU L 308 29.03 32.89 -32.13
C LEU L 308 28.47 32.34 -30.82
N VAL L 309 27.65 33.13 -30.15
CA VAL L 309 27.02 32.67 -28.94
C VAL L 309 25.67 32.13 -29.32
N GLY L 310 25.41 30.88 -29.01
CA GLY L 310 24.11 30.33 -29.32
C GLY L 310 24.00 28.92 -28.81
N ASP L 311 22.78 28.45 -28.64
CA ASP L 311 22.53 27.08 -28.30
C ASP L 311 22.60 26.24 -29.61
N ILE L 312 23.19 25.06 -29.57
CA ILE L 312 23.49 24.35 -30.81
C ILE L 312 22.23 24.02 -31.60
N LYS L 313 21.23 23.49 -30.92
CA LYS L 313 20.01 23.08 -31.59
C LYS L 313 19.37 24.26 -32.32
N SER L 314 19.16 25.38 -31.65
CA SER L 314 18.45 26.42 -32.33
C SER L 314 19.35 27.18 -33.33
N THR L 315 20.66 27.25 -33.07
CA THR L 315 21.60 27.82 -34.04
C THR L 315 21.60 27.01 -35.34
N LEU L 316 21.76 25.68 -35.23
CA LEU L 316 21.77 24.88 -36.44
C LEU L 316 20.43 24.96 -37.19
N ARG L 317 19.32 25.03 -36.46
CA ARG L 317 18.03 25.16 -37.14
C ARG L 317 17.92 26.43 -37.92
N ALA L 318 18.46 27.51 -37.38
CA ALA L 318 18.40 28.78 -38.07
C ALA L 318 19.45 28.85 -39.18
N LEU L 319 20.56 28.14 -39.00
CA LEU L 319 21.66 28.17 -39.94
C LEU L 319 21.41 27.31 -41.18
N LEU L 320 20.89 26.11 -40.98
CA LEU L 320 20.71 25.16 -42.06
C LEU L 320 20.10 25.71 -43.34
N PRO L 321 18.98 26.45 -43.24
CA PRO L 321 18.38 26.95 -44.49
C PRO L 321 19.26 27.99 -45.21
N LEU L 322 20.22 28.56 -44.50
CA LEU L 322 21.11 29.55 -45.10
C LEU L 322 22.30 28.91 -45.79
N VAL L 323 22.57 27.66 -45.44
CA VAL L 323 23.76 26.98 -45.90
C VAL L 323 23.51 26.20 -47.18
N GLU L 324 24.34 26.47 -48.17
CA GLU L 324 24.24 25.81 -49.46
C GLU L 324 24.87 24.42 -49.35
N GLU L 325 24.25 23.43 -49.99
CA GLU L 325 24.80 22.09 -50.00
C GLU L 325 26.11 22.04 -50.79
N LYS L 326 27.15 21.41 -50.23
CA LYS L 326 28.44 21.28 -50.93
C LYS L 326 28.53 19.91 -51.58
N ALA L 327 29.06 19.85 -52.80
CA ALA L 327 29.20 18.58 -53.53
C ALA L 327 30.51 17.85 -53.17
N ASP L 328 31.52 18.63 -52.78
CA ASP L 328 32.86 18.11 -52.58
C ASP L 328 33.00 17.34 -51.27
N ARG L 329 33.23 16.03 -51.37
CA ARG L 329 33.23 15.15 -50.22
C ARG L 329 34.52 14.35 -50.06
N LYS L 330 35.61 14.83 -50.68
CA LYS L 330 36.90 14.16 -50.59
C LYS L 330 37.38 14.05 -49.16
N PHE L 331 37.33 15.17 -48.44
CA PHE L 331 37.84 15.20 -47.09
C PHE L 331 37.05 14.23 -46.21
N LEU L 332 35.72 14.29 -46.32
CA LEU L 332 34.86 13.38 -45.57
C LEU L 332 35.18 11.90 -45.90
N ASP L 333 35.30 11.59 -47.19
CA ASP L 333 35.53 10.20 -47.58
C ASP L 333 36.87 9.68 -47.05
N LYS L 334 37.88 10.52 -47.06
CA LYS L 334 39.18 10.12 -46.54
C LYS L 334 39.10 9.91 -45.02
N ALA L 335 38.40 10.79 -44.31
CA ALA L 335 38.20 10.61 -42.88
C ALA L 335 37.48 9.30 -42.59
N LEU L 336 36.47 8.98 -43.39
CA LEU L 336 35.69 7.74 -43.18
C LEU L 336 36.56 6.51 -43.41
N GLU L 337 37.47 6.62 -44.37
CA GLU L 337 38.38 5.53 -44.65
C GLU L 337 39.36 5.35 -43.50
N ASP L 338 39.91 6.46 -43.00
CA ASP L 338 40.78 6.42 -41.82
C ASP L 338 40.04 5.79 -40.65
N TYR L 339 38.77 6.14 -40.50
CA TYR L 339 37.97 5.61 -39.43
C TYR L 339 37.81 4.09 -39.51
N ARG L 340 37.52 3.57 -40.71
CA ARG L 340 37.43 2.13 -40.89
C ARG L 340 38.70 1.43 -40.45
N ASP L 341 39.85 2.01 -40.79
CA ASP L 341 41.14 1.43 -40.39
C ASP L 341 41.29 1.47 -38.88
N ALA L 342 40.96 2.61 -38.28
CA ALA L 342 41.13 2.78 -36.85
C ALA L 342 40.25 1.80 -36.06
N ARG L 343 38.98 1.67 -36.42
CA ARG L 343 38.09 0.73 -35.76
CA ARG L 343 38.12 0.75 -35.72
C ARG L 343 38.66 -0.67 -35.82
N LYS L 344 39.17 -1.04 -36.97
CA LYS L 344 39.70 -2.37 -37.11
C LYS L 344 40.88 -2.59 -36.18
N GLY L 345 41.71 -1.57 -36.00
CA GLY L 345 42.84 -1.68 -35.09
C GLY L 345 42.35 -1.86 -33.65
N LEU L 346 41.34 -1.08 -33.28
CA LEU L 346 40.68 -1.19 -32.00
C LEU L 346 40.14 -2.58 -31.75
N ASP L 347 39.49 -3.15 -32.76
CA ASP L 347 38.87 -4.46 -32.64
C ASP L 347 39.88 -5.59 -32.47
N ASP L 348 41.05 -5.44 -33.08
CA ASP L 348 42.10 -6.47 -33.02
C ASP L 348 42.65 -6.60 -31.60
N LEU L 349 42.57 -5.52 -30.84
CA LEU L 349 43.04 -5.53 -29.47
C LEU L 349 42.03 -6.19 -28.52
N ALA L 350 40.78 -6.33 -28.95
CA ALA L 350 39.72 -6.80 -28.06
C ALA L 350 39.37 -8.27 -28.28
N LYS L 351 40.36 -9.14 -28.22
CA LYS L 351 40.15 -10.54 -28.48
C LYS L 351 40.41 -11.37 -27.24
N PRO L 352 39.74 -12.53 -27.13
CA PRO L 352 40.04 -13.42 -26.03
C PRO L 352 41.42 -14.04 -26.21
N SER L 353 42.04 -14.46 -25.11
CA SER L 353 43.36 -15.05 -25.16
C SER L 353 43.54 -15.98 -23.96
N GLU L 354 44.51 -16.86 -24.00
CA GLU L 354 44.78 -17.72 -22.87
C GLU L 354 45.80 -17.09 -21.93
N LYS L 355 46.50 -16.09 -22.44
CA LYS L 355 47.56 -15.38 -21.70
C LYS L 355 47.05 -14.55 -20.52
N ALA L 356 46.07 -13.71 -20.75
CA ALA L 356 45.66 -12.75 -19.74
C ALA L 356 44.50 -12.04 -20.38
N ILE L 357 43.68 -11.40 -19.57
CA ILE L 357 42.50 -10.84 -20.13
C ILE L 357 42.84 -9.44 -20.57
N HIS L 358 42.72 -9.17 -21.86
CA HIS L 358 42.88 -7.83 -22.34
C HIS L 358 41.67 -7.03 -21.88
N PRO L 359 41.91 -5.91 -21.18
CA PRO L 359 40.82 -5.11 -20.69
C PRO L 359 39.95 -4.63 -21.86
N GLN L 360 40.53 -4.53 -23.04
CA GLN L 360 39.70 -4.00 -24.11
C GLN L 360 38.70 -5.07 -24.58
N TYR L 361 39.09 -6.34 -24.51
CA TYR L 361 38.14 -7.44 -24.63
C TYR L 361 37.05 -7.35 -23.57
N LEU L 362 37.44 -7.15 -22.33
CA LEU L 362 36.45 -7.05 -21.26
C LEU L 362 35.45 -5.94 -21.52
N ALA L 363 35.94 -4.76 -21.94
CA ALA L 363 35.05 -3.62 -22.21
C ALA L 363 34.11 -3.91 -23.37
N GLN L 364 34.65 -4.53 -24.42
CA GLN L 364 33.85 -4.90 -25.57
C GLN L 364 32.69 -5.82 -25.20
N GLN L 365 32.94 -6.75 -24.27
CA GLN L 365 31.93 -7.73 -23.92
C GLN L 365 30.90 -7.10 -23.00
N ILE L 366 31.34 -6.16 -22.15
CA ILE L 366 30.41 -5.37 -21.34
C ILE L 366 29.41 -4.69 -22.28
N SER L 367 29.92 -4.04 -23.32
CA SER L 367 29.06 -3.36 -24.25
C SER L 367 28.12 -4.33 -24.96
N HIS L 368 28.62 -5.51 -25.28
CA HIS L 368 27.83 -6.49 -26.00
C HIS L 368 26.68 -7.06 -25.16
N PHE L 369 26.93 -7.31 -23.87
CA PHE L 369 25.92 -7.98 -23.03
C PHE L 369 25.06 -7.01 -22.18
N ALA L 370 25.51 -5.77 -22.02
CA ALA L 370 24.74 -4.83 -21.19
C ALA L 370 23.44 -4.45 -21.87
N ALA L 371 22.47 -3.95 -21.10
CA ALA L 371 21.16 -3.60 -21.68
C ALA L 371 21.28 -2.53 -22.76
N ASP L 372 20.30 -2.45 -23.67
CA ASP L 372 20.32 -1.47 -24.74
CA ASP L 372 20.31 -1.46 -24.74
C ASP L 372 20.00 -0.06 -24.24
N ASP L 373 19.70 0.05 -22.94
CA ASP L 373 19.57 1.37 -22.32
C ASP L 373 20.33 1.46 -21.02
N ALA L 374 21.40 0.68 -20.91
CA ALA L 374 22.18 0.68 -19.69
C ALA L 374 22.78 2.06 -19.45
N ILE L 375 22.99 2.38 -18.18
CA ILE L 375 23.75 3.54 -17.80
C ILE L 375 25.11 3.07 -17.34
N PHE L 376 26.16 3.57 -18.00
CA PHE L 376 27.54 3.21 -17.65
C PHE L 376 28.22 4.32 -16.92
N THR L 377 28.99 3.97 -15.89
CA THR L 377 29.92 4.95 -15.32
C THR L 377 31.30 4.34 -15.43
N CYS L 378 32.32 5.18 -15.51
CA CYS L 378 33.68 4.65 -15.60
C CYS L 378 34.67 5.47 -14.79
N ASP L 379 35.55 4.77 -14.07
CA ASP L 379 36.57 5.44 -13.24
C ASP L 379 37.58 6.19 -14.09
N VAL L 380 38.04 7.31 -13.57
CA VAL L 380 39.20 7.95 -14.15
C VAL L 380 40.36 6.97 -14.06
N GLY L 381 41.07 6.78 -15.17
CA GLY L 381 42.09 5.74 -15.31
C GLY L 381 41.80 4.91 -16.56
N THR L 382 42.36 3.71 -16.66
CA THR L 382 42.15 2.93 -17.89
C THR L 382 40.66 2.71 -18.21
N PRO L 383 39.79 2.63 -17.18
CA PRO L 383 38.41 2.36 -17.56
C PRO L 383 37.81 3.46 -18.42
N THR L 384 38.27 4.69 -18.28
CA THR L 384 37.80 5.78 -19.13
C THR L 384 38.27 5.54 -20.58
N VAL L 385 39.51 5.07 -20.73
CA VAL L 385 39.99 4.77 -22.06
C VAL L 385 39.13 3.69 -22.71
N TRP L 386 38.86 2.61 -21.99
CA TRP L 386 38.16 1.49 -22.59
C TRP L 386 36.70 1.86 -22.87
N ALA L 387 36.09 2.64 -21.99
CA ALA L 387 34.74 3.09 -22.21
C ALA L 387 34.70 3.92 -23.48
N ALA L 388 35.61 4.87 -23.58
CA ALA L 388 35.66 5.76 -24.73
C ALA L 388 35.76 4.96 -26.02
N ARG L 389 36.58 3.91 -25.99
CA ARG L 389 36.91 3.22 -27.22
C ARG L 389 36.02 2.03 -27.53
N TYR L 390 35.35 1.47 -26.51
CA TYR L 390 34.62 0.23 -26.74
C TYR L 390 33.14 0.21 -26.41
N LEU L 391 32.62 1.20 -25.69
CA LEU L 391 31.20 1.23 -25.39
C LEU L 391 30.41 1.73 -26.60
N LYS L 392 29.49 0.91 -27.09
CA LYS L 392 28.66 1.37 -28.17
C LYS L 392 27.43 2.15 -27.66
N MET L 393 27.28 3.40 -28.08
CA MET L 393 26.17 4.22 -27.66
C MET L 393 25.05 4.14 -28.71
N ASN L 394 23.84 4.57 -28.35
CA ASN L 394 22.70 4.41 -29.26
C ASN L 394 21.58 5.37 -29.04
N GLY L 395 21.82 6.40 -28.23
CA GLY L 395 20.77 7.39 -27.97
C GLY L 395 19.93 7.04 -26.76
N LYS L 396 20.12 5.84 -26.20
CA LYS L 396 19.41 5.44 -24.97
C LYS L 396 20.39 5.19 -23.84
N ARG L 397 21.46 4.49 -24.14
CA ARG L 397 22.57 4.32 -23.21
C ARG L 397 23.14 5.63 -22.75
N ARG L 398 23.72 5.64 -21.54
CA ARG L 398 24.36 6.83 -21.01
C ARG L 398 25.73 6.51 -20.52
N LEU L 399 26.61 7.52 -20.53
CA LEU L 399 27.97 7.35 -20.03
C LEU L 399 28.27 8.49 -19.09
N LEU L 400 28.56 8.17 -17.83
CA LEU L 400 28.99 9.20 -16.88
C LEU L 400 30.40 8.94 -16.42
N GLY L 401 31.15 9.99 -16.16
CA GLY L 401 32.49 9.86 -15.59
C GLY L 401 32.89 11.15 -14.88
N SER L 402 34.16 11.26 -14.57
CA SER L 402 34.67 12.48 -14.04
C SER L 402 35.61 13.06 -15.09
N PHE L 403 35.05 13.42 -16.22
CA PHE L 403 35.85 13.69 -17.40
C PHE L 403 36.55 15.03 -17.39
N ASN L 404 35.97 16.02 -16.69
CA ASN L 404 36.57 17.35 -16.63
C ASN L 404 37.41 17.51 -15.35
N HIS L 405 36.84 17.10 -14.23
CA HIS L 405 37.52 17.28 -12.95
C HIS L 405 38.59 16.21 -12.81
N GLY L 406 38.37 15.05 -13.43
CA GLY L 406 39.39 14.02 -13.52
C GLY L 406 39.72 13.32 -12.23
N SER L 407 38.72 13.06 -11.40
CA SER L 407 38.96 12.42 -10.13
C SER L 407 38.90 10.90 -10.23
N MET L 408 39.90 10.21 -9.70
CA MET L 408 39.75 8.79 -9.41
C MET L 408 38.49 8.54 -8.58
N ALA L 409 37.98 7.31 -8.66
CA ALA L 409 37.03 6.77 -7.67
C ALA L 409 35.58 7.23 -7.89
N ASN L 410 35.31 7.82 -9.06
CA ASN L 410 34.00 8.39 -9.32
C ASN L 410 32.95 7.34 -9.74
N ALA L 411 33.40 6.22 -10.30
CA ALA L 411 32.47 5.34 -10.97
C ALA L 411 31.42 4.74 -10.06
N MET L 412 31.83 4.11 -8.98
CA MET L 412 30.82 3.50 -8.16
C MET L 412 29.90 4.56 -7.49
N PRO L 413 30.48 5.64 -6.98
CA PRO L 413 29.59 6.63 -6.40
C PRO L 413 28.58 7.20 -7.42
N GLN L 414 29.02 7.46 -8.65
CA GLN L 414 28.06 7.91 -9.65
C GLN L 414 27.01 6.82 -9.95
N ALA L 415 27.45 5.56 -9.93
CA ALA L 415 26.53 4.46 -10.20
C ALA L 415 25.43 4.42 -9.14
N LEU L 416 25.83 4.71 -7.92
CA LEU L 416 24.92 4.76 -6.81
C LEU L 416 23.83 5.78 -7.09
N GLY L 417 24.23 6.98 -7.53
CA GLY L 417 23.27 8.03 -7.85
C GLY L 417 22.40 7.65 -9.04
N ALA L 418 23.02 7.07 -10.07
CA ALA L 418 22.27 6.69 -11.26
C ALA L 418 21.22 5.66 -10.89
N GLN L 419 21.63 4.63 -10.15
CA GLN L 419 20.71 3.54 -9.82
C GLN L 419 19.51 4.04 -9.00
N ALA L 420 19.75 4.94 -8.05
CA ALA L 420 18.66 5.44 -7.22
C ALA L 420 17.71 6.29 -8.05
N THR L 421 18.24 6.98 -9.05
CA THR L 421 17.44 7.87 -9.87
C THR L 421 16.60 7.07 -10.84
N GLU L 422 17.19 5.99 -11.38
CA GLU L 422 16.49 5.10 -12.29
C GLU L 422 16.45 3.67 -11.76
N PRO L 423 15.58 3.40 -10.79
CA PRO L 423 15.62 2.09 -10.12
C PRO L 423 15.39 0.88 -11.03
N GLU L 424 14.71 1.07 -12.16
CA GLU L 424 14.38 -0.04 -13.06
C GLU L 424 15.46 -0.27 -14.12
N ARG L 425 16.46 0.58 -14.17
CA ARG L 425 17.40 0.60 -15.26
C ARG L 425 18.69 -0.14 -14.86
N GLN L 426 19.35 -0.78 -15.81
CA GLN L 426 20.62 -1.44 -15.53
C GLN L 426 21.73 -0.40 -15.42
N VAL L 427 22.53 -0.47 -14.36
CA VAL L 427 23.65 0.44 -14.19
C VAL L 427 24.94 -0.36 -14.04
N VAL L 428 25.93 -0.03 -14.85
CA VAL L 428 27.18 -0.79 -14.86
C VAL L 428 28.32 0.13 -14.54
N ALA L 429 28.98 -0.12 -13.44
CA ALA L 429 30.14 0.73 -13.03
C ALA L 429 31.42 0.05 -13.46
N MET L 430 32.13 0.68 -14.38
CA MET L 430 33.45 0.17 -14.80
C MET L 430 34.53 0.80 -13.89
N CYS L 431 34.95 0.07 -12.87
CA CYS L 431 35.81 0.61 -11.84
C CYS L 431 37.26 0.19 -11.96
N GLY L 432 38.15 1.07 -11.50
CA GLY L 432 39.53 0.68 -11.34
C GLY L 432 39.65 0.02 -9.96
N ASP L 433 40.70 -0.74 -9.75
CA ASP L 433 40.96 -1.26 -8.43
C ASP L 433 41.39 -0.12 -7.50
N GLY L 434 42.13 0.85 -8.05
CA GLY L 434 42.48 2.03 -7.26
C GLY L 434 41.22 2.82 -6.93
N GLY L 435 40.41 3.08 -7.96
CA GLY L 435 39.17 3.83 -7.78
C GLY L 435 38.21 3.19 -6.80
N PHE L 436 37.97 1.90 -6.97
CA PHE L 436 37.05 1.22 -6.13
C PHE L 436 37.54 1.26 -4.69
N SER L 437 38.81 0.99 -4.47
CA SER L 437 39.25 0.94 -3.09
C SER L 437 39.40 2.32 -2.45
N MET L 438 39.55 3.35 -3.27
CA MET L 438 39.72 4.71 -2.76
C MET L 438 38.47 5.19 -2.00
N LEU L 439 37.28 4.77 -2.45
CA LEU L 439 36.04 5.07 -1.73
C LEU L 439 35.28 3.79 -1.41
N MET L 440 35.99 2.75 -1.03
CA MET L 440 35.42 1.43 -0.87
C MET L 440 34.28 1.35 0.14
N GLY L 441 34.26 2.25 1.10
CA GLY L 441 33.27 2.16 2.19
C GLY L 441 31.88 2.21 1.63
N ASP L 442 31.68 2.95 0.56
CA ASP L 442 30.34 3.11 0.05
C ASP L 442 29.88 1.92 -0.75
N PHE L 443 30.75 0.94 -0.92
CA PHE L 443 30.28 -0.33 -1.42
C PHE L 443 29.16 -0.80 -0.47
N LEU L 444 29.31 -0.55 0.83
CA LEU L 444 28.28 -0.92 1.79
C LEU L 444 26.97 -0.18 1.52
N SER L 445 27.02 0.96 0.83
CA SER L 445 25.80 1.69 0.50
C SER L 445 25.00 0.96 -0.55
N VAL L 446 25.70 0.25 -1.43
CA VAL L 446 25.03 -0.56 -2.40
C VAL L 446 24.10 -1.57 -1.74
N VAL L 447 24.57 -2.21 -0.66
CA VAL L 447 23.74 -3.14 0.09
C VAL L 447 22.66 -2.40 0.87
N GLN L 448 23.07 -1.43 1.68
CA GLN L 448 22.13 -0.72 2.55
C GLN L 448 20.98 -0.06 1.76
N MET L 449 21.28 0.50 0.58
CA MET L 449 20.26 1.16 -0.21
C MET L 449 19.57 0.17 -1.18
N LYS L 450 20.11 -1.04 -1.26
CA LYS L 450 19.55 -2.08 -2.14
C LYS L 450 19.49 -1.62 -3.59
N LEU L 451 20.59 -1.08 -4.09
CA LEU L 451 20.66 -0.64 -5.45
C LEU L 451 21.42 -1.69 -6.25
N PRO L 452 20.76 -2.33 -7.23
CA PRO L 452 21.36 -3.45 -7.95
C PRO L 452 22.45 -3.06 -8.95
N VAL L 453 23.42 -2.26 -8.50
CA VAL L 453 24.49 -1.88 -9.41
C VAL L 453 25.29 -3.10 -9.88
N LYS L 454 25.74 -3.08 -11.12
CA LYS L 454 26.69 -4.09 -11.56
C LYS L 454 28.09 -3.47 -11.58
N ILE L 455 28.94 -3.88 -10.64
CA ILE L 455 30.29 -3.34 -10.58
C ILE L 455 31.27 -4.27 -11.26
N VAL L 456 32.00 -3.76 -12.25
CA VAL L 456 33.03 -4.56 -12.89
C VAL L 456 34.39 -3.93 -12.59
N VAL L 457 35.23 -4.63 -11.84
CA VAL L 457 36.51 -4.07 -11.47
C VAL L 457 37.58 -4.50 -12.48
N PHE L 458 38.23 -3.51 -13.09
CA PHE L 458 39.36 -3.78 -13.96
C PHE L 458 40.56 -3.95 -13.05
N ASN L 459 40.75 -5.18 -12.59
CA ASN L 459 41.72 -5.44 -11.54
C ASN L 459 43.09 -5.68 -12.15
N ASN L 460 43.83 -4.60 -12.37
CA ASN L 460 45.19 -4.75 -12.87
C ASN L 460 46.20 -4.60 -11.75
N SER L 461 45.67 -4.62 -10.52
CA SER L 461 46.43 -4.51 -9.30
C SER L 461 47.53 -3.48 -9.46
N VAL L 462 47.14 -2.37 -10.08
CA VAL L 462 47.98 -1.22 -10.27
C VAL L 462 47.15 0.06 -10.44
N LEU L 463 47.83 1.19 -10.23
CA LEU L 463 47.34 2.51 -10.58
C LEU L 463 47.79 2.77 -12.02
N GLY L 464 47.13 2.12 -12.97
CA GLY L 464 47.69 1.88 -14.31
C GLY L 464 47.81 3.07 -15.24
N PHE L 465 46.97 4.09 -14.99
CA PHE L 465 47.00 5.27 -15.86
C PHE L 465 48.14 6.21 -15.48
N VAL L 466 48.62 6.07 -14.24
CA VAL L 466 49.76 6.84 -13.75
C VAL L 466 49.79 6.86 -12.23
N GLY L 479 55.35 3.02 -6.44
CA GLY L 479 54.40 4.13 -6.42
C GLY L 479 53.02 3.70 -6.87
N THR L 480 52.98 2.79 -7.86
CA THR L 480 51.75 2.34 -8.55
C THR L 480 51.38 0.87 -8.28
N GLU L 481 52.25 0.13 -7.61
CA GLU L 481 51.99 -1.27 -7.26
C GLU L 481 50.90 -1.42 -6.21
N LEU L 482 49.72 -1.96 -6.57
CA LEU L 482 48.74 -2.30 -5.54
C LEU L 482 48.89 -3.74 -5.06
N HIS L 483 48.62 -3.99 -3.79
CA HIS L 483 48.67 -5.35 -3.27
C HIS L 483 47.60 -6.18 -3.97
N ASP L 484 47.96 -7.39 -4.44
CA ASP L 484 46.96 -8.26 -5.13
C ASP L 484 45.72 -8.56 -4.27
N THR L 485 44.60 -7.99 -4.70
CA THR L 485 43.44 -7.99 -3.90
C THR L 485 42.39 -8.79 -4.61
N ASN L 486 41.61 -9.53 -3.83
CA ASN L 486 40.47 -10.22 -4.37
C ASN L 486 39.19 -9.48 -3.99
N PHE L 487 38.67 -8.68 -4.92
CA PHE L 487 37.49 -7.90 -4.62
C PHE L 487 36.20 -8.73 -4.60
N ALA L 488 36.20 -9.86 -5.31
CA ALA L 488 35.06 -10.77 -5.26
C ALA L 488 34.89 -11.30 -3.84
N ARG L 489 36.01 -11.63 -3.22
CA ARG L 489 35.98 -12.16 -1.85
C ARG L 489 35.42 -11.08 -0.93
N ILE L 490 35.83 -9.83 -1.16
CA ILE L 490 35.40 -8.74 -0.32
C ILE L 490 33.90 -8.52 -0.48
N ALA L 491 33.41 -8.60 -1.71
CA ALA L 491 32.00 -8.47 -1.96
C ALA L 491 31.22 -9.52 -1.20
N GLU L 492 31.64 -10.78 -1.31
CA GLU L 492 30.92 -11.86 -0.63
C GLU L 492 30.85 -11.57 0.86
N ALA L 493 31.92 -11.04 1.43
CA ALA L 493 31.97 -10.80 2.86
C ALA L 493 31.02 -9.68 3.23
N CYS L 494 30.71 -8.80 2.27
CA CYS L 494 29.78 -7.72 2.50
C CYS L 494 28.34 -8.14 2.21
N GLY L 495 28.14 -9.37 1.77
CA GLY L 495 26.80 -9.83 1.46
C GLY L 495 26.32 -9.56 0.03
N ILE L 496 27.22 -9.16 -0.86
CA ILE L 496 26.92 -9.00 -2.28
C ILE L 496 27.58 -10.14 -3.07
N THR L 497 26.90 -10.67 -4.10
CA THR L 497 27.51 -11.69 -4.98
C THR L 497 28.84 -11.21 -5.61
N GLY L 498 29.89 -12.02 -5.48
CA GLY L 498 31.18 -11.70 -6.10
C GLY L 498 31.60 -12.79 -7.07
N ILE L 499 32.03 -12.37 -8.26
CA ILE L 499 32.51 -13.32 -9.24
C ILE L 499 33.94 -12.95 -9.61
N ARG L 500 34.85 -13.89 -9.38
CA ARG L 500 36.25 -13.69 -9.69
C ARG L 500 36.54 -14.25 -11.08
N VAL L 501 37.05 -13.40 -11.97
CA VAL L 501 37.32 -13.81 -13.34
C VAL L 501 38.79 -13.69 -13.67
N GLU L 502 39.43 -14.80 -14.04
CA GLU L 502 40.84 -14.80 -14.34
C GLU L 502 41.17 -15.30 -15.74
N LYS L 503 40.26 -16.06 -16.35
CA LYS L 503 40.46 -16.56 -17.72
C LYS L 503 39.53 -15.85 -18.71
N ALA L 504 40.06 -15.49 -19.88
CA ALA L 504 39.24 -14.78 -20.85
C ALA L 504 37.98 -15.57 -21.23
N SER L 505 38.07 -16.91 -21.20
CA SER L 505 36.93 -17.75 -21.55
C SER L 505 35.79 -17.67 -20.53
N GLU L 506 36.10 -17.20 -19.32
CA GLU L 506 35.08 -17.07 -18.28
C GLU L 506 34.32 -15.76 -18.34
N VAL L 507 34.80 -14.81 -19.14
CA VAL L 507 34.23 -13.46 -19.15
C VAL L 507 32.76 -13.42 -19.56
N ASP L 508 32.44 -14.04 -20.70
CA ASP L 508 31.10 -13.98 -21.24
C ASP L 508 30.07 -14.45 -20.22
N GLU L 509 30.27 -15.62 -19.64
CA GLU L 509 29.30 -16.14 -18.70
C GLU L 509 29.27 -15.32 -17.41
N ALA L 510 30.39 -14.76 -16.99
CA ALA L 510 30.43 -13.97 -15.76
C ALA L 510 29.59 -12.70 -15.91
N LEU L 511 29.70 -12.03 -17.06
CA LEU L 511 28.92 -10.83 -17.29
C LEU L 511 27.43 -11.17 -17.41
N GLN L 512 27.10 -12.23 -18.13
CA GLN L 512 25.69 -12.61 -18.29
C GLN L 512 25.05 -12.94 -16.94
N ARG L 513 25.77 -13.69 -16.10
CA ARG L 513 25.32 -14.01 -14.74
CA ARG L 513 25.27 -14.00 -14.76
C ARG L 513 25.07 -12.73 -13.96
N ALA L 514 26.08 -11.87 -13.94
CA ALA L 514 26.02 -10.65 -13.16
C ALA L 514 24.81 -9.81 -13.54
N PHE L 515 24.54 -9.71 -14.84
CA PHE L 515 23.45 -8.89 -15.32
C PHE L 515 22.08 -9.49 -15.03
N SER L 516 21.97 -10.82 -14.99
CA SER L 516 20.71 -11.50 -14.71
C SER L 516 20.33 -11.52 -13.24
N ILE L 517 21.33 -11.58 -12.37
CA ILE L 517 21.06 -11.67 -10.96
C ILE L 517 20.20 -10.49 -10.49
N ASP L 518 19.17 -10.80 -9.74
CA ASP L 518 18.24 -9.82 -9.23
C ASP L 518 18.84 -9.16 -8.00
N GLY L 519 19.89 -8.37 -8.20
CA GLY L 519 20.57 -7.69 -7.10
C GLY L 519 21.92 -7.15 -7.54
N PRO L 520 22.66 -6.51 -6.62
CA PRO L 520 23.98 -5.97 -6.98
C PRO L 520 25.01 -7.09 -7.12
N VAL L 521 26.00 -6.89 -7.98
CA VAL L 521 27.01 -7.92 -8.19
C VAL L 521 28.33 -7.24 -8.44
N LEU L 522 29.40 -7.82 -7.91
CA LEU L 522 30.73 -7.33 -8.24
C LEU L 522 31.47 -8.41 -9.03
N VAL L 523 31.90 -8.04 -10.23
CA VAL L 523 32.72 -8.90 -11.08
C VAL L 523 34.14 -8.40 -11.03
N ASP L 524 35.02 -9.21 -10.45
CA ASP L 524 36.41 -8.84 -10.23
C ASP L 524 37.24 -9.48 -11.33
N VAL L 525 37.61 -8.70 -12.34
CA VAL L 525 38.32 -9.26 -13.49
C VAL L 525 39.80 -8.92 -13.50
N VAL L 526 40.64 -9.94 -13.37
CA VAL L 526 42.09 -9.71 -13.45
C VAL L 526 42.45 -9.39 -14.89
N VAL L 527 42.93 -8.18 -15.14
CA VAL L 527 43.25 -7.77 -16.51
C VAL L 527 44.73 -7.45 -16.69
N ALA L 528 45.21 -7.54 -17.91
CA ALA L 528 46.60 -7.18 -18.18
C ALA L 528 46.83 -5.67 -18.17
N LYS L 529 48.10 -5.29 -18.03
CA LYS L 529 48.56 -3.92 -18.31
C LYS L 529 48.71 -3.72 -19.81
N GLU L 530 48.16 -2.65 -20.35
CA GLU L 530 48.17 -2.40 -21.82
C GLU L 530 48.84 -1.08 -22.21
N GLU L 531 49.02 -0.84 -23.51
CA GLU L 531 49.43 0.49 -23.97
C GLU L 531 48.24 1.32 -24.56
N LEU L 532 48.39 2.64 -24.64
CA LEU L 532 47.38 3.46 -25.35
C LEU L 532 47.60 3.50 -26.86
N ALA L 533 48.82 3.76 -27.30
CA ALA L 533 49.07 3.86 -28.73
C ALA L 533 48.79 2.52 -29.42
N ILE L 534 47.80 2.55 -30.31
CA ILE L 534 47.38 1.40 -31.13
C ILE L 534 48.33 1.30 -32.32
N PRO L 535 48.67 0.06 -32.76
CA PRO L 535 49.53 -0.13 -33.96
C PRO L 535 48.85 0.31 -35.27
N1' TPP M . -23.35 35.35 30.10
C2' TPP M . -22.92 35.35 28.80
CM2 TPP M . -21.93 34.28 28.35
N3' TPP M . -23.41 36.26 27.89
C4' TPP M . -24.31 37.20 28.33
N4' TPP M . -24.83 38.09 27.43
C5' TPP M . -24.72 37.21 29.69
C6' TPP M . -24.22 36.26 30.54
C7' TPP M . -25.71 38.22 30.24
N3 TPP M . -25.00 39.50 30.35
C2 TPP M . -25.13 40.43 29.36
S1 TPP M . -24.19 41.87 29.68
C5 TPP M . -23.58 41.23 31.12
C4 TPP M . -24.18 39.91 31.39
CM4 TPP M . -23.75 39.22 32.64
C6 TPP M . -22.67 42.20 31.80
C7 TPP M . -21.31 42.12 31.19
O7 TPP M . -20.29 42.51 32.13
PA TPP M . -18.98 43.30 31.63
O1A TPP M . -18.26 42.38 30.67
O2A TPP M . -18.16 43.61 32.85
O3A TPP M . -19.64 44.46 30.78
PB TPP M . -20.22 45.83 31.41
O1B TPP M . -21.65 45.97 30.92
O2B TPP M . -19.38 46.93 30.84
O3B TPP M . -19.94 45.61 32.87
PA FAD N . -26.89 41.33 10.28
O1A FAD N . -25.48 41.67 9.85
O2A FAD N . -27.08 40.09 11.11
O5B FAD N . -27.91 41.19 9.08
C5B FAD N . -27.48 41.29 7.71
C4B FAD N . -28.74 41.12 6.85
O4B FAD N . -28.49 41.40 5.48
C3B FAD N . -29.25 39.72 6.87
O3B FAD N . -30.66 39.88 6.69
C2B FAD N . -28.63 39.10 5.59
O2B FAD N . -29.40 38.05 5.03
C1B FAD N . -28.75 40.26 4.64
N9A FAD N . -27.67 40.33 3.65
C8A FAD N . -26.38 39.96 3.82
N7A FAD N . -25.74 40.23 2.70
C5A FAD N . -26.60 40.80 1.83
C6A FAD N . -26.50 41.33 0.55
N6A FAD N . -25.32 41.31 -0.09
N1A FAD N . -27.61 41.86 -0.05
C2A FAD N . -28.78 41.88 0.58
N3A FAD N . -28.88 41.38 1.82
C4A FAD N . -27.81 40.86 2.45
N1 FAD N . -28.44 46.95 17.39
C2 FAD N . -29.11 48.10 17.14
O2 FAD N . -29.27 48.49 15.97
N3 FAD N . -29.64 48.87 18.12
C4 FAD N . -29.51 48.47 19.39
O4 FAD N . -30.01 49.19 20.26
C4X FAD N . -28.80 47.30 19.70
N5 FAD N . -28.64 46.86 20.97
C5X FAD N . -27.67 45.94 21.25
C6 FAD N . -27.23 45.79 22.54
C7 FAD N . -26.23 44.85 22.80
C7M FAD N . -25.72 44.69 24.21
C8 FAD N . -25.68 44.05 21.77
C8M FAD N . -24.59 43.03 22.12
C9 FAD N . -26.15 44.22 20.46
C9A FAD N . -27.13 45.16 20.20
N10 FAD N . -27.60 45.36 18.94
C10 FAD N . -28.28 46.52 18.66
C1' FAD N . -27.10 44.58 17.78
C2' FAD N . -28.39 43.88 17.27
O2' FAD N . -28.72 42.85 18.21
C3' FAD N . -28.36 43.26 15.88
O3' FAD N . -27.26 42.36 15.76
C4' FAD N . -28.18 44.29 14.81
O4' FAD N . -29.11 45.36 15.02
C5' FAD N . -28.32 43.64 13.44
O5' FAD N . -27.63 44.44 12.47
P FAD N . -27.78 44.03 10.90
O1P FAD N . -26.67 44.57 10.05
O2P FAD N . -29.22 44.14 10.41
O3P FAD N . -27.48 42.49 11.20
MG MG O . -18.23 45.62 33.75
P PO4 P . -8.33 13.22 24.15
O1 PO4 P . -8.80 13.91 22.89
O2 PO4 P . -8.61 13.86 25.51
O3 PO4 P . -6.82 13.18 24.05
O4 PO4 P . -8.82 11.80 24.08
P PO4 Q . -26.64 31.89 -2.50
O1 PO4 Q . -27.26 31.54 -3.86
O2 PO4 Q . -27.25 31.04 -1.40
O3 PO4 Q . -26.95 33.36 -2.15
O4 PO4 Q . -25.12 31.75 -2.60
P PO4 R . -19.45 59.46 14.93
O1 PO4 R . -20.97 59.45 15.04
O2 PO4 R . -19.11 58.91 13.57
O3 PO4 R . -18.88 60.87 15.07
O4 PO4 R . -18.78 58.66 16.04
P PO4 S . 6.37 44.33 32.05
O1 PO4 S . 5.04 44.61 31.42
O2 PO4 S . 6.97 43.16 31.29
O3 PO4 S . 7.17 45.61 32.04
O4 PO4 S . 6.21 43.82 33.46
P PO4 T . -6.10 16.68 -7.30
O1 PO4 T . -7.06 16.20 -8.35
O2 PO4 T . -6.78 16.68 -5.94
O3 PO4 T . -5.62 18.07 -7.68
O4 PO4 T . -4.95 15.70 -7.24
P PO4 U . -17.91 46.51 -9.26
O1 PO4 U . -18.66 45.19 -9.11
O2 PO4 U . -18.32 47.52 -8.22
O3 PO4 U . -18.15 47.04 -10.66
O4 PO4 U . -16.41 46.29 -9.08
N1' TPP V . -9.59 19.90 25.46
C2' TPP V . -10.48 19.64 26.49
CM2 TPP V . -11.48 20.70 26.90
N3' TPP V . -10.45 18.42 27.10
C4' TPP V . -9.57 17.47 26.67
N4' TPP V . -9.60 16.28 27.31
C5' TPP V . -8.65 17.78 25.63
C6' TPP V . -8.70 19.01 25.04
C7' TPP V . -7.60 16.82 25.11
N3 TPP V . -6.56 16.83 26.13
C2 TPP V . -6.55 15.90 27.12
S1 TPP V . -5.27 16.09 28.32
C5 TPP V . -4.69 17.45 27.42
C4 TPP V . -5.53 17.73 26.22
CM4 TPP V . -5.19 18.86 25.27
C6 TPP V . -3.45 18.11 27.93
C7 TPP V . -3.64 18.46 29.40
O7 TPP V . -2.92 19.65 29.70
PA TPP V . -2.59 20.02 31.21
O1A TPP V . -3.82 20.62 31.84
O2A TPP V . -1.40 20.90 31.28
O3A TPP V . -2.28 18.58 31.85
PB TPP V . -0.90 17.76 31.68
O1B TPP V . -1.21 16.42 31.04
O2B TPP V . -0.29 17.83 33.06
O3B TPP V . -0.15 18.58 30.67
PA FAD W . -18.89 5.10 37.21
O1A FAD W . -18.87 5.87 38.51
O2A FAD W . -19.41 5.80 36.03
O5B FAD W . -19.58 3.68 37.26
C5B FAD W . -20.65 3.50 38.21
C4B FAD W . -21.52 2.28 37.85
O4B FAD W . -22.19 1.76 39.00
C3B FAD W . -22.61 2.63 36.87
O3B FAD W . -22.65 1.55 35.96
C2B FAD W . -23.86 2.67 37.73
O2B FAD W . -25.01 2.32 36.95
C1B FAD W . -23.59 1.68 38.84
N9A FAD W . -24.14 1.97 40.21
C8A FAD W . -24.29 3.16 40.80
N7A FAD W . -24.84 3.00 42.04
C5A FAD W . -25.01 1.68 42.22
C6A FAD W . -25.47 0.96 43.31
N6A FAD W . -25.86 1.64 44.41
N1A FAD W . -25.52 -0.42 43.22
C2A FAD W . -25.11 -1.03 42.10
N3A FAD W . -24.66 -0.33 41.01
C4A FAD W . -24.58 1.02 41.08
N1 FAD W . -10.02 4.58 34.65
C2 FAD W . -9.42 3.38 34.89
O2 FAD W . -9.95 2.51 35.64
N3 FAD W . -8.25 3.08 34.29
C4 FAD W . -7.62 3.98 33.50
O4 FAD W . -6.49 3.66 32.99
C4X FAD W . -8.22 5.25 33.30
N5 FAD W . -7.68 6.19 32.50
C5X FAD W . -8.11 7.47 32.57
C6 FAD W . -7.33 8.52 32.07
C7 FAD W . -7.81 9.82 32.17
C7M FAD W . -7.03 11.00 31.65
C8 FAD W . -9.03 10.06 32.76
C8M FAD W . -9.50 11.51 32.83
C9 FAD W . -9.80 9.03 33.26
C9A FAD W . -9.33 7.72 33.17
N10 FAD W . -10.06 6.69 33.66
C10 FAD W . -9.45 5.51 33.87
C1' FAD W . -11.38 6.91 34.30
C2' FAD W . -12.37 6.10 33.40
O2' FAD W . -12.63 6.74 32.16
C3' FAD W . -13.73 5.91 34.04
O3' FAD W . -14.04 7.21 34.52
C4' FAD W . -13.70 4.92 35.20
O4' FAD W . -12.85 3.80 34.90
C5' FAD W . -15.10 4.36 35.51
O5' FAD W . -15.20 4.09 36.91
P FAD W . -16.56 3.46 37.54
O1P FAD W . -16.58 3.72 39.04
O2P FAD W . -16.76 2.14 36.86
O3P FAD W . -17.45 4.59 36.84
MG MG X . 0.55 20.38 31.75
P PO4 Y . -29.15 39.26 28.82
O1 PO4 Y . -30.12 39.60 27.70
O2 PO4 Y . -29.64 38.17 29.77
O3 PO4 Y . -28.94 40.49 29.71
O4 PO4 Y . -27.83 39.02 28.10
P PO4 Z . -16.99 7.52 51.33
O1 PO4 Z . -17.67 6.33 50.68
O2 PO4 Z . -17.39 7.52 52.80
O3 PO4 Z . -17.41 8.82 50.67
O4 PO4 Z . -15.50 7.39 51.17
P PO4 AA . -34.30 3.88 40.29
O1 PO4 AA . -35.46 2.95 39.93
O2 PO4 AA . -33.87 4.61 39.03
O3 PO4 AA . -34.76 4.90 41.33
O4 PO4 AA . -33.15 3.03 40.86
N1' TPP BA . -55.34 11.15 13.67
C2' TPP BA . -54.70 10.19 14.35
CM2 TPP BA . -53.69 9.37 13.63
N3' TPP BA . -54.96 9.95 15.65
C4' TPP BA . -55.89 10.69 16.30
N4' TPP BA . -56.06 10.37 17.60
C5' TPP BA . -56.60 11.70 15.60
C6' TPP BA . -56.29 11.90 14.26
C7' TPP BA . -57.68 12.62 16.17
N3 TPP BA . -58.86 11.77 16.40
C2 TPP BA . -59.03 11.14 17.61
S1 TPP BA . -60.47 10.11 17.67
C5 TPP BA . -60.81 10.50 16.02
C4 TPP BA . -59.83 11.46 15.46
CM4 TPP BA . -60.00 11.94 14.06
C6 TPP BA . -62.03 9.91 15.41
C7 TPP BA . -61.81 8.43 15.14
O7 TPP BA . -62.67 7.94 14.06
PA TPP BA . -63.14 6.39 14.12
O1A TPP BA . -64.09 6.22 13.00
O2A TPP BA . -62.01 5.40 14.06
O3A TPP BA . -63.67 6.22 15.64
PB TPP BA . -65.13 6.80 16.13
O1B TPP BA . -65.76 7.34 14.85
O2B TPP BA . -64.88 7.80 17.23
O3B TPP BA . -65.85 5.59 16.64
PA FAD CA . -49.67 3.42 32.34
O1A FAD CA . -49.85 1.95 31.97
O2A FAD CA . -49.14 4.37 31.30
O5B FAD CA . -48.92 3.65 33.72
C5B FAD CA . -48.19 2.63 34.37
C4B FAD CA . -47.63 3.40 35.53
O4B FAD CA . -47.23 2.45 36.51
C3B FAD CA . -46.35 4.14 35.20
O3B FAD CA . -46.33 5.32 36.03
C2B FAD CA . -45.23 3.16 35.59
O2B FAD CA . -44.02 3.81 36.01
C1B FAD CA . -45.85 2.48 36.81
N9A FAD CA . -45.44 1.08 37.00
C8A FAD CA . -45.27 0.17 36.06
N7A FAD CA . -44.91 -1.01 36.62
C5A FAD CA . -44.86 -0.80 37.95
C6A FAD CA . -44.61 -1.59 39.06
N6A FAD CA . -44.28 -2.89 38.94
N1A FAD CA . -44.68 -1.06 40.31
C2A FAD CA . -44.98 0.22 40.49
N3A FAD CA . -45.23 0.98 39.42
C4A FAD CA . -45.20 0.52 38.17
N1 FAD CA . -58.08 6.94 30.86
C2 FAD CA . -58.89 7.17 31.93
O2 FAD CA . -58.60 6.65 33.04
N3 FAD CA . -59.98 8.00 31.85
C4 FAD CA . -60.33 8.56 30.68
O4 FAD CA . -61.37 9.29 30.63
C4X FAD CA . -59.50 8.32 29.56
N5 FAD CA . -59.76 8.87 28.35
C5X FAD CA . -59.22 8.35 27.23
C6 FAD CA . -59.80 8.64 26.03
C7 FAD CA . -59.23 8.09 24.89
C7M FAD CA . -59.82 8.37 23.50
C8 FAD CA . -58.09 7.28 24.99
C8M FAD CA . -57.54 6.74 23.69
C9 FAD CA . -57.51 6.99 26.22
C9A FAD CA . -58.10 7.53 27.33
N10 FAD CA . -57.60 7.32 28.58
C10 FAD CA . -58.37 7.54 29.67
C1' FAD CA . -56.40 6.50 28.78
C2' FAD CA . -55.35 7.47 29.41
O2' FAD CA . -54.83 8.36 28.41
C3' FAD CA . -54.14 6.79 30.02
O3' FAD CA . -53.67 5.91 29.00
C4' FAD CA . -54.48 5.96 31.23
O4' FAD CA . -55.49 6.68 32.01
C5' FAD CA . -53.22 5.71 32.05
O5' FAD CA . -53.37 4.43 32.67
P FAD CA . -52.24 3.91 33.68
O1P FAD CA . -52.33 2.48 34.07
O2P FAD CA . -52.10 5.02 34.67
O3P FAD CA . -51.08 4.14 32.59
MG MG DA . -66.26 6.32 13.38
P PO4 EA . -34.61 0.05 -0.84
O1 PO4 EA . -35.84 0.90 -1.18
O2 PO4 EA . -34.65 -1.18 -1.72
O3 PO4 EA . -33.43 0.92 -1.26
O4 PO4 EA . -34.43 -0.56 0.55
P PO4 FA . -22.45 2.11 -3.77
O1 PO4 FA . -22.71 2.41 -5.23
O2 PO4 FA . -23.31 2.98 -2.87
O3 PO4 FA . -20.96 2.35 -3.51
O4 PO4 FA . -22.78 0.65 -3.49
N1' TPP GA . -40.81 0.57 2.28
C2' TPP GA . -40.99 1.85 1.88
CM2 TPP GA . -41.94 2.65 2.70
N3' TPP GA . -40.29 2.36 0.83
C4' TPP GA . -39.41 1.53 0.17
N4' TPP GA . -38.70 2.00 -0.88
C5' TPP GA . -39.27 0.18 0.57
C6' TPP GA . -39.99 -0.29 1.63
C7' TPP GA . -38.32 -0.81 -0.09
N3 TPP GA . -38.88 -1.16 -1.38
C2 TPP GA . -38.53 -0.52 -2.51
S1 TPP GA . -39.42 -1.11 -3.88
C5 TPP GA . -40.28 -2.20 -2.86
C4 TPP GA . -39.83 -2.11 -1.48
CM4 TPP GA . -40.39 -2.98 -0.39
C6 TPP GA . -41.29 -3.13 -3.44
C7 TPP GA . -42.17 -2.36 -4.42
O7 TPP GA . -43.42 -3.06 -4.42
PA TPP GA . -44.59 -2.72 -5.41
O1A TPP GA . -45.44 -3.93 -5.42
O2A TPP GA . -45.25 -1.46 -5.03
O3A TPP GA . -43.87 -2.40 -6.81
PB TPP GA . -43.10 -3.39 -7.81
O1B TPP GA . -43.72 -3.11 -9.14
O2B TPP GA . -41.65 -3.01 -7.87
O3B TPP GA . -43.37 -4.73 -7.20
PA FAD HA . -33.66 17.36 -8.35
O1A FAD HA . -34.93 17.85 -9.03
O2A FAD HA . -33.76 17.01 -6.91
O5B FAD HA . -32.48 18.39 -8.55
C5B FAD HA . -32.69 19.74 -8.91
C4B FAD HA . -31.31 20.39 -8.75
O4B FAD HA . -31.28 21.63 -9.42
C3B FAD HA . -30.93 20.76 -7.32
O3B FAD HA . -29.51 20.68 -7.24
C2B FAD HA . -31.34 22.25 -7.24
O2B FAD HA . -30.54 23.00 -6.39
C1B FAD HA . -31.01 22.77 -8.58
N9A FAD HA . -31.92 23.80 -9.08
C8A FAD HA . -33.26 23.89 -8.90
N7A FAD HA . -33.74 24.96 -9.61
C5A FAD HA . -32.70 25.48 -10.28
C6A FAD HA . -32.55 26.54 -11.18
N6A FAD HA . -33.61 27.25 -11.48
N1A FAD HA . -31.34 26.82 -11.74
C2A FAD HA . -30.28 26.09 -11.36
N3A FAD HA . -30.39 25.06 -10.49
C4A FAD HA . -31.56 24.75 -9.94
N1 FAD HA . -32.66 8.59 -11.39
C2 FAD HA . -31.85 8.47 -12.45
O2 FAD HA . -31.49 9.48 -13.10
N3 FAD HA . -31.39 7.26 -12.80
C4 FAD HA . -31.75 6.16 -12.16
O4 FAD HA . -31.27 5.06 -12.57
C4X FAD HA . -32.59 6.28 -11.03
N5 FAD HA . -32.98 5.20 -10.28
C5X FAD HA . -34.11 5.35 -9.50
C6 FAD HA . -34.82 4.23 -9.07
C7 FAD HA . -35.95 4.38 -8.28
C7M FAD HA . -36.72 3.16 -7.81
C8 FAD HA . -36.36 5.67 -7.93
C8M FAD HA . -37.57 5.87 -7.08
C9 FAD HA . -35.67 6.78 -8.36
C9A FAD HA . -34.54 6.63 -9.15
N10 FAD HA . -33.87 7.73 -9.60
C10 FAD HA . -33.04 7.55 -10.67
C1' FAD HA . -34.30 9.10 -9.24
C2' FAD HA . -33.06 9.68 -8.54
O2' FAD HA . -33.00 9.10 -7.20
C3' FAD HA . -33.01 11.20 -8.41
O3' FAD HA . -34.19 11.70 -7.79
C4' FAD HA . -32.83 11.91 -9.73
O4' FAD HA . -31.82 11.30 -10.54
C5' FAD HA . -32.47 13.34 -9.44
O5' FAD HA . -32.83 14.13 -10.58
P FAD HA . -32.65 15.73 -10.59
O1P FAD HA . -33.57 16.36 -11.60
O2P FAD HA . -31.16 16.00 -10.61
O3P FAD HA . -33.17 15.98 -9.09
MG MG IA . -45.37 -5.33 -7.28
P PO4 JA . -54.10 43.58 6.94
O1 PO4 JA . -55.17 43.23 5.94
O2 PO4 JA . -53.89 42.37 7.80
O3 PO4 JA . -54.49 44.74 7.85
O4 PO4 JA . -52.85 43.99 6.20
P PO4 KA . -57.44 14.60 19.40
O1 PO4 KA . -58.94 14.73 19.17
O2 PO4 KA . -57.07 13.18 18.94
O3 PO4 KA . -56.84 15.76 18.61
O4 PO4 KA . -57.15 14.71 20.88
P PO4 LA . -39.12 8.79 -25.19
O1 PO4 LA . -39.51 8.45 -26.61
O2 PO4 LA . -40.00 7.99 -24.21
O3 PO4 LA . -39.39 10.28 -25.12
O4 PO4 LA . -37.63 8.49 -24.96
P PO4 MA . -48.54 9.89 -27.62
O1 PO4 MA . -50.05 9.76 -27.85
O2 PO4 MA . -47.79 8.71 -28.22
O3 PO4 MA . -47.95 11.16 -28.19
O4 PO4 MA . -48.40 9.90 -26.13
P PO4 NA . -27.57 0.33 -17.96
O1 PO4 NA . -28.54 0.73 -19.05
O2 PO4 NA . -28.08 -0.91 -17.24
O3 PO4 NA . -27.48 1.54 -17.05
O4 PO4 NA . -26.21 0.03 -18.57
P PO4 OA . -43.03 21.81 -18.06
O1 PO4 OA . -43.48 20.42 -18.42
O2 PO4 OA . -43.84 22.28 -16.86
O3 PO4 OA . -43.22 22.74 -19.25
O4 PO4 OA . -41.56 21.79 -17.71
P PO4 PA . -31.70 27.27 -2.56
O1 PO4 PA . -31.90 26.24 -3.65
O2 PO4 PA . -32.43 26.85 -1.27
O3 PO4 PA . -32.24 28.61 -3.08
O4 PO4 PA . -30.21 27.39 -2.30
N1' TPP QA . -16.45 -59.34 3.26
C2' TPP QA . -17.04 -58.18 2.93
CM2 TPP QA . -16.28 -56.89 3.07
N3' TPP QA . -18.31 -58.14 2.49
C4' TPP QA . -18.98 -59.31 2.36
N4' TPP QA . -20.24 -59.22 1.88
C5' TPP QA . -18.38 -60.52 2.70
C6' TPP QA . -17.09 -60.50 3.16
C7' TPP QA . -19.09 -61.87 2.63
N3 TPP QA . -20.10 -61.82 3.71
C2 TPP QA . -21.41 -61.54 3.49
S1 TPP QA . -22.45 -61.49 4.92
C5 TPP QA . -21.06 -61.88 5.87
C4 TPP QA . -19.85 -62.02 5.03
CM4 TPP QA . -18.54 -62.36 5.68
C6 TPP QA . -21.33 -62.02 7.34
C7 TPP QA . -21.90 -60.74 7.91
O7 TPP QA . -21.49 -60.72 9.28
PA TPP QA . -22.23 -59.83 10.40
O1A TPP QA . -21.85 -58.38 10.32
O2A TPP QA . -21.92 -60.51 11.72
O3A TPP QA . -23.77 -60.06 9.97
PB TPP QA . -24.68 -61.31 10.46
O1B TPP QA . -25.22 -62.06 9.25
O2B TPP QA . -25.68 -60.59 11.36
O3B TPP QA . -23.74 -62.22 11.27
PA FAD RA . -31.62 -50.03 -8.09
O1A FAD RA . -32.19 -49.03 -7.11
O2A FAD RA . -30.15 -49.99 -8.25
O5B FAD RA . -32.27 -49.84 -9.55
C5B FAD RA . -32.98 -48.66 -9.95
C4B FAD RA . -33.34 -48.84 -11.41
O4B FAD RA . -34.26 -47.83 -11.81
C3B FAD RA . -32.17 -48.70 -12.36
O3B FAD RA . -32.34 -49.62 -13.46
C2B FAD RA . -32.23 -47.26 -12.86
O2B FAD RA . -31.78 -47.16 -14.20
C1B FAD RA . -33.72 -47.04 -12.88
N9A FAD RA . -34.15 -45.65 -12.61
C8A FAD RA . -33.61 -44.78 -11.75
N7A FAD RA . -34.32 -43.64 -11.77
C5A FAD RA . -35.34 -43.84 -12.64
C6A FAD RA . -36.41 -43.08 -13.09
N6A FAD RA . -36.54 -41.83 -12.61
N1A FAD RA . -37.26 -43.57 -14.00
C2A FAD RA . -37.13 -44.81 -14.50
N3A FAD RA . -36.12 -45.58 -14.10
C4A FAD RA . -35.22 -45.11 -13.18
N1 FAD RA . -33.26 -57.64 -3.05
C2 FAD RA . -34.45 -58.26 -3.27
O2 FAD RA . -35.39 -57.69 -3.87
N3 FAD RA . -34.64 -59.54 -2.82
C4 FAD RA . -33.69 -60.22 -2.13
O4 FAD RA . -33.92 -61.37 -1.72
C4X FAD RA . -32.43 -59.59 -1.90
N5 FAD RA . -31.43 -60.22 -1.22
C5X FAD RA . -30.43 -59.45 -0.70
C6 FAD RA . -29.61 -59.95 0.32
C7 FAD RA . -28.57 -59.15 0.84
C7M FAD RA . -27.66 -59.66 1.92
C8 FAD RA . -28.37 -57.87 0.36
C8M FAD RA . -27.27 -57.00 0.94
C9 FAD RA . -29.22 -57.36 -0.65
C9A FAD RA . -30.24 -58.15 -1.19
N10 FAD RA . -31.05 -57.64 -2.15
C10 FAD RA . -32.24 -58.27 -2.38
C1' FAD RA . -30.84 -56.27 -2.67
C2' FAD RA . -30.72 -56.52 -4.19
O2' FAD RA . -29.45 -57.05 -4.51
C3' FAD RA . -30.91 -55.31 -5.11
O3' FAD RA . -30.08 -54.20 -4.76
C4' FAD RA . -32.38 -54.89 -5.26
O4' FAD RA . -33.12 -56.06 -5.58
C5' FAD RA . -32.44 -53.98 -6.47
O5' FAD RA . -33.29 -52.87 -6.19
P FAD RA . -33.68 -51.95 -7.42
O1P FAD RA . -34.47 -50.86 -6.84
O2P FAD RA . -34.24 -52.81 -8.54
O3P FAD RA . -32.15 -51.51 -7.81
MG MG SA . -23.36 -61.11 13.01
P PO4 TA . 1.27 -38.17 2.60
O1 PO4 TA . 0.32 -37.40 1.69
O2 PO4 TA . 0.74 -39.56 2.92
O3 PO4 TA . 1.38 -37.41 3.92
O4 PO4 TA . 2.65 -38.27 2.02
P PO4 UA . -44.66 -47.32 13.32
O1 PO4 UA . -46.05 -46.93 12.87
O2 PO4 UA . -44.62 -48.83 13.42
O3 PO4 UA . -44.29 -46.69 14.65
O4 PO4 UA . -43.66 -46.79 12.31
N1' TPP VA . -4.10 -42.43 4.81
C2' TPP VA . -3.36 -43.55 4.58
CM2 TPP VA . -4.01 -44.90 4.47
N3' TPP VA . -2.02 -43.48 4.47
C4' TPP VA . -1.34 -42.31 4.53
N4' TPP VA . 0.04 -42.32 4.39
C5' TPP VA . -2.06 -41.13 4.75
C6' TPP VA . -3.45 -41.24 4.87
C7' TPP VA . -1.36 -39.76 4.84
N3 TPP VA . -0.74 -39.70 6.16
C2 TPP VA . 0.56 -40.04 6.37
S1 TPP VA . 1.05 -39.94 8.05
C5 TPP VA . -0.53 -39.43 8.51
C4 TPP VA . -1.41 -39.36 7.32
CM4 TPP VA . -2.83 -38.97 7.48
C6 TPP VA . -0.72 -39.18 9.99
C7 TPP VA . -0.27 -40.41 10.79
O7 TPP VA . -1.03 -40.56 12.00
PA TPP VA . -0.67 -41.56 13.22
O1A TPP VA . -1.08 -42.99 12.96
O2A TPP VA . -1.25 -40.88 14.45
O3A TPP VA . 0.93 -41.45 13.24
PB TPP VA . 1.70 -40.14 13.76
O1B TPP VA . 0.61 -39.17 14.16
O2B TPP VA . 2.59 -39.57 12.68
O3B TPP VA . 2.37 -40.74 14.99
PA FAD WA . 13.56 -51.96 -1.39
O1A FAD WA . 13.49 -53.10 -0.38
O2A FAD WA . 12.37 -51.62 -2.24
O5B FAD WA . 14.69 -52.14 -2.51
C5B FAD WA . 15.37 -53.38 -2.69
C4B FAD WA . 16.20 -53.24 -3.96
O4B FAD WA . 17.09 -54.33 -4.01
C3B FAD WA . 15.39 -53.37 -5.23
O3B FAD WA . 15.94 -52.50 -6.24
C2B FAD WA . 15.53 -54.84 -5.59
O2B FAD WA . 15.49 -55.07 -6.99
C1B FAD WA . 16.93 -55.09 -5.20
N9A FAD WA . 17.23 -56.46 -4.77
C8A FAD WA . 16.46 -57.32 -4.04
N7A FAD WA . 17.13 -58.48 -3.86
C5A FAD WA . 18.37 -58.32 -4.43
C6A FAD WA . 19.48 -59.14 -4.57
N6A FAD WA . 19.47 -60.37 -4.03
N1A FAD WA . 20.54 -58.68 -5.24
C2A FAD WA . 20.56 -57.45 -5.80
N3A FAD WA . 19.50 -56.63 -5.70
C4A FAD WA . 18.40 -57.06 -5.03
N1 FAD WA . 13.74 -44.19 3.67
C2 FAD WA . 14.93 -43.57 3.76
O2 FAD WA . 16.02 -44.19 3.45
N3 FAD WA . 15.02 -42.29 4.16
C4 FAD WA . 13.91 -41.61 4.51
O4 FAD WA . 14.03 -40.43 4.93
C4X FAD WA . 12.66 -42.19 4.42
N5 FAD WA . 11.52 -41.50 4.76
C5X FAD WA . 10.40 -42.26 4.98
C6 FAD WA . 9.31 -41.75 5.67
C7 FAD WA . 8.18 -42.55 5.89
C7M FAD WA . 6.99 -42.00 6.65
C8 FAD WA . 8.15 -43.87 5.42
C8M FAD WA . 6.94 -44.73 5.67
C9 FAD WA . 9.24 -44.40 4.75
C9A FAD WA . 10.36 -43.60 4.53
N10 FAD WA . 11.41 -44.16 3.88
C10 FAD WA . 12.60 -43.53 3.98
C1' FAD WA . 11.31 -45.55 3.38
C2' FAD WA . 11.50 -45.41 1.87
O2' FAD WA . 10.29 -44.99 1.27
C3' FAD WA . 11.94 -46.64 1.09
O3' FAD WA . 11.11 -47.72 1.48
C4' FAD WA . 13.39 -47.06 1.36
O4' FAD WA . 14.31 -45.98 1.20
C5' FAD WA . 13.75 -48.15 0.39
O5' FAD WA . 14.84 -48.92 0.91
P FAD WA . 15.38 -50.13 -0.03
O1P FAD WA . 15.85 -51.16 0.95
O2P FAD WA . 16.21 -49.55 -1.11
O3P FAD WA . 13.98 -50.57 -0.71
MG MG XA . -0.24 -39.86 15.93
P PO4 YA . -21.18 -63.44 -0.26
O1 PO4 YA . -22.11 -63.47 -1.46
O2 PO4 YA . -21.89 -64.10 0.91
O3 PO4 YA . -20.92 -62.01 0.18
O4 PO4 YA . -19.93 -64.22 -0.59
P PO4 ZA . 18.66 -61.02 8.58
O1 PO4 ZA . 17.16 -61.18 8.69
O2 PO4 ZA . 19.08 -60.43 7.23
O3 PO4 ZA . 19.05 -60.05 9.68
O4 PO4 ZA . 19.34 -62.38 8.74
N1' TPP AB . -6.64 -61.94 -38.95
C2' TPP AB . -5.44 -61.67 -38.40
CM2 TPP AB . -4.96 -60.24 -38.31
N3' TPP AB . -4.67 -62.69 -37.94
C4' TPP AB . -5.07 -63.98 -38.00
N4' TPP AB . -4.27 -64.96 -37.51
C5' TPP AB . -6.33 -64.26 -38.58
C6' TPP AB . -7.09 -63.20 -39.05
C7' TPP AB . -6.87 -65.68 -38.76
N3 TPP AB . -6.19 -66.26 -39.93
C2 TPP AB . -5.09 -67.06 -39.84
S1 TPP AB . -4.43 -67.64 -41.36
C5 TPP AB . -5.68 -66.80 -42.17
C4 TPP AB . -6.58 -66.09 -41.23
CM4 TPP AB . -7.75 -65.31 -41.73
C6 TPP AB . -5.64 -66.95 -43.67
C7 TPP AB . -4.25 -66.67 -44.16
O7 TPP AB . -4.40 -66.16 -45.50
PA TPP AB . -3.03 -65.87 -46.29
O1A TPP AB . -3.34 -65.74 -47.75
O2A TPP AB . -2.14 -64.80 -45.78
O3A TPP AB . -2.29 -67.25 -45.98
PB TPP AB . -2.61 -68.72 -46.62
O1B TPP AB . -3.92 -68.55 -47.42
O2B TPP AB . -2.81 -69.60 -45.41
O3B TPP AB . -1.34 -68.79 -47.45
PA FAD BB . 9.72 -68.53 -27.43
O1A FAD BB . 10.79 -67.93 -28.34
O2A FAD BB . 8.49 -67.71 -27.11
O5B FAD BB . 10.21 -69.11 -26.03
C5B FAD BB . 11.50 -68.85 -25.51
C4B FAD BB . 11.44 -69.51 -24.13
O4B FAD BB . 12.78 -69.55 -23.69
C3B FAD BB . 10.72 -68.66 -23.09
O3B FAD BB . 10.13 -69.55 -22.14
C2B FAD BB . 11.83 -67.78 -22.48
O2B FAD BB . 11.61 -67.49 -21.10
C1B FAD BB . 13.01 -68.75 -22.53
N9A FAD BB . 14.36 -68.14 -22.75
C8A FAD BB . 14.70 -67.12 -23.57
N7A FAD BB . 16.02 -66.91 -23.51
C5A FAD BB . 16.52 -67.84 -22.63
C6A FAD BB . 17.81 -68.16 -22.16
N6A FAD BB . 18.87 -67.45 -22.59
N1A FAD BB . 17.98 -69.17 -21.28
C2A FAD BB . 16.93 -69.89 -20.85
N3A FAD BB . 15.66 -69.61 -21.27
C4A FAD BB . 15.45 -68.61 -22.16
N1 FAD BB . 5.08 -74.26 -33.09
C2 FAD BB . 5.32 -75.61 -32.98
O2 FAD BB . 6.36 -76.08 -32.43
N3 FAD BB . 4.43 -76.50 -33.50
C4 FAD BB . 3.31 -76.06 -34.13
O4 FAD BB . 2.51 -76.91 -34.58
C4X FAD BB . 3.06 -74.67 -34.24
N5 FAD BB . 1.95 -74.20 -34.84
C5X FAD BB . 1.96 -72.94 -35.34
C6 FAD BB . 1.08 -72.59 -36.35
C7 FAD BB . 1.10 -71.30 -36.87
C7M FAD BB . 0.13 -70.95 -37.99
C8 FAD BB . 2.00 -70.35 -36.34
C8M FAD BB . 1.99 -68.94 -36.89
C9 FAD BB . 2.88 -70.71 -35.30
C9A FAD BB . 2.86 -72.01 -34.79
N10 FAD BB . 3.70 -72.41 -33.80
C10 FAD BB . 3.96 -73.76 -33.69
C1' FAD BB . 4.62 -71.44 -33.22
C2' FAD BB . 4.21 -71.49 -31.72
O2' FAD BB . 2.95 -70.85 -31.52
C3' FAD BB . 5.20 -70.89 -30.74
O3' FAD BB . 5.49 -69.55 -31.15
C4' FAD BB . 6.48 -71.71 -30.64
O4' FAD BB . 6.17 -73.10 -30.69
C5' FAD BB . 7.14 -71.58 -29.28
O5' FAD BB . 8.54 -71.62 -29.59
P FAD BB . 9.64 -71.29 -28.47
O1P FAD BB . 10.96 -71.15 -29.21
O2P FAD BB . 9.35 -72.13 -27.25
O3P FAD BB . 9.04 -69.80 -28.17
MG MG CB . -3.31 -67.51 -49.06
P PO4 DB . 26.08 -36.42 -20.46
O1 PO4 DB . 24.59 -36.51 -20.61
O2 PO4 DB . 26.72 -36.58 -21.82
O3 PO4 DB . 26.40 -35.08 -19.84
O4 PO4 DB . 26.60 -37.55 -19.59
P PO4 EB . -1.79 -34.84 -35.80
O1 PO4 EB . -2.91 -35.57 -36.55
O2 PO4 EB . -2.48 -33.85 -34.88
O3 PO4 EB . -0.93 -34.09 -36.80
O4 PO4 EB . -0.81 -35.70 -35.03
P PO4 FB . 22.04 -67.87 -34.94
O1 PO4 FB . 21.47 -68.59 -36.15
O2 PO4 FB . 21.86 -68.78 -33.73
O3 PO4 FB . 21.29 -66.58 -34.73
O4 PO4 FB . 23.51 -67.52 -35.14
N1' TPP GB . -1.54 -41.35 -38.42
C2' TPP GB . -2.87 -41.55 -38.30
CM2 TPP GB . -3.38 -42.98 -38.29
N3' TPP GB . -3.70 -40.48 -38.17
C4' TPP GB . -3.20 -39.22 -38.17
N4' TPP GB . -4.09 -38.22 -38.03
C5' TPP GB . -1.81 -39.02 -38.31
C6' TPP GB . -0.99 -40.12 -38.44
C7' TPP GB . -1.13 -37.66 -38.36
N3 TPP GB . -1.48 -37.09 -39.66
C2 TPP GB . -2.62 -36.35 -39.86
S1 TPP GB . -2.85 -35.73 -41.51
C5 TPP GB . -1.36 -36.51 -41.93
C4 TPP GB . -0.74 -37.23 -40.81
CM4 TPP GB . 0.55 -37.98 -40.99
C6 TPP GB . -0.94 -36.40 -43.37
C7 TPP GB . -2.09 -36.95 -44.24
O7 TPP GB . -1.61 -37.54 -45.47
PA TPP GB . -2.61 -37.56 -46.73
O1A TPP GB . -3.61 -38.66 -46.53
O2A TPP GB . -1.74 -37.64 -47.97
O3A TPP GB . -3.55 -36.29 -46.73
PB TPP GB . -3.08 -34.80 -47.12
O1B TPP GB . -4.07 -34.41 -48.20
O2B TPP GB . -3.15 -33.92 -45.89
O3B TPP GB . -1.64 -35.04 -47.52
PA FAD HB . -20.32 -34.37 -32.50
O1A FAD HB . -21.16 -35.07 -33.56
O2A FAD HB . -19.24 -35.12 -31.81
O5B FAD HB . -21.23 -33.66 -31.37
C5B FAD HB . -22.60 -34.04 -31.28
C4B FAD HB . -23.08 -33.51 -29.93
O4B FAD HB . -24.50 -33.44 -29.90
C3B FAD HB . -22.67 -34.37 -28.75
O3B FAD HB . -22.41 -33.48 -27.67
C2B FAD HB . -23.93 -35.19 -28.44
O2B FAD HB . -24.10 -35.57 -27.07
C1B FAD HB . -25.01 -34.24 -28.81
N9A FAD HB . -26.19 -34.90 -29.38
C8A FAD HB . -26.32 -35.93 -30.24
N7A FAD HB . -27.63 -36.09 -30.50
C5A FAD HB . -28.32 -35.10 -29.84
C6A FAD HB . -29.64 -34.71 -29.73
N6A FAD HB . -30.65 -35.36 -30.39
N1A FAD HB . -29.93 -33.64 -28.93
C2A FAD HB . -28.99 -32.97 -28.30
N3A FAD HB . -27.70 -33.30 -28.40
C4A FAD HB . -27.38 -34.36 -29.15
N1 FAD HB . -14.30 -29.01 -36.77
C2 FAD HB . -14.63 -27.69 -36.85
O2 FAD HB . -15.82 -27.30 -36.61
N3 FAD HB . -13.69 -26.77 -37.19
C4 FAD HB . -12.43 -27.15 -37.48
O4 FAD HB . -11.59 -26.26 -37.78
C4X FAD HB . -12.04 -28.50 -37.42
N5 FAD HB . -10.77 -28.94 -37.68
C5X FAD HB . -10.63 -30.25 -38.03
C6 FAD HB . -9.51 -30.67 -38.77
C7 FAD HB . -9.37 -31.99 -39.14
C7M FAD HB . -8.16 -32.42 -39.92
C8 FAD HB . -10.36 -32.94 -38.82
C8M FAD HB . -10.18 -34.39 -39.27
C9 FAD HB . -11.50 -32.52 -38.10
C9A FAD HB . -11.63 -31.18 -37.70
N10 FAD HB . -12.70 -30.74 -37.00
C10 FAD HB . -13.03 -29.43 -37.05
C1' FAD HB . -13.78 -31.64 -36.58
C2' FAD HB . -13.80 -31.45 -35.06
O2' FAD HB . -12.70 -32.18 -34.52
C3' FAD HB . -15.05 -31.96 -34.40
O3' FAD HB . -15.24 -33.24 -34.95
C4' FAD HB . -16.31 -31.16 -34.75
O4' FAD HB . -16.09 -29.72 -34.58
C5' FAD HB . -17.41 -31.62 -33.81
O5' FAD HB . -18.63 -31.42 -34.47
P FAD HB . -19.99 -31.68 -33.65
O1P FAD HB . -21.20 -31.71 -34.49
O2P FAD HB . -20.02 -30.90 -32.34
O3P FAD HB . -19.57 -33.18 -33.29
MG MG IB . -1.03 -36.10 -49.13
P PO4 JB . -30.27 -35.27 -42.73
O1 PO4 JB . -31.64 -34.96 -43.32
O2 PO4 JB . -30.35 -36.67 -42.16
O3 PO4 JB . -29.95 -34.29 -41.59
O4 PO4 JB . -29.20 -35.18 -43.83
P PO4 KB . -6.96 -68.12 -35.98
O1 PO4 KB . -8.37 -67.70 -35.64
O2 PO4 KB . -7.00 -69.11 -37.12
O3 PO4 KB . -6.13 -66.97 -36.50
O4 PO4 KB . -6.29 -68.79 -34.77
N1' TPP LB . 32.69 56.38 2.15
C2' TPP LB . 32.52 55.97 0.85
CM2 TPP LB . 33.72 55.70 -0.02
N3' TPP LB . 31.29 55.82 0.28
C4' TPP LB . 30.19 56.07 1.02
N4' TPP LB . 28.97 55.91 0.45
C5' TPP LB . 30.35 56.47 2.37
C6' TPP LB . 31.62 56.63 2.91
C7' TPP LB . 29.16 56.77 3.24
N3 TPP LB . 28.52 58.01 2.75
C2 TPP LB . 27.50 58.02 1.85
S1 TPP LB . 26.85 59.62 1.42
C5 TPP LB . 28.06 60.30 2.48
C4 TPP LB . 28.88 59.27 3.15
CM4 TPP LB . 29.96 59.63 4.13
C6 TPP LB . 28.08 61.79 2.59
C7 TPP LB . 28.27 62.37 1.20
O7 TPP LB . 28.94 63.62 1.30
PA TPP LB . 28.96 64.57 0.00
O1A TPP LB . 29.91 64.04 -1.08
O2A TPP LB . 29.28 65.97 0.47
O3A TPP LB . 27.42 64.44 -0.44
PB TPP LB . 26.19 65.17 0.30
O1B TPP LB . 25.26 64.08 0.71
O2B TPP LB . 25.70 66.09 -0.80
O3B TPP LB . 26.71 65.99 1.46
PA FAD MB . 20.67 47.38 -12.72
O1A FAD MB . 21.20 48.18 -13.87
O2A FAD MB . 21.63 46.77 -11.78
O5B FAD MB . 19.68 46.29 -13.29
C5B FAD MB . 19.81 45.72 -14.60
C4B FAD MB . 19.00 44.43 -14.50
O4B FAD MB . 18.42 44.06 -15.75
C3B FAD MB . 19.86 43.28 -14.04
O3B FAD MB . 19.02 42.38 -13.31
C2B FAD MB . 20.30 42.67 -15.36
O2B FAD MB . 20.57 41.27 -15.22
C1B FAD MB . 19.05 42.84 -16.22
N9A FAD MB . 19.33 43.06 -17.67
C8A FAD MB . 20.36 43.73 -18.22
N7A FAD MB . 20.17 43.72 -19.57
C5A FAD MB . 18.99 43.07 -19.85
C6A FAD MB . 18.27 42.78 -21.02
N6A FAD MB . 18.76 43.15 -22.22
N1A FAD MB . 17.09 42.08 -20.95
C2A FAD MB . 16.63 41.68 -19.74
N3A FAD MB . 17.30 41.97 -18.60
C4A FAD MB . 18.47 42.65 -18.64
N1 FAD MB . 17.24 53.43 -6.65
C2 FAD MB . 15.88 53.54 -6.53
O2 FAD MB . 15.12 53.10 -7.42
N3 FAD MB . 15.27 54.14 -5.48
C4 FAD MB . 16.02 54.67 -4.47
O4 FAD MB . 15.45 55.24 -3.49
C4X FAD MB . 17.43 54.54 -4.54
N5 FAD MB . 18.22 55.05 -3.55
C5X FAD MB . 19.52 55.26 -3.84
C6 FAD MB . 20.26 56.11 -3.05
C7 FAD MB . 21.61 56.35 -3.32
C7M FAD MB . 22.36 57.31 -2.43
C8 FAD MB . 22.20 55.71 -4.40
C8M FAD MB . 23.67 55.95 -4.72
C9 FAD MB . 21.46 54.86 -5.18
C9A FAD MB . 20.12 54.60 -4.91
N10 FAD MB . 19.38 53.77 -5.69
C10 FAD MB . 18.03 53.88 -5.64
C1' FAD MB . 19.99 53.08 -6.85
C2' FAD MB . 19.70 51.61 -6.56
O2' FAD MB . 20.51 51.16 -5.48
C3' FAD MB . 19.98 50.67 -7.71
O3' FAD MB . 21.28 50.98 -8.21
C4' FAD MB . 18.87 50.82 -8.75
O4' FAD MB . 17.59 51.01 -8.12
C5' FAD MB . 18.78 49.56 -9.60
O5' FAD MB . 18.33 49.94 -10.92
P FAD MB . 18.19 48.81 -12.05
O1P FAD MB . 18.00 49.61 -13.29
O2P FAD MB . 17.14 47.84 -11.56
O3P FAD MB . 19.69 48.24 -11.78
MG MG NB . 28.07 67.57 1.22
P PO4 OB . 47.13 37.81 -36.20
O1 PO4 OB . 45.99 37.06 -36.86
O2 PO4 OB . 46.88 38.02 -34.74
O3 PO4 OB . 47.20 39.18 -36.84
O4 PO4 OB . 48.42 37.02 -36.34
P PO4 PB . 57.03 49.93 -8.85
O1 PO4 PB . 56.09 49.44 -9.95
O2 PO4 PB . 56.35 50.53 -7.62
O3 PO4 PB . 57.85 51.04 -9.45
O4 PO4 PB . 57.96 48.80 -8.43
N1' TPP QB . 50.97 53.61 -7.70
C2' TPP QB . 51.11 53.44 -6.35
CM2 TPP QB . 49.96 53.58 -5.42
N3' TPP QB . 52.28 53.12 -5.83
C4' TPP QB . 53.36 52.98 -6.62
N4' TPP QB . 54.53 52.63 -6.04
C5' TPP QB . 53.25 53.15 -7.98
C6' TPP QB . 52.02 53.48 -8.53
C7' TPP QB . 54.49 53.03 -8.85
N3 TPP QB . 55.37 54.19 -8.57
C2 TPP QB . 56.37 54.09 -7.66
S1 TPP QB . 57.37 55.51 -7.38
C5 TPP QB . 56.39 56.33 -8.54
C4 TPP QB . 55.33 55.45 -9.11
CM4 TPP QB . 54.39 55.99 -10.13
C6 TPP QB . 56.77 57.77 -8.79
C7 TPP QB . 56.62 58.57 -7.52
O7 TPP QB . 56.17 59.88 -7.90
PA TPP QB . 56.28 61.14 -6.90
O1A TPP QB . 55.27 61.13 -5.78
O2A TPP QB . 56.20 62.36 -7.79
O3A TPP QB . 57.77 60.86 -6.33
PB TPP QB . 59.11 61.14 -7.20
O1B TPP QB . 58.74 61.84 -8.51
O2B TPP QB . 59.85 59.83 -7.41
O3B TPP QB . 59.77 62.06 -6.20
PA FAD RB . 61.21 45.18 8.70
O1A FAD RB . 61.07 46.28 9.73
O2A FAD RB . 59.95 44.79 8.00
O5B FAD RB . 61.89 43.87 9.34
C5B FAD RB . 61.81 43.70 10.76
C4B FAD RB . 62.22 42.27 11.10
O4B FAD RB . 62.63 42.15 12.46
C3B FAD RB . 61.05 41.31 10.91
O3B FAD RB . 61.59 40.10 10.34
C2B FAD RB . 60.61 40.99 12.34
O2B FAD RB . 60.16 39.64 12.38
C1B FAD RB . 61.91 41.14 13.14
N9A FAD RB . 61.69 41.66 14.49
C8A FAD RB . 60.78 42.61 14.87
N7A FAD RB . 60.88 42.81 16.21
C5A FAD RB . 61.89 42.00 16.65
C6A FAD RB . 62.48 41.79 17.89
N6A FAD RB . 62.07 42.45 19.00
N1A FAD RB . 63.48 40.87 17.98
C2A FAD RB . 63.91 40.19 16.90
N3A FAD RB . 63.36 40.38 15.68
C4A FAD RB . 62.37 41.27 15.56
N1 FAD RB . 65.78 49.27 1.73
C2 FAD RB . 67.12 49.09 1.67
O2 FAD RB . 67.73 48.70 2.70
N3 FAD RB . 67.81 49.30 0.52
C4 FAD RB . 67.17 49.77 -0.59
O4 FAD RB . 67.82 49.95 -1.64
C4X FAD RB . 65.79 49.98 -0.54
N5 FAD RB . 65.08 50.37 -1.63
C5X FAD RB . 63.87 50.91 -1.44
C6 FAD RB . 63.28 51.72 -2.42
C7 FAD RB . 62.03 52.26 -2.19
C7M FAD RB . 61.40 53.15 -3.23
C8 FAD RB . 61.37 52.03 -1.02
C8M FAD RB . 60.00 52.65 -0.78
C9 FAD RB . 61.94 51.21 -0.06
C9A FAD RB . 63.20 50.67 -0.27
N10 FAD RB . 63.78 49.90 0.67
C10 FAD RB . 65.11 49.70 0.62
C1' FAD RB . 63.10 49.57 1.96
C2' FAD RB . 62.91 48.02 1.88
O2' FAD RB . 61.93 47.68 0.90
C3' FAD RB . 62.49 47.32 3.16
O3' FAD RB . 61.25 47.88 3.59
C4' FAD RB . 63.59 47.46 4.21
O4' FAD RB . 64.83 47.11 3.56
C5' FAD RB . 63.37 46.48 5.36
O5' FAD RB . 64.03 46.86 6.57
P FAD RB . 63.84 45.92 7.86
O1P FAD RB . 63.91 46.82 9.06
O2P FAD RB . 64.67 44.64 7.67
O3P FAD RB . 62.31 45.41 7.58
MG MG SB . 57.68 63.70 -8.40
P PO4 TB . 26.08 54.21 3.92
O1 PO4 TB . 24.94 53.20 3.81
O2 PO4 TB . 26.65 54.58 2.56
O3 PO4 TB . 25.54 55.52 4.47
O4 PO4 TB . 27.13 53.67 4.89
N1' TPP UB . 30.79 13.71 8.92
C2' TPP UB . 32.09 13.94 9.28
CM2 TPP UB . 33.18 13.80 8.25
N3' TPP UB . 32.39 14.29 10.57
C4' TPP UB . 31.38 14.40 11.48
N4' TPP UB . 31.67 14.76 12.77
C5' TPP UB . 30.04 14.13 11.08
C6' TPP UB . 29.77 13.79 9.78
C7' TPP UB . 28.86 14.25 12.04
N3 TPP UB . 28.98 13.14 12.98
C2 TPP UB . 29.74 13.30 14.11
S1 TPP UB . 29.81 11.86 15.10
C5 TPP UB . 28.82 11.04 13.94
C4 TPP UB . 28.44 11.90 12.80
CM4 TPP UB . 27.57 11.38 11.71
C6 TPP UB . 28.52 9.63 14.28
C7 TPP UB . 29.79 8.82 14.05
O7 TPP UB . 29.40 7.44 13.93
PA TPP UB . 30.44 6.24 14.22
O1A TPP UB . 29.79 4.98 13.79
O2A TPP UB . 31.77 6.45 13.59
O3A TPP UB . 30.67 6.44 15.83
PB TPP UB . 29.61 6.24 17.03
O1B TPP UB . 28.42 5.63 16.36
O2B TPP UB . 29.31 7.58 17.66
O3B TPP UB . 30.27 5.31 18.01
PA FAD VB . 44.70 22.14 22.26
O1A FAD VB . 45.73 21.02 22.21
O2A FAD VB . 44.25 22.60 20.92
O5B FAD VB . 45.22 23.43 22.98
C5B FAD VB . 46.61 23.70 23.03
C4B FAD VB . 46.63 25.09 23.67
O4B FAD VB . 47.83 25.24 24.44
C3B FAD VB . 46.65 26.18 22.60
O3B FAD VB . 45.96 27.36 23.00
C2B FAD VB . 48.14 26.45 22.45
O2B FAD VB . 48.31 27.77 22.00
C1B FAD VB . 48.66 26.24 23.87
N9A FAD VB . 50.05 25.75 23.92
C8A FAD VB . 50.62 24.81 23.15
N7A FAD VB . 51.91 24.65 23.51
C5A FAD VB . 52.15 25.49 24.56
C6A FAD VB . 53.25 25.77 25.39
N6A FAD VB . 54.45 25.18 25.22
N1A FAD VB . 53.13 26.72 26.34
C2A FAD VB . 51.97 27.36 26.54
N3A FAD VB . 50.90 27.12 25.79
C4A FAD VB . 50.96 26.18 24.80
N1 FAD VB . 36.93 18.18 25.11
C2 FAD VB . 36.59 18.36 26.42
O2 FAD VB . 37.48 18.81 27.17
N3 FAD VB . 35.36 18.13 26.92
C4 FAD VB . 34.42 17.68 26.06
O4 FAD VB . 33.28 17.42 26.50
C4X FAD VB . 34.71 17.48 24.68
N5 FAD VB . 33.80 17.01 23.81
C5X FAD VB . 34.26 16.44 22.64
C6 FAD VB . 33.44 15.59 21.90
C7 FAD VB . 33.92 15.03 20.71
C7M FAD VB . 33.04 14.08 19.94
C8 FAD VB . 35.22 15.31 20.26
C8M FAD VB . 35.73 14.66 18.97
C9 FAD VB . 36.03 16.17 21.01
C9A FAD VB . 35.55 16.75 22.19
N10 FAD VB . 36.34 17.57 22.91
C10 FAD VB . 36.01 17.75 24.21
C1' FAD VB . 37.70 17.91 22.47
C2' FAD VB . 37.65 19.45 22.44
O2' FAD VB . 36.87 19.90 21.33
C3' FAD VB . 39.00 20.16 22.35
O3' FAD VB . 39.75 19.58 21.29
C4' FAD VB . 39.72 20.09 23.71
O4' FAD VB . 38.79 20.37 24.78
C5' FAD VB . 40.85 21.09 23.74
O5' FAD VB . 41.91 20.62 24.56
P FAD VB . 43.25 21.51 24.68
O1P FAD VB . 44.43 20.61 24.98
O2P FAD VB . 42.89 22.79 25.40
O3P FAD VB . 43.40 21.95 23.13
MG MG WB . 28.53 3.88 15.34
P PO4 XB . 47.18 12.81 -13.20
O1 PO4 XB . 45.79 12.38 -12.73
O2 PO4 XB . 46.96 13.83 -14.33
O3 PO4 XB . 48.13 13.39 -12.18
O4 PO4 XB . 47.78 11.50 -13.71
N1' TPP YB . 44.15 10.93 -7.04
C2' TPP YB . 42.91 11.28 -7.42
CM2 TPP YB . 41.84 11.54 -6.40
N3' TPP YB . 42.61 11.42 -8.73
C4' TPP YB . 43.55 11.20 -9.66
N4' TPP YB . 43.22 11.40 -10.98
C5' TPP YB . 44.86 10.83 -9.27
C6' TPP YB . 45.13 10.69 -7.93
C7' TPP YB . 45.96 10.57 -10.29
N3 TPP YB . 45.63 9.29 -10.99
C2 TPP YB . 44.96 9.28 -12.17
S1 TPP YB . 44.64 7.68 -12.81
C5 TPP YB . 45.42 7.01 -11.43
C4 TPP YB . 45.91 8.02 -10.53
CM4 TPP YB . 46.64 7.55 -9.32
C6 TPP YB . 45.49 5.54 -11.34
C7 TPP YB . 44.04 5.05 -11.38
O7 TPP YB . 44.03 3.77 -10.70
PA TPP YB . 42.84 2.73 -10.99
O1A TPP YB . 41.55 3.20 -10.40
O2A TPP YB . 43.41 1.41 -10.55
O3A TPP YB . 42.72 2.79 -12.59
PB TPP YB . 43.63 2.01 -13.74
O1B TPP YB . 42.55 1.23 -14.48
O2B TPP YB . 44.23 3.09 -14.61
O3B TPP YB . 44.69 1.23 -13.03
PA FAD ZB . 31.85 19.71 -21.78
O1A FAD ZB . 30.59 18.89 -21.58
O2A FAD ZB . 32.51 20.33 -20.59
O5B FAD ZB . 31.59 20.90 -22.78
C5B FAD ZB . 30.25 21.33 -23.09
C4B FAD ZB . 30.48 22.67 -23.79
O4B FAD ZB . 29.27 22.99 -24.43
C3B FAD ZB . 30.74 23.80 -22.83
O3B FAD ZB . 31.62 24.74 -23.43
C2B FAD ZB . 29.37 24.46 -22.67
O2B FAD ZB . 29.44 25.87 -22.53
C1B FAD ZB . 28.77 24.24 -24.02
N9A FAD ZB . 27.33 24.03 -24.02
C8A FAD ZB . 26.59 23.34 -23.15
N7A FAD ZB . 25.29 23.34 -23.53
C5A FAD ZB . 25.25 24.03 -24.71
C6A FAD ZB . 24.26 24.35 -25.63
N6A FAD ZB . 23.00 23.97 -25.41
N1A FAD ZB . 24.54 25.06 -26.76
C2A FAD ZB . 25.80 25.46 -27.01
N3A FAD ZB . 26.80 25.15 -26.14
C4A FAD ZB . 26.55 24.44 -25.01
N1 FAD ZB . 38.54 13.67 -23.81
C2 FAD ZB . 38.83 13.56 -25.14
O2 FAD ZB . 38.01 13.95 -26.02
N3 FAD ZB . 40.03 13.00 -25.50
C4 FAD ZB . 40.94 12.58 -24.60
O4 FAD ZB . 42.03 12.05 -25.04
C4X FAD ZB . 40.64 12.74 -23.23
N5 FAD ZB . 41.47 12.32 -22.23
C5X FAD ZB . 40.92 11.96 -21.03
C6 FAD ZB . 41.57 11.08 -20.18
C7 FAD ZB . 41.04 10.77 -18.91
C7M FAD ZB . 41.67 9.78 -17.96
C8 FAD ZB . 39.84 11.36 -18.54
C8M FAD ZB . 39.28 11.02 -17.18
C9 FAD ZB . 39.20 12.26 -19.40
C9A FAD ZB . 39.72 12.57 -20.65
N10 FAD ZB . 39.10 13.44 -21.52
C10 FAD ZB . 39.41 13.29 -22.84
C1' FAD ZB . 37.84 14.10 -21.21
C2' FAD ZB . 38.20 15.53 -21.49
O2' FAD ZB . 39.02 15.88 -20.40
C3' FAD ZB . 37.08 16.54 -21.55
O3' FAD ZB . 36.22 16.26 -20.46
C4' FAD ZB . 36.28 16.39 -22.82
O4' FAD ZB . 37.15 16.29 -23.96
C5' FAD ZB . 35.36 17.59 -22.97
O5' FAD ZB . 34.16 17.17 -23.66
P FAD ZB . 33.09 18.31 -23.96
O1P FAD ZB . 31.78 17.66 -24.30
O2P FAD ZB . 33.68 19.45 -24.81
O3P FAD ZB . 33.06 18.93 -22.48
MG MG AC . 44.25 -0.23 -11.68
P PO4 BC . 20.67 11.30 -25.12
O1 PO4 BC . 19.43 10.93 -25.93
O2 PO4 BC . 20.22 11.73 -23.73
O3 PO4 BC . 21.41 12.45 -25.82
O4 PO4 BC . 21.65 10.14 -25.01
P PO4 CC . 25.27 -3.80 -28.51
O1 PO4 CC . 24.45 -2.91 -29.44
O2 PO4 CC . 25.69 -5.10 -29.19
O3 PO4 CC . 24.43 -4.12 -27.28
O4 PO4 CC . 26.59 -3.10 -28.19
P PO4 DC . 28.27 17.34 14.36
O1 PO4 DC . 27.23 18.01 13.47
O2 PO4 DC . 27.61 16.19 15.12
O3 PO4 DC . 28.91 18.34 15.29
O4 PO4 DC . 29.41 16.79 13.55
P PO4 EC . 21.73 24.29 -52.64
O1 PO4 EC . 20.74 25.37 -53.04
O2 PO4 EC . 21.36 23.09 -53.48
O3 PO4 EC . 21.61 23.87 -51.19
O4 PO4 EC . 23.14 24.71 -53.01
P PO4 FC . 46.33 8.92 -31.17
O1 PO4 FC . 45.26 9.91 -30.75
O2 PO4 FC . 46.56 9.06 -32.66
O3 PO4 FC . 45.88 7.51 -30.87
O4 PO4 FC . 47.66 9.19 -30.45
#